data_3F5P
#
_entry.id   3F5P
#
_cell.length_a   137.340
_cell.length_b   137.020
_cell.length_c   178.990
_cell.angle_alpha   90.00
_cell.angle_beta   110.36
_cell.angle_gamma   90.00
#
_symmetry.space_group_name_H-M   'P 1 21 1'
#
loop_
_entity.id
_entity.type
_entity.pdbx_description
1 polymer 'Insulin-like growth factor 1 receptor'
2 non-polymer 4-[[3-chloro-4-(1-methylimidazol-2-yl)sulfanyl-phenyl]amino]-7-[3-(2-hydroxyethyl-methyl-amino)propoxy]-6-methoxy-quinoline-3-carbonitrile
3 water water
#
_entity_poly.entity_id   1
_entity_poly.type   'polypeptide(L)'
_entity_poly.pdbx_seq_one_letter_code
;GSFSAADVYVPDEWEVAREKITMSRELGQGSFGMVYEGVAKGVVKDEPETRVAIKTVNEAASMRERIEFLNEASVMKEFN
CHHVVRLLGVVSQGQPTLVIMELMTRGDLKSYLRSLRPEMENNPVLAPPSLSKMIQMAGEIADGMAYLNANKFVHRDLAA
RNCMVAEDFTVKIGDFGMTRDI(PTR)ETD(PTR)(PTR)RKGGKGLLPVRWMSPESLKDGVFTTYSDVWSFGVVLWEIA
TLAEQPYQGLSNEQVLRFVMEGGLLDKPDNCPDMLFELMRMCWQYNPKMRPSFLEIISSIKEEMEPGFREVSFYYSEENK
;
_entity_poly.pdbx_strand_id   A,B,C,D,E,F,G,H,I,J,K,M,L,R,S,T
#
loop_
_chem_comp.id
_chem_comp.type
_chem_comp.name
_chem_comp.formula
741 non-polymer 4-[[3-chloro-4-(1-methylimidazol-2-yl)sulfanyl-phenyl]amino]-7-[3-(2-hydroxyethyl-methyl-amino)propoxy]-6-methoxy-quinoline-3-carbonitrile 'C27 H29 Cl N6 O3 S'
#
# COMPACT_ATOMS: atom_id res chain seq x y z
N SER A 2 -9.01 44.12 83.16
CA SER A 2 -7.80 43.49 83.68
C SER A 2 -7.04 42.72 82.58
N PHE A 3 -5.72 42.86 82.61
CA PHE A 3 -4.82 42.25 81.62
C PHE A 3 -4.61 40.77 81.94
N SER A 4 -4.90 39.92 80.95
CA SER A 4 -4.75 38.47 81.08
C SER A 4 -4.22 37.86 79.79
N ALA A 5 -3.92 36.56 79.83
CA ALA A 5 -3.41 35.88 78.64
C ALA A 5 -4.33 36.09 77.44
N ALA A 6 -5.64 36.15 77.70
CA ALA A 6 -6.60 36.40 76.65
C ALA A 6 -6.28 37.66 75.85
N ASP A 7 -5.60 38.62 76.46
CA ASP A 7 -5.44 39.91 75.81
C ASP A 7 -4.36 39.90 74.73
N VAL A 8 -3.36 39.03 74.90
CA VAL A 8 -2.22 38.89 74.00
C VAL A 8 -2.32 37.72 73.01
N TYR A 9 -2.73 36.56 73.50
CA TYR A 9 -2.73 35.32 72.70
C TYR A 9 -3.88 35.10 71.71
N VAL A 10 -4.83 36.03 71.64
CA VAL A 10 -5.88 35.96 70.64
C VAL A 10 -5.92 37.23 69.78
N PRO A 11 -5.75 37.07 68.46
CA PRO A 11 -5.85 38.24 67.58
C PRO A 11 -7.16 38.91 67.91
N ASP A 12 -7.11 40.22 68.19
CA ASP A 12 -8.33 40.95 68.50
C ASP A 12 -9.32 40.90 67.31
N GLU A 13 -8.94 40.18 66.26
CA GLU A 13 -9.79 39.93 65.10
C GLU A 13 -10.64 38.66 65.26
N TRP A 14 -10.72 38.18 66.50
CA TRP A 14 -11.54 37.05 66.89
C TRP A 14 -12.32 37.46 68.12
N GLU A 15 -12.35 38.76 68.37
CA GLU A 15 -12.91 39.25 69.61
C GLU A 15 -14.35 39.66 69.43
N VAL A 16 -15.14 39.55 70.50
CA VAL A 16 -16.53 39.98 70.45
C VAL A 16 -16.98 40.49 71.82
N ALA A 17 -17.82 41.53 71.84
CA ALA A 17 -18.18 42.19 73.10
C ALA A 17 -18.95 41.29 74.05
N ARG A 18 -18.45 41.16 75.28
CA ARG A 18 -19.13 40.34 76.28
C ARG A 18 -20.63 40.67 76.41
N GLU A 19 -21.02 41.84 75.93
CA GLU A 19 -22.42 42.24 75.98
C GLU A 19 -23.26 41.54 74.89
N LYS A 20 -22.63 41.28 73.73
CA LYS A 20 -23.30 40.59 72.64
C LYS A 20 -23.62 39.13 72.98
N ILE A 21 -22.90 38.58 73.95
CA ILE A 21 -23.05 37.18 74.30
C ILE A 21 -23.95 36.97 75.53
N THR A 22 -25.07 36.27 75.32
CA THR A 22 -25.97 35.90 76.41
C THR A 22 -25.97 34.40 76.64
N MET A 23 -25.71 34.00 77.87
CA MET A 23 -25.71 32.59 78.24
C MET A 23 -27.07 32.22 78.81
N SER A 24 -27.53 31.00 78.50
CA SER A 24 -28.82 30.54 78.96
C SER A 24 -28.67 29.42 79.99
N ARG A 25 -28.57 28.18 79.52
CA ARG A 25 -28.44 27.04 80.44
C ARG A 25 -27.16 26.25 80.25
N GLU A 26 -26.75 25.52 81.29
CA GLU A 26 -25.57 24.66 81.21
C GLU A 26 -25.76 23.51 80.21
N LEU A 27 -24.70 23.22 79.45
CA LEU A 27 -24.69 22.06 78.56
C LEU A 27 -23.90 20.94 79.20
N GLY A 28 -22.79 21.29 79.85
CA GLY A 28 -21.96 20.30 80.51
C GLY A 28 -20.55 20.78 80.79
N GLN A 29 -19.77 19.96 81.49
CA GLN A 29 -18.37 20.26 81.73
C GLN A 29 -17.62 20.31 80.41
N GLY A 30 -16.52 21.04 80.41
CA GLY A 30 -15.65 21.13 79.25
C GLY A 30 -14.19 21.03 79.67
N SER A 31 -13.33 20.74 78.72
CA SER A 31 -11.92 20.54 79.01
C SER A 31 -11.32 21.57 79.96
N PHE A 32 -11.63 22.85 79.74
CA PHE A 32 -10.96 23.89 80.52
C PHE A 32 -11.95 24.72 81.30
N GLY A 33 -13.20 24.29 81.33
CA GLY A 33 -14.26 25.06 81.96
C GLY A 33 -15.64 24.49 81.69
N MET A 34 -16.66 25.26 81.99
CA MET A 34 -18.03 24.79 81.81
C MET A 34 -18.65 25.35 80.52
N VAL A 35 -19.33 24.48 79.76
CA VAL A 35 -19.97 24.88 78.51
C VAL A 35 -21.45 25.25 78.73
N TYR A 36 -21.88 26.33 78.07
CA TYR A 36 -23.26 26.81 78.18
C TYR A 36 -23.85 26.98 76.78
N GLU A 37 -25.14 26.71 76.64
CA GLU A 37 -25.83 27.09 75.41
C GLU A 37 -26.23 28.55 75.54
N GLY A 38 -26.49 29.21 74.41
CA GLY A 38 -26.89 30.60 74.45
C GLY A 38 -26.89 31.25 73.09
N VAL A 39 -26.93 32.58 73.10
CA VAL A 39 -27.07 33.32 71.85
C VAL A 39 -26.01 34.40 71.69
N ALA A 40 -25.53 34.55 70.47
CA ALA A 40 -24.48 35.50 70.17
C ALA A 40 -24.94 36.44 69.07
N LYS A 41 -25.26 37.66 69.46
CA LYS A 41 -25.71 38.66 68.51
C LYS A 41 -24.62 39.03 67.51
N GLY A 42 -25.01 39.13 66.25
CA GLY A 42 -24.17 39.67 65.20
C GLY A 42 -22.79 39.08 65.04
N VAL A 43 -22.66 37.77 65.25
CA VAL A 43 -21.39 37.08 65.07
C VAL A 43 -21.35 36.32 63.74
N VAL A 44 -22.53 35.96 63.25
CA VAL A 44 -22.64 35.26 61.98
C VAL A 44 -23.20 36.21 60.92
N LYS A 45 -22.45 36.34 59.82
CA LYS A 45 -22.81 37.22 58.71
C LYS A 45 -24.24 37.03 58.24
N ASP A 46 -25.04 38.09 58.35
CA ASP A 46 -26.43 38.08 57.93
C ASP A 46 -27.37 37.49 58.99
N GLU A 47 -26.81 37.17 60.15
CA GLU A 47 -27.64 36.79 61.29
C GLU A 47 -27.61 37.86 62.37
N PRO A 48 -28.80 38.29 62.81
CA PRO A 48 -28.90 39.26 63.89
C PRO A 48 -28.57 38.55 65.17
N GLU A 49 -28.86 37.24 65.13
CA GLU A 49 -28.67 36.36 66.27
C GLU A 49 -28.21 35.00 65.79
N THR A 50 -27.47 34.31 66.66
CA THR A 50 -27.06 32.93 66.41
C THR A 50 -27.12 32.11 67.69
N ARG A 51 -27.47 30.84 67.56
CA ARG A 51 -27.34 29.95 68.69
C ARG A 51 -25.92 29.44 68.70
N VAL A 52 -25.34 29.38 69.89
CA VAL A 52 -23.92 29.07 70.02
C VAL A 52 -23.70 28.26 71.27
N ALA A 53 -22.54 27.63 71.36
CA ALA A 53 -22.08 27.04 72.62
C ALA A 53 -21.07 28.01 73.18
N ILE A 54 -21.13 28.23 74.49
CA ILE A 54 -20.22 29.16 75.16
C ILE A 54 -19.45 28.43 76.25
N LYS A 55 -18.13 28.59 76.24
CA LYS A 55 -17.29 28.02 77.28
C LYS A 55 -16.73 29.14 78.14
N THR A 56 -16.66 28.88 79.43
CA THR A 56 -16.19 29.85 80.39
C THR A 56 -14.93 29.31 81.10
N VAL A 57 -13.84 30.05 80.98
CA VAL A 57 -12.65 29.76 81.75
C VAL A 57 -12.69 30.72 82.92
N ASN A 58 -12.61 30.17 84.12
CA ASN A 58 -12.72 30.98 85.32
C ASN A 58 -11.34 31.43 85.83
N GLU A 59 -11.30 32.58 86.50
CA GLU A 59 -10.05 33.03 87.12
C GLU A 59 -9.29 31.87 87.77
N ALA A 60 -10.04 30.95 88.38
CA ALA A 60 -9.46 29.81 89.06
C ALA A 60 -8.81 28.79 88.12
N ALA A 61 -8.07 29.28 87.14
CA ALA A 61 -7.37 28.44 86.18
C ALA A 61 -6.00 29.06 85.91
N SER A 62 -4.95 28.30 86.20
CA SER A 62 -3.58 28.79 86.03
C SER A 62 -3.39 29.48 84.68
N MET A 63 -2.41 30.38 84.62
CA MET A 63 -2.09 31.04 83.37
C MET A 63 -1.59 30.01 82.34
N ARG A 64 -0.83 29.02 82.81
CA ARG A 64 -0.45 27.90 81.96
C ARG A 64 -1.68 27.33 81.30
N GLU A 65 -2.60 26.87 82.14
CA GLU A 65 -3.86 26.31 81.68
C GLU A 65 -4.47 27.21 80.62
N ARG A 66 -4.54 28.50 80.90
CA ARG A 66 -5.23 29.43 80.02
C ARG A 66 -4.50 29.46 78.69
N ILE A 67 -3.20 29.71 78.75
CA ILE A 67 -2.40 29.86 77.52
C ILE A 67 -2.56 28.69 76.57
N GLU A 68 -2.36 27.47 77.07
CA GLU A 68 -2.56 26.28 76.25
C GLU A 68 -3.96 26.29 75.62
N PHE A 69 -4.98 26.35 76.47
CA PHE A 69 -6.38 26.46 76.03
C PHE A 69 -6.59 27.47 74.89
N LEU A 70 -5.96 28.62 74.96
CA LEU A 70 -6.10 29.62 73.90
C LEU A 70 -5.43 29.15 72.63
N ASN A 71 -4.22 28.61 72.76
CA ASN A 71 -3.45 28.14 71.61
C ASN A 71 -4.17 27.03 70.84
N GLU A 72 -4.84 26.15 71.57
CA GLU A 72 -5.66 25.09 70.99
C GLU A 72 -6.76 25.69 70.12
N ALA A 73 -7.48 26.67 70.68
CA ALA A 73 -8.47 27.42 69.91
C ALA A 73 -7.85 28.15 68.72
N SER A 74 -6.61 28.61 68.86
CA SER A 74 -5.95 29.37 67.79
C SER A 74 -5.86 28.56 66.50
N VAL A 75 -5.71 27.25 66.64
CA VAL A 75 -5.61 26.37 65.47
C VAL A 75 -6.98 26.22 64.80
N MET A 76 -8.03 26.09 65.62
CA MET A 76 -9.42 26.11 65.15
C MET A 76 -9.60 27.21 64.12
N LYS A 77 -9.28 28.42 64.57
CA LYS A 77 -9.32 29.63 63.75
C LYS A 77 -8.93 29.39 62.28
N GLU A 78 -7.86 28.62 62.09
CA GLU A 78 -7.40 28.26 60.75
C GLU A 78 -8.48 27.60 59.89
N PHE A 79 -9.33 26.77 60.51
CA PHE A 79 -10.31 25.97 59.77
C PHE A 79 -11.59 26.73 59.45
N ASN A 80 -11.99 26.66 58.18
CA ASN A 80 -13.28 27.17 57.74
C ASN A 80 -13.89 26.15 56.78
N CYS A 81 -14.58 25.15 57.35
CA CYS A 81 -15.18 24.08 56.57
C CYS A 81 -16.53 23.68 57.10
N HIS A 82 -17.44 23.39 56.18
CA HIS A 82 -18.83 23.19 56.56
C HIS A 82 -18.98 21.99 57.48
N HIS A 83 -17.97 21.11 57.44
CA HIS A 83 -18.01 19.87 58.23
C HIS A 83 -17.00 19.82 59.37
N VAL A 84 -16.44 20.99 59.72
CA VAL A 84 -15.68 21.18 60.94
C VAL A 84 -16.46 22.15 61.82
N VAL A 85 -16.59 21.84 63.11
CA VAL A 85 -17.30 22.75 64.00
C VAL A 85 -16.47 24.03 64.02
N ARG A 86 -17.08 25.18 63.77
CA ARG A 86 -16.29 26.38 63.61
C ARG A 86 -16.24 27.26 64.85
N LEU A 87 -15.10 27.91 65.07
CA LEU A 87 -14.99 28.88 66.17
C LEU A 87 -15.55 30.20 65.70
N LEU A 88 -16.50 30.73 66.46
CA LEU A 88 -17.16 31.98 66.10
C LEU A 88 -16.49 33.22 66.69
N GLY A 89 -15.55 33.01 67.60
CA GLY A 89 -14.89 34.12 68.26
C GLY A 89 -14.83 33.96 69.76
N VAL A 90 -13.94 34.73 70.39
CA VAL A 90 -13.76 34.68 71.84
C VAL A 90 -13.89 36.08 72.48
N VAL A 91 -14.50 36.13 73.65
CA VAL A 91 -14.58 37.35 74.46
C VAL A 91 -13.37 37.48 75.39
N SER A 92 -12.49 38.43 75.12
CA SER A 92 -11.19 38.44 75.81
C SER A 92 -11.02 39.53 76.87
N GLN A 93 -11.76 40.62 76.75
CA GLN A 93 -11.75 41.67 77.75
C GLN A 93 -12.86 41.36 78.77
N GLY A 94 -12.52 40.64 79.84
CA GLY A 94 -13.50 40.26 80.84
C GLY A 94 -12.87 39.35 81.86
N GLN A 95 -13.66 38.96 82.88
CA GLN A 95 -13.11 38.16 83.98
C GLN A 95 -13.19 36.64 83.78
N PRO A 96 -14.28 36.14 83.17
CA PRO A 96 -14.25 34.76 82.64
C PRO A 96 -14.08 34.75 81.13
N THR A 97 -12.94 34.29 80.64
CA THR A 97 -12.75 34.23 79.19
C THR A 97 -13.87 33.41 78.56
N LEU A 98 -14.47 33.94 77.49
CA LEU A 98 -15.48 33.20 76.73
C LEU A 98 -14.94 32.72 75.39
N VAL A 99 -15.28 31.48 75.03
CA VAL A 99 -15.08 31.03 73.67
C VAL A 99 -16.44 30.73 73.06
N ILE A 100 -16.67 31.25 71.86
CA ILE A 100 -17.95 31.07 71.19
C ILE A 100 -17.82 30.12 70.01
N MET A 101 -18.42 28.92 70.16
CA MET A 101 -18.46 27.91 69.10
C MET A 101 -19.85 27.76 68.50
N GLU A 102 -19.87 27.36 67.24
CA GLU A 102 -21.08 26.93 66.57
C GLU A 102 -21.77 25.91 67.45
N LEU A 103 -23.07 26.09 67.68
CA LEU A 103 -23.89 25.15 68.45
C LEU A 103 -24.19 23.86 67.66
N MET A 104 -23.93 22.72 68.29
CA MET A 104 -24.33 21.43 67.72
C MET A 104 -25.41 20.78 68.62
N THR A 105 -26.67 21.04 68.28
CA THR A 105 -27.76 20.78 69.22
C THR A 105 -27.89 19.35 69.67
N ARG A 106 -27.39 18.40 68.88
CA ARG A 106 -27.60 17.00 69.20
C ARG A 106 -26.37 16.32 69.82
N GLY A 107 -25.34 17.11 70.09
CA GLY A 107 -24.19 16.63 70.85
C GLY A 107 -23.26 15.73 70.08
N ASP A 108 -22.52 14.88 70.79
CA ASP A 108 -21.50 14.06 70.17
C ASP A 108 -22.03 12.80 69.51
N LEU A 109 -21.43 12.47 68.37
CA LEU A 109 -21.92 11.40 67.53
C LEU A 109 -22.02 10.12 68.33
N LYS A 110 -21.17 9.94 69.33
CA LYS A 110 -21.21 8.71 70.11
C LYS A 110 -22.54 8.60 70.84
N SER A 111 -22.87 9.66 71.58
CA SER A 111 -24.08 9.71 72.37
C SER A 111 -25.28 9.61 71.47
N TYR A 112 -25.18 10.29 70.34
CA TYR A 112 -26.28 10.28 69.40
C TYR A 112 -26.51 8.84 68.93
N LEU A 113 -25.43 8.19 68.52
CA LEU A 113 -25.56 6.81 68.10
C LEU A 113 -26.23 5.96 69.20
N ARG A 114 -25.83 6.17 70.46
CA ARG A 114 -26.36 5.35 71.55
C ARG A 114 -27.86 5.57 71.72
N SER A 115 -28.32 6.75 71.34
CA SER A 115 -29.71 7.12 71.58
C SER A 115 -30.65 6.38 70.65
N LEU A 116 -30.08 5.74 69.63
CA LEU A 116 -30.85 5.01 68.64
C LEU A 116 -31.13 3.58 69.08
N ARG A 117 -30.52 3.16 70.18
CA ARG A 117 -30.71 1.80 70.65
C ARG A 117 -32.00 1.64 71.47
N PRO A 118 -32.50 0.39 71.52
CA PRO A 118 -33.78 0.00 72.11
C PRO A 118 -34.05 0.32 73.59
N GLU A 119 -33.03 0.39 74.44
CA GLU A 119 -33.20 0.46 75.91
C GLU A 119 -32.83 -0.85 76.62
N MET A 120 -31.53 -1.15 76.59
CA MET A 120 -30.88 -2.35 77.18
C MET A 120 -31.78 -3.52 77.61
N LEU A 126 -30.96 -5.06 66.97
CA LEU A 126 -30.28 -3.79 67.18
C LEU A 126 -29.76 -3.21 65.86
N ALA A 127 -30.68 -2.92 64.95
CA ALA A 127 -30.35 -2.43 63.62
C ALA A 127 -29.63 -1.08 63.66
N PRO A 128 -28.89 -0.76 62.58
CA PRO A 128 -28.17 0.50 62.48
C PRO A 128 -28.96 1.46 61.62
N PRO A 129 -28.50 2.70 61.49
CA PRO A 129 -29.22 3.62 60.62
C PRO A 129 -29.34 3.04 59.22
N SER A 130 -30.13 3.65 58.36
CA SER A 130 -30.22 3.16 56.99
C SER A 130 -28.88 3.43 56.31
N LEU A 131 -28.48 2.55 55.40
CA LEU A 131 -27.24 2.72 54.66
C LEU A 131 -27.13 4.15 54.13
N SER A 132 -28.25 4.77 53.81
CA SER A 132 -28.22 6.10 53.25
C SER A 132 -27.86 7.12 54.32
N LYS A 133 -28.44 6.97 55.51
CA LYS A 133 -28.13 7.90 56.59
C LYS A 133 -26.67 7.73 56.90
N MET A 134 -26.23 6.47 56.85
CA MET A 134 -24.86 6.14 57.22
C MET A 134 -23.85 6.72 56.23
N ILE A 135 -24.10 6.57 54.94
CA ILE A 135 -23.24 7.16 53.92
C ILE A 135 -23.14 8.67 54.10
N GLN A 136 -24.24 9.32 54.45
CA GLN A 136 -24.23 10.77 54.64
C GLN A 136 -23.25 11.15 55.75
N MET A 137 -23.40 10.54 56.93
CA MET A 137 -22.46 10.71 58.03
C MET A 137 -21.03 10.43 57.54
N ALA A 138 -20.82 9.26 56.93
CA ALA A 138 -19.50 8.86 56.51
C ALA A 138 -18.92 9.93 55.60
N GLY A 139 -19.80 10.50 54.78
CA GLY A 139 -19.35 11.40 53.73
C GLY A 139 -19.01 12.74 54.30
N GLU A 140 -19.75 13.12 55.33
CA GLU A 140 -19.59 14.45 55.91
C GLU A 140 -18.35 14.44 56.81
N ILE A 141 -18.09 13.29 57.44
CA ILE A 141 -16.89 13.10 58.25
C ILE A 141 -15.67 13.10 57.35
N ALA A 142 -15.77 12.34 56.26
CA ALA A 142 -14.69 12.25 55.30
C ALA A 142 -14.37 13.61 54.70
N ASP A 143 -15.40 14.45 54.55
CA ASP A 143 -15.19 15.77 53.98
C ASP A 143 -14.36 16.65 54.90
N GLY A 144 -14.78 16.77 56.15
CA GLY A 144 -14.00 17.46 57.16
C GLY A 144 -12.57 16.96 57.21
N MET A 145 -12.39 15.66 57.31
CA MET A 145 -11.03 15.11 57.36
C MET A 145 -10.21 15.51 56.13
N ALA A 146 -10.81 15.44 54.95
CA ALA A 146 -10.10 15.79 53.72
C ALA A 146 -9.61 17.24 53.70
N TYR A 147 -10.39 18.12 54.31
CA TYR A 147 -10.00 19.52 54.56
C TYR A 147 -8.80 19.61 55.50
N LEU A 148 -8.95 19.07 56.70
CA LEU A 148 -7.83 18.82 57.59
C LEU A 148 -6.56 18.40 56.86
N ASN A 149 -6.63 17.32 56.11
CA ASN A 149 -5.43 16.76 55.45
C ASN A 149 -4.90 17.66 54.35
N ALA A 150 -5.80 18.40 53.71
CA ALA A 150 -5.39 19.33 52.68
C ALA A 150 -4.65 20.49 53.31
N ASN A 151 -5.01 20.83 54.54
CA ASN A 151 -4.34 21.91 55.26
C ASN A 151 -3.18 21.39 56.11
N LYS A 152 -2.76 20.17 55.81
CA LYS A 152 -1.58 19.57 56.44
C LYS A 152 -1.69 19.38 57.95
N PHE A 153 -2.80 18.79 58.40
CA PHE A 153 -2.92 18.42 59.79
C PHE A 153 -3.23 16.95 59.92
N VAL A 154 -2.85 16.36 61.05
CA VAL A 154 -3.25 15.02 61.39
C VAL A 154 -4.10 15.07 62.62
N HIS A 155 -5.30 14.55 62.54
CA HIS A 155 -6.23 14.68 63.64
C HIS A 155 -5.68 13.88 64.81
N ARG A 156 -5.22 12.67 64.52
CA ARG A 156 -4.69 11.76 65.54
C ARG A 156 -5.75 11.13 66.42
N ASP A 157 -6.88 11.81 66.62
CA ASP A 157 -7.85 11.41 67.65
C ASP A 157 -9.26 11.32 67.07
N LEU A 158 -9.39 10.83 65.85
CA LEU A 158 -10.69 10.76 65.22
C LEU A 158 -11.50 9.60 65.77
N ALA A 159 -12.72 9.91 66.23
CA ALA A 159 -13.59 8.92 66.86
C ALA A 159 -15.01 9.48 67.00
N ALA A 160 -15.99 8.59 67.05
CA ALA A 160 -17.37 9.00 67.18
C ALA A 160 -17.57 10.05 68.27
N ARG A 161 -16.86 9.91 69.39
CA ARG A 161 -17.05 10.81 70.54
C ARG A 161 -16.59 12.23 70.24
N ASN A 162 -15.80 12.38 69.18
CA ASN A 162 -15.21 13.66 68.83
C ASN A 162 -15.91 14.36 67.68
N CYS A 163 -16.91 13.71 67.10
CA CYS A 163 -17.73 14.37 66.11
C CYS A 163 -19.00 14.88 66.77
N MET A 164 -19.50 16.02 66.30
CA MET A 164 -20.79 16.57 66.75
C MET A 164 -21.86 16.38 65.69
N VAL A 165 -23.12 16.42 66.12
CA VAL A 165 -24.27 16.31 65.22
C VAL A 165 -25.13 17.57 65.32
N ALA A 166 -25.41 18.19 64.18
CA ALA A 166 -26.12 19.45 64.17
C ALA A 166 -27.63 19.22 64.19
N GLU A 167 -28.39 20.29 64.36
CA GLU A 167 -29.84 20.17 64.46
C GLU A 167 -30.42 19.41 63.29
N ASP A 168 -29.88 19.67 62.10
CA ASP A 168 -30.35 18.97 60.91
C ASP A 168 -29.57 17.67 60.68
N PHE A 169 -29.02 17.11 61.76
CA PHE A 169 -28.36 15.79 61.72
C PHE A 169 -27.04 15.72 60.94
N THR A 170 -26.56 16.88 60.47
CA THR A 170 -25.24 16.97 59.85
C THR A 170 -24.14 16.64 60.86
N VAL A 171 -23.14 15.89 60.41
CA VAL A 171 -22.05 15.49 61.30
C VAL A 171 -20.84 16.34 60.97
N LYS A 172 -20.14 16.81 62.00
CA LYS A 172 -18.92 17.60 61.80
C LYS A 172 -17.78 17.15 62.70
N ILE A 173 -16.56 17.29 62.21
CA ILE A 173 -15.37 17.07 63.05
C ILE A 173 -15.37 18.16 64.11
N GLY A 174 -14.95 17.82 65.32
CA GLY A 174 -15.18 18.69 66.46
C GLY A 174 -14.08 18.92 67.49
N ASP A 175 -13.14 18.00 67.66
CA ASP A 175 -12.21 18.13 68.78
C ASP A 175 -10.73 18.01 68.41
N PHE A 176 -10.01 19.12 68.44
CA PHE A 176 -8.63 19.14 67.94
C PHE A 176 -7.59 19.44 68.99
N GLY A 177 -7.69 18.84 70.17
CA GLY A 177 -6.68 19.09 71.17
C GLY A 177 -5.46 18.25 70.86
N MET A 178 -5.63 17.33 69.92
CA MET A 178 -4.63 16.30 69.74
C MET A 178 -4.04 16.36 68.35
N THR A 179 -4.54 17.28 67.54
CA THR A 179 -4.10 17.35 66.15
C THR A 179 -2.83 18.18 65.97
N ARG A 180 -2.01 17.72 65.02
CA ARG A 180 -0.68 18.28 64.79
C ARG A 180 -0.46 18.79 63.37
N ASP A 181 0.43 19.75 63.23
CA ASP A 181 0.80 20.28 61.94
C ASP A 181 1.78 19.29 61.31
N ILE A 182 1.67 19.10 59.99
CA ILE A 182 2.56 18.20 59.26
C ILE A 182 3.08 18.72 57.91
N PTR A 183 2.88 20.01 57.62
CA PTR A 183 3.59 20.63 56.49
C PTR A 183 5.09 20.36 56.68
O PTR A 183 5.65 20.77 57.70
CB PTR A 183 3.43 22.15 56.45
CG PTR A 183 4.13 22.76 55.24
CD1 PTR A 183 3.60 22.62 53.95
CD2 PTR A 183 5.33 23.45 55.38
CE1 PTR A 183 4.23 23.18 52.84
CE2 PTR A 183 5.96 24.01 54.28
CZ PTR A 183 5.42 23.88 53.01
OH PTR A 183 6.05 24.35 52.05
P PTR A 183 5.29 25.14 50.85
O1P PTR A 183 4.14 25.94 51.43
O2P PTR A 183 4.77 24.13 49.78
O3P PTR A 183 6.30 26.11 50.18
N GLU A 184 5.73 19.68 55.72
CA GLU A 184 7.09 19.16 55.93
C GLU A 184 7.02 18.00 56.89
N THR A 185 7.53 16.84 56.49
CA THR A 185 7.55 15.67 57.35
C THR A 185 6.38 14.75 57.01
N ASP A 186 5.20 15.35 56.83
CA ASP A 186 3.97 14.60 56.57
C ASP A 186 3.74 13.54 57.62
N PTR A 187 4.20 13.78 58.84
CA PTR A 187 4.02 12.85 59.93
C PTR A 187 4.30 13.54 61.26
O PTR A 187 4.90 14.62 61.31
CB PTR A 187 4.84 11.54 59.77
CG PTR A 187 6.32 11.69 60.04
CD1 PTR A 187 7.24 11.69 58.99
CD2 PTR A 187 6.80 11.76 61.33
CE1 PTR A 187 8.59 11.83 59.23
CE2 PTR A 187 8.16 11.88 61.59
CZ PTR A 187 9.06 11.91 60.54
OH PTR A 187 10.27 12.05 60.76
P PTR A 187 11.16 10.96 61.55
O1P PTR A 187 10.90 11.07 63.02
O2P PTR A 187 10.85 9.53 61.06
O3P PTR A 187 12.64 11.21 61.27
N PTR A 188 3.84 12.93 62.35
CA PTR A 188 4.11 13.41 63.69
C PTR A 188 4.59 12.19 64.41
O PTR A 188 3.96 11.14 64.28
CB PTR A 188 2.83 13.94 64.34
CG PTR A 188 2.93 14.14 65.84
CD1 PTR A 188 3.30 15.37 66.36
CD2 PTR A 188 2.63 13.11 66.72
CE1 PTR A 188 3.40 15.56 67.73
CE2 PTR A 188 2.72 13.30 68.08
CZ PTR A 188 3.11 14.52 68.58
OH PTR A 188 3.17 14.64 69.81
P PTR A 188 3.91 15.85 70.61
O1P PTR A 188 3.46 15.75 72.03
O2P PTR A 188 3.53 17.25 70.07
O3P PTR A 188 5.43 15.64 70.54
N ARG A 189 5.68 12.27 65.16
CA ARG A 189 6.10 11.12 65.96
C ARG A 189 6.00 11.38 67.46
N LYS A 190 5.25 10.53 68.16
CA LYS A 190 5.06 10.69 69.60
C LYS A 190 6.29 10.28 70.39
N GLY A 191 6.89 11.26 71.06
CA GLY A 191 8.08 11.02 71.87
C GLY A 191 7.80 10.27 73.17
N GLY A 192 6.97 10.85 74.03
CA GLY A 192 6.75 10.31 75.36
C GLY A 192 5.45 9.55 75.56
N LYS A 193 4.89 9.65 76.76
CA LYS A 193 3.60 9.00 77.07
C LYS A 193 2.45 9.59 76.29
N GLY A 194 1.65 8.70 75.70
CA GLY A 194 0.46 9.09 74.97
C GLY A 194 -0.80 8.59 75.64
N LEU A 195 -1.83 9.43 75.62
CA LEU A 195 -3.09 9.05 76.24
C LEU A 195 -4.22 8.75 75.24
N LEU A 196 -3.90 8.70 73.95
CA LEU A 196 -4.88 8.32 72.92
C LEU A 196 -5.37 6.91 73.13
N PRO A 197 -6.68 6.70 72.97
CA PRO A 197 -7.26 5.36 73.13
C PRO A 197 -6.69 4.41 72.09
N VAL A 198 -6.26 3.24 72.54
CA VAL A 198 -5.58 2.29 71.67
C VAL A 198 -6.50 1.66 70.63
N ARG A 199 -7.80 1.62 70.91
CA ARG A 199 -8.76 0.94 70.04
C ARG A 199 -9.03 1.65 68.72
N TRP A 200 -8.62 2.92 68.65
CA TRP A 200 -8.79 3.71 67.44
C TRP A 200 -7.47 3.89 66.67
N MET A 201 -6.40 3.30 67.21
CA MET A 201 -5.06 3.60 66.77
C MET A 201 -4.62 2.65 65.66
N SER A 202 -3.96 3.17 64.62
CA SER A 202 -3.51 2.30 63.54
C SER A 202 -2.38 1.42 64.03
N PRO A 203 -2.14 0.29 63.35
CA PRO A 203 -1.06 -0.60 63.76
C PRO A 203 0.28 0.14 63.82
N GLU A 204 0.58 0.91 62.79
CA GLU A 204 1.85 1.61 62.73
C GLU A 204 1.99 2.62 63.87
N SER A 205 0.87 3.22 64.27
CA SER A 205 0.82 4.14 65.41
C SER A 205 1.02 3.42 66.75
N LEU A 206 0.48 2.22 66.89
CA LEU A 206 0.75 1.41 68.07
C LEU A 206 2.22 1.02 68.13
N LYS A 207 2.81 0.78 66.96
CA LYS A 207 4.17 0.24 66.90
C LYS A 207 5.28 1.29 67.09
N ASP A 208 5.19 2.41 66.36
CA ASP A 208 6.25 3.43 66.31
C ASP A 208 5.90 4.82 66.87
N GLY A 209 4.63 5.09 67.12
CA GLY A 209 4.21 6.41 67.57
C GLY A 209 4.08 7.35 66.39
N VAL A 210 4.02 6.78 65.20
CA VAL A 210 3.92 7.55 63.97
C VAL A 210 2.46 7.82 63.64
N PHE A 211 2.17 9.08 63.29
CA PHE A 211 0.83 9.48 62.86
C PHE A 211 0.89 10.19 61.52
N THR A 212 0.12 9.70 60.57
CA THR A 212 0.06 10.27 59.23
C THR A 212 -1.40 10.40 58.87
N THR A 213 -1.69 10.81 57.64
CA THR A 213 -3.08 10.86 57.24
C THR A 213 -3.54 9.42 56.97
N TYR A 214 -2.59 8.51 56.76
CA TYR A 214 -2.94 7.10 56.58
C TYR A 214 -3.50 6.54 57.86
N SER A 215 -2.98 7.02 58.99
CA SER A 215 -3.49 6.60 60.29
C SER A 215 -4.87 7.24 60.59
N ASP A 216 -5.09 8.45 60.09
CA ASP A 216 -6.38 9.10 60.25
C ASP A 216 -7.46 8.26 59.56
N VAL A 217 -7.19 7.88 58.32
CA VAL A 217 -8.07 6.98 57.56
C VAL A 217 -8.38 5.70 58.34
N TRP A 218 -7.35 5.08 58.92
CA TRP A 218 -7.60 3.98 59.85
C TRP A 218 -8.62 4.31 60.94
N SER A 219 -8.46 5.43 61.63
CA SER A 219 -9.45 5.82 62.64
C SER A 219 -10.82 5.93 62.00
N PHE A 220 -10.88 6.58 60.84
CA PHE A 220 -12.13 6.79 60.14
C PHE A 220 -12.89 5.49 59.96
N GLY A 221 -12.15 4.42 59.67
CA GLY A 221 -12.74 3.12 59.49
C GLY A 221 -13.42 2.74 60.77
N VAL A 222 -12.74 2.96 61.89
CA VAL A 222 -13.29 2.58 63.18
C VAL A 222 -14.58 3.33 63.49
N VAL A 223 -14.67 4.60 63.10
CA VAL A 223 -15.89 5.33 63.38
C VAL A 223 -17.01 4.90 62.45
N LEU A 224 -16.66 4.39 61.27
CA LEU A 224 -17.65 3.73 60.43
C LEU A 224 -18.17 2.51 61.17
N TRP A 225 -17.27 1.78 61.78
CA TRP A 225 -17.64 0.63 62.58
C TRP A 225 -18.48 1.06 63.78
N GLU A 226 -18.19 2.22 64.35
CA GLU A 226 -18.98 2.69 65.50
C GLU A 226 -20.39 3.06 65.07
N ILE A 227 -20.48 3.77 63.96
CA ILE A 227 -21.76 4.10 63.37
C ILE A 227 -22.58 2.85 63.13
N ALA A 228 -21.94 1.83 62.60
CA ALA A 228 -22.63 0.58 62.23
C ALA A 228 -23.20 -0.18 63.40
N THR A 229 -22.53 -0.12 64.54
CA THR A 229 -22.95 -0.84 65.71
C THR A 229 -23.58 0.06 66.77
N LEU A 230 -23.93 1.27 66.39
CA LEU A 230 -24.52 2.21 67.34
C LEU A 230 -23.65 2.32 68.57
N ALA A 231 -22.35 2.50 68.32
CA ALA A 231 -21.35 2.87 69.33
C ALA A 231 -21.02 1.77 70.33
N GLU A 232 -20.78 0.58 69.81
CA GLU A 232 -20.22 -0.50 70.62
C GLU A 232 -18.76 -0.19 70.85
N GLN A 233 -18.18 -0.78 71.88
CA GLN A 233 -16.76 -0.62 72.11
C GLN A 233 -16.00 -1.48 71.14
N PRO A 234 -15.09 -0.87 70.36
CA PRO A 234 -14.31 -1.66 69.39
C PRO A 234 -13.46 -2.70 70.13
N TYR A 235 -13.39 -3.91 69.59
CA TYR A 235 -12.69 -5.03 70.24
C TYR A 235 -13.19 -5.28 71.65
N GLN A 236 -14.51 -5.33 71.81
CA GLN A 236 -15.11 -5.74 73.07
C GLN A 236 -14.62 -7.16 73.35
N GLY A 237 -14.41 -7.48 74.61
CA GLY A 237 -13.90 -8.80 74.96
C GLY A 237 -12.38 -8.91 74.95
N LEU A 238 -11.70 -7.96 74.32
CA LEU A 238 -10.26 -7.88 74.46
C LEU A 238 -9.90 -6.77 75.44
N SER A 239 -8.75 -6.89 76.09
CA SER A 239 -8.27 -5.82 76.97
C SER A 239 -7.36 -4.92 76.17
N ASN A 240 -7.08 -3.73 76.67
CA ASN A 240 -6.15 -2.84 75.98
C ASN A 240 -4.86 -3.57 75.64
N GLU A 241 -4.39 -4.36 76.60
CA GLU A 241 -3.26 -5.24 76.33
C GLU A 241 -3.49 -6.07 75.06
N GLN A 242 -4.55 -6.85 75.02
CA GLN A 242 -4.77 -7.77 73.90
C GLN A 242 -5.07 -7.05 72.59
N VAL A 243 -5.84 -5.98 72.66
CA VAL A 243 -6.11 -5.18 71.48
C VAL A 243 -4.79 -4.76 70.86
N LEU A 244 -3.89 -4.27 71.70
CA LEU A 244 -2.58 -3.86 71.26
C LEU A 244 -1.99 -4.97 70.39
N ARG A 245 -1.68 -6.09 71.03
CA ARG A 245 -1.14 -7.26 70.34
C ARG A 245 -1.94 -7.59 69.09
N PHE A 246 -3.24 -7.78 69.27
CA PHE A 246 -4.12 -8.25 68.22
C PHE A 246 -4.06 -7.38 66.97
N VAL A 247 -4.12 -6.07 67.14
CA VAL A 247 -4.18 -5.17 65.99
C VAL A 247 -2.84 -5.11 65.25
N MET A 248 -1.75 -5.06 66.00
CA MET A 248 -0.43 -4.91 65.39
C MET A 248 -0.09 -6.11 64.53
N GLU A 249 -0.58 -7.28 64.93
CA GLU A 249 -0.30 -8.50 64.20
C GLU A 249 -1.31 -8.80 63.09
N GLY A 250 -2.15 -7.81 62.77
CA GLY A 250 -3.03 -7.88 61.61
C GLY A 250 -4.50 -8.00 61.92
N GLY A 251 -4.84 -8.06 63.20
CA GLY A 251 -6.21 -8.22 63.65
C GLY A 251 -7.17 -7.23 63.04
N LEU A 252 -8.42 -7.65 62.85
CA LEU A 252 -9.43 -6.77 62.29
C LEU A 252 -10.73 -6.87 63.08
N LEU A 253 -11.50 -5.79 63.09
CA LEU A 253 -12.81 -5.83 63.71
C LEU A 253 -13.72 -6.71 62.85
N ASP A 254 -14.63 -7.43 63.49
CA ASP A 254 -15.54 -8.32 62.77
C ASP A 254 -16.63 -7.50 62.13
N LYS A 255 -17.09 -7.94 60.96
CA LYS A 255 -18.25 -7.32 60.34
C LYS A 255 -19.44 -7.35 61.31
N PRO A 256 -20.05 -6.18 61.53
CA PRO A 256 -21.17 -6.14 62.45
C PRO A 256 -22.30 -6.98 61.91
N ASP A 257 -23.07 -7.58 62.81
CA ASP A 257 -24.27 -8.26 62.41
C ASP A 257 -25.28 -7.19 62.08
N ASN A 258 -25.76 -7.20 60.85
CA ASN A 258 -26.73 -6.21 60.38
C ASN A 258 -26.04 -5.10 59.61
N CYS A 259 -24.78 -5.31 59.24
CA CYS A 259 -24.05 -4.30 58.51
C CYS A 259 -24.11 -4.55 57.02
N PRO A 260 -24.65 -3.58 56.28
CA PRO A 260 -24.62 -3.71 54.82
C PRO A 260 -23.21 -3.94 54.32
N ASP A 261 -22.99 -4.99 53.54
CA ASP A 261 -21.67 -5.26 52.98
C ASP A 261 -20.90 -4.02 52.60
N MET A 262 -21.52 -3.15 51.81
CA MET A 262 -20.80 -2.02 51.26
C MET A 262 -20.02 -1.28 52.35
N LEU A 263 -20.67 -0.92 53.44
CA LEU A 263 -20.02 -0.12 54.46
C LEU A 263 -18.88 -0.86 55.11
N PHE A 264 -18.95 -2.18 55.12
CA PHE A 264 -17.89 -2.96 55.72
C PHE A 264 -16.76 -3.21 54.72
N GLU A 265 -17.03 -3.11 53.42
CA GLU A 265 -15.95 -3.19 52.44
C GLU A 265 -15.12 -1.95 52.61
N LEU A 266 -15.80 -0.82 52.72
CA LEU A 266 -15.17 0.47 52.92
C LEU A 266 -14.24 0.42 54.13
N MET A 267 -14.72 -0.14 55.25
CA MET A 267 -13.89 -0.29 56.45
C MET A 267 -12.65 -1.12 56.12
N ARG A 268 -12.84 -2.24 55.44
CA ARG A 268 -11.73 -3.15 55.18
C ARG A 268 -10.60 -2.50 54.39
N MET A 269 -10.95 -1.49 53.59
CA MET A 269 -9.96 -0.72 52.82
C MET A 269 -9.27 0.30 53.74
N CYS A 270 -10.03 0.91 54.64
CA CYS A 270 -9.43 1.83 55.59
C CYS A 270 -8.54 1.10 56.57
N TRP A 271 -8.64 -0.23 56.61
CA TRP A 271 -7.85 -1.00 57.55
C TRP A 271 -6.73 -1.80 56.90
N GLN A 272 -6.44 -1.48 55.65
CA GLN A 272 -5.27 -2.06 55.02
C GLN A 272 -4.09 -1.87 55.97
N TYR A 273 -3.31 -2.92 56.16
CA TYR A 273 -2.18 -2.88 57.09
C TYR A 273 -1.11 -1.93 56.60
N ASN A 274 -0.74 -2.07 55.33
CA ASN A 274 0.18 -1.16 54.68
C ASN A 274 -0.51 0.20 54.50
N PRO A 275 -0.15 1.19 55.34
CA PRO A 275 -0.81 2.50 55.33
C PRO A 275 -0.98 3.05 53.93
N LYS A 276 0.03 2.81 53.10
CA LYS A 276 0.07 3.33 51.75
C LYS A 276 -1.01 2.69 50.86
N MET A 277 -1.57 1.58 51.32
CA MET A 277 -2.62 0.90 50.55
C MET A 277 -4.05 1.38 50.87
N ARG A 278 -4.20 2.27 51.86
CA ARG A 278 -5.52 2.75 52.26
C ARG A 278 -6.00 3.86 51.34
N PRO A 279 -7.33 4.07 51.29
CA PRO A 279 -7.87 5.14 50.45
C PRO A 279 -7.53 6.50 51.06
N SER A 280 -7.42 7.55 50.26
CA SER A 280 -7.38 8.91 50.80
C SER A 280 -8.79 9.35 51.14
N PHE A 281 -8.94 10.39 51.95
CA PHE A 281 -10.27 10.88 52.28
C PHE A 281 -10.97 11.36 51.03
N LEU A 282 -10.20 11.88 50.07
CA LEU A 282 -10.80 12.30 48.80
C LEU A 282 -11.34 11.10 48.02
N GLU A 283 -10.56 10.03 47.94
CA GLU A 283 -11.00 8.83 47.25
C GLU A 283 -12.30 8.33 47.84
N ILE A 284 -12.33 8.24 49.16
CA ILE A 284 -13.51 7.77 49.89
C ILE A 284 -14.70 8.60 49.46
N ILE A 285 -14.55 9.91 49.51
CA ILE A 285 -15.68 10.75 49.15
C ILE A 285 -16.14 10.44 47.73
N SER A 286 -15.19 10.20 46.83
CA SER A 286 -15.53 9.98 45.42
C SER A 286 -16.44 8.78 45.23
N SER A 287 -16.14 7.72 45.97
CA SER A 287 -16.81 6.46 45.80
C SER A 287 -18.26 6.46 46.29
N ILE A 288 -18.63 7.52 47.01
CA ILE A 288 -19.97 7.61 47.57
C ILE A 288 -20.59 8.98 47.34
N LYS A 289 -19.91 9.82 46.59
CA LYS A 289 -20.35 11.21 46.45
C LYS A 289 -21.70 11.27 45.76
N GLU A 290 -22.01 10.22 45.02
CA GLU A 290 -23.25 10.16 44.25
C GLU A 290 -24.42 9.67 45.10
N GLU A 291 -24.14 9.37 46.36
CA GLU A 291 -25.16 8.94 47.30
C GLU A 291 -25.42 9.97 48.42
N MET A 292 -24.88 11.17 48.25
CA MET A 292 -24.99 12.20 49.28
C MET A 292 -26.16 13.11 48.97
N GLU A 293 -26.94 13.45 50.00
CA GLU A 293 -28.06 14.38 49.83
C GLU A 293 -27.60 15.62 49.08
N PRO A 294 -28.48 16.17 48.23
CA PRO A 294 -28.17 17.27 47.29
C PRO A 294 -27.31 18.38 47.90
N GLY A 295 -27.69 18.89 49.06
CA GLY A 295 -26.98 20.02 49.66
C GLY A 295 -25.47 19.92 49.58
N PHE A 296 -24.95 18.70 49.71
CA PHE A 296 -23.51 18.45 49.78
C PHE A 296 -22.69 19.27 48.78
N ARG A 297 -22.99 19.15 47.50
CA ARG A 297 -22.22 19.84 46.47
C ARG A 297 -21.93 21.29 46.84
N GLU A 298 -22.94 21.98 47.34
CA GLU A 298 -22.80 23.40 47.63
C GLU A 298 -21.87 23.68 48.79
N VAL A 299 -22.00 22.88 49.85
CA VAL A 299 -21.38 23.19 51.13
C VAL A 299 -20.07 22.44 51.41
N SER A 300 -19.79 21.39 50.65
CA SER A 300 -18.64 20.54 50.95
C SER A 300 -17.32 21.15 50.49
N PHE A 301 -16.24 20.70 51.12
CA PHE A 301 -14.88 21.04 50.68
C PHE A 301 -14.49 20.24 49.43
N TYR A 302 -14.99 19.00 49.34
CA TYR A 302 -14.74 18.20 48.16
C TYR A 302 -15.04 19.02 46.91
N TYR A 303 -16.27 19.54 46.82
CA TYR A 303 -16.73 20.28 45.65
C TYR A 303 -16.47 21.78 45.79
N SER A 304 -15.33 22.14 46.36
CA SER A 304 -15.02 23.57 46.52
C SER A 304 -13.78 24.01 45.72
N GLU A 305 -13.63 25.32 45.61
CA GLU A 305 -12.52 25.91 44.86
C GLU A 305 -11.20 25.50 45.48
N GLU A 306 -11.10 25.63 46.80
CA GLU A 306 -9.89 25.27 47.53
C GLU A 306 -9.34 23.91 47.10
N ASN A 307 -10.22 23.05 46.58
CA ASN A 307 -9.87 21.66 46.28
C ASN A 307 -9.45 21.36 44.84
N LYS A 308 -8.16 21.55 44.57
CA LYS A 308 -7.55 21.18 43.29
C LYS A 308 -6.12 21.68 43.31
N SER B 2 -22.16 -4.92 43.07
CA SER B 2 -21.77 -4.63 44.44
C SER B 2 -20.46 -3.85 44.54
N PHE B 3 -20.21 -3.33 45.75
CA PHE B 3 -19.11 -2.42 46.08
C PHE B 3 -17.80 -3.18 46.32
N SER B 4 -16.72 -2.67 45.72
CA SER B 4 -15.39 -3.28 45.83
C SER B 4 -14.30 -2.21 45.72
N ALA B 5 -13.05 -2.65 45.80
CA ALA B 5 -11.90 -1.75 45.66
C ALA B 5 -11.96 -0.99 44.35
N ALA B 6 -12.51 -1.64 43.33
CA ALA B 6 -12.62 -1.00 42.03
C ALA B 6 -13.39 0.31 42.14
N ASP B 7 -14.24 0.42 43.15
CA ASP B 7 -15.17 1.54 43.21
C ASP B 7 -14.52 2.81 43.71
N VAL B 8 -13.53 2.62 44.59
CA VAL B 8 -12.84 3.72 45.27
C VAL B 8 -11.43 4.01 44.74
N TYR B 9 -10.71 2.97 44.31
CA TYR B 9 -9.30 3.13 43.95
C TYR B 9 -8.98 3.56 42.52
N VAL B 10 -10.00 3.76 41.70
CA VAL B 10 -9.83 4.28 40.33
C VAL B 10 -10.77 5.45 40.07
N PRO B 11 -10.22 6.58 39.62
CA PRO B 11 -10.98 7.79 39.34
C PRO B 11 -12.04 7.45 38.32
N ASP B 12 -13.29 7.74 38.60
CA ASP B 12 -14.38 7.32 37.70
C ASP B 12 -14.19 7.86 36.28
N GLU B 13 -13.12 8.62 36.07
CA GLU B 13 -12.79 9.20 34.77
C GLU B 13 -12.33 8.13 33.76
N TRP B 14 -11.65 7.11 34.28
CA TRP B 14 -11.11 6.03 33.46
C TRP B 14 -12.13 4.93 33.25
N GLU B 15 -13.33 5.11 33.80
CA GLU B 15 -14.31 4.05 33.72
C GLU B 15 -14.94 3.99 32.34
N VAL B 16 -15.30 2.78 31.92
CA VAL B 16 -16.04 2.58 30.68
C VAL B 16 -17.07 1.46 30.87
N ALA B 17 -18.20 1.54 30.16
CA ALA B 17 -19.27 0.58 30.39
C ALA B 17 -18.92 -0.84 29.93
N ARG B 18 -19.06 -1.81 30.82
CA ARG B 18 -18.77 -3.21 30.49
C ARG B 18 -19.40 -3.65 29.16
N GLU B 19 -20.50 -3.01 28.80
CA GLU B 19 -21.23 -3.34 27.58
C GLU B 19 -20.53 -2.81 26.32
N LYS B 20 -19.66 -1.83 26.52
CA LYS B 20 -18.82 -1.30 25.45
C LYS B 20 -17.67 -2.25 25.09
N ILE B 21 -17.35 -3.14 26.02
CA ILE B 21 -16.20 -4.03 25.87
C ILE B 21 -16.64 -5.46 25.57
N THR B 22 -16.11 -6.01 24.48
CA THR B 22 -16.34 -7.41 24.15
C THR B 22 -15.01 -8.12 24.00
N MET B 23 -14.91 -9.32 24.57
CA MET B 23 -13.65 -10.05 24.62
C MET B 23 -13.75 -11.34 23.84
N SER B 24 -12.88 -11.53 22.85
CA SER B 24 -12.97 -12.73 22.02
C SER B 24 -12.11 -13.89 22.54
N ARG B 25 -10.79 -13.75 22.44
CA ARG B 25 -9.89 -14.89 22.62
C ARG B 25 -8.84 -14.65 23.69
N GLU B 26 -8.50 -15.70 24.43
CA GLU B 26 -7.46 -15.61 25.45
C GLU B 26 -6.09 -15.33 24.82
N LEU B 27 -5.34 -14.43 25.46
CA LEU B 27 -3.99 -14.12 25.03
C LEU B 27 -2.99 -14.86 25.90
N GLY B 28 -3.33 -15.00 27.17
CA GLY B 28 -2.46 -15.67 28.12
C GLY B 28 -2.72 -15.22 29.54
N GLN B 29 -2.01 -15.84 30.48
CA GLN B 29 -2.13 -15.45 31.89
C GLN B 29 -1.41 -14.15 32.12
N GLY B 30 -1.90 -13.40 33.09
CA GLY B 30 -1.32 -12.12 33.42
C GLY B 30 -1.03 -12.08 34.89
N SER B 31 -0.40 -10.99 35.33
CA SER B 31 0.04 -10.87 36.71
C SER B 31 -1.07 -11.14 37.72
N PHE B 32 -2.24 -10.55 37.51
CA PHE B 32 -3.31 -10.64 38.51
C PHE B 32 -4.54 -11.34 37.96
N GLY B 33 -4.43 -11.89 36.76
CA GLY B 33 -5.56 -12.51 36.08
C GLY B 33 -5.37 -12.72 34.58
N MET B 34 -6.41 -13.20 33.91
CA MET B 34 -6.31 -13.58 32.50
C MET B 34 -6.36 -12.40 31.53
N VAL B 35 -5.49 -12.44 30.51
CA VAL B 35 -5.49 -11.44 29.46
C VAL B 35 -6.22 -11.93 28.21
N TYR B 36 -7.12 -11.09 27.68
CA TYR B 36 -7.89 -11.41 26.48
C TYR B 36 -7.72 -10.31 25.44
N GLU B 37 -7.65 -10.70 24.17
CA GLU B 37 -7.74 -9.71 23.11
C GLU B 37 -9.22 -9.45 22.90
N GLY B 38 -9.53 -8.24 22.41
CA GLY B 38 -10.92 -7.88 22.20
C GLY B 38 -11.14 -6.52 21.58
N VAL B 39 -12.40 -6.11 21.62
CA VAL B 39 -12.80 -4.83 21.03
C VAL B 39 -13.37 -3.92 22.11
N ALA B 40 -12.98 -2.66 22.04
CA ALA B 40 -13.47 -1.65 22.98
C ALA B 40 -14.13 -0.52 22.19
N LYS B 41 -15.46 -0.51 22.19
CA LYS B 41 -16.22 0.49 21.44
C LYS B 41 -16.11 1.89 22.05
N GLY B 42 -15.78 2.86 21.22
CA GLY B 42 -15.83 4.26 21.60
C GLY B 42 -14.83 4.75 22.64
N VAL B 43 -13.75 4.00 22.84
CA VAL B 43 -12.75 4.38 23.83
C VAL B 43 -11.75 5.35 23.23
N VAL B 44 -11.28 5.03 22.03
CA VAL B 44 -10.26 5.82 21.36
C VAL B 44 -10.89 6.93 20.56
N LYS B 45 -10.46 8.15 20.84
CA LYS B 45 -10.95 9.32 20.14
C LYS B 45 -10.95 9.06 18.63
N ASP B 46 -12.12 9.25 18.02
CA ASP B 46 -12.25 9.15 16.56
C ASP B 46 -12.14 7.72 16.05
N GLU B 47 -12.30 6.76 16.95
CA GLU B 47 -12.42 5.36 16.56
C GLU B 47 -13.69 4.78 17.16
N PRO B 48 -14.57 4.28 16.30
CA PRO B 48 -15.87 3.74 16.71
C PRO B 48 -15.62 2.46 17.47
N GLU B 49 -14.52 1.82 17.10
CA GLU B 49 -14.05 0.62 17.76
C GLU B 49 -12.53 0.68 17.82
N THR B 50 -11.96 -0.09 18.75
CA THR B 50 -10.52 -0.27 18.81
C THR B 50 -10.20 -1.67 19.30
N ARG B 51 -9.06 -2.19 18.85
CA ARG B 51 -8.61 -3.48 19.35
C ARG B 51 -7.85 -3.20 20.62
N VAL B 52 -8.07 -4.06 21.61
CA VAL B 52 -7.44 -3.82 22.90
C VAL B 52 -7.13 -5.14 23.57
N ALA B 53 -6.24 -5.08 24.55
CA ALA B 53 -6.04 -6.18 25.47
C ALA B 53 -6.90 -5.92 26.73
N ILE B 54 -7.56 -6.97 27.21
CA ILE B 54 -8.44 -6.89 28.37
C ILE B 54 -7.98 -7.83 29.48
N LYS B 55 -7.72 -7.28 30.65
CA LYS B 55 -7.40 -8.12 31.80
C LYS B 55 -8.62 -8.23 32.69
N THR B 56 -8.87 -9.44 33.19
CA THR B 56 -9.94 -9.68 34.13
C THR B 56 -9.38 -10.19 35.45
N VAL B 57 -9.72 -9.50 36.53
CA VAL B 57 -9.37 -9.97 37.86
C VAL B 57 -10.65 -10.51 38.44
N ASN B 58 -10.69 -11.81 38.72
CA ASN B 58 -11.91 -12.41 39.24
C ASN B 58 -12.09 -12.22 40.75
N GLU B 59 -13.33 -12.37 41.22
CA GLU B 59 -13.62 -12.27 42.65
C GLU B 59 -12.64 -13.09 43.50
N ALA B 60 -12.18 -14.22 42.99
CA ALA B 60 -11.30 -15.12 43.76
C ALA B 60 -9.92 -14.51 43.99
N ALA B 61 -9.90 -13.19 44.07
CA ALA B 61 -8.66 -12.45 44.30
C ALA B 61 -8.81 -11.54 45.52
N SER B 62 -7.94 -11.74 46.50
CA SER B 62 -7.91 -10.93 47.71
C SER B 62 -8.17 -9.45 47.42
N MET B 63 -8.66 -8.73 48.43
CA MET B 63 -8.81 -7.29 48.32
C MET B 63 -7.43 -6.67 48.25
N ARG B 64 -6.52 -7.20 49.05
CA ARG B 64 -5.13 -6.79 49.05
C ARG B 64 -4.62 -6.89 47.61
N GLU B 65 -4.79 -8.07 47.02
CA GLU B 65 -4.38 -8.34 45.65
C GLU B 65 -4.98 -7.31 44.70
N ARG B 66 -6.27 -7.02 44.88
CA ARG B 66 -6.94 -6.05 44.02
C ARG B 66 -6.34 -4.65 44.16
N ILE B 67 -6.18 -4.20 45.40
CA ILE B 67 -5.78 -2.83 45.64
C ILE B 67 -4.42 -2.57 45.04
N GLU B 68 -3.54 -3.55 45.16
CA GLU B 68 -2.20 -3.41 44.63
C GLU B 68 -2.27 -3.38 43.12
N PHE B 69 -3.07 -4.26 42.54
CA PHE B 69 -3.31 -4.30 41.10
C PHE B 69 -3.91 -3.01 40.54
N LEU B 70 -4.78 -2.37 41.32
CA LEU B 70 -5.39 -1.11 40.88
C LEU B 70 -4.41 0.04 41.01
N ASN B 71 -3.56 -0.03 42.05
CA ASN B 71 -2.57 1.02 42.31
C ASN B 71 -1.50 1.05 41.24
N GLU B 72 -1.19 -0.14 40.70
CA GLU B 72 -0.18 -0.28 39.65
C GLU B 72 -0.65 0.34 38.34
N ALA B 73 -1.90 0.07 37.99
CA ALA B 73 -2.55 0.68 36.84
C ALA B 73 -2.69 2.19 37.00
N SER B 74 -2.83 2.64 38.25
CA SER B 74 -3.07 4.05 38.51
C SER B 74 -1.82 4.86 38.25
N VAL B 75 -0.70 4.20 38.04
CA VAL B 75 0.51 4.92 37.70
C VAL B 75 0.62 5.15 36.18
N MET B 76 0.31 4.11 35.39
CA MET B 76 0.18 4.24 33.94
C MET B 76 -0.57 5.50 33.63
N LYS B 77 -1.81 5.51 34.09
CA LYS B 77 -2.68 6.69 34.00
C LYS B 77 -1.89 7.94 33.65
N GLU B 78 -0.92 8.26 34.49
CA GLU B 78 0.00 9.37 34.27
C GLU B 78 0.59 9.41 32.84
N PHE B 79 1.23 8.32 32.41
CA PHE B 79 1.94 8.27 31.13
C PHE B 79 1.03 8.36 29.91
N ASN B 80 1.30 9.31 29.04
CA ASN B 80 0.65 9.41 27.74
C ASN B 80 1.72 9.61 26.68
N CYS B 81 2.33 8.53 26.24
CA CYS B 81 3.42 8.62 25.28
C CYS B 81 3.18 7.65 24.15
N HIS B 82 3.61 8.02 22.96
CA HIS B 82 3.43 7.12 21.84
C HIS B 82 4.25 5.85 22.05
N HIS B 83 5.34 5.96 22.82
CA HIS B 83 6.23 4.81 23.00
C HIS B 83 6.10 4.11 24.36
N VAL B 84 5.00 4.37 25.05
CA VAL B 84 4.65 3.63 26.25
C VAL B 84 3.28 3.03 26.00
N VAL B 85 3.17 1.73 26.18
CA VAL B 85 1.88 1.06 26.02
C VAL B 85 0.89 1.75 26.97
N ARG B 86 -0.25 2.17 26.44
CA ARG B 86 -1.14 3.02 27.22
C ARG B 86 -2.43 2.36 27.73
N LEU B 87 -2.77 2.68 28.97
CA LEU B 87 -4.06 2.30 29.55
C LEU B 87 -5.16 3.11 28.88
N LEU B 88 -6.19 2.41 28.41
CA LEU B 88 -7.29 3.06 27.73
C LEU B 88 -8.47 3.25 28.68
N GLY B 89 -8.52 2.43 29.72
CA GLY B 89 -9.59 2.52 30.70
C GLY B 89 -9.81 1.27 31.51
N VAL B 90 -10.59 1.42 32.57
CA VAL B 90 -10.96 0.27 33.38
C VAL B 90 -12.47 0.25 33.60
N VAL B 91 -13.06 -0.93 33.46
CA VAL B 91 -14.46 -1.16 33.83
C VAL B 91 -14.48 -1.50 35.31
N SER B 92 -15.10 -0.67 36.14
CA SER B 92 -15.05 -0.85 37.60
C SER B 92 -16.34 -1.38 38.24
N GLN B 93 -17.46 -1.12 37.60
CA GLN B 93 -18.77 -1.58 38.09
C GLN B 93 -19.13 -2.91 37.41
N GLY B 94 -18.89 -4.01 38.12
CA GLY B 94 -19.05 -5.35 37.54
C GLY B 94 -18.29 -6.40 38.32
N GLN B 95 -18.54 -7.67 38.01
CA GLN B 95 -18.01 -8.76 38.82
C GLN B 95 -16.53 -9.04 38.61
N PRO B 96 -16.11 -9.24 37.35
CA PRO B 96 -14.66 -9.25 37.07
C PRO B 96 -14.20 -7.84 36.68
N THR B 97 -13.31 -7.25 37.46
CA THR B 97 -12.78 -5.94 37.09
C THR B 97 -12.04 -6.05 35.76
N LEU B 98 -12.38 -5.15 34.84
CA LEU B 98 -11.68 -5.10 33.56
C LEU B 98 -10.68 -3.94 33.49
N VAL B 99 -9.51 -4.21 32.93
CA VAL B 99 -8.58 -3.14 32.60
C VAL B 99 -8.33 -3.19 31.11
N ILE B 100 -8.50 -2.05 30.45
CA ILE B 100 -8.36 -1.96 29.01
C ILE B 100 -7.04 -1.29 28.58
N MET B 101 -6.10 -2.09 28.10
CA MET B 101 -4.84 -1.56 27.58
C MET B 101 -4.86 -1.59 26.05
N GLU B 102 -4.05 -0.72 25.44
CA GLU B 102 -3.88 -0.76 23.99
C GLU B 102 -3.31 -2.09 23.57
N LEU B 103 -3.70 -2.54 22.38
CA LEU B 103 -3.26 -3.84 21.88
C LEU B 103 -1.90 -3.75 21.20
N MET B 104 -1.02 -4.69 21.54
CA MET B 104 0.27 -4.85 20.89
C MET B 104 0.25 -6.25 20.27
N THR B 105 -0.16 -6.32 19.01
CA THR B 105 -0.47 -7.58 18.34
C THR B 105 0.70 -8.56 18.27
N ARG B 106 1.93 -8.04 18.31
CA ARG B 106 3.10 -8.90 18.13
C ARG B 106 3.77 -9.40 19.41
N GLY B 107 3.13 -9.21 20.55
CA GLY B 107 3.65 -9.71 21.80
C GLY B 107 4.89 -8.97 22.27
N ASP B 108 5.64 -9.63 23.15
CA ASP B 108 6.76 -8.97 23.80
C ASP B 108 8.02 -9.04 22.96
N LEU B 109 8.87 -8.03 23.11
CA LEU B 109 10.03 -7.87 22.26
C LEU B 109 10.99 -9.05 22.39
N LYS B 110 10.89 -9.80 23.47
CA LYS B 110 11.80 -10.92 23.68
C LYS B 110 11.40 -12.07 22.77
N SER B 111 10.12 -12.44 22.83
CA SER B 111 9.57 -13.53 22.04
C SER B 111 9.65 -13.17 20.58
N TYR B 112 9.45 -11.89 20.31
CA TYR B 112 9.46 -11.44 18.93
C TYR B 112 10.85 -11.68 18.38
N LEU B 113 11.85 -11.19 19.09
CA LEU B 113 13.21 -11.34 18.62
C LEU B 113 13.53 -12.81 18.41
N ARG B 114 13.10 -13.63 19.36
CA ARG B 114 13.34 -15.06 19.28
C ARG B 114 12.79 -15.62 17.98
N SER B 115 11.61 -15.15 17.60
CA SER B 115 10.92 -15.68 16.42
C SER B 115 11.67 -15.43 15.12
N LEU B 116 12.61 -14.49 15.14
CA LEU B 116 13.40 -14.16 13.96
C LEU B 116 14.58 -15.11 13.86
N ARG B 117 14.67 -16.07 14.75
CA ARG B 117 15.70 -17.09 14.67
C ARG B 117 15.20 -18.20 13.79
N PRO B 118 16.10 -19.06 13.31
CA PRO B 118 15.72 -20.25 12.53
C PRO B 118 15.14 -21.37 13.40
N GLU B 119 14.64 -22.42 12.76
CA GLU B 119 14.17 -23.61 13.46
C GLU B 119 15.23 -24.21 14.39
N LEU B 126 21.42 -16.38 14.66
CA LEU B 126 22.27 -16.03 13.51
C LEU B 126 22.11 -14.51 13.26
N ALA B 127 22.27 -14.06 12.01
CA ALA B 127 22.20 -12.61 11.72
C ALA B 127 21.04 -11.89 12.41
N PRO B 128 21.27 -10.64 12.82
CA PRO B 128 20.27 -9.82 13.52
C PRO B 128 19.45 -8.95 12.58
N PRO B 129 18.53 -8.16 13.12
CA PRO B 129 17.78 -7.24 12.27
C PRO B 129 18.74 -6.26 11.59
N SER B 130 18.37 -5.74 10.42
CA SER B 130 19.19 -4.73 9.77
C SER B 130 19.39 -3.59 10.75
N LEU B 131 20.60 -3.01 10.75
CA LEU B 131 20.96 -1.89 11.64
C LEU B 131 19.89 -0.80 11.68
N SER B 132 19.17 -0.63 10.58
CA SER B 132 18.11 0.36 10.52
C SER B 132 16.93 -0.09 11.38
N LYS B 133 16.51 -1.34 11.21
CA LYS B 133 15.43 -1.90 12.02
C LYS B 133 15.76 -1.75 13.49
N MET B 134 16.98 -2.17 13.84
CA MET B 134 17.48 -2.09 15.20
C MET B 134 17.49 -0.65 15.73
N ILE B 135 18.07 0.27 14.98
CA ILE B 135 18.09 1.66 15.39
C ILE B 135 16.68 2.13 15.67
N GLN B 136 15.74 1.72 14.83
CA GLN B 136 14.34 2.10 14.98
C GLN B 136 13.83 1.69 16.35
N MET B 137 14.08 0.44 16.71
CA MET B 137 13.63 -0.06 18.00
C MET B 137 14.33 0.75 19.07
N ALA B 138 15.64 0.89 18.94
CA ALA B 138 16.43 1.54 19.97
C ALA B 138 15.88 2.93 20.25
N GLY B 139 15.57 3.65 19.17
CA GLY B 139 15.13 5.03 19.30
C GLY B 139 13.75 5.15 19.90
N GLU B 140 12.90 4.17 19.64
CA GLU B 140 11.54 4.15 20.15
C GLU B 140 11.55 3.76 21.62
N ILE B 141 12.33 2.75 21.97
CA ILE B 141 12.58 2.40 23.37
C ILE B 141 13.19 3.57 24.13
N ALA B 142 14.25 4.18 23.59
CA ALA B 142 14.93 5.26 24.28
C ALA B 142 14.03 6.47 24.45
N ASP B 143 13.01 6.55 23.61
CA ASP B 143 12.15 7.72 23.61
C ASP B 143 11.19 7.62 24.77
N GLY B 144 10.55 6.47 24.86
CA GLY B 144 9.62 6.21 25.95
C GLY B 144 10.33 6.32 27.28
N MET B 145 11.58 5.87 27.31
CA MET B 145 12.37 5.92 28.54
C MET B 145 12.72 7.35 28.87
N ALA B 146 12.96 8.16 27.86
CA ALA B 146 13.24 9.58 28.08
C ALA B 146 12.02 10.23 28.70
N TYR B 147 10.83 9.77 28.28
CA TYR B 147 9.58 10.29 28.80
C TYR B 147 9.46 9.94 30.29
N LEU B 148 9.56 8.65 30.59
CA LEU B 148 9.64 8.18 31.96
C LEU B 148 10.53 9.07 32.83
N ASN B 149 11.82 9.18 32.46
CA ASN B 149 12.78 9.90 33.29
C ASN B 149 12.52 11.39 33.35
N ALA B 150 11.75 11.90 32.39
CA ALA B 150 11.33 13.30 32.38
C ALA B 150 10.24 13.55 33.42
N ASN B 151 9.35 12.58 33.57
CA ASN B 151 8.29 12.62 34.57
C ASN B 151 8.81 12.04 35.88
N LYS B 152 10.13 11.89 35.96
CA LYS B 152 10.80 11.48 37.19
C LYS B 152 10.38 10.10 37.67
N PHE B 153 10.63 9.10 36.84
CA PHE B 153 10.42 7.71 37.24
C PHE B 153 11.62 6.88 36.84
N VAL B 154 11.93 5.87 37.64
CA VAL B 154 12.90 4.86 37.25
C VAL B 154 12.16 3.59 36.92
N HIS B 155 12.49 2.99 35.78
CA HIS B 155 11.84 1.78 35.34
C HIS B 155 12.34 0.59 36.16
N ARG B 156 13.64 0.58 36.45
CA ARG B 156 14.28 -0.47 37.25
C ARG B 156 14.28 -1.82 36.53
N ASP B 157 13.29 -2.05 35.68
CA ASP B 157 13.05 -3.38 35.16
C ASP B 157 13.08 -3.38 33.64
N LEU B 158 13.91 -2.54 33.03
CA LEU B 158 13.97 -2.50 31.57
C LEU B 158 14.69 -3.70 30.96
N ALA B 159 13.93 -4.47 30.17
CA ALA B 159 14.44 -5.62 29.44
C ALA B 159 13.54 -5.92 28.23
N ALA B 160 13.99 -6.77 27.31
CA ALA B 160 13.21 -7.01 26.10
C ALA B 160 11.90 -7.69 26.45
N ARG B 161 11.93 -8.47 27.51
CA ARG B 161 10.74 -9.20 27.93
C ARG B 161 9.64 -8.24 28.36
N ASN B 162 10.01 -6.99 28.61
CA ASN B 162 9.11 -5.96 29.11
C ASN B 162 8.69 -4.95 28.06
N CYS B 163 9.27 -5.06 26.87
CA CYS B 163 8.86 -4.20 25.78
C CYS B 163 7.87 -4.92 24.91
N MET B 164 7.00 -4.16 24.26
CA MET B 164 6.02 -4.76 23.36
C MET B 164 6.15 -4.22 21.95
N VAL B 165 5.73 -5.04 21.00
CA VAL B 165 5.79 -4.71 19.60
C VAL B 165 4.38 -4.63 19.03
N ALA B 166 4.09 -3.52 18.35
CA ALA B 166 2.78 -3.28 17.74
C ALA B 166 2.61 -3.95 16.37
N GLU B 167 1.42 -3.82 15.80
CA GLU B 167 1.10 -4.40 14.50
C GLU B 167 2.05 -3.91 13.42
N ASP B 168 2.48 -2.65 13.53
CA ASP B 168 3.43 -2.11 12.57
C ASP B 168 4.86 -2.13 13.08
N PHE B 169 5.15 -3.07 13.97
CA PHE B 169 6.52 -3.29 14.46
C PHE B 169 7.13 -2.17 15.31
N THR B 170 6.28 -1.26 15.80
CA THR B 170 6.71 -0.25 16.75
C THR B 170 6.89 -0.86 18.14
N VAL B 171 8.00 -0.50 18.79
CA VAL B 171 8.32 -1.07 20.08
C VAL B 171 7.92 -0.06 21.12
N LYS B 172 7.40 -0.53 22.25
CA LYS B 172 6.97 0.34 23.36
C LYS B 172 7.33 -0.23 24.75
N ILE B 173 7.72 0.65 25.67
CA ILE B 173 7.97 0.24 27.04
C ILE B 173 6.61 -0.06 27.62
N GLY B 174 6.51 -1.12 28.41
CA GLY B 174 5.20 -1.63 28.77
C GLY B 174 4.97 -2.27 30.13
N ASP B 175 6.00 -2.48 30.93
CA ASP B 175 5.76 -3.19 32.19
C ASP B 175 6.28 -2.42 33.41
N PHE B 176 5.37 -1.84 34.19
CA PHE B 176 5.80 -0.90 35.23
C PHE B 176 5.59 -1.30 36.67
N GLY B 177 5.38 -2.58 36.94
CA GLY B 177 5.14 -3.02 38.30
C GLY B 177 6.33 -2.79 39.21
N MET B 178 7.44 -2.35 38.63
CA MET B 178 8.67 -2.23 39.40
C MET B 178 9.16 -0.79 39.42
N THR B 179 8.46 0.05 38.68
CA THR B 179 8.79 1.47 38.57
C THR B 179 8.61 2.24 39.86
N ARG B 180 9.51 3.18 40.14
CA ARG B 180 9.42 4.04 41.33
C ARG B 180 9.49 5.52 40.99
N ASP B 181 8.77 6.33 41.75
CA ASP B 181 8.82 7.78 41.63
C ASP B 181 10.12 8.32 42.24
N ILE B 182 10.70 9.34 41.63
CA ILE B 182 11.94 9.89 42.14
C ILE B 182 12.01 11.42 42.10
N PTR B 183 10.86 12.08 42.03
CA PTR B 183 10.83 13.52 42.31
C PTR B 183 11.33 13.64 43.75
O PTR B 183 10.89 12.87 44.61
CB PTR B 183 9.42 14.13 42.17
CG PTR B 183 9.39 15.66 42.25
CD1 PTR B 183 9.22 16.31 43.47
CD2 PTR B 183 9.51 16.45 41.11
CE1 PTR B 183 9.17 17.71 43.57
CE2 PTR B 183 9.47 17.85 41.19
CZ PTR B 183 9.30 18.47 42.42
OH PTR B 183 9.25 19.85 42.51
N GLU B 184 12.23 14.59 43.98
CA GLU B 184 13.02 14.60 45.21
C GLU B 184 13.92 13.38 45.21
N THR B 185 15.19 13.53 45.56
CA THR B 185 16.09 12.38 45.70
C THR B 185 16.75 11.93 44.39
N ASP B 186 15.95 11.84 43.33
CA ASP B 186 16.47 11.37 42.03
C ASP B 186 17.16 10.02 42.14
N PTR B 187 16.59 9.12 42.94
CA PTR B 187 17.13 7.78 43.11
C PTR B 187 16.16 7.03 43.99
O PTR B 187 15.33 7.64 44.66
CB PTR B 187 18.52 7.80 43.73
CG PTR B 187 18.57 7.99 45.23
CD1 PTR B 187 18.97 9.19 45.80
CD2 PTR B 187 18.27 6.93 46.09
CE1 PTR B 187 19.04 9.36 47.17
CE2 PTR B 187 18.33 7.08 47.46
CZ PTR B 187 18.73 8.30 47.99
OH PTR B 187 18.76 8.47 49.22
P PTR B 187 19.70 7.67 50.25
O1P PTR B 187 19.06 6.36 50.59
O2P PTR B 187 21.13 7.42 49.71
O3P PTR B 187 19.81 8.53 51.53
N PTR B 188 16.26 5.72 43.98
CA PTR B 188 15.44 4.87 44.82
C PTR B 188 16.30 3.76 45.36
O PTR B 188 16.98 3.11 44.56
CB PTR B 188 14.32 4.28 43.97
CG PTR B 188 13.58 3.12 44.65
CD1 PTR B 188 12.53 3.34 45.52
CD2 PTR B 188 13.98 1.80 44.47
CE1 PTR B 188 11.86 2.28 46.17
CE2 PTR B 188 13.34 0.75 45.12
CZ PTR B 188 12.28 0.97 45.95
OH PTR B 188 11.74 -0.02 46.47
P PTR B 188 10.68 0.02 47.71
O1P PTR B 188 10.34 -1.38 48.03
O2P PTR B 188 9.28 0.71 47.33
O3P PTR B 188 11.26 0.67 48.96
N ARG B 189 16.27 3.48 46.66
CA ARG B 189 17.08 2.41 47.20
C ARG B 189 16.21 1.32 47.80
N LYS B 190 16.45 0.08 47.38
CA LYS B 190 15.66 -1.04 47.87
C LYS B 190 16.20 -1.52 49.20
N GLY B 191 15.31 -1.64 50.18
CA GLY B 191 15.70 -2.03 51.53
C GLY B 191 15.95 -3.53 51.67
N GLY B 192 14.92 -4.32 51.39
CA GLY B 192 14.98 -5.74 51.65
C GLY B 192 15.29 -6.59 50.44
N LYS B 193 14.60 -7.73 50.35
CA LYS B 193 14.75 -8.63 49.21
C LYS B 193 14.13 -8.07 47.95
N GLY B 194 14.85 -8.28 46.85
CA GLY B 194 14.39 -7.91 45.52
C GLY B 194 14.56 -9.06 44.54
N LEU B 195 13.57 -9.24 43.69
CA LEU B 195 13.58 -10.30 42.70
C LEU B 195 13.77 -9.77 41.29
N LEU B 196 14.47 -8.67 41.15
CA LEU B 196 14.89 -8.21 39.83
C LEU B 196 15.99 -9.12 39.30
N PRO B 197 15.91 -9.48 38.01
CA PRO B 197 16.97 -10.24 37.32
C PRO B 197 18.30 -9.46 37.35
N VAL B 198 19.38 -10.14 37.74
CA VAL B 198 20.68 -9.50 37.97
C VAL B 198 21.43 -9.25 36.67
N ARG B 199 21.10 -10.02 35.65
CA ARG B 199 21.74 -9.89 34.35
C ARG B 199 21.48 -8.51 33.73
N TRP B 200 20.41 -7.86 34.17
CA TRP B 200 20.06 -6.54 33.64
C TRP B 200 20.38 -5.41 34.60
N MET B 201 20.96 -5.74 35.76
CA MET B 201 21.27 -4.73 36.76
C MET B 201 22.65 -4.08 36.61
N SER B 202 22.69 -2.77 36.86
CA SER B 202 23.93 -2.01 36.82
C SER B 202 24.80 -2.39 38.00
N PRO B 203 26.13 -2.18 37.87
CA PRO B 203 27.04 -2.50 38.99
C PRO B 203 26.61 -1.84 40.30
N GLU B 204 26.22 -0.57 40.22
CA GLU B 204 25.83 0.18 41.43
C GLU B 204 24.52 -0.33 42.04
N SER B 205 23.63 -0.83 41.18
CA SER B 205 22.37 -1.46 41.61
C SER B 205 22.62 -2.78 42.37
N LEU B 206 23.60 -3.56 41.90
CA LEU B 206 24.00 -4.79 42.58
C LEU B 206 24.71 -4.50 43.90
N LYS B 207 25.47 -3.43 43.92
CA LYS B 207 26.34 -3.15 45.06
C LYS B 207 25.59 -2.53 46.23
N ASP B 208 24.74 -1.53 45.98
CA ASP B 208 24.07 -0.78 47.04
C ASP B 208 22.54 -0.84 46.98
N GLY B 209 22.00 -1.32 45.87
CA GLY B 209 20.56 -1.38 45.67
C GLY B 209 19.99 -0.06 45.24
N VAL B 210 20.84 0.79 44.66
CA VAL B 210 20.44 2.11 44.22
C VAL B 210 20.03 2.12 42.75
N PHE B 211 18.89 2.74 42.48
CA PHE B 211 18.37 2.85 41.13
C PHE B 211 18.22 4.30 40.74
N THR B 212 18.72 4.65 39.58
CA THR B 212 18.68 6.04 39.11
C THR B 212 18.39 5.96 37.63
N THR B 213 18.26 7.09 36.96
CA THR B 213 18.04 7.00 35.52
C THR B 213 19.31 6.46 34.88
N TYR B 214 20.43 6.57 35.58
CA TYR B 214 21.67 6.04 35.02
C TYR B 214 21.58 4.51 34.89
N SER B 215 21.10 3.86 35.95
CA SER B 215 20.99 2.41 35.93
C SER B 215 19.94 1.95 34.92
N ASP B 216 18.99 2.81 34.58
CA ASP B 216 18.04 2.48 33.55
C ASP B 216 18.77 2.46 32.22
N VAL B 217 19.67 3.42 32.02
CA VAL B 217 20.46 3.48 30.79
C VAL B 217 21.30 2.23 30.65
N TRP B 218 21.78 1.71 31.78
CA TRP B 218 22.53 0.47 31.74
C TRP B 218 21.65 -0.62 31.19
N SER B 219 20.51 -0.82 31.81
CA SER B 219 19.56 -1.78 31.32
C SER B 219 19.31 -1.55 29.83
N PHE B 220 19.19 -0.29 29.41
CA PHE B 220 18.90 0.01 28.00
C PHE B 220 19.95 -0.66 27.12
N GLY B 221 21.20 -0.42 27.45
CA GLY B 221 22.32 -1.04 26.78
C GLY B 221 22.20 -2.56 26.69
N VAL B 222 21.74 -3.19 27.77
CA VAL B 222 21.57 -4.64 27.76
C VAL B 222 20.51 -5.11 26.73
N VAL B 223 19.43 -4.35 26.60
CA VAL B 223 18.35 -4.68 25.68
C VAL B 223 18.76 -4.46 24.23
N LEU B 224 19.63 -3.48 24.02
CA LEU B 224 20.31 -3.33 22.75
C LEU B 224 21.09 -4.62 22.44
N TRP B 225 21.72 -5.17 23.46
CA TRP B 225 22.47 -6.42 23.33
C TRP B 225 21.52 -7.57 23.05
N GLU B 226 20.38 -7.57 23.73
CA GLU B 226 19.34 -8.56 23.48
C GLU B 226 18.90 -8.54 22.02
N ILE B 227 18.48 -7.35 21.56
CA ILE B 227 18.08 -7.17 20.17
C ILE B 227 19.14 -7.73 19.25
N ALA B 228 20.40 -7.37 19.51
CA ALA B 228 21.51 -7.72 18.63
C ALA B 228 21.78 -9.22 18.54
N THR B 229 21.44 -9.96 19.58
CA THR B 229 21.70 -11.40 19.60
C THR B 229 20.41 -12.19 19.42
N LEU B 230 19.35 -11.48 19.09
CA LEU B 230 18.04 -12.09 18.94
C LEU B 230 17.64 -12.83 20.21
N ALA B 231 17.79 -12.11 21.34
CA ALA B 231 17.28 -12.53 22.65
C ALA B 231 18.05 -13.67 23.26
N GLU B 232 19.37 -13.55 23.24
CA GLU B 232 20.22 -14.50 23.92
C GLU B 232 20.29 -14.13 25.40
N GLN B 233 20.56 -15.12 26.24
CA GLN B 233 20.74 -14.85 27.66
C GLN B 233 22.03 -14.06 27.89
N PRO B 234 21.92 -12.86 28.48
CA PRO B 234 23.11 -12.08 28.86
C PRO B 234 24.03 -12.86 29.81
N TYR B 235 25.33 -12.89 29.53
CA TYR B 235 26.30 -13.58 30.39
C TYR B 235 26.02 -15.09 30.48
N GLN B 236 25.53 -15.66 29.39
CA GLN B 236 25.34 -17.10 29.32
C GLN B 236 26.66 -17.77 29.65
N GLY B 237 26.61 -18.85 30.42
CA GLY B 237 27.83 -19.54 30.80
C GLY B 237 28.37 -19.03 32.13
N LEU B 238 27.75 -17.96 32.63
CA LEU B 238 27.98 -17.53 34.00
C LEU B 238 26.70 -17.72 34.82
N SER B 239 26.87 -18.17 36.05
CA SER B 239 25.72 -18.28 36.94
C SER B 239 25.44 -16.89 37.46
N ASN B 240 24.25 -16.70 38.02
CA ASN B 240 23.90 -15.46 38.66
C ASN B 240 24.98 -15.05 39.67
N GLU B 241 25.43 -16.00 40.49
CA GLU B 241 26.54 -15.68 41.38
C GLU B 241 27.73 -15.07 40.64
N GLN B 242 28.11 -15.70 39.53
CA GLN B 242 29.28 -15.25 38.78
C GLN B 242 29.02 -13.90 38.17
N VAL B 243 27.86 -13.79 37.52
CA VAL B 243 27.45 -12.52 36.94
C VAL B 243 27.56 -11.40 37.97
N LEU B 244 26.96 -11.63 39.13
CA LEU B 244 27.05 -10.72 40.25
C LEU B 244 28.46 -10.13 40.39
N ARG B 245 29.43 -10.98 40.66
CA ARG B 245 30.80 -10.56 40.85
C ARG B 245 31.31 -9.89 39.58
N PHE B 246 31.09 -10.57 38.44
CA PHE B 246 31.74 -10.19 37.19
C PHE B 246 31.41 -8.75 36.83
N VAL B 247 30.13 -8.40 36.92
CA VAL B 247 29.68 -7.07 36.56
C VAL B 247 30.14 -6.01 37.56
N MET B 248 30.15 -6.35 38.84
CA MET B 248 30.58 -5.41 39.89
C MET B 248 32.05 -5.00 39.77
N GLU B 249 32.88 -5.87 39.20
CA GLU B 249 34.31 -5.58 39.11
C GLU B 249 34.75 -4.97 37.78
N GLY B 250 33.77 -4.70 36.91
CA GLY B 250 34.05 -4.02 35.65
C GLY B 250 33.74 -4.83 34.40
N GLY B 251 33.28 -6.07 34.59
CA GLY B 251 32.95 -6.93 33.48
C GLY B 251 31.96 -6.33 32.50
N LEU B 252 32.07 -6.73 31.24
CA LEU B 252 31.17 -6.29 30.19
C LEU B 252 30.72 -7.46 29.31
N LEU B 253 29.61 -7.26 28.60
CA LEU B 253 29.13 -8.25 27.63
C LEU B 253 30.00 -8.18 26.37
N ASP B 254 30.27 -9.33 25.78
CA ASP B 254 31.08 -9.38 24.57
C ASP B 254 30.28 -8.89 23.39
N LYS B 255 30.95 -8.22 22.46
CA LYS B 255 30.30 -7.75 21.26
C LYS B 255 29.76 -8.96 20.54
N PRO B 256 28.44 -8.98 20.32
CA PRO B 256 27.87 -10.13 19.64
C PRO B 256 28.56 -10.31 18.30
N ASP B 257 28.69 -11.58 17.89
CA ASP B 257 29.10 -11.84 16.53
C ASP B 257 28.01 -11.31 15.60
N ASN B 258 28.44 -10.66 14.52
CA ASN B 258 27.53 -10.13 13.53
C ASN B 258 26.85 -8.83 13.95
N CYS B 259 27.36 -8.19 15.00
CA CYS B 259 26.78 -6.93 15.46
C CYS B 259 27.48 -5.70 14.89
N PRO B 260 26.74 -4.87 14.16
CA PRO B 260 27.28 -3.62 13.64
C PRO B 260 28.06 -2.81 14.69
N ASP B 261 29.20 -2.29 14.29
CA ASP B 261 30.12 -1.64 15.21
C ASP B 261 29.47 -0.50 15.98
N MET B 262 28.55 0.21 15.33
CA MET B 262 27.95 1.39 15.93
C MET B 262 27.06 1.01 17.10
N LEU B 263 26.33 -0.09 16.95
CA LEU B 263 25.38 -0.50 17.97
C LEU B 263 26.12 -0.97 19.20
N PHE B 264 27.21 -1.69 19.01
CA PHE B 264 27.94 -2.17 20.16
C PHE B 264 28.66 -1.00 20.78
N GLU B 265 28.88 0.04 19.98
CA GLU B 265 29.63 1.17 20.46
C GLU B 265 28.71 1.94 21.36
N LEU B 266 27.42 1.90 21.03
CA LEU B 266 26.40 2.57 21.79
C LEU B 266 26.24 1.87 23.14
N MET B 267 26.26 0.54 23.12
CA MET B 267 26.17 -0.27 24.35
C MET B 267 27.27 0.11 25.32
N ARG B 268 28.48 0.23 24.80
CA ARG B 268 29.65 0.43 25.64
C ARG B 268 29.56 1.73 26.42
N MET B 269 28.85 2.69 25.86
CA MET B 269 28.65 3.95 26.54
C MET B 269 27.69 3.74 27.70
N CYS B 270 26.57 3.12 27.41
CA CYS B 270 25.59 2.81 28.41
C CYS B 270 26.20 2.01 29.55
N TRP B 271 27.32 1.34 29.30
CA TRP B 271 27.89 0.48 30.33
C TRP B 271 29.06 1.11 31.07
N GLN B 272 29.25 2.41 30.90
CA GLN B 272 30.27 3.15 31.61
C GLN B 272 30.09 2.84 33.09
N TYR B 273 31.17 2.44 33.76
CA TYR B 273 31.09 2.06 35.17
C TYR B 273 30.57 3.17 36.09
N ASN B 274 31.16 4.35 35.96
CA ASN B 274 30.67 5.55 36.63
C ASN B 274 29.37 5.99 35.97
N PRO B 275 28.24 5.83 36.68
CA PRO B 275 26.90 6.10 36.14
C PRO B 275 26.79 7.49 35.50
N LYS B 276 27.54 8.44 36.03
CA LYS B 276 27.50 9.81 35.58
C LYS B 276 28.15 9.99 34.20
N MET B 277 28.82 8.95 33.71
CA MET B 277 29.53 9.03 32.43
C MET B 277 28.80 8.28 31.32
N ARG B 278 27.51 8.02 31.54
CA ARG B 278 26.70 7.35 30.53
C ARG B 278 25.86 8.40 29.84
N PRO B 279 25.27 8.04 28.70
CA PRO B 279 24.43 8.98 27.95
C PRO B 279 23.08 9.09 28.61
N SER B 280 22.44 10.25 28.50
CA SER B 280 21.04 10.36 28.88
C SER B 280 20.24 9.78 27.73
N PHE B 281 18.99 9.42 28.01
CA PHE B 281 18.15 8.89 26.93
C PHE B 281 17.98 9.92 25.82
N LEU B 282 17.96 11.20 26.17
CA LEU B 282 17.88 12.26 25.16
C LEU B 282 19.16 12.37 24.29
N GLU B 283 20.32 12.14 24.88
CA GLU B 283 21.58 12.15 24.14
C GLU B 283 21.65 10.96 23.19
N ILE B 284 21.17 9.82 23.68
CA ILE B 284 21.10 8.60 22.89
C ILE B 284 20.27 8.87 21.66
N ILE B 285 19.06 9.39 21.88
CA ILE B 285 18.15 9.67 20.77
C ILE B 285 18.78 10.63 19.77
N SER B 286 19.22 11.78 20.26
CA SER B 286 19.77 12.82 19.39
C SER B 286 20.92 12.33 18.51
N SER B 287 21.55 11.22 18.89
CA SER B 287 22.63 10.67 18.09
C SER B 287 22.14 9.80 16.93
N ILE B 288 20.88 9.36 16.98
CA ILE B 288 20.37 8.47 15.95
C ILE B 288 19.11 9.05 15.34
N LYS B 289 18.79 10.27 15.74
CA LYS B 289 17.48 10.84 15.46
C LYS B 289 17.27 10.94 13.97
N GLU B 290 18.36 11.12 13.24
CA GLU B 290 18.24 11.39 11.82
C GLU B 290 18.23 10.08 11.05
N GLU B 291 18.20 8.97 11.79
CA GLU B 291 18.19 7.64 11.20
C GLU B 291 16.86 6.97 11.45
N MET B 292 15.90 7.74 11.95
CA MET B 292 14.61 7.21 12.36
C MET B 292 13.56 7.39 11.26
N GLU B 293 12.69 6.41 11.09
CA GLU B 293 11.58 6.54 10.13
C GLU B 293 10.92 7.92 10.33
N PRO B 294 10.40 8.51 9.23
CA PRO B 294 9.88 9.88 9.22
C PRO B 294 8.82 10.14 10.30
N GLY B 295 7.92 9.20 10.47
CA GLY B 295 6.88 9.29 11.48
C GLY B 295 7.34 9.74 12.86
N PHE B 296 8.56 9.35 13.24
CA PHE B 296 9.11 9.69 14.55
C PHE B 296 8.86 11.14 14.99
N ARG B 297 9.13 12.08 14.10
CA ARG B 297 9.02 13.51 14.41
C ARG B 297 7.61 13.91 14.88
N GLU B 298 6.60 13.18 14.41
CA GLU B 298 5.23 13.57 14.65
C GLU B 298 4.62 12.90 15.88
N VAL B 299 5.28 11.88 16.39
CA VAL B 299 4.69 11.10 17.46
C VAL B 299 5.58 10.99 18.70
N SER B 300 6.84 11.33 18.52
CA SER B 300 7.83 11.11 19.59
C SER B 300 7.67 12.08 20.74
N PHE B 301 8.17 11.70 21.91
CA PHE B 301 8.31 12.61 23.02
C PHE B 301 9.49 13.56 22.74
N TYR B 302 10.56 13.03 22.18
CA TYR B 302 11.72 13.85 21.83
C TYR B 302 11.33 15.13 21.10
N TYR B 303 10.46 15.00 20.11
CA TYR B 303 10.06 16.13 19.26
C TYR B 303 8.74 16.73 19.72
N SER B 304 8.49 16.67 21.02
CA SER B 304 7.23 17.18 21.54
C SER B 304 7.44 18.52 22.21
N GLU B 305 6.34 19.12 22.62
CA GLU B 305 6.36 20.38 23.33
C GLU B 305 6.75 20.21 24.80
N GLU B 306 6.35 19.08 25.40
CA GLU B 306 6.70 18.78 26.78
C GLU B 306 8.22 18.75 27.00
N ASN B 307 8.97 18.59 25.92
CA ASN B 307 10.43 18.37 26.00
C ASN B 307 11.26 19.59 25.63
N LYS B 308 11.35 20.54 26.55
CA LYS B 308 12.21 21.72 26.37
C LYS B 308 12.22 22.61 27.61
N SER C 2 -5.11 30.79 4.59
CA SER C 2 -6.41 30.49 3.99
C SER C 2 -6.26 29.66 2.71
N PHE C 3 -7.39 29.38 2.05
CA PHE C 3 -7.40 28.56 0.84
C PHE C 3 -7.16 29.42 -0.39
N SER C 4 -6.21 28.99 -1.22
CA SER C 4 -5.90 29.69 -2.47
C SER C 4 -5.60 28.69 -3.58
N ALA C 5 -5.47 29.20 -4.81
CA ALA C 5 -5.13 28.36 -5.96
C ALA C 5 -3.85 27.55 -5.67
N ALA C 6 -2.92 28.17 -4.95
CA ALA C 6 -1.70 27.48 -4.53
C ALA C 6 -1.97 26.12 -3.88
N ASP C 7 -3.05 26.02 -3.10
CA ASP C 7 -3.32 24.83 -2.30
C ASP C 7 -3.64 23.59 -3.12
N VAL C 8 -4.36 23.78 -4.22
CA VAL C 8 -4.80 22.68 -5.09
C VAL C 8 -3.89 22.40 -6.30
N TYR C 9 -3.44 23.46 -6.97
CA TYR C 9 -2.65 23.36 -8.22
C TYR C 9 -1.16 23.02 -8.06
N VAL C 10 -0.68 22.92 -6.83
CA VAL C 10 0.69 22.51 -6.56
C VAL C 10 0.73 21.20 -5.79
N PRO C 11 1.23 20.13 -6.44
CA PRO C 11 1.38 18.86 -5.71
C PRO C 11 2.06 19.17 -4.40
N ASP C 12 1.44 18.85 -3.28
CA ASP C 12 2.04 19.16 -1.99
C ASP C 12 3.31 18.31 -1.79
N GLU C 13 3.94 17.93 -2.90
CA GLU C 13 5.24 17.27 -2.90
C GLU C 13 6.33 18.25 -3.31
N TRP C 14 5.91 19.46 -3.66
CA TRP C 14 6.82 20.55 -3.97
C TRP C 14 6.81 21.51 -2.80
N GLU C 15 5.82 21.33 -1.93
CA GLU C 15 5.59 22.28 -0.84
C GLU C 15 6.85 22.45 -0.01
N VAL C 16 6.96 23.62 0.62
CA VAL C 16 8.01 23.89 1.60
C VAL C 16 7.51 24.93 2.62
N ALA C 17 7.96 24.81 3.86
CA ALA C 17 7.46 25.68 4.92
C ALA C 17 8.03 27.09 4.84
N ARG C 18 7.13 28.07 4.83
CA ARG C 18 7.51 29.48 4.69
C ARG C 18 8.60 29.88 5.67
N GLU C 19 8.69 29.15 6.77
CA GLU C 19 9.69 29.41 7.80
C GLU C 19 11.10 29.04 7.34
N LYS C 20 11.21 27.97 6.56
CA LYS C 20 12.50 27.49 6.06
C LYS C 20 13.11 28.45 5.03
N ILE C 21 12.30 29.39 4.54
CA ILE C 21 12.76 30.34 3.54
C ILE C 21 12.94 31.73 4.15
N THR C 22 14.04 32.37 3.80
CA THR C 22 14.30 33.74 4.23
C THR C 22 14.77 34.54 3.03
N MET C 23 14.13 35.67 2.80
CA MET C 23 14.52 36.53 1.69
C MET C 23 15.59 37.50 2.21
N SER C 24 16.32 38.12 1.31
CA SER C 24 17.42 39.02 1.72
C SER C 24 17.35 40.34 0.98
N ARG C 25 17.36 40.29 -0.34
CA ARG C 25 17.43 41.50 -1.14
C ARG C 25 16.75 41.35 -2.50
N GLU C 26 16.06 42.40 -2.94
CA GLU C 26 15.37 42.37 -4.21
C GLU C 26 16.37 42.14 -5.34
N LEU C 27 15.96 41.36 -6.33
CA LEU C 27 16.77 41.15 -7.53
C LEU C 27 16.15 41.86 -8.73
N GLY C 28 14.82 42.01 -8.72
CA GLY C 28 14.12 42.66 -9.82
C GLY C 28 12.72 42.15 -10.14
N GLN C 29 11.97 42.96 -10.89
CA GLN C 29 10.61 42.59 -11.30
C GLN C 29 10.58 41.28 -12.03
N GLY C 30 9.50 40.53 -11.82
CA GLY C 30 9.33 39.24 -12.45
C GLY C 30 7.97 39.15 -13.07
N SER C 31 7.82 38.23 -14.02
CA SER C 31 6.58 38.12 -14.78
C SER C 31 5.33 38.33 -13.93
N PHE C 32 5.21 37.64 -12.80
CA PHE C 32 3.95 37.68 -12.05
C PHE C 32 4.12 38.32 -10.68
N GLY C 33 5.34 38.70 -10.33
CA GLY C 33 5.66 39.20 -9.00
C GLY C 33 7.09 39.65 -8.87
N MET C 34 7.54 39.91 -7.64
CA MET C 34 8.89 40.43 -7.40
C MET C 34 9.92 39.35 -7.03
N VAL C 35 11.09 39.38 -7.67
CA VAL C 35 12.14 38.41 -7.37
C VAL C 35 13.02 38.86 -6.20
N TYR C 36 13.38 37.92 -5.34
CA TYR C 36 14.28 38.19 -4.22
C TYR C 36 15.38 37.15 -4.25
N GLU C 37 16.54 37.51 -3.72
CA GLU C 37 17.56 36.51 -3.47
C GLU C 37 17.40 36.12 -2.02
N GLY C 38 17.79 34.89 -1.68
CA GLY C 38 17.70 34.45 -0.30
C GLY C 38 18.29 33.08 -0.02
N VAL C 39 17.91 32.52 1.12
CA VAL C 39 18.41 31.21 1.50
C VAL C 39 17.25 30.27 1.80
N ALA C 40 17.28 29.10 1.16
CA ALA C 40 16.27 28.07 1.41
C ALA C 40 16.87 26.95 2.23
N LYS C 41 16.41 26.83 3.47
CA LYS C 41 16.96 25.83 4.39
C LYS C 41 16.41 24.43 4.10
N GLY C 42 17.33 23.49 3.88
CA GLY C 42 16.99 22.08 3.73
C GLY C 42 16.19 21.73 2.49
N VAL C 43 16.42 22.45 1.40
CA VAL C 43 15.68 22.21 0.16
C VAL C 43 16.43 21.30 -0.79
N VAL C 44 17.74 21.44 -0.81
CA VAL C 44 18.55 20.62 -1.69
C VAL C 44 19.20 19.53 -0.87
N LYS C 45 19.15 18.30 -1.38
CA LYS C 45 19.74 17.16 -0.68
C LYS C 45 21.20 17.41 -0.30
N ASP C 46 21.50 17.18 0.98
CA ASP C 46 22.86 17.32 1.49
C ASP C 46 23.26 18.78 1.72
N GLU C 47 22.34 19.70 1.48
CA GLU C 47 22.58 21.09 1.79
C GLU C 47 21.68 21.58 2.90
N PRO C 48 22.25 21.79 4.09
CA PRO C 48 21.52 22.44 5.19
C PRO C 48 20.90 23.71 4.66
N GLU C 49 21.66 24.40 3.82
CA GLU C 49 21.23 25.65 3.22
C GLU C 49 21.51 25.70 1.73
N THR C 50 20.87 26.63 1.05
CA THR C 50 21.10 26.83 -0.37
C THR C 50 20.73 28.25 -0.75
N ARG C 51 21.50 28.84 -1.65
CA ARG C 51 21.15 30.15 -2.16
C ARG C 51 20.11 29.94 -3.24
N VAL C 52 19.08 30.77 -3.23
CA VAL C 52 17.95 30.58 -4.12
C VAL C 52 17.40 31.92 -4.59
N ALA C 53 16.54 31.87 -5.60
CA ALA C 53 15.78 33.03 -5.98
C ALA C 53 14.38 32.77 -5.48
N ILE C 54 13.73 33.79 -4.95
CA ILE C 54 12.37 33.64 -4.45
C ILE C 54 11.47 34.60 -5.19
N LYS C 55 10.40 34.09 -5.79
CA LYS C 55 9.40 34.97 -6.35
C LYS C 55 8.19 35.06 -5.42
N THR C 56 7.65 36.26 -5.27
CA THR C 56 6.43 36.48 -4.49
C THR C 56 5.24 36.91 -5.37
N VAL C 57 4.23 36.04 -5.42
CA VAL C 57 2.99 36.45 -6.05
C VAL C 57 2.15 37.03 -4.94
N ASN C 58 1.63 38.22 -5.14
CA ASN C 58 0.96 38.86 -4.00
C ASN C 58 -0.53 38.47 -3.92
N GLU C 59 -1.29 39.05 -2.97
CA GLU C 59 -2.76 38.94 -2.97
C GLU C 59 -3.42 39.57 -4.22
N ALA C 60 -3.12 40.85 -4.45
CA ALA C 60 -3.57 41.60 -5.66
C ALA C 60 -3.06 41.02 -6.96
N ALA C 61 -3.38 39.76 -7.21
CA ALA C 61 -3.06 39.06 -8.45
C ALA C 61 -4.25 38.15 -8.69
N SER C 62 -4.98 38.43 -9.76
CA SER C 62 -6.17 37.66 -10.12
C SER C 62 -5.95 36.17 -9.94
N MET C 63 -7.00 35.44 -9.56
CA MET C 63 -6.93 33.97 -9.48
C MET C 63 -6.53 33.39 -10.84
N ARG C 64 -7.12 33.91 -11.91
CA ARG C 64 -6.67 33.58 -13.25
C ARG C 64 -5.15 33.65 -13.34
N GLU C 65 -4.59 34.81 -13.01
CA GLU C 65 -3.15 34.99 -13.08
C GLU C 65 -2.41 33.94 -12.26
N ARG C 66 -2.83 33.73 -11.03
CA ARG C 66 -2.11 32.83 -10.15
C ARG C 66 -2.20 31.40 -10.64
N ILE C 67 -3.30 31.09 -11.33
CA ILE C 67 -3.49 29.73 -11.80
C ILE C 67 -2.60 29.47 -13.01
N GLU C 68 -2.64 30.37 -13.98
CA GLU C 68 -1.72 30.30 -15.10
C GLU C 68 -0.26 30.23 -14.61
N PHE C 69 0.12 31.16 -13.71
CA PHE C 69 1.47 31.21 -13.12
C PHE C 69 1.90 29.90 -12.49
N LEU C 70 0.96 29.24 -11.81
CA LEU C 70 1.23 27.98 -11.14
C LEU C 70 1.33 26.81 -12.10
N ASN C 71 0.62 26.88 -13.23
CA ASN C 71 0.68 25.84 -14.25
C ASN C 71 2.00 25.88 -15.02
N GLU C 72 2.47 27.08 -15.28
CA GLU C 72 3.76 27.29 -15.93
C GLU C 72 4.87 26.69 -15.07
N ALA C 73 4.76 26.86 -13.76
CA ALA C 73 5.76 26.31 -12.87
C ALA C 73 5.62 24.79 -12.78
N SER C 74 4.43 24.29 -13.08
CA SER C 74 4.16 22.86 -13.06
C SER C 74 4.92 22.15 -14.15
N VAL C 75 5.25 22.89 -15.21
CA VAL C 75 5.93 22.29 -16.36
C VAL C 75 7.43 22.11 -16.09
N MET C 76 8.03 23.03 -15.34
CA MET C 76 9.40 22.89 -14.85
C MET C 76 9.54 21.64 -14.03
N LYS C 77 8.74 21.58 -12.97
CA LYS C 77 8.58 20.38 -12.18
C LYS C 77 9.22 19.14 -12.84
N GLU C 78 8.70 18.78 -14.01
CA GLU C 78 9.23 17.68 -14.83
C GLU C 78 10.74 17.73 -15.13
N PHE C 79 11.27 18.90 -15.50
CA PHE C 79 12.69 19.05 -15.88
C PHE C 79 13.65 18.96 -14.69
N ASN C 80 14.47 17.92 -14.70
CA ASN C 80 15.60 17.83 -13.78
C ASN C 80 16.87 17.65 -14.61
N CYS C 81 17.37 18.76 -15.14
CA CYS C 81 18.61 18.75 -15.89
C CYS C 81 19.58 19.70 -15.23
N HIS C 82 20.86 19.36 -15.28
CA HIS C 82 21.86 20.25 -14.75
C HIS C 82 21.81 21.56 -15.52
N HIS C 83 21.45 21.47 -16.80
CA HIS C 83 21.53 22.64 -17.69
C HIS C 83 20.19 23.30 -17.91
N VAL C 84 19.26 23.03 -17.01
CA VAL C 84 18.01 23.75 -16.94
C VAL C 84 17.86 24.31 -15.54
N VAL C 85 17.57 25.60 -15.44
CA VAL C 85 17.40 26.24 -14.15
C VAL C 85 16.21 25.57 -13.47
N ARG C 86 16.47 24.97 -12.30
CA ARG C 86 15.52 24.02 -11.70
C ARG C 86 14.68 24.59 -10.58
N LEU C 87 13.42 24.16 -10.55
CA LEU C 87 12.50 24.53 -9.48
C LEU C 87 12.86 23.69 -8.24
N LEU C 88 13.02 24.38 -7.11
CA LEU C 88 13.35 23.70 -5.87
C LEU C 88 12.10 23.48 -5.04
N GLY C 89 11.09 24.34 -5.22
CA GLY C 89 9.83 24.17 -4.53
C GLY C 89 9.01 25.44 -4.45
N VAL C 90 7.77 25.28 -4.01
CA VAL C 90 6.87 26.40 -3.85
C VAL C 90 6.15 26.35 -2.51
N VAL C 91 6.31 27.41 -1.73
CA VAL C 91 5.61 27.59 -0.47
C VAL C 91 4.16 27.96 -0.74
N SER C 92 3.26 27.05 -0.38
CA SER C 92 1.85 27.11 -0.79
C SER C 92 0.89 27.57 0.29
N GLN C 93 1.22 27.31 1.55
CA GLN C 93 0.43 27.81 2.66
C GLN C 93 0.98 29.17 3.10
N GLY C 94 0.23 30.23 2.83
CA GLY C 94 0.68 31.55 3.17
C GLY C 94 -0.03 32.64 2.39
N GLN C 95 0.35 33.88 2.67
CA GLN C 95 -0.33 35.04 2.08
C GLN C 95 0.21 35.36 0.69
N PRO C 96 1.55 35.58 0.56
CA PRO C 96 2.16 35.68 -0.77
C PRO C 96 2.82 34.36 -1.21
N THR C 97 2.22 33.67 -2.15
CA THR C 97 2.80 32.45 -2.71
C THR C 97 4.29 32.62 -3.08
N LEU C 98 5.14 31.77 -2.53
CA LEU C 98 6.56 31.81 -2.85
C LEU C 98 6.96 30.71 -3.82
N VAL C 99 7.72 31.06 -4.85
CA VAL C 99 8.33 30.05 -5.72
C VAL C 99 9.84 30.09 -5.53
N ILE C 100 10.45 28.92 -5.36
CA ILE C 100 11.88 28.84 -5.03
C ILE C 100 12.71 28.17 -6.10
N MET C 101 13.39 28.99 -6.89
CA MET C 101 14.24 28.53 -7.98
C MET C 101 15.70 28.57 -7.59
N GLU C 102 16.48 27.77 -8.32
CA GLU C 102 17.92 27.75 -8.20
C GLU C 102 18.47 29.11 -8.54
N LEU C 103 19.30 29.63 -7.63
CA LEU C 103 19.87 30.97 -7.79
C LEU C 103 20.94 31.02 -8.90
N MET C 104 20.75 31.91 -9.87
CA MET C 104 21.74 32.15 -10.92
C MET C 104 22.41 33.51 -10.75
N THR C 105 23.47 33.52 -9.95
CA THR C 105 24.06 34.75 -9.45
C THR C 105 24.44 35.75 -10.51
N ARG C 106 24.69 35.29 -11.74
CA ARG C 106 25.20 36.20 -12.77
C ARG C 106 24.15 36.70 -13.77
N GLY C 107 22.88 36.45 -13.49
CA GLY C 107 21.80 36.97 -14.32
C GLY C 107 21.76 36.37 -15.72
N ASP C 108 21.02 37.02 -16.61
CA ASP C 108 20.73 36.48 -17.93
C ASP C 108 21.93 36.59 -18.83
N LEU C 109 21.96 35.69 -19.80
CA LEU C 109 23.11 35.58 -20.67
C LEU C 109 23.28 36.86 -21.45
N LYS C 110 22.17 37.53 -21.78
CA LYS C 110 22.25 38.70 -22.62
C LYS C 110 23.00 39.78 -21.90
N SER C 111 22.61 40.02 -20.66
CA SER C 111 23.18 41.10 -19.88
C SER C 111 24.63 40.78 -19.60
N TYR C 112 24.90 39.49 -19.42
CA TYR C 112 26.24 39.06 -19.07
C TYR C 112 27.16 39.37 -20.23
N LEU C 113 26.77 38.88 -21.40
CA LEU C 113 27.50 39.16 -22.61
C LEU C 113 27.78 40.65 -22.74
N ARG C 114 26.76 41.48 -22.53
CA ARG C 114 26.95 42.92 -22.66
C ARG C 114 28.00 43.46 -21.68
N SER C 115 28.06 42.87 -20.50
CA SER C 115 29.02 43.32 -19.51
C SER C 115 30.48 43.13 -19.96
N LEU C 116 30.69 42.26 -20.94
CA LEU C 116 32.04 41.93 -21.42
C LEU C 116 32.54 42.95 -22.43
N ARG C 117 31.67 43.91 -22.79
CA ARG C 117 32.07 44.94 -23.75
C ARG C 117 32.87 46.03 -23.06
N PRO C 118 33.72 46.72 -23.82
CA PRO C 118 34.70 47.69 -23.32
C PRO C 118 34.08 48.94 -22.69
N GLU C 119 32.75 48.95 -22.52
CA GLU C 119 32.06 50.16 -22.08
C GLU C 119 32.44 51.25 -23.09
N MET C 120 33.09 52.30 -22.61
CA MET C 120 33.69 53.32 -23.49
C MET C 120 32.85 53.67 -24.72
N PRO C 124 34.33 50.82 -29.79
CA PRO C 124 34.43 49.92 -30.95
C PRO C 124 35.33 48.70 -30.67
N VAL C 125 35.54 47.88 -31.70
CA VAL C 125 36.46 46.74 -31.63
C VAL C 125 36.25 45.82 -30.42
N LEU C 126 35.07 45.22 -30.34
CA LEU C 126 34.77 44.24 -29.30
C LEU C 126 35.28 42.88 -29.74
N ALA C 127 36.01 42.18 -28.88
CA ALA C 127 36.42 40.79 -29.13
C ALA C 127 35.56 39.86 -28.29
N PRO C 128 35.13 38.74 -28.88
CA PRO C 128 34.26 37.78 -28.20
C PRO C 128 35.01 37.08 -27.10
N PRO C 129 34.33 36.23 -26.32
CA PRO C 129 35.07 35.35 -25.41
C PRO C 129 35.95 34.43 -26.25
N SER C 130 36.85 33.71 -25.60
CA SER C 130 37.68 32.76 -26.29
C SER C 130 36.78 31.67 -26.85
N LEU C 131 37.16 31.10 -27.98
CA LEU C 131 36.38 30.04 -28.61
C LEU C 131 36.05 29.00 -27.56
N SER C 132 37.02 28.74 -26.69
CA SER C 132 36.85 27.71 -25.68
C SER C 132 35.68 28.06 -24.79
N LYS C 133 35.70 29.27 -24.24
CA LYS C 133 34.62 29.78 -23.41
C LYS C 133 33.28 29.69 -24.12
N MET C 134 33.25 30.07 -25.38
CA MET C 134 31.99 30.10 -26.13
C MET C 134 31.45 28.70 -26.32
N ILE C 135 32.31 27.80 -26.76
CA ILE C 135 31.94 26.40 -26.94
C ILE C 135 31.31 25.86 -25.67
N GLN C 136 31.88 26.23 -24.53
CA GLN C 136 31.33 25.82 -23.24
C GLN C 136 29.85 26.20 -23.17
N MET C 137 29.57 27.47 -23.39
CA MET C 137 28.21 27.98 -23.36
C MET C 137 27.35 27.26 -24.40
N ALA C 138 27.90 27.07 -25.59
CA ALA C 138 27.16 26.50 -26.70
C ALA C 138 26.73 25.09 -26.41
N GLY C 139 27.63 24.33 -25.79
CA GLY C 139 27.37 22.94 -25.46
C GLY C 139 26.48 22.79 -24.23
N GLU C 140 26.60 23.71 -23.29
CA GLU C 140 25.78 23.71 -22.08
C GLU C 140 24.32 24.02 -22.41
N ILE C 141 24.10 25.03 -23.26
CA ILE C 141 22.78 25.36 -23.77
C ILE C 141 22.23 24.20 -24.59
N ALA C 142 23.04 23.69 -25.51
CA ALA C 142 22.59 22.60 -26.37
C ALA C 142 22.12 21.40 -25.56
N ASP C 143 22.87 21.06 -24.52
CA ASP C 143 22.52 19.96 -23.64
C ASP C 143 21.12 20.17 -23.04
N GLY C 144 20.89 21.32 -22.43
CA GLY C 144 19.58 21.64 -21.86
C GLY C 144 18.46 21.58 -22.88
N MET C 145 18.77 21.96 -24.12
CA MET C 145 17.81 21.90 -25.21
C MET C 145 17.62 20.46 -25.70
N ALA C 146 18.67 19.65 -25.65
CA ALA C 146 18.55 18.23 -26.01
C ALA C 146 17.63 17.55 -25.00
N TYR C 147 17.77 17.94 -23.74
CA TYR C 147 16.94 17.44 -22.66
C TYR C 147 15.46 17.77 -22.90
N LEU C 148 15.20 19.04 -23.17
CA LEU C 148 13.88 19.52 -23.59
C LEU C 148 13.28 18.71 -24.73
N ASN C 149 14.00 18.62 -25.84
CA ASN C 149 13.51 17.93 -27.03
C ASN C 149 13.27 16.45 -26.75
N ALA C 150 14.10 15.87 -25.90
CA ALA C 150 13.96 14.47 -25.50
C ALA C 150 12.62 14.18 -24.82
N ASN C 151 12.24 15.09 -23.91
CA ASN C 151 10.97 15.00 -23.19
C ASN C 151 9.84 15.56 -24.05
N LYS C 152 10.10 15.77 -25.33
CA LYS C 152 9.06 16.22 -26.26
C LYS C 152 8.48 17.57 -25.88
N PHE C 153 9.32 18.60 -25.88
CA PHE C 153 8.86 19.97 -25.71
C PHE C 153 9.58 20.83 -26.71
N VAL C 154 8.95 21.94 -27.08
CA VAL C 154 9.55 22.94 -27.94
C VAL C 154 9.68 24.19 -27.12
N HIS C 155 10.87 24.75 -27.08
CA HIS C 155 11.09 25.95 -26.30
C HIS C 155 10.36 27.16 -26.89
N ARG C 156 10.46 27.28 -28.22
CA ARG C 156 9.89 28.40 -29.00
C ARG C 156 10.59 29.75 -28.77
N ASP C 157 11.15 29.96 -27.58
CA ASP C 157 11.58 31.27 -27.14
C ASP C 157 13.06 31.25 -26.72
N LEU C 158 13.84 30.36 -27.31
CA LEU C 158 15.25 30.26 -26.94
C LEU C 158 16.01 31.48 -27.45
N ALA C 159 16.49 32.29 -26.51
CA ALA C 159 17.28 33.47 -26.84
C ALA C 159 18.20 33.77 -25.66
N ALA C 160 19.25 34.55 -25.90
CA ALA C 160 20.25 34.81 -24.88
C ALA C 160 19.63 35.39 -23.61
N ARG C 161 18.55 36.14 -23.78
CA ARG C 161 17.89 36.80 -22.65
C ARG C 161 17.16 35.77 -21.79
N ASN C 162 16.98 34.57 -22.33
CA ASN C 162 16.28 33.50 -21.61
C ASN C 162 17.19 32.45 -21.00
N CYS C 163 18.50 32.58 -21.20
CA CYS C 163 19.45 31.75 -20.50
C CYS C 163 19.97 32.49 -19.28
N MET C 164 20.41 31.72 -18.29
CA MET C 164 20.98 32.30 -17.07
C MET C 164 22.42 31.85 -16.88
N VAL C 165 23.18 32.62 -16.10
CA VAL C 165 24.57 32.29 -15.82
C VAL C 165 24.89 32.14 -14.34
N ALA C 166 25.49 30.99 -14.01
CA ALA C 166 25.79 30.59 -12.64
C ALA C 166 27.05 31.28 -12.09
N GLU C 167 27.23 31.22 -10.77
CA GLU C 167 28.43 31.78 -10.14
C GLU C 167 29.71 31.22 -10.75
N ASP C 168 29.67 29.99 -11.25
CA ASP C 168 30.86 29.39 -11.87
C ASP C 168 30.78 29.51 -13.38
N PHE C 169 29.89 30.39 -13.82
CA PHE C 169 29.75 30.74 -15.24
C PHE C 169 29.04 29.68 -16.11
N THR C 170 28.36 28.73 -15.46
CA THR C 170 27.61 27.74 -16.21
C THR C 170 26.32 28.36 -16.74
N VAL C 171 26.02 28.09 -18.00
CA VAL C 171 24.80 28.61 -18.63
C VAL C 171 23.71 27.54 -18.59
N LYS C 172 22.51 27.93 -18.20
CA LYS C 172 21.33 27.03 -18.21
C LYS C 172 20.11 27.67 -18.86
N ILE C 173 19.32 26.86 -19.57
CA ILE C 173 18.06 27.30 -20.16
C ILE C 173 17.09 27.58 -19.03
N GLY C 174 16.34 28.66 -19.15
CA GLY C 174 15.72 29.22 -17.97
C GLY C 174 14.25 29.57 -18.02
N ASP C 175 13.72 29.93 -19.18
CA ASP C 175 12.38 30.48 -19.20
C ASP C 175 11.44 29.69 -20.11
N PHE C 176 10.35 29.18 -19.54
CA PHE C 176 9.47 28.28 -20.30
C PHE C 176 8.01 28.73 -20.37
N GLY C 177 7.77 30.03 -20.37
CA GLY C 177 6.41 30.53 -20.43
C GLY C 177 5.82 30.31 -21.81
N MET C 178 6.64 29.81 -22.72
CA MET C 178 6.27 29.81 -24.13
C MET C 178 6.41 28.41 -24.71
N THR C 179 6.97 27.51 -23.90
CA THR C 179 7.21 26.13 -24.30
C THR C 179 5.92 25.35 -24.52
N ARG C 180 5.95 24.39 -25.43
CA ARG C 180 4.77 23.60 -25.73
C ARG C 180 5.08 22.12 -25.83
N ASP C 181 4.19 21.29 -25.32
CA ASP C 181 4.33 19.84 -25.40
C ASP C 181 4.09 19.39 -26.81
N ILE C 182 4.86 18.40 -27.27
CA ILE C 182 4.72 17.93 -28.63
C ILE C 182 4.71 16.41 -28.78
N PTR C 183 4.42 15.66 -27.71
CA PTR C 183 4.25 14.21 -27.81
C PTR C 183 3.12 13.93 -28.80
O PTR C 183 2.01 14.45 -28.64
CB PTR C 183 3.93 13.57 -26.45
CG PTR C 183 3.90 12.04 -26.45
CD1 PTR C 183 2.71 11.35 -26.18
CD2 PTR C 183 5.04 11.28 -26.69
CE1 PTR C 183 2.66 9.94 -26.16
CE2 PTR C 183 5.01 9.88 -26.68
CZ PTR C 183 3.82 9.22 -26.40
OH PTR C 183 3.77 7.83 -26.39
N GLU C 184 3.41 13.11 -29.81
CA GLU C 184 2.48 12.86 -30.93
C GLU C 184 2.23 14.16 -31.64
N THR C 185 2.66 14.28 -32.89
CA THR C 185 2.56 15.54 -33.63
C THR C 185 3.96 16.10 -33.91
N ASP C 186 4.72 16.32 -32.84
CA ASP C 186 6.10 16.77 -32.97
C ASP C 186 6.17 18.15 -33.60
N PTR C 187 5.11 18.92 -33.39
CA PTR C 187 5.07 20.32 -33.77
C PTR C 187 3.95 21.03 -32.99
O PTR C 187 3.02 20.42 -32.48
CB PTR C 187 4.89 20.50 -35.27
CG PTR C 187 3.49 20.19 -35.77
CD1 PTR C 187 3.09 18.91 -36.11
CD2 PTR C 187 2.54 21.20 -35.89
CE1 PTR C 187 1.81 18.64 -36.55
CE2 PTR C 187 1.27 20.95 -36.33
CZ PTR C 187 0.90 19.68 -36.67
OH PTR C 187 -0.25 19.46 -37.04
P PTR C 187 -0.97 20.28 -38.25
O1P PTR C 187 -1.71 21.45 -37.69
O2P PTR C 187 0.05 20.72 -39.30
O3P PTR C 187 -1.97 19.37 -38.98
N PTR C 188 4.07 22.35 -32.89
CA PTR C 188 3.01 23.14 -32.32
C PTR C 188 2.73 24.17 -33.39
O PTR C 188 3.68 24.65 -34.02
CB PTR C 188 3.51 23.80 -31.03
CG PTR C 188 2.67 24.98 -30.59
CD1 PTR C 188 1.52 24.80 -29.84
CD2 PTR C 188 3.04 26.27 -30.92
CE1 PTR C 188 0.76 25.88 -29.45
CE2 PTR C 188 2.28 27.36 -30.53
CZ PTR C 188 1.15 27.14 -29.79
OH PTR C 188 0.50 28.14 -29.46
P PTR C 188 -0.78 28.09 -28.49
O1P PTR C 188 -0.79 29.35 -27.69
O2P PTR C 188 -0.74 26.91 -27.50
O3P PTR C 188 -2.02 28.00 -29.42
N ARG C 189 1.45 24.48 -33.64
CA ARG C 189 1.12 25.52 -34.59
C ARG C 189 0.29 26.65 -33.98
N LYS C 190 0.84 27.85 -34.00
CA LYS C 190 0.17 29.01 -33.42
C LYS C 190 -1.10 29.37 -34.18
N GLY C 191 -2.20 29.51 -33.46
CA GLY C 191 -3.47 29.91 -34.07
C GLY C 191 -3.58 31.40 -34.36
N GLY C 192 -3.77 32.19 -33.31
CA GLY C 192 -3.97 33.63 -33.47
C GLY C 192 -2.68 34.42 -33.40
N LYS C 193 -2.76 35.59 -32.77
CA LYS C 193 -1.60 36.47 -32.60
C LYS C 193 -0.50 35.83 -31.76
N GLY C 194 0.73 36.15 -32.11
CA GLY C 194 1.89 35.76 -31.33
C GLY C 194 2.78 36.93 -31.02
N LEU C 195 3.41 36.92 -29.84
CA LEU C 195 4.30 38.00 -29.45
C LEU C 195 5.77 37.55 -29.33
N LEU C 196 6.13 36.46 -29.98
CA LEU C 196 7.55 36.09 -30.04
C LEU C 196 8.31 37.13 -30.86
N PRO C 197 9.48 37.56 -30.37
CA PRO C 197 10.39 38.39 -31.16
C PRO C 197 10.73 37.70 -32.49
N VAL C 198 10.52 38.38 -33.59
CA VAL C 198 10.70 37.76 -34.89
C VAL C 198 12.16 37.48 -35.24
N ARG C 199 13.09 38.22 -34.63
CA ARG C 199 14.51 38.07 -34.95
C ARG C 199 15.10 36.69 -34.61
N TRP C 200 14.43 35.97 -33.71
CA TRP C 200 14.84 34.62 -33.33
C TRP C 200 13.98 33.51 -33.97
N MET C 201 12.94 33.90 -34.71
CA MET C 201 12.06 32.94 -35.38
C MET C 201 12.59 32.49 -36.73
N SER C 202 12.48 31.19 -36.95
CA SER C 202 12.88 30.58 -38.19
C SER C 202 11.98 30.92 -39.36
N PRO C 203 12.48 30.70 -40.58
CA PRO C 203 11.66 30.97 -41.76
C PRO C 203 10.37 30.15 -41.75
N GLU C 204 10.44 28.87 -41.45
CA GLU C 204 9.23 28.04 -41.44
C GLU C 204 8.25 28.49 -40.38
N SER C 205 8.76 29.00 -39.25
CA SER C 205 7.92 29.55 -38.18
C SER C 205 7.27 30.86 -38.60
N LEU C 206 8.06 31.73 -39.22
CA LEU C 206 7.56 33.01 -39.69
C LEU C 206 6.46 32.83 -40.73
N LYS C 207 6.57 31.78 -41.53
CA LYS C 207 5.66 31.56 -42.65
C LYS C 207 4.31 30.91 -42.25
N ASP C 208 4.34 29.91 -41.38
CA ASP C 208 3.12 29.13 -41.04
C ASP C 208 2.83 29.05 -39.56
N GLY C 209 3.64 29.71 -38.74
CA GLY C 209 3.48 29.63 -37.30
C GLY C 209 3.60 28.21 -36.80
N VAL C 210 4.60 27.49 -37.29
CA VAL C 210 4.81 26.10 -36.92
C VAL C 210 6.12 25.99 -36.16
N PHE C 211 6.08 25.35 -35.00
CA PHE C 211 7.29 25.21 -34.21
C PHE C 211 7.63 23.75 -34.00
N THR C 212 8.84 23.39 -34.41
CA THR C 212 9.37 22.05 -34.20
C THR C 212 10.65 22.14 -33.40
N THR C 213 11.26 20.99 -33.14
CA THR C 213 12.58 20.96 -32.55
C THR C 213 13.56 21.68 -33.50
N TYR C 214 13.31 21.55 -34.80
CA TYR C 214 14.16 22.18 -35.81
C TYR C 214 14.14 23.69 -35.69
N SER C 215 12.98 24.22 -35.32
CA SER C 215 12.81 25.65 -35.09
C SER C 215 13.66 26.10 -33.92
N ASP C 216 13.78 25.24 -32.91
CA ASP C 216 14.54 25.57 -31.73
C ASP C 216 16.02 25.59 -32.06
N VAL C 217 16.46 24.70 -32.92
CA VAL C 217 17.86 24.70 -33.38
C VAL C 217 18.17 25.98 -34.13
N TRP C 218 17.26 26.40 -35.01
CA TRP C 218 17.43 27.71 -35.63
C TRP C 218 17.71 28.74 -34.54
N SER C 219 16.87 28.79 -33.51
CA SER C 219 17.05 29.78 -32.46
C SER C 219 18.40 29.63 -31.80
N PHE C 220 18.81 28.38 -31.55
CA PHE C 220 20.11 28.10 -30.99
C PHE C 220 21.24 28.76 -31.78
N GLY C 221 21.15 28.71 -33.10
CA GLY C 221 22.12 29.34 -33.97
C GLY C 221 22.16 30.84 -33.78
N VAL C 222 21.00 31.43 -33.58
CA VAL C 222 20.93 32.86 -33.31
C VAL C 222 21.60 33.22 -31.97
N VAL C 223 21.40 32.43 -30.92
CA VAL C 223 22.07 32.76 -29.66
C VAL C 223 23.60 32.62 -29.77
N LEU C 224 24.06 31.63 -30.54
CA LEU C 224 25.48 31.47 -30.81
C LEU C 224 26.01 32.77 -31.37
N TRP C 225 25.38 33.24 -32.46
CA TRP C 225 25.62 34.56 -33.02
C TRP C 225 25.59 35.66 -31.94
N GLU C 226 24.58 35.64 -31.08
CA GLU C 226 24.53 36.58 -29.98
C GLU C 226 25.81 36.50 -29.16
N ILE C 227 26.26 35.27 -28.87
CA ILE C 227 27.43 35.10 -28.03
C ILE C 227 28.64 35.69 -28.72
N ALA C 228 28.78 35.39 -30.00
CA ALA C 228 29.94 35.85 -30.76
C ALA C 228 30.04 37.37 -30.86
N THR C 229 28.91 38.06 -30.75
CA THR C 229 28.90 39.50 -30.96
C THR C 229 28.63 40.24 -29.68
N LEU C 230 28.70 39.53 -28.57
CA LEU C 230 28.43 40.10 -27.25
C LEU C 230 27.07 40.80 -27.21
N ALA C 231 26.05 40.08 -27.68
CA ALA C 231 24.65 40.48 -27.52
C ALA C 231 24.24 41.70 -28.35
N GLU C 232 24.62 41.71 -29.61
CA GLU C 232 24.06 42.68 -30.52
C GLU C 232 22.66 42.24 -30.90
N GLN C 233 21.91 43.16 -31.50
CA GLN C 233 20.59 42.84 -31.98
C GLN C 233 20.74 42.19 -33.34
N PRO C 234 20.16 41.01 -33.50
CA PRO C 234 20.14 40.34 -34.80
C PRO C 234 19.51 41.25 -35.84
N TYR C 235 20.08 41.23 -37.04
CA TYR C 235 19.58 42.01 -38.15
C TYR C 235 19.30 43.46 -37.79
N GLN C 236 20.18 44.07 -37.00
CA GLN C 236 20.05 45.50 -36.71
C GLN C 236 20.26 46.32 -37.97
N GLY C 237 19.49 47.39 -38.12
CA GLY C 237 19.47 48.13 -39.38
C GLY C 237 18.31 47.66 -40.26
N LEU C 238 17.72 46.54 -39.87
CA LEU C 238 16.50 46.07 -40.51
C LEU C 238 15.33 46.20 -39.53
N SER C 239 14.18 46.62 -40.05
CA SER C 239 12.97 46.72 -39.24
C SER C 239 12.42 45.33 -39.07
N ASN C 240 11.60 45.14 -38.04
CA ASN C 240 10.93 43.87 -37.87
C ASN C 240 10.23 43.48 -39.17
N GLU C 241 9.57 44.45 -39.80
CA GLU C 241 8.96 44.21 -41.09
C GLU C 241 9.96 43.69 -42.11
N GLN C 242 11.18 44.23 -42.05
CA GLN C 242 12.22 43.87 -43.02
C GLN C 242 12.81 42.50 -42.72
N VAL C 243 13.13 42.27 -41.44
CA VAL C 243 13.63 40.98 -40.99
C VAL C 243 12.71 39.88 -41.47
N LEU C 244 11.43 40.06 -41.21
CA LEU C 244 10.38 39.15 -41.67
C LEU C 244 10.65 38.70 -43.10
N ARG C 245 10.58 39.65 -44.02
CA ARG C 245 10.78 39.37 -45.46
C ARG C 245 12.13 38.73 -45.72
N PHE C 246 13.15 39.29 -45.07
CA PHE C 246 14.53 38.93 -45.34
C PHE C 246 14.81 37.46 -45.05
N VAL C 247 14.39 37.00 -43.88
CA VAL C 247 14.67 35.65 -43.43
C VAL C 247 13.83 34.63 -44.18
N MET C 248 12.58 34.98 -44.41
CA MET C 248 11.67 34.09 -45.13
C MET C 248 12.20 33.78 -46.52
N GLU C 249 12.90 34.72 -47.13
CA GLU C 249 13.39 34.54 -48.50
C GLU C 249 14.74 33.84 -48.58
N GLY C 250 15.42 33.75 -47.44
CA GLY C 250 16.66 32.98 -47.35
C GLY C 250 17.83 33.74 -46.76
N GLY C 251 17.61 35.00 -46.40
CA GLY C 251 18.65 35.83 -45.83
C GLY C 251 19.22 35.26 -44.55
N LEU C 252 20.51 35.51 -44.31
CA LEU C 252 21.22 35.01 -43.12
C LEU C 252 22.02 36.09 -42.45
N LEU C 253 22.16 36.00 -41.14
CA LEU C 253 23.03 36.93 -40.41
C LEU C 253 24.46 36.84 -40.96
N ASP C 254 25.15 37.98 -40.98
CA ASP C 254 26.53 37.99 -41.46
C ASP C 254 27.48 37.51 -40.39
N LYS C 255 28.55 36.85 -40.82
CA LYS C 255 29.54 36.36 -39.88
C LYS C 255 30.15 37.50 -39.08
N PRO C 256 30.01 37.42 -37.75
CA PRO C 256 30.52 38.45 -36.83
C PRO C 256 31.97 38.78 -37.12
N ASP C 257 32.32 40.06 -36.99
CA ASP C 257 33.69 40.49 -37.12
C ASP C 257 34.41 39.90 -35.92
N ASN C 258 35.49 39.16 -36.19
CA ASN C 258 36.28 38.56 -35.13
C ASN C 258 35.77 37.20 -34.66
N CYS C 259 34.71 36.71 -35.28
CA CYS C 259 34.18 35.38 -34.96
C CYS C 259 35.01 34.27 -35.61
N PRO C 260 35.51 33.32 -34.80
CA PRO C 260 36.23 32.16 -35.30
C PRO C 260 35.35 31.33 -36.22
N ASP C 261 35.92 30.92 -37.35
CA ASP C 261 35.15 30.24 -38.39
C ASP C 261 34.34 29.10 -37.86
N MET C 262 34.94 28.30 -36.99
CA MET C 262 34.28 27.09 -36.53
C MET C 262 32.88 27.39 -36.01
N LEU C 263 32.73 28.51 -35.29
CA LEU C 263 31.47 28.78 -34.61
C LEU C 263 30.47 29.32 -35.60
N PHE C 264 30.95 30.10 -36.57
CA PHE C 264 30.06 30.62 -37.60
C PHE C 264 29.72 29.53 -38.59
N GLU C 265 30.49 28.45 -38.59
CA GLU C 265 30.22 27.35 -39.48
C GLU C 265 29.07 26.58 -38.87
N LEU C 266 29.14 26.45 -37.54
CA LEU C 266 28.07 25.83 -36.77
C LEU C 266 26.75 26.59 -36.95
N MET C 267 26.77 27.91 -36.80
CA MET C 267 25.58 28.71 -37.02
C MET C 267 24.93 28.36 -38.37
N ARG C 268 25.74 28.41 -39.43
CA ARG C 268 25.24 28.17 -40.79
C ARG C 268 24.45 26.86 -40.92
N MET C 269 24.86 25.84 -40.16
CA MET C 269 24.17 24.56 -40.20
C MET C 269 22.83 24.72 -39.48
N CYS C 270 22.84 25.40 -38.35
CA CYS C 270 21.60 25.64 -37.65
C CYS C 270 20.65 26.47 -38.52
N TRP C 271 21.19 27.12 -39.56
CA TRP C 271 20.38 28.02 -40.38
C TRP C 271 20.02 27.47 -41.75
N GLN C 272 20.21 26.16 -41.92
CA GLN C 272 19.77 25.51 -43.13
C GLN C 272 18.33 25.92 -43.35
N TYR C 273 18.00 26.40 -44.55
CA TYR C 273 16.60 26.74 -44.86
C TYR C 273 15.66 25.57 -44.62
N ASN C 274 16.01 24.39 -45.14
CA ASN C 274 15.22 23.19 -44.90
C ASN C 274 15.41 22.73 -43.44
N PRO C 275 14.34 22.76 -42.65
CA PRO C 275 14.41 22.38 -41.23
C PRO C 275 15.05 21.00 -41.05
N LYS C 276 14.73 20.09 -41.95
CA LYS C 276 15.19 18.71 -41.83
C LYS C 276 16.70 18.62 -42.01
N MET C 277 17.28 19.65 -42.62
CA MET C 277 18.72 19.67 -42.91
C MET C 277 19.57 20.22 -41.76
N ARG C 278 18.93 20.67 -40.68
CA ARG C 278 19.69 21.20 -39.56
C ARG C 278 20.05 20.06 -38.61
N PRO C 279 21.11 20.27 -37.81
CA PRO C 279 21.58 19.30 -36.82
C PRO C 279 20.60 19.21 -35.65
N SER C 280 20.48 18.01 -35.09
CA SER C 280 19.83 17.85 -33.79
C SER C 280 20.72 18.47 -32.72
N PHE C 281 20.16 18.80 -31.56
CA PHE C 281 20.97 19.30 -30.44
C PHE C 281 21.99 18.28 -30.00
N LEU C 282 21.65 17.00 -30.17
CA LEU C 282 22.60 15.97 -29.79
C LEU C 282 23.77 15.98 -30.75
N GLU C 283 23.49 16.02 -32.05
CA GLU C 283 24.54 16.10 -33.06
C GLU C 283 25.50 17.25 -32.81
N ILE C 284 24.96 18.39 -32.37
CA ILE C 284 25.75 19.59 -32.10
C ILE C 284 26.70 19.27 -30.96
N ILE C 285 26.17 18.66 -29.91
CA ILE C 285 26.98 18.34 -28.73
C ILE C 285 28.02 17.30 -29.08
N SER C 286 27.66 16.38 -29.97
CA SER C 286 28.57 15.34 -30.35
C SER C 286 29.83 15.91 -30.99
N SER C 287 29.70 17.06 -31.65
CA SER C 287 30.78 17.61 -32.44
C SER C 287 31.73 18.52 -31.66
N ILE C 288 31.35 18.86 -30.43
CA ILE C 288 32.17 19.74 -29.61
C ILE C 288 32.42 19.16 -28.23
N LYS C 289 31.98 17.92 -28.01
CA LYS C 289 32.09 17.30 -26.70
C LYS C 289 33.56 17.15 -26.36
N GLU C 290 34.36 16.92 -27.40
CA GLU C 290 35.80 16.81 -27.24
C GLU C 290 36.38 18.07 -26.59
N GLU C 291 35.59 19.13 -26.57
CA GLU C 291 36.12 20.46 -26.24
C GLU C 291 35.47 21.07 -24.99
N MET C 292 34.65 20.28 -24.30
CA MET C 292 33.95 20.75 -23.11
C MET C 292 34.74 20.49 -21.83
N GLU C 293 34.70 21.43 -20.89
CA GLU C 293 35.33 21.23 -19.58
C GLU C 293 35.02 19.84 -19.04
N PRO C 294 35.93 19.26 -18.25
CA PRO C 294 35.82 17.90 -17.74
C PRO C 294 34.46 17.63 -17.10
N GLY C 295 34.06 18.47 -16.15
CA GLY C 295 32.83 18.28 -15.39
C GLY C 295 31.64 17.77 -16.18
N PHE C 296 31.47 18.28 -17.40
CA PHE C 296 30.36 17.92 -18.30
C PHE C 296 29.91 16.46 -18.26
N ARG C 297 30.80 15.54 -18.64
CA ARG C 297 30.50 14.11 -18.59
C ARG C 297 29.60 13.72 -17.42
N GLU C 298 29.89 14.30 -16.25
CA GLU C 298 29.27 13.85 -15.02
C GLU C 298 27.86 14.42 -14.87
N VAL C 299 27.69 15.66 -15.33
CA VAL C 299 26.50 16.43 -15.01
C VAL C 299 25.55 16.63 -16.21
N SER C 300 26.04 16.29 -17.40
CA SER C 300 25.31 16.55 -18.63
C SER C 300 24.21 15.53 -18.89
N PHE C 301 23.17 15.96 -19.61
CA PHE C 301 22.14 15.06 -20.07
C PHE C 301 22.70 14.17 -21.17
N TYR C 302 23.65 14.70 -21.94
CA TYR C 302 24.18 13.99 -23.08
C TYR C 302 24.77 12.68 -22.65
N TYR C 303 25.48 12.72 -21.53
CA TYR C 303 26.24 11.56 -21.06
C TYR C 303 25.48 10.83 -19.95
N SER C 304 24.17 11.02 -19.91
CA SER C 304 23.39 10.41 -18.83
C SER C 304 22.65 9.14 -19.27
N GLU C 305 22.04 8.47 -18.30
CA GLU C 305 21.33 7.22 -18.52
C GLU C 305 20.12 7.43 -19.40
N GLU C 306 19.42 8.54 -19.15
CA GLU C 306 18.22 8.86 -19.88
C GLU C 306 18.48 8.97 -21.36
N ASN C 307 19.69 9.39 -21.73
CA ASN C 307 20.02 9.55 -23.15
C ASN C 307 20.51 8.26 -23.80
N LYS C 308 19.59 7.58 -24.48
CA LYS C 308 19.91 6.45 -25.34
C LYS C 308 18.66 6.11 -26.16
N SER D 2 39.83 21.88 -40.58
CA SER D 2 38.89 22.80 -39.95
C SER D 2 37.50 22.18 -39.80
N PHE D 3 36.57 22.97 -39.26
CA PHE D 3 35.20 22.53 -38.96
C PHE D 3 34.36 22.55 -40.24
N SER D 4 33.69 21.44 -40.53
CA SER D 4 32.87 21.36 -41.73
C SER D 4 31.64 20.53 -41.44
N ALA D 5 30.70 20.50 -42.38
CA ALA D 5 29.46 19.74 -42.20
C ALA D 5 29.73 18.29 -41.81
N ALA D 6 30.82 17.72 -42.32
CA ALA D 6 31.19 16.34 -42.00
C ALA D 6 31.34 16.13 -40.49
N ASP D 7 31.80 17.17 -39.80
CA ASP D 7 32.15 17.03 -38.39
C ASP D 7 30.96 16.79 -37.47
N VAL D 8 29.80 17.31 -37.85
CA VAL D 8 28.59 17.19 -37.03
C VAL D 8 27.56 16.17 -37.57
N TYR D 9 27.43 16.09 -38.90
CA TYR D 9 26.39 15.27 -39.54
C TYR D 9 26.71 13.78 -39.72
N VAL D 10 27.92 13.35 -39.40
CA VAL D 10 28.22 11.92 -39.37
C VAL D 10 28.62 11.49 -37.96
N PRO D 11 27.90 10.50 -37.42
CA PRO D 11 28.06 10.05 -36.04
C PRO D 11 29.50 9.68 -35.77
N ASP D 12 30.06 10.17 -34.67
CA ASP D 12 31.39 9.74 -34.24
C ASP D 12 31.38 8.23 -33.94
N GLU D 13 31.14 7.45 -35.01
CA GLU D 13 31.04 5.99 -34.97
C GLU D 13 31.20 5.44 -36.36
N TRP D 14 31.48 6.35 -37.29
CA TRP D 14 31.65 6.02 -38.69
C TRP D 14 32.82 6.81 -39.23
N GLU D 15 33.68 7.27 -38.32
CA GLU D 15 34.84 8.03 -38.70
C GLU D 15 35.98 7.04 -38.98
N VAL D 16 36.93 7.44 -39.82
CA VAL D 16 38.17 6.69 -39.95
C VAL D 16 39.28 7.65 -40.33
N ALA D 17 40.52 7.39 -39.90
CA ALA D 17 41.60 8.35 -40.09
C ALA D 17 42.14 8.34 -41.51
N ARG D 18 42.21 9.53 -42.09
CA ARG D 18 42.67 9.69 -43.46
C ARG D 18 44.01 9.00 -43.71
N GLU D 19 44.71 8.66 -42.63
CA GLU D 19 45.99 7.96 -42.75
C GLU D 19 45.81 6.51 -43.12
N LYS D 20 44.71 5.90 -42.64
CA LYS D 20 44.40 4.51 -42.94
C LYS D 20 43.92 4.33 -44.38
N ILE D 21 43.52 5.42 -45.01
CA ILE D 21 42.99 5.36 -46.36
C ILE D 21 44.08 5.71 -47.39
N THR D 22 44.17 4.89 -48.42
CA THR D 22 45.10 5.13 -49.50
C THR D 22 44.40 5.00 -50.85
N MET D 23 44.55 6.02 -51.69
CA MET D 23 43.85 6.07 -52.97
C MET D 23 44.78 5.81 -54.15
N SER D 24 44.39 4.86 -54.99
CA SER D 24 45.28 4.32 -56.02
C SER D 24 44.98 4.89 -57.41
N ARG D 25 43.79 4.62 -57.94
CA ARG D 25 43.44 5.09 -59.27
C ARG D 25 41.98 5.55 -59.35
N GLU D 26 41.73 6.58 -60.18
CA GLU D 26 40.37 7.05 -60.42
C GLU D 26 39.50 5.89 -60.91
N LEU D 27 38.23 5.89 -60.48
CA LEU D 27 37.25 4.94 -60.98
C LEU D 27 36.25 5.63 -61.90
N GLY D 28 35.82 6.84 -61.50
CA GLY D 28 34.86 7.59 -62.27
C GLY D 28 34.35 8.84 -61.56
N GLN D 29 33.57 9.66 -62.26
CA GLN D 29 32.96 10.82 -61.63
C GLN D 29 31.62 10.45 -61.02
N GLY D 30 31.53 10.55 -59.70
CA GLY D 30 30.31 10.21 -59.00
C GLY D 30 29.44 11.41 -58.71
N SER D 31 28.25 11.14 -58.15
CA SER D 31 27.29 12.18 -57.84
C SER D 31 27.92 13.47 -57.30
N PHE D 32 28.48 13.41 -56.09
CA PHE D 32 28.92 14.62 -55.40
C PHE D 32 30.44 14.85 -55.51
N GLY D 33 31.10 14.08 -56.36
CA GLY D 33 32.55 14.12 -56.44
C GLY D 33 33.16 12.97 -57.23
N MET D 34 34.48 12.85 -57.13
CA MET D 34 35.24 11.83 -57.86
C MET D 34 35.40 10.55 -57.06
N VAL D 35 35.20 9.40 -57.70
CA VAL D 35 35.38 8.11 -57.03
C VAL D 35 36.72 7.47 -57.38
N TYR D 36 37.34 6.83 -56.39
CA TYR D 36 38.64 6.18 -56.56
C TYR D 36 38.61 4.74 -56.03
N GLU D 37 39.45 3.89 -56.59
CA GLU D 37 39.67 2.58 -55.98
C GLU D 37 40.89 2.72 -55.09
N GLY D 38 40.93 1.97 -53.99
CA GLY D 38 42.04 2.05 -53.06
C GLY D 38 42.01 1.01 -51.97
N VAL D 39 42.80 1.25 -50.92
CA VAL D 39 42.83 0.34 -49.78
C VAL D 39 42.50 1.10 -48.50
N ALA D 40 41.76 0.43 -47.61
CA ALA D 40 41.42 0.99 -46.32
C ALA D 40 41.91 0.05 -45.24
N LYS D 41 42.97 0.47 -44.55
CA LYS D 41 43.57 -0.36 -43.51
C LYS D 41 42.65 -0.42 -42.28
N GLY D 42 42.38 -1.64 -41.82
CA GLY D 42 41.73 -1.87 -40.55
C GLY D 42 40.29 -1.41 -40.41
N VAL D 43 39.52 -1.49 -41.49
CA VAL D 43 38.10 -1.14 -41.45
C VAL D 43 37.23 -2.37 -41.29
N VAL D 44 37.56 -3.42 -42.04
CA VAL D 44 36.78 -4.64 -42.02
C VAL D 44 37.31 -5.56 -40.93
N LYS D 45 36.41 -6.04 -40.08
CA LYS D 45 36.80 -6.93 -38.99
C LYS D 45 37.59 -8.14 -39.51
N ASP D 46 38.83 -8.27 -39.06
CA ASP D 46 39.69 -9.41 -39.39
C ASP D 46 40.42 -9.25 -40.71
N GLU D 47 40.30 -8.08 -41.33
CA GLU D 47 41.10 -7.76 -42.51
C GLU D 47 42.02 -6.59 -42.23
N PRO D 48 43.33 -6.87 -42.19
CA PRO D 48 44.31 -5.79 -41.95
C PRO D 48 44.08 -4.67 -42.95
N GLU D 49 43.72 -5.05 -44.17
CA GLU D 49 43.41 -4.09 -45.21
C GLU D 49 42.19 -4.56 -46.01
N THR D 50 41.58 -3.63 -46.75
CA THR D 50 40.42 -3.94 -47.58
C THR D 50 40.39 -3.10 -48.84
N ARG D 51 40.01 -3.72 -49.95
CA ARG D 51 39.84 -2.96 -51.17
C ARG D 51 38.53 -2.23 -51.03
N VAL D 52 38.56 -0.94 -51.31
CA VAL D 52 37.37 -0.10 -51.18
C VAL D 52 37.27 0.89 -52.33
N ALA D 53 36.08 1.48 -52.49
CA ALA D 53 35.90 2.65 -53.33
C ALA D 53 35.94 3.86 -52.42
N ILE D 54 36.59 4.92 -52.88
CA ILE D 54 36.68 6.15 -52.11
C ILE D 54 36.13 7.30 -52.93
N LYS D 55 35.13 7.98 -52.39
CA LYS D 55 34.68 9.20 -53.04
C LYS D 55 35.21 10.38 -52.27
N THR D 56 35.66 11.38 -53.01
CA THR D 56 36.13 12.64 -52.41
C THR D 56 35.15 13.74 -52.76
N VAL D 57 34.72 14.48 -51.74
CA VAL D 57 33.92 15.66 -51.96
C VAL D 57 34.83 16.86 -51.75
N ASN D 58 35.10 17.59 -52.82
CA ASN D 58 36.02 18.74 -52.72
C ASN D 58 35.40 19.88 -51.90
N GLU D 59 36.22 20.82 -51.45
CA GLU D 59 35.71 22.02 -50.80
C GLU D 59 34.73 22.79 -51.69
N ALA D 60 35.11 22.96 -52.96
CA ALA D 60 34.28 23.65 -53.96
C ALA D 60 32.91 23.00 -54.17
N ALA D 61 32.31 22.58 -53.07
CA ALA D 61 30.97 22.02 -53.03
C ALA D 61 30.27 22.75 -51.89
N SER D 62 29.10 23.32 -52.16
CA SER D 62 28.41 24.12 -51.15
C SER D 62 28.17 23.34 -49.86
N MET D 63 27.83 24.05 -48.78
CA MET D 63 27.49 23.37 -47.54
C MET D 63 26.18 22.61 -47.72
N ARG D 64 25.26 23.19 -48.47
CA ARG D 64 24.02 22.50 -48.81
C ARG D 64 24.31 21.16 -49.47
N GLU D 65 24.92 21.21 -50.65
CA GLU D 65 25.24 20.01 -51.41
C GLU D 65 25.89 19.01 -50.47
N ARG D 66 26.91 19.45 -49.75
CA ARG D 66 27.63 18.56 -48.86
C ARG D 66 26.71 17.99 -47.77
N ILE D 67 25.80 18.81 -47.24
CA ILE D 67 24.91 18.35 -46.18
C ILE D 67 23.88 17.33 -46.64
N GLU D 68 23.31 17.54 -47.83
CA GLU D 68 22.42 16.56 -48.43
C GLU D 68 23.18 15.25 -48.65
N PHE D 69 24.39 15.35 -49.20
CA PHE D 69 25.26 14.22 -49.52
C PHE D 69 25.54 13.29 -48.34
N LEU D 70 25.79 13.86 -47.16
CA LEU D 70 25.99 13.04 -45.96
C LEU D 70 24.69 12.35 -45.60
N ASN D 71 23.60 13.11 -45.59
CA ASN D 71 22.31 12.59 -45.14
C ASN D 71 21.84 11.38 -45.94
N GLU D 72 22.27 11.32 -47.20
CA GLU D 72 22.03 10.15 -48.06
C GLU D 72 22.86 8.94 -47.58
N ALA D 73 24.15 9.16 -47.31
CA ALA D 73 24.99 8.15 -46.69
C ALA D 73 24.53 7.83 -45.28
N SER D 74 23.81 8.78 -44.68
CA SER D 74 23.28 8.63 -43.34
C SER D 74 22.25 7.52 -43.31
N VAL D 75 21.67 7.20 -44.47
CA VAL D 75 20.66 6.15 -44.55
C VAL D 75 21.29 4.77 -44.68
N MET D 76 22.25 4.65 -45.60
CA MET D 76 23.07 3.45 -45.76
C MET D 76 23.46 2.83 -44.42
N LYS D 77 24.23 3.56 -43.62
CA LYS D 77 24.78 3.05 -42.37
C LYS D 77 23.82 2.08 -41.69
N GLU D 78 22.52 2.38 -41.77
CA GLU D 78 21.46 1.48 -41.29
C GLU D 78 21.62 0.09 -41.90
N PHE D 79 21.63 0.02 -43.24
CA PHE D 79 21.70 -1.24 -43.97
C PHE D 79 22.97 -2.04 -43.76
N ASN D 80 22.77 -3.23 -43.19
CA ASN D 80 23.80 -4.24 -43.19
C ASN D 80 23.28 -5.53 -43.76
N CYS D 81 23.48 -5.69 -45.05
CA CYS D 81 23.02 -6.87 -45.76
C CYS D 81 24.07 -7.33 -46.74
N HIS D 82 24.16 -8.64 -46.95
CA HIS D 82 25.20 -9.16 -47.82
C HIS D 82 24.98 -8.74 -49.26
N HIS D 83 23.74 -8.38 -49.58
CA HIS D 83 23.38 -8.03 -50.94
C HIS D 83 23.03 -6.57 -51.10
N VAL D 84 23.46 -5.76 -50.13
CA VAL D 84 23.46 -4.32 -50.27
C VAL D 84 24.90 -3.81 -50.25
N VAL D 85 25.23 -2.90 -51.15
CA VAL D 85 26.58 -2.36 -51.16
C VAL D 85 26.77 -1.60 -49.87
N ARG D 86 27.81 -1.95 -49.13
CA ARG D 86 28.01 -1.50 -47.75
C ARG D 86 28.80 -0.21 -47.60
N LEU D 87 28.34 0.68 -46.74
CA LEU D 87 29.16 1.83 -46.34
C LEU D 87 30.10 1.40 -45.24
N LEU D 88 31.38 1.55 -45.47
CA LEU D 88 32.36 1.12 -44.48
C LEU D 88 32.59 2.26 -43.49
N GLY D 89 32.76 3.46 -44.01
CA GLY D 89 32.94 4.61 -43.15
C GLY D 89 33.24 5.86 -43.94
N VAL D 90 33.30 6.97 -43.21
CA VAL D 90 33.62 8.25 -43.80
C VAL D 90 34.69 8.96 -42.97
N VAL D 91 35.71 9.49 -43.66
CA VAL D 91 36.74 10.31 -43.05
C VAL D 91 36.21 11.74 -42.95
N SER D 92 36.07 12.24 -41.73
CA SER D 92 35.42 13.52 -41.51
C SER D 92 36.40 14.67 -41.27
N GLN D 93 37.46 14.40 -40.53
CA GLN D 93 38.53 15.39 -40.33
C GLN D 93 39.36 15.51 -41.60
N GLY D 94 39.57 16.74 -42.08
CA GLY D 94 40.40 16.93 -43.25
C GLY D 94 39.75 17.79 -44.31
N GLN D 95 40.43 17.96 -45.45
CA GLN D 95 39.99 18.93 -46.46
C GLN D 95 39.06 18.34 -47.54
N PRO D 96 39.42 17.18 -48.10
CA PRO D 96 38.41 16.46 -48.89
C PRO D 96 37.68 15.49 -47.96
N THR D 97 36.37 15.52 -47.91
CA THR D 97 35.65 14.51 -47.14
C THR D 97 35.69 13.19 -47.92
N LEU D 98 36.02 12.12 -47.21
CA LEU D 98 36.09 10.79 -47.82
C LEU D 98 34.89 9.97 -47.42
N VAL D 99 34.25 9.34 -48.38
CA VAL D 99 33.29 8.29 -48.06
C VAL D 99 33.87 6.99 -48.57
N ILE D 100 33.97 6.00 -47.68
CA ILE D 100 34.49 4.70 -48.06
C ILE D 100 33.38 3.66 -48.18
N MET D 101 33.24 3.12 -49.37
CA MET D 101 32.23 2.11 -49.66
C MET D 101 32.90 0.80 -50.02
N GLU D 102 32.19 -0.30 -49.81
CA GLU D 102 32.63 -1.58 -50.33
C GLU D 102 33.07 -1.44 -51.79
N LEU D 103 34.04 -2.24 -52.21
CA LEU D 103 34.46 -2.20 -53.59
C LEU D 103 33.67 -3.27 -54.36
N MET D 104 33.16 -2.88 -55.52
CA MET D 104 32.48 -3.80 -56.42
C MET D 104 33.24 -3.78 -57.73
N THR D 105 34.21 -4.69 -57.85
CA THR D 105 35.19 -4.63 -58.93
C THR D 105 34.59 -4.64 -60.32
N ARG D 106 33.38 -5.18 -60.47
CA ARG D 106 32.82 -5.39 -61.80
C ARG D 106 31.82 -4.32 -62.24
N GLY D 107 31.69 -3.26 -61.44
CA GLY D 107 30.85 -2.13 -61.81
C GLY D 107 29.36 -2.45 -61.83
N ASP D 108 28.58 -1.60 -62.51
CA ASP D 108 27.13 -1.71 -62.45
C ASP D 108 26.64 -2.83 -63.33
N LEU D 109 25.55 -3.45 -62.89
CA LEU D 109 24.98 -4.60 -63.56
C LEU D 109 24.67 -4.31 -65.01
N LYS D 110 24.29 -3.06 -65.29
CA LYS D 110 23.90 -2.72 -66.64
C LYS D 110 25.06 -2.94 -67.58
N SER D 111 26.15 -2.22 -67.33
CA SER D 111 27.26 -2.26 -68.27
C SER D 111 28.02 -3.58 -68.17
N TYR D 112 27.82 -4.31 -67.08
CA TYR D 112 28.37 -5.65 -67.01
C TYR D 112 27.56 -6.52 -67.95
N LEU D 113 26.25 -6.38 -67.90
CA LEU D 113 25.37 -7.12 -68.77
C LEU D 113 25.70 -6.80 -70.22
N ARG D 114 26.08 -5.55 -70.47
CA ARG D 114 26.37 -5.17 -71.84
C ARG D 114 27.66 -5.77 -72.35
N SER D 115 28.60 -5.99 -71.44
CA SER D 115 29.88 -6.56 -71.84
C SER D 115 29.74 -8.00 -72.37
N LEU D 116 28.64 -8.67 -72.02
CA LEU D 116 28.44 -10.06 -72.39
C LEU D 116 27.95 -10.19 -73.82
N ARG D 117 27.57 -9.07 -74.43
CA ARG D 117 27.07 -9.06 -75.79
C ARG D 117 28.21 -9.21 -76.79
N PRO D 118 27.89 -9.55 -78.06
CA PRO D 118 28.92 -9.71 -79.09
C PRO D 118 29.68 -8.42 -79.32
N LEU D 126 22.83 -13.81 -79.89
CA LEU D 126 22.34 -13.03 -78.75
C LEU D 126 21.75 -13.85 -77.60
N ALA D 127 22.58 -14.72 -77.04
CA ALA D 127 22.17 -15.59 -75.94
C ALA D 127 22.29 -14.88 -74.59
N PRO D 128 21.37 -15.14 -73.66
CA PRO D 128 21.49 -14.55 -72.33
C PRO D 128 22.36 -15.43 -71.45
N PRO D 129 22.72 -14.96 -70.25
CA PRO D 129 23.38 -15.86 -69.30
C PRO D 129 22.53 -17.13 -69.15
N SER D 130 23.12 -18.19 -68.62
CA SER D 130 22.40 -19.41 -68.34
C SER D 130 21.34 -19.15 -67.27
N LEU D 131 20.22 -19.87 -67.32
CA LEU D 131 19.16 -19.69 -66.35
C LEU D 131 19.76 -19.75 -64.95
N SER D 132 20.87 -20.47 -64.81
CA SER D 132 21.42 -20.64 -63.49
C SER D 132 22.14 -19.38 -63.05
N LYS D 133 22.90 -18.78 -63.96
CA LYS D 133 23.54 -17.49 -63.68
C LYS D 133 22.49 -16.42 -63.47
N MET D 134 21.40 -16.51 -64.21
CA MET D 134 20.35 -15.50 -64.10
C MET D 134 19.58 -15.58 -62.79
N ILE D 135 19.03 -16.75 -62.47
CA ILE D 135 18.43 -16.97 -61.16
C ILE D 135 19.30 -16.47 -60.01
N GLN D 136 20.61 -16.68 -60.11
CA GLN D 136 21.55 -16.27 -59.06
C GLN D 136 21.43 -14.77 -58.87
N MET D 137 21.49 -14.05 -59.97
CA MET D 137 21.38 -12.61 -59.90
C MET D 137 19.99 -12.22 -59.40
N ALA D 138 18.95 -12.91 -59.88
CA ALA D 138 17.58 -12.57 -59.50
C ALA D 138 17.45 -12.61 -58.00
N GLY D 139 17.95 -13.70 -57.43
CA GLY D 139 17.74 -14.00 -56.02
C GLY D 139 18.59 -13.14 -55.13
N GLU D 140 19.78 -12.81 -55.60
CA GLU D 140 20.64 -11.88 -54.87
C GLU D 140 20.00 -10.50 -54.82
N ILE D 141 19.52 -10.02 -55.98
CA ILE D 141 18.82 -8.74 -56.04
C ILE D 141 17.55 -8.76 -55.20
N ALA D 142 16.77 -9.84 -55.29
CA ALA D 142 15.54 -9.96 -54.52
C ALA D 142 15.79 -10.00 -53.01
N ASP D 143 16.96 -10.48 -52.62
CA ASP D 143 17.24 -10.63 -51.20
C ASP D 143 17.54 -9.28 -50.57
N GLY D 144 18.39 -8.51 -51.24
CA GLY D 144 18.71 -7.16 -50.82
C GLY D 144 17.48 -6.29 -50.71
N MET D 145 16.58 -6.40 -51.69
CA MET D 145 15.33 -5.68 -51.65
C MET D 145 14.39 -6.19 -50.54
N ALA D 146 14.45 -7.48 -50.26
CA ALA D 146 13.64 -8.05 -49.19
C ALA D 146 14.10 -7.47 -47.89
N TYR D 147 15.39 -7.21 -47.81
CA TYR D 147 15.97 -6.55 -46.66
C TYR D 147 15.52 -5.09 -46.62
N LEU D 148 15.53 -4.42 -47.76
CA LEU D 148 15.05 -3.06 -47.79
C LEU D 148 13.64 -2.97 -47.26
N ASN D 149 12.74 -3.74 -47.87
CA ASN D 149 11.33 -3.61 -47.52
C ASN D 149 11.08 -4.04 -46.07
N ALA D 150 11.93 -4.91 -45.56
CA ALA D 150 11.80 -5.36 -44.17
C ALA D 150 12.12 -4.24 -43.19
N ASN D 151 13.04 -3.35 -43.58
CA ASN D 151 13.35 -2.16 -42.78
C ASN D 151 12.52 -0.97 -43.25
N LYS D 152 11.40 -1.26 -43.89
CA LYS D 152 10.43 -0.25 -44.24
C LYS D 152 11.03 0.87 -45.08
N PHE D 153 11.71 0.48 -46.15
CA PHE D 153 12.15 1.45 -47.16
C PHE D 153 11.62 1.10 -48.53
N VAL D 154 11.37 2.12 -49.33
CA VAL D 154 11.06 1.94 -50.72
C VAL D 154 12.22 2.45 -51.56
N HIS D 155 12.71 1.61 -52.46
CA HIS D 155 13.86 1.96 -53.29
C HIS D 155 13.50 3.01 -54.34
N ARG D 156 12.35 2.83 -54.99
CA ARG D 156 11.84 3.72 -56.04
C ARG D 156 12.62 3.67 -57.35
N ASP D 157 13.90 3.33 -57.27
CA ASP D 157 14.81 3.54 -58.38
C ASP D 157 15.46 2.23 -58.81
N LEU D 158 14.91 1.10 -58.40
CA LEU D 158 15.54 -0.19 -58.71
C LEU D 158 15.69 -0.37 -60.22
N ALA D 159 16.94 -0.61 -60.64
CA ALA D 159 17.29 -0.79 -62.05
C ALA D 159 18.67 -1.43 -62.17
N ALA D 160 18.98 -2.01 -63.32
CA ALA D 160 20.24 -2.71 -63.47
C ALA D 160 21.42 -1.76 -63.29
N ARG D 161 21.21 -0.51 -63.67
CA ARG D 161 22.28 0.47 -63.59
C ARG D 161 22.62 0.78 -62.14
N ASN D 162 21.69 0.47 -61.23
CA ASN D 162 21.83 0.76 -59.80
C ASN D 162 22.20 -0.47 -58.97
N CYS D 163 22.53 -1.57 -59.64
CA CYS D 163 23.08 -2.76 -58.98
C CYS D 163 24.55 -2.81 -59.32
N MET D 164 25.36 -3.45 -58.48
CA MET D 164 26.79 -3.52 -58.73
C MET D 164 27.23 -4.98 -58.73
N VAL D 165 28.33 -5.28 -59.41
CA VAL D 165 28.87 -6.64 -59.45
C VAL D 165 30.20 -6.78 -58.71
N ALA D 166 30.24 -7.72 -57.76
CA ALA D 166 31.46 -8.09 -57.04
C ALA D 166 32.41 -8.87 -57.94
N GLU D 167 33.68 -8.94 -57.56
CA GLU D 167 34.66 -9.78 -58.25
C GLU D 167 34.19 -11.21 -58.46
N ASP D 168 33.57 -11.80 -57.45
CA ASP D 168 32.99 -13.14 -57.56
C ASP D 168 31.61 -13.13 -58.21
N PHE D 169 31.27 -12.03 -58.85
CA PHE D 169 30.05 -11.92 -59.65
C PHE D 169 28.75 -11.81 -58.86
N THR D 170 28.87 -11.50 -57.57
CA THR D 170 27.69 -11.32 -56.75
C THR D 170 27.08 -9.96 -57.01
N VAL D 171 25.77 -9.92 -57.25
CA VAL D 171 25.07 -8.68 -57.53
C VAL D 171 24.46 -8.09 -56.25
N LYS D 172 24.59 -6.78 -56.07
CA LYS D 172 24.09 -6.13 -54.86
C LYS D 172 23.36 -4.83 -55.17
N ILE D 173 22.29 -4.56 -54.43
CA ILE D 173 21.61 -3.25 -54.49
C ILE D 173 22.56 -2.14 -54.05
N GLY D 174 22.59 -1.05 -54.81
CA GLY D 174 23.66 -0.09 -54.66
C GLY D 174 23.31 1.35 -54.35
N ASP D 175 22.28 1.88 -54.99
CA ASP D 175 22.14 3.32 -55.00
C ASP D 175 20.81 3.76 -54.38
N PHE D 176 20.90 4.54 -53.29
CA PHE D 176 19.71 4.86 -52.49
C PHE D 176 19.41 6.35 -52.38
N GLY D 177 19.80 7.14 -53.37
CA GLY D 177 19.53 8.56 -53.32
C GLY D 177 18.04 8.84 -53.44
N MET D 178 17.30 7.81 -53.83
CA MET D 178 15.93 8.04 -54.21
C MET D 178 14.98 7.26 -53.33
N THR D 179 15.53 6.58 -52.33
CA THR D 179 14.71 5.70 -51.49
C THR D 179 14.12 6.47 -50.32
N ARG D 180 12.96 6.04 -49.83
CA ARG D 180 12.25 6.79 -48.82
C ARG D 180 11.72 5.89 -47.72
N ASP D 181 11.71 6.40 -46.49
CA ASP D 181 11.27 5.64 -45.33
C ASP D 181 9.76 5.57 -45.31
N ILE D 182 9.22 4.40 -44.96
CA ILE D 182 7.77 4.18 -45.02
C ILE D 182 7.15 3.46 -43.82
N PTR D 183 7.88 3.33 -42.72
CA PTR D 183 7.25 2.93 -41.45
C PTR D 183 6.12 3.92 -41.23
O PTR D 183 6.36 5.12 -41.14
CB PTR D 183 8.23 3.02 -40.27
CG PTR D 183 7.67 2.55 -38.93
CD1 PTR D 183 7.43 3.47 -37.89
CD2 PTR D 183 7.40 1.21 -38.68
CE1 PTR D 183 6.92 3.04 -36.65
CE2 PTR D 183 6.89 0.78 -37.45
CZ PTR D 183 6.66 1.70 -36.44
OH PTR D 183 6.18 1.30 -35.22
N GLU D 184 4.91 3.41 -41.16
CA GLU D 184 3.74 4.29 -41.00
C GLU D 184 3.35 4.92 -42.34
N THR D 185 2.31 4.37 -42.96
CA THR D 185 1.82 4.69 -44.32
C THR D 185 2.10 3.54 -45.29
N ASP D 186 3.34 3.03 -45.27
CA ASP D 186 3.73 1.98 -46.20
C ASP D 186 3.58 2.44 -47.62
N PTR D 187 3.97 3.69 -47.90
CA PTR D 187 3.82 4.27 -49.22
C PTR D 187 4.37 5.69 -49.23
O PTR D 187 4.31 6.38 -48.22
CB PTR D 187 2.36 4.28 -49.68
CG PTR D 187 1.54 5.47 -49.21
CD1 PTR D 187 0.64 5.35 -48.17
CD2 PTR D 187 1.65 6.70 -49.84
CE1 PTR D 187 -0.11 6.43 -47.73
CE2 PTR D 187 0.90 7.79 -49.43
CZ PTR D 187 0.01 7.65 -48.37
OH PTR D 187 -0.65 8.60 -47.97
P PTR D 187 -1.83 9.31 -48.83
O1P PTR D 187 -1.22 10.41 -49.61
O2P PTR D 187 -2.52 8.32 -49.78
O3P PTR D 187 -2.87 9.89 -47.85
N PTR D 188 4.90 6.10 -50.37
CA PTR D 188 5.48 7.43 -50.51
C PTR D 188 4.85 8.07 -51.72
O PTR D 188 4.80 7.46 -52.79
CB PTR D 188 6.99 7.42 -50.68
CG PTR D 188 7.60 8.71 -51.22
CD1 PTR D 188 8.13 9.65 -50.35
CD2 PTR D 188 7.75 8.92 -52.58
CE1 PTR D 188 8.71 10.82 -50.82
CE2 PTR D 188 8.35 10.08 -53.06
CZ PTR D 188 8.81 11.03 -52.17
OH PTR D 188 9.33 12.04 -52.67
P PTR D 188 9.82 13.34 -51.85
O1P PTR D 188 10.10 14.40 -52.87
O2P PTR D 188 11.09 13.08 -51.00
O3P PTR D 188 8.70 13.81 -50.90
N ARG D 189 4.35 9.29 -51.55
CA ARG D 189 3.71 9.97 -52.65
C ARG D 189 4.56 11.16 -53.06
N LYS D 190 4.82 11.27 -54.35
CA LYS D 190 5.64 12.36 -54.87
C LYS D 190 4.77 13.57 -55.18
N GLY D 191 5.16 14.72 -54.62
CA GLY D 191 4.38 15.93 -54.77
C GLY D 191 4.62 16.65 -56.10
N GLY D 192 5.87 17.02 -56.34
CA GLY D 192 6.18 17.84 -57.49
C GLY D 192 6.78 17.07 -58.64
N LYS D 193 7.69 17.75 -59.37
CA LYS D 193 8.44 17.12 -60.46
C LYS D 193 9.25 15.94 -59.98
N GLY D 194 9.36 14.95 -60.85
CA GLY D 194 10.18 13.78 -60.58
C GLY D 194 11.02 13.48 -61.80
N LEU D 195 12.22 12.98 -61.56
CA LEU D 195 13.11 12.67 -62.66
C LEU D 195 13.41 11.19 -62.80
N LEU D 196 12.65 10.35 -62.09
CA LEU D 196 12.80 8.91 -62.28
C LEU D 196 12.47 8.56 -63.72
N PRO D 197 13.29 7.68 -64.33
CA PRO D 197 13.04 7.16 -65.68
C PRO D 197 11.72 6.39 -65.72
N VAL D 198 10.88 6.71 -66.70
CA VAL D 198 9.52 6.18 -66.74
C VAL D 198 9.45 4.71 -67.09
N ARG D 199 10.46 4.22 -67.79
CA ARG D 199 10.44 2.84 -68.27
C ARG D 199 10.51 1.80 -67.14
N TRP D 200 10.87 2.26 -65.94
CA TRP D 200 10.96 1.38 -64.78
C TRP D 200 9.84 1.63 -63.76
N MET D 201 8.99 2.62 -64.02
CA MET D 201 7.91 2.94 -63.08
C MET D 201 6.68 2.05 -63.26
N SER D 202 6.05 1.68 -62.16
CA SER D 202 4.85 0.87 -62.24
C SER D 202 3.72 1.68 -62.81
N PRO D 203 2.61 1.02 -63.18
CA PRO D 203 1.43 1.77 -63.66
C PRO D 203 0.88 2.73 -62.61
N GLU D 204 0.80 2.28 -61.36
CA GLU D 204 0.26 3.11 -60.29
C GLU D 204 1.20 4.26 -59.94
N SER D 205 2.49 4.06 -60.18
CA SER D 205 3.48 5.11 -59.92
C SER D 205 3.35 6.23 -60.95
N LEU D 206 3.11 5.86 -62.20
CA LEU D 206 2.92 6.81 -63.29
C LEU D 206 1.61 7.58 -63.14
N LYS D 207 0.63 6.95 -62.52
CA LYS D 207 -0.72 7.52 -62.49
C LYS D 207 -0.97 8.43 -61.29
N ASP D 208 -0.33 8.14 -60.16
CA ASP D 208 -0.58 8.87 -58.91
C ASP D 208 0.65 9.43 -58.24
N GLY D 209 1.81 8.84 -58.53
CA GLY D 209 3.04 9.23 -57.84
C GLY D 209 3.20 8.44 -56.54
N VAL D 210 2.52 7.30 -56.47
CA VAL D 210 2.60 6.46 -55.30
C VAL D 210 3.75 5.49 -55.45
N PHE D 211 4.53 5.31 -54.40
CA PHE D 211 5.56 4.28 -54.38
C PHE D 211 5.39 3.37 -53.18
N THR D 212 5.35 2.08 -53.45
CA THR D 212 5.19 1.08 -52.41
C THR D 212 6.21 -0.04 -52.62
N THR D 213 6.23 -1.04 -51.75
CA THR D 213 7.02 -2.24 -52.02
C THR D 213 6.47 -2.87 -53.30
N TYR D 214 5.15 -2.79 -53.50
CA TYR D 214 4.58 -3.33 -54.72
C TYR D 214 5.26 -2.73 -55.95
N SER D 215 5.45 -1.41 -55.96
CA SER D 215 6.10 -0.75 -57.08
C SER D 215 7.56 -1.24 -57.24
N ASP D 216 8.26 -1.47 -56.13
CA ASP D 216 9.62 -1.98 -56.18
C ASP D 216 9.67 -3.35 -56.85
N VAL D 217 8.70 -4.20 -56.55
CA VAL D 217 8.57 -5.48 -57.21
C VAL D 217 8.39 -5.30 -58.71
N TRP D 218 7.59 -4.32 -59.11
CA TRP D 218 7.46 -4.02 -60.54
C TRP D 218 8.81 -3.79 -61.17
N SER D 219 9.56 -2.83 -60.65
CA SER D 219 10.87 -2.54 -61.16
C SER D 219 11.71 -3.81 -61.20
N PHE D 220 11.69 -4.58 -60.12
CA PHE D 220 12.40 -5.85 -60.07
C PHE D 220 12.13 -6.70 -61.33
N GLY D 221 10.89 -6.76 -61.74
CA GLY D 221 10.55 -7.45 -62.97
C GLY D 221 11.35 -6.89 -64.13
N VAL D 222 11.41 -5.56 -64.22
CA VAL D 222 12.07 -4.90 -65.35
C VAL D 222 13.55 -5.24 -65.39
N VAL D 223 14.19 -5.35 -64.22
CA VAL D 223 15.61 -5.68 -64.21
C VAL D 223 15.84 -7.16 -64.47
N LEU D 224 14.81 -7.97 -64.22
CA LEU D 224 14.83 -9.34 -64.71
C LEU D 224 14.91 -9.29 -66.23
N TRP D 225 13.98 -8.53 -66.81
CA TRP D 225 13.94 -8.30 -68.25
C TRP D 225 15.28 -7.80 -68.76
N GLU D 226 15.85 -6.83 -68.05
CA GLU D 226 17.14 -6.29 -68.45
C GLU D 226 18.16 -7.40 -68.56
N ILE D 227 18.25 -8.22 -67.51
CA ILE D 227 19.20 -9.31 -67.50
C ILE D 227 18.99 -10.17 -68.73
N ALA D 228 17.73 -10.46 -69.01
CA ALA D 228 17.38 -11.43 -70.04
C ALA D 228 17.79 -10.98 -71.43
N THR D 229 17.90 -9.68 -71.61
CA THR D 229 18.21 -9.11 -72.91
C THR D 229 19.58 -8.45 -72.92
N LEU D 230 20.34 -8.66 -71.85
CA LEU D 230 21.66 -8.08 -71.76
C LEU D 230 21.56 -6.56 -71.89
N ALA D 231 20.67 -5.99 -71.08
CA ALA D 231 20.54 -4.54 -70.92
C ALA D 231 20.11 -3.78 -72.17
N GLU D 232 18.98 -4.18 -72.74
CA GLU D 232 18.35 -3.40 -73.78
C GLU D 232 17.42 -2.38 -73.17
N GLN D 233 17.02 -1.39 -73.96
CA GLN D 233 16.12 -0.38 -73.44
C GLN D 233 14.70 -0.91 -73.41
N PRO D 234 14.10 -0.96 -72.21
CA PRO D 234 12.69 -1.38 -72.08
C PRO D 234 11.79 -0.56 -72.99
N TYR D 235 10.78 -1.21 -73.55
CA TYR D 235 9.82 -0.58 -74.47
C TYR D 235 10.53 0.22 -75.55
N GLN D 236 11.61 -0.33 -76.08
CA GLN D 236 12.33 0.29 -77.19
C GLN D 236 11.33 0.46 -78.32
N GLY D 237 11.46 1.55 -79.06
CA GLY D 237 10.52 1.81 -80.13
C GLY D 237 9.28 2.54 -79.65
N LEU D 238 9.22 2.83 -78.37
CA LEU D 238 8.18 3.71 -77.84
C LEU D 238 8.85 4.93 -77.23
N SER D 239 8.18 6.07 -77.30
CA SER D 239 8.70 7.28 -76.68
C SER D 239 8.32 7.28 -75.22
N ASN D 240 9.01 8.10 -74.43
CA ASN D 240 8.63 8.29 -73.04
C ASN D 240 7.15 8.63 -72.98
N GLU D 241 6.70 9.42 -73.95
CA GLU D 241 5.29 9.74 -74.06
C GLU D 241 4.42 8.51 -74.30
N GLN D 242 4.83 7.66 -75.23
CA GLN D 242 4.07 6.45 -75.53
C GLN D 242 4.16 5.40 -74.42
N VAL D 243 5.35 5.22 -73.89
CA VAL D 243 5.58 4.25 -72.84
C VAL D 243 4.62 4.53 -71.72
N LEU D 244 4.61 5.79 -71.31
CA LEU D 244 3.72 6.30 -70.28
C LEU D 244 2.32 5.75 -70.51
N ARG D 245 1.77 6.02 -71.69
CA ARG D 245 0.38 5.67 -72.03
C ARG D 245 0.17 4.17 -72.09
N PHE D 246 1.11 3.50 -72.74
CA PHE D 246 1.07 2.05 -72.91
C PHE D 246 0.99 1.32 -71.57
N VAL D 247 1.96 1.57 -70.70
CA VAL D 247 2.04 0.86 -69.42
C VAL D 247 0.82 1.12 -68.55
N MET D 248 0.40 2.38 -68.48
CA MET D 248 -0.75 2.75 -67.65
C MET D 248 -2.05 2.05 -68.04
N GLU D 249 -2.15 1.65 -69.30
CA GLU D 249 -3.36 1.02 -69.81
C GLU D 249 -3.33 -0.52 -69.78
N GLY D 250 -2.20 -1.10 -69.39
CA GLY D 250 -2.13 -2.52 -69.15
C GLY D 250 -1.05 -3.26 -69.92
N GLY D 251 -0.29 -2.49 -70.71
CA GLY D 251 0.73 -3.03 -71.60
C GLY D 251 1.89 -3.68 -70.87
N LEU D 252 2.57 -4.59 -71.57
CA LEU D 252 3.66 -5.34 -70.95
C LEU D 252 4.83 -5.44 -71.90
N LEU D 253 6.01 -5.60 -71.33
CA LEU D 253 7.19 -5.84 -72.14
C LEU D 253 7.03 -7.21 -72.80
N ASP D 254 7.50 -7.32 -74.04
CA ASP D 254 7.42 -8.56 -74.77
C ASP D 254 8.46 -9.54 -74.28
N LYS D 255 8.10 -10.80 -74.17
CA LYS D 255 9.05 -11.83 -73.81
C LYS D 255 10.26 -11.75 -74.69
N PRO D 256 11.44 -11.68 -74.07
CA PRO D 256 12.71 -11.60 -74.79
C PRO D 256 12.90 -12.87 -75.63
N ASP D 257 13.45 -12.69 -76.83
CA ASP D 257 13.70 -13.84 -77.68
C ASP D 257 14.88 -14.57 -77.09
N ASN D 258 14.70 -15.86 -76.84
CA ASN D 258 15.72 -16.68 -76.19
C ASN D 258 15.62 -16.67 -74.68
N CYS D 259 14.51 -16.16 -74.14
CA CYS D 259 14.35 -16.09 -72.70
C CYS D 259 13.63 -17.34 -72.18
N PRO D 260 14.25 -18.06 -71.23
CA PRO D 260 13.58 -19.22 -70.63
C PRO D 260 12.19 -18.84 -70.13
N ASP D 261 11.23 -19.73 -70.33
CA ASP D 261 9.85 -19.48 -69.95
C ASP D 261 9.74 -19.14 -68.48
N MET D 262 10.54 -19.82 -67.67
CA MET D 262 10.47 -19.66 -66.23
C MET D 262 10.65 -18.19 -65.85
N LEU D 263 11.71 -17.60 -66.36
CA LEU D 263 12.08 -16.25 -65.95
C LEU D 263 11.07 -15.26 -66.45
N PHE D 264 10.48 -15.53 -67.62
CA PHE D 264 9.48 -14.63 -68.13
C PHE D 264 8.21 -14.75 -67.33
N GLU D 265 7.90 -15.96 -66.89
CA GLU D 265 6.72 -16.16 -66.07
C GLU D 265 6.84 -15.31 -64.82
N LEU D 266 8.06 -15.28 -64.29
CA LEU D 266 8.34 -14.53 -63.06
C LEU D 266 8.11 -13.04 -63.27
N MET D 267 8.55 -12.51 -64.41
CA MET D 267 8.29 -11.12 -64.77
C MET D 267 6.80 -10.82 -64.81
N ARG D 268 6.04 -11.62 -65.55
CA ARG D 268 4.59 -11.45 -65.64
C ARG D 268 3.92 -11.27 -64.29
N MET D 269 4.35 -12.04 -63.28
CA MET D 269 3.85 -11.88 -61.92
C MET D 269 4.21 -10.52 -61.35
N CYS D 270 5.47 -10.15 -61.49
CA CYS D 270 5.92 -8.85 -61.00
C CYS D 270 5.16 -7.74 -61.67
N TRP D 271 4.61 -7.99 -62.86
CA TRP D 271 3.91 -6.94 -63.60
C TRP D 271 2.40 -6.96 -63.51
N GLN D 272 1.85 -7.72 -62.56
CA GLN D 272 0.43 -7.68 -62.31
C GLN D 272 0.00 -6.22 -62.20
N TYR D 273 -1.10 -5.87 -62.85
CA TYR D 273 -1.59 -4.50 -62.79
C TYR D 273 -1.93 -4.06 -61.37
N ASN D 274 -2.75 -4.86 -60.70
CA ASN D 274 -3.11 -4.63 -59.31
C ASN D 274 -1.89 -4.88 -58.46
N PRO D 275 -1.35 -3.84 -57.84
CA PRO D 275 -0.19 -3.95 -56.94
C PRO D 275 -0.34 -5.07 -55.91
N LYS D 276 -1.53 -5.23 -55.36
CA LYS D 276 -1.79 -6.27 -54.35
C LYS D 276 -1.52 -7.68 -54.87
N MET D 277 -1.60 -7.85 -56.19
CA MET D 277 -1.50 -9.17 -56.81
C MET D 277 -0.07 -9.65 -57.08
N ARG D 278 0.91 -8.77 -56.91
CA ARG D 278 2.31 -9.10 -57.20
C ARG D 278 2.97 -9.85 -56.05
N PRO D 279 4.04 -10.60 -56.34
CA PRO D 279 4.71 -11.35 -55.28
C PRO D 279 5.44 -10.39 -54.35
N SER D 280 5.72 -10.83 -53.13
CA SER D 280 6.68 -10.12 -52.29
C SER D 280 8.08 -10.56 -52.73
N PHE D 281 9.09 -9.84 -52.27
CA PHE D 281 10.48 -10.21 -52.55
C PHE D 281 10.81 -11.49 -51.80
N LEU D 282 10.09 -11.74 -50.72
CA LEU D 282 10.29 -12.95 -49.94
C LEU D 282 9.71 -14.12 -50.71
N GLU D 283 8.52 -13.93 -51.25
CA GLU D 283 7.87 -14.99 -52.01
C GLU D 283 8.70 -15.38 -53.24
N ILE D 284 9.21 -14.37 -53.95
CA ILE D 284 10.06 -14.59 -55.12
C ILE D 284 11.24 -15.45 -54.74
N ILE D 285 11.97 -15.03 -53.71
CA ILE D 285 13.12 -15.80 -53.23
C ILE D 285 12.73 -17.24 -52.90
N SER D 286 11.57 -17.43 -52.28
CA SER D 286 11.20 -18.74 -51.76
C SER D 286 11.01 -19.73 -52.88
N SER D 287 10.79 -19.21 -54.07
CA SER D 287 10.45 -20.02 -55.22
C SER D 287 11.66 -20.37 -56.06
N ILE D 288 12.81 -19.81 -55.71
CA ILE D 288 14.03 -20.11 -56.45
C ILE D 288 15.15 -20.47 -55.49
N LYS D 289 14.86 -20.41 -54.21
CA LYS D 289 15.90 -20.59 -53.22
C LYS D 289 16.65 -21.88 -53.50
N GLU D 290 15.95 -22.85 -54.05
CA GLU D 290 16.50 -24.19 -54.24
C GLU D 290 17.41 -24.27 -55.45
N GLU D 291 17.45 -23.19 -56.22
CA GLU D 291 18.36 -23.07 -57.35
C GLU D 291 19.53 -22.11 -57.07
N MET D 292 19.61 -21.58 -55.86
CA MET D 292 20.70 -20.66 -55.51
C MET D 292 21.93 -21.46 -55.14
N GLU D 293 23.10 -20.92 -55.45
CA GLU D 293 24.35 -21.57 -55.08
C GLU D 293 24.38 -21.79 -53.56
N PRO D 294 25.21 -22.73 -53.09
CA PRO D 294 25.25 -23.13 -51.68
C PRO D 294 25.48 -21.97 -50.71
N GLY D 295 26.42 -21.09 -51.04
CA GLY D 295 26.78 -20.00 -50.13
C GLY D 295 25.60 -19.21 -49.60
N PHE D 296 24.56 -19.07 -50.44
CA PHE D 296 23.37 -18.25 -50.16
C PHE D 296 22.84 -18.39 -48.73
N ARG D 297 22.60 -19.62 -48.30
CA ARG D 297 22.03 -19.85 -46.97
C ARG D 297 22.79 -19.17 -45.83
N GLU D 298 24.11 -19.04 -45.95
CA GLU D 298 24.92 -18.50 -44.87
C GLU D 298 25.14 -16.98 -44.93
N VAL D 299 24.66 -16.35 -45.99
CA VAL D 299 24.96 -14.94 -46.24
C VAL D 299 23.73 -14.11 -46.60
N SER D 300 22.64 -14.78 -46.95
CA SER D 300 21.41 -14.09 -47.32
C SER D 300 20.65 -13.50 -46.14
N PHE D 301 19.74 -12.58 -46.43
CA PHE D 301 18.82 -12.03 -45.44
C PHE D 301 17.68 -13.02 -45.28
N TYR D 302 17.32 -13.66 -46.39
CA TYR D 302 16.23 -14.62 -46.38
C TYR D 302 16.43 -15.69 -45.32
N TYR D 303 17.68 -16.10 -45.11
CA TYR D 303 18.01 -17.21 -44.23
C TYR D 303 18.66 -16.73 -42.92
N SER D 304 18.38 -15.48 -42.55
CA SER D 304 18.97 -14.92 -41.33
C SER D 304 17.96 -14.76 -40.22
N GLU D 305 18.48 -14.52 -39.01
CA GLU D 305 17.64 -14.43 -37.83
C GLU D 305 16.67 -13.27 -37.95
N GLU D 306 17.17 -12.14 -38.47
CA GLU D 306 16.34 -10.96 -38.62
C GLU D 306 15.07 -11.28 -39.41
N ASN D 307 15.13 -12.28 -40.29
CA ASN D 307 13.97 -12.65 -41.12
C ASN D 307 13.05 -13.70 -40.49
N LYS D 308 12.07 -13.19 -39.73
CA LYS D 308 11.09 -14.02 -39.05
C LYS D 308 9.98 -13.12 -38.51
N SER E 2 -17.64 -99.40 -58.00
CA SER E 2 -18.36 -100.44 -57.26
C SER E 2 -18.96 -99.91 -55.95
N PHE E 3 -19.72 -100.75 -55.25
CA PHE E 3 -20.40 -100.39 -53.99
C PHE E 3 -19.46 -100.42 -52.79
N SER E 4 -19.50 -99.35 -52.00
CA SER E 4 -18.55 -99.19 -50.91
C SER E 4 -19.18 -98.41 -49.77
N ALA E 5 -18.61 -98.50 -48.57
CA ALA E 5 -19.10 -97.73 -47.43
C ALA E 5 -19.45 -96.32 -47.89
N ALA E 6 -18.59 -95.76 -48.73
CA ALA E 6 -18.75 -94.40 -49.23
C ALA E 6 -20.10 -94.14 -49.89
N ASP E 7 -20.79 -95.21 -50.29
CA ASP E 7 -22.02 -95.04 -51.07
C ASP E 7 -23.28 -94.89 -50.23
N VAL E 8 -23.20 -95.33 -48.98
CA VAL E 8 -24.31 -95.21 -48.04
C VAL E 8 -24.05 -94.18 -46.92
N TYR E 9 -22.85 -94.19 -46.35
CA TYR E 9 -22.55 -93.39 -45.16
C TYR E 9 -22.35 -91.89 -45.41
N VAL E 10 -22.30 -91.49 -46.67
CA VAL E 10 -22.30 -90.06 -46.99
C VAL E 10 -23.61 -89.65 -47.62
N PRO E 11 -24.25 -88.62 -47.07
CA PRO E 11 -25.46 -88.13 -47.71
C PRO E 11 -25.01 -87.67 -49.05
N ASP E 12 -25.52 -88.26 -50.12
CA ASP E 12 -25.07 -87.87 -51.45
C ASP E 12 -25.15 -86.31 -51.62
N GLU E 13 -25.69 -85.62 -50.62
CA GLU E 13 -25.71 -84.15 -50.60
C GLU E 13 -24.38 -83.48 -50.22
N TRP E 14 -23.33 -84.28 -50.17
CA TRP E 14 -21.96 -83.78 -50.03
C TRP E 14 -21.20 -84.30 -51.25
N GLU E 15 -21.91 -85.08 -52.05
CA GLU E 15 -21.32 -85.74 -53.20
C GLU E 15 -20.78 -84.72 -54.19
N VAL E 16 -19.66 -85.05 -54.80
CA VAL E 16 -19.12 -84.28 -55.93
C VAL E 16 -18.36 -85.21 -56.88
N ALA E 17 -18.37 -84.89 -58.17
CA ALA E 17 -17.88 -85.81 -59.20
C ALA E 17 -16.34 -85.85 -59.31
N ARG E 18 -15.79 -87.04 -59.19
CA ARG E 18 -14.35 -87.26 -59.23
C ARG E 18 -13.62 -86.47 -60.31
N GLU E 19 -14.32 -86.14 -61.40
CA GLU E 19 -13.76 -85.34 -62.50
C GLU E 19 -13.51 -83.88 -62.12
N LYS E 20 -14.43 -83.30 -61.35
CA LYS E 20 -14.31 -81.91 -60.90
C LYS E 20 -13.09 -81.66 -60.02
N ILE E 21 -12.50 -82.73 -59.52
CA ILE E 21 -11.35 -82.62 -58.63
C ILE E 21 -10.06 -82.97 -59.36
N THR E 22 -9.02 -82.20 -59.09
CA THR E 22 -7.72 -82.50 -59.66
C THR E 22 -6.62 -82.33 -58.63
N MET E 23 -5.94 -83.42 -58.32
CA MET E 23 -4.84 -83.39 -57.37
C MET E 23 -3.58 -82.88 -58.06
N SER E 24 -2.72 -82.24 -57.28
CA SER E 24 -1.50 -81.64 -57.80
C SER E 24 -0.24 -82.23 -57.18
N ARG E 25 0.00 -81.94 -55.90
CA ARG E 25 1.17 -82.47 -55.20
C ARG E 25 0.82 -82.98 -53.81
N GLU E 26 1.57 -83.98 -53.34
CA GLU E 26 1.38 -84.50 -51.99
C GLU E 26 1.65 -83.44 -50.90
N LEU E 27 0.84 -83.45 -49.85
CA LEU E 27 1.03 -82.56 -48.70
C LEU E 27 1.55 -83.31 -47.48
N GLY E 28 1.32 -84.64 -47.46
CA GLY E 28 1.86 -85.49 -46.41
C GLY E 28 0.91 -86.58 -45.99
N GLN E 29 1.27 -87.31 -44.95
CA GLN E 29 0.41 -88.39 -44.46
C GLN E 29 -0.81 -87.86 -43.73
N GLY E 30 -1.88 -88.63 -43.77
CA GLY E 30 -3.13 -88.28 -43.10
C GLY E 30 -3.67 -89.44 -42.30
N SER E 31 -4.43 -89.15 -41.27
CA SER E 31 -4.93 -90.19 -40.35
C SER E 31 -5.32 -91.50 -41.04
N PHE E 32 -6.07 -91.42 -42.13
CA PHE E 32 -6.60 -92.63 -42.77
C PHE E 32 -6.05 -92.81 -44.19
N GLY E 33 -5.10 -91.96 -44.57
CA GLY E 33 -4.58 -92.00 -45.92
C GLY E 33 -3.67 -90.82 -46.24
N MET E 34 -3.51 -90.56 -47.53
CA MET E 34 -2.55 -89.55 -47.99
C MET E 34 -3.22 -88.27 -48.48
N VAL E 35 -2.77 -87.14 -47.95
CA VAL E 35 -3.29 -85.82 -48.30
C VAL E 35 -2.56 -85.21 -49.50
N TYR E 36 -3.34 -84.64 -50.42
CA TYR E 36 -2.81 -83.93 -51.58
C TYR E 36 -3.30 -82.50 -51.58
N GLU E 37 -2.58 -81.64 -52.28
CA GLU E 37 -3.07 -80.30 -52.59
C GLU E 37 -3.65 -80.31 -54.00
N GLY E 38 -4.59 -79.43 -54.28
CA GLY E 38 -5.25 -79.47 -55.58
C GLY E 38 -6.38 -78.47 -55.74
N VAL E 39 -7.16 -78.68 -56.79
CA VAL E 39 -8.20 -77.74 -57.16
C VAL E 39 -9.54 -78.43 -57.30
N ALA E 40 -10.55 -77.81 -56.70
CA ALA E 40 -11.92 -78.32 -56.75
C ALA E 40 -12.78 -77.34 -57.54
N LYS E 41 -13.21 -77.78 -58.73
CA LYS E 41 -14.02 -76.94 -59.58
C LYS E 41 -15.47 -76.94 -59.13
N GLY E 42 -16.02 -75.73 -58.92
CA GLY E 42 -17.44 -75.53 -58.66
C GLY E 42 -17.95 -75.91 -57.29
N VAL E 43 -17.04 -76.16 -56.35
CA VAL E 43 -17.41 -76.65 -55.03
C VAL E 43 -17.85 -75.51 -54.11
N VAL E 44 -17.26 -74.35 -54.31
CA VAL E 44 -17.53 -73.17 -53.49
C VAL E 44 -18.43 -72.20 -54.23
N LYS E 45 -19.54 -71.84 -53.60
CA LYS E 45 -20.46 -70.83 -54.13
C LYS E 45 -19.70 -69.56 -54.48
N ASP E 46 -19.79 -69.15 -55.75
CA ASP E 46 -19.07 -67.98 -56.25
C ASP E 46 -17.73 -68.31 -56.89
N GLU E 47 -17.31 -69.55 -56.78
CA GLU E 47 -15.97 -69.91 -57.23
C GLU E 47 -15.97 -71.00 -58.28
N PRO E 48 -15.61 -70.63 -59.52
CA PRO E 48 -15.36 -71.59 -60.59
C PRO E 48 -14.37 -72.64 -60.10
N GLU E 49 -13.32 -72.16 -59.45
CA GLU E 49 -12.28 -73.01 -58.93
C GLU E 49 -11.98 -72.66 -57.47
N THR E 50 -11.57 -73.65 -56.69
CA THR E 50 -11.11 -73.42 -55.32
C THR E 50 -9.92 -74.29 -54.93
N ARG E 51 -9.04 -73.73 -54.12
CA ARG E 51 -7.90 -74.47 -53.63
C ARG E 51 -8.38 -75.32 -52.47
N VAL E 52 -8.08 -76.61 -52.54
CA VAL E 52 -8.55 -77.54 -51.52
C VAL E 52 -7.46 -78.54 -51.16
N ALA E 53 -7.58 -79.12 -49.96
CA ALA E 53 -6.83 -80.31 -49.60
C ALA E 53 -7.67 -81.51 -50.00
N ILE E 54 -7.04 -82.59 -50.45
CA ILE E 54 -7.77 -83.79 -50.81
C ILE E 54 -7.16 -85.02 -50.14
N LYS E 55 -7.95 -85.72 -49.34
CA LYS E 55 -7.46 -86.96 -48.77
C LYS E 55 -7.94 -88.17 -49.57
N THR E 56 -7.05 -89.15 -49.73
CA THR E 56 -7.36 -90.39 -50.45
C THR E 56 -7.35 -91.60 -49.52
N VAL E 57 -8.49 -92.30 -49.48
CA VAL E 57 -8.55 -93.55 -48.76
C VAL E 57 -8.41 -94.65 -49.80
N ASN E 58 -7.38 -95.47 -49.61
CA ASN E 58 -7.07 -96.53 -50.56
C ASN E 58 -7.94 -97.77 -50.36
N GLU E 59 -8.08 -98.57 -51.41
CA GLU E 59 -8.75 -99.85 -51.27
C GLU E 59 -8.17 -100.56 -50.06
N ALA E 60 -6.86 -100.44 -49.90
CA ALA E 60 -6.14 -101.04 -48.77
C ALA E 60 -6.49 -100.36 -47.45
N ALA E 61 -7.77 -100.39 -47.09
CA ALA E 61 -8.26 -99.78 -45.87
C ALA E 61 -9.53 -100.50 -45.46
N SER E 62 -9.44 -101.33 -44.43
CA SER E 62 -10.59 -102.11 -43.99
C SER E 62 -11.84 -101.23 -44.01
N MET E 63 -12.99 -101.88 -44.21
CA MET E 63 -14.27 -101.19 -44.19
C MET E 63 -14.48 -100.55 -42.82
N ARG E 64 -14.07 -101.25 -41.77
CA ARG E 64 -14.20 -100.69 -40.42
C ARG E 64 -13.52 -99.32 -40.43
N GLU E 65 -12.28 -99.28 -40.91
CA GLU E 65 -11.52 -98.04 -40.94
C GLU E 65 -12.21 -97.04 -41.86
N ARG E 66 -12.83 -97.53 -42.92
CA ARG E 66 -13.42 -96.63 -43.92
C ARG E 66 -14.75 -96.06 -43.45
N ILE E 67 -15.40 -96.75 -42.52
CA ILE E 67 -16.66 -96.28 -41.97
C ILE E 67 -16.43 -95.33 -40.81
N GLU E 68 -15.51 -95.68 -39.91
CA GLU E 68 -15.18 -94.76 -38.84
C GLU E 68 -14.72 -93.46 -39.48
N PHE E 69 -13.87 -93.59 -40.51
CA PHE E 69 -13.35 -92.43 -41.22
C PHE E 69 -14.46 -91.56 -41.78
N LEU E 70 -15.50 -92.21 -42.30
CA LEU E 70 -16.60 -91.51 -42.93
C LEU E 70 -17.51 -90.87 -41.89
N ASN E 71 -17.60 -91.48 -40.71
CA ASN E 71 -18.41 -90.96 -39.59
C ASN E 71 -17.71 -89.81 -38.88
N GLU E 72 -16.38 -89.80 -38.90
CA GLU E 72 -15.67 -88.68 -38.34
C GLU E 72 -16.07 -87.46 -39.16
N ALA E 73 -15.98 -87.60 -40.48
CA ALA E 73 -16.36 -86.54 -41.40
C ALA E 73 -17.81 -86.12 -41.22
N SER E 74 -18.66 -87.08 -40.85
CA SER E 74 -20.09 -86.82 -40.73
C SER E 74 -20.44 -85.77 -39.68
N VAL E 75 -19.51 -85.51 -38.75
CA VAL E 75 -19.74 -84.47 -37.76
C VAL E 75 -19.19 -83.12 -38.23
N MET E 76 -18.14 -83.16 -39.05
CA MET E 76 -17.60 -81.97 -39.70
C MET E 76 -18.73 -81.20 -40.35
N LYS E 77 -19.41 -81.89 -41.25
CA LYS E 77 -20.54 -81.36 -41.99
C LYS E 77 -21.33 -80.34 -41.20
N GLU E 78 -21.84 -80.77 -40.05
CA GLU E 78 -22.62 -79.91 -39.15
C GLU E 78 -22.00 -78.52 -38.96
N PHE E 79 -20.68 -78.45 -38.75
CA PHE E 79 -20.00 -77.18 -38.50
C PHE E 79 -19.82 -76.33 -39.75
N ASN E 80 -20.42 -75.16 -39.74
CA ASN E 80 -20.15 -74.17 -40.76
C ASN E 80 -19.78 -72.90 -40.02
N CYS E 81 -18.51 -72.82 -39.62
CA CYS E 81 -18.02 -71.62 -38.98
C CYS E 81 -16.81 -71.14 -39.73
N HIS E 82 -16.63 -69.82 -39.76
CA HIS E 82 -15.50 -69.21 -40.43
C HIS E 82 -14.18 -69.74 -39.86
N HIS E 83 -14.15 -69.99 -38.55
CA HIS E 83 -12.92 -70.39 -37.85
C HIS E 83 -12.84 -71.87 -37.55
N VAL E 84 -13.70 -72.65 -38.20
CA VAL E 84 -13.51 -74.09 -38.30
C VAL E 84 -13.10 -74.41 -39.74
N VAL E 85 -12.05 -75.22 -39.89
CA VAL E 85 -11.70 -75.72 -41.21
C VAL E 85 -12.92 -76.51 -41.70
N ARG E 86 -13.47 -76.12 -42.84
CA ARG E 86 -14.73 -76.72 -43.27
C ARG E 86 -14.53 -77.82 -44.30
N LEU E 87 -15.40 -78.82 -44.20
CA LEU E 87 -15.48 -79.87 -45.22
C LEU E 87 -16.27 -79.33 -46.41
N LEU E 88 -15.69 -79.47 -47.60
CA LEU E 88 -16.35 -78.96 -48.79
C LEU E 88 -17.13 -80.06 -49.51
N GLY E 89 -16.83 -81.30 -49.18
CA GLY E 89 -17.54 -82.45 -49.74
C GLY E 89 -16.64 -83.65 -50.03
N VAL E 90 -17.26 -84.77 -50.33
CA VAL E 90 -16.54 -86.02 -50.60
C VAL E 90 -16.99 -86.72 -51.90
N VAL E 91 -16.04 -87.26 -52.64
CA VAL E 91 -16.33 -88.01 -53.87
C VAL E 91 -16.38 -89.51 -53.55
N SER E 92 -17.58 -90.08 -53.57
CA SER E 92 -17.76 -91.44 -53.10
C SER E 92 -17.89 -92.50 -54.20
N GLN E 93 -18.38 -92.08 -55.37
CA GLN E 93 -18.40 -92.96 -56.54
C GLN E 93 -16.98 -92.99 -57.12
N GLY E 94 -16.24 -94.05 -56.83
CA GLY E 94 -14.83 -94.15 -57.24
C GLY E 94 -14.09 -95.21 -56.44
N GLN E 95 -12.81 -95.40 -56.74
CA GLN E 95 -12.05 -96.46 -56.09
C GLN E 95 -11.32 -95.97 -54.83
N PRO E 96 -10.62 -94.82 -54.92
CA PRO E 96 -10.12 -94.17 -53.70
C PRO E 96 -11.03 -93.03 -53.23
N THR E 97 -11.93 -93.30 -52.30
CA THR E 97 -12.78 -92.23 -51.77
C THR E 97 -12.00 -90.93 -51.60
N LEU E 98 -12.58 -89.83 -52.07
CA LEU E 98 -11.96 -88.51 -51.92
C LEU E 98 -12.67 -87.65 -50.89
N VAL E 99 -11.90 -87.07 -49.96
CA VAL E 99 -12.46 -86.09 -49.02
C VAL E 99 -11.89 -84.76 -49.39
N ILE E 100 -12.76 -83.78 -49.55
CA ILE E 100 -12.32 -82.45 -49.97
C ILE E 100 -12.48 -81.41 -48.86
N MET E 101 -11.34 -80.99 -48.32
CA MET E 101 -11.31 -80.04 -47.22
C MET E 101 -10.79 -78.70 -47.68
N GLU E 102 -11.25 -77.64 -47.02
CA GLU E 102 -10.73 -76.31 -47.26
C GLU E 102 -9.22 -76.32 -47.08
N LEU E 103 -8.50 -75.70 -48.00
CA LEU E 103 -7.04 -75.67 -47.92
C LEU E 103 -6.53 -74.63 -46.90
N MET E 104 -5.70 -75.10 -45.96
CA MET E 104 -4.97 -74.21 -45.06
C MET E 104 -3.49 -74.16 -45.47
N THR E 105 -3.15 -73.20 -46.32
CA THR E 105 -1.84 -73.13 -46.95
C THR E 105 -0.67 -73.23 -45.98
N ARG E 106 -0.80 -72.64 -44.79
CA ARG E 106 0.35 -72.50 -43.89
C ARG E 106 0.52 -73.65 -42.89
N GLY E 107 -0.20 -74.75 -43.11
CA GLY E 107 -0.09 -75.91 -42.24
C GLY E 107 -0.61 -75.67 -40.84
N ASP E 108 -0.11 -76.46 -39.88
CA ASP E 108 -0.66 -76.46 -38.54
C ASP E 108 -0.06 -75.37 -37.67
N LEU E 109 -0.83 -74.93 -36.69
CA LEU E 109 -0.43 -73.80 -35.86
C LEU E 109 0.86 -74.08 -35.08
N LYS E 110 1.10 -75.35 -34.80
CA LYS E 110 2.27 -75.69 -33.98
C LYS E 110 3.55 -75.44 -34.74
N SER E 111 3.63 -76.01 -35.94
CA SER E 111 4.84 -75.88 -36.73
C SER E 111 4.98 -74.45 -37.25
N TYR E 112 3.87 -73.79 -37.56
CA TYR E 112 3.93 -72.39 -37.96
C TYR E 112 4.58 -71.59 -36.85
N LEU E 113 4.16 -71.85 -35.62
CA LEU E 113 4.73 -71.17 -34.49
C LEU E 113 6.22 -71.45 -34.36
N ARG E 114 6.64 -72.61 -34.84
CA ARG E 114 8.03 -72.99 -34.71
C ARG E 114 8.89 -72.38 -35.81
N SER E 115 8.26 -72.08 -36.93
CA SER E 115 8.97 -71.47 -38.03
C SER E 115 9.28 -70.01 -37.69
N LEU E 116 8.71 -69.54 -36.58
CA LEU E 116 8.92 -68.16 -36.17
C LEU E 116 10.14 -68.04 -35.26
N ARG E 117 10.82 -69.15 -35.00
CA ARG E 117 11.97 -69.09 -34.11
C ARG E 117 13.31 -69.07 -34.83
N PRO E 118 14.33 -68.47 -34.19
CA PRO E 118 15.54 -67.97 -34.84
C PRO E 118 16.41 -68.99 -35.58
N GLU E 119 16.77 -70.12 -34.94
CA GLU E 119 17.73 -71.01 -35.57
C GLU E 119 17.47 -72.48 -35.29
N PRO E 124 19.15 -68.33 -28.28
CA PRO E 124 18.71 -68.22 -26.88
C PRO E 124 17.58 -67.20 -26.67
N VAL E 125 17.68 -66.04 -27.33
CA VAL E 125 16.65 -64.99 -27.21
C VAL E 125 15.52 -65.09 -28.26
N LEU E 126 14.35 -65.56 -27.81
CA LEU E 126 13.18 -65.68 -28.69
C LEU E 126 12.16 -64.62 -28.29
N ALA E 127 11.54 -63.98 -29.27
CA ALA E 127 10.47 -63.02 -28.98
C ALA E 127 9.24 -63.53 -29.70
N PRO E 128 8.07 -63.34 -29.11
CA PRO E 128 6.82 -63.85 -29.68
C PRO E 128 6.21 -62.89 -30.71
N PRO E 129 5.13 -63.32 -31.36
CA PRO E 129 4.37 -62.42 -32.25
C PRO E 129 3.88 -61.19 -31.48
N SER E 130 3.54 -60.13 -32.19
CA SER E 130 3.01 -58.92 -31.56
C SER E 130 1.76 -59.26 -30.80
N LEU E 131 1.51 -58.58 -29.67
CA LEU E 131 0.30 -58.82 -28.89
C LEU E 131 -0.90 -58.85 -29.82
N SER E 132 -0.95 -57.89 -30.74
CA SER E 132 -2.03 -57.84 -31.70
C SER E 132 -2.13 -59.15 -32.48
N LYS E 133 -1.03 -59.59 -33.08
CA LYS E 133 -1.03 -60.86 -33.84
C LYS E 133 -1.55 -61.99 -32.98
N MET E 134 -1.09 -62.05 -31.74
CA MET E 134 -1.50 -63.11 -30.84
C MET E 134 -2.97 -63.01 -30.50
N ILE E 135 -3.47 -61.80 -30.27
CA ILE E 135 -4.87 -61.62 -29.92
C ILE E 135 -5.75 -62.08 -31.06
N GLN E 136 -5.38 -61.69 -32.26
CA GLN E 136 -6.08 -62.16 -33.45
C GLN E 136 -6.25 -63.66 -33.36
N MET E 137 -5.13 -64.37 -33.28
CA MET E 137 -5.12 -65.83 -33.16
C MET E 137 -5.98 -66.30 -32.00
N ALA E 138 -5.73 -65.77 -30.80
CA ALA E 138 -6.56 -66.16 -29.66
C ALA E 138 -8.05 -66.04 -30.00
N GLY E 139 -8.47 -64.87 -30.48
CA GLY E 139 -9.87 -64.61 -30.73
C GLY E 139 -10.45 -65.47 -31.82
N GLU E 140 -9.64 -65.81 -32.80
CA GLU E 140 -10.13 -66.63 -33.91
C GLU E 140 -10.34 -68.07 -33.43
N ILE E 141 -9.37 -68.57 -32.68
CA ILE E 141 -9.49 -69.88 -32.04
C ILE E 141 -10.69 -69.92 -31.09
N ALA E 142 -10.85 -68.87 -30.30
CA ALA E 142 -11.91 -68.84 -29.28
C ALA E 142 -13.25 -68.86 -29.96
N ASP E 143 -13.34 -68.20 -31.10
CA ASP E 143 -14.59 -68.11 -31.84
C ASP E 143 -15.02 -69.47 -32.34
N GLY E 144 -14.10 -70.16 -33.02
CA GLY E 144 -14.36 -71.52 -33.42
C GLY E 144 -14.87 -72.34 -32.24
N MET E 145 -14.16 -72.28 -31.12
CA MET E 145 -14.54 -73.10 -29.96
C MET E 145 -15.90 -72.69 -29.41
N ALA E 146 -16.21 -71.39 -29.49
CA ALA E 146 -17.50 -70.89 -29.05
C ALA E 146 -18.60 -71.50 -29.91
N TYR E 147 -18.30 -71.65 -31.19
CA TYR E 147 -19.23 -72.27 -32.12
C TYR E 147 -19.39 -73.73 -31.75
N LEU E 148 -18.27 -74.42 -31.58
CA LEU E 148 -18.29 -75.79 -31.08
C LEU E 148 -19.19 -75.99 -29.87
N ASN E 149 -18.96 -75.21 -28.81
CA ASN E 149 -19.70 -75.43 -27.56
C ASN E 149 -21.16 -75.08 -27.72
N ALA E 150 -21.43 -74.14 -28.61
CA ALA E 150 -22.80 -73.69 -28.84
C ALA E 150 -23.61 -74.82 -29.48
N ASN E 151 -22.96 -75.60 -30.34
CA ASN E 151 -23.54 -76.82 -30.90
C ASN E 151 -23.36 -78.02 -29.96
N LYS E 152 -23.01 -77.74 -28.71
CA LYS E 152 -22.96 -78.77 -27.66
C LYS E 152 -21.93 -79.86 -27.93
N PHE E 153 -20.72 -79.45 -28.29
CA PHE E 153 -19.63 -80.40 -28.47
C PHE E 153 -18.46 -80.06 -27.57
N VAL E 154 -17.68 -81.09 -27.23
CA VAL E 154 -16.46 -80.92 -26.46
C VAL E 154 -15.33 -81.39 -27.34
N HIS E 155 -14.36 -80.50 -27.57
CA HIS E 155 -13.24 -80.79 -28.44
C HIS E 155 -12.32 -81.85 -27.82
N ARG E 156 -12.09 -81.71 -26.53
CA ARG E 156 -11.22 -82.62 -25.77
C ARG E 156 -9.75 -82.49 -26.15
N ASP E 157 -9.48 -82.02 -27.36
CA ASP E 157 -8.15 -82.14 -27.93
C ASP E 157 -7.53 -80.81 -28.37
N LEU E 158 -8.02 -79.69 -27.85
CA LEU E 158 -7.55 -78.37 -28.27
C LEU E 158 -6.10 -78.14 -27.97
N ALA E 159 -5.30 -78.04 -29.04
CA ALA E 159 -3.86 -77.85 -28.97
C ALA E 159 -3.39 -77.22 -30.27
N ALA E 160 -2.30 -76.47 -30.23
CA ALA E 160 -1.82 -75.74 -31.39
C ALA E 160 -1.69 -76.65 -32.62
N ARG E 161 -1.22 -77.86 -32.39
CA ARG E 161 -0.99 -78.81 -33.47
C ARG E 161 -2.26 -79.21 -34.19
N ASN E 162 -3.41 -78.86 -33.60
CA ASN E 162 -4.72 -79.19 -34.13
C ASN E 162 -5.38 -78.00 -34.83
N CYS E 163 -4.82 -76.81 -34.62
CA CYS E 163 -5.23 -75.63 -35.36
C CYS E 163 -4.50 -75.50 -36.71
N MET E 164 -5.16 -74.92 -37.69
CA MET E 164 -4.56 -74.66 -39.00
C MET E 164 -4.45 -73.17 -39.22
N VAL E 165 -3.49 -72.75 -40.03
CA VAL E 165 -3.35 -71.35 -40.43
C VAL E 165 -3.58 -71.21 -41.93
N ALA E 166 -4.42 -70.24 -42.32
CA ALA E 166 -4.72 -70.01 -43.74
C ALA E 166 -3.66 -69.07 -44.38
N GLU E 167 -3.71 -68.94 -45.71
CA GLU E 167 -2.78 -68.06 -46.42
C GLU E 167 -2.78 -66.64 -45.85
N ASP E 168 -3.94 -66.15 -45.44
CA ASP E 168 -4.00 -64.82 -44.84
C ASP E 168 -3.76 -64.83 -43.32
N PHE E 169 -3.24 -65.96 -42.82
CA PHE E 169 -2.79 -66.08 -41.43
C PHE E 169 -3.93 -66.28 -40.44
N THR E 170 -5.11 -66.58 -40.96
CA THR E 170 -6.25 -66.83 -40.12
C THR E 170 -6.08 -68.20 -39.51
N VAL E 171 -6.37 -68.30 -38.22
CA VAL E 171 -6.26 -69.57 -37.53
C VAL E 171 -7.64 -70.22 -37.38
N LYS E 172 -7.72 -71.53 -37.58
CA LYS E 172 -9.00 -72.24 -37.52
C LYS E 172 -8.88 -73.56 -36.77
N ILE E 173 -9.92 -73.92 -36.01
CA ILE E 173 -9.93 -75.21 -35.34
C ILE E 173 -10.09 -76.27 -36.42
N GLY E 174 -9.41 -77.40 -36.26
CA GLY E 174 -9.33 -78.30 -37.38
C GLY E 174 -9.54 -79.79 -37.16
N ASP E 175 -9.21 -80.29 -35.99
CA ASP E 175 -9.17 -81.74 -35.86
C ASP E 175 -10.17 -82.24 -34.83
N PHE E 176 -11.08 -83.10 -35.28
CA PHE E 176 -12.25 -83.44 -34.49
C PHE E 176 -12.43 -84.90 -34.18
N GLY E 177 -11.43 -85.71 -34.48
CA GLY E 177 -11.53 -87.13 -34.20
C GLY E 177 -11.79 -87.44 -32.74
N MET E 178 -11.53 -86.46 -31.86
CA MET E 178 -11.58 -86.77 -30.43
C MET E 178 -12.72 -86.06 -29.70
N THR E 179 -13.52 -85.30 -30.44
CA THR E 179 -14.59 -84.52 -29.82
C THR E 179 -15.92 -85.28 -29.64
N ARG E 180 -16.69 -84.91 -28.62
CA ARG E 180 -17.87 -85.67 -28.27
C ARG E 180 -19.13 -84.80 -28.15
N ASP E 181 -20.27 -85.39 -28.50
CA ASP E 181 -21.56 -84.73 -28.42
C ASP E 181 -21.97 -84.71 -26.96
N ILE E 182 -22.51 -83.57 -26.50
CA ILE E 182 -22.86 -83.42 -25.09
C ILE E 182 -24.24 -82.77 -24.87
N PTR E 183 -25.14 -82.90 -25.84
CA PTR E 183 -26.54 -82.50 -25.64
C PTR E 183 -27.06 -83.35 -24.48
O PTR E 183 -26.97 -84.57 -24.53
CB PTR E 183 -27.35 -82.73 -26.92
CG PTR E 183 -28.79 -82.20 -26.96
CD1 PTR E 183 -29.76 -82.82 -27.76
CD2 PTR E 183 -29.18 -81.09 -26.21
CE1 PTR E 183 -31.08 -82.34 -27.81
CE2 PTR E 183 -30.50 -80.62 -26.25
CZ PTR E 183 -31.45 -81.25 -27.05
OH PTR E 183 -32.75 -80.79 -27.11
N GLU E 184 -27.55 -82.70 -23.44
CA GLU E 184 -28.08 -83.45 -22.27
C GLU E 184 -27.00 -84.30 -21.62
N THR E 185 -26.44 -83.77 -20.53
CA THR E 185 -25.31 -84.33 -19.76
C THR E 185 -24.37 -83.17 -19.52
N ASP E 186 -23.96 -82.53 -20.62
CA ASP E 186 -23.02 -81.42 -20.58
C ASP E 186 -21.64 -81.85 -20.08
N PTR E 187 -21.30 -83.11 -20.33
CA PTR E 187 -20.00 -83.64 -19.97
C PTR E 187 -19.80 -85.01 -20.58
O PTR E 187 -20.75 -85.76 -20.78
CB PTR E 187 -19.78 -83.77 -18.45
CG PTR E 187 -20.48 -84.96 -17.85
CD1 PTR E 187 -21.88 -85.05 -17.85
CD2 PTR E 187 -19.77 -86.00 -17.28
CE1 PTR E 187 -22.52 -86.14 -17.30
CE2 PTR E 187 -20.40 -87.10 -16.74
CZ PTR E 187 -21.78 -87.16 -16.75
OH PTR E 187 -22.38 -88.13 -16.28
P PTR E 187 -21.88 -88.88 -14.93
O1P PTR E 187 -21.19 -90.09 -15.42
O2P PTR E 187 -20.91 -88.01 -14.08
O3P PTR E 187 -23.08 -89.23 -14.03
N PTR E 188 -18.54 -85.33 -20.88
CA PTR E 188 -18.19 -86.64 -21.40
C PTR E 188 -17.22 -87.27 -20.42
O PTR E 188 -16.27 -86.64 -19.95
CB PTR E 188 -17.58 -86.56 -22.80
CG PTR E 188 -16.84 -87.81 -23.25
CD1 PTR E 188 -17.37 -88.65 -24.23
CD2 PTR E 188 -15.58 -88.13 -22.75
CE1 PTR E 188 -16.70 -89.78 -24.64
CE2 PTR E 188 -14.90 -89.25 -23.16
CZ PTR E 188 -15.46 -90.08 -24.12
OH PTR E 188 -14.82 -91.08 -24.47
P PTR E 188 -15.45 -92.33 -25.30
O1P PTR E 188 -14.36 -93.26 -25.70
O2P PTR E 188 -16.17 -91.80 -26.56
O3P PTR E 188 -16.44 -93.11 -24.41
N ARG E 189 -17.47 -88.54 -20.10
CA ARG E 189 -16.59 -89.24 -19.20
C ARG E 189 -15.92 -90.41 -19.91
N LYS E 190 -14.61 -90.54 -19.68
CA LYS E 190 -13.80 -91.51 -20.38
C LYS E 190 -13.71 -92.81 -19.60
N GLY E 191 -14.21 -93.88 -20.22
CA GLY E 191 -14.32 -95.16 -19.55
C GLY E 191 -12.98 -95.86 -19.33
N GLY E 192 -12.26 -96.10 -20.41
CA GLY E 192 -11.07 -96.94 -20.31
C GLY E 192 -9.80 -96.14 -20.43
N LYS E 193 -8.86 -96.71 -21.19
CA LYS E 193 -7.62 -96.02 -21.54
C LYS E 193 -7.85 -94.84 -22.44
N GLY E 194 -7.04 -93.81 -22.22
CA GLY E 194 -7.10 -92.62 -23.02
C GLY E 194 -5.69 -92.24 -23.37
N LEU E 195 -5.54 -91.66 -24.56
CA LEU E 195 -4.24 -91.35 -25.08
C LEU E 195 -4.08 -89.86 -25.31
N LEU E 196 -5.04 -89.06 -24.89
CA LEU E 196 -4.86 -87.61 -24.96
C LEU E 196 -3.58 -87.24 -24.23
N PRO E 197 -2.81 -86.32 -24.83
CA PRO E 197 -1.58 -85.85 -24.18
C PRO E 197 -1.94 -85.11 -22.89
N VAL E 198 -1.26 -85.48 -21.82
CA VAL E 198 -1.60 -85.01 -20.48
C VAL E 198 -1.31 -83.51 -20.26
N ARG E 199 -0.30 -82.98 -20.90
CA ARG E 199 0.05 -81.59 -20.66
C ARG E 199 -1.03 -80.61 -21.09
N TRP E 200 -2.03 -81.10 -21.82
CA TRP E 200 -3.11 -80.22 -22.25
C TRP E 200 -4.42 -80.49 -21.51
N MET E 201 -4.40 -81.45 -20.59
CA MET E 201 -5.60 -81.87 -19.88
C MET E 201 -5.83 -81.06 -18.62
N SER E 202 -7.09 -80.77 -18.34
CA SER E 202 -7.46 -80.05 -17.14
C SER E 202 -7.29 -80.92 -15.92
N PRO E 203 -7.11 -80.31 -14.75
CA PRO E 203 -7.00 -81.03 -13.48
C PRO E 203 -8.11 -82.05 -13.29
N GLU E 204 -9.36 -81.63 -13.47
CA GLU E 204 -10.49 -82.53 -13.31
C GLU E 204 -10.51 -83.64 -14.36
N SER E 205 -9.92 -83.37 -15.52
CA SER E 205 -9.88 -84.36 -16.58
C SER E 205 -8.89 -85.46 -16.24
N LEU E 206 -7.75 -85.06 -15.67
CA LEU E 206 -6.73 -86.01 -15.25
C LEU E 206 -7.26 -86.82 -14.09
N LYS E 207 -8.11 -86.19 -13.30
CA LYS E 207 -8.58 -86.79 -12.05
C LYS E 207 -9.75 -87.78 -12.22
N ASP E 208 -10.73 -87.48 -13.07
CA ASP E 208 -11.93 -88.32 -13.21
C ASP E 208 -12.21 -88.81 -14.62
N GLY E 209 -11.57 -88.18 -15.59
CA GLY E 209 -11.77 -88.51 -16.99
C GLY E 209 -13.00 -87.81 -17.52
N VAL E 210 -13.31 -86.67 -16.92
CA VAL E 210 -14.52 -85.96 -17.27
C VAL E 210 -14.16 -84.74 -18.09
N PHE E 211 -14.81 -84.63 -19.24
CA PHE E 211 -14.56 -83.52 -20.16
C PHE E 211 -15.77 -82.63 -20.31
N THR E 212 -15.57 -81.33 -20.13
CA THR E 212 -16.64 -80.35 -20.29
C THR E 212 -16.18 -79.18 -21.13
N THR E 213 -17.07 -78.23 -21.40
CA THR E 213 -16.64 -77.03 -22.11
C THR E 213 -15.59 -76.34 -21.24
N TYR E 214 -15.62 -76.61 -19.94
CA TYR E 214 -14.71 -75.95 -19.02
C TYR E 214 -13.28 -76.42 -19.23
N SER E 215 -13.15 -77.71 -19.55
CA SER E 215 -11.84 -78.30 -19.78
C SER E 215 -11.31 -77.88 -21.16
N ASP E 216 -12.21 -77.67 -22.11
CA ASP E 216 -11.80 -77.14 -23.41
C ASP E 216 -11.18 -75.76 -23.22
N VAL E 217 -11.75 -74.97 -22.32
CA VAL E 217 -11.24 -73.64 -22.01
C VAL E 217 -9.86 -73.75 -21.41
N TRP E 218 -9.69 -74.69 -20.47
CA TRP E 218 -8.37 -74.96 -19.92
C TRP E 218 -7.39 -75.18 -21.06
N SER E 219 -7.71 -76.08 -21.96
CA SER E 219 -6.82 -76.34 -23.08
C SER E 219 -6.52 -75.06 -23.84
N PHE E 220 -7.53 -74.20 -23.98
CA PHE E 220 -7.34 -72.92 -24.65
C PHE E 220 -6.18 -72.17 -24.02
N GLY E 221 -6.09 -72.23 -22.69
CA GLY E 221 -5.07 -71.51 -21.97
C GLY E 221 -3.72 -72.02 -22.42
N VAL E 222 -3.62 -73.35 -22.51
CA VAL E 222 -2.36 -73.96 -22.89
C VAL E 222 -1.93 -73.52 -24.28
N VAL E 223 -2.87 -73.35 -25.20
CA VAL E 223 -2.45 -72.94 -26.54
C VAL E 223 -2.07 -71.48 -26.58
N LEU E 224 -2.66 -70.69 -25.68
CA LEU E 224 -2.22 -69.31 -25.54
C LEU E 224 -0.77 -69.35 -25.14
N TRP E 225 -0.50 -70.06 -24.05
CA TRP E 225 0.86 -70.33 -23.61
C TRP E 225 1.71 -70.82 -24.80
N GLU E 226 1.17 -71.75 -25.58
CA GLU E 226 1.89 -72.27 -26.73
C GLU E 226 2.25 -71.16 -27.72
N ILE E 227 1.29 -70.30 -28.02
CA ILE E 227 1.56 -69.20 -28.93
C ILE E 227 2.65 -68.34 -28.33
N ALA E 228 2.52 -68.03 -27.04
CA ALA E 228 3.43 -67.08 -26.42
C ALA E 228 4.88 -67.56 -26.32
N THR E 229 5.11 -68.86 -26.53
CA THR E 229 6.45 -69.42 -26.40
C THR E 229 6.90 -70.03 -27.71
N LEU E 230 6.19 -69.69 -28.77
CA LEU E 230 6.50 -70.24 -30.08
C LEU E 230 6.64 -71.75 -29.97
N ALA E 231 5.60 -72.38 -29.42
CA ALA E 231 5.42 -73.82 -29.43
C ALA E 231 6.44 -74.58 -28.61
N GLU E 232 6.61 -74.17 -27.36
CA GLU E 232 7.44 -74.91 -26.41
C GLU E 232 6.58 -75.99 -25.77
N GLN E 233 7.22 -77.05 -25.29
CA GLN E 233 6.48 -78.12 -24.63
C GLN E 233 6.06 -77.64 -23.25
N PRO E 234 4.76 -77.72 -22.97
CA PRO E 234 4.22 -77.33 -21.65
C PRO E 234 4.85 -78.19 -20.54
N TYR E 235 5.17 -77.55 -19.42
CA TYR E 235 5.84 -78.21 -18.29
C TYR E 235 7.11 -78.99 -18.68
N GLN E 236 7.87 -78.43 -19.62
CA GLN E 236 9.18 -78.99 -19.96
C GLN E 236 10.00 -79.15 -18.69
N GLY E 237 10.67 -80.29 -18.56
CA GLY E 237 11.38 -80.61 -17.34
C GLY E 237 10.59 -81.47 -16.37
N LEU E 238 9.31 -81.68 -16.66
CA LEU E 238 8.51 -82.59 -15.86
C LEU E 238 8.08 -83.75 -16.72
N SER E 239 8.05 -84.93 -16.14
CA SER E 239 7.68 -86.11 -16.89
C SER E 239 6.19 -86.15 -16.91
N ASN E 240 5.61 -86.81 -17.90
CA ASN E 240 4.18 -87.01 -17.90
C ASN E 240 3.78 -87.42 -16.50
N GLU E 241 4.61 -88.26 -15.88
CA GLU E 241 4.35 -88.73 -14.52
C GLU E 241 4.31 -87.60 -13.50
N GLN E 242 5.19 -86.63 -13.65
CA GLN E 242 5.23 -85.47 -12.75
C GLN E 242 4.11 -84.48 -13.05
N VAL E 243 4.06 -84.03 -14.30
CA VAL E 243 3.02 -83.12 -14.76
C VAL E 243 1.68 -83.50 -14.18
N LEU E 244 1.31 -84.76 -14.39
CA LEU E 244 0.06 -85.31 -13.89
C LEU E 244 -0.16 -84.79 -12.48
N ARG E 245 0.74 -85.14 -11.58
CA ARG E 245 0.57 -84.82 -10.18
C ARG E 245 0.59 -83.31 -9.98
N PHE E 246 1.58 -82.65 -10.58
CA PHE E 246 1.77 -81.22 -10.41
C PHE E 246 0.50 -80.43 -10.76
N VAL E 247 -0.11 -80.76 -11.89
CA VAL E 247 -1.29 -80.03 -12.31
C VAL E 247 -2.48 -80.32 -11.42
N MET E 248 -2.66 -81.57 -11.04
CA MET E 248 -3.80 -81.97 -10.22
C MET E 248 -3.79 -81.25 -8.87
N GLU E 249 -2.60 -81.06 -8.29
CA GLU E 249 -2.48 -80.38 -7.00
C GLU E 249 -2.57 -78.86 -7.08
N GLY E 250 -2.74 -78.32 -8.28
CA GLY E 250 -2.90 -76.88 -8.44
C GLY E 250 -1.77 -76.14 -9.11
N GLY E 251 -0.84 -76.89 -9.72
CA GLY E 251 0.27 -76.30 -10.45
C GLY E 251 -0.14 -75.46 -11.65
N LEU E 252 0.75 -74.56 -12.06
CA LEU E 252 0.48 -73.71 -13.22
C LEU E 252 1.74 -73.52 -14.07
N LEU E 253 1.55 -73.39 -15.37
CA LEU E 253 2.64 -73.03 -16.27
C LEU E 253 3.16 -71.63 -15.91
N ASP E 254 4.49 -71.47 -15.95
CA ASP E 254 5.14 -70.20 -15.65
C ASP E 254 4.86 -69.19 -16.74
N LYS E 255 4.71 -67.94 -16.36
CA LYS E 255 4.54 -66.88 -17.34
C LYS E 255 5.76 -66.83 -18.26
N PRO E 256 5.52 -66.92 -19.58
CA PRO E 256 6.59 -66.94 -20.58
C PRO E 256 7.49 -65.72 -20.49
N ASP E 257 8.79 -65.93 -20.65
CA ASP E 257 9.73 -64.84 -20.77
C ASP E 257 9.40 -64.06 -22.01
N ASN E 258 9.17 -62.75 -21.84
CA ASN E 258 8.79 -61.88 -22.92
C ASN E 258 7.28 -61.89 -23.17
N CYS E 259 6.51 -62.40 -22.22
CA CYS E 259 5.07 -62.48 -22.44
C CYS E 259 4.33 -61.25 -21.90
N PRO E 260 3.60 -60.56 -22.78
CA PRO E 260 2.74 -59.45 -22.35
C PRO E 260 1.88 -59.86 -21.18
N ASP E 261 1.79 -59.02 -20.16
CA ASP E 261 1.04 -59.37 -18.96
C ASP E 261 -0.38 -59.76 -19.27
N MET E 262 -1.01 -58.99 -20.16
CA MET E 262 -2.40 -59.22 -20.50
C MET E 262 -2.71 -60.65 -20.97
N LEU E 263 -1.89 -61.18 -21.87
CA LEU E 263 -2.11 -62.54 -22.36
C LEU E 263 -1.94 -63.58 -21.26
N PHE E 264 -0.93 -63.40 -20.41
CA PHE E 264 -0.75 -64.31 -19.29
C PHE E 264 -1.85 -64.14 -18.25
N GLU E 265 -2.52 -62.99 -18.27
CA GLU E 265 -3.64 -62.80 -17.38
C GLU E 265 -4.80 -63.68 -17.82
N LEU E 266 -5.03 -63.72 -19.13
CA LEU E 266 -6.04 -64.59 -19.71
C LEU E 266 -5.80 -66.05 -19.33
N MET E 267 -4.60 -66.54 -19.64
CA MET E 267 -4.23 -67.91 -19.33
C MET E 267 -4.56 -68.25 -17.87
N ARG E 268 -4.29 -67.33 -16.96
CA ARG E 268 -4.48 -67.59 -15.53
C ARG E 268 -5.94 -67.76 -15.19
N MET E 269 -6.80 -67.05 -15.92
CA MET E 269 -8.26 -67.18 -15.79
C MET E 269 -8.74 -68.52 -16.35
N CYS E 270 -8.20 -68.91 -17.52
CA CYS E 270 -8.51 -70.19 -18.12
C CYS E 270 -8.04 -71.39 -17.28
N TRP E 271 -7.12 -71.14 -16.34
CA TRP E 271 -6.57 -72.23 -15.53
C TRP E 271 -7.12 -72.26 -14.11
N GLN E 272 -8.18 -71.49 -13.87
CA GLN E 272 -8.86 -71.53 -12.59
C GLN E 272 -9.08 -73.00 -12.20
N TYR E 273 -8.65 -73.37 -10.99
CA TYR E 273 -8.78 -74.76 -10.56
C TYR E 273 -10.23 -75.23 -10.64
N ASN E 274 -11.13 -74.42 -10.09
CA ASN E 274 -12.57 -74.68 -10.19
C ASN E 274 -13.06 -74.40 -11.60
N PRO E 275 -13.37 -75.47 -12.37
CA PRO E 275 -13.85 -75.38 -13.77
C PRO E 275 -14.92 -74.30 -13.93
N LYS E 276 -15.82 -74.19 -12.97
CA LYS E 276 -16.94 -73.26 -13.04
C LYS E 276 -16.50 -71.81 -12.91
N MET E 277 -15.23 -71.61 -12.57
CA MET E 277 -14.64 -70.27 -12.41
C MET E 277 -13.86 -69.78 -13.65
N ARG E 278 -13.76 -70.61 -14.68
CA ARG E 278 -13.08 -70.22 -15.92
C ARG E 278 -14.04 -69.50 -16.89
N PRO E 279 -13.50 -68.59 -17.71
CA PRO E 279 -14.36 -67.83 -18.60
C PRO E 279 -14.92 -68.75 -19.66
N SER E 280 -16.03 -68.35 -20.27
CA SER E 280 -16.55 -69.06 -21.43
C SER E 280 -15.79 -68.57 -22.66
N PHE E 281 -15.89 -69.26 -23.80
CA PHE E 281 -15.27 -68.72 -25.00
C PHE E 281 -15.91 -67.41 -25.44
N LEU E 282 -17.19 -67.25 -25.16
CA LEU E 282 -17.86 -65.99 -25.47
C LEU E 282 -17.27 -64.83 -24.67
N GLU E 283 -17.13 -65.01 -23.36
CA GLU E 283 -16.54 -63.98 -22.50
C GLU E 283 -15.13 -63.59 -22.93
N ILE E 284 -14.31 -64.60 -23.25
CA ILE E 284 -12.97 -64.35 -23.76
C ILE E 284 -13.04 -63.46 -24.97
N ILE E 285 -13.87 -63.82 -25.94
CA ILE E 285 -13.97 -63.01 -27.15
C ILE E 285 -14.50 -61.63 -26.82
N SER E 286 -15.36 -61.55 -25.82
CA SER E 286 -16.00 -60.28 -25.51
C SER E 286 -14.96 -59.31 -24.95
N SER E 287 -13.88 -59.88 -24.42
CA SER E 287 -12.84 -59.11 -23.76
C SER E 287 -11.80 -58.55 -24.73
N ILE E 288 -11.58 -59.25 -25.83
CA ILE E 288 -10.59 -58.78 -26.79
C ILE E 288 -11.21 -58.42 -28.13
N LYS E 289 -12.55 -58.40 -28.18
CA LYS E 289 -13.25 -58.17 -29.45
C LYS E 289 -12.86 -56.83 -30.06
N GLU E 290 -12.65 -55.85 -29.20
CA GLU E 290 -12.34 -54.51 -29.63
C GLU E 290 -10.97 -54.43 -30.33
N GLU E 291 -10.11 -55.43 -30.08
CA GLU E 291 -8.77 -55.47 -30.67
C GLU E 291 -8.59 -56.51 -31.77
N MET E 292 -9.67 -56.81 -32.50
CA MET E 292 -9.61 -57.79 -33.59
C MET E 292 -9.65 -57.06 -34.93
N GLU E 293 -8.91 -57.57 -35.90
CA GLU E 293 -8.96 -57.02 -37.25
C GLU E 293 -10.42 -56.77 -37.66
N PRO E 294 -10.66 -55.73 -38.45
CA PRO E 294 -12.00 -55.30 -38.89
C PRO E 294 -12.85 -56.44 -39.51
N GLY E 295 -12.20 -57.33 -40.25
CA GLY E 295 -12.90 -58.46 -40.85
C GLY E 295 -13.84 -59.19 -39.89
N PHE E 296 -13.35 -59.46 -38.67
CA PHE E 296 -14.07 -60.25 -37.65
C PHE E 296 -15.59 -60.13 -37.67
N ARG E 297 -16.10 -58.94 -37.38
CA ARG E 297 -17.54 -58.76 -37.22
C ARG E 297 -18.40 -59.43 -38.29
N GLU E 298 -17.90 -59.47 -39.52
CA GLU E 298 -18.69 -59.98 -40.64
C GLU E 298 -18.44 -61.46 -40.95
N VAL E 299 -17.53 -62.08 -40.22
CA VAL E 299 -17.22 -63.49 -40.46
C VAL E 299 -17.30 -64.34 -39.20
N SER E 300 -17.30 -63.69 -38.05
CA SER E 300 -17.25 -64.40 -36.77
C SER E 300 -18.61 -64.96 -36.34
N PHE E 301 -18.55 -66.08 -35.62
CA PHE E 301 -19.71 -66.64 -35.00
C PHE E 301 -20.19 -65.73 -33.84
N TYR E 302 -19.26 -65.01 -33.24
CA TYR E 302 -19.59 -64.18 -32.10
C TYR E 302 -20.61 -63.09 -32.48
N TYR E 303 -20.45 -62.52 -33.66
CA TYR E 303 -21.28 -61.42 -34.12
C TYR E 303 -22.40 -61.93 -35.04
N SER E 304 -22.52 -63.24 -35.17
CA SER E 304 -23.49 -63.82 -36.10
C SER E 304 -24.90 -63.94 -35.49
N GLU E 305 -25.84 -64.33 -36.35
CA GLU E 305 -27.25 -64.46 -35.97
C GLU E 305 -27.43 -65.56 -34.95
N GLU E 306 -26.89 -66.73 -35.27
CA GLU E 306 -26.98 -67.90 -34.40
C GLU E 306 -26.62 -67.56 -32.97
N ASN E 307 -25.69 -66.63 -32.79
CA ASN E 307 -25.19 -66.28 -31.46
C ASN E 307 -25.98 -65.16 -30.78
N SER F 2 -5.07 -51.72 -16.83
CA SER F 2 -4.52 -52.97 -17.35
C SER F 2 -5.61 -54.03 -17.40
N PHE F 3 -5.27 -55.16 -18.02
CA PHE F 3 -6.17 -56.30 -18.12
C PHE F 3 -6.28 -56.95 -16.75
N SER F 4 -7.51 -57.23 -16.33
CA SER F 4 -7.74 -57.91 -15.06
C SER F 4 -8.96 -58.81 -15.23
N ALA F 5 -9.25 -59.62 -14.22
CA ALA F 5 -10.41 -60.51 -14.27
C ALA F 5 -11.64 -59.71 -14.63
N ALA F 6 -11.74 -58.51 -14.07
CA ALA F 6 -12.92 -57.67 -14.29
C ALA F 6 -13.15 -57.37 -15.76
N ASP F 7 -12.15 -57.53 -16.61
CA ASP F 7 -12.31 -57.14 -18.01
C ASP F 7 -13.08 -58.19 -18.82
N VAL F 8 -12.94 -59.45 -18.43
CA VAL F 8 -13.61 -60.56 -19.09
C VAL F 8 -14.88 -61.04 -18.36
N TYR F 9 -14.82 -61.19 -17.04
CA TYR F 9 -15.90 -61.82 -16.28
C TYR F 9 -17.13 -60.95 -16.02
N VAL F 10 -17.08 -59.69 -16.40
CA VAL F 10 -18.28 -58.84 -16.34
C VAL F 10 -18.66 -58.36 -17.73
N PRO F 11 -19.94 -58.55 -18.08
CA PRO F 11 -20.41 -58.33 -19.45
C PRO F 11 -20.21 -56.86 -19.81
N ASP F 12 -19.81 -56.57 -21.06
CA ASP F 12 -19.76 -55.20 -21.54
C ASP F 12 -21.19 -54.62 -21.62
N GLU F 13 -21.88 -54.63 -20.48
CA GLU F 13 -23.27 -54.21 -20.38
C GLU F 13 -23.58 -53.78 -18.96
N TRP F 14 -22.58 -53.92 -18.08
CA TRP F 14 -22.65 -53.45 -16.70
C TRP F 14 -21.53 -52.45 -16.47
N GLU F 15 -20.79 -52.17 -17.53
CA GLU F 15 -19.66 -51.27 -17.48
C GLU F 15 -20.13 -49.87 -17.11
N VAL F 16 -19.29 -49.13 -16.40
CA VAL F 16 -19.49 -47.69 -16.24
C VAL F 16 -18.12 -47.05 -16.04
N ALA F 17 -17.98 -45.79 -16.47
CA ALA F 17 -16.69 -45.12 -16.43
C ALA F 17 -16.35 -44.55 -15.06
N ARG F 18 -15.15 -44.86 -14.60
CA ARG F 18 -14.69 -44.49 -13.27
C ARG F 18 -14.92 -43.01 -12.94
N GLU F 19 -14.75 -42.15 -13.93
CA GLU F 19 -14.92 -40.71 -13.74
C GLU F 19 -16.36 -40.33 -13.34
N LYS F 20 -17.33 -41.08 -13.83
CA LYS F 20 -18.74 -40.86 -13.50
C LYS F 20 -19.05 -41.09 -12.01
N ILE F 21 -18.27 -41.95 -11.37
CA ILE F 21 -18.47 -42.32 -9.97
C ILE F 21 -17.56 -41.46 -9.09
N THR F 22 -18.07 -41.07 -7.93
CA THR F 22 -17.29 -40.24 -7.03
C THR F 22 -17.53 -40.70 -5.60
N MET F 23 -16.47 -41.17 -4.95
CA MET F 23 -16.59 -41.60 -3.57
C MET F 23 -16.82 -40.37 -2.71
N SER F 24 -17.05 -40.59 -1.42
CA SER F 24 -17.21 -39.48 -0.48
C SER F 24 -16.66 -39.88 0.89
N ARG F 25 -17.37 -40.75 1.60
CA ARG F 25 -16.91 -41.23 2.91
C ARG F 25 -17.03 -42.75 3.03
N GLU F 26 -16.13 -43.33 3.80
CA GLU F 26 -16.17 -44.77 4.02
C GLU F 26 -17.43 -45.15 4.81
N LEU F 27 -18.06 -46.25 4.42
CA LEU F 27 -19.19 -46.80 5.17
C LEU F 27 -18.74 -47.98 6.03
N GLY F 28 -17.71 -48.70 5.56
CA GLY F 28 -17.14 -49.78 6.35
C GLY F 28 -16.46 -50.87 5.55
N GLN F 29 -16.06 -51.94 6.25
CA GLN F 29 -15.40 -53.07 5.61
C GLN F 29 -16.39 -54.00 4.94
N GLY F 30 -15.99 -54.54 3.79
CA GLY F 30 -16.84 -55.41 3.01
C GLY F 30 -16.17 -56.76 2.72
N SER F 31 -17.00 -57.71 2.29
CA SER F 31 -16.55 -59.07 2.02
C SER F 31 -15.20 -59.16 1.30
N PHE F 32 -15.04 -58.39 0.22
CA PHE F 32 -13.80 -58.46 -0.57
C PHE F 32 -13.06 -57.13 -0.58
N GLY F 33 -13.51 -56.18 0.22
CA GLY F 33 -12.92 -54.86 0.18
C GLY F 33 -13.63 -53.83 1.04
N MET F 34 -13.45 -52.55 0.69
CA MET F 34 -13.90 -51.43 1.51
C MET F 34 -15.06 -50.62 0.87
N VAL F 35 -16.19 -50.55 1.59
CA VAL F 35 -17.40 -49.89 1.08
C VAL F 35 -17.45 -48.38 1.35
N TYR F 36 -17.69 -47.62 0.28
CA TYR F 36 -17.76 -46.17 0.34
C TYR F 36 -19.16 -45.71 -0.04
N GLU F 37 -19.60 -44.58 0.52
CA GLU F 37 -20.78 -43.90 0.02
C GLU F 37 -20.33 -42.97 -1.09
N GLY F 38 -21.26 -42.51 -1.92
CA GLY F 38 -20.91 -41.62 -2.99
C GLY F 38 -22.02 -41.43 -4.01
N VAL F 39 -21.67 -40.75 -5.11
CA VAL F 39 -22.63 -40.46 -6.16
C VAL F 39 -22.18 -41.05 -7.48
N ALA F 40 -23.11 -41.74 -8.15
CA ALA F 40 -22.87 -42.26 -9.49
C ALA F 40 -23.63 -41.38 -10.47
N LYS F 41 -22.91 -40.76 -11.41
CA LYS F 41 -23.57 -39.94 -12.44
C LYS F 41 -24.16 -40.84 -13.51
N GLY F 42 -25.26 -40.40 -14.12
CA GLY F 42 -25.95 -41.15 -15.16
C GLY F 42 -25.87 -42.65 -14.96
N VAL F 43 -26.31 -43.12 -13.80
CA VAL F 43 -26.24 -44.53 -13.41
C VAL F 43 -27.62 -45.14 -13.46
N VAL F 44 -28.59 -44.32 -13.09
CA VAL F 44 -29.96 -44.77 -13.09
C VAL F 44 -30.77 -43.86 -14.00
N LYS F 45 -31.53 -44.51 -14.87
CA LYS F 45 -32.53 -43.88 -15.71
C LYS F 45 -33.34 -42.88 -14.85
N ASP F 46 -33.59 -41.68 -15.38
CA ASP F 46 -34.28 -40.60 -14.68
C ASP F 46 -33.35 -39.72 -13.85
N GLU F 47 -32.14 -40.19 -13.64
CA GLU F 47 -31.28 -39.50 -12.71
C GLU F 47 -29.92 -39.12 -13.28
N PRO F 48 -29.70 -37.80 -13.41
CA PRO F 48 -28.38 -37.22 -13.68
C PRO F 48 -27.38 -37.72 -12.64
N GLU F 49 -27.85 -37.89 -11.41
CA GLU F 49 -27.02 -38.40 -10.31
C GLU F 49 -27.82 -39.37 -9.44
N THR F 50 -27.12 -40.08 -8.56
CA THR F 50 -27.74 -41.02 -7.64
C THR F 50 -26.82 -41.39 -6.47
N ARG F 51 -27.43 -41.72 -5.34
CA ARG F 51 -26.67 -42.17 -4.18
C ARG F 51 -26.50 -43.67 -4.27
N VAL F 52 -25.27 -44.11 -4.05
CA VAL F 52 -24.91 -45.51 -4.18
C VAL F 52 -23.90 -45.88 -3.13
N ALA F 53 -23.77 -47.18 -2.88
CA ALA F 53 -22.64 -47.71 -2.14
C ALA F 53 -21.59 -48.11 -3.17
N ILE F 54 -20.32 -47.91 -2.83
CA ILE F 54 -19.22 -48.26 -3.73
C ILE F 54 -18.17 -49.13 -3.06
N LYS F 55 -17.92 -50.30 -3.63
CA LYS F 55 -16.90 -51.19 -3.10
C LYS F 55 -15.66 -51.12 -3.97
N THR F 56 -14.51 -51.12 -3.31
CA THR F 56 -13.22 -51.15 -4.00
C THR F 56 -12.48 -52.44 -3.67
N VAL F 57 -12.23 -53.23 -4.71
CA VAL F 57 -11.36 -54.39 -4.58
C VAL F 57 -9.97 -53.90 -4.92
N ASN F 58 -9.04 -54.03 -3.98
CA ASN F 58 -7.69 -53.53 -4.20
C ASN F 58 -6.86 -54.49 -5.03
N GLU F 59 -5.71 -54.00 -5.50
CA GLU F 59 -4.77 -54.86 -6.21
C GLU F 59 -4.38 -56.03 -5.32
N ALA F 60 -4.14 -55.75 -4.05
CA ALA F 60 -3.69 -56.74 -3.05
C ALA F 60 -4.74 -57.80 -2.77
N ALA F 61 -5.23 -58.39 -3.86
CA ALA F 61 -6.21 -59.45 -3.80
C ALA F 61 -5.83 -60.34 -4.96
N SER F 62 -5.61 -61.63 -4.66
CA SER F 62 -5.26 -62.66 -5.67
C SER F 62 -6.09 -62.62 -6.97
N MET F 63 -6.05 -63.67 -7.83
CA MET F 63 -6.99 -63.69 -8.97
C MET F 63 -8.22 -64.51 -8.59
N ARG F 64 -8.00 -65.42 -7.64
CA ARG F 64 -9.03 -66.36 -7.23
C ARG F 64 -10.20 -65.63 -6.61
N GLU F 65 -9.91 -64.76 -5.64
CA GLU F 65 -10.93 -64.05 -4.87
C GLU F 65 -11.72 -63.07 -5.75
N ARG F 66 -11.07 -62.45 -6.73
CA ARG F 66 -11.73 -61.41 -7.49
C ARG F 66 -12.67 -62.05 -8.49
N ILE F 67 -12.29 -63.22 -8.99
CA ILE F 67 -13.16 -63.92 -9.91
C ILE F 67 -14.39 -64.43 -9.19
N GLU F 68 -14.19 -65.07 -8.04
CA GLU F 68 -15.29 -65.45 -7.16
C GLU F 68 -16.19 -64.25 -6.87
N PHE F 69 -15.58 -63.16 -6.40
CA PHE F 69 -16.28 -61.90 -6.20
C PHE F 69 -17.21 -61.66 -7.39
N LEU F 70 -16.59 -61.42 -8.53
CA LEU F 70 -17.31 -61.04 -9.74
C LEU F 70 -18.39 -62.02 -10.16
N ASN F 71 -18.23 -63.30 -9.82
CA ASN F 71 -19.27 -64.29 -10.13
C ASN F 71 -20.49 -64.21 -9.21
N GLU F 72 -20.24 -63.92 -7.93
CA GLU F 72 -21.32 -63.63 -7.01
C GLU F 72 -22.13 -62.48 -7.62
N ALA F 73 -21.48 -61.33 -7.75
CA ALA F 73 -22.10 -60.16 -8.39
C ALA F 73 -22.73 -60.51 -9.74
N SER F 74 -22.27 -61.60 -10.35
CA SER F 74 -22.77 -62.04 -11.64
C SER F 74 -24.20 -62.57 -11.57
N VAL F 75 -24.61 -63.04 -10.40
CA VAL F 75 -25.99 -63.52 -10.26
C VAL F 75 -26.93 -62.41 -9.79
N MET F 76 -26.42 -61.48 -8.96
CA MET F 76 -27.13 -60.25 -8.63
C MET F 76 -27.74 -59.67 -9.89
N LYS F 77 -26.86 -59.49 -10.88
CA LYS F 77 -27.23 -58.98 -12.21
C LYS F 77 -28.65 -59.37 -12.61
N GLU F 78 -28.92 -60.67 -12.52
CA GLU F 78 -30.23 -61.21 -12.91
C GLU F 78 -31.42 -60.59 -12.14
N PHE F 79 -31.26 -60.38 -10.84
CA PHE F 79 -32.37 -59.85 -10.02
C PHE F 79 -32.67 -58.38 -10.29
N ASN F 80 -33.91 -58.11 -10.68
CA ASN F 80 -34.39 -56.76 -10.81
C ASN F 80 -35.72 -56.69 -10.09
N CYS F 81 -35.64 -56.52 -8.77
CA CYS F 81 -36.83 -56.49 -7.94
C CYS F 81 -36.78 -55.25 -7.08
N HIS F 82 -37.92 -54.64 -6.80
CA HIS F 82 -37.91 -53.48 -5.93
C HIS F 82 -37.47 -53.82 -4.49
N HIS F 83 -37.61 -55.10 -4.11
CA HIS F 83 -37.33 -55.53 -2.73
C HIS F 83 -36.07 -56.39 -2.63
N VAL F 84 -35.24 -56.27 -3.65
CA VAL F 84 -33.87 -56.78 -3.61
C VAL F 84 -32.94 -55.59 -3.79
N VAL F 85 -31.86 -55.55 -3.03
CA VAL F 85 -30.89 -54.49 -3.21
C VAL F 85 -30.23 -54.78 -4.53
N ARG F 86 -30.37 -53.88 -5.49
CA ARG F 86 -29.89 -54.17 -6.83
C ARG F 86 -28.50 -53.62 -7.19
N LEU F 87 -27.78 -54.39 -8.01
CA LEU F 87 -26.49 -53.98 -8.56
C LEU F 87 -26.74 -52.99 -9.69
N LEU F 88 -26.12 -51.83 -9.60
CA LEU F 88 -26.31 -50.83 -10.63
C LEU F 88 -25.33 -51.07 -11.78
N GLY F 89 -24.11 -51.47 -11.41
CA GLY F 89 -23.06 -51.73 -12.38
C GLY F 89 -21.68 -51.85 -11.75
N VAL F 90 -20.68 -52.11 -12.59
CA VAL F 90 -19.31 -52.24 -12.14
C VAL F 90 -18.32 -51.50 -13.06
N VAL F 91 -17.40 -50.77 -12.45
CA VAL F 91 -16.29 -50.11 -13.15
C VAL F 91 -15.10 -51.06 -13.33
N SER F 92 -14.96 -51.58 -14.55
CA SER F 92 -14.03 -52.68 -14.81
C SER F 92 -12.68 -52.22 -15.39
N GLN F 93 -12.66 -51.05 -16.02
CA GLN F 93 -11.41 -50.47 -16.49
C GLN F 93 -10.81 -49.50 -15.46
N GLY F 94 -10.02 -50.04 -14.52
CA GLY F 94 -9.42 -49.23 -13.48
C GLY F 94 -8.49 -50.01 -12.57
N GLN F 95 -7.83 -49.31 -11.65
CA GLN F 95 -6.85 -49.95 -10.76
C GLN F 95 -7.47 -50.68 -9.58
N PRO F 96 -8.49 -50.06 -8.96
CA PRO F 96 -9.36 -50.78 -8.02
C PRO F 96 -10.72 -51.03 -8.65
N THR F 97 -11.05 -52.26 -9.00
CA THR F 97 -12.37 -52.52 -9.57
C THR F 97 -13.45 -51.92 -8.67
N LEU F 98 -14.42 -51.26 -9.29
CA LEU F 98 -15.53 -50.64 -8.56
C LEU F 98 -16.87 -51.38 -8.72
N VAL F 99 -17.50 -51.73 -7.61
CA VAL F 99 -18.87 -52.24 -7.66
C VAL F 99 -19.84 -51.16 -7.20
N ILE F 100 -20.86 -50.90 -8.02
CA ILE F 100 -21.89 -49.94 -7.65
C ILE F 100 -23.18 -50.64 -7.28
N MET F 101 -23.55 -50.51 -5.99
CA MET F 101 -24.80 -51.05 -5.51
C MET F 101 -25.72 -49.93 -5.11
N GLU F 102 -27.02 -50.19 -5.18
CA GLU F 102 -28.02 -49.30 -4.63
C GLU F 102 -27.66 -48.91 -3.20
N LEU F 103 -27.71 -47.62 -2.86
CA LEU F 103 -27.36 -47.20 -1.50
C LEU F 103 -28.53 -47.41 -0.52
N MET F 104 -28.25 -48.11 0.57
CA MET F 104 -29.25 -48.33 1.61
C MET F 104 -28.90 -47.57 2.91
N THR F 105 -29.32 -46.30 2.98
CA THR F 105 -28.87 -45.36 4.00
C THR F 105 -28.99 -45.82 5.44
N ARG F 106 -29.93 -46.72 5.72
CA ARG F 106 -30.18 -47.07 7.12
C ARG F 106 -29.58 -48.40 7.57
N GLY F 107 -28.72 -48.97 6.75
CA GLY F 107 -27.99 -50.18 7.11
C GLY F 107 -28.80 -51.46 7.16
N ASP F 108 -28.22 -52.47 7.80
CA ASP F 108 -28.79 -53.80 7.89
C ASP F 108 -29.93 -53.84 8.88
N LEU F 109 -30.92 -54.66 8.56
CA LEU F 109 -32.14 -54.74 9.33
C LEU F 109 -31.89 -55.05 10.81
N LYS F 110 -30.89 -55.89 11.10
CA LYS F 110 -30.53 -56.17 12.49
C LYS F 110 -30.15 -54.90 13.24
N SER F 111 -29.06 -54.28 12.80
CA SER F 111 -28.60 -53.03 13.39
C SER F 111 -29.74 -52.03 13.53
N TYR F 112 -30.54 -51.89 12.48
CA TYR F 112 -31.70 -51.02 12.55
C TYR F 112 -32.63 -51.41 13.71
N LEU F 113 -33.03 -52.67 13.73
CA LEU F 113 -33.84 -53.20 14.83
C LEU F 113 -33.22 -52.93 16.19
N ARG F 114 -31.90 -53.08 16.29
CA ARG F 114 -31.20 -52.83 17.55
C ARG F 114 -31.24 -51.36 17.97
N SER F 115 -31.27 -50.45 16.98
CA SER F 115 -31.29 -49.03 17.27
C SER F 115 -32.61 -48.60 17.89
N LEU F 116 -33.60 -49.49 17.87
CA LEU F 116 -34.94 -49.11 18.29
C LEU F 116 -35.16 -49.33 19.79
N ARG F 117 -34.14 -49.89 20.43
CA ARG F 117 -34.22 -50.27 21.83
C ARG F 117 -33.78 -49.14 22.74
N PRO F 118 -34.32 -49.09 23.96
CA PRO F 118 -34.19 -48.01 24.93
C PRO F 118 -32.73 -47.63 25.18
N GLU F 119 -32.51 -46.47 25.77
CA GLU F 119 -31.17 -45.98 26.12
C GLU F 119 -30.03 -46.78 25.49
N PRO F 124 -35.23 -52.41 29.41
CA PRO F 124 -36.08 -53.59 29.56
C PRO F 124 -37.48 -53.42 28.95
N VAL F 125 -37.89 -52.18 28.70
CA VAL F 125 -39.25 -51.88 28.23
C VAL F 125 -39.60 -52.60 26.92
N LEU F 126 -38.65 -52.59 25.99
CA LEU F 126 -38.72 -53.41 24.78
C LEU F 126 -40.06 -53.54 24.04
N ALA F 127 -40.65 -52.42 23.63
CA ALA F 127 -41.77 -52.49 22.70
C ALA F 127 -41.27 -52.70 21.27
N PRO F 128 -42.04 -53.41 20.45
CA PRO F 128 -41.65 -53.65 19.07
C PRO F 128 -42.39 -52.72 18.13
N PRO F 129 -41.90 -52.58 16.91
CA PRO F 129 -42.55 -51.68 15.94
C PRO F 129 -44.03 -51.97 15.86
N SER F 130 -44.83 -50.96 15.58
CA SER F 130 -46.26 -51.18 15.38
C SER F 130 -46.44 -52.36 14.44
N LEU F 131 -47.47 -53.17 14.68
CA LEU F 131 -47.76 -54.32 13.83
C LEU F 131 -47.79 -53.87 12.38
N SER F 132 -48.30 -52.67 12.16
CA SER F 132 -48.41 -52.12 10.81
C SER F 132 -47.04 -52.02 10.17
N LYS F 133 -46.08 -51.47 10.91
CA LYS F 133 -44.74 -51.31 10.37
C LYS F 133 -44.00 -52.65 10.25
N MET F 134 -44.32 -53.61 11.12
CA MET F 134 -43.74 -54.95 11.00
C MET F 134 -44.29 -55.67 9.76
N ILE F 135 -45.61 -55.78 9.66
CA ILE F 135 -46.26 -56.30 8.46
C ILE F 135 -45.62 -55.71 7.19
N GLN F 136 -45.45 -54.38 7.21
CA GLN F 136 -44.78 -53.69 6.10
C GLN F 136 -43.42 -54.32 5.77
N MET F 137 -42.56 -54.48 6.79
CA MET F 137 -41.29 -55.14 6.57
C MET F 137 -41.53 -56.56 6.11
N ALA F 138 -42.42 -57.28 6.77
CA ALA F 138 -42.58 -58.70 6.48
C ALA F 138 -42.95 -58.90 5.04
N GLY F 139 -43.82 -58.03 4.55
CA GLY F 139 -44.34 -58.17 3.20
C GLY F 139 -43.30 -57.85 2.16
N GLU F 140 -42.50 -56.83 2.45
CA GLU F 140 -41.46 -56.40 1.52
C GLU F 140 -40.39 -57.48 1.43
N ILE F 141 -39.98 -58.01 2.58
CA ILE F 141 -39.02 -59.10 2.67
C ILE F 141 -39.53 -60.33 1.95
N ALA F 142 -40.83 -60.60 2.06
CA ALA F 142 -41.38 -61.80 1.46
C ALA F 142 -41.52 -61.61 -0.03
N ASP F 143 -41.73 -60.37 -0.46
CA ASP F 143 -41.89 -60.08 -1.86
C ASP F 143 -40.58 -60.36 -2.61
N GLY F 144 -39.47 -59.93 -2.01
CA GLY F 144 -38.15 -60.18 -2.60
C GLY F 144 -37.85 -61.66 -2.62
N MET F 145 -38.20 -62.36 -1.56
CA MET F 145 -37.98 -63.80 -1.51
C MET F 145 -38.83 -64.50 -2.57
N ALA F 146 -40.08 -64.06 -2.74
CA ALA F 146 -40.97 -64.67 -3.73
C ALA F 146 -40.39 -64.50 -5.12
N TYR F 147 -39.71 -63.37 -5.31
CA TYR F 147 -39.02 -63.09 -6.56
C TYR F 147 -37.86 -64.06 -6.74
N LEU F 148 -37.06 -64.26 -5.69
CA LEU F 148 -36.00 -65.25 -5.72
C LEU F 148 -36.53 -66.62 -6.07
N ASN F 149 -37.52 -67.09 -5.30
CA ASN F 149 -38.00 -68.46 -5.49
C ASN F 149 -38.64 -68.65 -6.85
N ALA F 150 -39.14 -67.58 -7.43
CA ALA F 150 -39.74 -67.65 -8.76
C ALA F 150 -38.65 -67.91 -9.79
N ASN F 151 -37.55 -67.19 -9.65
CA ASN F 151 -36.39 -67.35 -10.52
C ASN F 151 -35.55 -68.56 -10.13
N LYS F 152 -36.11 -69.45 -9.32
CA LYS F 152 -35.48 -70.72 -9.02
C LYS F 152 -34.16 -70.60 -8.25
N PHE F 153 -34.20 -69.88 -7.13
CA PHE F 153 -33.05 -69.74 -6.24
C PHE F 153 -33.47 -69.93 -4.79
N VAL F 154 -32.58 -70.54 -4.00
CA VAL F 154 -32.71 -70.59 -2.55
C VAL F 154 -31.69 -69.68 -1.91
N HIS F 155 -32.16 -68.76 -1.09
CA HIS F 155 -31.28 -67.80 -0.46
C HIS F 155 -30.33 -68.49 0.52
N ARG F 156 -30.88 -69.44 1.28
CA ARG F 156 -30.13 -70.26 2.23
C ARG F 156 -29.64 -69.49 3.44
N ASP F 157 -29.64 -68.16 3.34
CA ASP F 157 -28.97 -67.34 4.34
C ASP F 157 -29.85 -66.21 4.86
N LEU F 158 -31.16 -66.32 4.68
CA LEU F 158 -32.04 -65.23 5.10
C LEU F 158 -31.98 -65.02 6.60
N ALA F 159 -31.72 -63.77 6.98
CA ALA F 159 -31.64 -63.33 8.38
C ALA F 159 -31.66 -61.81 8.39
N ALA F 160 -32.07 -61.23 9.51
CA ALA F 160 -32.19 -59.78 9.58
C ALA F 160 -30.87 -59.13 9.17
N ARG F 161 -29.78 -59.82 9.42
CA ARG F 161 -28.47 -59.23 9.23
C ARG F 161 -28.13 -59.11 7.78
N ASN F 162 -28.92 -59.78 6.93
CA ASN F 162 -28.74 -59.77 5.49
C ASN F 162 -29.69 -58.84 4.74
N CYS F 163 -30.74 -58.37 5.40
CA CYS F 163 -31.63 -57.39 4.79
C CYS F 163 -31.09 -55.98 5.01
N MET F 164 -31.42 -55.05 4.11
CA MET F 164 -31.02 -53.66 4.31
C MET F 164 -32.25 -52.79 4.49
N VAL F 165 -32.04 -51.58 5.00
CA VAL F 165 -33.14 -50.64 5.22
C VAL F 165 -32.83 -49.34 4.51
N ALA F 166 -33.73 -48.93 3.64
CA ALA F 166 -33.57 -47.74 2.82
C ALA F 166 -33.98 -46.47 3.56
N GLU F 167 -33.67 -45.31 2.96
CA GLU F 167 -33.96 -44.02 3.57
C GLU F 167 -35.41 -43.91 3.98
N ASP F 168 -36.29 -44.44 3.15
CA ASP F 168 -37.72 -44.36 3.42
C ASP F 168 -38.19 -45.61 4.14
N PHE F 169 -37.23 -46.34 4.73
CA PHE F 169 -37.50 -47.48 5.64
C PHE F 169 -37.88 -48.78 4.94
N THR F 170 -37.80 -48.76 3.61
CA THR F 170 -38.07 -49.94 2.83
C THR F 170 -37.00 -51.00 3.11
N VAL F 171 -37.43 -52.23 3.26
CA VAL F 171 -36.50 -53.31 3.56
C VAL F 171 -36.32 -54.15 2.32
N LYS F 172 -35.07 -54.46 1.98
CA LYS F 172 -34.79 -55.29 0.80
C LYS F 172 -33.81 -56.41 1.11
N ILE F 173 -33.96 -57.55 0.42
CA ILE F 173 -33.02 -58.66 0.50
C ILE F 173 -31.70 -58.23 -0.14
N GLY F 174 -30.58 -58.61 0.46
CA GLY F 174 -29.34 -57.93 0.14
C GLY F 174 -28.10 -58.76 -0.14
N ASP F 175 -28.00 -59.94 0.47
CA ASP F 175 -26.73 -60.62 0.43
C ASP F 175 -26.88 -62.03 -0.15
N PHE F 176 -26.25 -62.29 -1.30
CA PHE F 176 -26.52 -63.54 -2.02
C PHE F 176 -25.32 -64.46 -2.22
N GLY F 177 -24.31 -64.32 -1.39
CA GLY F 177 -23.12 -65.14 -1.51
C GLY F 177 -23.44 -66.61 -1.31
N MET F 178 -24.56 -66.89 -0.66
CA MET F 178 -24.87 -68.23 -0.22
C MET F 178 -26.02 -68.80 -1.01
N THR F 179 -26.54 -68.00 -1.94
CA THR F 179 -27.68 -68.40 -2.76
C THR F 179 -27.31 -69.51 -3.71
N ARG F 180 -28.25 -70.39 -4.02
CA ARG F 180 -28.01 -71.43 -5.02
C ARG F 180 -29.10 -71.48 -6.10
N ASP F 181 -28.73 -71.95 -7.29
CA ASP F 181 -29.67 -72.14 -8.38
C ASP F 181 -30.29 -73.52 -8.27
N ILE F 182 -31.60 -73.60 -8.47
CA ILE F 182 -32.33 -74.84 -8.26
C ILE F 182 -33.31 -75.21 -9.38
N PTR F 183 -33.16 -74.60 -10.57
CA PTR F 183 -33.85 -75.09 -11.76
C PTR F 183 -33.32 -76.50 -11.99
O PTR F 183 -32.10 -76.71 -12.00
CB PTR F 183 -33.57 -74.22 -13.00
CG PTR F 183 -34.44 -74.52 -14.23
CD1 PTR F 183 -33.89 -75.01 -15.41
CD2 PTR F 183 -35.82 -74.29 -14.22
CE1 PTR F 183 -34.67 -75.29 -16.54
CE2 PTR F 183 -36.61 -74.55 -15.34
CZ PTR F 183 -36.03 -75.05 -16.49
OH PTR F 183 -36.80 -75.33 -17.62
N GLU F 184 -34.24 -77.46 -12.14
CA GLU F 184 -33.91 -78.86 -12.00
C GLU F 184 -33.57 -79.08 -10.53
N THR F 185 -34.11 -80.12 -9.90
CA THR F 185 -33.85 -80.40 -8.47
C THR F 185 -34.88 -79.79 -7.49
N ASP F 186 -35.02 -78.47 -7.56
CA ASP F 186 -35.78 -77.71 -6.55
C ASP F 186 -35.24 -77.96 -5.14
N PTR F 187 -33.92 -78.11 -5.05
CA PTR F 187 -33.20 -78.25 -3.80
C PTR F 187 -31.69 -78.17 -4.04
O PTR F 187 -31.19 -78.38 -5.15
CB PTR F 187 -33.59 -79.53 -3.04
CG PTR F 187 -32.96 -80.81 -3.54
CD1 PTR F 187 -33.70 -81.70 -4.31
CD2 PTR F 187 -31.65 -81.16 -3.21
CE1 PTR F 187 -33.14 -82.88 -4.76
CE2 PTR F 187 -31.08 -82.34 -3.66
CZ PTR F 187 -31.84 -83.21 -4.42
OH PTR F 187 -31.38 -84.27 -4.90
P PTR F 187 -30.68 -85.51 -4.14
O1P PTR F 187 -29.32 -85.08 -3.70
O2P PTR F 187 -31.55 -86.06 -2.98
O3P PTR F 187 -30.51 -86.65 -5.15
N PTR F 188 -30.96 -77.86 -2.97
CA PTR F 188 -29.50 -77.83 -2.97
C PTR F 188 -29.08 -78.64 -1.76
O PTR F 188 -29.66 -78.48 -0.69
CB PTR F 188 -28.98 -76.40 -2.79
CG PTR F 188 -27.51 -76.32 -2.42
CD1 PTR F 188 -26.53 -76.44 -3.38
CD2 PTR F 188 -27.12 -76.12 -1.11
CE1 PTR F 188 -25.20 -76.37 -3.05
CE2 PTR F 188 -25.78 -76.05 -0.77
CZ PTR F 188 -24.82 -76.17 -1.74
OH PTR F 188 -23.63 -76.11 -1.40
P PTR F 188 -22.34 -76.18 -2.38
O1P PTR F 188 -21.28 -76.91 -1.64
O2P PTR F 188 -21.88 -74.75 -2.72
O3P PTR F 188 -22.61 -76.94 -3.69
N ARG F 189 -28.09 -79.49 -1.93
CA ARG F 189 -27.62 -80.29 -0.80
C ARG F 189 -26.15 -79.99 -0.53
N LYS F 190 -25.83 -79.73 0.72
CA LYS F 190 -24.47 -79.35 1.10
C LYS F 190 -23.62 -80.58 1.39
N GLY F 191 -22.54 -80.71 0.63
CA GLY F 191 -21.65 -81.85 0.72
C GLY F 191 -20.77 -81.88 1.98
N GLY F 192 -19.89 -80.91 2.10
CA GLY F 192 -18.94 -80.91 3.20
C GLY F 192 -19.34 -80.05 4.39
N LYS F 193 -18.40 -79.22 4.85
CA LYS F 193 -18.62 -78.35 5.99
C LYS F 193 -19.40 -77.11 5.59
N GLY F 194 -20.36 -76.72 6.42
CA GLY F 194 -21.15 -75.53 6.18
C GLY F 194 -21.05 -74.53 7.32
N LEU F 195 -20.99 -73.25 6.99
CA LEU F 195 -20.79 -72.22 8.01
C LEU F 195 -22.02 -71.37 8.26
N LEU F 196 -23.17 -71.82 7.77
CA LEU F 196 -24.40 -71.10 8.05
C LEU F 196 -24.69 -71.14 9.53
N PRO F 197 -25.10 -69.99 10.08
CA PRO F 197 -25.64 -69.90 11.44
C PRO F 197 -26.74 -70.93 11.64
N VAL F 198 -26.61 -71.75 12.66
CA VAL F 198 -27.53 -72.85 12.90
C VAL F 198 -28.85 -72.37 13.48
N ARG F 199 -28.87 -71.18 14.08
CA ARG F 199 -30.10 -70.73 14.71
C ARG F 199 -31.17 -70.37 13.69
N TRP F 200 -30.78 -70.27 12.42
CA TRP F 200 -31.69 -69.87 11.34
C TRP F 200 -32.03 -71.00 10.37
N MET F 201 -31.39 -72.16 10.57
CA MET F 201 -31.58 -73.34 9.72
C MET F 201 -32.79 -74.16 10.14
N SER F 202 -33.53 -74.66 9.14
CA SER F 202 -34.70 -75.48 9.37
C SER F 202 -34.28 -76.88 9.77
N PRO F 203 -35.17 -77.61 10.44
CA PRO F 203 -34.80 -78.93 10.95
C PRO F 203 -34.30 -79.84 9.82
N GLU F 204 -34.96 -79.79 8.67
CA GLU F 204 -34.54 -80.63 7.55
C GLU F 204 -33.15 -80.28 7.06
N SER F 205 -32.77 -79.01 7.21
CA SER F 205 -31.45 -78.54 6.79
C SER F 205 -30.41 -78.98 7.82
N LEU F 206 -30.79 -78.95 9.09
CA LEU F 206 -29.91 -79.40 10.16
C LEU F 206 -29.67 -80.90 10.09
N LYS F 207 -30.58 -81.62 9.46
CA LYS F 207 -30.50 -83.08 9.42
C LYS F 207 -29.79 -83.62 8.18
N ASP F 208 -30.08 -83.03 7.01
CA ASP F 208 -29.64 -83.57 5.74
C ASP F 208 -28.68 -82.67 4.96
N GLY F 209 -28.67 -81.38 5.27
CA GLY F 209 -27.91 -80.45 4.45
C GLY F 209 -28.70 -80.20 3.18
N VAL F 210 -30.02 -80.29 3.31
CA VAL F 210 -30.94 -80.06 2.21
C VAL F 210 -31.63 -78.71 2.37
N PHE F 211 -31.51 -77.88 1.34
CA PHE F 211 -32.15 -76.55 1.30
C PHE F 211 -33.18 -76.47 0.18
N THR F 212 -34.33 -75.91 0.52
CA THR F 212 -35.40 -75.74 -0.44
C THR F 212 -36.00 -74.37 -0.26
N THR F 213 -36.96 -74.01 -1.10
CA THR F 213 -37.69 -72.77 -0.87
C THR F 213 -38.46 -72.90 0.43
N TYR F 214 -38.72 -74.15 0.84
CA TYR F 214 -39.42 -74.43 2.10
C TYR F 214 -38.55 -74.08 3.30
N SER F 215 -37.24 -74.29 3.17
CA SER F 215 -36.33 -73.91 4.22
C SER F 215 -36.29 -72.38 4.30
N ASP F 216 -36.24 -71.72 3.16
CA ASP F 216 -36.19 -70.27 3.14
C ASP F 216 -37.35 -69.69 3.91
N VAL F 217 -38.51 -70.34 3.82
CA VAL F 217 -39.68 -69.84 4.52
C VAL F 217 -39.45 -69.95 6.01
N TRP F 218 -38.86 -71.06 6.43
CA TRP F 218 -38.44 -71.21 7.82
C TRP F 218 -37.60 -70.04 8.30
N SER F 219 -36.46 -69.82 7.67
CA SER F 219 -35.64 -68.66 7.99
C SER F 219 -36.52 -67.42 8.08
N PHE F 220 -37.37 -67.22 7.06
CA PHE F 220 -38.27 -66.08 7.06
C PHE F 220 -39.02 -65.93 8.39
N GLY F 221 -39.38 -67.06 8.97
CA GLY F 221 -40.13 -67.06 10.22
C GLY F 221 -39.27 -66.52 11.34
N VAL F 222 -38.03 -66.97 11.37
CA VAL F 222 -37.09 -66.46 12.37
C VAL F 222 -36.87 -64.95 12.23
N VAL F 223 -36.69 -64.44 11.02
CA VAL F 223 -36.45 -63.01 10.87
C VAL F 223 -37.65 -62.16 11.26
N LEU F 224 -38.84 -62.76 11.23
CA LEU F 224 -40.04 -62.13 11.78
C LEU F 224 -39.91 -62.01 13.30
N TRP F 225 -39.66 -63.15 13.93
CA TRP F 225 -39.28 -63.21 15.34
C TRP F 225 -38.22 -62.15 15.66
N GLU F 226 -37.14 -62.13 14.87
CA GLU F 226 -36.12 -61.11 15.04
C GLU F 226 -36.71 -59.70 15.05
N ILE F 227 -37.67 -59.43 14.18
CA ILE F 227 -38.25 -58.11 14.10
C ILE F 227 -39.03 -57.86 15.37
N ALA F 228 -39.71 -58.90 15.86
CA ALA F 228 -40.61 -58.76 16.99
C ALA F 228 -39.88 -58.51 18.31
N THR F 229 -38.68 -59.06 18.41
CA THR F 229 -37.85 -58.92 19.60
C THR F 229 -36.74 -57.86 19.45
N LEU F 230 -36.79 -57.07 18.39
CA LEU F 230 -35.76 -56.08 18.13
C LEU F 230 -34.36 -56.70 18.10
N ALA F 231 -34.25 -57.81 17.38
CA ALA F 231 -32.99 -58.50 17.12
C ALA F 231 -32.36 -59.14 18.36
N GLU F 232 -33.16 -59.88 19.11
CA GLU F 232 -32.65 -60.79 20.13
C GLU F 232 -32.05 -61.99 19.42
N GLN F 233 -31.17 -62.72 20.09
CA GLN F 233 -30.57 -63.89 19.48
C GLN F 233 -31.54 -65.06 19.61
N PRO F 234 -31.83 -65.72 18.50
CA PRO F 234 -32.72 -66.89 18.53
C PRO F 234 -32.18 -67.97 19.47
N TYR F 235 -33.09 -68.53 20.26
CA TYR F 235 -32.76 -69.59 21.21
C TYR F 235 -31.64 -69.19 22.17
N GLN F 236 -31.63 -67.94 22.62
CA GLN F 236 -30.62 -67.56 23.60
C GLN F 236 -30.87 -68.37 24.88
N GLY F 237 -29.81 -68.81 25.52
CA GLY F 237 -29.94 -69.71 26.65
C GLY F 237 -29.66 -71.14 26.25
N LEU F 238 -29.69 -71.41 24.95
CA LEU F 238 -29.24 -72.70 24.40
C LEU F 238 -27.91 -72.46 23.67
N SER F 239 -27.01 -73.44 23.70
CA SER F 239 -25.78 -73.34 22.92
C SER F 239 -26.08 -73.78 21.50
N ASN F 240 -25.17 -73.54 20.57
CA ASN F 240 -25.38 -74.04 19.24
C ASN F 240 -25.69 -75.53 19.31
N GLU F 241 -24.84 -76.27 19.99
CA GLU F 241 -25.05 -77.70 20.18
C GLU F 241 -26.48 -78.05 20.66
N GLN F 242 -27.02 -77.26 21.58
CA GLN F 242 -28.36 -77.50 22.10
C GLN F 242 -29.46 -77.15 21.11
N VAL F 243 -29.34 -75.98 20.47
CA VAL F 243 -30.29 -75.53 19.47
C VAL F 243 -30.46 -76.57 18.40
N LEU F 244 -29.32 -77.06 17.90
CA LEU F 244 -29.31 -78.17 16.97
C LEU F 244 -30.25 -79.29 17.40
N ARG F 245 -29.97 -79.93 18.53
CA ARG F 245 -30.85 -80.96 19.11
C ARG F 245 -32.30 -80.47 19.28
N PHE F 246 -32.46 -79.30 19.87
CA PHE F 246 -33.79 -78.74 20.15
C PHE F 246 -34.66 -78.64 18.89
N VAL F 247 -34.18 -77.93 17.88
CA VAL F 247 -34.99 -77.69 16.70
C VAL F 247 -35.31 -78.98 15.95
N MET F 248 -34.29 -79.82 15.77
CA MET F 248 -34.47 -81.08 15.05
C MET F 248 -35.56 -81.96 15.67
N GLU F 249 -35.74 -81.86 16.99
CA GLU F 249 -36.70 -82.72 17.68
C GLU F 249 -38.10 -82.09 17.79
N GLY F 250 -38.25 -80.90 17.22
CA GLY F 250 -39.57 -80.27 17.16
C GLY F 250 -39.67 -78.97 17.91
N GLY F 251 -38.53 -78.50 18.43
CA GLY F 251 -38.49 -77.29 19.24
C GLY F 251 -38.79 -75.99 18.49
N LEU F 252 -39.49 -75.08 19.16
CA LEU F 252 -39.84 -73.80 18.57
C LEU F 252 -39.35 -72.64 19.43
N LEU F 253 -39.36 -71.45 18.85
CA LEU F 253 -39.06 -70.25 19.60
C LEU F 253 -40.34 -69.84 20.33
N ASP F 254 -40.19 -69.31 21.54
CA ASP F 254 -41.36 -68.87 22.30
C ASP F 254 -41.91 -67.58 21.74
N LYS F 255 -43.20 -67.38 21.88
CA LYS F 255 -43.80 -66.13 21.45
C LYS F 255 -43.15 -65.02 22.22
N PRO F 256 -42.67 -63.98 21.51
CA PRO F 256 -42.05 -62.83 22.15
C PRO F 256 -43.05 -62.13 23.06
N ASP F 257 -42.55 -61.67 24.20
CA ASP F 257 -43.34 -60.79 25.04
C ASP F 257 -43.57 -59.51 24.28
N ASN F 258 -44.85 -59.15 24.15
CA ASN F 258 -45.22 -57.92 23.45
C ASN F 258 -45.43 -58.14 21.97
N CYS F 259 -45.54 -59.40 21.55
CA CYS F 259 -45.77 -59.69 20.15
C CYS F 259 -47.24 -59.92 19.85
N PRO F 260 -47.82 -59.12 18.95
CA PRO F 260 -49.19 -59.34 18.51
C PRO F 260 -49.40 -60.78 18.02
N ASP F 261 -50.52 -61.40 18.40
CA ASP F 261 -50.81 -62.81 18.11
C ASP F 261 -50.66 -63.09 16.63
N MET F 262 -51.18 -62.16 15.83
CA MET F 262 -51.17 -62.31 14.39
C MET F 262 -49.78 -62.63 13.85
N LEU F 263 -48.76 -61.93 14.31
CA LEU F 263 -47.42 -62.14 13.78
C LEU F 263 -46.82 -63.45 14.26
N PHE F 264 -47.13 -63.85 15.48
CA PHE F 264 -46.56 -65.07 16.00
C PHE F 264 -47.28 -66.27 15.40
N GLU F 265 -48.50 -66.04 14.96
CA GLU F 265 -49.27 -67.07 14.31
C GLU F 265 -48.63 -67.40 12.97
N LEU F 266 -48.29 -66.36 12.21
CA LEU F 266 -47.56 -66.47 10.96
C LEU F 266 -46.25 -67.26 11.14
N MET F 267 -45.48 -66.91 12.16
CA MET F 267 -44.22 -67.62 12.43
C MET F 267 -44.50 -69.12 12.55
N ARG F 268 -45.48 -69.49 13.38
CA ARG F 268 -45.78 -70.89 13.67
C ARG F 268 -46.05 -71.68 12.40
N MET F 269 -46.63 -71.00 11.42
CA MET F 269 -46.88 -71.56 10.10
C MET F 269 -45.55 -71.78 9.38
N CYS F 270 -44.72 -70.74 9.36
CA CYS F 270 -43.41 -70.85 8.74
C CYS F 270 -42.54 -71.89 9.47
N TRP F 271 -42.97 -72.33 10.65
CA TRP F 271 -42.17 -73.29 11.41
C TRP F 271 -42.80 -74.68 11.46
N GLN F 272 -43.77 -74.89 10.58
CA GLN F 272 -44.39 -76.19 10.48
C GLN F 272 -43.28 -77.19 10.22
N TYR F 273 -43.24 -78.26 11.01
CA TYR F 273 -42.13 -79.21 10.92
C TYR F 273 -41.97 -79.87 9.56
N ASN F 274 -43.07 -80.32 8.97
CA ASN F 274 -43.05 -80.89 7.62
C ASN F 274 -43.00 -79.75 6.61
N PRO F 275 -41.87 -79.61 5.90
CA PRO F 275 -41.66 -78.50 4.95
C PRO F 275 -42.86 -78.22 4.05
N LYS F 276 -43.50 -79.27 3.57
CA LYS F 276 -44.58 -79.17 2.59
C LYS F 276 -45.80 -78.44 3.15
N MET F 277 -45.89 -78.38 4.48
CA MET F 277 -46.99 -77.70 5.17
C MET F 277 -46.80 -76.17 5.23
N ARG F 278 -45.57 -75.69 5.09
CA ARG F 278 -45.28 -74.27 5.27
C ARG F 278 -45.84 -73.45 4.13
N PRO F 279 -46.22 -72.20 4.41
CA PRO F 279 -46.71 -71.30 3.37
C PRO F 279 -45.65 -71.07 2.30
N SER F 280 -46.07 -70.62 1.13
CA SER F 280 -45.16 -70.09 0.13
C SER F 280 -45.06 -68.60 0.41
N PHE F 281 -44.02 -67.93 -0.09
CA PHE F 281 -43.89 -66.49 0.09
C PHE F 281 -45.05 -65.77 -0.56
N LEU F 282 -45.58 -66.35 -1.62
CA LEU F 282 -46.75 -65.79 -2.29
C LEU F 282 -47.95 -65.84 -1.36
N GLU F 283 -48.19 -67.00 -0.75
CA GLU F 283 -49.30 -67.17 0.17
C GLU F 283 -49.19 -66.18 1.34
N ILE F 284 -47.96 -65.94 1.78
CA ILE F 284 -47.73 -65.08 2.94
C ILE F 284 -48.15 -63.69 2.58
N ILE F 285 -47.69 -63.22 1.42
CA ILE F 285 -48.02 -61.87 0.96
C ILE F 285 -49.52 -61.80 0.74
N SER F 286 -50.06 -62.86 0.16
CA SER F 286 -51.48 -62.92 -0.13
C SER F 286 -52.26 -62.51 1.12
N SER F 287 -51.84 -63.03 2.26
CA SER F 287 -52.60 -62.90 3.48
C SER F 287 -52.50 -61.53 4.14
N ILE F 288 -51.48 -60.74 3.77
CA ILE F 288 -51.28 -59.45 4.39
C ILE F 288 -51.22 -58.30 3.40
N LYS F 289 -51.40 -58.60 2.13
CA LYS F 289 -51.31 -57.60 1.07
C LYS F 289 -52.33 -56.48 1.26
N GLU F 290 -53.35 -56.73 2.07
CA GLU F 290 -54.42 -55.77 2.25
C GLU F 290 -54.01 -54.73 3.27
N GLU F 291 -52.87 -54.96 3.91
CA GLU F 291 -52.40 -54.10 5.01
C GLU F 291 -51.04 -53.51 4.71
N MET F 292 -50.67 -53.48 3.44
CA MET F 292 -49.41 -52.91 3.02
C MET F 292 -49.63 -51.47 2.56
N GLU F 293 -48.65 -50.60 2.76
CA GLU F 293 -48.76 -49.21 2.30
C GLU F 293 -49.05 -49.16 0.79
N PRO F 294 -49.76 -48.12 0.34
CA PRO F 294 -50.27 -47.94 -1.04
C PRO F 294 -49.23 -48.26 -2.12
N GLY F 295 -48.03 -47.70 -1.99
CA GLY F 295 -46.99 -47.86 -3.00
C GLY F 295 -46.71 -49.30 -3.43
N PHE F 296 -46.99 -50.25 -2.55
CA PHE F 296 -46.73 -51.67 -2.81
C PHE F 296 -47.24 -52.20 -4.17
N ARG F 297 -48.53 -52.04 -4.46
CA ARG F 297 -49.10 -52.58 -5.69
C ARG F 297 -48.28 -52.20 -6.92
N GLU F 298 -47.75 -50.98 -6.92
CA GLU F 298 -47.04 -50.43 -8.05
C GLU F 298 -45.56 -50.85 -8.16
N VAL F 299 -44.98 -51.38 -7.09
CA VAL F 299 -43.54 -51.69 -7.05
C VAL F 299 -43.22 -53.17 -6.82
N SER F 300 -44.14 -53.89 -6.19
CA SER F 300 -43.88 -55.26 -5.81
C SER F 300 -43.79 -56.19 -7.02
N PHE F 301 -43.25 -57.37 -6.79
CA PHE F 301 -43.21 -58.43 -7.76
C PHE F 301 -44.53 -59.16 -7.74
N TYR F 302 -45.11 -59.25 -6.55
CA TYR F 302 -46.39 -59.93 -6.36
C TYR F 302 -47.43 -59.41 -7.35
N TYR F 303 -47.56 -58.10 -7.40
CA TYR F 303 -48.53 -57.42 -8.25
C TYR F 303 -47.92 -57.04 -9.58
N SER F 304 -46.92 -57.81 -10.02
CA SER F 304 -46.26 -57.50 -11.28
C SER F 304 -46.61 -58.52 -12.35
N GLU F 305 -46.26 -58.19 -13.60
CA GLU F 305 -46.56 -59.00 -14.76
C GLU F 305 -45.88 -60.37 -14.70
N GLU F 306 -44.63 -60.39 -14.26
CA GLU F 306 -43.86 -61.63 -14.12
C GLU F 306 -44.59 -62.66 -13.24
N ASN F 307 -45.35 -62.20 -12.27
CA ASN F 307 -46.03 -63.11 -11.34
C ASN F 307 -47.38 -63.61 -11.87
N SER G 2 6.55 -27.47 -64.99
CA SER G 2 6.60 -26.07 -65.44
C SER G 2 6.44 -25.04 -64.31
N PHE G 3 6.89 -23.82 -64.60
CA PHE G 3 6.83 -22.71 -63.66
C PHE G 3 5.52 -21.93 -63.87
N SER G 4 4.73 -21.80 -62.80
CA SER G 4 3.45 -21.10 -62.86
C SER G 4 3.21 -20.33 -61.57
N ALA G 5 2.15 -19.51 -61.54
CA ALA G 5 1.81 -18.74 -60.36
C ALA G 5 1.74 -19.59 -59.08
N ALA G 6 1.27 -20.82 -59.22
CA ALA G 6 1.20 -21.73 -58.08
C ALA G 6 2.57 -21.88 -57.42
N ASP G 7 3.63 -21.69 -58.18
CA ASP G 7 4.97 -21.96 -57.68
C ASP G 7 5.44 -20.97 -56.62
N VAL G 8 5.05 -19.72 -56.79
CA VAL G 8 5.53 -18.62 -55.96
C VAL G 8 4.51 -18.08 -54.95
N TYR G 9 3.22 -18.17 -55.29
CA TYR G 9 2.18 -17.60 -54.44
C TYR G 9 1.66 -18.53 -53.34
N VAL G 10 2.14 -19.77 -53.30
CA VAL G 10 1.76 -20.67 -52.20
C VAL G 10 3.00 -21.09 -51.43
N PRO G 11 3.00 -20.84 -50.12
CA PRO G 11 4.13 -21.22 -49.27
C PRO G 11 4.37 -22.71 -49.47
N ASP G 12 5.61 -23.11 -49.71
CA ASP G 12 5.90 -24.52 -49.96
C ASP G 12 5.47 -25.41 -48.79
N GLU G 13 5.03 -24.79 -47.69
CA GLU G 13 4.52 -25.54 -46.53
C GLU G 13 3.02 -25.88 -46.60
N TRP G 14 2.40 -25.60 -47.74
CA TRP G 14 1.04 -26.04 -48.03
C TRP G 14 1.05 -26.97 -49.24
N GLU G 15 2.25 -27.28 -49.72
CA GLU G 15 2.41 -28.14 -50.88
C GLU G 15 2.11 -29.61 -50.56
N VAL G 16 1.65 -30.33 -51.58
CA VAL G 16 1.41 -31.76 -51.50
C VAL G 16 1.58 -32.42 -52.87
N ALA G 17 2.34 -33.51 -52.91
CA ALA G 17 2.60 -34.19 -54.17
C ALA G 17 1.30 -34.73 -54.71
N ARG G 18 1.02 -34.47 -55.98
CA ARG G 18 -0.24 -34.93 -56.55
C ARG G 18 -0.32 -36.45 -56.66
N GLU G 19 0.77 -37.13 -56.31
CA GLU G 19 0.78 -38.59 -56.25
C GLU G 19 -0.04 -39.01 -55.04
N LYS G 20 0.02 -38.19 -54.00
CA LYS G 20 -0.73 -38.38 -52.76
C LYS G 20 -2.23 -38.29 -52.99
N ILE G 21 -2.62 -37.50 -53.99
CA ILE G 21 -4.03 -37.23 -54.26
C ILE G 21 -4.56 -38.10 -55.39
N THR G 22 -5.80 -38.54 -55.25
CA THR G 22 -6.49 -39.28 -56.32
C THR G 22 -7.98 -38.90 -56.36
N MET G 23 -8.43 -38.49 -57.54
CA MET G 23 -9.80 -38.00 -57.70
C MET G 23 -10.73 -39.13 -58.11
N SER G 24 -11.93 -39.13 -57.57
CA SER G 24 -12.85 -40.26 -57.75
C SER G 24 -14.05 -39.88 -58.60
N ARG G 25 -14.80 -38.88 -58.16
CA ARG G 25 -15.98 -38.47 -58.90
C ARG G 25 -16.28 -36.99 -58.75
N GLU G 26 -16.71 -36.36 -59.84
CA GLU G 26 -17.06 -34.94 -59.79
C GLU G 26 -18.05 -34.68 -58.67
N LEU G 27 -18.00 -33.46 -58.13
CA LEU G 27 -19.03 -32.99 -57.20
C LEU G 27 -19.87 -31.90 -57.87
N GLY G 28 -19.21 -30.95 -58.52
CA GLY G 28 -19.92 -29.85 -59.16
C GLY G 28 -18.95 -28.83 -59.70
N GLN G 29 -19.47 -27.80 -60.34
CA GLN G 29 -18.65 -26.71 -60.82
C GLN G 29 -18.33 -25.76 -59.68
N GLY G 30 -17.11 -25.23 -59.70
CA GLY G 30 -16.65 -24.37 -58.63
C GLY G 30 -16.16 -23.06 -59.18
N SER G 31 -16.03 -22.08 -58.29
CA SER G 31 -15.69 -20.72 -58.71
C SER G 31 -14.65 -20.66 -59.84
N PHE G 32 -13.51 -21.34 -59.66
CA PHE G 32 -12.42 -21.18 -60.63
C PHE G 32 -12.23 -22.44 -61.47
N GLY G 33 -13.04 -23.46 -61.23
CA GLY G 33 -12.86 -24.72 -61.91
C GLY G 33 -13.79 -25.79 -61.38
N MET G 34 -13.41 -27.06 -61.59
CA MET G 34 -14.27 -28.19 -61.28
C MET G 34 -13.89 -28.88 -59.95
N VAL G 35 -14.89 -29.11 -59.09
CA VAL G 35 -14.67 -29.76 -57.80
C VAL G 35 -14.90 -31.27 -57.88
N TYR G 36 -13.96 -32.04 -57.35
CA TYR G 36 -14.08 -33.50 -57.28
C TYR G 36 -14.06 -34.01 -55.84
N GLU G 37 -14.58 -35.22 -55.64
CA GLU G 37 -14.44 -35.91 -54.37
C GLU G 37 -13.28 -36.89 -54.49
N GLY G 38 -12.60 -37.15 -53.38
CA GLY G 38 -11.47 -38.05 -53.47
C GLY G 38 -10.74 -38.29 -52.17
N VAL G 39 -9.54 -38.85 -52.29
CA VAL G 39 -8.76 -39.26 -51.14
C VAL G 39 -7.38 -38.64 -51.17
N ALA G 40 -6.98 -38.09 -50.03
CA ALA G 40 -5.65 -37.53 -49.86
C ALA G 40 -4.89 -38.41 -48.89
N LYS G 41 -3.83 -39.05 -49.38
CA LYS G 41 -2.99 -39.86 -48.48
C LYS G 41 -1.96 -39.03 -47.68
N GLY G 42 -1.94 -39.28 -46.38
CA GLY G 42 -1.00 -38.64 -45.48
C GLY G 42 -1.02 -37.14 -45.49
N VAL G 43 -2.20 -36.55 -45.34
CA VAL G 43 -2.34 -35.10 -45.36
C VAL G 43 -3.01 -34.58 -44.08
N VAL G 44 -3.63 -35.49 -43.33
CA VAL G 44 -4.22 -35.15 -42.05
C VAL G 44 -3.50 -35.96 -40.97
N LYS G 45 -2.92 -35.25 -40.00
CA LYS G 45 -2.16 -35.89 -38.92
C LYS G 45 -2.90 -37.10 -38.36
N ASP G 46 -2.22 -38.22 -38.27
CA ASP G 46 -2.79 -39.44 -37.70
C ASP G 46 -3.91 -40.01 -38.57
N GLU G 47 -3.83 -39.69 -39.86
CA GLU G 47 -4.70 -40.30 -40.86
C GLU G 47 -3.87 -40.73 -42.06
N PRO G 48 -3.77 -42.03 -42.27
CA PRO G 48 -3.14 -42.61 -43.46
C PRO G 48 -3.84 -42.13 -44.72
N GLU G 49 -5.16 -42.00 -44.63
CA GLU G 49 -5.95 -41.48 -45.73
C GLU G 49 -7.06 -40.57 -45.20
N THR G 50 -7.52 -39.66 -46.06
CA THR G 50 -8.63 -38.77 -45.74
C THR G 50 -9.51 -38.59 -46.97
N ARG G 51 -10.80 -38.38 -46.73
CA ARG G 51 -11.70 -37.97 -47.81
C ARG G 51 -11.66 -36.46 -47.91
N VAL G 52 -11.48 -35.98 -49.14
CA VAL G 52 -11.30 -34.56 -49.37
C VAL G 52 -12.03 -34.12 -50.61
N ALA G 53 -12.30 -32.82 -50.70
CA ALA G 53 -12.78 -32.18 -51.92
C ALA G 53 -11.57 -31.65 -52.65
N ILE G 54 -11.55 -31.84 -53.96
CA ILE G 54 -10.46 -31.35 -54.80
C ILE G 54 -11.02 -30.42 -55.87
N LYS G 55 -10.47 -29.22 -55.96
CA LYS G 55 -10.77 -28.37 -57.09
C LYS G 55 -9.59 -28.42 -58.03
N THR G 56 -9.88 -28.39 -59.33
CA THR G 56 -8.85 -28.29 -60.36
C THR G 56 -8.95 -26.96 -61.14
N VAL G 57 -7.88 -26.17 -61.12
CA VAL G 57 -7.80 -25.00 -61.97
C VAL G 57 -7.06 -25.38 -63.24
N ASN G 58 -7.73 -25.29 -64.37
CA ASN G 58 -7.13 -25.75 -65.62
C ASN G 58 -6.09 -24.76 -66.19
N GLU G 59 -5.41 -25.16 -67.26
CA GLU G 59 -4.41 -24.29 -67.90
C GLU G 59 -5.08 -23.08 -68.55
N ALA G 60 -6.16 -23.35 -69.29
CA ALA G 60 -7.00 -22.31 -69.91
C ALA G 60 -7.65 -21.37 -68.90
N ALA G 61 -6.91 -21.04 -67.85
CA ALA G 61 -7.30 -20.03 -66.89
C ALA G 61 -6.21 -18.97 -66.88
N SER G 62 -6.58 -17.70 -67.03
CA SER G 62 -5.60 -16.61 -67.09
C SER G 62 -4.72 -16.54 -65.85
N MET G 63 -3.51 -15.98 -66.00
CA MET G 63 -2.60 -15.84 -64.87
C MET G 63 -3.25 -14.99 -63.77
N ARG G 64 -3.94 -13.93 -64.20
CA ARG G 64 -4.73 -13.10 -63.30
C ARG G 64 -5.65 -13.99 -62.49
N GLU G 65 -6.53 -14.68 -63.20
CA GLU G 65 -7.46 -15.60 -62.60
C GLU G 65 -6.76 -16.46 -61.55
N ARG G 66 -5.66 -17.11 -61.92
CA ARG G 66 -5.04 -18.06 -61.00
C ARG G 66 -4.40 -17.37 -59.80
N ILE G 67 -3.90 -16.16 -60.00
CA ILE G 67 -3.24 -15.46 -58.90
C ILE G 67 -4.24 -14.99 -57.86
N GLU G 68 -5.40 -14.53 -58.32
CA GLU G 68 -6.46 -14.12 -57.40
C GLU G 68 -6.93 -15.33 -56.62
N PHE G 69 -7.29 -16.40 -57.35
CA PHE G 69 -7.74 -17.66 -56.77
C PHE G 69 -6.77 -18.19 -55.72
N LEU G 70 -5.48 -18.04 -55.99
CA LEU G 70 -4.44 -18.45 -55.06
C LEU G 70 -4.39 -17.56 -53.82
N ASN G 71 -4.70 -16.27 -53.99
CA ASN G 71 -4.67 -15.31 -52.89
C ASN G 71 -5.83 -15.47 -51.93
N GLU G 72 -6.99 -15.83 -52.49
CA GLU G 72 -8.17 -16.17 -51.72
C GLU G 72 -7.90 -17.39 -50.84
N ALA G 73 -7.26 -18.40 -51.43
CA ALA G 73 -6.86 -19.58 -50.67
C ALA G 73 -5.80 -19.24 -49.63
N SER G 74 -5.08 -18.13 -49.84
CA SER G 74 -4.02 -17.74 -48.92
C SER G 74 -4.59 -17.28 -47.59
N VAL G 75 -5.74 -16.62 -47.62
CA VAL G 75 -6.40 -16.21 -46.39
C VAL G 75 -6.95 -17.43 -45.63
N MET G 76 -7.47 -18.40 -46.39
CA MET G 76 -7.87 -19.71 -45.86
C MET G 76 -6.91 -20.31 -44.86
N LYS G 77 -5.63 -20.31 -45.20
CA LYS G 77 -4.61 -21.02 -44.43
C LYS G 77 -4.49 -20.47 -43.02
N GLU G 78 -4.75 -19.19 -42.87
CA GLU G 78 -4.78 -18.59 -41.53
C GLU G 78 -5.76 -19.28 -40.59
N PHE G 79 -6.98 -19.55 -41.07
CA PHE G 79 -8.06 -20.09 -40.21
C PHE G 79 -7.90 -21.57 -39.90
N ASN G 80 -7.82 -21.89 -38.62
CA ASN G 80 -7.73 -23.28 -38.19
C ASN G 80 -8.71 -23.54 -37.07
N CYS G 81 -10.00 -23.54 -37.41
CA CYS G 81 -11.07 -23.67 -36.42
C CYS G 81 -11.88 -24.90 -36.71
N HIS G 82 -12.45 -25.52 -35.69
CA HIS G 82 -13.24 -26.72 -35.93
C HIS G 82 -14.48 -26.40 -36.77
N HIS G 83 -14.96 -25.18 -36.64
CA HIS G 83 -16.19 -24.79 -37.34
C HIS G 83 -15.97 -23.91 -38.56
N VAL G 84 -14.78 -24.01 -39.14
CA VAL G 84 -14.47 -23.36 -40.41
C VAL G 84 -13.93 -24.45 -41.35
N VAL G 85 -14.51 -24.56 -42.54
CA VAL G 85 -14.03 -25.53 -43.51
C VAL G 85 -12.54 -25.28 -43.78
N ARG G 86 -11.73 -26.31 -43.60
CA ARG G 86 -10.27 -26.13 -43.58
C ARG G 86 -9.57 -26.47 -44.90
N LEU G 87 -8.60 -25.65 -45.27
CA LEU G 87 -7.76 -25.95 -46.42
C LEU G 87 -6.66 -26.91 -45.99
N LEU G 88 -6.59 -28.04 -46.68
CA LEU G 88 -5.65 -29.08 -46.32
C LEU G 88 -4.34 -28.94 -47.08
N GLY G 89 -4.35 -28.17 -48.15
CA GLY G 89 -3.14 -27.96 -48.93
C GLY G 89 -3.44 -27.81 -50.40
N VAL G 90 -2.44 -27.39 -51.15
CA VAL G 90 -2.59 -27.26 -52.58
C VAL G 90 -1.42 -27.88 -53.35
N VAL G 91 -1.72 -28.76 -54.30
CA VAL G 91 -0.72 -29.32 -55.20
C VAL G 91 -0.26 -28.27 -56.23
N SER G 92 0.99 -27.82 -56.11
CA SER G 92 1.47 -26.71 -56.94
C SER G 92 2.33 -27.14 -58.14
N GLN G 93 2.99 -28.29 -58.02
CA GLN G 93 3.81 -28.83 -59.11
C GLN G 93 3.00 -29.74 -60.05
N GLY G 94 2.60 -29.20 -61.19
CA GLY G 94 1.82 -29.98 -62.12
C GLY G 94 0.95 -29.17 -63.05
N GLN G 95 0.19 -29.88 -63.87
CA GLN G 95 -0.52 -29.27 -64.99
C GLN G 95 -1.81 -28.60 -64.56
N PRO G 96 -2.73 -29.35 -63.94
CA PRO G 96 -3.83 -28.65 -63.25
C PRO G 96 -3.50 -28.44 -61.77
N THR G 97 -3.48 -27.20 -61.30
CA THR G 97 -3.28 -26.90 -59.88
C THR G 97 -4.43 -27.49 -59.07
N LEU G 98 -4.10 -28.17 -57.97
CA LEU G 98 -5.12 -28.79 -57.14
C LEU G 98 -5.21 -28.13 -55.78
N VAL G 99 -6.41 -27.70 -55.41
CA VAL G 99 -6.67 -27.26 -54.04
C VAL G 99 -7.40 -28.34 -53.25
N ILE G 100 -6.81 -28.75 -52.13
CA ILE G 100 -7.39 -29.81 -51.29
C ILE G 100 -8.11 -29.23 -50.08
N MET G 101 -9.43 -29.39 -50.07
CA MET G 101 -10.25 -28.87 -48.98
C MET G 101 -10.88 -30.01 -48.20
N GLU G 102 -11.05 -29.80 -46.91
CA GLU G 102 -11.79 -30.73 -46.05
C GLU G 102 -13.11 -31.07 -46.73
N LEU G 103 -13.42 -32.35 -46.85
CA LEU G 103 -14.65 -32.74 -47.51
C LEU G 103 -15.83 -32.47 -46.58
N MET G 104 -16.93 -32.01 -47.16
CA MET G 104 -18.18 -31.81 -46.44
C MET G 104 -19.31 -32.59 -47.11
N THR G 105 -19.41 -33.87 -46.74
CA THR G 105 -20.30 -34.81 -47.43
C THR G 105 -21.71 -34.30 -47.76
N ARG G 106 -22.29 -33.49 -46.90
CA ARG G 106 -23.71 -33.14 -47.06
C ARG G 106 -23.97 -31.82 -47.76
N GLY G 107 -23.00 -31.34 -48.52
CA GLY G 107 -23.15 -30.10 -49.26
C GLY G 107 -23.49 -28.91 -48.36
N ASP G 108 -23.94 -27.82 -49.00
CA ASP G 108 -24.16 -26.54 -48.34
C ASP G 108 -25.42 -26.53 -47.50
N LEU G 109 -25.46 -25.62 -46.54
CA LEU G 109 -26.49 -25.64 -45.54
C LEU G 109 -27.82 -25.34 -46.17
N LYS G 110 -27.80 -24.53 -47.22
CA LYS G 110 -29.05 -24.15 -47.87
C LYS G 110 -29.71 -25.37 -48.48
N SER G 111 -28.94 -26.12 -49.27
CA SER G 111 -29.45 -27.29 -49.99
C SER G 111 -29.89 -28.37 -49.02
N TYR G 112 -29.13 -28.51 -47.95
CA TYR G 112 -29.46 -29.48 -46.93
C TYR G 112 -30.76 -29.07 -46.24
N LEU G 113 -30.90 -27.79 -45.91
CA LEU G 113 -32.14 -27.34 -45.31
C LEU G 113 -33.31 -27.66 -46.22
N ARG G 114 -33.11 -27.55 -47.53
CA ARG G 114 -34.20 -27.79 -48.48
C ARG G 114 -34.60 -29.25 -48.56
N SER G 115 -33.61 -30.12 -48.39
CA SER G 115 -33.82 -31.55 -48.49
C SER G 115 -34.61 -32.11 -47.30
N LEU G 116 -35.01 -31.25 -46.38
CA LEU G 116 -35.79 -31.71 -45.22
C LEU G 116 -37.25 -31.41 -45.43
N ARG G 117 -37.56 -30.69 -46.50
CA ARG G 117 -38.93 -30.34 -46.80
C ARG G 117 -39.63 -31.55 -47.34
N PRO G 118 -40.95 -31.58 -47.20
CA PRO G 118 -41.76 -32.71 -47.69
C PRO G 118 -41.57 -32.94 -49.21
N GLU G 119 -42.18 -32.07 -50.03
CA GLU G 119 -42.17 -32.14 -51.49
C GLU G 119 -43.48 -31.62 -52.08
N PRO G 124 -47.19 -28.60 -48.15
CA PRO G 124 -46.65 -27.58 -47.23
C PRO G 124 -46.41 -28.16 -45.84
N VAL G 125 -46.97 -27.52 -44.81
CA VAL G 125 -46.81 -27.97 -43.43
C VAL G 125 -45.47 -27.50 -42.83
N LEU G 126 -44.37 -27.98 -43.39
CA LEU G 126 -43.02 -27.48 -43.09
C LEU G 126 -42.68 -27.21 -41.62
N ALA G 127 -42.40 -28.29 -40.88
CA ALA G 127 -41.86 -28.17 -39.53
C ALA G 127 -40.32 -28.10 -39.57
N PRO G 128 -39.74 -27.22 -38.75
CA PRO G 128 -38.29 -27.00 -38.72
C PRO G 128 -37.57 -28.06 -37.92
N PRO G 129 -36.26 -28.19 -38.11
CA PRO G 129 -35.52 -29.15 -37.29
C PRO G 129 -35.84 -28.90 -35.83
N SER G 130 -35.64 -29.90 -34.97
CA SER G 130 -35.90 -29.72 -33.55
C SER G 130 -35.04 -28.59 -33.04
N LEU G 131 -35.59 -27.77 -32.14
CA LEU G 131 -34.87 -26.62 -31.59
C LEU G 131 -33.44 -27.01 -31.15
N SER G 132 -33.26 -28.26 -30.75
CA SER G 132 -31.98 -28.75 -30.25
C SER G 132 -30.99 -28.87 -31.40
N LYS G 133 -31.48 -29.38 -32.52
CA LYS G 133 -30.69 -29.47 -33.74
C LYS G 133 -30.41 -28.08 -34.25
N MET G 134 -31.39 -27.21 -34.19
CA MET G 134 -31.23 -25.85 -34.66
C MET G 134 -30.21 -25.09 -33.82
N ILE G 135 -30.30 -25.23 -32.51
CA ILE G 135 -29.36 -24.56 -31.60
C ILE G 135 -27.94 -25.05 -31.83
N GLN G 136 -27.79 -26.36 -32.03
CA GLN G 136 -26.51 -26.93 -32.42
C GLN G 136 -25.95 -26.19 -33.64
N MET G 137 -26.66 -26.24 -34.76
CA MET G 137 -26.28 -25.50 -35.95
C MET G 137 -25.97 -24.03 -35.65
N ALA G 138 -26.85 -23.37 -34.90
CA ALA G 138 -26.66 -21.96 -34.59
C ALA G 138 -25.33 -21.75 -33.88
N GLY G 139 -25.08 -22.56 -32.85
CA GLY G 139 -23.85 -22.45 -32.08
C GLY G 139 -22.57 -22.71 -32.85
N GLU G 140 -22.59 -23.70 -33.75
CA GLU G 140 -21.44 -24.05 -34.56
C GLU G 140 -21.14 -22.98 -35.61
N ILE G 141 -22.19 -22.33 -36.11
CA ILE G 141 -22.01 -21.21 -37.04
C ILE G 141 -21.48 -20.01 -36.25
N ALA G 142 -22.00 -19.83 -35.04
CA ALA G 142 -21.62 -18.66 -34.28
C ALA G 142 -20.17 -18.80 -33.88
N ASP G 143 -19.77 -20.03 -33.61
CA ASP G 143 -18.44 -20.28 -33.09
C ASP G 143 -17.37 -19.95 -34.12
N GLY G 144 -17.56 -20.48 -35.33
CA GLY G 144 -16.68 -20.18 -36.45
C GLY G 144 -16.60 -18.69 -36.72
N MET G 145 -17.74 -18.02 -36.73
CA MET G 145 -17.81 -16.58 -36.90
C MET G 145 -17.05 -15.84 -35.80
N ALA G 146 -17.23 -16.28 -34.55
CA ALA G 146 -16.56 -15.62 -33.43
C ALA G 146 -15.07 -15.71 -33.63
N TYR G 147 -14.64 -16.82 -34.24
CA TYR G 147 -13.24 -17.09 -34.58
C TYR G 147 -12.71 -16.17 -35.67
N LEU G 148 -13.48 -16.02 -36.75
CA LEU G 148 -13.24 -14.99 -37.75
C LEU G 148 -13.13 -13.58 -37.16
N ASN G 149 -14.08 -13.19 -36.32
CA ASN G 149 -14.12 -11.83 -35.81
C ASN G 149 -13.01 -11.61 -34.80
N ALA G 150 -12.50 -12.70 -34.24
CA ALA G 150 -11.40 -12.62 -33.30
C ALA G 150 -10.08 -12.41 -34.06
N ASN G 151 -9.97 -12.99 -35.24
CA ASN G 151 -8.78 -12.81 -36.05
C ASN G 151 -8.98 -11.61 -36.95
N LYS G 152 -9.91 -10.74 -36.56
CA LYS G 152 -10.08 -9.47 -37.22
C LYS G 152 -10.46 -9.55 -38.70
N PHE G 153 -11.43 -10.38 -39.02
CA PHE G 153 -11.97 -10.41 -40.37
C PHE G 153 -13.48 -10.21 -40.33
N VAL G 154 -14.02 -9.73 -41.44
CA VAL G 154 -15.46 -9.64 -41.60
C VAL G 154 -15.83 -10.56 -42.74
N HIS G 155 -16.91 -11.31 -42.59
CA HIS G 155 -17.29 -12.26 -43.62
C HIS G 155 -17.99 -11.54 -44.78
N ARG G 156 -18.91 -10.63 -44.41
CA ARG G 156 -19.70 -9.85 -45.36
C ARG G 156 -20.75 -10.69 -46.07
N ASP G 157 -20.51 -11.99 -46.15
CA ASP G 157 -21.26 -12.83 -47.05
C ASP G 157 -21.99 -13.97 -46.33
N LEU G 158 -22.01 -13.95 -45.00
CA LEU G 158 -22.62 -15.06 -44.26
C LEU G 158 -24.05 -15.35 -44.75
N ALA G 159 -24.27 -16.61 -45.13
CA ALA G 159 -25.57 -17.08 -45.61
C ALA G 159 -25.60 -18.59 -45.55
N ALA G 160 -26.80 -19.16 -45.53
CA ALA G 160 -26.96 -20.60 -45.52
C ALA G 160 -26.19 -21.21 -46.69
N ARG G 161 -26.24 -20.56 -47.83
CA ARG G 161 -25.63 -21.11 -49.04
C ARG G 161 -24.11 -21.20 -48.94
N ASN G 162 -23.53 -20.59 -47.91
CA ASN G 162 -22.07 -20.53 -47.70
C ASN G 162 -21.55 -21.42 -46.59
N CYS G 163 -22.45 -21.93 -45.75
CA CYS G 163 -22.06 -22.89 -44.73
C CYS G 163 -22.15 -24.29 -45.32
N MET G 164 -21.35 -25.20 -44.78
CA MET G 164 -21.33 -26.58 -45.24
C MET G 164 -21.74 -27.52 -44.13
N VAL G 165 -22.28 -28.67 -44.50
CA VAL G 165 -22.67 -29.69 -43.53
C VAL G 165 -21.80 -30.94 -43.67
N ALA G 166 -21.19 -31.37 -42.56
CA ALA G 166 -20.33 -32.56 -42.53
C ALA G 166 -21.12 -33.86 -42.35
N GLU G 167 -20.53 -34.99 -42.73
CA GLU G 167 -21.15 -36.31 -42.54
C GLU G 167 -21.84 -36.51 -41.19
N ASP G 168 -21.31 -35.90 -40.14
CA ASP G 168 -21.96 -36.02 -38.83
C ASP G 168 -22.92 -34.86 -38.51
N PHE G 169 -23.19 -34.05 -39.53
CA PHE G 169 -24.22 -32.99 -39.48
C PHE G 169 -23.72 -31.68 -38.87
N THR G 170 -22.41 -31.62 -38.71
CA THR G 170 -21.76 -30.44 -38.21
C THR G 170 -21.76 -29.39 -39.31
N VAL G 171 -22.03 -28.16 -38.91
CA VAL G 171 -22.06 -27.05 -39.85
C VAL G 171 -20.83 -26.20 -39.65
N LYS G 172 -20.13 -25.89 -40.73
CA LYS G 172 -18.94 -25.03 -40.68
C LYS G 172 -19.03 -23.90 -41.68
N ILE G 173 -18.48 -22.74 -41.34
CA ILE G 173 -18.42 -21.62 -42.27
C ILE G 173 -17.43 -21.98 -43.37
N GLY G 174 -17.71 -21.54 -44.59
CA GLY G 174 -17.05 -22.18 -45.70
C GLY G 174 -16.60 -21.39 -46.90
N ASP G 175 -17.18 -20.22 -47.14
CA ASP G 175 -16.80 -19.50 -48.35
C ASP G 175 -16.32 -18.09 -48.02
N PHE G 176 -15.06 -17.81 -48.35
CA PHE G 176 -14.43 -16.56 -47.89
C PHE G 176 -13.96 -15.66 -49.01
N GLY G 177 -14.62 -15.68 -50.15
CA GLY G 177 -14.14 -14.90 -51.26
C GLY G 177 -14.41 -13.43 -51.03
N MET G 178 -15.23 -13.17 -50.02
CA MET G 178 -15.81 -11.86 -49.85
C MET G 178 -15.37 -11.19 -48.55
N THR G 179 -14.64 -11.95 -47.73
CA THR G 179 -14.20 -11.48 -46.44
C THR G 179 -12.97 -10.57 -46.49
N ARG G 180 -12.94 -9.61 -45.56
CA ARG G 180 -11.91 -8.58 -45.55
C ARG G 180 -11.21 -8.49 -44.19
N ASP G 181 -9.94 -8.12 -44.21
CA ASP G 181 -9.17 -7.88 -43.00
C ASP G 181 -9.59 -6.54 -42.40
N ILE G 182 -9.70 -6.50 -41.08
CA ILE G 182 -10.12 -5.28 -40.37
C ILE G 182 -9.29 -4.98 -39.12
N PTR G 183 -8.09 -5.56 -38.99
CA PTR G 183 -7.14 -5.07 -38.00
C PTR G 183 -6.89 -3.62 -38.37
O PTR G 183 -6.65 -3.31 -39.54
CB PTR G 183 -5.83 -5.85 -38.01
CG PTR G 183 -4.83 -5.42 -36.94
CD1 PTR G 183 -3.66 -4.75 -37.25
CD2 PTR G 183 -5.08 -5.69 -35.59
CE1 PTR G 183 -2.75 -4.35 -36.26
CE2 PTR G 183 -4.19 -5.30 -34.60
CZ PTR G 183 -3.03 -4.63 -34.94
OH PTR G 183 -2.14 -4.24 -33.96
N GLU G 184 -6.97 -2.72 -37.39
CA GLU G 184 -6.99 -1.29 -37.68
C GLU G 184 -8.34 -1.07 -38.36
N THR G 185 -9.07 -0.03 -37.97
CA THR G 185 -10.35 0.31 -38.64
C THR G 185 -11.58 -0.39 -38.05
N ASP G 186 -11.52 -1.72 -37.94
CA ASP G 186 -12.66 -2.50 -37.47
C ASP G 186 -13.88 -2.22 -38.34
N PTR G 187 -13.63 -2.14 -39.65
CA PTR G 187 -14.69 -1.92 -40.63
C PTR G 187 -14.12 -1.97 -42.05
O PTR G 187 -12.96 -1.64 -42.31
CB PTR G 187 -15.48 -0.62 -40.42
CG PTR G 187 -14.83 0.67 -40.92
CD1 PTR G 187 -13.98 1.41 -40.11
CD2 PTR G 187 -15.06 1.15 -42.20
CE1 PTR G 187 -13.39 2.59 -40.56
CE2 PTR G 187 -14.48 2.31 -42.67
CZ PTR G 187 -13.64 3.03 -41.84
OH PTR G 187 -13.09 4.08 -42.25
P PTR G 187 -13.80 5.32 -43.01
O1P PTR G 187 -14.22 4.92 -44.36
O2P PTR G 187 -14.99 5.90 -42.20
O3P PTR G 187 -12.78 6.47 -43.20
N PTR G 188 -14.97 -2.38 -42.99
CA PTR G 188 -14.66 -2.36 -44.40
C PTR G 188 -15.67 -1.45 -45.06
O PTR G 188 -16.83 -1.44 -44.68
CB PTR G 188 -14.74 -3.77 -45.00
CG PTR G 188 -14.66 -3.80 -46.51
CD1 PTR G 188 -13.45 -3.72 -47.18
CD2 PTR G 188 -15.82 -3.86 -47.28
CE1 PTR G 188 -13.38 -3.73 -48.55
CE2 PTR G 188 -15.76 -3.88 -48.66
CZ PTR G 188 -14.53 -3.81 -49.29
OH PTR G 188 -14.52 -3.81 -50.52
P PTR G 188 -13.22 -3.91 -51.48
O1P PTR G 188 -13.40 -2.99 -52.62
O2P PTR G 188 -13.11 -5.36 -52.00
O3P PTR G 188 -11.91 -3.55 -50.74
N ARG G 189 -15.25 -0.67 -46.05
CA ARG G 189 -16.17 0.17 -46.79
C ARG G 189 -16.00 -0.04 -48.29
N LYS G 190 -17.09 -0.46 -48.93
CA LYS G 190 -17.11 -0.76 -50.36
C LYS G 190 -17.14 0.48 -51.22
N GLY G 191 -16.13 0.61 -52.07
CA GLY G 191 -15.97 1.78 -52.92
C GLY G 191 -16.94 1.83 -54.08
N GLY G 192 -16.92 0.79 -54.91
CA GLY G 192 -17.76 0.79 -56.10
C GLY G 192 -18.93 -0.17 -56.02
N LYS G 193 -19.28 -0.72 -57.19
CA LYS G 193 -20.32 -1.74 -57.29
C LYS G 193 -20.04 -2.98 -56.46
N GLY G 194 -21.05 -3.40 -55.70
CA GLY G 194 -21.00 -4.64 -54.95
C GLY G 194 -22.06 -5.63 -55.38
N LEU G 195 -21.69 -6.91 -55.43
CA LEU G 195 -22.61 -7.96 -55.83
C LEU G 195 -23.08 -8.86 -54.69
N LEU G 196 -23.04 -8.34 -53.46
CA LEU G 196 -23.61 -9.07 -52.34
C LEU G 196 -25.13 -9.05 -52.42
N PRO G 197 -25.77 -10.18 -52.11
CA PRO G 197 -27.23 -10.24 -52.12
C PRO G 197 -27.79 -9.30 -51.05
N VAL G 198 -28.78 -8.49 -51.39
CA VAL G 198 -29.27 -7.47 -50.48
C VAL G 198 -30.13 -8.01 -49.34
N ARG G 199 -30.68 -9.21 -49.53
CA ARG G 199 -31.58 -9.79 -48.53
C ARG G 199 -30.84 -10.24 -47.27
N TRP G 200 -29.52 -10.18 -47.30
CA TRP G 200 -28.72 -10.57 -46.14
C TRP G 200 -27.90 -9.41 -45.57
N MET G 201 -28.00 -8.23 -46.17
CA MET G 201 -27.18 -7.09 -45.78
C MET G 201 -27.82 -6.31 -44.64
N SER G 202 -27.00 -5.73 -43.77
CA SER G 202 -27.51 -4.93 -42.68
C SER G 202 -27.97 -3.58 -43.19
N PRO G 203 -28.85 -2.91 -42.43
CA PRO G 203 -29.35 -1.61 -42.90
C PRO G 203 -28.19 -0.64 -43.12
N GLU G 204 -27.14 -0.74 -42.30
CA GLU G 204 -26.02 0.18 -42.40
C GLU G 204 -25.14 -0.12 -43.60
N SER G 205 -25.06 -1.40 -43.97
CA SER G 205 -24.30 -1.81 -45.14
C SER G 205 -25.04 -1.37 -46.39
N LEU G 206 -26.36 -1.49 -46.34
CA LEU G 206 -27.22 -1.06 -47.44
C LEU G 206 -27.11 0.45 -47.66
N LYS G 207 -26.90 1.18 -46.57
CA LYS G 207 -26.92 2.65 -46.57
C LYS G 207 -25.59 3.29 -46.96
N ASP G 208 -24.49 2.84 -46.35
CA ASP G 208 -23.17 3.45 -46.56
C ASP G 208 -22.15 2.50 -47.13
N GLY G 209 -22.46 1.20 -47.15
CA GLY G 209 -21.54 0.18 -47.62
C GLY G 209 -20.51 -0.16 -46.57
N VAL G 210 -20.87 0.03 -45.32
CA VAL G 210 -19.99 -0.24 -44.19
C VAL G 210 -20.20 -1.65 -43.71
N PHE G 211 -19.10 -2.39 -43.55
CA PHE G 211 -19.18 -3.75 -43.03
C PHE G 211 -18.41 -3.87 -41.73
N THR G 212 -19.04 -4.49 -40.74
CA THR G 212 -18.45 -4.66 -39.42
C THR G 212 -18.84 -6.02 -38.89
N THR G 213 -18.22 -6.45 -37.79
CA THR G 213 -18.66 -7.66 -37.13
C THR G 213 -20.17 -7.53 -36.86
N TYR G 214 -20.64 -6.32 -36.60
CA TYR G 214 -22.05 -6.08 -36.33
C TYR G 214 -22.91 -6.51 -37.51
N SER G 215 -22.47 -6.14 -38.72
CA SER G 215 -23.20 -6.54 -39.91
C SER G 215 -23.17 -8.06 -40.12
N ASP G 216 -22.11 -8.72 -39.69
CA ASP G 216 -22.07 -10.16 -39.79
C ASP G 216 -23.09 -10.76 -38.85
N VAL G 217 -23.25 -10.16 -37.69
CA VAL G 217 -24.17 -10.67 -36.69
C VAL G 217 -25.57 -10.57 -37.27
N TRP G 218 -25.82 -9.48 -37.98
CA TRP G 218 -27.09 -9.31 -38.70
C TRP G 218 -27.33 -10.47 -39.63
N SER G 219 -26.38 -10.73 -40.52
CA SER G 219 -26.51 -11.84 -41.44
C SER G 219 -26.75 -13.13 -40.68
N PHE G 220 -26.02 -13.33 -39.59
CA PHE G 220 -26.24 -14.50 -38.75
C PHE G 220 -27.71 -14.64 -38.41
N GLY G 221 -28.34 -13.51 -38.11
CA GLY G 221 -29.75 -13.48 -37.77
C GLY G 221 -30.56 -14.04 -38.91
N VAL G 222 -30.19 -13.62 -40.13
CA VAL G 222 -30.86 -14.09 -41.32
C VAL G 222 -30.69 -15.60 -41.54
N VAL G 223 -29.51 -16.14 -41.23
CA VAL G 223 -29.30 -17.57 -41.46
C VAL G 223 -30.02 -18.44 -40.44
N LEU G 224 -30.22 -17.90 -39.23
CA LEU G 224 -31.08 -18.55 -38.26
C LEU G 224 -32.49 -18.65 -38.84
N TRP G 225 -32.96 -17.51 -39.36
CA TRP G 225 -34.25 -17.42 -40.02
C TRP G 225 -34.33 -18.47 -41.15
N GLU G 226 -33.32 -18.53 -42.00
CA GLU G 226 -33.28 -19.56 -43.03
C GLU G 226 -33.43 -20.96 -42.43
N ILE G 227 -32.68 -21.26 -41.37
CA ILE G 227 -32.76 -22.57 -40.76
C ILE G 227 -34.18 -22.82 -40.34
N ALA G 228 -34.80 -21.80 -39.77
CA ALA G 228 -36.15 -21.92 -39.23
C ALA G 228 -37.23 -22.18 -40.28
N THR G 229 -36.98 -21.73 -41.51
CA THR G 229 -37.98 -21.78 -42.58
C THR G 229 -37.56 -22.81 -43.63
N LEU G 230 -36.54 -23.57 -43.30
CA LEU G 230 -36.03 -24.56 -44.23
C LEU G 230 -35.66 -23.92 -45.55
N ALA G 231 -34.92 -22.82 -45.48
CA ALA G 231 -34.32 -22.19 -46.65
C ALA G 231 -35.33 -21.51 -47.55
N GLU G 232 -36.20 -20.70 -46.96
CA GLU G 232 -37.04 -19.80 -47.73
C GLU G 232 -36.25 -18.59 -48.14
N GLN G 233 -36.76 -17.88 -49.13
CA GLN G 233 -36.15 -16.63 -49.53
C GLN G 233 -36.57 -15.60 -48.50
N PRO G 234 -35.60 -14.95 -47.86
CA PRO G 234 -35.91 -13.85 -46.95
C PRO G 234 -36.65 -12.75 -47.71
N TYR G 235 -37.68 -12.17 -47.09
CA TYR G 235 -38.48 -11.12 -47.72
C TYR G 235 -39.15 -11.55 -49.04
N GLN G 236 -39.52 -12.82 -49.12
CA GLN G 236 -40.31 -13.32 -50.24
C GLN G 236 -41.50 -12.38 -50.49
N GLY G 237 -41.82 -12.13 -51.75
CA GLY G 237 -42.87 -11.18 -52.05
C GLY G 237 -42.42 -9.73 -52.05
N LEU G 238 -41.16 -9.50 -51.68
CA LEU G 238 -40.54 -8.18 -51.87
C LEU G 238 -39.46 -8.20 -52.96
N SER G 239 -39.47 -7.19 -53.82
CA SER G 239 -38.44 -7.07 -54.84
C SER G 239 -37.16 -6.60 -54.21
N ASN G 240 -36.03 -6.83 -54.87
CA ASN G 240 -34.78 -6.34 -54.34
C ASN G 240 -34.90 -4.86 -54.01
N GLU G 241 -35.61 -4.11 -54.84
CA GLU G 241 -35.72 -2.69 -54.58
C GLU G 241 -36.60 -2.42 -53.36
N GLN G 242 -37.61 -3.26 -53.16
CA GLN G 242 -38.48 -3.14 -51.99
C GLN G 242 -37.75 -3.50 -50.71
N VAL G 243 -37.08 -4.65 -50.74
CA VAL G 243 -36.28 -5.12 -49.64
C VAL G 243 -35.27 -4.06 -49.22
N LEU G 244 -34.67 -3.43 -50.22
CA LEU G 244 -33.70 -2.37 -49.97
C LEU G 244 -34.33 -1.37 -49.00
N ARG G 245 -35.42 -0.75 -49.44
CA ARG G 245 -36.09 0.27 -48.64
C ARG G 245 -36.56 -0.33 -47.34
N PHE G 246 -37.24 -1.47 -47.43
CA PHE G 246 -37.92 -2.05 -46.28
C PHE G 246 -37.00 -2.23 -45.09
N VAL G 247 -35.78 -2.69 -45.35
CA VAL G 247 -34.80 -2.96 -44.30
C VAL G 247 -34.17 -1.69 -43.76
N MET G 248 -33.90 -0.74 -44.64
CA MET G 248 -33.25 0.50 -44.21
C MET G 248 -34.14 1.31 -43.26
N GLU G 249 -35.45 1.21 -43.42
CA GLU G 249 -36.38 2.00 -42.62
C GLU G 249 -36.91 1.26 -41.38
N GLY G 250 -36.33 0.10 -41.11
CA GLY G 250 -36.59 -0.59 -39.86
C GLY G 250 -37.33 -1.91 -39.97
N GLY G 251 -37.66 -2.30 -41.21
CA GLY G 251 -38.36 -3.55 -41.46
C GLY G 251 -37.67 -4.76 -40.88
N LEU G 252 -38.46 -5.80 -40.58
CA LEU G 252 -37.94 -7.07 -40.09
C LEU G 252 -38.62 -8.25 -40.75
N LEU G 253 -37.93 -9.38 -40.78
CA LEU G 253 -38.57 -10.62 -41.22
C LEU G 253 -39.59 -11.04 -40.16
N ASP G 254 -40.75 -11.51 -40.61
CA ASP G 254 -41.81 -11.95 -39.69
C ASP G 254 -41.48 -13.31 -39.11
N LYS G 255 -41.93 -13.57 -37.88
CA LYS G 255 -41.62 -14.84 -37.23
C LYS G 255 -42.13 -16.01 -38.05
N PRO G 256 -41.24 -16.97 -38.33
CA PRO G 256 -41.68 -18.11 -39.12
C PRO G 256 -42.81 -18.83 -38.41
N ASP G 257 -43.74 -19.37 -39.22
CA ASP G 257 -44.74 -20.28 -38.71
C ASP G 257 -43.99 -21.48 -38.18
N ASN G 258 -44.31 -21.89 -36.95
CA ASN G 258 -43.71 -23.07 -36.37
C ASN G 258 -42.36 -22.81 -35.74
N CYS G 259 -41.96 -21.54 -35.68
CA CYS G 259 -40.65 -21.20 -35.10
C CYS G 259 -40.75 -21.05 -33.60
N PRO G 260 -39.95 -21.81 -32.86
CA PRO G 260 -39.91 -21.70 -31.39
C PRO G 260 -39.53 -20.28 -30.96
N ASP G 261 -40.23 -19.71 -29.98
CA ASP G 261 -40.03 -18.29 -29.65
C ASP G 261 -38.57 -17.97 -29.38
N MET G 262 -37.86 -18.92 -28.77
CA MET G 262 -36.47 -18.69 -28.37
C MET G 262 -35.60 -18.32 -29.56
N LEU G 263 -35.79 -19.01 -30.67
CA LEU G 263 -34.94 -18.77 -31.84
C LEU G 263 -35.28 -17.44 -32.46
N PHE G 264 -36.55 -17.11 -32.55
CA PHE G 264 -36.94 -15.85 -33.16
C PHE G 264 -36.48 -14.72 -32.29
N GLU G 265 -36.47 -14.97 -30.99
CA GLU G 265 -36.08 -13.94 -30.04
C GLU G 265 -34.60 -13.66 -30.24
N LEU G 266 -33.85 -14.72 -30.57
CA LEU G 266 -32.44 -14.58 -30.85
C LEU G 266 -32.23 -13.75 -32.11
N MET G 267 -33.10 -13.94 -33.10
CA MET G 267 -33.02 -13.20 -34.36
C MET G 267 -33.18 -11.70 -34.11
N ARG G 268 -34.23 -11.35 -33.38
CA ARG G 268 -34.59 -9.93 -33.13
C ARG G 268 -33.44 -9.15 -32.49
N MET G 269 -32.68 -9.83 -31.63
CA MET G 269 -31.46 -9.24 -31.06
C MET G 269 -30.43 -8.97 -32.17
N CYS G 270 -30.16 -9.97 -33.00
CA CYS G 270 -29.24 -9.82 -34.12
C CYS G 270 -29.71 -8.75 -35.12
N TRP G 271 -30.97 -8.33 -35.02
CA TRP G 271 -31.49 -7.35 -35.98
C TRP G 271 -31.73 -5.99 -35.35
N GLN G 272 -31.18 -5.76 -34.16
CA GLN G 272 -31.21 -4.44 -33.60
C GLN G 272 -30.75 -3.47 -34.68
N TYR G 273 -31.48 -2.37 -34.85
CA TYR G 273 -31.14 -1.42 -35.89
C TYR G 273 -29.79 -0.80 -35.61
N ASN G 274 -29.62 -0.21 -34.43
CA ASN G 274 -28.32 0.31 -34.05
C ASN G 274 -27.38 -0.89 -33.85
N PRO G 275 -26.35 -1.01 -34.67
CA PRO G 275 -25.46 -2.18 -34.64
C PRO G 275 -24.82 -2.42 -33.27
N LYS G 276 -24.50 -1.36 -32.53
CA LYS G 276 -23.83 -1.52 -31.24
C LYS G 276 -24.72 -2.32 -30.30
N MET G 277 -26.00 -2.40 -30.63
CA MET G 277 -26.99 -2.97 -29.72
C MET G 277 -27.11 -4.47 -29.89
N ARG G 278 -26.48 -5.01 -30.91
CA ARG G 278 -26.62 -6.44 -31.23
C ARG G 278 -25.66 -7.24 -30.39
N PRO G 279 -25.93 -8.53 -30.24
CA PRO G 279 -25.01 -9.41 -29.53
C PRO G 279 -23.69 -9.57 -30.27
N SER G 280 -22.67 -10.05 -29.56
CA SER G 280 -21.45 -10.50 -30.21
C SER G 280 -21.61 -11.99 -30.44
N PHE G 281 -20.83 -12.56 -31.35
CA PHE G 281 -20.91 -13.99 -31.56
C PHE G 281 -20.68 -14.74 -30.26
N LEU G 282 -19.70 -14.30 -29.50
CA LEU G 282 -19.40 -14.91 -28.21
C LEU G 282 -20.59 -14.83 -27.24
N GLU G 283 -21.29 -13.70 -27.22
CA GLU G 283 -22.45 -13.55 -26.34
C GLU G 283 -23.53 -14.55 -26.76
N ILE G 284 -23.76 -14.63 -28.07
CA ILE G 284 -24.71 -15.58 -28.62
C ILE G 284 -24.37 -16.96 -28.14
N ILE G 285 -23.11 -17.36 -28.29
CA ILE G 285 -22.71 -18.72 -27.93
C ILE G 285 -22.85 -18.95 -26.44
N SER G 286 -22.53 -17.92 -25.66
CA SER G 286 -22.63 -18.07 -24.22
C SER G 286 -24.05 -18.43 -23.82
N SER G 287 -25.03 -17.86 -24.52
CA SER G 287 -26.43 -17.96 -24.10
C SER G 287 -27.07 -19.30 -24.43
N ILE G 288 -26.37 -20.13 -25.20
CA ILE G 288 -26.88 -21.43 -25.61
C ILE G 288 -25.88 -22.55 -25.37
N LYS G 289 -24.73 -22.20 -24.80
CA LYS G 289 -23.62 -23.13 -24.69
C LYS G 289 -23.96 -24.36 -23.87
N GLU G 290 -24.90 -24.23 -22.94
CA GLU G 290 -25.30 -25.36 -22.11
C GLU G 290 -26.32 -26.28 -22.80
N GLU G 291 -26.71 -25.93 -24.03
CA GLU G 291 -27.59 -26.77 -24.83
C GLU G 291 -26.91 -27.37 -26.06
N MET G 292 -25.58 -27.22 -26.13
CA MET G 292 -24.79 -27.75 -27.24
C MET G 292 -24.37 -29.21 -26.99
N GLU G 293 -24.21 -29.98 -28.05
CA GLU G 293 -23.62 -31.33 -27.98
C GLU G 293 -22.42 -31.41 -27.02
N PRO G 294 -22.20 -32.58 -26.40
CA PRO G 294 -21.09 -32.73 -25.45
C PRO G 294 -19.74 -32.39 -26.09
N GLY G 295 -19.57 -32.82 -27.34
CA GLY G 295 -18.29 -32.63 -28.04
C GLY G 295 -17.81 -31.20 -28.17
N PHE G 296 -18.75 -30.25 -28.16
CA PHE G 296 -18.45 -28.83 -28.34
C PHE G 296 -17.29 -28.36 -27.47
N ARG G 297 -17.36 -28.63 -26.17
CA ARG G 297 -16.35 -28.13 -25.23
C ARG G 297 -14.91 -28.43 -25.64
N GLU G 298 -14.69 -29.51 -26.37
CA GLU G 298 -13.32 -29.88 -26.72
C GLU G 298 -12.92 -29.59 -28.17
N VAL G 299 -13.82 -29.00 -28.95
CA VAL G 299 -13.51 -28.70 -30.34
C VAL G 299 -13.76 -27.23 -30.70
N SER G 300 -14.51 -26.54 -29.86
CA SER G 300 -14.93 -25.19 -30.17
C SER G 300 -13.81 -24.19 -29.96
N PHE G 301 -13.91 -23.05 -30.61
CA PHE G 301 -13.01 -21.94 -30.38
C PHE G 301 -13.42 -21.25 -29.10
N TYR G 302 -14.72 -21.24 -28.83
CA TYR G 302 -15.25 -20.64 -27.61
C TYR G 302 -14.51 -21.15 -26.39
N TYR G 303 -14.38 -22.48 -26.30
CA TYR G 303 -13.77 -23.16 -25.16
C TYR G 303 -12.27 -23.42 -25.35
N SER G 304 -11.61 -22.60 -26.15
CA SER G 304 -10.20 -22.82 -26.46
C SER G 304 -9.34 -21.72 -25.86
N GLU G 305 -8.05 -22.02 -25.73
CA GLU G 305 -7.08 -21.11 -25.15
C GLU G 305 -7.06 -19.79 -25.90
N GLU G 306 -7.02 -19.86 -27.23
CA GLU G 306 -7.10 -18.68 -28.08
C GLU G 306 -8.10 -17.65 -27.54
N ASN G 307 -9.28 -18.11 -27.17
CA ASN G 307 -10.35 -17.25 -26.71
C ASN G 307 -10.07 -16.74 -25.29
N SER H 2 -38.60 -18.08 -19.83
CA SER H 2 -38.24 -18.24 -21.23
C SER H 2 -37.05 -17.36 -21.65
N PHE H 3 -36.76 -17.37 -22.95
CA PHE H 3 -35.62 -16.65 -23.53
C PHE H 3 -35.94 -15.17 -23.67
N SER H 4 -35.01 -14.33 -23.21
CA SER H 4 -35.19 -12.88 -23.33
C SER H 4 -33.85 -12.16 -23.52
N ALA H 5 -33.91 -10.86 -23.82
CA ALA H 5 -32.70 -10.06 -23.96
C ALA H 5 -31.75 -10.28 -22.79
N ALA H 6 -32.32 -10.40 -21.59
CA ALA H 6 -31.54 -10.60 -20.37
C ALA H 6 -30.65 -11.84 -20.45
N ASP H 7 -31.14 -12.88 -21.10
CA ASP H 7 -30.42 -14.16 -21.15
C ASP H 7 -29.07 -14.10 -21.84
N VAL H 8 -28.96 -13.21 -22.84
CA VAL H 8 -27.77 -13.12 -23.68
C VAL H 8 -26.88 -11.92 -23.37
N TYR H 9 -27.50 -10.79 -23.01
CA TYR H 9 -26.77 -9.54 -22.79
C TYR H 9 -26.12 -9.37 -21.42
N VAL H 10 -26.38 -10.30 -20.50
CA VAL H 10 -25.78 -10.26 -19.17
C VAL H 10 -24.76 -11.37 -19.03
N PRO H 11 -23.51 -11.01 -18.76
CA PRO H 11 -22.45 -12.00 -18.61
C PRO H 11 -22.81 -13.03 -17.57
N ASP H 12 -22.54 -14.29 -17.92
CA ASP H 12 -22.78 -15.44 -17.05
C ASP H 12 -21.98 -15.34 -15.75
N GLU H 13 -21.98 -14.16 -15.14
CA GLU H 13 -21.18 -13.91 -13.94
C GLU H 13 -21.70 -12.68 -13.20
N TRP H 14 -22.90 -12.25 -13.54
CA TRP H 14 -23.59 -11.18 -12.85
C TRP H 14 -24.97 -11.70 -12.51
N GLU H 15 -25.17 -12.98 -12.79
CA GLU H 15 -26.46 -13.60 -12.61
C GLU H 15 -26.65 -13.93 -11.13
N VAL H 16 -27.91 -14.06 -10.71
CA VAL H 16 -28.25 -14.47 -9.36
C VAL H 16 -29.68 -14.99 -9.35
N ALA H 17 -29.93 -16.03 -8.56
CA ALA H 17 -31.23 -16.71 -8.60
C ALA H 17 -32.35 -15.92 -7.91
N ARG H 18 -33.44 -15.71 -8.65
CA ARG H 18 -34.60 -15.00 -8.17
C ARG H 18 -34.94 -15.32 -6.70
N GLU H 19 -34.80 -16.58 -6.31
CA GLU H 19 -35.10 -17.02 -4.93
C GLU H 19 -34.40 -16.20 -3.86
N LYS H 20 -33.10 -15.96 -4.04
CA LYS H 20 -32.29 -15.21 -3.07
C LYS H 20 -32.72 -13.75 -2.91
N ILE H 21 -33.58 -13.29 -3.80
CA ILE H 21 -33.96 -11.89 -3.80
C ILE H 21 -35.40 -11.75 -3.29
N THR H 22 -35.57 -11.03 -2.19
CA THR H 22 -36.90 -10.78 -1.68
C THR H 22 -37.14 -9.29 -1.63
N MET H 23 -38.34 -8.89 -2.03
CA MET H 23 -38.66 -7.46 -2.09
C MET H 23 -39.65 -7.08 -0.99
N SER H 24 -39.36 -5.97 -0.33
CA SER H 24 -40.13 -5.54 0.84
C SER H 24 -41.12 -4.41 0.53
N ARG H 25 -40.64 -3.31 -0.05
CA ARG H 25 -41.53 -2.17 -0.30
C ARG H 25 -41.06 -1.25 -1.42
N GLU H 26 -42.00 -0.74 -2.21
CA GLU H 26 -41.66 0.20 -3.27
C GLU H 26 -40.79 1.34 -2.74
N LEU H 27 -39.90 1.86 -3.57
CA LEU H 27 -39.16 3.07 -3.25
C LEU H 27 -39.62 4.19 -4.18
N GLY H 28 -40.09 3.81 -5.37
CA GLY H 28 -40.56 4.77 -6.34
C GLY H 28 -40.24 4.37 -7.78
N GLN H 29 -40.53 5.28 -8.71
CA GLN H 29 -40.30 5.01 -10.12
C GLN H 29 -38.81 5.05 -10.48
N GLY H 30 -38.48 4.33 -11.56
CA GLY H 30 -37.12 4.27 -12.06
C GLY H 30 -37.14 4.31 -13.57
N SER H 31 -36.02 4.75 -14.15
CA SER H 31 -35.91 4.90 -15.59
C SER H 31 -36.69 3.85 -16.41
N PHE H 32 -36.45 2.57 -16.14
CA PHE H 32 -37.01 1.51 -16.99
C PHE H 32 -38.05 0.65 -16.26
N GLY H 33 -38.38 1.05 -15.03
CA GLY H 33 -39.30 0.27 -14.22
C GLY H 33 -39.42 0.74 -12.79
N MET H 34 -39.92 -0.14 -11.92
CA MET H 34 -40.19 0.21 -10.54
C MET H 34 -39.10 -0.27 -9.58
N VAL H 35 -38.58 0.65 -8.77
CA VAL H 35 -37.58 0.28 -7.77
C VAL H 35 -38.23 -0.16 -6.46
N TYR H 36 -37.67 -1.21 -5.85
CA TYR H 36 -38.11 -1.69 -4.54
C TYR H 36 -36.94 -1.86 -3.58
N GLU H 37 -37.17 -1.62 -2.30
CA GLU H 37 -36.16 -1.92 -1.29
C GLU H 37 -36.31 -3.37 -0.89
N GLY H 38 -35.21 -4.11 -0.83
CA GLY H 38 -35.28 -5.49 -0.43
C GLY H 38 -34.04 -6.05 0.23
N VAL H 39 -33.96 -7.37 0.25
CA VAL H 39 -32.81 -8.09 0.79
C VAL H 39 -32.32 -9.11 -0.22
N ALA H 40 -31.00 -9.13 -0.43
CA ALA H 40 -30.36 -10.02 -1.38
C ALA H 40 -29.41 -10.98 -0.67
N LYS H 41 -29.89 -12.19 -0.40
CA LYS H 41 -29.11 -13.19 0.31
C LYS H 41 -27.92 -13.66 -0.51
N GLY H 42 -26.74 -13.55 0.10
CA GLY H 42 -25.52 -14.15 -0.43
C GLY H 42 -24.99 -13.55 -1.72
N VAL H 43 -24.97 -12.22 -1.83
CA VAL H 43 -24.37 -11.56 -2.99
C VAL H 43 -23.18 -10.70 -2.58
N VAL H 44 -23.26 -10.12 -1.39
CA VAL H 44 -22.16 -9.36 -0.84
C VAL H 44 -21.25 -10.28 -0.03
N LYS H 45 -20.01 -10.41 -0.49
CA LYS H 45 -19.01 -11.25 0.16
C LYS H 45 -19.10 -11.19 1.69
N ASP H 46 -19.25 -12.35 2.32
CA ASP H 46 -19.22 -12.43 3.78
C ASP H 46 -20.48 -11.82 4.39
N GLU H 47 -21.47 -11.58 3.56
CA GLU H 47 -22.77 -11.15 4.04
C GLU H 47 -23.78 -12.22 3.71
N PRO H 48 -24.26 -12.91 4.73
CA PRO H 48 -25.40 -13.82 4.54
C PRO H 48 -26.51 -13.10 3.78
N GLU H 49 -26.75 -11.86 4.15
CA GLU H 49 -27.78 -11.04 3.49
C GLU H 49 -27.26 -9.61 3.31
N THR H 50 -27.88 -8.87 2.39
CA THR H 50 -27.56 -7.46 2.19
C THR H 50 -28.80 -6.67 1.78
N ARG H 51 -28.88 -5.43 2.25
CA ARG H 51 -29.96 -4.55 1.84
C ARG H 51 -29.58 -4.01 0.46
N VAL H 52 -30.54 -4.05 -0.46
CA VAL H 52 -30.29 -3.63 -1.83
C VAL H 52 -31.52 -2.94 -2.38
N ALA H 53 -31.32 -2.17 -3.44
CA ALA H 53 -32.43 -1.69 -4.23
C ALA H 53 -32.62 -2.66 -5.38
N ILE H 54 -33.87 -2.98 -5.68
CA ILE H 54 -34.18 -3.87 -6.80
C ILE H 54 -35.05 -3.13 -7.81
N LYS H 55 -34.69 -3.26 -9.07
CA LYS H 55 -35.52 -2.70 -10.11
C LYS H 55 -36.21 -3.84 -10.87
N THR H 56 -37.48 -3.64 -11.20
CA THR H 56 -38.23 -4.59 -12.02
C THR H 56 -38.59 -4.01 -13.39
N VAL H 57 -38.15 -4.69 -14.45
CA VAL H 57 -38.56 -4.36 -15.80
C VAL H 57 -39.66 -5.35 -16.15
N ASN H 58 -40.84 -4.84 -16.49
CA ASN H 58 -41.94 -5.75 -16.79
C ASN H 58 -41.78 -6.40 -18.18
N GLU H 59 -42.68 -7.32 -18.52
CA GLU H 59 -42.77 -7.84 -19.88
C GLU H 59 -43.13 -6.72 -20.88
N ALA H 60 -44.09 -5.88 -20.48
CA ALA H 60 -44.56 -4.74 -21.29
C ALA H 60 -43.51 -3.64 -21.48
N ALA H 61 -42.31 -4.08 -21.82
CA ALA H 61 -41.16 -3.20 -22.05
C ALA H 61 -40.42 -3.66 -23.29
N SER H 62 -40.57 -2.91 -24.38
CA SER H 62 -39.96 -3.25 -25.66
C SER H 62 -38.58 -3.90 -25.50
N MET H 63 -38.22 -4.76 -26.45
CA MET H 63 -36.92 -5.40 -26.43
C MET H 63 -35.83 -4.36 -26.59
N ARG H 64 -36.08 -3.39 -27.46
CA ARG H 64 -35.14 -2.29 -27.69
C ARG H 64 -34.82 -1.62 -26.36
N GLU H 65 -35.88 -1.25 -25.62
CA GLU H 65 -35.75 -0.63 -24.32
C GLU H 65 -34.96 -1.51 -23.36
N ARG H 66 -35.29 -2.78 -23.29
CA ARG H 66 -34.65 -3.66 -22.31
C ARG H 66 -33.17 -3.83 -22.64
N ILE H 67 -32.85 -3.85 -23.94
CA ILE H 67 -31.46 -4.05 -24.37
C ILE H 67 -30.60 -2.82 -24.07
N GLU H 68 -31.12 -1.63 -24.36
CA GLU H 68 -30.43 -0.39 -24.00
C GLU H 68 -30.18 -0.38 -22.50
N PHE H 69 -31.23 -0.60 -21.71
CA PHE H 69 -31.13 -0.72 -20.26
C PHE H 69 -30.07 -1.73 -19.86
N LEU H 70 -30.15 -2.93 -20.42
CA LEU H 70 -29.14 -3.95 -20.14
C LEU H 70 -27.74 -3.42 -20.44
N ASN H 71 -27.62 -2.59 -21.49
CA ASN H 71 -26.32 -2.10 -21.91
C ASN H 71 -25.71 -1.09 -20.95
N GLU H 72 -26.50 -0.07 -20.58
CA GLU H 72 -26.15 0.83 -19.49
C GLU H 72 -25.54 0.03 -18.35
N ALA H 73 -26.34 -0.88 -17.78
CA ALA H 73 -25.94 -1.69 -16.65
C ALA H 73 -24.62 -2.43 -16.89
N SER H 74 -24.33 -2.71 -18.15
CA SER H 74 -23.11 -3.45 -18.48
C SER H 74 -21.86 -2.60 -18.28
N VAL H 75 -22.00 -1.28 -18.26
CA VAL H 75 -20.87 -0.40 -18.02
C VAL H 75 -20.67 -0.20 -16.50
N MET H 76 -21.79 -0.18 -15.77
CA MET H 76 -21.79 -0.21 -14.31
C MET H 76 -20.81 -1.25 -13.80
N LYS H 77 -21.11 -2.50 -14.18
CA LYS H 77 -20.29 -3.67 -13.84
C LYS H 77 -18.79 -3.35 -13.79
N GLU H 78 -18.28 -2.67 -14.82
CA GLU H 78 -16.90 -2.20 -14.81
C GLU H 78 -16.52 -1.57 -13.46
N PHE H 79 -17.23 -0.52 -13.03
CA PHE H 79 -16.91 0.26 -11.82
C PHE H 79 -16.99 -0.52 -10.50
N ASN H 80 -15.86 -0.56 -9.81
CA ASN H 80 -15.80 -1.07 -8.44
C ASN H 80 -15.10 -0.04 -7.57
N CYS H 81 -15.86 0.95 -7.13
CA CYS H 81 -15.33 2.04 -6.34
C CYS H 81 -16.23 2.27 -5.17
N HIS H 82 -15.64 2.62 -4.03
CA HIS H 82 -16.41 2.79 -2.82
C HIS H 82 -17.35 3.97 -2.96
N HIS H 83 -16.99 4.90 -3.84
CA HIS H 83 -17.80 6.11 -3.97
C HIS H 83 -18.61 6.13 -5.24
N VAL H 84 -18.74 4.97 -5.86
CA VAL H 84 -19.64 4.74 -6.97
C VAL H 84 -20.67 3.70 -6.57
N VAL H 85 -21.94 4.06 -6.68
CA VAL H 85 -23.00 3.12 -6.33
C VAL H 85 -22.77 1.87 -7.17
N ARG H 86 -22.58 0.74 -6.49
CA ARG H 86 -22.24 -0.52 -7.16
C ARG H 86 -23.45 -1.29 -7.66
N LEU H 87 -23.29 -1.92 -8.82
CA LEU H 87 -24.24 -2.93 -9.28
C LEU H 87 -23.80 -4.28 -8.71
N LEU H 88 -24.71 -4.92 -7.99
CA LEU H 88 -24.40 -6.19 -7.32
C LEU H 88 -24.67 -7.38 -8.24
N GLY H 89 -25.64 -7.23 -9.13
CA GLY H 89 -25.96 -8.31 -10.06
C GLY H 89 -27.36 -8.17 -10.61
N VAL H 90 -27.67 -9.02 -11.58
CA VAL H 90 -28.97 -9.02 -12.21
C VAL H 90 -29.52 -10.42 -12.40
N VAL H 91 -30.77 -10.62 -11.96
CA VAL H 91 -31.50 -11.88 -12.11
C VAL H 91 -32.15 -11.91 -13.48
N SER H 92 -31.65 -12.78 -14.35
CA SER H 92 -32.06 -12.79 -15.75
C SER H 92 -33.08 -13.90 -16.05
N GLN H 93 -32.99 -15.00 -15.31
CA GLN H 93 -34.01 -16.06 -15.36
C GLN H 93 -35.31 -15.57 -14.75
N GLY H 94 -36.35 -15.50 -15.57
CA GLY H 94 -37.66 -15.20 -15.02
C GLY H 94 -38.50 -14.29 -15.87
N GLN H 95 -39.52 -13.71 -15.24
CA GLN H 95 -40.50 -12.91 -15.95
C GLN H 95 -40.17 -11.42 -15.89
N PRO H 96 -40.03 -10.86 -14.66
CA PRO H 96 -39.51 -9.49 -14.54
C PRO H 96 -38.01 -9.54 -14.34
N THR H 97 -37.26 -9.00 -15.26
CA THR H 97 -35.81 -8.93 -15.06
C THR H 97 -35.48 -8.08 -13.82
N LEU H 98 -34.65 -8.62 -12.94
CA LEU H 98 -34.26 -7.92 -11.72
C LEU H 98 -32.85 -7.36 -11.79
N VAL H 99 -32.67 -6.09 -11.43
CA VAL H 99 -31.32 -5.55 -11.29
C VAL H 99 -31.05 -5.20 -9.83
N ILE H 100 -29.93 -5.69 -9.32
CA ILE H 100 -29.61 -5.53 -7.90
C ILE H 100 -28.54 -4.48 -7.67
N MET H 101 -28.96 -3.31 -7.22
CA MET H 101 -28.04 -2.22 -6.92
C MET H 101 -27.86 -2.06 -5.43
N GLU H 102 -26.66 -1.61 -5.04
CA GLU H 102 -26.36 -1.23 -3.68
C GLU H 102 -27.46 -0.31 -3.14
N LEU H 103 -27.94 -0.58 -1.93
CA LEU H 103 -29.02 0.23 -1.37
C LEU H 103 -28.45 1.55 -0.82
N MET H 104 -29.07 2.68 -1.18
CA MET H 104 -28.67 3.98 -0.68
C MET H 104 -29.82 4.58 0.13
N THR H 105 -29.88 4.21 1.40
CA THR H 105 -31.04 4.44 2.24
C THR H 105 -31.57 5.87 2.32
N ARG H 106 -30.75 6.88 2.04
CA ARG H 106 -31.19 8.27 2.21
C ARG H 106 -31.46 9.00 0.91
N GLY H 107 -31.51 8.27 -0.20
CA GLY H 107 -31.96 8.83 -1.47
C GLY H 107 -30.96 9.75 -2.13
N ASP H 108 -31.45 10.67 -2.95
CA ASP H 108 -30.56 11.52 -3.73
C ASP H 108 -30.10 12.73 -2.97
N LEU H 109 -28.83 13.03 -3.16
CA LEU H 109 -28.20 14.18 -2.54
C LEU H 109 -29.05 15.44 -2.67
N LYS H 110 -29.74 15.63 -3.79
CA LYS H 110 -30.54 16.83 -3.94
C LYS H 110 -31.62 16.87 -2.87
N SER H 111 -32.42 15.81 -2.82
CA SER H 111 -33.51 15.69 -1.86
C SER H 111 -32.99 15.85 -0.44
N TYR H 112 -31.97 15.09 -0.12
CA TYR H 112 -31.31 15.21 1.18
C TYR H 112 -30.95 16.66 1.47
N LEU H 113 -30.27 17.30 0.53
CA LEU H 113 -29.91 18.70 0.68
C LEU H 113 -31.12 19.59 0.94
N ARG H 114 -32.27 19.23 0.37
CA ARG H 114 -33.50 20.00 0.61
C ARG H 114 -34.00 19.75 2.02
N SER H 115 -33.95 18.49 2.45
CA SER H 115 -34.47 18.09 3.74
C SER H 115 -33.79 18.83 4.92
N LEU H 116 -32.66 19.47 4.64
CA LEU H 116 -31.93 20.23 5.66
C LEU H 116 -32.43 21.66 5.83
N ARG H 117 -33.38 22.09 5.02
CA ARG H 117 -33.87 23.47 5.09
C ARG H 117 -35.00 23.61 6.08
N PRO H 118 -35.19 24.83 6.59
CA PRO H 118 -36.13 25.13 7.69
C PRO H 118 -37.60 24.89 7.34
N GLU H 119 -38.21 25.84 6.62
CA GLU H 119 -39.63 25.78 6.25
C GLU H 119 -40.12 27.04 5.51
N MET H 120 -39.55 27.28 4.33
CA MET H 120 -39.88 28.42 3.48
C MET H 120 -39.87 29.76 4.23
N LEU H 126 -31.09 29.39 4.61
CA LEU H 126 -30.16 29.89 5.61
C LEU H 126 -29.19 28.78 5.96
N ALA H 127 -27.97 29.14 6.35
CA ALA H 127 -26.95 28.21 6.84
C ALA H 127 -26.85 26.84 6.13
N PRO H 128 -25.61 26.44 5.77
CA PRO H 128 -25.39 25.15 5.14
C PRO H 128 -24.69 24.20 6.10
N PRO H 129 -24.52 22.94 5.70
CA PRO H 129 -23.81 21.98 6.56
C PRO H 129 -22.47 22.57 7.01
N SER H 130 -21.92 22.06 8.09
CA SER H 130 -20.62 22.52 8.53
C SER H 130 -19.63 22.26 7.41
N LEU H 131 -18.70 23.20 7.22
CA LEU H 131 -17.64 23.06 6.22
C LEU H 131 -17.08 21.63 6.22
N SER H 132 -16.91 21.07 7.40
CA SER H 132 -16.40 19.72 7.51
C SER H 132 -17.32 18.71 6.83
N LYS H 133 -18.63 18.85 7.02
CA LYS H 133 -19.60 17.94 6.40
C LYS H 133 -19.55 18.08 4.90
N MET H 134 -19.46 19.32 4.45
CA MET H 134 -19.42 19.64 3.03
C MET H 134 -18.15 19.08 2.34
N ILE H 135 -17.00 19.31 2.95
CA ILE H 135 -15.74 18.75 2.44
C ILE H 135 -15.79 17.23 2.31
N GLN H 136 -16.55 16.58 3.19
CA GLN H 136 -16.63 15.13 3.20
C GLN H 136 -17.39 14.70 1.96
N MET H 137 -18.57 15.29 1.76
CA MET H 137 -19.32 15.05 0.54
C MET H 137 -18.47 15.41 -0.68
N ALA H 138 -17.83 16.57 -0.63
CA ALA H 138 -17.01 17.04 -1.75
C ALA H 138 -15.92 16.04 -2.10
N GLY H 139 -15.25 15.53 -1.07
CA GLY H 139 -14.13 14.64 -1.27
C GLY H 139 -14.60 13.33 -1.86
N GLU H 140 -15.65 12.79 -1.25
CA GLU H 140 -16.22 11.52 -1.66
C GLU H 140 -16.68 11.56 -3.12
N ILE H 141 -17.45 12.58 -3.47
CA ILE H 141 -17.90 12.78 -4.85
C ILE H 141 -16.71 12.87 -5.79
N ALA H 142 -15.78 13.74 -5.45
CA ALA H 142 -14.54 13.92 -6.20
C ALA H 142 -13.86 12.58 -6.41
N ASP H 143 -13.97 11.70 -5.42
CA ASP H 143 -13.21 10.45 -5.42
C ASP H 143 -13.78 9.50 -6.46
N GLY H 144 -15.10 9.35 -6.46
CA GLY H 144 -15.77 8.56 -7.46
C GLY H 144 -15.47 9.11 -8.84
N MET H 145 -15.62 10.41 -9.00
CA MET H 145 -15.36 11.06 -10.29
C MET H 145 -13.92 10.82 -10.76
N ALA H 146 -12.98 10.82 -9.83
CA ALA H 146 -11.60 10.60 -10.19
C ALA H 146 -11.47 9.20 -10.73
N TYR H 147 -12.23 8.30 -10.14
CA TYR H 147 -12.25 6.89 -10.52
C TYR H 147 -12.87 6.71 -11.89
N LEU H 148 -13.91 7.48 -12.18
CA LEU H 148 -14.49 7.44 -13.51
C LEU H 148 -13.47 7.91 -14.54
N ASN H 149 -12.89 9.08 -14.32
CA ASN H 149 -11.95 9.65 -15.28
C ASN H 149 -10.67 8.81 -15.41
N ALA H 150 -10.28 8.13 -14.35
CA ALA H 150 -9.12 7.23 -14.41
C ALA H 150 -9.41 6.07 -15.35
N ASN H 151 -10.66 5.65 -15.38
CA ASN H 151 -11.10 4.58 -16.27
C ASN H 151 -11.60 5.15 -17.59
N LYS H 152 -11.24 6.40 -17.86
CA LYS H 152 -11.54 7.05 -19.14
C LYS H 152 -13.02 7.08 -19.48
N PHE H 153 -13.80 7.72 -18.62
CA PHE H 153 -15.21 7.97 -18.86
C PHE H 153 -15.54 9.43 -18.52
N VAL H 154 -16.46 10.01 -19.26
CA VAL H 154 -17.01 11.31 -18.91
C VAL H 154 -18.41 11.07 -18.39
N HIS H 155 -18.76 11.69 -17.27
CA HIS H 155 -20.07 11.49 -16.67
C HIS H 155 -21.10 12.36 -17.40
N ARG H 156 -20.68 13.58 -17.70
CA ARG H 156 -21.45 14.50 -18.52
C ARG H 156 -22.63 15.10 -17.76
N ASP H 157 -23.13 14.33 -16.80
CA ASP H 157 -24.41 14.59 -16.16
C ASP H 157 -24.27 14.76 -14.66
N LEU H 158 -23.10 15.11 -14.18
CA LEU H 158 -22.91 15.20 -12.73
C LEU H 158 -23.71 16.35 -12.11
N ALA H 159 -24.49 16.01 -11.10
CA ALA H 159 -25.33 16.97 -10.38
C ALA H 159 -25.78 16.33 -9.06
N ALA H 160 -26.25 17.15 -8.13
CA ALA H 160 -26.66 16.65 -6.82
C ALA H 160 -27.78 15.62 -6.92
N ARG H 161 -28.63 15.75 -7.93
CA ARG H 161 -29.78 14.88 -8.06
C ARG H 161 -29.38 13.47 -8.51
N ASN H 162 -28.13 13.32 -8.97
CA ASN H 162 -27.63 12.05 -9.46
C ASN H 162 -26.74 11.37 -8.44
N CYS H 163 -26.51 12.03 -7.32
CA CYS H 163 -25.69 11.48 -6.25
C CYS H 163 -26.58 10.90 -5.17
N MET H 164 -26.21 9.73 -4.67
CA MET H 164 -26.98 9.07 -3.62
C MET H 164 -26.32 9.18 -2.26
N VAL H 165 -27.11 9.14 -1.20
CA VAL H 165 -26.55 9.21 0.15
C VAL H 165 -26.79 7.94 0.95
N ALA H 166 -25.73 7.42 1.55
CA ALA H 166 -25.79 6.18 2.32
C ALA H 166 -26.31 6.39 3.74
N GLU H 167 -26.69 5.30 4.39
CA GLU H 167 -27.23 5.33 5.75
C GLU H 167 -26.29 6.06 6.69
N ASP H 168 -24.99 5.84 6.49
CA ASP H 168 -23.98 6.54 7.26
C ASP H 168 -23.59 7.89 6.64
N PHE H 169 -24.41 8.37 5.71
CA PHE H 169 -24.27 9.71 5.14
C PHE H 169 -23.17 9.87 4.09
N THR H 170 -22.61 8.75 3.65
CA THR H 170 -21.62 8.74 2.57
C THR H 170 -22.26 9.02 1.21
N VAL H 171 -21.67 9.95 0.46
CA VAL H 171 -22.20 10.30 -0.85
C VAL H 171 -21.48 9.47 -1.91
N LYS H 172 -22.23 9.04 -2.94
CA LYS H 172 -21.66 8.24 -4.04
C LYS H 172 -22.21 8.67 -5.41
N ILE H 173 -21.36 8.60 -6.44
CA ILE H 173 -21.76 8.87 -7.83
C ILE H 173 -22.68 7.77 -8.27
N GLY H 174 -23.72 8.12 -9.04
CA GLY H 174 -24.83 7.20 -9.13
C GLY H 174 -25.47 6.88 -10.46
N ASP H 175 -25.60 7.87 -11.34
CA ASP H 175 -26.45 7.65 -12.49
C ASP H 175 -25.69 7.87 -13.78
N PHE H 176 -25.49 6.79 -14.53
CA PHE H 176 -24.57 6.85 -15.67
C PHE H 176 -25.19 6.69 -17.03
N GLY H 177 -26.50 6.84 -17.13
CA GLY H 177 -27.16 6.69 -18.41
C GLY H 177 -26.62 7.64 -19.47
N MET H 178 -25.79 8.59 -19.06
CA MET H 178 -25.36 9.62 -20.00
C MET H 178 -23.84 9.64 -20.20
N THR H 179 -23.15 8.79 -19.46
CA THR H 179 -21.70 8.78 -19.50
C THR H 179 -21.16 8.09 -20.76
N ARG H 180 -19.99 8.51 -21.21
CA ARG H 180 -19.47 8.04 -22.47
C ARG H 180 -18.00 7.67 -22.34
N ASP H 181 -17.60 6.64 -23.06
CA ASP H 181 -16.24 6.14 -23.01
C ASP H 181 -15.35 7.07 -23.81
N ILE H 182 -14.14 7.31 -23.32
CA ILE H 182 -13.23 8.28 -23.96
C ILE H 182 -11.75 7.88 -24.04
N PTR H 183 -11.45 6.59 -23.97
CA PTR H 183 -10.13 6.11 -24.42
C PTR H 183 -10.07 6.40 -25.91
O PTR H 183 -11.01 6.07 -26.65
CB PTR H 183 -9.97 4.60 -24.19
CG PTR H 183 -8.59 4.02 -24.49
CD1 PTR H 183 -7.93 4.28 -25.69
CD2 PTR H 183 -7.95 3.18 -23.59
CE1 PTR H 183 -6.66 3.74 -25.97
CE2 PTR H 183 -6.69 2.63 -23.85
CZ PTR H 183 -6.06 2.92 -25.05
OH PTR H 183 -4.82 2.38 -25.33
N GLU H 184 -8.99 7.04 -26.34
CA GLU H 184 -8.83 7.39 -27.75
C GLU H 184 -9.69 8.58 -28.19
N THR H 185 -9.36 9.77 -27.67
CA THR H 185 -10.02 11.06 -27.97
C THR H 185 -10.00 11.97 -26.75
N ASP H 186 -10.25 11.38 -25.58
CA ASP H 186 -10.34 12.16 -24.36
C ASP H 186 -11.38 13.27 -24.48
N PTR H 187 -12.42 12.99 -25.27
CA PTR H 187 -13.56 13.88 -25.40
C PTR H 187 -14.72 13.14 -26.05
O PTR H 187 -14.53 12.11 -26.70
CB PTR H 187 -13.27 15.18 -26.18
CG PTR H 187 -13.15 15.02 -27.68
CD1 PTR H 187 -11.96 14.58 -28.28
CD2 PTR H 187 -14.22 15.32 -28.52
CE1 PTR H 187 -11.86 14.44 -29.65
CE2 PTR H 187 -14.12 15.17 -29.90
CZ PTR H 187 -12.94 14.75 -30.46
OH PTR H 187 -12.84 14.61 -31.70
P PTR H 187 -13.35 15.66 -32.81
O1P PTR H 187 -14.69 15.24 -33.30
O2P PTR H 187 -13.40 17.08 -32.24
O3P PTR H 187 -12.37 15.71 -34.00
N PTR H 188 -15.93 13.68 -25.88
CA PTR H 188 -17.11 13.19 -26.57
C PTR H 188 -17.75 14.43 -27.17
O PTR H 188 -17.85 15.46 -26.51
CB PTR H 188 -18.07 12.47 -25.61
CG PTR H 188 -19.49 12.29 -26.12
CD1 PTR H 188 -19.93 11.07 -26.61
CD2 PTR H 188 -20.41 13.33 -26.05
CE1 PTR H 188 -21.23 10.90 -27.05
CE2 PTR H 188 -21.71 13.17 -26.50
CZ PTR H 188 -22.13 11.95 -26.99
OH PTR H 188 -23.30 11.84 -27.39
P PTR H 188 -23.92 10.58 -28.21
O1P PTR H 188 -25.19 10.96 -28.87
O2P PTR H 188 -24.20 9.40 -27.27
O3P PTR H 188 -22.93 10.14 -29.33
N ARG H 189 -18.18 14.33 -28.42
CA ARG H 189 -18.92 15.43 -29.03
C ARG H 189 -20.34 15.01 -29.37
N LYS H 190 -21.29 15.84 -28.99
CA LYS H 190 -22.70 15.52 -29.10
C LYS H 190 -23.23 15.98 -30.45
N GLY H 191 -23.75 15.03 -31.21
CA GLY H 191 -24.15 15.30 -32.58
C GLY H 191 -25.47 16.03 -32.74
N GLY H 192 -26.56 15.39 -32.29
CA GLY H 192 -27.88 15.95 -32.52
C GLY H 192 -28.38 16.81 -31.37
N LYS H 193 -29.69 16.72 -31.12
CA LYS H 193 -30.28 17.32 -29.93
C LYS H 193 -29.85 16.67 -28.62
N GLY H 194 -29.53 17.51 -27.64
CA GLY H 194 -29.19 17.04 -26.30
C GLY H 194 -30.13 17.61 -25.25
N LEU H 195 -30.45 16.80 -24.25
CA LEU H 195 -31.39 17.21 -23.22
C LEU H 195 -30.71 17.47 -21.86
N LEU H 196 -29.39 17.53 -21.85
CA LEU H 196 -28.69 17.80 -20.62
C LEU H 196 -29.10 19.16 -20.08
N PRO H 197 -29.39 19.23 -18.78
CA PRO H 197 -29.74 20.49 -18.15
C PRO H 197 -28.62 21.50 -18.36
N VAL H 198 -28.96 22.60 -19.01
CA VAL H 198 -27.97 23.63 -19.35
C VAL H 198 -27.30 24.26 -18.12
N ARG H 199 -27.97 24.22 -16.98
CA ARG H 199 -27.45 24.90 -15.79
C ARG H 199 -26.24 24.20 -15.16
N TRP H 200 -25.92 23.00 -15.63
CA TRP H 200 -24.72 22.32 -15.15
C TRP H 200 -23.65 22.19 -16.24
N MET H 201 -23.95 22.67 -17.45
CA MET H 201 -23.03 22.51 -18.58
C MET H 201 -21.96 23.57 -18.60
N SER H 202 -20.76 23.16 -19.01
CA SER H 202 -19.62 24.05 -19.08
C SER H 202 -19.75 24.98 -20.27
N PRO H 203 -19.00 26.10 -20.26
CA PRO H 203 -19.07 27.01 -21.39
C PRO H 203 -18.78 26.29 -22.70
N GLU H 204 -17.67 25.56 -22.75
CA GLU H 204 -17.31 24.83 -23.96
C GLU H 204 -18.39 23.83 -24.38
N SER H 205 -18.99 23.15 -23.39
CA SER H 205 -20.02 22.16 -23.67
C SER H 205 -21.25 22.80 -24.33
N LEU H 206 -21.62 23.98 -23.84
CA LEU H 206 -22.73 24.74 -24.40
C LEU H 206 -22.45 25.24 -25.84
N LYS H 207 -21.19 25.59 -26.07
CA LYS H 207 -20.78 26.16 -27.36
C LYS H 207 -20.57 25.15 -28.51
N ASP H 208 -19.99 23.99 -28.21
CA ASP H 208 -19.58 23.01 -29.24
C ASP H 208 -20.16 21.60 -29.08
N GLY H 209 -20.69 21.29 -27.91
CA GLY H 209 -21.16 19.95 -27.63
C GLY H 209 -20.04 19.04 -27.18
N VAL H 210 -18.93 19.64 -26.80
CA VAL H 210 -17.76 18.87 -26.40
C VAL H 210 -17.77 18.54 -24.91
N PHE H 211 -17.57 17.27 -24.59
CA PHE H 211 -17.48 16.85 -23.20
C PHE H 211 -16.13 16.24 -22.86
N THR H 212 -15.56 16.65 -21.74
CA THR H 212 -14.24 16.20 -21.33
C THR H 212 -14.22 16.04 -19.82
N THR H 213 -13.14 15.48 -19.30
CA THR H 213 -13.01 15.42 -17.85
C THR H 213 -13.02 16.86 -17.32
N TYR H 214 -12.61 17.81 -18.15
CA TYR H 214 -12.67 19.20 -17.74
C TYR H 214 -14.12 19.66 -17.49
N SER H 215 -15.03 19.27 -18.37
CA SER H 215 -16.43 19.65 -18.22
C SER H 215 -17.07 18.94 -17.01
N ASP H 216 -16.55 17.76 -16.69
CA ASP H 216 -17.03 17.06 -15.51
C ASP H 216 -16.67 17.89 -14.29
N VAL H 217 -15.47 18.46 -14.26
CA VAL H 217 -15.02 19.23 -13.12
C VAL H 217 -15.89 20.47 -12.99
N TRP H 218 -16.18 21.11 -14.13
CA TRP H 218 -17.14 22.21 -14.13
C TRP H 218 -18.42 21.82 -13.38
N SER H 219 -19.04 20.73 -13.77
CA SER H 219 -20.26 20.27 -13.11
C SER H 219 -20.05 20.03 -11.63
N PHE H 220 -18.93 19.42 -11.26
CA PHE H 220 -18.58 19.23 -9.86
C PHE H 220 -18.72 20.54 -9.11
N GLY H 221 -18.18 21.61 -9.68
CA GLY H 221 -18.17 22.90 -9.04
C GLY H 221 -19.58 23.36 -8.76
N VAL H 222 -20.46 23.10 -9.72
CA VAL H 222 -21.86 23.48 -9.54
C VAL H 222 -22.52 22.67 -8.40
N VAL H 223 -22.17 21.40 -8.23
CA VAL H 223 -22.78 20.63 -7.15
C VAL H 223 -22.20 20.99 -5.81
N LEU H 224 -20.98 21.50 -5.80
CA LEU H 224 -20.45 22.13 -4.59
C LEU H 224 -21.30 23.36 -4.28
N TRP H 225 -21.60 24.15 -5.29
CA TRP H 225 -22.50 25.29 -5.13
C TRP H 225 -23.88 24.83 -4.61
N GLU H 226 -24.37 23.75 -5.19
CA GLU H 226 -25.63 23.14 -4.77
C GLU H 226 -25.59 22.77 -3.29
N ILE H 227 -24.52 22.10 -2.87
CA ILE H 227 -24.35 21.72 -1.48
C ILE H 227 -24.38 22.96 -0.59
N ALA H 228 -23.66 23.99 -1.02
CA ALA H 228 -23.52 25.22 -0.26
C ALA H 228 -24.80 26.04 -0.06
N THR H 229 -25.83 25.76 -0.88
CA THR H 229 -27.06 26.54 -0.86
C THR H 229 -28.24 25.63 -0.56
N LEU H 230 -27.95 24.41 -0.15
CA LEU H 230 -28.99 23.45 0.15
C LEU H 230 -29.90 23.31 -1.06
N ALA H 231 -29.24 23.00 -2.19
CA ALA H 231 -29.90 22.63 -3.44
C ALA H 231 -30.86 23.69 -3.94
N GLU H 232 -30.32 24.87 -4.20
CA GLU H 232 -31.07 25.94 -4.85
C GLU H 232 -30.86 25.74 -6.35
N GLN H 233 -31.63 26.44 -7.17
CA GLN H 233 -31.49 26.26 -8.61
C GLN H 233 -30.39 27.19 -9.09
N PRO H 234 -29.38 26.62 -9.75
CA PRO H 234 -28.30 27.45 -10.29
C PRO H 234 -28.87 28.52 -11.21
N TYR H 235 -28.34 29.74 -11.09
CA TYR H 235 -28.77 30.86 -11.91
C TYR H 235 -30.29 31.07 -11.88
N GLN H 236 -30.89 30.95 -10.70
CA GLN H 236 -32.30 31.24 -10.56
C GLN H 236 -32.49 32.72 -10.87
N GLY H 237 -33.56 33.07 -11.57
CA GLY H 237 -33.71 34.43 -12.05
C GLY H 237 -33.25 34.59 -13.49
N LEU H 238 -32.58 33.57 -14.01
CA LEU H 238 -32.26 33.54 -15.43
C LEU H 238 -33.03 32.39 -16.08
N SER H 239 -33.39 32.57 -17.35
CA SER H 239 -34.02 31.50 -18.10
C SER H 239 -32.93 30.72 -18.79
N ASN H 240 -33.20 29.47 -19.15
CA ASN H 240 -32.22 28.68 -19.85
C ASN H 240 -31.63 29.51 -20.98
N GLU H 241 -32.50 30.23 -21.67
CA GLU H 241 -32.06 31.15 -22.72
C GLU H 241 -30.99 32.12 -22.21
N GLN H 242 -31.19 32.69 -21.03
CA GLN H 242 -30.24 33.62 -20.44
C GLN H 242 -28.99 32.92 -19.93
N VAL H 243 -29.20 31.85 -19.15
CA VAL H 243 -28.10 31.07 -18.61
C VAL H 243 -27.10 30.75 -19.72
N LEU H 244 -27.63 30.15 -20.78
CA LEU H 244 -26.87 29.85 -21.99
C LEU H 244 -25.90 30.99 -22.32
N ARG H 245 -26.43 32.15 -22.65
CA ARG H 245 -25.58 33.29 -23.01
C ARG H 245 -24.68 33.68 -21.85
N PHE H 246 -25.27 33.82 -20.67
CA PHE H 246 -24.56 34.32 -19.49
C PHE H 246 -23.30 33.53 -19.19
N VAL H 247 -23.43 32.20 -19.15
CA VAL H 247 -22.30 31.35 -18.80
C VAL H 247 -21.26 31.42 -19.90
N MET H 248 -21.73 31.40 -21.14
CA MET H 248 -20.87 31.29 -22.31
C MET H 248 -19.91 32.47 -22.40
N GLU H 249 -20.38 33.65 -22.01
CA GLU H 249 -19.58 34.88 -22.09
C GLU H 249 -18.68 35.12 -20.88
N GLY H 250 -18.75 34.24 -19.89
CA GLY H 250 -17.81 34.28 -18.77
C GLY H 250 -18.48 34.32 -17.41
N GLY H 251 -19.81 34.35 -17.42
CA GLY H 251 -20.58 34.49 -16.19
C GLY H 251 -20.28 33.42 -15.16
N LEU H 252 -20.48 33.77 -13.89
CA LEU H 252 -20.30 32.83 -12.80
C LEU H 252 -21.40 32.98 -11.76
N LEU H 253 -21.76 31.87 -11.13
CA LEU H 253 -22.67 31.87 -9.98
C LEU H 253 -22.08 32.73 -8.86
N ASP H 254 -22.96 33.45 -8.16
CA ASP H 254 -22.54 34.31 -7.05
C ASP H 254 -22.25 33.48 -5.82
N LYS H 255 -21.33 33.97 -4.99
CA LYS H 255 -20.99 33.25 -3.78
C LYS H 255 -22.22 33.17 -2.88
N PRO H 256 -22.60 31.96 -2.48
CA PRO H 256 -23.76 31.82 -1.59
C PRO H 256 -23.55 32.66 -0.36
N ASP H 257 -24.67 33.19 0.17
CA ASP H 257 -24.64 33.89 1.44
C ASP H 257 -24.47 32.85 2.51
N ASN H 258 -23.52 33.07 3.40
CA ASN H 258 -23.20 32.11 4.44
C ASN H 258 -22.35 30.95 3.95
N CYS H 259 -21.74 31.09 2.77
CA CYS H 259 -20.83 30.08 2.26
C CYS H 259 -19.39 30.35 2.66
N PRO H 260 -18.73 29.40 3.34
CA PRO H 260 -17.31 29.57 3.69
C PRO H 260 -16.48 29.88 2.46
N ASP H 261 -15.46 30.72 2.63
CA ASP H 261 -14.66 31.22 1.50
C ASP H 261 -13.91 30.09 0.85
N MET H 262 -13.36 29.22 1.69
CA MET H 262 -12.61 28.10 1.18
C MET H 262 -13.39 27.30 0.13
N LEU H 263 -14.66 27.01 0.41
CA LEU H 263 -15.47 26.20 -0.52
C LEU H 263 -15.76 26.95 -1.82
N PHE H 264 -15.99 28.25 -1.71
CA PHE H 264 -16.29 29.04 -2.90
C PHE H 264 -15.04 29.29 -3.74
N GLU H 265 -13.88 29.26 -3.10
CA GLU H 265 -12.65 29.39 -3.86
C GLU H 265 -12.50 28.15 -4.73
N LEU H 266 -12.75 26.99 -4.15
CA LEU H 266 -12.70 25.71 -4.85
C LEU H 266 -13.60 25.69 -6.09
N MET H 267 -14.82 26.19 -5.98
CA MET H 267 -15.72 26.30 -7.13
C MET H 267 -15.13 27.22 -8.19
N ARG H 268 -14.50 28.31 -7.74
CA ARG H 268 -14.00 29.30 -8.68
C ARG H 268 -12.93 28.70 -9.58
N MET H 269 -12.15 27.78 -9.00
CA MET H 269 -11.17 27.01 -9.74
C MET H 269 -11.86 26.03 -10.71
N CYS H 270 -12.94 25.42 -10.25
CA CYS H 270 -13.67 24.48 -11.09
C CYS H 270 -14.38 25.19 -12.23
N TRP H 271 -14.46 26.52 -12.15
CA TRP H 271 -15.16 27.30 -13.17
C TRP H 271 -14.24 28.17 -13.98
N GLN H 272 -12.96 27.82 -13.97
CA GLN H 272 -12.01 28.49 -14.85
C GLN H 272 -12.53 28.33 -16.28
N TYR H 273 -12.53 29.43 -17.05
CA TYR H 273 -13.09 29.41 -18.41
C TYR H 273 -12.34 28.48 -19.37
N ASN H 274 -11.01 28.56 -19.37
CA ASN H 274 -10.17 27.62 -20.12
C ASN H 274 -10.18 26.30 -19.39
N PRO H 275 -10.78 25.26 -20.00
CA PRO H 275 -10.93 23.93 -19.41
C PRO H 275 -9.62 23.38 -18.85
N LYS H 276 -8.50 23.72 -19.47
CA LYS H 276 -7.20 23.20 -19.05
C LYS H 276 -6.67 23.91 -17.80
N MET H 277 -7.29 25.03 -17.46
CA MET H 277 -6.90 25.77 -16.24
C MET H 277 -7.64 25.30 -14.98
N ARG H 278 -8.57 24.36 -15.13
CA ARG H 278 -9.26 23.77 -13.98
C ARG H 278 -8.42 22.68 -13.31
N PRO H 279 -8.76 22.35 -12.07
CA PRO H 279 -8.04 21.27 -11.38
C PRO H 279 -8.55 19.93 -11.88
N SER H 280 -7.76 18.89 -11.68
CA SER H 280 -8.23 17.54 -11.91
C SER H 280 -8.94 17.13 -10.63
N PHE H 281 -9.71 16.04 -10.71
CA PHE H 281 -10.35 15.51 -9.53
C PHE H 281 -9.33 15.07 -8.50
N LEU H 282 -8.26 14.45 -8.96
CA LEU H 282 -7.19 14.06 -8.05
C LEU H 282 -6.61 15.26 -7.28
N GLU H 283 -6.51 16.41 -7.94
CA GLU H 283 -5.88 17.58 -7.33
C GLU H 283 -6.80 18.18 -6.30
N ILE H 284 -8.10 18.11 -6.57
CA ILE H 284 -9.12 18.56 -5.64
C ILE H 284 -9.07 17.70 -4.39
N ILE H 285 -8.95 16.40 -4.58
CA ILE H 285 -8.83 15.52 -3.43
C ILE H 285 -7.56 15.78 -2.62
N SER H 286 -6.42 15.95 -3.30
CA SER H 286 -5.18 16.17 -2.57
C SER H 286 -5.26 17.42 -1.72
N SER H 287 -6.11 18.36 -2.12
CA SER H 287 -6.18 19.67 -1.46
C SER H 287 -7.00 19.64 -0.17
N ILE H 288 -7.88 18.65 -0.06
CA ILE H 288 -8.75 18.55 1.08
C ILE H 288 -8.62 17.19 1.77
N LYS H 289 -7.67 16.36 1.33
CA LYS H 289 -7.55 15.01 1.87
C LYS H 289 -7.33 15.03 3.37
N GLU H 290 -6.56 16.02 3.84
CA GLU H 290 -6.23 16.12 5.25
C GLU H 290 -7.46 16.33 6.15
N GLU H 291 -8.55 16.84 5.58
CA GLU H 291 -9.77 17.08 6.33
C GLU H 291 -10.88 16.05 6.07
N MET H 292 -10.50 14.89 5.55
CA MET H 292 -11.45 13.80 5.30
C MET H 292 -11.46 12.86 6.48
N GLU H 293 -12.64 12.52 6.97
CA GLU H 293 -12.75 11.58 8.07
C GLU H 293 -11.82 10.38 7.84
N PRO H 294 -11.25 9.85 8.93
CA PRO H 294 -10.30 8.73 8.96
C PRO H 294 -10.61 7.60 7.96
N GLY H 295 -11.88 7.20 7.87
CA GLY H 295 -12.26 6.10 7.00
C GLY H 295 -11.72 6.16 5.58
N PHE H 296 -11.64 7.38 5.04
CA PHE H 296 -11.19 7.61 3.66
C PHE H 296 -10.01 6.77 3.18
N ARG H 297 -8.86 6.94 3.82
CA ARG H 297 -7.63 6.25 3.41
C ARG H 297 -7.80 4.77 3.05
N GLU H 298 -8.79 4.11 3.66
CA GLU H 298 -8.95 2.68 3.44
C GLU H 298 -9.93 2.35 2.31
N VAL H 299 -10.84 3.27 2.06
CA VAL H 299 -11.96 3.01 1.16
C VAL H 299 -11.94 3.88 -0.11
N SER H 300 -11.01 4.80 -0.18
CA SER H 300 -10.98 5.72 -1.31
C SER H 300 -10.19 5.16 -2.48
N PHE H 301 -10.56 5.61 -3.67
CA PHE H 301 -9.80 5.30 -4.86
C PHE H 301 -8.49 6.09 -4.79
N TYR H 302 -8.59 7.34 -4.34
CA TYR H 302 -7.43 8.18 -4.18
C TYR H 302 -6.26 7.44 -3.52
N TYR H 303 -6.56 6.71 -2.43
CA TYR H 303 -5.52 6.05 -1.65
C TYR H 303 -5.41 4.56 -1.96
N SER H 304 -5.81 4.16 -3.17
CA SER H 304 -5.75 2.74 -3.52
C SER H 304 -4.59 2.42 -4.48
N GLU H 305 -4.39 1.14 -4.75
CA GLU H 305 -3.29 0.69 -5.60
C GLU H 305 -3.48 1.11 -7.04
N GLU H 306 -4.72 0.96 -7.52
CA GLU H 306 -5.09 1.34 -8.88
C GLU H 306 -4.72 2.79 -9.21
N ASN H 307 -4.37 3.56 -8.17
CA ASN H 307 -3.99 4.95 -8.34
C ASN H 307 -2.69 5.27 -7.63
N LYS H 308 -1.57 4.92 -8.24
CA LYS H 308 -0.27 5.21 -7.67
C LYS H 308 0.79 4.50 -8.51
N SER I 2 78.36 -3.66 -40.72
CA SER I 2 78.66 -5.06 -40.47
C SER I 2 77.43 -5.81 -39.98
N PHE I 3 77.32 -7.07 -40.40
CA PHE I 3 76.24 -7.94 -40.00
C PHE I 3 76.38 -8.35 -38.53
N SER I 4 75.24 -8.47 -37.84
CA SER I 4 75.20 -8.88 -36.44
C SER I 4 73.78 -9.33 -36.10
N ALA I 5 73.59 -9.82 -34.88
CA ALA I 5 72.29 -10.32 -34.46
C ALA I 5 71.18 -9.32 -34.74
N ALA I 6 71.44 -8.06 -34.41
CA ALA I 6 70.49 -6.98 -34.64
C ALA I 6 69.89 -6.99 -36.05
N ASP I 7 70.67 -7.44 -37.03
CA ASP I 7 70.19 -7.45 -38.41
C ASP I 7 68.98 -8.36 -38.67
N VAL I 8 68.93 -9.49 -37.97
CA VAL I 8 67.94 -10.54 -38.25
C VAL I 8 66.85 -10.63 -37.19
N TYR I 9 67.23 -10.37 -35.94
CA TYR I 9 66.33 -10.53 -34.80
C TYR I 9 65.36 -9.36 -34.52
N VAL I 10 65.33 -8.38 -35.41
CA VAL I 10 64.40 -7.28 -35.30
C VAL I 10 63.76 -7.09 -36.67
N PRO I 11 62.43 -6.91 -36.69
CA PRO I 11 61.71 -6.78 -37.95
C PRO I 11 62.03 -5.41 -38.49
N ASP I 12 62.47 -5.32 -39.74
CA ASP I 12 62.90 -4.05 -40.32
C ASP I 12 61.74 -3.03 -40.27
N GLU I 13 60.75 -3.34 -39.43
CA GLU I 13 59.63 -2.45 -39.15
C GLU I 13 59.88 -1.61 -37.90
N TRP I 14 60.88 -2.00 -37.14
CA TRP I 14 61.20 -1.25 -35.95
C TRP I 14 62.54 -0.57 -36.09
N GLU I 15 63.14 -0.70 -37.26
CA GLU I 15 64.44 -0.09 -37.48
C GLU I 15 64.28 1.40 -37.60
N VAL I 16 65.31 2.12 -37.20
CA VAL I 16 65.40 3.54 -37.46
C VAL I 16 66.89 3.80 -37.74
N ALA I 17 67.19 4.71 -38.66
CA ALA I 17 68.57 5.08 -38.96
C ALA I 17 69.19 5.75 -37.74
N ARG I 18 70.44 5.42 -37.39
CA ARG I 18 71.01 6.06 -36.22
C ARG I 18 71.25 7.56 -36.40
N GLU I 19 71.26 8.01 -37.65
CA GLU I 19 71.33 9.44 -37.94
C GLU I 19 70.15 10.16 -37.29
N LYS I 20 69.03 9.45 -37.14
CA LYS I 20 67.82 9.97 -36.53
C LYS I 20 67.88 10.00 -35.01
N ILE I 21 68.90 9.39 -34.42
CA ILE I 21 69.02 9.37 -32.98
C ILE I 21 70.22 10.20 -32.52
N THR I 22 70.04 11.00 -31.49
CA THR I 22 71.17 11.72 -30.94
C THR I 22 71.14 11.61 -29.42
N MET I 23 72.25 11.20 -28.82
CA MET I 23 72.26 10.98 -27.38
C MET I 23 72.92 12.17 -26.71
N SER I 24 72.37 12.61 -25.59
CA SER I 24 72.99 13.73 -24.90
C SER I 24 73.84 13.26 -23.73
N ARG I 25 73.23 13.04 -22.58
CA ARG I 25 74.00 12.60 -21.43
C ARG I 25 73.53 11.25 -20.95
N GLU I 26 74.37 10.55 -20.20
CA GLU I 26 73.96 9.29 -19.64
C GLU I 26 72.87 9.48 -18.57
N LEU I 27 72.04 8.45 -18.41
CA LEU I 27 71.04 8.41 -17.35
C LEU I 27 71.34 7.33 -16.32
N GLY I 28 72.01 6.25 -16.74
CA GLY I 28 72.39 5.21 -15.80
C GLY I 28 72.77 3.89 -16.42
N GLN I 29 73.23 2.98 -15.58
CA GLN I 29 73.58 1.65 -16.00
C GLN I 29 72.32 0.81 -16.13
N GLY I 30 72.19 0.11 -17.26
CA GLY I 30 71.00 -0.67 -17.50
C GLY I 30 71.37 -2.11 -17.61
N SER I 31 70.37 -2.95 -17.82
CA SER I 31 70.57 -4.39 -17.93
C SER I 31 71.66 -4.79 -18.92
N PHE I 32 71.52 -4.43 -20.19
CA PHE I 32 72.48 -4.98 -21.16
C PHE I 32 73.57 -3.98 -21.57
N GLY I 33 73.54 -2.81 -20.97
CA GLY I 33 74.42 -1.74 -21.39
C GLY I 33 74.02 -0.45 -20.73
N MET I 34 74.53 0.66 -21.26
CA MET I 34 74.35 1.96 -20.65
C MET I 34 73.14 2.68 -21.24
N VAL I 35 72.45 3.43 -20.41
CA VAL I 35 71.28 4.15 -20.85
C VAL I 35 71.57 5.65 -20.94
N TYR I 36 71.15 6.25 -22.05
CA TYR I 36 71.35 7.67 -22.28
C TYR I 36 70.03 8.36 -22.49
N GLU I 37 69.99 9.66 -22.23
CA GLU I 37 68.87 10.47 -22.67
C GLU I 37 69.19 10.98 -24.07
N GLY I 38 68.17 11.25 -24.86
CA GLY I 38 68.42 11.71 -26.22
C GLY I 38 67.20 12.24 -26.95
N VAL I 39 67.41 12.61 -28.22
CA VAL I 39 66.32 13.02 -29.10
C VAL I 39 66.29 12.15 -30.36
N ALA I 40 65.09 11.73 -30.73
CA ALA I 40 64.92 10.90 -31.91
C ALA I 40 64.06 11.65 -32.92
N LYS I 41 64.66 12.00 -34.04
CA LYS I 41 63.92 12.69 -35.10
C LYS I 41 62.93 11.74 -35.72
N GLY I 42 61.71 12.24 -35.86
CA GLY I 42 60.65 11.58 -36.58
C GLY I 42 60.50 10.12 -36.27
N VAL I 43 60.14 9.81 -35.02
CA VAL I 43 59.85 8.43 -34.62
C VAL I 43 58.47 8.33 -34.02
N VAL I 44 57.96 9.46 -33.53
CA VAL I 44 56.59 9.53 -33.06
C VAL I 44 55.78 10.31 -34.10
N LYS I 45 54.49 10.01 -34.16
CA LYS I 45 53.61 10.61 -35.14
C LYS I 45 53.26 12.04 -34.71
N ASP I 46 53.36 12.97 -35.65
CA ASP I 46 53.05 14.37 -35.38
C ASP I 46 54.05 15.00 -34.41
N GLU I 47 55.23 14.41 -34.32
CA GLU I 47 56.32 15.03 -33.61
C GLU I 47 57.56 14.89 -34.45
N PRO I 48 58.03 16.01 -34.99
CA PRO I 48 59.30 16.00 -35.69
C PRO I 48 60.38 15.40 -34.79
N GLU I 49 60.39 15.79 -33.52
CA GLU I 49 61.40 15.31 -32.59
C GLU I 49 60.75 14.74 -31.34
N THR I 50 61.45 13.89 -30.63
CA THR I 50 60.90 13.32 -29.41
C THR I 50 62.00 13.03 -28.41
N ARG I 51 61.73 13.32 -27.15
CA ARG I 51 62.65 12.99 -26.09
C ARG I 51 62.56 11.50 -25.85
N VAL I 52 63.72 10.85 -25.81
CA VAL I 52 63.78 9.41 -25.72
C VAL I 52 64.91 8.96 -24.80
N ALA I 53 64.77 7.76 -24.27
CA ALA I 53 65.87 7.07 -23.63
C ALA I 53 66.54 6.18 -24.68
N ILE I 54 67.87 6.07 -24.61
CA ILE I 54 68.60 5.25 -25.56
C ILE I 54 69.46 4.26 -24.83
N LYS I 55 69.28 2.98 -25.12
CA LYS I 55 70.14 1.94 -24.58
C LYS I 55 71.18 1.59 -25.63
N THR I 56 72.45 1.56 -25.22
CA THR I 56 73.54 1.13 -26.09
C THR I 56 74.09 -0.22 -25.68
N VAL I 57 73.99 -1.17 -26.59
CA VAL I 57 74.65 -2.45 -26.43
C VAL I 57 75.85 -2.44 -27.37
N ASN I 58 77.06 -2.36 -26.81
CA ASN I 58 78.25 -2.15 -27.61
C ASN I 58 78.86 -3.43 -28.14
N GLU I 59 80.03 -3.29 -28.76
CA GLU I 59 80.71 -4.39 -29.43
C GLU I 59 81.08 -5.55 -28.49
N ALA I 60 81.59 -5.25 -27.30
CA ALA I 60 81.98 -6.31 -26.37
C ALA I 60 80.78 -6.92 -25.65
N ALA I 61 79.80 -7.35 -26.44
CA ALA I 61 78.67 -8.08 -25.91
C ALA I 61 78.60 -9.39 -26.67
N SER I 62 78.48 -10.49 -25.94
CA SER I 62 78.38 -11.77 -26.58
C SER I 62 77.21 -11.76 -27.55
N MET I 63 77.26 -12.62 -28.55
CA MET I 63 76.09 -12.82 -29.38
C MET I 63 74.96 -13.31 -28.49
N ARG I 64 75.29 -14.14 -27.52
CA ARG I 64 74.30 -14.74 -26.64
C ARG I 64 73.54 -13.62 -25.93
N GLU I 65 74.29 -12.64 -25.44
CA GLU I 65 73.75 -11.52 -24.67
C GLU I 65 72.92 -10.60 -25.54
N ARG I 66 73.41 -10.34 -26.74
CA ARG I 66 72.72 -9.43 -27.64
C ARG I 66 71.42 -10.03 -28.16
N ILE I 67 71.34 -11.35 -28.27
CA ILE I 67 70.13 -12.01 -28.76
C ILE I 67 69.07 -11.97 -27.65
N GLU I 68 69.48 -12.28 -26.43
CA GLU I 68 68.56 -12.32 -25.31
C GLU I 68 67.98 -10.94 -25.04
N PHE I 69 68.77 -9.92 -25.37
CA PHE I 69 68.38 -8.53 -25.17
C PHE I 69 67.39 -8.10 -26.25
N LEU I 70 67.59 -8.62 -27.45
CA LEU I 70 66.74 -8.28 -28.58
C LEU I 70 65.41 -9.00 -28.53
N ASN I 71 65.38 -10.18 -27.92
CA ASN I 71 64.15 -10.95 -27.82
C ASN I 71 63.29 -10.32 -26.75
N GLU I 72 63.93 -9.85 -25.70
CA GLU I 72 63.26 -9.17 -24.60
C GLU I 72 62.60 -7.86 -25.03
N ALA I 73 63.11 -7.29 -26.10
CA ALA I 73 62.49 -6.11 -26.66
C ALA I 73 61.43 -6.54 -27.66
N SER I 74 61.52 -7.78 -28.14
CA SER I 74 60.56 -8.27 -29.13
C SER I 74 59.21 -8.63 -28.50
N VAL I 75 59.16 -8.73 -27.17
CA VAL I 75 57.88 -8.86 -26.47
C VAL I 75 57.25 -7.48 -26.32
N MET I 76 58.09 -6.49 -26.09
CA MET I 76 57.70 -5.10 -26.01
C MET I 76 56.87 -4.62 -27.18
N LYS I 77 57.42 -4.70 -28.39
CA LYS I 77 56.77 -4.19 -29.59
C LYS I 77 55.26 -4.43 -29.60
N GLU I 78 54.86 -5.66 -29.26
CA GLU I 78 53.45 -6.01 -29.19
C GLU I 78 52.61 -5.00 -28.38
N PHE I 79 53.14 -4.50 -27.27
CA PHE I 79 52.37 -3.61 -26.40
C PHE I 79 52.37 -2.15 -26.83
N ASN I 80 51.17 -1.62 -26.99
CA ASN I 80 50.96 -0.22 -27.33
C ASN I 80 49.89 0.33 -26.40
N CYS I 81 50.26 0.56 -25.15
CA CYS I 81 49.29 1.06 -24.18
C CYS I 81 49.82 2.33 -23.57
N HIS I 82 48.94 3.26 -23.21
CA HIS I 82 49.38 4.53 -22.68
C HIS I 82 50.07 4.35 -21.34
N HIS I 83 49.75 3.25 -20.66
CA HIS I 83 50.27 3.01 -19.32
C HIS I 83 51.31 1.93 -19.28
N VAL I 84 51.79 1.53 -20.46
CA VAL I 84 52.97 0.71 -20.57
C VAL I 84 54.08 1.53 -21.27
N VAL I 85 55.26 1.63 -20.65
CA VAL I 85 56.37 2.35 -21.29
C VAL I 85 56.62 1.73 -22.68
N ARG I 86 56.56 2.57 -23.71
CA ARG I 86 56.56 2.12 -25.09
C ARG I 86 57.93 2.04 -25.73
N LEU I 87 58.13 1.05 -26.59
CA LEU I 87 59.33 0.98 -27.39
C LEU I 87 59.06 1.76 -28.66
N LEU I 88 60.02 2.59 -29.05
CA LEU I 88 59.86 3.50 -30.19
C LEU I 88 60.54 3.04 -31.46
N GLY I 89 61.66 2.34 -31.32
CA GLY I 89 62.40 1.80 -32.44
C GLY I 89 63.66 1.11 -31.96
N VAL I 90 64.41 0.52 -32.88
CA VAL I 90 65.74 0.03 -32.54
C VAL I 90 66.67 0.24 -33.71
N VAL I 91 67.81 0.87 -33.46
CA VAL I 91 68.80 1.03 -34.51
C VAL I 91 69.66 -0.22 -34.58
N SER I 92 69.57 -0.93 -35.71
CA SER I 92 70.23 -2.23 -35.84
C SER I 92 71.41 -2.24 -36.80
N GLN I 93 71.40 -1.37 -37.81
CA GLN I 93 72.47 -1.34 -38.79
C GLN I 93 73.60 -0.44 -38.30
N GLY I 94 74.57 -1.02 -37.60
CA GLY I 94 75.60 -0.21 -37.02
C GLY I 94 76.37 -0.84 -35.90
N GLN I 95 77.33 -0.07 -35.37
CA GLN I 95 78.31 -0.57 -34.41
C GLN I 95 77.69 -0.91 -33.06
N PRO I 96 77.22 0.13 -32.32
CA PRO I 96 76.42 -0.11 -31.10
C PRO I 96 74.95 -0.27 -31.46
N THR I 97 74.33 -1.33 -30.98
CA THR I 97 72.90 -1.52 -31.18
C THR I 97 72.21 -0.55 -30.27
N LEU I 98 71.27 0.21 -30.82
CA LEU I 98 70.49 1.14 -30.00
C LEU I 98 69.07 0.63 -29.86
N VAL I 99 68.51 0.81 -28.67
CA VAL I 99 67.08 0.62 -28.45
C VAL I 99 66.46 1.92 -27.96
N ILE I 100 65.44 2.39 -28.68
CA ILE I 100 64.79 3.66 -28.39
C ILE I 100 63.51 3.49 -27.60
N MET I 101 63.57 3.85 -26.32
CA MET I 101 62.38 3.78 -25.47
C MET I 101 61.84 5.16 -25.20
N GLU I 102 60.57 5.20 -24.83
CA GLU I 102 59.94 6.44 -24.47
C GLU I 102 60.58 6.94 -23.17
N LEU I 103 60.75 8.26 -23.06
CA LEU I 103 61.48 8.86 -21.96
C LEU I 103 60.56 9.12 -20.76
N MET I 104 60.98 8.62 -19.61
CA MET I 104 60.22 8.80 -18.38
C MET I 104 61.02 9.65 -17.42
N THR I 105 60.86 10.96 -17.51
CA THR I 105 61.85 11.86 -16.92
C THR I 105 62.00 11.83 -15.41
N ARG I 106 61.05 11.24 -14.69
CA ARG I 106 61.13 11.18 -13.22
C ARG I 106 61.56 9.82 -12.68
N GLY I 107 61.94 8.92 -13.57
CA GLY I 107 62.56 7.68 -13.16
C GLY I 107 61.58 6.71 -12.56
N ASP I 108 62.10 5.63 -12.00
CA ASP I 108 61.28 4.59 -11.41
C ASP I 108 60.48 5.04 -10.19
N LEU I 109 59.29 4.44 -10.06
CA LEU I 109 58.33 4.80 -9.04
C LEU I 109 58.90 4.61 -7.65
N LYS I 110 59.70 3.56 -7.45
CA LYS I 110 60.32 3.33 -6.14
C LYS I 110 61.15 4.52 -5.72
N SER I 111 62.13 4.89 -6.54
CA SER I 111 62.98 6.01 -6.21
C SER I 111 62.14 7.25 -5.99
N TYR I 112 61.22 7.48 -6.93
CA TYR I 112 60.36 8.65 -6.86
C TYR I 112 59.71 8.70 -5.49
N LEU I 113 59.15 7.58 -5.06
CA LEU I 113 58.41 7.53 -3.81
C LEU I 113 59.31 7.95 -2.65
N ARG I 114 60.53 7.43 -2.62
CA ARG I 114 61.50 7.77 -1.59
C ARG I 114 61.77 9.26 -1.52
N SER I 115 61.99 9.90 -2.67
CA SER I 115 62.27 11.32 -2.71
C SER I 115 61.15 12.15 -2.08
N LEU I 116 59.96 11.56 -1.99
CA LEU I 116 58.82 12.20 -1.35
C LEU I 116 58.86 12.15 0.16
N ARG I 117 59.90 11.56 0.72
CA ARG I 117 60.14 11.57 2.16
C ARG I 117 60.79 12.91 2.58
N PRO I 118 60.66 13.27 3.87
CA PRO I 118 61.23 14.47 4.49
C PRO I 118 62.43 15.03 3.73
N PRO I 128 54.17 13.39 0.37
CA PRO I 128 52.94 13.49 1.18
C PRO I 128 51.70 13.07 0.40
N PRO I 129 51.83 12.17 -0.60
CA PRO I 129 50.73 11.89 -1.54
C PRO I 129 49.38 11.81 -0.84
N SER I 130 48.39 12.47 -1.45
CA SER I 130 47.04 12.44 -0.96
C SER I 130 46.40 11.19 -1.51
N LEU I 131 45.22 10.83 -0.99
CA LEU I 131 44.50 9.66 -1.47
C LEU I 131 44.35 9.78 -2.97
N SER I 132 44.06 10.99 -3.43
CA SER I 132 43.75 11.20 -4.82
C SER I 132 44.97 10.92 -5.69
N LYS I 133 46.14 11.37 -5.23
CA LYS I 133 47.37 11.17 -5.99
C LYS I 133 47.70 9.70 -6.14
N MET I 134 47.60 8.96 -5.02
CA MET I 134 47.87 7.53 -4.97
C MET I 134 46.88 6.75 -5.83
N ILE I 135 45.60 7.10 -5.71
CA ILE I 135 44.57 6.51 -6.54
C ILE I 135 45.01 6.66 -7.99
N GLN I 136 45.53 7.83 -8.31
CA GLN I 136 45.88 8.13 -9.69
C GLN I 136 46.90 7.12 -10.20
N MET I 137 47.92 6.89 -9.37
CA MET I 137 48.95 5.90 -9.65
C MET I 137 48.36 4.49 -9.68
N ALA I 138 47.51 4.18 -8.71
CA ALA I 138 46.90 2.87 -8.63
C ALA I 138 46.16 2.52 -9.92
N GLY I 139 45.30 3.42 -10.39
CA GLY I 139 44.54 3.18 -11.60
C GLY I 139 45.42 3.10 -12.83
N GLU I 140 46.48 3.90 -12.89
CA GLU I 140 47.35 3.90 -14.06
C GLU I 140 48.16 2.63 -14.11
N ILE I 141 48.61 2.18 -12.94
CA ILE I 141 49.35 0.93 -12.86
C ILE I 141 48.43 -0.22 -13.18
N ALA I 142 47.21 -0.15 -12.67
CA ALA I 142 46.24 -1.21 -12.93
C ALA I 142 45.94 -1.27 -14.41
N ASP I 143 45.78 -0.11 -15.04
CA ASP I 143 45.33 -0.08 -16.41
C ASP I 143 46.35 -0.77 -17.30
N GLY I 144 47.62 -0.51 -17.04
CA GLY I 144 48.69 -1.15 -17.77
C GLY I 144 48.64 -2.65 -17.59
N MET I 145 48.30 -3.09 -16.38
CA MET I 145 48.28 -4.51 -16.06
C MET I 145 47.10 -5.19 -16.74
N ALA I 146 45.96 -4.53 -16.75
CA ALA I 146 44.81 -5.09 -17.44
C ALA I 146 45.17 -5.31 -18.91
N TYR I 147 45.81 -4.30 -19.50
CA TYR I 147 46.32 -4.39 -20.87
C TYR I 147 47.19 -5.63 -21.07
N LEU I 148 48.21 -5.78 -20.22
CA LEU I 148 49.00 -6.99 -20.21
C LEU I 148 48.14 -8.24 -20.18
N ASN I 149 47.27 -8.36 -19.18
CA ASN I 149 46.56 -9.63 -18.96
C ASN I 149 45.69 -9.92 -20.18
N ALA I 150 45.10 -8.87 -20.74
CA ALA I 150 44.20 -9.01 -21.89
C ALA I 150 44.93 -9.56 -23.10
N ASN I 151 46.22 -9.25 -23.21
CA ASN I 151 47.03 -9.83 -24.28
C ASN I 151 47.70 -11.14 -23.86
N LYS I 152 47.28 -11.66 -22.70
CA LYS I 152 47.67 -12.99 -22.26
C LYS I 152 49.12 -13.03 -21.81
N PHE I 153 49.49 -12.04 -21.01
CA PHE I 153 50.82 -12.03 -20.41
C PHE I 153 50.77 -11.88 -18.89
N VAL I 154 51.61 -12.65 -18.21
CA VAL I 154 51.83 -12.50 -16.79
C VAL I 154 53.14 -11.75 -16.52
N HIS I 155 53.04 -10.59 -15.88
CA HIS I 155 54.20 -9.78 -15.57
C HIS I 155 55.22 -10.49 -14.66
N ARG I 156 54.69 -11.18 -13.65
CA ARG I 156 55.48 -11.94 -12.67
C ARG I 156 56.34 -11.10 -11.73
N ASP I 157 56.68 -9.89 -12.15
CA ASP I 157 57.63 -9.10 -11.42
C ASP I 157 57.09 -7.70 -11.18
N LEU I 158 55.78 -7.57 -10.99
CA LEU I 158 55.24 -6.22 -10.81
C LEU I 158 55.71 -5.68 -9.46
N ALA I 159 56.27 -4.48 -9.49
CA ALA I 159 56.79 -3.85 -8.28
C ALA I 159 57.07 -2.37 -8.53
N ALA I 160 57.09 -1.58 -7.47
CA ALA I 160 57.32 -0.16 -7.64
C ALA I 160 58.59 0.08 -8.44
N ARG I 161 59.62 -0.70 -8.17
CA ARG I 161 60.91 -0.51 -8.84
C ARG I 161 60.80 -0.69 -10.36
N ASN I 162 59.74 -1.34 -10.83
CA ASN I 162 59.58 -1.64 -12.25
C ASN I 162 58.66 -0.69 -12.99
N CYS I 163 57.95 0.14 -12.25
CA CYS I 163 57.14 1.21 -12.83
C CYS I 163 57.97 2.47 -12.93
N MET I 164 57.68 3.28 -13.94
CA MET I 164 58.38 4.54 -14.18
C MET I 164 57.41 5.71 -14.07
N VAL I 165 57.93 6.90 -13.77
CA VAL I 165 57.12 8.10 -13.72
C VAL I 165 57.51 9.09 -14.83
N ALA I 166 56.50 9.58 -15.54
CA ALA I 166 56.68 10.52 -16.64
C ALA I 166 56.73 11.97 -16.15
N GLU I 167 57.22 12.88 -16.99
CA GLU I 167 57.22 14.32 -16.69
C GLU I 167 55.95 14.81 -16.01
N ASP I 168 54.78 14.43 -16.55
CA ASP I 168 53.49 14.83 -15.98
C ASP I 168 53.01 13.92 -14.87
N PHE I 169 53.94 13.15 -14.31
CA PHE I 169 53.66 12.31 -13.14
C PHE I 169 52.81 11.08 -13.41
N THR I 170 52.48 10.82 -14.67
CA THR I 170 51.80 9.58 -15.01
C THR I 170 52.72 8.39 -14.73
N VAL I 171 52.20 7.33 -14.16
CA VAL I 171 53.00 6.11 -13.98
C VAL I 171 52.71 5.10 -15.12
N LYS I 172 53.71 4.29 -15.47
CA LYS I 172 53.59 3.25 -16.50
C LYS I 172 54.34 1.98 -16.14
N ILE I 173 53.88 0.85 -16.65
CA ILE I 173 54.55 -0.41 -16.39
C ILE I 173 55.71 -0.53 -17.38
N GLY I 174 56.84 -1.04 -16.95
CA GLY I 174 58.02 -0.85 -17.76
C GLY I 174 59.07 -1.92 -17.86
N ASP I 175 59.04 -2.95 -17.02
CA ASP I 175 60.14 -3.89 -17.13
C ASP I 175 59.64 -5.32 -17.31
N PHE I 176 59.91 -5.90 -18.49
CA PHE I 176 59.24 -7.14 -18.88
C PHE I 176 60.12 -8.34 -19.06
N GLY I 177 61.35 -8.29 -18.56
CA GLY I 177 62.31 -9.37 -18.74
C GLY I 177 61.82 -10.64 -18.10
N MET I 178 60.80 -10.51 -17.26
CA MET I 178 60.39 -11.63 -16.45
C MET I 178 58.97 -12.11 -16.81
N THR I 179 58.32 -11.43 -17.74
CA THR I 179 56.94 -11.76 -18.05
C THR I 179 56.87 -12.91 -19.06
N ARG I 180 55.74 -13.62 -19.06
CA ARG I 180 55.59 -14.80 -19.89
C ARG I 180 54.23 -14.78 -20.56
N ASP I 181 54.16 -15.42 -21.73
CA ASP I 181 52.96 -15.59 -22.52
C ASP I 181 52.13 -16.69 -21.92
N ILE I 182 50.81 -16.49 -21.84
CA ILE I 182 49.95 -17.50 -21.26
C ILE I 182 48.70 -17.78 -22.08
N PTR I 183 48.75 -17.59 -23.40
CA PTR I 183 47.67 -18.05 -24.25
C PTR I 183 47.66 -19.58 -24.22
O PTR I 183 48.69 -20.22 -24.48
CB PTR I 183 47.82 -17.56 -25.71
CG PTR I 183 46.64 -17.91 -26.62
CD1 PTR I 183 45.81 -19.01 -26.35
CD2 PTR I 183 46.38 -17.18 -27.76
CE1 PTR I 183 44.75 -19.34 -27.19
CE2 PTR I 183 45.31 -17.49 -28.61
CZ PTR I 183 44.50 -18.58 -28.32
OH PTR I 183 43.45 -18.90 -29.15
N GLU I 184 46.50 -20.16 -23.90
CA GLU I 184 46.42 -21.58 -23.54
C GLU I 184 47.23 -21.74 -22.26
N THR I 185 46.68 -22.44 -21.27
CA THR I 185 47.29 -22.57 -19.95
C THR I 185 46.73 -21.54 -18.97
N ASP I 186 46.90 -20.26 -19.30
CA ASP I 186 46.58 -19.15 -18.40
C ASP I 186 47.39 -19.22 -17.12
N PTR I 187 48.59 -19.81 -17.23
CA PTR I 187 49.54 -19.91 -16.13
C PTR I 187 50.95 -20.18 -16.68
O PTR I 187 51.15 -20.45 -17.87
CB PTR I 187 49.17 -20.94 -15.04
CG PTR I 187 49.34 -22.39 -15.44
CD1 PTR I 187 48.30 -23.11 -16.02
CD2 PTR I 187 50.55 -23.05 -15.22
CE1 PTR I 187 48.45 -24.44 -16.38
CE2 PTR I 187 50.71 -24.38 -15.59
CZ PTR I 187 49.66 -25.07 -16.16
OH PTR I 187 49.82 -26.24 -16.49
P PTR I 187 50.49 -27.33 -15.50
O1P PTR I 187 51.95 -27.06 -15.36
O2P PTR I 187 49.81 -27.27 -14.11
O3P PTR I 187 50.30 -28.74 -16.11
N PTR I 188 51.94 -20.06 -15.79
CA PTR I 188 53.33 -20.31 -16.13
C PTR I 188 53.89 -20.97 -14.90
O PTR I 188 53.65 -20.50 -13.78
CB PTR I 188 54.07 -19.00 -16.42
CG PTR I 188 55.57 -19.14 -16.51
CD1 PTR I 188 56.18 -19.58 -17.66
CD2 PTR I 188 56.39 -18.80 -15.43
CE1 PTR I 188 57.56 -19.71 -17.75
CE2 PTR I 188 57.76 -18.91 -15.51
CZ PTR I 188 58.35 -19.38 -16.67
OH PTR I 188 59.58 -19.45 -16.69
P PTR I 188 60.58 -20.20 -17.75
O1P PTR I 188 60.81 -21.58 -17.24
O2P PTR I 188 61.93 -19.46 -17.74
O3P PTR I 188 60.08 -20.23 -19.22
N ARG I 189 54.63 -22.08 -15.08
CA ARG I 189 55.14 -22.86 -13.97
C ARG I 189 56.65 -22.80 -13.96
N LYS I 190 57.23 -22.27 -12.88
CA LYS I 190 58.68 -22.18 -12.82
C LYS I 190 59.33 -23.56 -12.68
N GLY I 191 60.20 -23.89 -13.63
CA GLY I 191 60.93 -25.14 -13.60
C GLY I 191 62.04 -25.13 -12.57
N GLY I 192 63.12 -24.42 -12.87
CA GLY I 192 64.30 -24.43 -12.01
C GLY I 192 64.38 -23.29 -11.02
N LYS I 193 65.60 -22.83 -10.75
CA LYS I 193 65.85 -21.74 -9.82
C LYS I 193 65.24 -20.43 -10.33
N GLY I 194 64.53 -19.75 -9.43
CA GLY I 194 63.96 -18.46 -9.73
C GLY I 194 64.56 -17.40 -8.84
N LEU I 195 64.77 -16.21 -9.42
CA LEU I 195 65.37 -15.11 -8.69
C LEU I 195 64.42 -13.95 -8.38
N LEU I 196 63.11 -14.18 -8.50
CA LEU I 196 62.16 -13.11 -8.17
C LEU I 196 62.22 -12.85 -6.68
N PRO I 197 62.15 -11.58 -6.30
CA PRO I 197 62.13 -11.23 -4.88
C PRO I 197 60.87 -11.80 -4.24
N VAL I 198 61.03 -12.52 -3.15
CA VAL I 198 59.89 -13.22 -2.55
C VAL I 198 58.87 -12.28 -1.94
N ARG I 199 59.28 -11.06 -1.63
CA ARG I 199 58.40 -10.16 -0.89
C ARG I 199 57.22 -9.75 -1.78
N TRP I 200 57.39 -9.95 -3.08
CA TRP I 200 56.35 -9.61 -4.05
C TRP I 200 55.58 -10.82 -4.59
N MET I 201 55.96 -12.04 -4.18
CA MET I 201 55.36 -13.27 -4.70
C MET I 201 54.16 -13.76 -3.88
N SER I 202 53.13 -14.21 -4.59
CA SER I 202 51.89 -14.67 -3.99
C SER I 202 52.12 -16.00 -3.32
N PRO I 203 51.28 -16.34 -2.34
CA PRO I 203 51.41 -17.61 -1.62
C PRO I 203 51.45 -18.79 -2.58
N GLU I 204 50.64 -18.76 -3.63
CA GLU I 204 50.61 -19.88 -4.55
C GLU I 204 51.87 -19.97 -5.43
N SER I 205 52.53 -18.84 -5.64
CA SER I 205 53.77 -18.81 -6.41
C SER I 205 54.93 -19.30 -5.54
N LEU I 206 54.99 -18.84 -4.30
CA LEU I 206 55.97 -19.32 -3.33
C LEU I 206 55.90 -20.83 -3.15
N LYS I 207 54.70 -21.36 -3.22
CA LYS I 207 54.47 -22.79 -2.96
C LYS I 207 54.74 -23.69 -4.18
N ASP I 208 54.20 -23.34 -5.34
CA ASP I 208 54.29 -24.24 -6.51
C ASP I 208 55.05 -23.67 -7.70
N GLY I 209 55.39 -22.39 -7.61
CA GLY I 209 56.07 -21.71 -8.71
C GLY I 209 55.12 -21.43 -9.85
N VAL I 210 53.83 -21.31 -9.53
CA VAL I 210 52.80 -21.07 -10.52
C VAL I 210 52.43 -19.60 -10.55
N PHE I 211 52.47 -19.02 -11.74
CA PHE I 211 52.14 -17.62 -11.93
C PHE I 211 50.95 -17.45 -12.85
N THR I 212 50.02 -16.60 -12.44
CA THR I 212 48.80 -16.32 -13.17
C THR I 212 48.51 -14.84 -13.06
N THR I 213 47.39 -14.40 -13.62
CA THR I 213 47.04 -13.00 -13.54
C THR I 213 46.65 -12.71 -12.10
N TYR I 214 46.24 -13.74 -11.37
CA TYR I 214 45.85 -13.60 -9.97
C TYR I 214 47.07 -13.28 -9.12
N SER I 215 48.22 -13.83 -9.50
CA SER I 215 49.45 -13.60 -8.74
C SER I 215 49.96 -12.20 -9.03
N ASP I 216 49.67 -11.70 -10.23
CA ASP I 216 50.02 -10.34 -10.61
C ASP I 216 49.26 -9.34 -9.75
N VAL I 217 47.98 -9.61 -9.52
CA VAL I 217 47.16 -8.79 -8.65
C VAL I 217 47.72 -8.80 -7.24
N TRP I 218 48.21 -9.95 -6.81
CA TRP I 218 48.87 -10.02 -5.52
C TRP I 218 49.93 -8.97 -5.51
N SER I 219 50.93 -9.15 -6.37
CA SER I 219 52.00 -8.19 -6.47
C SER I 219 51.45 -6.77 -6.53
N PHE I 220 50.38 -6.55 -7.28
CA PHE I 220 49.81 -5.21 -7.42
C PHE I 220 49.49 -4.61 -6.09
N GLY I 221 48.93 -5.44 -5.23
CA GLY I 221 48.56 -5.07 -3.88
C GLY I 221 49.76 -4.66 -3.06
N VAL I 222 50.90 -5.30 -3.31
CA VAL I 222 52.12 -4.92 -2.64
C VAL I 222 52.62 -3.55 -3.10
N VAL I 223 52.49 -3.26 -4.39
CA VAL I 223 52.92 -1.95 -4.87
C VAL I 223 51.97 -0.86 -4.43
N LEU I 224 50.75 -1.22 -4.04
CA LEU I 224 49.86 -0.26 -3.39
C LEU I 224 50.44 0.07 -2.03
N TRP I 225 50.87 -0.98 -1.34
CA TRP I 225 51.47 -0.83 -0.01
C TRP I 225 52.74 0.01 -0.10
N GLU I 226 53.51 -0.25 -1.15
CA GLU I 226 54.73 0.52 -1.40
C GLU I 226 54.41 1.99 -1.56
N ILE I 227 53.36 2.31 -2.32
CA ILE I 227 52.96 3.70 -2.54
C ILE I 227 52.56 4.32 -1.20
N ALA I 228 51.84 3.56 -0.38
CA ALA I 228 51.31 4.08 0.87
C ALA I 228 52.36 4.24 1.94
N THR I 229 53.51 3.60 1.76
CA THR I 229 54.59 3.72 2.73
C THR I 229 55.81 4.41 2.13
N LEU I 230 55.62 5.07 1.00
CA LEU I 230 56.72 5.76 0.35
C LEU I 230 57.89 4.80 0.21
N ALA I 231 57.59 3.62 -0.32
CA ALA I 231 58.62 2.69 -0.74
C ALA I 231 59.42 2.11 0.41
N GLU I 232 58.74 1.63 1.46
CA GLU I 232 59.44 0.87 2.50
C GLU I 232 59.58 -0.59 2.08
N GLN I 233 60.32 -1.35 2.86
CA GLN I 233 60.52 -2.74 2.52
C GLN I 233 59.39 -3.56 3.07
N PRO I 234 58.69 -4.27 2.19
CA PRO I 234 57.61 -5.16 2.64
C PRO I 234 58.15 -6.16 3.67
N TYR I 235 57.40 -6.33 4.74
CA TYR I 235 57.76 -7.31 5.76
C TYR I 235 59.12 -6.98 6.34
N GLN I 236 59.37 -5.71 6.58
CA GLN I 236 60.64 -5.30 7.12
C GLN I 236 60.76 -5.93 8.50
N GLY I 237 61.92 -6.48 8.81
CA GLY I 237 62.11 -7.14 10.09
C GLY I 237 62.02 -8.64 9.99
N LEU I 238 61.55 -9.12 8.84
CA LEU I 238 61.59 -10.54 8.55
C LEU I 238 62.67 -10.82 7.52
N SER I 239 63.13 -12.07 7.50
CA SER I 239 64.13 -12.50 6.56
C SER I 239 63.42 -13.15 5.39
N ASN I 240 64.07 -13.17 4.23
CA ASN I 240 63.52 -13.90 3.10
C ASN I 240 62.92 -15.22 3.58
N GLU I 241 63.69 -15.96 4.36
CA GLU I 241 63.24 -17.22 4.94
C GLU I 241 61.93 -17.09 5.74
N GLN I 242 61.88 -16.12 6.66
CA GLN I 242 60.70 -15.91 7.50
C GLN I 242 59.50 -15.48 6.65
N VAL I 243 59.76 -14.56 5.71
CA VAL I 243 58.73 -14.03 4.82
C VAL I 243 58.07 -15.15 4.04
N LEU I 244 58.91 -16.01 3.48
CA LEU I 244 58.48 -17.19 2.75
C LEU I 244 57.44 -17.97 3.53
N ARG I 245 57.75 -18.25 4.79
CA ARG I 245 56.86 -19.03 5.64
C ARG I 245 55.65 -18.19 6.07
N PHE I 246 55.90 -16.91 6.33
CA PHE I 246 54.85 -16.01 6.81
C PHE I 246 53.71 -15.88 5.82
N VAL I 247 54.05 -15.50 4.59
CA VAL I 247 53.02 -15.31 3.56
C VAL I 247 52.30 -16.59 3.20
N MET I 248 53.03 -17.70 3.11
CA MET I 248 52.47 -18.99 2.70
C MET I 248 51.43 -19.55 3.65
N GLU I 249 51.54 -19.20 4.93
CA GLU I 249 50.58 -19.67 5.94
C GLU I 249 49.43 -18.68 6.15
N GLY I 250 49.53 -17.52 5.51
CA GLY I 250 48.40 -16.61 5.41
C GLY I 250 48.64 -15.28 6.06
N GLY I 251 49.92 -15.00 6.29
CA GLY I 251 50.32 -13.72 6.88
C GLY I 251 50.09 -12.57 5.93
N LEU I 252 49.81 -11.40 6.48
CA LEU I 252 49.60 -10.23 5.64
C LEU I 252 50.48 -9.07 6.09
N LEU I 253 50.63 -8.10 5.21
CA LEU I 253 51.31 -6.85 5.53
C LEU I 253 50.36 -5.99 6.36
N ASP I 254 50.91 -5.17 7.25
CA ASP I 254 50.07 -4.42 8.17
C ASP I 254 49.66 -3.11 7.56
N LYS I 255 48.54 -2.58 8.01
CA LYS I 255 48.05 -1.36 7.42
C LYS I 255 49.02 -0.25 7.75
N PRO I 256 49.55 0.40 6.69
CA PRO I 256 50.54 1.46 6.84
C PRO I 256 50.03 2.59 7.73
N ASP I 257 50.88 3.06 8.64
CA ASP I 257 50.56 4.23 9.42
C ASP I 257 50.10 5.37 8.50
N ASN I 258 48.94 5.92 8.81
CA ASN I 258 48.40 7.06 8.09
C ASN I 258 47.80 6.68 6.74
N CYS I 259 47.62 5.38 6.52
CA CYS I 259 47.08 4.95 5.25
C CYS I 259 45.57 5.15 5.23
N PRO I 260 45.06 5.74 4.15
CA PRO I 260 43.62 5.80 3.87
C PRO I 260 42.96 4.43 3.94
N ASP I 261 41.85 4.33 4.63
CA ASP I 261 41.14 3.06 4.81
C ASP I 261 40.86 2.43 3.43
N MET I 262 40.48 3.28 2.49
CA MET I 262 40.08 2.81 1.18
C MET I 262 41.23 2.09 0.46
N LEU I 263 42.44 2.63 0.57
CA LEU I 263 43.60 2.04 -0.07
C LEU I 263 43.97 0.71 0.57
N PHE I 264 43.86 0.61 1.89
CA PHE I 264 44.20 -0.63 2.57
C PHE I 264 43.22 -1.76 2.25
N GLU I 265 41.93 -1.40 2.23
CA GLU I 265 40.89 -2.36 1.86
C GLU I 265 41.12 -2.92 0.47
N LEU I 266 41.71 -2.10 -0.39
CA LEU I 266 42.01 -2.54 -1.73
C LEU I 266 43.09 -3.61 -1.68
N MET I 267 44.13 -3.35 -0.87
CA MET I 267 45.19 -4.35 -0.72
C MET I 267 44.62 -5.64 -0.13
N ARG I 268 43.75 -5.53 0.87
CA ARG I 268 43.20 -6.73 1.49
C ARG I 268 42.58 -7.65 0.45
N MET I 269 41.91 -7.03 -0.51
CA MET I 269 41.22 -7.79 -1.54
C MET I 269 42.26 -8.43 -2.45
N CYS I 270 43.28 -7.67 -2.81
CA CYS I 270 44.30 -8.24 -3.69
C CYS I 270 44.99 -9.40 -3.00
N TRP I 271 44.89 -9.46 -1.67
CA TRP I 271 45.62 -10.45 -0.87
C TRP I 271 44.78 -11.65 -0.41
N GLN I 272 43.54 -11.73 -0.87
CA GLN I 272 42.74 -12.94 -0.73
C GLN I 272 43.66 -14.13 -0.98
N TYR I 273 43.89 -14.90 0.08
CA TYR I 273 44.78 -16.04 0.03
C TYR I 273 44.51 -16.97 -1.12
N ASN I 274 43.23 -17.25 -1.37
CA ASN I 274 42.82 -18.15 -2.42
C ASN I 274 42.76 -17.21 -3.64
N PRO I 275 43.42 -17.60 -4.74
CA PRO I 275 43.61 -16.64 -5.85
C PRO I 275 42.34 -16.26 -6.66
N LYS I 276 41.46 -17.20 -6.95
CA LYS I 276 40.21 -16.87 -7.66
C LYS I 276 39.26 -15.85 -6.93
N MET I 277 39.52 -15.51 -5.68
CA MET I 277 38.69 -14.53 -4.94
C MET I 277 39.29 -13.12 -4.91
N ARG I 278 40.35 -12.91 -5.69
CA ARG I 278 40.93 -11.58 -5.84
C ARG I 278 40.28 -10.88 -7.02
N PRO I 279 40.28 -9.54 -7.00
CA PRO I 279 39.69 -8.78 -8.09
C PRO I 279 40.54 -8.91 -9.33
N SER I 280 39.95 -8.61 -10.47
CA SER I 280 40.72 -8.49 -11.69
C SER I 280 41.17 -7.03 -11.76
N PHE I 281 42.13 -6.75 -12.64
CA PHE I 281 42.57 -5.37 -12.79
C PHE I 281 41.40 -4.54 -13.28
N LEU I 282 40.58 -5.11 -14.14
CA LEU I 282 39.44 -4.38 -14.66
C LEU I 282 38.47 -4.01 -13.54
N GLU I 283 38.31 -4.91 -12.56
CA GLU I 283 37.43 -4.66 -11.42
C GLU I 283 37.97 -3.54 -10.54
N ILE I 284 39.27 -3.62 -10.28
CA ILE I 284 39.94 -2.61 -9.48
C ILE I 284 39.78 -1.25 -10.15
N ILE I 285 40.10 -1.17 -11.44
CA ILE I 285 39.92 0.09 -12.19
C ILE I 285 38.47 0.58 -12.09
N SER I 286 37.50 -0.31 -12.29
CA SER I 286 36.10 0.06 -12.27
C SER I 286 35.67 0.63 -10.93
N SER I 287 36.37 0.22 -9.86
CA SER I 287 36.01 0.66 -8.52
C SER I 287 36.64 1.98 -8.15
N ILE I 288 37.41 2.57 -9.05
CA ILE I 288 38.04 3.85 -8.75
C ILE I 288 38.00 4.77 -9.94
N LYS I 289 37.39 4.31 -11.02
CA LYS I 289 37.46 5.04 -12.28
C LYS I 289 36.92 6.45 -12.13
N GLU I 290 35.92 6.60 -11.28
CA GLU I 290 35.24 7.87 -11.16
C GLU I 290 36.15 8.87 -10.44
N GLU I 291 37.28 8.38 -9.91
CA GLU I 291 38.18 9.18 -9.10
C GLU I 291 39.52 9.42 -9.75
N MET I 292 39.63 9.06 -11.03
CA MET I 292 40.83 9.34 -11.82
C MET I 292 40.69 10.72 -12.39
N GLU I 293 41.81 11.35 -12.74
CA GLU I 293 41.76 12.65 -13.41
C GLU I 293 41.17 12.51 -14.80
N PRO I 294 40.58 13.58 -15.32
CA PRO I 294 39.91 13.70 -16.62
C PRO I 294 40.52 12.91 -17.79
N GLY I 295 41.82 13.07 -18.02
CA GLY I 295 42.47 12.46 -19.17
C GLY I 295 42.18 10.97 -19.38
N PHE I 296 41.98 10.25 -18.27
CA PHE I 296 41.89 8.79 -18.26
C PHE I 296 41.05 8.19 -19.36
N ARG I 297 39.82 8.67 -19.50
CA ARG I 297 38.92 8.13 -20.49
C ARG I 297 39.51 8.10 -21.90
N GLU I 298 40.26 9.13 -22.28
CA GLU I 298 40.86 9.19 -23.61
C GLU I 298 42.00 8.18 -23.83
N VAL I 299 42.87 8.04 -22.84
CA VAL I 299 44.15 7.34 -23.01
C VAL I 299 44.19 5.89 -22.48
N SER I 300 43.31 5.57 -21.56
CA SER I 300 43.35 4.29 -20.85
C SER I 300 42.97 3.10 -21.72
N PHE I 301 43.49 1.94 -21.38
CA PHE I 301 43.06 0.71 -22.02
C PHE I 301 41.63 0.41 -21.62
N TYR I 302 41.31 0.72 -20.37
CA TYR I 302 39.97 0.52 -19.83
C TYR I 302 38.86 1.07 -20.73
N TYR I 303 38.97 2.34 -21.11
CA TYR I 303 37.94 2.98 -21.94
C TYR I 303 38.21 2.86 -23.45
N SER I 304 38.98 1.86 -23.86
CA SER I 304 39.33 1.71 -25.27
C SER I 304 38.51 0.63 -25.98
N GLU I 305 38.55 0.64 -27.30
CA GLU I 305 37.82 -0.32 -28.13
C GLU I 305 38.28 -1.76 -27.87
N GLU I 306 39.59 -1.97 -27.76
CA GLU I 306 40.13 -3.30 -27.48
C GLU I 306 39.37 -3.95 -26.32
N ASN I 307 39.07 -3.15 -25.29
CA ASN I 307 38.43 -3.66 -24.08
C ASN I 307 36.93 -3.96 -24.24
N SER J 2 31.43 4.26 2.56
CA SER J 2 32.81 3.79 2.65
C SER J 2 33.14 2.81 1.52
N PHE J 3 34.43 2.56 1.32
CA PHE J 3 34.90 1.62 0.31
C PHE J 3 34.85 0.22 0.88
N SER J 4 34.23 -0.71 0.16
CA SER J 4 34.08 -2.07 0.63
C SER J 4 34.15 -2.99 -0.57
N ALA J 5 34.34 -4.27 -0.31
CA ALA J 5 34.34 -5.27 -1.36
C ALA J 5 33.24 -5.02 -2.40
N ALA J 6 32.06 -4.65 -1.93
CA ALA J 6 30.92 -4.43 -2.82
C ALA J 6 31.30 -3.52 -3.98
N ASP J 7 32.13 -2.53 -3.70
CA ASP J 7 32.49 -1.52 -4.69
C ASP J 7 33.24 -2.04 -5.89
N VAL J 8 34.06 -3.05 -5.67
CA VAL J 8 34.90 -3.59 -6.73
C VAL J 8 34.34 -4.84 -7.40
N TYR J 9 33.61 -5.65 -6.62
CA TYR J 9 33.23 -7.00 -7.03
C TYR J 9 31.84 -7.13 -7.70
N VAL J 10 31.12 -6.03 -7.82
CA VAL J 10 29.86 -6.03 -8.58
C VAL J 10 29.95 -4.99 -9.70
N PRO J 11 29.68 -5.43 -10.94
CA PRO J 11 29.77 -4.54 -12.10
C PRO J 11 28.82 -3.39 -11.88
N ASP J 12 29.25 -2.16 -12.17
CA ASP J 12 28.41 -1.01 -11.91
C ASP J 12 27.17 -0.97 -12.83
N GLU J 13 26.87 -2.10 -13.45
CA GLU J 13 25.63 -2.28 -14.21
C GLU J 13 24.66 -3.28 -13.56
N TRP J 14 24.84 -3.51 -12.27
CA TRP J 14 23.86 -4.22 -11.47
C TRP J 14 23.53 -3.32 -10.31
N GLU J 15 24.24 -2.19 -10.25
CA GLU J 15 24.08 -1.19 -9.21
C GLU J 15 22.64 -0.66 -9.17
N VAL J 16 22.15 -0.35 -7.98
CA VAL J 16 20.93 0.43 -7.84
C VAL J 16 21.15 1.32 -6.64
N ALA J 17 20.35 2.38 -6.51
CA ALA J 17 20.48 3.28 -5.36
C ALA J 17 19.54 2.88 -4.23
N ARG J 18 20.07 2.75 -3.01
CA ARG J 18 19.27 2.22 -1.89
C ARG J 18 18.04 3.06 -1.57
N GLU J 19 17.95 4.22 -2.21
CA GLU J 19 16.77 5.07 -2.07
C GLU J 19 15.62 4.48 -2.89
N LYS J 20 15.97 3.67 -3.89
CA LYS J 20 14.98 2.98 -4.71
C LYS J 20 14.55 1.66 -4.08
N ILE J 21 15.07 1.35 -2.90
CA ILE J 21 14.78 0.11 -2.20
C ILE J 21 14.15 0.40 -0.85
N THR J 22 13.06 -0.28 -0.57
CA THR J 22 12.43 -0.18 0.74
C THR J 22 12.07 -1.56 1.29
N MET J 23 12.49 -1.81 2.52
CA MET J 23 12.33 -3.11 3.15
C MET J 23 11.20 -3.08 4.18
N SER J 24 10.31 -4.07 4.10
CA SER J 24 9.12 -4.06 4.92
C SER J 24 9.27 -4.94 6.15
N ARG J 25 9.18 -6.25 5.97
CA ARG J 25 9.30 -7.18 7.10
C ARG J 25 10.16 -8.36 6.70
N GLU J 26 10.73 -9.01 7.70
CA GLU J 26 11.78 -9.98 7.47
C GLU J 26 11.18 -11.28 7.00
N LEU J 27 11.87 -11.98 6.12
CA LEU J 27 11.35 -13.25 5.62
C LEU J 27 12.04 -14.44 6.28
N GLY J 28 13.25 -14.21 6.81
CA GLY J 28 13.95 -15.26 7.51
C GLY J 28 15.44 -15.16 7.38
N GLN J 29 16.13 -16.19 7.83
CA GLN J 29 17.57 -16.16 7.89
C GLN J 29 18.16 -16.68 6.59
N GLY J 30 19.07 -15.92 6.02
CA GLY J 30 19.72 -16.33 4.79
C GLY J 30 21.15 -16.73 5.06
N SER J 31 21.76 -17.33 4.04
CA SER J 31 23.13 -17.78 4.13
C SER J 31 24.16 -16.75 4.66
N PHE J 32 24.14 -15.52 4.14
CA PHE J 32 25.18 -14.58 4.56
C PHE J 32 24.64 -13.47 5.43
N GLY J 33 23.32 -13.39 5.48
CA GLY J 33 22.65 -12.33 6.19
C GLY J 33 21.16 -12.61 6.30
N MET J 34 20.41 -11.57 6.63
CA MET J 34 18.98 -11.67 6.80
C MET J 34 18.29 -11.33 5.49
N VAL J 35 17.20 -12.03 5.19
CA VAL J 35 16.42 -11.74 3.99
C VAL J 35 15.16 -10.98 4.35
N TYR J 36 14.84 -9.97 3.56
CA TYR J 36 13.67 -9.15 3.79
C TYR J 36 12.73 -9.20 2.59
N GLU J 37 11.48 -8.83 2.82
CA GLU J 37 10.57 -8.62 1.71
C GLU J 37 10.54 -7.13 1.48
N GLY J 38 10.51 -6.72 0.23
CA GLY J 38 10.51 -5.30 -0.04
C GLY J 38 10.03 -4.91 -1.41
N VAL J 39 10.06 -3.61 -1.66
CA VAL J 39 9.70 -3.03 -2.94
C VAL J 39 10.91 -2.33 -3.56
N ALA J 40 11.15 -2.62 -4.83
CA ALA J 40 12.27 -2.05 -5.55
C ALA J 40 11.77 -1.12 -6.64
N LYS J 41 12.12 0.16 -6.51
CA LYS J 41 11.70 1.19 -7.43
C LYS J 41 12.44 1.03 -8.76
N GLY J 42 11.69 1.01 -9.86
CA GLY J 42 12.25 0.96 -11.20
C GLY J 42 13.41 0.00 -11.43
N VAL J 43 13.23 -1.27 -11.11
CA VAL J 43 14.24 -2.28 -11.41
C VAL J 43 13.81 -3.22 -12.53
N VAL J 44 12.52 -3.49 -12.62
CA VAL J 44 12.01 -4.33 -13.69
C VAL J 44 11.39 -3.48 -14.79
N LYS J 45 11.70 -3.82 -16.05
CA LYS J 45 11.15 -3.09 -17.18
C LYS J 45 9.62 -2.98 -17.11
N ASP J 46 9.11 -1.78 -17.37
CA ASP J 46 7.67 -1.52 -17.39
C ASP J 46 7.01 -1.44 -16.02
N GLU J 47 7.76 -1.78 -14.98
CA GLU J 47 7.22 -1.72 -13.64
C GLU J 47 7.85 -0.58 -12.84
N PRO J 48 7.07 0.44 -12.53
CA PRO J 48 7.55 1.47 -11.60
C PRO J 48 7.99 0.82 -10.28
N GLU J 49 7.25 -0.18 -9.82
CA GLU J 49 7.60 -0.89 -8.60
C GLU J 49 7.61 -2.41 -8.81
N THR J 50 8.26 -3.14 -7.91
CA THR J 50 8.33 -4.59 -7.99
C THR J 50 8.59 -5.22 -6.63
N ARG J 51 7.85 -6.28 -6.32
CA ARG J 51 8.02 -6.97 -5.05
C ARG J 51 9.26 -7.85 -5.16
N VAL J 52 10.19 -7.64 -4.23
CA VAL J 52 11.45 -8.32 -4.30
C VAL J 52 11.81 -8.95 -2.97
N ALA J 53 12.81 -9.84 -3.00
CA ALA J 53 13.48 -10.28 -1.80
C ALA J 53 14.80 -9.52 -1.72
N ILE J 54 15.16 -9.08 -0.52
CA ILE J 54 16.35 -8.30 -0.31
C ILE J 54 17.17 -8.89 0.82
N LYS J 55 18.43 -9.20 0.54
CA LYS J 55 19.31 -9.76 1.56
C LYS J 55 20.32 -8.75 2.05
N THR J 56 20.41 -8.57 3.36
CA THR J 56 21.40 -7.64 3.94
C THR J 56 22.65 -8.33 4.49
N VAL J 57 23.80 -7.79 4.11
CA VAL J 57 25.08 -8.22 4.67
C VAL J 57 25.65 -7.03 5.41
N ASN J 58 25.70 -7.15 6.73
CA ASN J 58 25.66 -5.97 7.60
C ASN J 58 26.91 -5.06 7.74
N GLU J 59 28.10 -5.66 7.83
CA GLU J 59 29.31 -4.92 8.23
C GLU J 59 30.18 -5.79 9.15
N ALA J 60 29.54 -6.47 10.10
CA ALA J 60 30.21 -7.44 10.94
C ALA J 60 30.69 -8.62 10.13
N ALA J 61 30.40 -8.59 8.83
CA ALA J 61 30.76 -9.66 7.92
C ALA J 61 32.23 -9.55 7.53
N SER J 62 32.96 -10.66 7.59
CA SER J 62 34.33 -10.69 7.08
C SER J 62 34.34 -10.26 5.61
N MET J 63 35.43 -9.64 5.19
CA MET J 63 35.61 -9.33 3.78
C MET J 63 35.60 -10.65 3.03
N ARG J 64 36.05 -11.71 3.67
CA ARG J 64 36.09 -13.01 3.02
C ARG J 64 34.66 -13.41 2.72
N GLU J 65 33.81 -13.31 3.72
CA GLU J 65 32.45 -13.76 3.56
C GLU J 65 31.71 -12.93 2.53
N ARG J 66 31.97 -11.62 2.50
CA ARG J 66 31.25 -10.73 1.60
C ARG J 66 31.66 -10.93 0.14
N ILE J 67 32.93 -11.29 -0.09
CA ILE J 67 33.42 -11.55 -1.43
C ILE J 67 32.80 -12.83 -1.94
N GLU J 68 32.91 -13.89 -1.14
CA GLU J 68 32.37 -15.19 -1.51
C GLU J 68 30.89 -15.03 -1.85
N PHE J 69 30.25 -14.13 -1.12
CA PHE J 69 28.83 -13.83 -1.27
C PHE J 69 28.60 -13.12 -2.58
N LEU J 70 29.45 -12.13 -2.84
CA LEU J 70 29.37 -11.36 -4.07
C LEU J 70 29.67 -12.19 -5.32
N ASN J 71 30.54 -13.18 -5.18
CA ASN J 71 30.89 -14.03 -6.33
C ASN J 71 29.81 -15.06 -6.62
N GLU J 72 29.15 -15.52 -5.57
CA GLU J 72 28.01 -16.41 -5.74
C GLU J 72 26.86 -15.74 -6.50
N ALA J 73 26.62 -14.46 -6.23
CA ALA J 73 25.64 -13.67 -6.98
C ALA J 73 26.12 -13.29 -8.38
N SER J 74 27.43 -13.25 -8.59
CA SER J 74 27.95 -12.89 -9.90
C SER J 74 27.72 -14.00 -10.89
N VAL J 75 27.47 -15.21 -10.38
CA VAL J 75 27.14 -16.32 -11.26
C VAL J 75 25.69 -16.16 -11.70
N MET J 76 24.81 -15.87 -10.74
CA MET J 76 23.44 -15.48 -11.03
C MET J 76 23.33 -14.59 -12.25
N LYS J 77 23.96 -13.42 -12.17
CA LYS J 77 23.89 -12.41 -13.24
C LYS J 77 23.69 -13.03 -14.61
N GLU J 78 24.59 -13.94 -14.98
CA GLU J 78 24.52 -14.72 -16.22
C GLU J 78 23.12 -15.22 -16.58
N PHE J 79 22.52 -16.00 -15.69
CA PHE J 79 21.22 -16.63 -15.95
C PHE J 79 20.08 -15.63 -16.06
N ASN J 80 19.34 -15.70 -17.15
CA ASN J 80 18.11 -14.93 -17.35
C ASN J 80 17.07 -15.86 -17.98
N CYS J 81 16.47 -16.70 -17.15
CA CYS J 81 15.54 -17.69 -17.64
C CYS J 81 14.27 -17.55 -16.85
N HIS J 82 13.13 -17.79 -17.47
CA HIS J 82 11.87 -17.60 -16.78
C HIS J 82 11.74 -18.60 -15.64
N HIS J 83 12.56 -19.63 -15.68
CA HIS J 83 12.44 -20.67 -14.67
C HIS J 83 13.60 -20.73 -13.72
N VAL J 84 14.35 -19.64 -13.67
CA VAL J 84 15.39 -19.49 -12.68
C VAL J 84 15.18 -18.20 -11.91
N VAL J 85 15.18 -18.28 -10.59
CA VAL J 85 14.95 -17.10 -9.76
C VAL J 85 15.99 -16.05 -10.11
N ARG J 86 15.52 -14.88 -10.49
CA ARG J 86 16.37 -13.89 -11.15
C ARG J 86 16.93 -12.83 -10.22
N LEU J 87 18.21 -12.52 -10.41
CA LEU J 87 18.86 -11.43 -9.71
C LEU J 87 18.49 -10.13 -10.38
N LEU J 88 17.98 -9.18 -9.59
CA LEU J 88 17.52 -7.91 -10.13
C LEU J 88 18.54 -6.79 -9.93
N GLY J 89 19.61 -7.06 -9.20
CA GLY J 89 20.55 -6.00 -8.89
C GLY J 89 21.07 -6.07 -7.48
N VAL J 90 22.05 -5.22 -7.19
CA VAL J 90 22.64 -5.15 -5.86
C VAL J 90 23.04 -3.71 -5.55
N VAL J 91 22.64 -3.24 -4.37
CA VAL J 91 23.05 -1.92 -3.89
C VAL J 91 24.41 -2.01 -3.23
N SER J 92 25.40 -1.33 -3.79
CA SER J 92 26.78 -1.53 -3.33
C SER J 92 27.42 -0.31 -2.66
N GLN J 93 26.80 0.86 -2.83
CA GLN J 93 27.27 2.08 -2.19
C GLN J 93 26.53 2.31 -0.88
N GLY J 94 27.10 1.84 0.22
CA GLY J 94 26.43 1.99 1.50
C GLY J 94 26.92 1.03 2.55
N GLN J 95 26.25 1.05 3.69
CA GLN J 95 26.73 0.29 4.83
C GLN J 95 26.35 -1.18 4.68
N PRO J 96 25.05 -1.49 4.67
CA PRO J 96 24.59 -2.86 4.38
C PRO J 96 24.49 -3.14 2.88
N THR J 97 25.37 -3.98 2.38
CA THR J 97 25.28 -4.43 0.99
C THR J 97 23.90 -5.03 0.84
N LEU J 98 23.19 -4.62 -0.20
CA LEU J 98 21.91 -5.21 -0.50
C LEU J 98 21.99 -6.04 -1.78
N VAL J 99 21.34 -7.20 -1.79
CA VAL J 99 21.13 -7.96 -3.01
C VAL J 99 19.64 -8.13 -3.26
N ILE J 100 19.19 -7.67 -4.41
CA ILE J 100 17.78 -7.70 -4.76
C ILE J 100 17.46 -8.86 -5.68
N MET J 101 16.65 -9.79 -5.17
CA MET J 101 16.19 -10.93 -5.96
C MET J 101 14.70 -10.84 -6.20
N GLU J 102 14.28 -11.52 -7.25
CA GLU J 102 12.86 -11.69 -7.55
C GLU J 102 12.14 -12.34 -6.36
N LEU J 103 10.91 -11.89 -6.09
CA LEU J 103 10.17 -12.40 -4.94
C LEU J 103 9.38 -13.68 -5.30
N MET J 104 9.59 -14.72 -4.50
CA MET J 104 8.89 -16.00 -4.65
C MET J 104 7.96 -16.20 -3.45
N THR J 105 6.76 -15.63 -3.57
CA THR J 105 5.86 -15.47 -2.43
C THR J 105 5.55 -16.75 -1.68
N ARG J 106 5.66 -17.89 -2.33
CA ARG J 106 5.26 -19.15 -1.70
C ARG J 106 6.39 -19.94 -1.06
N GLY J 107 7.60 -19.39 -1.09
CA GLY J 107 8.72 -20.03 -0.43
C GLY J 107 9.29 -21.22 -1.19
N ASP J 108 9.98 -22.08 -0.46
CA ASP J 108 10.67 -23.19 -1.09
C ASP J 108 9.72 -24.34 -1.34
N LEU J 109 9.95 -25.04 -2.44
CA LEU J 109 9.10 -26.13 -2.87
C LEU J 109 8.93 -27.22 -1.81
N LYS J 110 9.94 -27.44 -1.00
CA LYS J 110 9.90 -28.52 -0.03
C LYS J 110 8.85 -28.20 1.01
N SER J 111 8.93 -27.00 1.55
CA SER J 111 8.00 -26.54 2.58
C SER J 111 6.62 -26.49 1.99
N TYR J 112 6.52 -25.93 0.78
CA TYR J 112 5.23 -25.84 0.10
C TYR J 112 4.56 -27.20 -0.06
N LEU J 113 5.30 -28.21 -0.51
CA LEU J 113 4.78 -29.58 -0.62
C LEU J 113 4.33 -30.11 0.74
N ARG J 114 4.95 -29.62 1.80
CA ARG J 114 4.58 -30.05 3.15
C ARG J 114 3.25 -29.44 3.58
N SER J 115 3.03 -28.18 3.24
CA SER J 115 1.79 -27.51 3.60
C SER J 115 0.59 -28.16 2.88
N LEU J 116 0.86 -29.04 1.93
CA LEU J 116 -0.20 -29.74 1.20
C LEU J 116 -0.64 -31.02 1.90
N ARG J 117 -0.02 -31.33 3.03
CA ARG J 117 -0.44 -32.51 3.79
C ARG J 117 -1.67 -32.18 4.62
N PRO J 118 -2.43 -33.22 5.02
CA PRO J 118 -3.60 -33.07 5.89
C PRO J 118 -3.20 -32.65 7.31
N PRO J 129 -1.74 -33.11 -4.77
CA PRO J 129 -1.76 -32.49 -6.11
C PRO J 129 -2.24 -33.48 -7.18
N SER J 130 -2.67 -32.96 -8.32
CA SER J 130 -3.06 -33.81 -9.46
C SER J 130 -1.85 -34.20 -10.29
N LEU J 131 -2.07 -34.98 -11.36
CA LEU J 131 -0.99 -35.33 -12.27
C LEU J 131 -0.64 -34.08 -13.09
N SER J 132 -1.66 -33.29 -13.42
CA SER J 132 -1.47 -32.12 -14.25
C SER J 132 -0.68 -31.05 -13.51
N LYS J 133 -0.96 -30.91 -12.22
CA LYS J 133 -0.22 -29.97 -11.40
C LYS J 133 1.25 -30.37 -11.33
N MET J 134 1.48 -31.66 -11.07
CA MET J 134 2.83 -32.17 -10.89
C MET J 134 3.67 -32.09 -12.17
N ILE J 135 3.05 -32.36 -13.31
CA ILE J 135 3.73 -32.24 -14.58
C ILE J 135 4.18 -30.80 -14.76
N GLN J 136 3.34 -29.88 -14.34
CA GLN J 136 3.64 -28.47 -14.47
C GLN J 136 4.93 -28.15 -13.73
N MET J 137 5.04 -28.65 -12.50
CA MET J 137 6.23 -28.45 -11.71
C MET J 137 7.41 -29.16 -12.36
N ALA J 138 7.18 -30.39 -12.81
CA ALA J 138 8.24 -31.17 -13.43
C ALA J 138 8.84 -30.40 -14.60
N GLY J 139 7.97 -29.91 -15.47
CA GLY J 139 8.40 -29.25 -16.69
C GLY J 139 9.10 -27.92 -16.46
N GLU J 140 8.65 -27.19 -15.44
CA GLU J 140 9.27 -25.91 -15.11
C GLU J 140 10.65 -26.11 -14.50
N ILE J 141 10.75 -27.06 -13.58
CA ILE J 141 12.03 -27.41 -12.97
C ILE J 141 12.98 -27.90 -14.05
N ALA J 142 12.47 -28.75 -14.93
CA ALA J 142 13.26 -29.28 -16.03
C ALA J 142 13.70 -28.15 -16.97
N ASP J 143 12.84 -27.16 -17.17
CA ASP J 143 13.16 -26.10 -18.12
C ASP J 143 14.30 -25.22 -17.62
N GLY J 144 14.23 -24.84 -16.35
CA GLY J 144 15.29 -24.07 -15.75
C GLY J 144 16.60 -24.85 -15.72
N MET J 145 16.50 -26.17 -15.53
CA MET J 145 17.71 -26.98 -15.44
C MET J 145 18.32 -27.12 -16.81
N ALA J 146 17.46 -27.29 -17.82
CA ALA J 146 17.91 -27.41 -19.19
C ALA J 146 18.64 -26.11 -19.57
N TYR J 147 18.08 -25.00 -19.11
CA TYR J 147 18.70 -23.70 -19.28
C TYR J 147 20.10 -23.66 -18.62
N LEU J 148 20.18 -24.14 -17.40
CA LEU J 148 21.46 -24.32 -16.73
C LEU J 148 22.44 -25.13 -17.55
N ASN J 149 22.07 -26.36 -17.93
CA ASN J 149 22.96 -27.26 -18.66
C ASN J 149 23.38 -26.64 -19.99
N ALA J 150 22.48 -25.89 -20.59
CA ALA J 150 22.73 -25.21 -21.87
C ALA J 150 23.87 -24.19 -21.80
N ASN J 151 24.02 -23.55 -20.64
CA ASN J 151 25.12 -22.59 -20.40
C ASN J 151 26.32 -23.24 -19.73
N LYS J 152 26.34 -24.57 -19.74
CA LYS J 152 27.48 -25.35 -19.28
C LYS J 152 27.70 -25.26 -17.79
N PHE J 153 26.61 -25.41 -17.04
CA PHE J 153 26.65 -25.47 -15.57
C PHE J 153 26.02 -26.74 -14.99
N VAL J 154 26.66 -27.34 -14.01
CA VAL J 154 26.03 -28.44 -13.30
C VAL J 154 25.57 -27.96 -11.94
N HIS J 155 24.34 -28.25 -11.57
CA HIS J 155 23.77 -27.73 -10.34
C HIS J 155 24.33 -28.46 -9.12
N ARG J 156 24.45 -29.77 -9.23
CA ARG J 156 25.00 -30.63 -8.17
C ARG J 156 24.07 -30.82 -6.98
N ASP J 157 23.26 -29.81 -6.72
CA ASP J 157 22.55 -29.69 -5.47
C ASP J 157 21.05 -29.60 -5.73
N LEU J 158 20.59 -30.14 -6.85
CA LEU J 158 19.17 -30.03 -7.14
C LEU J 158 18.31 -30.80 -6.11
N ALA J 159 17.37 -30.07 -5.50
CA ALA J 159 16.46 -30.60 -4.48
C ALA J 159 15.24 -29.72 -4.34
N ALA J 160 14.11 -30.31 -3.95
CA ALA J 160 12.90 -29.51 -3.69
C ALA J 160 13.22 -28.34 -2.78
N ARG J 161 14.06 -28.59 -1.78
CA ARG J 161 14.45 -27.57 -0.84
C ARG J 161 15.10 -26.36 -1.50
N ASN J 162 15.55 -26.53 -2.75
CA ASN J 162 16.29 -25.48 -3.45
C ASN J 162 15.46 -24.74 -4.49
N CYS J 163 14.33 -25.34 -4.85
CA CYS J 163 13.36 -24.72 -5.75
C CYS J 163 12.45 -23.78 -4.99
N MET J 164 11.88 -22.79 -5.69
CA MET J 164 10.99 -21.82 -5.06
C MET J 164 9.65 -21.79 -5.80
N VAL J 165 8.62 -21.31 -5.11
CA VAL J 165 7.28 -21.22 -5.69
C VAL J 165 6.80 -19.78 -5.68
N ALA J 166 6.35 -19.31 -6.83
CA ALA J 166 5.91 -17.94 -6.99
C ALA J 166 4.43 -17.76 -6.71
N GLU J 167 3.99 -16.51 -6.75
CA GLU J 167 2.61 -16.13 -6.48
C GLU J 167 1.63 -17.03 -7.22
N ASP J 168 1.90 -17.26 -8.50
CA ASP J 168 1.01 -18.05 -9.34
C ASP J 168 1.34 -19.53 -9.36
N PHE J 169 2.17 -19.96 -8.42
CA PHE J 169 2.50 -21.39 -8.26
C PHE J 169 3.56 -21.86 -9.25
N THR J 170 4.19 -20.94 -9.96
CA THR J 170 5.28 -21.31 -10.85
C THR J 170 6.51 -21.69 -10.02
N VAL J 171 7.09 -22.86 -10.34
CA VAL J 171 8.30 -23.32 -9.65
C VAL J 171 9.59 -22.98 -10.43
N LYS J 172 10.57 -22.38 -9.73
CA LYS J 172 11.88 -22.05 -10.34
C LYS J 172 13.09 -22.62 -9.58
N ILE J 173 14.18 -22.87 -10.30
CA ILE J 173 15.46 -23.25 -9.71
C ILE J 173 16.04 -22.04 -8.99
N GLY J 174 16.61 -22.26 -7.81
CA GLY J 174 16.81 -21.14 -6.91
C GLY J 174 18.10 -20.98 -6.14
N ASP J 175 18.87 -22.03 -5.94
CA ASP J 175 20.06 -21.86 -5.12
C ASP J 175 21.30 -22.46 -5.75
N PHE J 176 22.29 -21.59 -6.00
CA PHE J 176 23.46 -21.94 -6.81
C PHE J 176 24.79 -21.94 -6.07
N GLY J 177 24.76 -22.07 -4.76
CA GLY J 177 25.98 -22.04 -3.98
C GLY J 177 26.92 -23.17 -4.36
N MET J 178 26.36 -24.18 -5.00
CA MET J 178 27.11 -25.41 -5.15
C MET J 178 27.33 -25.79 -6.61
N THR J 179 26.80 -24.99 -7.53
CA THR J 179 26.91 -25.35 -8.93
C THR J 179 28.28 -24.96 -9.52
N ARG J 180 28.68 -25.62 -10.59
CA ARG J 180 30.01 -25.42 -11.13
C ARG J 180 30.01 -25.25 -12.65
N ASP J 181 30.99 -24.50 -13.17
CA ASP J 181 31.19 -24.33 -14.59
C ASP J 181 31.75 -25.62 -15.19
N ILE J 182 31.26 -26.01 -16.36
CA ILE J 182 31.80 -27.18 -17.03
C ILE J 182 32.10 -27.04 -18.53
N PTR J 183 32.17 -25.81 -19.05
CA PTR J 183 32.70 -25.63 -20.41
C PTR J 183 34.13 -26.15 -20.33
O PTR J 183 34.88 -25.75 -19.45
CB PTR J 183 32.67 -24.17 -20.86
CG PTR J 183 33.14 -23.94 -22.30
CD1 PTR J 183 34.49 -23.85 -22.62
CD2 PTR J 183 32.22 -23.79 -23.34
CE1 PTR J 183 34.92 -23.63 -23.94
CE2 PTR J 183 32.64 -23.57 -24.66
CZ PTR J 183 34.00 -23.49 -24.96
OH PTR J 183 34.41 -23.27 -26.24
N GLU J 184 34.49 -27.06 -21.22
CA GLU J 184 35.73 -27.82 -21.09
C GLU J 184 35.58 -28.88 -20.01
N THR J 185 35.53 -30.16 -20.41
CA THR J 185 35.37 -31.35 -19.53
C THR J 185 33.96 -31.90 -19.44
N ASP J 186 32.97 -31.03 -19.31
CA ASP J 186 31.61 -31.50 -19.11
C ASP J 186 31.55 -32.35 -17.86
N PTR J 187 32.23 -31.91 -16.80
CA PTR J 187 32.19 -32.58 -15.50
C PTR J 187 32.86 -31.77 -14.40
O PTR J 187 33.70 -30.91 -14.67
CB PTR J 187 32.76 -34.01 -15.60
CG PTR J 187 34.26 -34.12 -15.54
CD1 PTR J 187 35.00 -34.39 -16.70
CD2 PTR J 187 34.96 -34.03 -14.34
CE1 PTR J 187 36.37 -34.53 -16.66
CE2 PTR J 187 36.34 -34.16 -14.29
CZ PTR J 187 37.04 -34.42 -15.46
OH PTR J 187 38.27 -34.54 -15.45
P PTR J 187 39.03 -35.87 -14.95
O1P PTR J 187 39.05 -35.82 -13.47
O2P PTR J 187 38.32 -37.17 -15.41
O3P PTR J 187 40.49 -35.90 -15.47
N PTR J 188 32.50 -32.04 -13.16
CA PTR J 188 33.13 -31.42 -12.01
C PTR J 188 33.47 -32.54 -11.05
O PTR J 188 32.60 -33.32 -10.68
CB PTR J 188 32.28 -30.39 -11.26
CG PTR J 188 32.83 -30.02 -9.89
CD1 PTR J 188 33.78 -29.01 -9.75
CD2 PTR J 188 32.42 -30.68 -8.74
CE1 PTR J 188 34.28 -28.65 -8.51
CE2 PTR J 188 32.92 -30.34 -7.50
CZ PTR J 188 33.86 -29.33 -7.38
OH PTR J 188 34.27 -29.08 -6.24
P PTR J 188 35.30 -27.92 -5.78
O1P PTR J 188 35.24 -27.81 -4.30
O2P PTR J 188 34.99 -26.52 -6.37
O3P PTR J 188 36.71 -28.36 -6.20
N ARG J 189 34.73 -32.60 -10.66
CA ARG J 189 35.21 -33.64 -9.76
C ARG J 189 35.60 -33.09 -8.40
N LYS J 190 34.95 -33.57 -7.36
CA LYS J 190 35.19 -33.06 -6.02
C LYS J 190 36.47 -33.66 -5.45
N GLY J 191 37.28 -32.79 -4.85
CA GLY J 191 38.57 -33.16 -4.32
C GLY J 191 38.56 -33.61 -2.87
N GLY J 192 38.31 -32.67 -1.96
CA GLY J 192 38.35 -32.97 -0.54
C GLY J 192 37.04 -33.54 -0.03
N LYS J 193 36.60 -33.01 1.12
CA LYS J 193 35.36 -33.42 1.74
C LYS J 193 34.21 -32.56 1.27
N GLY J 194 33.11 -33.21 0.91
CA GLY J 194 31.94 -32.53 0.40
C GLY J 194 30.79 -32.83 1.31
N LEU J 195 29.87 -31.88 1.43
CA LEU J 195 28.77 -32.01 2.36
C LEU J 195 27.42 -32.10 1.67
N LEU J 196 27.39 -32.58 0.44
CA LEU J 196 26.11 -32.65 -0.25
C LEU J 196 25.31 -33.82 0.29
N PRO J 197 24.04 -33.57 0.64
CA PRO J 197 23.17 -34.66 1.09
C PRO J 197 23.25 -35.86 0.16
N VAL J 198 23.69 -36.99 0.70
CA VAL J 198 23.84 -38.21 -0.12
C VAL J 198 22.54 -38.68 -0.76
N ARG J 199 21.40 -38.28 -0.22
CA ARG J 199 20.15 -38.89 -0.66
C ARG J 199 19.72 -38.41 -2.04
N TRP J 200 20.41 -37.38 -2.53
CA TRP J 200 20.12 -36.83 -3.85
C TRP J 200 21.25 -37.09 -4.83
N MET J 201 22.32 -37.70 -4.35
CA MET J 201 23.51 -37.95 -5.17
C MET J 201 23.35 -39.23 -6.03
N SER J 202 23.87 -39.18 -7.25
CA SER J 202 23.79 -40.30 -8.15
C SER J 202 24.82 -41.33 -7.72
N PRO J 203 24.66 -42.58 -8.18
CA PRO J 203 25.66 -43.63 -7.94
C PRO J 203 27.06 -43.18 -8.28
N GLU J 204 27.25 -42.57 -9.45
CA GLU J 204 28.58 -42.22 -9.93
C GLU J 204 29.23 -41.06 -9.17
N SER J 205 28.39 -40.16 -8.66
CA SER J 205 28.90 -39.10 -7.78
C SER J 205 29.38 -39.67 -6.43
N LEU J 206 28.57 -40.55 -5.81
CA LEU J 206 28.92 -41.20 -4.53
C LEU J 206 30.18 -42.05 -4.67
N LYS J 207 30.35 -42.61 -5.87
CA LYS J 207 31.47 -43.51 -6.14
C LYS J 207 32.79 -42.80 -6.49
N ASP J 208 32.73 -41.69 -7.22
CA ASP J 208 33.94 -40.97 -7.65
C ASP J 208 33.97 -39.51 -7.27
N GLY J 209 32.81 -38.95 -6.93
CA GLY J 209 32.72 -37.53 -6.65
C GLY J 209 32.70 -36.74 -7.94
N VAL J 210 32.22 -37.38 -8.99
CA VAL J 210 32.09 -36.77 -10.32
C VAL J 210 30.68 -36.24 -10.55
N PHE J 211 30.57 -35.01 -11.02
CA PHE J 211 29.26 -34.43 -11.29
C PHE J 211 29.14 -33.97 -12.74
N THR J 212 28.03 -34.35 -13.38
CA THR J 212 27.79 -34.05 -14.78
C THR J 212 26.31 -33.71 -14.92
N THR J 213 25.88 -33.31 -16.11
CA THR J 213 24.48 -33.01 -16.29
C THR J 213 23.69 -34.28 -15.98
N TYR J 214 24.30 -35.42 -16.28
CA TYR J 214 23.66 -36.71 -16.00
C TYR J 214 23.35 -36.86 -14.51
N SER J 215 24.27 -36.45 -13.65
CA SER J 215 24.00 -36.53 -12.22
C SER J 215 22.92 -35.53 -11.78
N ASP J 216 22.83 -34.39 -12.47
CA ASP J 216 21.77 -33.43 -12.23
C ASP J 216 20.42 -34.07 -12.51
N VAL J 217 20.36 -34.87 -13.56
CA VAL J 217 19.13 -35.53 -13.97
C VAL J 217 18.68 -36.53 -12.92
N TRP J 218 19.64 -37.27 -12.38
CA TRP J 218 19.35 -38.20 -11.32
C TRP J 218 18.65 -37.43 -10.25
N SER J 219 19.31 -36.39 -9.76
CA SER J 219 18.74 -35.61 -8.69
C SER J 219 17.33 -35.19 -9.07
N PHE J 220 17.14 -34.85 -10.33
CA PHE J 220 15.84 -34.37 -10.77
C PHE J 220 14.80 -35.42 -10.46
N GLY J 221 15.15 -36.66 -10.75
CA GLY J 221 14.26 -37.78 -10.49
C GLY J 221 13.85 -37.89 -9.04
N VAL J 222 14.74 -37.47 -8.14
CA VAL J 222 14.45 -37.49 -6.72
C VAL J 222 13.41 -36.42 -6.35
N VAL J 223 13.52 -35.24 -6.96
CA VAL J 223 12.58 -34.19 -6.62
C VAL J 223 11.22 -34.51 -7.21
N LEU J 224 11.19 -35.36 -8.24
CA LEU J 224 9.92 -35.86 -8.76
C LEU J 224 9.33 -36.74 -7.69
N TRP J 225 10.17 -37.59 -7.13
CA TRP J 225 9.79 -38.42 -6.01
C TRP J 225 9.35 -37.52 -4.85
N GLU J 226 10.08 -36.44 -4.60
CA GLU J 226 9.74 -35.56 -3.49
C GLU J 226 8.35 -34.99 -3.70
N ILE J 227 8.00 -34.75 -4.96
CA ILE J 227 6.75 -34.08 -5.28
C ILE J 227 5.63 -35.09 -5.15
N ALA J 228 5.89 -36.30 -5.63
CA ALA J 228 4.90 -37.36 -5.57
C ALA J 228 4.59 -37.79 -4.14
N THR J 229 5.48 -37.43 -3.21
CA THR J 229 5.34 -37.85 -1.82
C THR J 229 5.19 -36.65 -0.88
N LEU J 230 4.96 -35.48 -1.46
CA LEU J 230 4.79 -34.28 -0.65
C LEU J 230 5.94 -34.11 0.33
N ALA J 231 7.16 -34.17 -0.22
CA ALA J 231 8.36 -33.86 0.54
C ALA J 231 8.71 -34.86 1.64
N GLU J 232 8.60 -36.15 1.33
CA GLU J 232 9.08 -37.17 2.26
C GLU J 232 10.58 -37.35 2.15
N GLN J 233 11.20 -37.95 3.17
CA GLN J 233 12.63 -38.15 3.14
C GLN J 233 12.97 -39.34 2.26
N PRO J 234 13.81 -39.14 1.25
CA PRO J 234 14.22 -40.25 0.40
C PRO J 234 14.91 -41.35 1.23
N TYR J 235 14.56 -42.60 0.95
CA TYR J 235 15.17 -43.75 1.61
C TYR J 235 15.03 -43.69 3.13
N GLN J 236 13.93 -43.12 3.61
CA GLN J 236 13.75 -43.10 5.06
C GLN J 236 13.67 -44.54 5.54
N GLY J 237 14.33 -44.82 6.65
CA GLY J 237 14.42 -46.18 7.13
C GLY J 237 15.79 -46.72 6.82
N LEU J 238 16.57 -45.92 6.11
CA LEU J 238 17.99 -46.21 5.87
C LEU J 238 18.84 -45.09 6.42
N SER J 239 20.06 -45.40 6.84
CA SER J 239 20.99 -44.40 7.34
C SER J 239 21.89 -43.92 6.22
N ASN J 240 22.40 -42.70 6.31
CA ASN J 240 23.31 -42.21 5.29
C ASN J 240 24.22 -43.36 4.84
N GLU J 241 24.88 -43.98 5.81
CA GLU J 241 25.85 -45.04 5.53
C GLU J 241 25.22 -46.17 4.70
N GLN J 242 23.97 -46.50 4.97
CA GLN J 242 23.29 -47.57 4.25
C GLN J 242 22.86 -47.08 2.87
N VAL J 243 22.32 -45.87 2.79
CA VAL J 243 21.88 -45.31 1.52
C VAL J 243 23.06 -45.28 0.59
N LEU J 244 24.16 -44.74 1.10
CA LEU J 244 25.42 -44.73 0.39
C LEU J 244 25.69 -46.06 -0.33
N ARG J 245 25.54 -47.17 0.37
CA ARG J 245 25.82 -48.49 -0.20
C ARG J 245 24.67 -48.95 -1.08
N PHE J 246 23.46 -48.56 -0.69
CA PHE J 246 22.24 -49.06 -1.34
C PHE J 246 22.10 -48.57 -2.75
N VAL J 247 22.24 -47.26 -2.93
CA VAL J 247 22.15 -46.66 -4.25
C VAL J 247 23.29 -47.17 -5.12
N MET J 248 24.49 -47.22 -4.54
CA MET J 248 25.68 -47.50 -5.32
C MET J 248 25.63 -48.88 -5.99
N GLU J 249 24.89 -49.81 -5.39
CA GLU J 249 24.78 -51.15 -5.96
C GLU J 249 23.53 -51.35 -6.82
N GLY J 250 22.79 -50.27 -7.04
CA GLY J 250 21.68 -50.30 -7.98
C GLY J 250 20.29 -50.27 -7.36
N GLY J 251 20.23 -49.94 -6.08
CA GLY J 251 18.94 -49.79 -5.42
C GLY J 251 18.21 -48.56 -5.92
N LEU J 252 16.88 -48.60 -5.82
CA LEU J 252 16.05 -47.46 -6.20
C LEU J 252 15.05 -47.11 -5.13
N LEU J 253 14.55 -45.89 -5.16
CA LEU J 253 13.44 -45.51 -4.32
C LEU J 253 12.21 -46.29 -4.76
N ASP J 254 11.33 -46.63 -3.82
CA ASP J 254 10.11 -47.35 -4.16
C ASP J 254 9.09 -46.39 -4.72
N LYS J 255 8.28 -46.89 -5.64
CA LYS J 255 7.17 -46.12 -6.18
C LYS J 255 6.31 -45.58 -5.04
N PRO J 256 6.03 -44.28 -5.07
CA PRO J 256 5.21 -43.66 -4.01
C PRO J 256 3.80 -44.18 -4.10
N ASP J 257 3.20 -44.54 -2.98
CA ASP J 257 1.82 -44.99 -2.99
C ASP J 257 0.94 -43.86 -3.51
N ASN J 258 0.00 -44.21 -4.39
CA ASN J 258 -0.91 -43.25 -4.99
C ASN J 258 -0.29 -42.49 -6.14
N CYS J 259 1.02 -42.68 -6.35
CA CYS J 259 1.71 -41.96 -7.40
C CYS J 259 1.21 -42.44 -8.76
N PRO J 260 0.96 -41.49 -9.70
CA PRO J 260 0.60 -41.83 -11.08
C PRO J 260 1.72 -42.58 -11.79
N ASP J 261 1.37 -43.68 -12.43
CA ASP J 261 2.34 -44.53 -13.10
C ASP J 261 3.30 -43.70 -13.94
N MET J 262 2.72 -42.73 -14.65
CA MET J 262 3.48 -41.95 -15.60
C MET J 262 4.64 -41.21 -14.94
N LEU J 263 4.37 -40.61 -13.79
CA LEU J 263 5.36 -39.82 -13.09
C LEU J 263 6.51 -40.70 -12.62
N PHE J 264 6.19 -41.90 -12.16
CA PHE J 264 7.19 -42.80 -11.62
C PHE J 264 8.02 -43.40 -12.72
N GLU J 265 7.40 -43.57 -13.88
CA GLU J 265 8.10 -44.17 -15.00
C GLU J 265 9.19 -43.20 -15.45
N LEU J 266 8.88 -41.91 -15.36
CA LEU J 266 9.86 -40.88 -15.64
C LEU J 266 11.03 -40.98 -14.66
N MET J 267 10.72 -41.16 -13.38
CA MET J 267 11.76 -41.33 -12.35
C MET J 267 12.70 -42.49 -12.71
N ARG J 268 12.12 -43.63 -13.08
CA ARG J 268 12.91 -44.81 -13.42
C ARG J 268 13.91 -44.53 -14.52
N MET J 269 13.57 -43.58 -15.38
CA MET J 269 14.46 -43.24 -16.47
C MET J 269 15.61 -42.45 -15.88
N CYS J 270 15.28 -41.42 -15.08
CA CYS J 270 16.30 -40.57 -14.47
C CYS J 270 17.29 -41.35 -13.62
N TRP J 271 16.88 -42.53 -13.19
CA TRP J 271 17.68 -43.30 -12.26
C TRP J 271 18.43 -44.44 -12.94
N GLN J 272 18.38 -44.47 -14.27
CA GLN J 272 19.16 -45.45 -15.01
C GLN J 272 20.58 -45.42 -14.45
N TYR J 273 21.14 -46.60 -14.19
CA TYR J 273 22.42 -46.69 -13.51
C TYR J 273 23.52 -46.08 -14.37
N ASN J 274 23.56 -46.46 -15.65
CA ASN J 274 24.49 -45.86 -16.60
C ASN J 274 24.07 -44.42 -16.89
N PRO J 275 24.94 -43.46 -16.55
CA PRO J 275 24.51 -42.07 -16.68
C PRO J 275 24.12 -41.71 -18.11
N LYS J 276 24.74 -42.34 -19.10
CA LYS J 276 24.49 -42.01 -20.50
C LYS J 276 23.15 -42.55 -21.02
N MET J 277 22.47 -43.35 -20.21
CA MET J 277 21.18 -43.90 -20.61
C MET J 277 20.01 -43.13 -20.02
N ARG J 278 20.30 -42.06 -19.29
CA ARG J 278 19.25 -41.19 -18.74
C ARG J 278 18.86 -40.15 -19.77
N PRO J 279 17.64 -39.62 -19.67
CA PRO J 279 17.18 -38.65 -20.65
C PRO J 279 17.84 -37.31 -20.34
N SER J 280 17.84 -36.40 -21.30
CA SER J 280 18.29 -35.04 -21.03
C SER J 280 17.09 -34.20 -20.55
N PHE J 281 17.37 -33.01 -20.02
CA PHE J 281 16.30 -32.16 -19.53
C PHE J 281 15.42 -31.72 -20.67
N LEU J 282 16.03 -31.56 -21.84
CA LEU J 282 15.25 -31.24 -23.02
C LEU J 282 14.31 -32.39 -23.43
N GLU J 283 14.81 -33.62 -23.46
CA GLU J 283 13.96 -34.78 -23.76
C GLU J 283 12.81 -34.92 -22.79
N ILE J 284 13.09 -34.79 -21.49
CA ILE J 284 12.04 -34.88 -20.48
C ILE J 284 10.95 -33.87 -20.81
N ILE J 285 11.33 -32.66 -21.17
CA ILE J 285 10.35 -31.61 -21.44
C ILE J 285 9.54 -31.96 -22.69
N SER J 286 10.22 -32.40 -23.73
CA SER J 286 9.54 -32.77 -24.96
C SER J 286 8.45 -33.81 -24.71
N SER J 287 8.70 -34.73 -23.78
CA SER J 287 7.74 -35.78 -23.50
C SER J 287 6.48 -35.24 -22.83
N ILE J 288 6.58 -34.10 -22.15
CA ILE J 288 5.46 -33.57 -21.39
C ILE J 288 5.03 -32.18 -21.83
N LYS J 289 5.66 -31.65 -22.88
CA LYS J 289 5.36 -30.30 -23.34
C LYS J 289 3.87 -30.11 -23.62
N GLU J 290 3.26 -31.03 -24.34
CA GLU J 290 1.84 -30.93 -24.65
C GLU J 290 0.95 -30.78 -23.40
N GLU J 291 1.42 -31.28 -22.26
CA GLU J 291 0.64 -31.26 -21.02
C GLU J 291 0.84 -30.00 -20.17
N MET J 292 1.70 -29.12 -20.66
CA MET J 292 2.01 -27.90 -19.94
C MET J 292 0.94 -26.86 -20.20
N GLU J 293 0.54 -26.11 -19.16
CA GLU J 293 -0.38 -25.00 -19.33
C GLU J 293 0.14 -24.04 -20.41
N PRO J 294 -0.78 -23.42 -21.17
CA PRO J 294 -0.47 -22.64 -22.37
C PRO J 294 0.76 -21.74 -22.22
N GLY J 295 0.74 -20.88 -21.20
CA GLY J 295 1.79 -19.88 -21.02
C GLY J 295 3.16 -20.35 -21.44
N PHE J 296 3.50 -21.56 -21.02
CA PHE J 296 4.81 -22.17 -21.20
C PHE J 296 5.49 -21.84 -22.54
N ARG J 297 4.73 -21.82 -23.61
CA ARG J 297 5.32 -21.68 -24.93
C ARG J 297 6.03 -20.34 -25.15
N GLU J 298 5.69 -19.33 -24.35
CA GLU J 298 6.28 -18.00 -24.55
C GLU J 298 7.13 -17.53 -23.37
N VAL J 299 7.29 -18.37 -22.36
CA VAL J 299 8.11 -18.03 -21.19
C VAL J 299 9.29 -19.00 -21.05
N SER J 300 9.16 -20.17 -21.66
CA SER J 300 10.13 -21.25 -21.47
C SER J 300 11.42 -21.08 -22.25
N PHE J 301 12.49 -21.67 -21.72
CA PHE J 301 13.73 -21.75 -22.44
C PHE J 301 13.61 -22.78 -23.57
N TYR J 302 12.77 -23.80 -23.36
CA TYR J 302 12.62 -24.88 -24.33
C TYR J 302 12.11 -24.37 -25.68
N TYR J 303 11.16 -23.44 -25.64
CA TYR J 303 10.58 -22.85 -26.85
C TYR J 303 11.23 -21.51 -27.23
N SER J 304 12.40 -21.22 -26.67
CA SER J 304 13.07 -19.95 -26.91
C SER J 304 14.14 -20.05 -27.99
N GLU J 305 14.44 -18.92 -28.61
CA GLU J 305 15.37 -18.93 -29.73
C GLU J 305 16.77 -19.36 -29.29
N GLU J 306 17.10 -19.09 -28.02
CA GLU J 306 18.34 -19.59 -27.44
C GLU J 306 18.50 -21.08 -27.72
N ASN J 307 17.41 -21.82 -27.52
CA ASN J 307 17.43 -23.27 -27.68
C ASN J 307 17.53 -23.75 -29.16
N SER K 2 -61.44 22.04 46.66
CA SER K 2 -61.04 22.41 45.30
C SER K 2 -60.05 23.59 45.25
N PHE K 3 -59.42 23.76 44.10
CA PHE K 3 -58.39 24.78 43.90
C PHE K 3 -58.99 26.18 43.78
N SER K 4 -58.36 27.14 44.45
CA SER K 4 -58.87 28.50 44.56
C SER K 4 -57.72 29.49 44.80
N ALA K 5 -58.02 30.78 44.72
CA ALA K 5 -57.02 31.82 45.03
C ALA K 5 -56.37 31.60 46.38
N ALA K 6 -57.12 31.04 47.33
CA ALA K 6 -56.57 30.86 48.66
C ALA K 6 -55.42 29.88 48.66
N ASP K 7 -55.35 29.03 47.64
CA ASP K 7 -54.34 27.98 47.61
C ASP K 7 -52.94 28.52 47.28
N VAL K 8 -52.91 29.57 46.46
CA VAL K 8 -51.69 30.16 45.95
C VAL K 8 -51.24 31.44 46.68
N TYR K 9 -52.18 32.29 47.07
CA TYR K 9 -51.82 33.58 47.65
C TYR K 9 -51.58 33.59 49.17
N VAL K 10 -51.62 32.43 49.82
CA VAL K 10 -51.30 32.37 51.23
C VAL K 10 -50.19 31.37 51.45
N PRO K 11 -49.12 31.83 52.09
CA PRO K 11 -47.92 31.02 52.35
C PRO K 11 -48.24 29.82 53.22
N ASP K 12 -48.32 28.63 52.65
CA ASP K 12 -48.35 27.41 53.44
C ASP K 12 -47.33 27.64 54.55
N GLU K 13 -47.84 27.97 55.74
CA GLU K 13 -47.03 28.54 56.83
C GLU K 13 -47.94 29.38 57.71
N TRP K 14 -49.07 29.77 57.13
CA TRP K 14 -50.14 30.47 57.83
C TRP K 14 -51.37 29.59 57.82
N GLU K 15 -51.29 28.49 57.09
CA GLU K 15 -52.42 27.59 56.95
C GLU K 15 -52.77 26.97 58.29
N VAL K 16 -54.04 26.61 58.45
CA VAL K 16 -54.46 25.79 59.57
C VAL K 16 -55.68 25.00 59.12
N ALA K 17 -55.78 23.75 59.57
CA ALA K 17 -56.88 22.88 59.14
C ALA K 17 -58.20 23.30 59.78
N ARG K 18 -59.26 23.38 59.00
CA ARG K 18 -60.56 23.79 59.55
C ARG K 18 -60.86 23.09 60.86
N GLU K 19 -60.57 21.79 60.91
CA GLU K 19 -60.92 20.96 62.04
C GLU K 19 -60.63 21.69 63.35
N LYS K 20 -59.51 22.40 63.35
CA LYS K 20 -59.01 23.09 64.53
C LYS K 20 -59.70 24.43 64.74
N ILE K 21 -60.72 24.68 63.93
CA ILE K 21 -61.46 25.94 63.97
C ILE K 21 -62.93 25.64 64.24
N THR K 22 -63.47 26.24 65.29
CA THR K 22 -64.89 26.11 65.60
C THR K 22 -65.51 27.49 65.75
N MET K 23 -66.53 27.77 64.93
CA MET K 23 -67.19 29.07 64.95
C MET K 23 -68.50 29.00 65.73
N SER K 24 -68.70 29.96 66.63
CA SER K 24 -69.90 30.02 67.44
C SER K 24 -70.93 31.00 66.85
N ARG K 25 -71.09 32.18 67.45
CA ARG K 25 -72.06 33.15 66.96
C ARG K 25 -71.39 34.21 66.08
N GLU K 26 -72.13 34.79 65.13
CA GLU K 26 -71.60 35.90 64.33
C GLU K 26 -71.33 37.13 65.22
N LEU K 27 -70.39 37.97 64.78
CA LEU K 27 -70.02 39.16 65.54
C LEU K 27 -70.44 40.40 64.79
N GLY K 28 -70.62 40.25 63.48
CA GLY K 28 -71.02 41.36 62.65
C GLY K 28 -70.50 41.22 61.25
N GLN K 29 -70.96 42.13 60.41
CA GLN K 29 -70.60 42.17 59.00
C GLN K 29 -69.18 42.67 58.87
N GLY K 30 -68.44 42.10 57.94
CA GLY K 30 -67.05 42.45 57.74
C GLY K 30 -66.88 42.96 56.34
N SER K 31 -65.71 43.50 56.05
CA SER K 31 -65.42 44.02 54.72
C SER K 31 -65.74 43.02 53.59
N PHE K 32 -65.15 41.83 53.64
CA PHE K 32 -65.32 40.91 52.51
C PHE K 32 -66.30 39.79 52.79
N GLY K 33 -66.78 39.74 54.02
CA GLY K 33 -67.61 38.64 54.47
C GLY K 33 -68.00 38.85 55.91
N MET K 34 -68.69 37.87 56.48
CA MET K 34 -69.19 37.97 57.86
C MET K 34 -68.10 37.65 58.86
N VAL K 35 -68.19 38.20 60.05
CA VAL K 35 -67.22 37.85 61.08
C VAL K 35 -67.92 37.08 62.20
N TYR K 36 -67.25 36.04 62.68
CA TYR K 36 -67.79 35.19 63.73
C TYR K 36 -66.83 35.13 64.93
N GLU K 37 -67.35 34.71 66.06
CA GLU K 37 -66.49 34.47 67.21
C GLU K 37 -66.22 32.97 67.18
N GLY K 38 -65.04 32.55 67.61
CA GLY K 38 -64.74 31.14 67.58
C GLY K 38 -63.57 30.73 68.43
N VAL K 39 -63.27 29.44 68.40
CA VAL K 39 -62.14 28.87 69.12
C VAL K 39 -61.21 28.20 68.13
N ALA K 40 -59.93 28.50 68.22
CA ALA K 40 -58.93 27.98 67.30
C ALA K 40 -57.96 27.07 68.03
N LYS K 41 -58.04 25.79 67.70
CA LYS K 41 -57.26 24.77 68.40
C LYS K 41 -55.78 24.87 68.02
N GLY K 42 -54.95 25.13 69.03
CA GLY K 42 -53.50 25.10 68.91
C GLY K 42 -52.84 26.04 67.92
N VAL K 43 -53.31 27.29 67.85
CA VAL K 43 -52.74 28.28 66.94
C VAL K 43 -51.93 29.34 67.69
N VAL K 44 -52.04 29.34 69.01
CA VAL K 44 -51.20 30.19 69.83
C VAL K 44 -50.28 29.34 70.69
N LYS K 45 -49.00 29.71 70.73
CA LYS K 45 -48.01 29.00 71.52
C LYS K 45 -48.51 28.69 72.94
N ASP K 46 -48.45 27.42 73.30
CA ASP K 46 -48.70 27.00 74.67
C ASP K 46 -50.14 27.23 75.09
N GLU K 47 -51.03 27.44 74.12
CA GLU K 47 -52.45 27.50 74.40
C GLU K 47 -53.16 26.45 73.57
N PRO K 48 -53.63 25.39 74.23
CA PRO K 48 -54.38 24.33 73.54
C PRO K 48 -55.57 24.91 72.78
N GLU K 49 -56.15 25.99 73.30
CA GLU K 49 -57.27 26.65 72.65
C GLU K 49 -57.08 28.16 72.71
N THR K 50 -57.70 28.89 71.79
CA THR K 50 -57.61 30.34 71.78
C THR K 50 -58.91 30.97 71.25
N ARG K 51 -59.37 32.03 71.92
CA ARG K 51 -60.56 32.73 71.46
C ARG K 51 -60.17 33.62 70.30
N VAL K 52 -60.93 33.54 69.22
CA VAL K 52 -60.53 34.21 68.00
C VAL K 52 -61.71 34.89 67.31
N ALA K 53 -61.41 35.79 66.39
CA ALA K 53 -62.39 36.28 65.45
C ALA K 53 -62.14 35.55 64.12
N ILE K 54 -63.22 35.17 63.43
CA ILE K 54 -63.08 34.40 62.18
C ILE K 54 -63.99 34.94 61.10
N LYS K 55 -63.37 35.34 60.00
CA LYS K 55 -64.10 35.90 58.87
C LYS K 55 -64.24 34.80 57.83
N THR K 56 -65.44 34.68 57.27
CA THR K 56 -65.66 33.72 56.20
C THR K 56 -65.85 34.50 54.91
N VAL K 57 -65.14 34.09 53.87
CA VAL K 57 -65.39 34.60 52.53
C VAL K 57 -65.97 33.44 51.75
N ASN K 58 -67.24 33.56 51.35
CA ASN K 58 -67.96 32.45 50.74
C ASN K 58 -67.60 32.27 49.26
N GLU K 59 -68.18 31.24 48.64
CA GLU K 59 -67.93 30.92 47.25
C GLU K 59 -68.41 31.97 46.23
N ALA K 60 -69.48 32.69 46.55
CA ALA K 60 -70.05 33.68 45.65
C ALA K 60 -69.15 34.89 45.39
N ALA K 61 -68.08 35.00 46.18
CA ALA K 61 -67.15 36.12 46.06
C ALA K 61 -66.29 35.98 44.81
N SER K 62 -66.13 37.09 44.08
CA SER K 62 -65.29 37.09 42.88
C SER K 62 -63.87 36.65 43.21
N MET K 63 -63.17 36.08 42.23
CA MET K 63 -61.77 35.76 42.45
C MET K 63 -61.07 37.05 42.77
N ARG K 64 -61.43 38.12 42.06
CA ARG K 64 -60.84 39.42 42.30
C ARG K 64 -61.00 39.83 43.77
N GLU K 65 -62.23 39.77 44.27
CA GLU K 65 -62.50 40.12 45.65
C GLU K 65 -61.67 39.28 46.60
N ARG K 66 -61.58 37.99 46.30
CA ARG K 66 -60.85 37.06 47.13
C ARG K 66 -59.35 37.34 47.15
N ILE K 67 -58.79 37.77 46.01
CA ILE K 67 -57.35 37.97 45.90
C ILE K 67 -56.99 39.24 46.64
N GLU K 68 -57.80 40.28 46.45
CA GLU K 68 -57.60 41.52 47.18
C GLU K 68 -57.55 41.22 48.67
N PHE K 69 -58.61 40.59 49.14
CA PHE K 69 -58.76 40.22 50.53
C PHE K 69 -57.55 39.43 51.04
N LEU K 70 -57.05 38.53 50.20
CA LEU K 70 -55.90 37.69 50.58
C LEU K 70 -54.59 38.47 50.64
N ASN K 71 -54.46 39.50 49.81
CA ASN K 71 -53.24 40.31 49.79
C ASN K 71 -53.21 41.29 50.96
N GLU K 72 -54.38 41.82 51.31
CA GLU K 72 -54.52 42.72 52.45
C GLU K 72 -54.09 42.04 53.75
N ALA K 73 -54.49 40.79 53.92
CA ALA K 73 -54.06 40.01 55.06
C ALA K 73 -52.56 39.79 55.02
N SER K 74 -52.03 39.51 53.83
CA SER K 74 -50.62 39.17 53.68
C SER K 74 -49.73 40.27 54.26
N VAL K 75 -50.27 41.48 54.32
CA VAL K 75 -49.53 42.59 54.93
C VAL K 75 -49.48 42.43 56.45
N MET K 76 -50.62 42.12 57.07
CA MET K 76 -50.66 41.74 58.48
C MET K 76 -49.52 40.79 58.84
N LYS K 77 -49.54 39.60 58.26
CA LYS K 77 -48.56 38.55 58.58
C LYS K 77 -47.25 39.13 59.11
N GLU K 78 -46.66 40.02 58.33
CA GLU K 78 -45.48 40.78 58.75
C GLU K 78 -45.55 41.21 60.22
N PHE K 79 -46.47 42.14 60.53
CA PHE K 79 -46.56 42.74 61.85
C PHE K 79 -46.77 41.75 62.98
N ASN K 80 -45.90 41.81 63.96
CA ASN K 80 -46.00 41.00 65.15
C ASN K 80 -45.76 41.88 66.37
N CYS K 81 -46.75 42.71 66.67
CA CYS K 81 -46.63 43.61 67.81
C CYS K 81 -47.79 43.41 68.76
N HIS K 82 -47.52 43.60 70.05
CA HIS K 82 -48.51 43.42 71.08
C HIS K 82 -49.61 44.46 70.97
N HIS K 83 -49.36 45.53 70.22
CA HIS K 83 -50.34 46.61 70.09
C HIS K 83 -50.87 46.77 68.70
N VAL K 84 -50.66 45.74 67.89
CA VAL K 84 -51.32 45.61 66.61
C VAL K 84 -52.10 44.30 66.62
N VAL K 85 -53.38 44.35 66.27
CA VAL K 85 -54.20 43.15 66.22
C VAL K 85 -53.53 42.16 65.26
N ARG K 86 -53.35 40.92 65.73
CA ARG K 86 -52.53 39.93 65.01
C ARG K 86 -53.28 38.84 64.29
N LEU K 87 -52.80 38.52 63.09
CA LEU K 87 -53.36 37.42 62.33
C LEU K 87 -52.79 36.12 62.87
N LEU K 88 -53.68 35.14 63.08
CA LEU K 88 -53.30 33.89 63.72
C LEU K 88 -53.28 32.76 62.70
N GLY K 89 -53.76 33.05 61.51
CA GLY K 89 -53.72 32.07 60.45
C GLY K 89 -54.89 32.19 59.50
N VAL K 90 -54.80 31.45 58.40
CA VAL K 90 -55.88 31.42 57.45
C VAL K 90 -56.14 29.99 56.96
N VAL K 91 -57.40 29.61 56.93
CA VAL K 91 -57.79 28.30 56.44
C VAL K 91 -58.01 28.41 54.93
N SER K 92 -57.23 27.65 54.17
CA SER K 92 -57.25 27.80 52.72
C SER K 92 -57.68 26.55 51.96
N GLN K 93 -57.59 25.39 52.59
CA GLN K 93 -58.11 24.16 51.99
C GLN K 93 -59.58 24.03 52.36
N GLY K 94 -60.47 24.41 51.46
CA GLY K 94 -61.87 24.35 51.81
C GLY K 94 -62.78 25.40 51.20
N GLN K 95 -64.05 25.27 51.53
CA GLN K 95 -65.09 25.91 50.77
C GLN K 95 -65.24 27.39 51.07
N PRO K 96 -65.45 27.73 52.36
CA PRO K 96 -65.36 29.14 52.77
C PRO K 96 -63.96 29.44 53.27
N THR K 97 -63.23 30.34 52.61
CA THR K 97 -61.90 30.68 53.11
C THR K 97 -62.03 31.35 54.46
N LEU K 98 -61.33 30.82 55.47
CA LEU K 98 -61.33 31.43 56.79
C LEU K 98 -60.07 32.24 57.03
N VAL K 99 -60.22 33.39 57.68
CA VAL K 99 -59.08 34.11 58.24
C VAL K 99 -59.29 34.26 59.73
N ILE K 100 -58.34 33.74 60.52
CA ILE K 100 -58.39 33.78 61.97
C ILE K 100 -57.59 34.93 62.56
N MET K 101 -58.28 35.83 63.25
CA MET K 101 -57.63 36.97 63.87
C MET K 101 -57.69 36.83 65.38
N GLU K 102 -56.86 37.59 66.09
CA GLU K 102 -56.95 37.57 67.55
C GLU K 102 -58.25 38.27 68.01
N LEU K 103 -58.94 37.65 68.97
CA LEU K 103 -60.20 38.20 69.45
C LEU K 103 -60.00 39.49 70.23
N MET K 104 -60.75 40.52 69.87
CA MET K 104 -60.76 41.78 70.60
C MET K 104 -62.15 41.97 71.20
N THR K 105 -62.36 41.41 72.38
CA THR K 105 -63.71 41.23 72.90
C THR K 105 -64.54 42.50 73.08
N ARG K 106 -63.90 43.65 73.20
CA ARG K 106 -64.66 44.87 73.43
C ARG K 106 -64.93 45.67 72.17
N GLY K 107 -64.46 45.17 71.03
CA GLY K 107 -64.80 45.75 69.74
C GLY K 107 -64.03 47.01 69.46
N ASP K 108 -64.57 47.85 68.58
CA ASP K 108 -63.81 49.04 68.18
C ASP K 108 -63.83 50.16 69.21
N LEU K 109 -62.67 50.78 69.38
CA LEU K 109 -62.52 51.89 70.29
C LEU K 109 -63.67 52.87 70.14
N LYS K 110 -64.05 53.18 68.90
CA LYS K 110 -65.04 54.25 68.68
C LYS K 110 -66.34 53.98 69.39
N SER K 111 -66.86 52.77 69.23
CA SER K 111 -68.16 52.45 69.82
C SER K 111 -68.02 52.17 71.32
N TYR K 112 -66.85 51.68 71.71
CA TYR K 112 -66.49 51.58 73.13
C TYR K 112 -66.43 52.95 73.83
N LEU K 113 -65.80 53.93 73.17
CA LEU K 113 -65.83 55.30 73.65
C LEU K 113 -67.25 55.84 73.87
N ARG K 114 -68.11 55.68 72.86
CA ARG K 114 -69.51 56.14 72.94
C ARG K 114 -70.28 55.38 74.03
N SER K 115 -69.83 54.17 74.33
CA SER K 115 -70.52 53.35 75.33
C SER K 115 -70.28 53.88 76.73
N LEU K 116 -69.23 54.69 76.90
CA LEU K 116 -68.93 55.28 78.19
C LEU K 116 -69.78 56.51 78.50
N ARG K 117 -70.63 56.90 77.55
CA ARG K 117 -71.49 58.06 77.71
C ARG K 117 -72.70 57.74 78.58
N PRO K 118 -73.20 58.72 79.34
CA PRO K 118 -74.30 58.58 80.31
C PRO K 118 -75.05 57.26 80.21
N PRO K 129 -63.48 58.65 80.95
CA PRO K 129 -62.19 58.16 81.47
C PRO K 129 -61.47 59.18 82.34
N SER K 130 -60.53 58.68 83.13
CA SER K 130 -59.56 59.52 83.84
C SER K 130 -58.42 59.84 82.88
N LEU K 131 -57.44 60.59 83.37
CA LEU K 131 -56.28 60.96 82.56
C LEU K 131 -55.44 59.73 82.35
N SER K 132 -55.34 58.93 83.40
CA SER K 132 -54.49 57.75 83.33
C SER K 132 -55.04 56.79 82.29
N LYS K 133 -56.32 56.45 82.39
CA LYS K 133 -56.95 55.55 81.42
C LYS K 133 -56.68 55.99 79.99
N MET K 134 -56.70 57.29 79.78
CA MET K 134 -56.51 57.83 78.44
C MET K 134 -55.06 57.69 78.03
N ILE K 135 -54.15 58.12 78.90
CA ILE K 135 -52.72 57.99 78.61
C ILE K 135 -52.42 56.55 78.25
N GLN K 136 -53.08 55.63 78.93
CA GLN K 136 -52.86 54.22 78.69
C GLN K 136 -53.22 53.87 77.25
N MET K 137 -54.36 54.38 76.78
CA MET K 137 -54.77 54.12 75.40
C MET K 137 -53.86 54.88 74.43
N ALA K 138 -53.48 56.11 74.80
CA ALA K 138 -52.67 56.92 73.93
C ALA K 138 -51.35 56.20 73.65
N GLY K 139 -50.76 55.63 74.68
CA GLY K 139 -49.45 55.04 74.55
C GLY K 139 -49.48 53.72 73.84
N GLU K 140 -50.58 52.98 74.03
CA GLU K 140 -50.71 51.71 73.37
C GLU K 140 -50.95 51.92 71.87
N ILE K 141 -51.83 52.86 71.54
CA ILE K 141 -52.04 53.21 70.14
C ILE K 141 -50.74 53.69 69.53
N ALA K 142 -50.09 54.60 70.25
CA ALA K 142 -48.83 55.20 69.81
C ALA K 142 -47.75 54.15 69.58
N ASP K 143 -47.67 53.18 70.50
CA ASP K 143 -46.66 52.14 70.42
C ASP K 143 -46.81 51.24 69.18
N GLY K 144 -48.04 50.86 68.85
CA GLY K 144 -48.29 50.09 67.66
C GLY K 144 -47.99 50.91 66.41
N MET K 145 -48.32 52.19 66.47
CA MET K 145 -48.04 53.07 65.34
C MET K 145 -46.54 53.21 65.14
N ALA K 146 -45.81 53.28 66.24
CA ALA K 146 -44.35 53.39 66.17
C ALA K 146 -43.80 52.12 65.52
N TYR K 147 -44.35 50.98 65.90
CA TYR K 147 -44.07 49.71 65.24
C TYR K 147 -44.38 49.71 63.75
N LEU K 148 -45.57 50.17 63.38
CA LEU K 148 -45.88 50.38 61.97
C LEU K 148 -44.82 51.19 61.24
N ASN K 149 -44.47 52.37 61.76
CA ASN K 149 -43.55 53.27 61.05
C ASN K 149 -42.16 52.68 60.96
N ALA K 150 -41.77 51.96 62.01
CA ALA K 150 -40.44 51.39 62.10
C ALA K 150 -40.26 50.34 61.02
N ASN K 151 -41.39 49.82 60.55
CA ASN K 151 -41.37 48.85 59.47
C ASN K 151 -41.75 49.48 58.15
N LYS K 152 -41.68 50.80 58.12
CA LYS K 152 -41.83 51.56 56.89
C LYS K 152 -43.20 51.38 56.26
N PHE K 153 -44.22 51.53 57.11
CA PHE K 153 -45.60 51.60 56.67
C PHE K 153 -46.29 52.89 57.13
N VAL K 154 -47.08 53.47 56.26
CA VAL K 154 -48.00 54.53 56.64
C VAL K 154 -49.39 53.95 56.77
N HIS K 155 -50.05 54.20 57.89
CA HIS K 155 -51.41 53.75 58.11
C HIS K 155 -52.41 54.50 57.19
N ARG K 156 -52.32 55.82 57.19
CA ARG K 156 -53.22 56.69 56.42
C ARG K 156 -54.61 56.86 57.03
N ASP K 157 -55.04 55.88 57.81
CA ASP K 157 -56.44 55.73 58.13
C ASP K 157 -56.63 55.65 59.64
N LEU K 158 -55.66 56.13 60.39
CA LEU K 158 -55.74 55.99 61.85
C LEU K 158 -56.93 56.75 62.38
N ALA K 159 -57.77 56.03 63.10
CA ALA K 159 -58.95 56.60 63.73
C ALA K 159 -59.42 55.66 64.84
N ALA K 160 -60.17 56.21 65.79
CA ALA K 160 -60.73 55.41 66.88
C ALA K 160 -61.48 54.23 66.29
N ARG K 161 -62.17 54.47 65.18
CA ARG K 161 -63.03 53.50 64.52
C ARG K 161 -62.27 52.24 64.08
N ASN K 162 -60.95 52.40 63.89
CA ASN K 162 -60.06 51.33 63.43
C ASN K 162 -59.24 50.65 64.54
N CYS K 163 -59.27 51.21 65.75
CA CYS K 163 -58.60 50.55 66.88
C CYS K 163 -59.57 49.62 67.63
N MET K 164 -59.11 48.42 68.00
CA MET K 164 -59.92 47.48 68.78
C MET K 164 -59.55 47.50 70.26
N VAL K 165 -60.46 47.07 71.12
CA VAL K 165 -60.18 47.02 72.55
C VAL K 165 -60.31 45.62 73.08
N ALA K 166 -59.31 45.16 73.81
CA ALA K 166 -59.27 43.78 74.29
C ALA K 166 -60.06 43.58 75.58
N GLU K 167 -60.13 42.31 75.99
CA GLU K 167 -60.81 41.93 77.22
C GLU K 167 -60.31 42.76 78.41
N ASP K 168 -59.00 42.90 78.55
CA ASP K 168 -58.42 43.69 79.64
C ASP K 168 -58.31 45.20 79.34
N PHE K 169 -58.94 45.64 78.26
CA PHE K 169 -59.01 47.08 77.92
C PHE K 169 -57.81 47.63 77.19
N THR K 170 -56.85 46.78 76.88
CA THR K 170 -55.71 47.18 76.06
C THR K 170 -56.19 47.57 74.66
N VAL K 171 -55.78 48.73 74.17
CA VAL K 171 -56.13 49.11 72.81
C VAL K 171 -55.04 48.65 71.83
N LYS K 172 -55.46 48.30 70.61
CA LYS K 172 -54.54 47.87 69.54
C LYS K 172 -54.92 48.43 68.16
N ILE K 173 -53.91 48.66 67.33
CA ILE K 173 -54.14 49.05 65.95
C ILE K 173 -54.69 47.83 65.18
N GLY K 174 -55.63 48.08 64.28
CA GLY K 174 -56.44 47.01 63.76
C GLY K 174 -56.78 46.93 62.28
N ASP K 175 -56.85 48.05 61.56
CA ASP K 175 -57.34 47.94 60.18
C ASP K 175 -56.37 48.51 59.15
N PHE K 176 -55.94 47.66 58.23
CA PHE K 176 -54.83 48.01 57.35
C PHE K 176 -55.15 48.01 55.88
N GLY K 177 -56.42 48.02 55.50
CA GLY K 177 -56.80 48.05 54.11
C GLY K 177 -56.25 49.27 53.41
N MET K 178 -55.91 50.28 54.20
CA MET K 178 -55.60 51.57 53.62
C MET K 178 -54.11 51.90 53.72
N THR K 179 -53.36 51.07 54.43
CA THR K 179 -51.96 51.38 54.67
C THR K 179 -51.08 51.03 53.45
N ARG K 180 -49.89 51.62 53.41
CA ARG K 180 -49.03 51.48 52.23
C ARG K 180 -47.54 51.34 52.62
N ASP K 181 -46.76 50.75 51.74
CA ASP K 181 -45.33 50.53 51.99
C ASP K 181 -44.53 51.74 51.57
N ILE K 182 -43.56 52.14 52.37
CA ILE K 182 -42.83 53.36 52.06
C ILE K 182 -41.30 53.26 52.18
N PTR K 183 -40.77 52.04 52.26
CA PTR K 183 -39.33 51.83 52.13
C PTR K 183 -38.82 52.50 50.84
O PTR K 183 -39.25 52.15 49.73
CB PTR K 183 -38.98 50.33 52.11
CG PTR K 183 -37.50 50.04 52.30
CD1 PTR K 183 -36.69 49.71 51.21
CD2 PTR K 183 -36.90 50.09 53.56
CE1 PTR K 183 -35.33 49.45 51.37
CE2 PTR K 183 -35.54 49.83 53.74
CZ PTR K 183 -34.75 49.51 52.63
OH PTR K 183 -33.40 49.23 52.77
N GLU K 184 -37.90 53.45 51.00
CA GLU K 184 -37.45 54.28 49.88
C GLU K 184 -38.61 55.16 49.41
N THR K 185 -38.45 56.47 49.52
CA THR K 185 -39.48 57.52 49.42
C THR K 185 -39.93 58.12 50.75
N ASP K 186 -40.42 57.29 51.66
CA ASP K 186 -40.97 57.83 52.90
C ASP K 186 -42.21 58.68 52.68
N PTR K 187 -42.96 58.36 51.64
CA PTR K 187 -44.27 58.95 51.42
C PTR K 187 -45.04 58.05 50.46
O PTR K 187 -44.51 57.12 49.85
CB PTR K 187 -44.27 60.39 50.91
CG PTR K 187 -43.82 60.54 49.46
CD1 PTR K 187 -42.48 60.40 49.11
CD2 PTR K 187 -44.74 60.79 48.45
CE1 PTR K 187 -42.08 60.54 47.80
CE2 PTR K 187 -44.34 60.93 47.14
CZ PTR K 187 -43.00 60.80 46.81
OH PTR K 187 -42.63 60.89 45.64
P PTR K 187 -43.15 62.03 44.63
O1P PTR K 187 -44.46 61.63 44.05
O2P PTR K 187 -43.32 63.35 45.42
O3P PTR K 187 -42.14 62.22 43.49
N PTR K 188 -46.34 58.34 50.36
CA PTR K 188 -47.21 57.69 49.41
C PTR K 188 -48.08 58.80 48.86
O PTR K 188 -48.65 59.58 49.63
CB PTR K 188 -48.12 56.66 50.05
CG PTR K 188 -49.29 56.29 49.18
CD1 PTR K 188 -49.18 55.32 48.19
CD2 PTR K 188 -50.52 56.92 49.32
CE1 PTR K 188 -50.25 54.97 47.38
CE2 PTR K 188 -51.60 56.59 48.50
CZ PTR K 188 -51.46 55.61 47.54
OH PTR K 188 -52.45 55.35 46.84
P PTR K 188 -52.70 54.06 45.87
O1P PTR K 188 -54.05 53.49 46.09
O2P PTR K 188 -51.67 52.94 46.17
O3P PTR K 188 -52.60 54.52 44.40
N ARG K 189 -48.16 58.89 47.54
CA ARG K 189 -48.93 59.94 46.92
C ARG K 189 -50.14 59.31 46.26
N LYS K 190 -51.32 59.75 46.65
CA LYS K 190 -52.52 59.21 46.04
C LYS K 190 -52.71 59.83 44.66
N GLY K 191 -52.99 58.97 43.68
CA GLY K 191 -53.17 59.43 42.30
C GLY K 191 -54.58 59.91 41.98
N GLY K 192 -55.56 59.02 42.12
CA GLY K 192 -56.92 59.34 41.73
C GLY K 192 -57.80 59.86 42.87
N LYS K 193 -59.06 59.45 42.85
CA LYS K 193 -59.99 59.72 43.94
C LYS K 193 -59.67 58.84 45.12
N GLY K 194 -59.77 59.40 46.32
CA GLY K 194 -59.60 58.64 47.53
C GLY K 194 -60.85 58.80 48.36
N LEU K 195 -61.12 57.83 49.22
CA LEU K 195 -62.35 57.87 49.99
C LEU K 195 -62.11 57.99 51.48
N LEU K 196 -60.86 58.23 51.87
CA LEU K 196 -60.56 58.46 53.27
C LEU K 196 -61.36 59.64 53.77
N PRO K 197 -61.84 59.56 55.01
CA PRO K 197 -62.57 60.63 55.72
C PRO K 197 -61.70 61.89 55.83
N VAL K 198 -62.22 63.04 55.44
CA VAL K 198 -61.43 64.27 55.53
C VAL K 198 -61.15 64.77 56.96
N ARG K 199 -62.02 64.47 57.90
CA ARG K 199 -61.87 64.97 59.26
C ARG K 199 -60.56 64.51 59.93
N TRP K 200 -60.03 63.38 59.47
CA TRP K 200 -58.82 62.81 60.05
C TRP K 200 -57.58 63.12 59.22
N MET K 201 -57.75 63.86 58.13
CA MET K 201 -56.66 64.12 57.19
C MET K 201 -55.81 65.36 57.52
N SER K 202 -54.49 65.22 57.37
CA SER K 202 -53.57 66.32 57.61
C SER K 202 -53.69 67.37 56.52
N PRO K 203 -53.32 68.61 56.82
CA PRO K 203 -53.38 69.65 55.80
C PRO K 203 -52.55 69.28 54.57
N GLU K 204 -51.35 68.68 54.76
CA GLU K 204 -50.52 68.32 53.61
C GLU K 204 -51.18 67.20 52.82
N SER K 205 -51.90 66.33 53.52
CA SER K 205 -52.63 65.25 52.87
C SER K 205 -53.79 65.80 52.02
N LEU K 206 -54.59 66.69 52.60
CA LEU K 206 -55.70 67.31 51.89
C LEU K 206 -55.23 68.08 50.67
N LYS K 207 -54.09 68.73 50.81
CA LYS K 207 -53.58 69.65 49.78
C LYS K 207 -52.88 68.97 48.59
N ASP K 208 -52.25 67.83 48.80
CA ASP K 208 -51.44 67.21 47.74
C ASP K 208 -51.57 65.69 47.71
N GLY K 209 -52.29 65.15 48.67
CA GLY K 209 -52.57 63.72 48.69
C GLY K 209 -51.32 62.96 49.03
N VAL K 210 -50.41 63.63 49.74
CA VAL K 210 -49.20 62.99 50.25
C VAL K 210 -49.43 62.48 51.67
N PHE K 211 -49.06 61.22 51.89
CA PHE K 211 -49.17 60.60 53.21
C PHE K 211 -47.82 60.13 53.71
N THR K 212 -47.51 60.49 54.94
CA THR K 212 -46.24 60.14 55.57
C THR K 212 -46.50 59.68 56.99
N THR K 213 -45.44 59.46 57.75
CA THR K 213 -45.65 59.12 59.14
C THR K 213 -46.12 60.38 59.85
N TYR K 214 -45.74 61.54 59.29
CA TYR K 214 -46.12 62.82 59.87
C TYR K 214 -47.64 62.99 59.82
N SER K 215 -48.22 62.60 58.69
CA SER K 215 -49.67 62.61 58.53
C SER K 215 -50.33 61.58 59.43
N ASP K 216 -49.66 60.45 59.68
CA ASP K 216 -50.19 59.48 60.63
C ASP K 216 -50.24 60.07 62.01
N VAL K 217 -49.30 60.94 62.33
CA VAL K 217 -49.21 61.51 63.68
C VAL K 217 -50.37 62.45 63.85
N TRP K 218 -50.60 63.27 62.83
CA TRP K 218 -51.75 64.16 62.81
C TRP K 218 -53.01 63.41 63.20
N SER K 219 -53.30 62.36 62.45
CA SER K 219 -54.49 61.57 62.72
C SER K 219 -54.52 61.08 64.16
N PHE K 220 -53.37 60.61 64.64
CA PHE K 220 -53.25 60.15 66.03
C PHE K 220 -53.77 61.22 66.98
N GLY K 221 -53.49 62.47 66.64
CA GLY K 221 -53.92 63.60 67.44
C GLY K 221 -55.42 63.72 67.43
N VAL K 222 -56.02 63.40 66.29
CA VAL K 222 -57.48 63.38 66.21
C VAL K 222 -58.06 62.27 67.07
N VAL K 223 -57.40 61.12 67.11
CA VAL K 223 -57.95 60.03 67.91
C VAL K 223 -57.75 60.28 69.39
N LEU K 224 -56.87 61.21 69.74
CA LEU K 224 -56.74 61.63 71.13
C LEU K 224 -57.97 62.48 71.45
N TRP K 225 -58.26 63.39 70.53
CA TRP K 225 -59.44 64.24 70.62
C TRP K 225 -60.69 63.38 70.73
N GLU K 226 -60.71 62.29 69.96
CA GLU K 226 -61.82 61.35 69.97
C GLU K 226 -61.95 60.72 71.36
N ILE K 227 -60.84 60.36 71.97
CA ILE K 227 -60.88 59.71 73.27
C ILE K 227 -61.38 60.72 74.28
N ALA K 228 -60.87 61.95 74.15
CA ALA K 228 -61.25 63.01 75.07
C ALA K 228 -62.76 63.26 75.03
N THR K 229 -63.32 63.33 73.84
CA THR K 229 -64.72 63.70 73.70
C THR K 229 -65.60 62.47 73.74
N LEU K 230 -64.99 61.31 73.99
CA LEU K 230 -65.69 60.04 73.93
C LEU K 230 -66.13 59.62 72.54
N ALA K 231 -65.46 60.14 71.51
CA ALA K 231 -65.70 59.76 70.10
C ALA K 231 -66.65 60.62 69.30
N GLU K 232 -66.65 61.93 69.62
CA GLU K 232 -67.55 62.87 68.97
C GLU K 232 -67.09 63.10 67.57
N GLN K 233 -67.92 63.77 66.77
CA GLN K 233 -67.51 63.97 65.37
C GLN K 233 -66.59 65.19 65.30
N PRO K 234 -65.37 64.97 64.79
CA PRO K 234 -64.42 66.07 64.60
C PRO K 234 -65.06 67.19 63.80
N TYR K 235 -64.91 68.42 64.25
CA TYR K 235 -65.42 69.57 63.52
C TYR K 235 -66.93 69.58 63.33
N GLN K 236 -67.67 68.97 64.26
CA GLN K 236 -69.12 69.05 64.18
C GLN K 236 -69.54 70.46 63.77
N GLY K 237 -70.47 70.54 62.83
CA GLY K 237 -71.02 71.81 62.45
C GLY K 237 -70.47 72.25 61.13
N LEU K 238 -69.29 71.73 60.81
CA LEU K 238 -68.69 71.99 59.51
C LEU K 238 -69.01 70.83 58.58
N SER K 239 -69.29 71.16 57.33
CA SER K 239 -69.49 70.15 56.29
C SER K 239 -68.13 69.81 55.72
N ASN K 240 -67.95 68.57 55.26
CA ASN K 240 -66.68 68.19 54.65
C ASN K 240 -66.06 69.33 53.84
N GLU K 241 -66.84 69.91 52.95
CA GLU K 241 -66.43 71.09 52.19
C GLU K 241 -65.80 72.20 53.05
N GLN K 242 -66.42 72.45 54.19
CA GLN K 242 -65.94 73.48 55.12
C GLN K 242 -64.70 73.01 55.89
N VAL K 243 -64.76 71.78 56.40
CA VAL K 243 -63.64 71.20 57.14
C VAL K 243 -62.40 71.21 56.28
N LEU K 244 -62.56 70.76 55.04
CA LEU K 244 -61.46 70.73 54.09
C LEU K 244 -60.83 72.11 53.97
N ARG K 245 -61.64 73.15 53.85
CA ARG K 245 -61.08 74.49 53.74
C ARG K 245 -60.49 74.95 55.07
N PHE K 246 -61.21 74.65 56.16
CA PHE K 246 -60.86 75.08 57.51
C PHE K 246 -59.48 74.59 57.96
N VAL K 247 -59.21 73.29 57.78
CA VAL K 247 -57.96 72.71 58.25
C VAL K 247 -56.78 73.12 57.38
N MET K 248 -57.02 73.24 56.08
CA MET K 248 -55.94 73.55 55.15
C MET K 248 -55.29 74.91 55.42
N GLU K 249 -56.05 75.81 56.03
CA GLU K 249 -55.56 77.16 56.26
C GLU K 249 -55.01 77.34 57.67
N GLY K 250 -55.13 76.29 58.49
CA GLY K 250 -54.53 76.31 59.82
C GLY K 250 -55.51 76.05 60.96
N GLY K 251 -56.77 75.84 60.60
CA GLY K 251 -57.81 75.54 61.58
C GLY K 251 -57.45 74.35 62.46
N LEU K 252 -57.88 74.40 63.70
CA LEU K 252 -57.66 73.31 64.64
C LEU K 252 -58.98 72.92 65.28
N LEU K 253 -58.99 71.77 65.94
CA LEU K 253 -60.12 71.40 66.78
C LEU K 253 -59.95 72.16 68.09
N ASP K 254 -61.06 72.41 68.76
CA ASP K 254 -61.01 73.17 69.99
C ASP K 254 -60.82 72.22 71.15
N LYS K 255 -60.16 72.69 72.19
CA LYS K 255 -59.95 71.90 73.39
C LYS K 255 -61.30 71.40 73.90
N PRO K 256 -61.42 70.09 74.10
CA PRO K 256 -62.66 69.45 74.55
C PRO K 256 -63.06 69.87 75.95
N ASP K 257 -64.36 69.99 76.17
CA ASP K 257 -64.88 70.22 77.51
C ASP K 257 -64.27 69.22 78.47
N ASN K 258 -63.64 69.73 79.53
CA ASN K 258 -63.16 68.88 80.62
C ASN K 258 -61.92 68.07 80.24
N CYS K 259 -61.21 68.51 79.20
CA CYS K 259 -60.02 67.80 78.72
C CYS K 259 -58.77 68.19 79.50
N PRO K 260 -58.08 67.19 80.07
CA PRO K 260 -56.82 67.44 80.77
C PRO K 260 -55.91 68.33 79.92
N ASP K 261 -55.35 69.35 80.53
CA ASP K 261 -54.53 70.32 79.82
C ASP K 261 -53.39 69.59 79.12
N MET K 262 -52.98 68.46 79.70
CA MET K 262 -51.83 67.73 79.20
C MET K 262 -52.18 67.00 77.90
N LEU K 263 -53.33 66.35 77.87
CA LEU K 263 -53.78 65.64 76.69
C LEU K 263 -53.96 66.57 75.50
N PHE K 264 -54.61 67.71 75.72
CA PHE K 264 -54.84 68.66 74.64
C PHE K 264 -53.54 69.29 74.16
N GLU K 265 -52.54 69.32 75.04
CA GLU K 265 -51.28 69.95 74.68
C GLU K 265 -50.53 69.01 73.74
N LEU K 266 -50.71 67.72 73.98
CA LEU K 266 -50.18 66.68 73.10
C LEU K 266 -50.77 66.85 71.70
N MET K 267 -52.11 66.90 71.61
CA MET K 267 -52.79 67.13 70.34
C MET K 267 -52.21 68.31 69.58
N ARG K 268 -52.05 69.44 70.25
CA ARG K 268 -51.55 70.62 69.56
C ARG K 268 -50.21 70.34 68.90
N MET K 269 -49.42 69.48 69.53
CA MET K 269 -48.11 69.16 69.01
C MET K 269 -48.31 68.33 67.76
N CYS K 270 -49.17 67.33 67.85
CA CYS K 270 -49.47 66.47 66.71
C CYS K 270 -50.05 67.26 65.53
N TRP K 271 -50.63 68.41 65.82
CA TRP K 271 -51.30 69.19 64.79
C TRP K 271 -50.42 70.29 64.18
N GLN K 272 -49.16 70.33 64.58
CA GLN K 272 -48.26 71.36 64.08
C GLN K 272 -48.41 71.37 62.56
N TYR K 273 -48.78 72.53 62.01
CA TYR K 273 -49.02 72.65 60.57
C TYR K 273 -47.86 72.12 59.71
N ASN K 274 -46.62 72.51 60.02
CA ASN K 274 -45.49 71.95 59.28
C ASN K 274 -45.24 70.54 59.76
N PRO K 275 -45.40 69.56 58.89
CA PRO K 275 -45.31 68.15 59.29
C PRO K 275 -44.02 67.78 60.02
N LYS K 276 -42.90 68.41 59.66
CA LYS K 276 -41.62 68.07 60.28
C LYS K 276 -41.50 68.69 61.68
N MET K 277 -42.51 69.45 62.08
CA MET K 277 -42.54 70.06 63.40
C MET K 277 -43.43 69.28 64.37
N ARG K 278 -43.92 68.13 63.91
CA ARG K 278 -44.67 67.21 64.77
C ARG K 278 -43.77 66.18 65.41
N PRO K 279 -44.18 65.66 66.56
CA PRO K 279 -43.40 64.65 67.26
C PRO K 279 -43.45 63.31 66.52
N SER K 280 -42.48 62.46 66.80
CA SER K 280 -42.53 61.09 66.32
C SER K 280 -43.40 60.31 67.28
N PHE K 281 -43.73 59.08 66.91
CA PHE K 281 -44.50 58.22 67.81
C PHE K 281 -43.65 57.77 68.97
N LEU K 282 -42.37 57.56 68.71
CA LEU K 282 -41.42 57.21 69.76
C LEU K 282 -41.30 58.35 70.76
N GLU K 283 -41.25 59.59 70.27
CA GLU K 283 -41.20 60.76 71.13
C GLU K 283 -42.41 60.82 72.03
N ILE K 284 -43.59 60.62 71.43
CA ILE K 284 -44.85 60.69 72.15
C ILE K 284 -44.87 59.67 73.28
N ILE K 285 -44.44 58.46 72.98
CA ILE K 285 -44.39 57.42 74.00
C ILE K 285 -43.42 57.82 75.11
N SER K 286 -42.22 58.25 74.73
CA SER K 286 -41.21 58.57 75.72
C SER K 286 -41.65 59.67 76.70
N SER K 287 -42.58 60.52 76.27
CA SER K 287 -43.05 61.60 77.13
C SER K 287 -44.06 61.12 78.17
N ILE K 288 -44.63 59.93 77.96
CA ILE K 288 -45.67 59.38 78.83
C ILE K 288 -45.31 57.99 79.37
N LYS K 289 -44.16 57.47 78.96
CA LYS K 289 -43.74 56.11 79.28
C LYS K 289 -43.82 55.84 80.76
N GLU K 290 -43.53 56.86 81.54
CA GLU K 290 -43.47 56.69 82.99
C GLU K 290 -44.89 56.74 83.59
N GLU K 291 -45.89 56.85 82.72
CA GLU K 291 -47.28 56.95 83.17
C GLU K 291 -48.07 55.71 82.79
N MET K 292 -47.39 54.77 82.13
CA MET K 292 -48.03 53.58 81.63
C MET K 292 -48.12 52.53 82.72
N GLU K 293 -49.19 51.75 82.71
CA GLU K 293 -49.31 50.65 83.65
C GLU K 293 -48.08 49.77 83.47
N PRO K 294 -47.58 49.20 84.57
CA PRO K 294 -46.45 48.28 84.69
C PRO K 294 -46.25 47.26 83.56
N GLY K 295 -47.31 46.63 83.07
CA GLY K 295 -47.16 45.62 82.02
C GLY K 295 -46.32 46.08 80.83
N PHE K 296 -46.57 47.31 80.39
CA PHE K 296 -45.95 47.95 79.22
C PHE K 296 -44.51 47.56 78.92
N ARG K 297 -43.62 47.71 79.89
CA ARG K 297 -42.21 47.54 79.64
C ARG K 297 -41.85 46.17 79.04
N GLU K 298 -42.72 45.19 79.21
CA GLU K 298 -42.42 43.83 78.76
C GLU K 298 -43.19 43.43 77.50
N VAL K 299 -44.11 44.28 77.06
CA VAL K 299 -44.99 43.94 75.93
C VAL K 299 -44.86 44.94 74.77
N SER K 300 -44.38 46.14 75.10
CA SER K 300 -44.33 47.21 74.12
C SER K 300 -43.23 47.03 73.11
N PHE K 301 -43.39 47.67 71.96
CA PHE K 301 -42.37 47.72 70.94
C PHE K 301 -41.32 48.73 71.36
N TYR K 302 -41.77 49.76 72.08
CA TYR K 302 -40.86 50.79 72.54
C TYR K 302 -39.70 50.19 73.30
N TYR K 303 -39.99 49.25 74.19
CA TYR K 303 -38.98 48.68 75.09
C TYR K 303 -38.37 47.39 74.54
N SER K 304 -38.67 47.08 73.28
CA SER K 304 -38.19 45.84 72.68
C SER K 304 -36.80 46.02 72.07
N GLU K 305 -36.20 44.89 71.72
CA GLU K 305 -34.87 44.88 71.12
C GLU K 305 -34.92 45.40 69.69
N GLU K 306 -36.02 45.18 68.99
CA GLU K 306 -36.12 45.67 67.61
C GLU K 306 -35.96 47.18 67.62
N ASN K 307 -36.36 47.82 68.71
CA ASN K 307 -36.32 49.28 68.80
C ASN K 307 -34.94 49.85 69.14
N SER L 2 -46.14 70.83 84.41
CA SER L 2 -47.02 70.92 83.25
C SER L 2 -46.37 70.35 82.01
N PHE L 3 -47.21 69.99 81.04
CA PHE L 3 -46.73 69.44 79.78
C PHE L 3 -46.41 70.59 78.82
N SER L 4 -45.36 70.43 78.03
CA SER L 4 -45.00 71.45 77.06
C SER L 4 -44.22 70.76 75.97
N ALA L 5 -43.92 71.46 74.88
CA ALA L 5 -43.20 70.82 73.79
C ALA L 5 -41.90 70.26 74.33
N ALA L 6 -41.38 70.91 75.37
CA ALA L 6 -40.08 70.55 75.91
C ALA L 6 -40.07 69.10 76.37
N ASP L 7 -41.22 68.64 76.87
CA ASP L 7 -41.34 67.27 77.38
C ASP L 7 -41.23 66.18 76.31
N VAL L 8 -41.55 66.50 75.06
CA VAL L 8 -41.55 65.51 74.00
C VAL L 8 -40.39 65.66 73.00
N TYR L 9 -40.06 66.90 72.66
CA TYR L 9 -39.09 67.13 71.58
C TYR L 9 -37.63 67.07 72.02
N VAL L 10 -37.38 66.72 73.28
CA VAL L 10 -36.01 66.62 73.78
C VAL L 10 -35.74 65.21 74.27
N PRO L 11 -34.76 64.56 73.67
CA PRO L 11 -34.51 63.14 73.98
C PRO L 11 -34.36 62.96 75.47
N ASP L 12 -34.95 61.90 76.01
CA ASP L 12 -34.75 61.50 77.39
C ASP L 12 -33.29 61.14 77.64
N GLU L 13 -32.38 62.08 77.34
CA GLU L 13 -30.94 61.82 77.43
C GLU L 13 -30.18 63.10 77.11
N TRP L 14 -30.87 64.23 77.24
CA TRP L 14 -30.26 65.54 77.20
C TRP L 14 -30.83 66.32 78.38
N GLU L 15 -31.78 65.70 79.07
CA GLU L 15 -32.47 66.36 80.16
C GLU L 15 -31.50 66.55 81.31
N VAL L 16 -31.76 67.56 82.12
CA VAL L 16 -31.06 67.76 83.37
C VAL L 16 -32.07 68.34 84.33
N ALA L 17 -31.87 68.19 85.63
CA ALA L 17 -32.82 68.77 86.57
C ALA L 17 -32.44 70.23 86.79
N ARG L 18 -33.43 71.12 86.92
CA ARG L 18 -33.10 72.52 87.16
C ARG L 18 -32.27 72.65 88.43
N GLU L 19 -32.71 71.98 89.51
CA GLU L 19 -32.02 71.99 90.81
C GLU L 19 -30.49 71.90 90.71
N LYS L 20 -30.03 71.36 89.59
CA LYS L 20 -28.61 71.19 89.32
C LYS L 20 -28.01 72.35 88.50
N ILE L 21 -28.87 73.28 88.08
CA ILE L 21 -28.46 74.48 87.36
C ILE L 21 -28.66 75.71 88.26
N THR L 22 -27.69 76.62 88.25
CA THR L 22 -27.84 77.87 88.99
C THR L 22 -27.36 79.03 88.11
N MET L 23 -28.22 80.04 87.93
CA MET L 23 -27.87 81.15 87.07
C MET L 23 -27.45 82.30 87.93
N SER L 24 -26.43 83.02 87.50
CA SER L 24 -25.97 84.14 88.28
C SER L 24 -26.50 85.46 87.74
N ARG L 25 -25.88 86.00 86.69
CA ARG L 25 -26.30 87.28 86.14
C ARG L 25 -26.42 87.23 84.62
N GLU L 26 -27.38 87.95 84.08
CA GLU L 26 -27.57 87.95 82.63
C GLU L 26 -26.29 88.24 81.86
N LEU L 27 -26.14 87.56 80.73
CA LEU L 27 -25.07 87.82 79.77
C LEU L 27 -25.54 88.70 78.59
N GLY L 28 -26.83 88.60 78.26
CA GLY L 28 -27.42 89.43 77.22
C GLY L 28 -28.67 88.83 76.60
N GLN L 29 -29.14 89.43 75.52
CA GLN L 29 -30.36 88.99 74.84
C GLN L 29 -30.06 87.91 73.81
N GLY L 30 -30.93 86.90 73.71
CA GLY L 30 -30.66 85.79 72.82
C GLY L 30 -31.78 85.50 71.84
N SER L 31 -31.43 84.78 70.78
CA SER L 31 -32.37 84.52 69.70
C SER L 31 -33.82 84.26 70.15
N PHE L 32 -34.04 83.45 71.19
CA PHE L 32 -35.41 83.11 71.54
C PHE L 32 -35.71 83.51 72.96
N GLY L 33 -34.77 84.16 73.61
CA GLY L 33 -34.86 84.40 75.05
C GLY L 33 -33.64 85.08 75.61
N MET L 34 -33.53 85.10 76.93
CA MET L 34 -32.43 85.79 77.61
C MET L 34 -31.33 84.83 78.06
N VAL L 35 -30.08 85.19 77.86
CA VAL L 35 -29.00 84.30 78.22
C VAL L 35 -28.37 84.72 79.55
N TYR L 36 -28.13 83.74 80.42
CA TYR L 36 -27.52 83.99 81.72
C TYR L 36 -26.24 83.18 81.85
N GLU L 37 -25.35 83.65 82.70
CA GLU L 37 -24.19 82.86 83.07
C GLU L 37 -24.57 82.05 84.27
N GLY L 38 -24.02 80.85 84.36
CA GLY L 38 -24.33 80.00 85.48
C GLY L 38 -23.37 78.84 85.67
N VAL L 39 -23.69 78.02 86.65
CA VAL L 39 -22.93 76.80 86.92
C VAL L 39 -23.86 75.59 86.87
N ALA L 40 -23.45 74.60 86.09
CA ALA L 40 -24.18 73.34 86.02
C ALA L 40 -23.47 72.33 86.89
N LYS L 41 -24.10 71.96 88.00
CA LYS L 41 -23.56 70.94 88.89
C LYS L 41 -23.48 69.66 88.07
N GLY L 42 -22.37 68.95 88.15
CA GLY L 42 -22.22 67.68 87.45
C GLY L 42 -23.04 67.42 86.19
N VAL L 43 -22.49 67.82 85.03
CA VAL L 43 -23.12 67.50 83.75
C VAL L 43 -22.09 66.98 82.75
N VAL L 44 -20.81 67.15 83.09
CA VAL L 44 -19.75 66.68 82.24
C VAL L 44 -18.88 65.65 82.98
N LYS L 45 -18.31 64.72 82.24
CA LYS L 45 -17.53 63.64 82.84
C LYS L 45 -16.30 64.16 83.55
N ASP L 46 -15.96 63.48 84.65
CA ASP L 46 -14.76 63.79 85.41
C ASP L 46 -14.61 65.31 85.50
N GLU L 47 -15.72 66.00 85.77
CA GLU L 47 -15.77 67.45 85.70
C GLU L 47 -16.88 67.95 86.61
N PRO L 48 -16.53 68.13 87.91
CA PRO L 48 -17.42 68.35 89.05
C PRO L 48 -18.46 69.41 88.75
N GLU L 49 -18.00 70.62 88.43
CA GLU L 49 -18.88 71.75 88.12
C GLU L 49 -18.41 72.41 86.83
N THR L 50 -19.36 72.88 86.02
CA THR L 50 -19.03 73.50 84.75
C THR L 50 -19.59 74.90 84.61
N ARG L 51 -18.80 75.81 84.05
CA ARG L 51 -19.29 77.14 83.78
C ARG L 51 -20.05 77.08 82.49
N VAL L 52 -21.30 77.51 82.53
CA VAL L 52 -22.15 77.37 81.37
C VAL L 52 -22.90 78.66 81.10
N ALA L 53 -23.35 78.79 79.86
CA ALA L 53 -24.35 79.79 79.52
C ALA L 53 -25.74 79.13 79.53
N ILE L 54 -26.70 79.80 80.14
CA ILE L 54 -28.05 79.26 80.25
C ILE L 54 -29.03 80.19 79.57
N LYS L 55 -29.77 79.65 78.60
CA LYS L 55 -30.86 80.38 77.96
C LYS L 55 -32.19 79.99 78.59
N THR L 56 -33.02 80.99 78.90
CA THR L 56 -34.36 80.73 79.42
C THR L 56 -35.45 81.09 78.40
N VAL L 57 -36.31 80.13 78.09
CA VAL L 57 -37.36 80.37 77.13
C VAL L 57 -38.66 80.47 77.89
N ASN L 58 -39.10 81.70 78.14
CA ASN L 58 -40.25 81.91 79.00
C ASN L 58 -41.50 81.37 78.32
N GLU L 59 -42.60 81.33 79.06
CA GLU L 59 -43.83 80.76 78.54
C GLU L 59 -44.51 81.64 77.49
N ALA L 60 -44.32 82.95 77.58
CA ALA L 60 -44.91 83.85 76.60
C ALA L 60 -44.26 83.65 75.23
N ALA L 61 -43.82 82.42 74.98
CA ALA L 61 -43.25 82.03 73.71
C ALA L 61 -44.23 81.11 73.02
N SER L 62 -44.45 81.32 71.73
CA SER L 62 -45.31 80.45 70.93
C SER L 62 -44.83 79.00 71.00
N MET L 63 -45.77 78.07 70.96
CA MET L 63 -45.39 76.67 70.84
C MET L 63 -44.64 76.44 69.54
N ARG L 64 -45.04 77.17 68.50
CA ARG L 64 -44.31 77.15 67.24
C ARG L 64 -42.87 77.60 67.50
N GLU L 65 -42.70 78.71 68.21
CA GLU L 65 -41.36 79.24 68.51
C GLU L 65 -40.57 78.22 69.33
N ARG L 66 -41.22 77.58 70.29
CA ARG L 66 -40.54 76.67 71.21
C ARG L 66 -40.06 75.38 70.52
N ILE L 67 -40.77 75.00 69.47
CA ILE L 67 -40.45 73.78 68.74
C ILE L 67 -39.35 73.98 67.70
N GLU L 68 -39.29 75.16 67.10
CA GLU L 68 -38.21 75.48 66.19
C GLU L 68 -36.94 75.64 66.99
N PHE L 69 -37.08 76.31 68.13
CA PHE L 69 -35.97 76.54 69.04
C PHE L 69 -35.43 75.21 69.51
N LEU L 70 -36.34 74.27 69.63
CA LEU L 70 -36.05 73.00 70.24
C LEU L 70 -35.53 72.01 69.21
N ASN L 71 -35.74 72.32 67.93
CA ASN L 71 -35.24 71.46 66.87
C ASN L 71 -33.89 71.97 66.36
N GLU L 72 -33.65 73.26 66.55
CA GLU L 72 -32.34 73.86 66.27
C GLU L 72 -31.32 73.30 67.25
N ALA L 73 -31.75 73.07 68.48
CA ALA L 73 -30.90 72.48 69.50
C ALA L 73 -30.70 70.99 69.25
N SER L 74 -31.70 70.35 68.67
CA SER L 74 -31.62 68.94 68.37
C SER L 74 -30.45 68.64 67.44
N VAL L 75 -30.04 69.65 66.67
CA VAL L 75 -28.97 69.46 65.70
C VAL L 75 -27.58 69.63 66.34
N MET L 76 -27.48 70.49 67.35
CA MET L 76 -26.28 70.59 68.17
C MET L 76 -25.92 69.22 68.68
N LYS L 77 -26.82 68.66 69.46
CA LYS L 77 -26.68 67.32 70.02
C LYS L 77 -25.63 66.49 69.29
N GLU L 78 -25.90 66.22 68.01
CA GLU L 78 -24.94 65.56 67.14
C GLU L 78 -23.49 65.95 67.43
N PHE L 79 -23.17 67.23 67.25
CA PHE L 79 -21.79 67.73 67.28
C PHE L 79 -21.08 67.62 68.60
N ASN L 80 -19.98 66.91 68.54
CA ASN L 80 -19.11 66.74 69.67
C ASN L 80 -17.65 67.01 69.38
N CYS L 81 -17.35 68.26 69.08
CA CYS L 81 -15.99 68.61 68.74
C CYS L 81 -15.43 69.58 69.75
N HIS L 82 -14.13 69.54 69.97
CA HIS L 82 -13.52 70.46 70.90
C HIS L 82 -13.59 71.91 70.40
N HIS L 83 -13.74 72.09 69.10
CA HIS L 83 -13.72 73.44 68.52
C HIS L 83 -15.10 73.87 68.04
N VAL L 84 -16.12 73.18 68.53
CA VAL L 84 -17.52 73.55 68.33
C VAL L 84 -18.16 73.73 69.70
N VAL L 85 -18.72 74.91 69.94
CA VAL L 85 -19.41 75.16 71.19
C VAL L 85 -20.41 74.04 71.45
N ARG L 86 -20.33 73.44 72.63
CA ARG L 86 -21.07 72.20 72.93
C ARG L 86 -22.40 72.49 73.58
N LEU L 87 -23.36 71.61 73.34
CA LEU L 87 -24.63 71.67 74.02
C LEU L 87 -24.57 70.65 75.13
N LEU L 88 -24.67 71.13 76.37
CA LEU L 88 -24.55 70.23 77.51
C LEU L 88 -25.88 69.55 77.80
N GLY L 89 -26.98 70.17 77.41
CA GLY L 89 -28.29 69.61 77.63
C GLY L 89 -29.38 70.66 77.69
N VAL L 90 -30.57 70.24 78.11
CA VAL L 90 -31.70 71.14 78.23
C VAL L 90 -32.62 70.71 79.38
N VAL L 91 -32.97 71.65 80.25
CA VAL L 91 -33.91 71.39 81.34
C VAL L 91 -35.34 71.44 80.81
N SER L 92 -36.07 70.33 80.92
CA SER L 92 -37.36 70.20 80.27
C SER L 92 -38.55 70.31 81.22
N GLN L 93 -38.42 69.73 82.41
CA GLN L 93 -39.50 69.74 83.40
C GLN L 93 -39.53 71.05 84.17
N GLY L 94 -40.35 71.99 83.72
CA GLY L 94 -40.41 73.30 84.35
C GLY L 94 -41.09 74.37 83.55
N GLN L 95 -41.21 75.55 84.15
CA GLN L 95 -41.90 76.68 83.55
C GLN L 95 -41.09 77.33 82.43
N PRO L 96 -39.84 77.72 82.75
CA PRO L 96 -38.91 78.23 81.72
C PRO L 96 -37.96 77.14 81.24
N THR L 97 -38.19 76.62 80.06
CA THR L 97 -37.28 75.65 79.50
C THR L 97 -35.86 76.25 79.46
N LEU L 98 -34.88 75.53 80.00
CA LEU L 98 -33.50 76.02 79.97
C LEU L 98 -32.68 75.32 78.89
N VAL L 99 -31.75 76.04 78.29
CA VAL L 99 -30.80 75.39 77.39
C VAL L 99 -29.39 75.66 77.88
N ILE L 100 -28.63 74.60 78.14
CA ILE L 100 -27.29 74.73 78.71
C ILE L 100 -26.21 74.58 77.64
N MET L 101 -25.50 75.68 77.39
CA MET L 101 -24.39 75.68 76.46
C MET L 101 -23.09 75.89 77.21
N GLU L 102 -22.01 75.33 76.67
CA GLU L 102 -20.72 75.54 77.31
C GLU L 102 -20.40 77.02 77.26
N LEU L 103 -19.78 77.52 78.34
CA LEU L 103 -19.53 78.96 78.50
C LEU L 103 -18.32 79.40 77.69
N MET L 104 -18.45 80.53 77.01
CA MET L 104 -17.36 81.10 76.25
C MET L 104 -17.13 82.50 76.75
N THR L 105 -16.32 82.60 77.80
CA THR L 105 -16.22 83.80 78.62
C THR L 105 -15.83 85.08 77.88
N ARG L 106 -15.09 84.96 76.79
CA ARG L 106 -14.64 86.16 76.08
C ARG L 106 -15.53 86.57 74.90
N GLY L 107 -16.73 86.01 74.83
CA GLY L 107 -17.72 86.41 73.84
C GLY L 107 -17.39 86.05 72.40
N ASP L 108 -18.01 86.75 71.46
CA ASP L 108 -17.84 86.41 70.07
C ASP L 108 -16.54 86.98 69.48
N LEU L 109 -16.00 86.23 68.52
CA LEU L 109 -14.72 86.53 67.90
C LEU L 109 -14.72 87.89 67.23
N LYS L 110 -15.90 88.32 66.79
CA LYS L 110 -15.97 89.60 66.09
C LYS L 110 -15.72 90.72 67.08
N SER L 111 -16.37 90.64 68.24
CA SER L 111 -16.25 91.69 69.23
C SER L 111 -14.89 91.59 69.88
N TYR L 112 -14.43 90.36 70.06
CA TYR L 112 -13.12 90.12 70.65
C TYR L 112 -12.03 90.78 69.82
N LEU L 113 -12.08 90.59 68.51
CA LEU L 113 -11.11 91.21 67.62
C LEU L 113 -11.15 92.72 67.78
N ARG L 114 -12.35 93.29 67.77
CA ARG L 114 -12.49 94.73 67.89
C ARG L 114 -11.90 95.28 69.19
N SER L 115 -11.91 94.48 70.26
CA SER L 115 -11.38 94.92 71.54
C SER L 115 -9.87 95.07 71.47
N LEU L 116 -9.28 94.36 70.52
CA LEU L 116 -7.84 94.37 70.32
C LEU L 116 -7.29 95.60 69.59
N ARG L 117 -8.16 96.49 69.15
CA ARG L 117 -7.71 97.74 68.55
C ARG L 117 -7.41 98.76 69.65
N PRO L 118 -6.39 99.60 69.45
CA PRO L 118 -5.99 100.64 70.40
C PRO L 118 -7.06 101.72 70.56
N ALA L 127 1.59 94.47 69.32
CA ALA L 127 0.14 94.53 69.18
C ALA L 127 -0.44 93.28 68.51
N PRO L 128 -1.55 92.76 69.07
CA PRO L 128 -2.23 91.57 68.55
C PRO L 128 -2.87 91.81 67.18
N PRO L 129 -3.08 90.73 66.43
CA PRO L 129 -2.45 89.51 66.88
C PRO L 129 -1.14 89.28 66.12
N SER L 130 -0.25 88.45 66.67
CA SER L 130 0.93 88.01 65.95
C SER L 130 0.53 86.89 65.03
N LEU L 131 1.37 86.60 64.02
CA LEU L 131 1.06 85.56 63.04
C LEU L 131 0.70 84.28 63.74
N SER L 132 1.41 83.96 64.82
CA SER L 132 1.13 82.73 65.55
C SER L 132 -0.29 82.71 66.11
N LYS L 133 -0.66 83.78 66.82
CA LYS L 133 -1.98 83.85 67.43
C LYS L 133 -3.05 83.64 66.37
N MET L 134 -2.84 84.23 65.20
CA MET L 134 -3.82 84.14 64.13
C MET L 134 -3.93 82.72 63.61
N ILE L 135 -2.80 82.15 63.22
CA ILE L 135 -2.77 80.78 62.75
C ILE L 135 -3.53 79.91 63.73
N GLN L 136 -3.34 80.19 65.02
CA GLN L 136 -3.96 79.40 66.08
C GLN L 136 -5.45 79.42 65.87
N MET L 137 -5.98 80.64 65.72
CA MET L 137 -7.40 80.85 65.48
C MET L 137 -7.86 80.22 64.17
N ALA L 138 -7.06 80.36 63.13
CA ALA L 138 -7.46 79.88 61.82
C ALA L 138 -7.58 78.38 61.84
N GLY L 139 -6.69 77.74 62.60
CA GLY L 139 -6.64 76.30 62.64
C GLY L 139 -7.74 75.75 63.50
N GLU L 140 -8.15 76.53 64.49
CA GLU L 140 -9.17 76.08 65.43
C GLU L 140 -10.55 76.17 64.79
N ILE L 141 -10.76 77.22 64.01
CA ILE L 141 -12.01 77.41 63.28
C ILE L 141 -12.04 76.36 62.20
N ALA L 142 -10.95 76.26 61.47
CA ALA L 142 -10.84 75.30 60.39
C ALA L 142 -11.21 73.91 60.90
N ASP L 143 -10.73 73.57 62.09
CA ASP L 143 -10.87 72.21 62.64
C ASP L 143 -12.32 71.91 62.92
N GLY L 144 -13.00 72.86 63.54
CA GLY L 144 -14.42 72.74 63.80
C GLY L 144 -15.23 72.65 62.53
N MET L 145 -14.85 73.45 61.53
CA MET L 145 -15.51 73.37 60.23
C MET L 145 -15.24 72.06 59.48
N ALA L 146 -14.05 71.49 59.66
CA ALA L 146 -13.74 70.24 59.02
C ALA L 146 -14.60 69.15 59.65
N TYR L 147 -14.93 69.35 60.93
CA TYR L 147 -15.75 68.41 61.68
C TYR L 147 -17.18 68.48 61.22
N LEU L 148 -17.72 69.70 61.19
CA LEU L 148 -19.01 69.93 60.57
C LEU L 148 -19.14 69.26 59.22
N ASN L 149 -18.18 69.50 58.32
CA ASN L 149 -18.32 69.05 56.93
C ASN L 149 -18.15 67.55 56.84
N ALA L 150 -17.52 66.98 57.85
CA ALA L 150 -17.32 65.53 57.88
C ALA L 150 -18.64 64.84 58.21
N ASN L 151 -19.44 65.47 59.07
CA ASN L 151 -20.76 64.93 59.44
C ASN L 151 -21.86 65.40 58.48
N LYS L 152 -21.44 65.91 57.32
CA LYS L 152 -22.33 66.26 56.21
C LYS L 152 -23.25 67.46 56.47
N PHE L 153 -22.67 68.50 57.04
CA PHE L 153 -23.39 69.75 57.30
C PHE L 153 -22.71 70.93 56.63
N VAL L 154 -23.51 71.85 56.10
CA VAL L 154 -23.00 73.12 55.63
C VAL L 154 -23.38 74.15 56.66
N HIS L 155 -22.44 75.02 57.00
CA HIS L 155 -22.68 76.03 57.99
C HIS L 155 -23.48 77.17 57.33
N ARG L 156 -23.00 77.61 56.19
CA ARG L 156 -23.64 78.65 55.39
C ARG L 156 -23.42 80.03 56.00
N ASP L 157 -23.20 80.08 57.30
CA ASP L 157 -23.26 81.34 58.01
C ASP L 157 -21.92 81.71 58.61
N LEU L 158 -20.87 81.02 58.21
CA LEU L 158 -19.58 81.17 58.89
C LEU L 158 -19.03 82.60 58.80
N ALA L 159 -18.93 83.25 59.96
CA ALA L 159 -18.30 84.56 60.06
C ALA L 159 -17.74 84.72 61.45
N ALA L 160 -17.04 85.82 61.67
CA ALA L 160 -16.41 86.04 62.96
C ALA L 160 -17.46 86.12 64.06
N ARG L 161 -18.54 86.84 63.79
CA ARG L 161 -19.58 87.06 64.79
C ARG L 161 -20.23 85.77 65.29
N ASN L 162 -19.95 84.66 64.61
CA ASN L 162 -20.54 83.37 64.94
C ASN L 162 -19.55 82.46 65.63
N CYS L 163 -18.32 82.94 65.76
CA CYS L 163 -17.26 82.22 66.45
C CYS L 163 -17.06 82.81 67.86
N MET L 164 -16.97 81.94 68.85
CA MET L 164 -16.82 82.39 70.23
C MET L 164 -15.37 82.21 70.70
N VAL L 165 -15.03 82.91 71.77
CA VAL L 165 -13.70 82.81 72.35
C VAL L 165 -13.77 82.44 73.83
N ALA L 166 -13.08 81.36 74.19
CA ALA L 166 -13.13 80.80 75.53
C ALA L 166 -12.20 81.56 76.45
N GLU L 167 -12.30 81.26 77.74
CA GLU L 167 -11.38 81.81 78.72
C GLU L 167 -9.90 81.66 78.30
N ASP L 168 -9.55 80.49 77.76
CA ASP L 168 -8.19 80.20 77.36
C ASP L 168 -7.90 80.68 75.93
N PHE L 169 -8.78 81.53 75.44
CA PHE L 169 -8.62 82.16 74.12
C PHE L 169 -8.84 81.22 72.94
N THR L 170 -9.20 79.97 73.20
CA THR L 170 -9.52 79.04 72.13
C THR L 170 -10.78 79.49 71.41
N VAL L 171 -10.73 79.49 70.09
CA VAL L 171 -11.86 79.91 69.29
C VAL L 171 -12.68 78.68 68.88
N LYS L 172 -13.99 78.86 68.75
CA LYS L 172 -14.87 77.75 68.42
C LYS L 172 -16.02 78.18 67.50
N ILE L 173 -16.48 77.24 66.67
CA ILE L 173 -17.69 77.43 65.87
C ILE L 173 -18.91 77.42 66.76
N GLY L 174 -19.86 78.30 66.47
CA GLY L 174 -20.86 78.64 67.48
C GLY L 174 -22.33 78.59 67.15
N ASP L 175 -22.73 79.07 65.99
CA ASP L 175 -24.15 79.31 65.76
C ASP L 175 -24.64 78.55 64.54
N PHE L 176 -25.57 77.61 64.75
CA PHE L 176 -26.02 76.74 63.66
C PHE L 176 -27.50 76.84 63.35
N GLY L 177 -28.08 78.03 63.43
CA GLY L 177 -29.48 78.20 63.10
C GLY L 177 -29.70 78.10 61.61
N MET L 178 -28.63 78.36 60.86
CA MET L 178 -28.75 78.45 59.42
C MET L 178 -28.12 77.25 58.70
N THR L 179 -27.56 76.29 59.45
CA THR L 179 -26.83 75.21 58.80
C THR L 179 -27.75 74.09 58.32
N ARG L 180 -27.36 73.40 57.25
CA ARG L 180 -28.22 72.40 56.66
C ARG L 180 -27.48 71.09 56.47
N ASP L 181 -28.23 69.98 56.52
CA ASP L 181 -27.69 68.63 56.32
C ASP L 181 -27.51 68.43 54.83
N ILE L 182 -26.45 67.71 54.44
CA ILE L 182 -26.22 67.44 53.02
C ILE L 182 -25.85 66.00 52.68
N PTR L 183 -26.09 65.03 53.56
CA PTR L 183 -25.96 63.63 53.15
C PTR L 183 -26.91 63.41 51.97
O PTR L 183 -28.11 63.75 52.04
CB PTR L 183 -26.29 62.64 54.29
CG PTR L 183 -26.11 61.15 53.94
CD1 PTR L 183 -26.14 60.71 52.61
CD2 PTR L 183 -25.94 60.19 54.93
CE1 PTR L 183 -25.99 59.35 52.30
CE2 PTR L 183 -25.80 58.83 54.62
CZ PTR L 183 -25.82 58.42 53.30
OH PTR L 183 -25.68 57.08 52.98
N GLU L 184 -26.39 62.83 50.90
CA GLU L 184 -27.10 62.77 49.63
C GLU L 184 -27.31 64.19 49.18
N THR L 185 -26.71 64.56 48.05
CA THR L 185 -26.71 65.90 47.45
C THR L 185 -25.37 66.62 47.57
N ASP L 186 -24.90 66.76 48.81
CA ASP L 186 -23.68 67.53 49.06
C ASP L 186 -23.88 68.99 48.68
N PTR L 187 -25.11 69.47 48.73
CA PTR L 187 -25.39 70.88 48.59
C PTR L 187 -26.76 71.21 49.15
O PTR L 187 -27.64 70.35 49.28
CB PTR L 187 -25.29 71.36 47.14
CG PTR L 187 -26.41 70.90 46.24
CD1 PTR L 187 -26.39 69.64 45.63
CD2 PTR L 187 -27.50 71.71 45.99
CE1 PTR L 187 -27.42 69.22 44.79
CE2 PTR L 187 -28.54 71.31 45.17
CZ PTR L 187 -28.49 70.07 44.56
OH PTR L 187 -29.43 69.67 43.84
P PTR L 187 -30.10 70.51 42.64
O1P PTR L 187 -30.84 71.68 43.18
O2P PTR L 187 -29.04 71.02 41.62
O3P PTR L 187 -31.09 69.58 41.91
N PTR L 188 -26.93 72.48 49.47
CA PTR L 188 -28.23 72.99 49.82
C PTR L 188 -28.59 74.18 48.95
O PTR L 188 -27.81 75.12 48.83
CB PTR L 188 -28.16 73.49 51.25
CG PTR L 188 -29.47 74.12 51.70
CD1 PTR L 188 -30.62 73.38 51.99
CD2 PTR L 188 -29.60 75.50 51.74
CE1 PTR L 188 -31.84 74.01 52.37
CE2 PTR L 188 -30.79 76.11 52.12
CZ PTR L 188 -31.91 75.39 52.43
OH PTR L 188 -32.87 76.14 52.73
P PTR L 188 -34.36 75.61 53.16
O1P PTR L 188 -35.34 76.69 53.10
O2P PTR L 188 -34.47 75.15 54.66
O3P PTR L 188 -34.93 74.47 52.24
N ARG L 189 -29.79 74.14 48.34
CA ARG L 189 -30.25 75.24 47.49
C ARG L 189 -31.47 75.92 48.11
N LYS L 190 -31.35 77.22 48.44
CA LYS L 190 -32.45 78.00 49.03
C LYS L 190 -33.40 78.49 47.95
N GLY L 191 -34.69 78.19 48.11
CA GLY L 191 -35.70 78.60 47.16
C GLY L 191 -36.15 80.04 47.33
N GLY L 192 -36.68 80.37 48.50
CA GLY L 192 -37.25 81.69 48.74
C GLY L 192 -36.26 82.75 49.17
N LYS L 193 -36.74 83.71 49.95
CA LYS L 193 -35.91 84.81 50.42
C LYS L 193 -34.94 84.36 51.49
N GLY L 194 -33.73 84.93 51.43
CA GLY L 194 -32.68 84.61 52.37
C GLY L 194 -32.15 85.88 52.96
N LEU L 195 -31.71 85.78 54.22
CA LEU L 195 -31.27 86.95 54.94
C LEU L 195 -29.79 86.89 55.32
N LEU L 196 -29.07 85.91 54.79
CA LEU L 196 -27.63 85.85 55.06
C LEU L 196 -26.95 87.10 54.53
N PRO L 197 -25.99 87.65 55.29
CA PRO L 197 -25.20 88.82 54.88
C PRO L 197 -24.41 88.47 53.63
N VAL L 198 -24.57 89.27 52.58
CA VAL L 198 -23.93 88.96 51.30
C VAL L 198 -22.40 89.06 51.33
N ARG L 199 -21.85 89.86 52.24
CA ARG L 199 -20.41 90.05 52.27
C ARG L 199 -19.65 88.80 52.68
N TRP L 200 -20.36 87.75 53.07
CA TRP L 200 -19.71 86.50 53.42
C TRP L 200 -20.06 85.40 52.45
N MET L 201 -20.89 85.72 51.46
CA MET L 201 -21.36 84.72 50.49
C MET L 201 -20.42 84.54 49.31
N SER L 202 -20.32 83.29 48.87
CA SER L 202 -19.51 82.93 47.73
C SER L 202 -20.20 83.38 46.46
N PRO L 203 -19.42 83.62 45.41
CA PRO L 203 -19.98 83.97 44.10
C PRO L 203 -21.11 83.02 43.70
N GLU L 204 -20.92 81.72 43.82
CA GLU L 204 -21.94 80.75 43.37
C GLU L 204 -23.19 80.81 44.22
N SER L 205 -23.01 81.06 45.51
CA SER L 205 -24.16 81.17 46.41
C SER L 205 -24.97 82.42 46.06
N LEU L 206 -24.29 83.52 45.79
CA LEU L 206 -24.94 84.76 45.39
C LEU L 206 -25.75 84.57 44.11
N LYS L 207 -25.20 83.79 43.20
CA LYS L 207 -25.77 83.67 41.86
C LYS L 207 -26.98 82.73 41.80
N ASP L 208 -26.88 81.59 42.47
CA ASP L 208 -27.85 80.50 42.34
C ASP L 208 -28.41 79.97 43.67
N GLY L 209 -27.97 80.57 44.78
CA GLY L 209 -28.43 80.17 46.11
C GLY L 209 -27.93 78.79 46.50
N VAL L 210 -26.79 78.40 45.95
CA VAL L 210 -26.21 77.07 46.13
C VAL L 210 -25.20 77.06 47.28
N PHE L 211 -25.36 76.14 48.23
CA PHE L 211 -24.45 76.05 49.36
C PHE L 211 -23.80 74.68 49.55
N THR L 212 -22.47 74.66 49.62
CA THR L 212 -21.69 73.44 49.74
C THR L 212 -20.56 73.67 50.72
N THR L 213 -19.73 72.66 50.95
CA THR L 213 -18.55 72.86 51.80
C THR L 213 -17.67 73.93 51.17
N TYR L 214 -17.57 73.88 49.84
CA TYR L 214 -16.77 74.84 49.09
C TYR L 214 -17.17 76.30 49.38
N SER L 215 -18.47 76.54 49.54
CA SER L 215 -18.95 77.89 49.83
C SER L 215 -18.60 78.30 51.26
N ASP L 216 -18.56 77.32 52.17
CA ASP L 216 -18.10 77.57 53.53
C ASP L 216 -16.64 78.02 53.54
N VAL L 217 -15.81 77.31 52.81
CA VAL L 217 -14.40 77.66 52.72
C VAL L 217 -14.27 79.14 52.31
N TRP L 218 -15.05 79.53 51.31
CA TRP L 218 -15.06 80.92 50.89
C TRP L 218 -15.28 81.80 52.12
N SER L 219 -16.36 81.52 52.84
CA SER L 219 -16.70 82.27 54.05
C SER L 219 -15.57 82.22 55.06
N PHE L 220 -14.94 81.06 55.21
CA PHE L 220 -13.80 80.90 56.08
C PHE L 220 -12.69 81.88 55.68
N GLY L 221 -12.47 81.97 54.37
CA GLY L 221 -11.52 82.92 53.84
C GLY L 221 -11.80 84.35 54.28
N VAL L 222 -13.08 84.68 54.37
CA VAL L 222 -13.47 86.02 54.81
C VAL L 222 -13.17 86.22 56.29
N VAL L 223 -13.41 85.21 57.11
CA VAL L 223 -13.17 85.40 58.54
C VAL L 223 -11.69 85.51 58.83
N LEU L 224 -10.84 84.89 58.01
CA LEU L 224 -9.40 85.09 58.10
C LEU L 224 -9.12 86.56 57.84
N TRP L 225 -9.84 87.11 56.85
CA TRP L 225 -9.69 88.51 56.51
C TRP L 225 -10.10 89.40 57.68
N GLU L 226 -11.12 88.97 58.43
CA GLU L 226 -11.60 89.73 59.56
C GLU L 226 -10.58 89.69 60.68
N ILE L 227 -10.03 88.50 60.92
CA ILE L 227 -8.97 88.33 61.91
C ILE L 227 -7.81 89.26 61.58
N ALA L 228 -7.41 89.26 60.32
CA ALA L 228 -6.28 90.07 59.87
C ALA L 228 -6.52 91.58 60.01
N THR L 229 -7.79 91.99 59.97
CA THR L 229 -8.10 93.41 60.01
C THR L 229 -8.61 93.88 61.37
N LEU L 230 -8.73 92.96 62.32
CA LEU L 230 -9.39 93.25 63.58
C LEU L 230 -10.86 93.61 63.33
N ALA L 231 -11.50 92.78 62.51
CA ALA L 231 -12.94 92.84 62.31
C ALA L 231 -13.39 94.15 61.67
N GLU L 232 -12.82 94.48 60.53
CA GLU L 232 -13.38 95.55 59.72
C GLU L 232 -14.53 94.99 58.88
N GLN L 233 -15.22 95.86 58.17
CA GLN L 233 -16.33 95.43 57.34
C GLN L 233 -15.77 95.04 56.00
N PRO L 234 -15.96 93.78 55.62
CA PRO L 234 -15.51 93.36 54.28
C PRO L 234 -16.14 94.28 53.22
N TYR L 235 -15.35 94.63 52.20
CA TYR L 235 -15.84 95.48 51.10
C TYR L 235 -16.44 96.78 51.61
N GLN L 236 -15.88 97.31 52.68
CA GLN L 236 -16.27 98.62 53.15
C GLN L 236 -16.12 99.60 52.01
N GLY L 237 -17.14 100.43 51.83
CA GLY L 237 -17.11 101.39 50.73
C GLY L 237 -18.01 100.95 49.59
N LEU L 238 -18.38 99.67 49.59
CA LEU L 238 -19.35 99.15 48.64
C LEU L 238 -20.67 98.85 49.33
N SER L 239 -21.77 99.12 48.63
CA SER L 239 -23.09 98.78 49.13
C SER L 239 -23.35 97.30 48.90
N ASN L 240 -24.22 96.69 49.71
CA ASN L 240 -24.63 95.32 49.44
C ASN L 240 -24.88 95.20 47.96
N GLU L 241 -25.67 96.14 47.45
CA GLU L 241 -25.87 96.28 46.00
C GLU L 241 -24.59 96.09 45.18
N GLN L 242 -23.57 96.89 45.49
CA GLN L 242 -22.30 96.86 44.77
C GLN L 242 -21.52 95.57 45.02
N VAL L 243 -21.53 95.08 46.27
CA VAL L 243 -20.78 93.87 46.67
C VAL L 243 -21.30 92.69 45.88
N LEU L 244 -22.61 92.52 45.89
CA LEU L 244 -23.26 91.51 45.08
C LEU L 244 -22.60 91.47 43.71
N ARG L 245 -22.63 92.58 42.98
CA ARG L 245 -22.15 92.59 41.60
C ARG L 245 -20.66 92.32 41.56
N PHE L 246 -19.93 92.93 42.48
CA PHE L 246 -18.46 92.94 42.52
C PHE L 246 -17.83 91.57 42.76
N VAL L 247 -18.42 90.80 43.68
CA VAL L 247 -17.92 89.47 43.98
C VAL L 247 -18.22 88.49 42.85
N MET L 248 -19.43 88.58 42.30
CA MET L 248 -19.90 87.60 41.31
C MET L 248 -19.07 87.64 40.04
N GLU L 249 -18.51 88.80 39.74
CA GLU L 249 -17.73 88.99 38.52
C GLU L 249 -16.22 88.73 38.72
N GLY L 250 -15.82 88.43 39.95
CA GLY L 250 -14.45 88.03 40.21
C GLY L 250 -13.67 88.94 41.15
N GLY L 251 -14.35 89.95 41.70
CA GLY L 251 -13.73 90.83 42.66
C GLY L 251 -13.18 90.06 43.86
N LEU L 252 -12.21 90.67 44.54
CA LEU L 252 -11.65 90.10 45.76
C LEU L 252 -11.31 91.18 46.77
N LEU L 253 -11.41 90.83 48.04
CA LEU L 253 -10.98 91.72 49.11
C LEU L 253 -9.49 92.01 48.93
N ASP L 254 -9.05 93.18 49.35
CA ASP L 254 -7.65 93.52 49.20
C ASP L 254 -6.86 93.10 50.42
N LYS L 255 -5.67 92.58 50.17
CA LYS L 255 -4.78 92.23 51.24
C LYS L 255 -4.79 93.35 52.26
N PRO L 256 -5.00 93.00 53.55
CA PRO L 256 -5.04 93.97 54.64
C PRO L 256 -3.67 94.59 54.89
N ASP L 257 -3.66 95.88 55.24
CA ASP L 257 -2.44 96.55 55.67
C ASP L 257 -1.75 95.73 56.76
N ASN L 258 -0.48 95.43 56.53
CA ASN L 258 0.34 94.82 57.57
C ASN L 258 0.11 93.32 57.72
N CYS L 259 -0.83 92.80 56.94
CA CYS L 259 -1.12 91.37 56.95
C CYS L 259 0.12 90.55 56.63
N PRO L 260 0.29 89.41 57.31
CA PRO L 260 1.36 88.48 56.91
C PRO L 260 1.11 87.94 55.51
N ASP L 261 2.16 87.81 54.71
CA ASP L 261 2.05 87.31 53.33
C ASP L 261 1.34 85.97 53.27
N MET L 262 1.55 85.16 54.31
CA MET L 262 1.04 83.79 54.36
C MET L 262 -0.46 83.73 54.58
N LEU L 263 -0.93 84.59 55.47
CA LEU L 263 -2.32 84.62 55.85
C LEU L 263 -3.15 85.03 54.64
N PHE L 264 -2.68 86.03 53.91
CA PHE L 264 -3.43 86.53 52.78
C PHE L 264 -3.40 85.55 51.62
N GLU L 265 -2.35 84.74 51.57
CA GLU L 265 -2.16 83.84 50.44
C GLU L 265 -3.17 82.72 50.60
N LEU L 266 -3.47 82.44 51.87
CA LEU L 266 -4.43 81.41 52.24
C LEU L 266 -5.83 81.87 51.82
N MET L 267 -6.18 83.11 52.16
CA MET L 267 -7.42 83.73 51.67
C MET L 267 -7.54 83.56 50.15
N ARG L 268 -6.46 83.85 49.43
CA ARG L 268 -6.50 83.78 47.97
C ARG L 268 -6.93 82.40 47.49
N MET L 269 -6.65 81.40 48.32
CA MET L 269 -6.94 80.02 47.98
C MET L 269 -8.40 79.72 48.28
N CYS L 270 -8.90 80.25 49.40
CA CYS L 270 -10.30 80.05 49.74
C CYS L 270 -11.17 80.80 48.74
N TRP L 271 -10.59 81.79 48.08
CA TRP L 271 -11.41 82.63 47.22
C TRP L 271 -11.28 82.28 45.74
N GLN L 272 -10.75 81.10 45.43
CA GLN L 272 -10.73 80.63 44.05
C GLN L 272 -12.14 80.76 43.53
N TYR L 273 -12.31 81.22 42.30
CA TYR L 273 -13.67 81.42 41.80
C TYR L 273 -14.39 80.09 41.59
N ASN L 274 -13.71 79.14 40.96
CA ASN L 274 -14.28 77.79 40.79
C ASN L 274 -14.21 77.03 42.10
N PRO L 275 -15.37 76.65 42.64
CA PRO L 275 -15.40 76.08 43.99
C PRO L 275 -14.56 74.82 44.16
N LYS L 276 -14.35 74.05 43.10
CA LYS L 276 -13.58 72.82 43.21
C LYS L 276 -12.07 73.01 43.34
N MET L 277 -11.61 74.23 43.10
CA MET L 277 -10.19 74.56 43.12
C MET L 277 -9.76 75.11 44.49
N ARG L 278 -10.72 75.19 45.40
CA ARG L 278 -10.46 75.66 46.75
C ARG L 278 -9.90 74.53 47.61
N PRO L 279 -9.19 74.87 48.69
CA PRO L 279 -8.75 73.85 49.63
C PRO L 279 -9.92 73.34 50.47
N SER L 280 -9.87 72.08 50.87
CA SER L 280 -10.77 71.58 51.91
C SER L 280 -10.33 72.13 53.28
N PHE L 281 -11.13 71.91 54.32
CA PHE L 281 -10.73 72.34 55.66
C PHE L 281 -9.59 71.49 56.18
N LEU L 282 -9.56 70.24 55.74
CA LEU L 282 -8.47 69.34 56.09
C LEU L 282 -7.16 69.78 55.47
N GLU L 283 -7.18 70.17 54.20
CA GLU L 283 -5.99 70.71 53.57
C GLU L 283 -5.48 71.95 54.30
N ILE L 284 -6.39 72.86 54.66
CA ILE L 284 -6.00 74.10 55.33
C ILE L 284 -5.28 73.79 56.62
N ILE L 285 -5.86 72.88 57.41
CA ILE L 285 -5.28 72.53 58.70
C ILE L 285 -3.92 71.89 58.48
N SER L 286 -3.85 70.97 57.53
CA SER L 286 -2.63 70.24 57.23
C SER L 286 -1.48 71.18 56.89
N SER L 287 -1.78 72.31 56.27
CA SER L 287 -0.75 73.26 55.88
C SER L 287 -0.22 74.06 57.05
N ILE L 288 -0.97 74.13 58.15
CA ILE L 288 -0.53 74.91 59.29
C ILE L 288 -0.40 74.08 60.57
N LYS L 289 -0.63 72.77 60.46
CA LYS L 289 -0.71 71.92 61.65
C LYS L 289 0.50 72.01 62.58
N GLU L 290 1.69 71.98 61.99
CA GLU L 290 2.93 72.07 62.76
C GLU L 290 3.14 73.46 63.37
N GLU L 291 2.28 74.42 63.01
CA GLU L 291 2.40 75.76 63.56
C GLU L 291 1.47 76.01 64.74
N MET L 292 0.63 75.03 65.04
CA MET L 292 -0.35 75.14 66.12
C MET L 292 0.32 74.88 67.47
N GLU L 293 -0.27 75.41 68.54
CA GLU L 293 0.22 75.10 69.89
C GLU L 293 0.03 73.59 70.14
N PRO L 294 0.92 72.99 70.94
CA PRO L 294 1.00 71.54 71.15
C PRO L 294 -0.33 70.86 71.51
N GLY L 295 -1.21 71.54 72.23
CA GLY L 295 -2.45 70.93 72.70
C GLY L 295 -3.27 70.34 71.58
N PHE L 296 -3.14 70.93 70.40
CA PHE L 296 -3.92 70.55 69.23
C PHE L 296 -4.04 69.05 69.00
N ARG L 297 -2.92 68.36 68.91
CA ARG L 297 -2.91 66.93 68.62
C ARG L 297 -3.92 66.12 69.44
N GLU L 298 -4.16 66.53 70.68
CA GLU L 298 -4.95 65.72 71.61
C GLU L 298 -6.40 66.14 71.70
N VAL L 299 -6.72 67.28 71.10
CA VAL L 299 -8.05 67.85 71.24
C VAL L 299 -8.75 68.05 69.91
N SER L 300 -7.98 68.03 68.83
CA SER L 300 -8.49 68.36 67.50
C SER L 300 -9.21 67.21 66.84
N PHE L 301 -10.17 67.55 65.97
CA PHE L 301 -10.83 66.55 65.14
C PHE L 301 -9.84 66.01 64.12
N TYR L 302 -8.91 66.87 63.71
CA TYR L 302 -7.97 66.52 62.66
C TYR L 302 -7.19 65.27 63.02
N TYR L 303 -6.55 65.27 64.18
CA TYR L 303 -5.78 64.13 64.66
C TYR L 303 -6.60 63.07 65.41
N SER L 304 -7.90 63.00 65.18
CA SER L 304 -8.74 62.07 65.93
C SER L 304 -9.07 60.80 65.13
N GLU L 305 -9.58 59.79 65.82
CA GLU L 305 -9.89 58.51 65.18
C GLU L 305 -11.00 58.71 64.15
N GLU L 306 -11.96 59.56 64.47
CA GLU L 306 -13.03 59.90 63.54
C GLU L 306 -12.46 60.20 62.15
N ASN L 307 -11.39 61.00 62.11
CA ASN L 307 -10.82 61.48 60.84
C ASN L 307 -10.07 60.40 60.05
N SER M 2 8.83 80.33 51.55
CA SER M 2 7.56 81.03 51.77
C SER M 2 6.36 80.11 51.55
N PHE M 3 5.21 80.58 52.01
CA PHE M 3 3.96 79.83 51.91
C PHE M 3 3.41 79.92 50.49
N SER M 4 2.94 78.79 49.96
CA SER M 4 2.36 78.74 48.62
C SER M 4 1.28 77.67 48.52
N ALA M 5 0.59 77.63 47.39
CA ALA M 5 -0.39 76.58 47.12
C ALA M 5 0.21 75.20 47.38
N ALA M 6 1.47 75.02 47.03
CA ALA M 6 2.14 73.74 47.20
C ALA M 6 2.13 73.29 48.65
N ASP M 7 2.03 74.24 49.57
CA ASP M 7 2.04 73.93 51.00
C ASP M 7 0.76 73.28 51.48
N VAL M 8 -0.35 73.63 50.82
CA VAL M 8 -1.68 73.17 51.22
C VAL M 8 -2.33 72.11 50.33
N TYR M 9 -2.01 72.12 49.04
CA TYR M 9 -2.73 71.27 48.08
C TYR M 9 -2.13 69.87 47.88
N VAL M 10 -1.02 69.58 48.55
CA VAL M 10 -0.41 68.25 48.48
C VAL M 10 -0.23 67.66 49.87
N PRO M 11 -0.57 66.37 50.01
CA PRO M 11 -0.45 65.65 51.27
C PRO M 11 1.04 65.51 51.61
N ASP M 12 1.46 66.04 52.75
CA ASP M 12 2.87 66.04 53.16
C ASP M 12 3.49 64.61 53.16
N GLU M 13 2.71 63.65 52.65
CA GLU M 13 3.16 62.27 52.47
C GLU M 13 3.59 62.00 51.04
N TRP M 14 3.53 63.04 50.20
CA TRP M 14 4.07 62.98 48.85
C TRP M 14 5.32 63.85 48.76
N GLU M 15 5.66 64.48 49.88
CA GLU M 15 6.73 65.47 49.89
C GLU M 15 8.09 64.80 49.90
N VAL M 16 9.11 65.59 49.61
CA VAL M 16 10.50 65.15 49.69
C VAL M 16 11.35 66.42 49.61
N ALA M 17 12.54 66.37 50.21
CA ALA M 17 13.38 67.57 50.29
C ALA M 17 14.13 67.78 48.99
N ARG M 18 14.16 69.01 48.50
CA ARG M 18 14.80 69.27 47.22
C ARG M 18 16.32 69.08 47.23
N GLU M 19 16.85 68.66 48.38
CA GLU M 19 18.25 68.28 48.46
C GLU M 19 18.41 66.87 47.90
N LYS M 20 17.40 66.05 48.10
CA LYS M 20 17.38 64.71 47.54
C LYS M 20 17.32 64.72 46.02
N ILE M 21 16.85 65.82 45.46
CA ILE M 21 16.62 65.90 44.03
C ILE M 21 17.74 66.64 43.32
N THR M 22 18.24 66.04 42.24
CA THR M 22 19.26 66.70 41.45
C THR M 22 18.78 66.70 40.00
N MET M 23 18.84 67.86 39.34
CA MET M 23 18.42 67.95 37.96
C MET M 23 19.60 68.15 37.05
N SER M 24 19.66 67.38 35.97
CA SER M 24 20.76 67.47 35.02
C SER M 24 20.39 68.32 33.80
N ARG M 25 19.95 67.70 32.72
CA ARG M 25 19.63 68.46 31.52
C ARG M 25 18.12 68.52 31.25
N GLU M 26 17.65 69.65 30.74
CA GLU M 26 16.26 69.77 30.34
C GLU M 26 15.85 68.71 29.31
N LEU M 27 14.61 68.22 29.43
CA LEU M 27 14.05 67.20 28.52
C LEU M 27 13.13 67.81 27.46
N GLY M 28 12.30 68.77 27.86
CA GLY M 28 11.42 69.44 26.93
C GLY M 28 10.46 70.36 27.65
N GLN M 29 9.65 71.05 26.87
CA GLN M 29 8.66 71.96 27.43
C GLN M 29 7.46 71.15 27.88
N GLY M 30 6.99 71.43 29.08
CA GLY M 30 5.91 70.67 29.65
C GLY M 30 4.68 71.52 29.76
N SER M 31 3.61 70.93 30.27
CA SER M 31 2.35 71.63 30.40
C SER M 31 2.45 72.89 31.25
N PHE M 32 3.00 72.77 32.46
CA PHE M 32 2.94 73.92 33.34
C PHE M 32 4.31 74.57 33.50
N GLY M 33 5.31 73.97 32.87
CA GLY M 33 6.68 74.40 33.06
C GLY M 33 7.64 73.51 32.33
N MET M 34 8.92 73.59 32.68
CA MET M 34 9.97 72.82 32.02
C MET M 34 10.20 71.47 32.69
N VAL M 35 10.55 70.47 31.89
CA VAL M 35 10.83 69.13 32.40
C VAL M 35 12.32 68.85 32.31
N TYR M 36 12.88 68.32 33.39
CA TYR M 36 14.30 67.96 33.44
C TYR M 36 14.48 66.47 33.69
N GLU M 37 15.62 65.94 33.26
CA GLU M 37 16.03 64.60 33.70
C GLU M 37 16.83 64.79 34.97
N GLY M 38 16.81 63.80 35.84
CA GLY M 38 17.53 63.93 37.09
C GLY M 38 17.60 62.67 37.93
N VAL M 39 18.14 62.82 39.12
CA VAL M 39 18.23 61.73 40.07
C VAL M 39 17.51 62.15 41.36
N ALA M 40 16.76 61.21 41.92
CA ALA M 40 16.05 61.45 43.16
C ALA M 40 16.53 60.46 44.19
N LYS M 41 17.23 60.98 45.21
CA LYS M 41 17.78 60.15 46.27
C LYS M 41 16.67 59.57 47.17
N GLY M 42 16.66 58.25 47.27
CA GLY M 42 15.82 57.55 48.21
C GLY M 42 14.32 57.78 48.08
N VAL M 43 13.82 57.79 46.85
CA VAL M 43 12.38 57.95 46.62
C VAL M 43 11.72 56.63 46.28
N VAL M 44 12.49 55.70 45.71
CA VAL M 44 12.00 54.35 45.42
C VAL M 44 12.55 53.36 46.43
N LYS M 45 11.69 52.42 46.84
CA LYS M 45 12.02 51.39 47.82
C LYS M 45 13.13 50.46 47.32
N ASP M 46 14.20 50.35 48.08
CA ASP M 46 15.34 49.52 47.70
C ASP M 46 16.26 50.16 46.65
N GLU M 47 16.07 51.45 46.40
CA GLU M 47 16.95 52.15 45.49
C GLU M 47 17.53 53.40 46.14
N PRO M 48 18.85 53.41 46.36
CA PRO M 48 19.51 54.58 46.97
C PRO M 48 19.28 55.77 46.06
N GLU M 49 19.19 55.49 44.76
CA GLU M 49 18.99 56.52 43.76
C GLU M 49 18.04 56.04 42.69
N THR M 50 17.35 56.98 42.06
CA THR M 50 16.46 56.66 40.95
C THR M 50 16.49 57.74 39.87
N ARG M 51 16.53 57.31 38.62
CA ARG M 51 16.39 58.21 37.49
C ARG M 51 14.93 58.67 37.40
N VAL M 52 14.74 59.98 37.29
CA VAL M 52 13.41 60.53 37.26
C VAL M 52 13.33 61.73 36.35
N ALA M 53 12.11 62.02 35.89
CA ALA M 53 11.84 63.26 35.19
C ALA M 53 11.35 64.25 36.22
N ILE M 54 11.78 65.51 36.12
CA ILE M 54 11.36 66.54 37.07
C ILE M 54 10.77 67.73 36.34
N LYS M 55 9.59 68.15 36.78
CA LYS M 55 8.99 69.34 36.21
C LYS M 55 9.00 70.47 37.23
N THR M 56 9.48 71.63 36.77
CA THR M 56 9.57 72.80 37.64
C THR M 56 8.44 73.79 37.32
N VAL M 57 7.72 74.17 38.36
CA VAL M 57 6.75 75.24 38.23
C VAL M 57 7.25 76.47 38.96
N ASN M 58 7.86 77.38 38.19
CA ASN M 58 8.48 78.58 38.74
C ASN M 58 7.49 79.55 39.38
N GLU M 59 8.01 80.53 40.08
CA GLU M 59 7.18 81.47 40.82
C GLU M 59 6.32 82.34 39.89
N ALA M 60 6.82 82.67 38.70
CA ALA M 60 5.99 83.37 37.72
C ALA M 60 4.94 82.42 37.15
N ALA M 61 4.05 81.96 38.02
CA ALA M 61 2.99 81.08 37.61
C ALA M 61 1.81 81.50 38.45
N SER M 62 0.65 81.68 37.83
CA SER M 62 -0.51 82.13 38.57
C SER M 62 -0.91 81.06 39.57
N MET M 63 -1.33 81.48 40.75
CA MET M 63 -1.75 80.53 41.75
C MET M 63 -2.80 79.61 41.15
N ARG M 64 -3.68 80.17 40.34
CA ARG M 64 -4.67 79.36 39.64
C ARG M 64 -3.98 78.22 38.88
N GLU M 65 -2.92 78.53 38.14
CA GLU M 65 -2.17 77.52 37.37
C GLU M 65 -1.48 76.51 38.25
N ARG M 66 -0.85 77.01 39.30
CA ARG M 66 -0.24 76.14 40.29
C ARG M 66 -1.26 75.17 40.93
N ILE M 67 -2.42 75.68 41.31
CA ILE M 67 -3.45 74.86 41.97
C ILE M 67 -3.95 73.80 41.01
N GLU M 68 -4.28 74.22 39.80
CA GLU M 68 -4.74 73.30 38.77
C GLU M 68 -3.69 72.25 38.46
N PHE M 69 -2.43 72.67 38.48
CA PHE M 69 -1.31 71.76 38.23
C PHE M 69 -1.18 70.77 39.38
N LEU M 70 -1.38 71.25 40.59
CA LEU M 70 -1.27 70.40 41.77
C LEU M 70 -2.42 69.41 41.89
N ASN M 71 -3.61 69.80 41.42
CA ASN M 71 -4.79 68.93 41.47
C ASN M 71 -4.69 67.80 40.48
N GLU M 72 -4.13 68.11 39.32
CA GLU M 72 -3.89 67.09 38.30
C GLU M 72 -2.92 66.02 38.80
N ALA M 73 -1.89 66.45 39.51
CA ALA M 73 -0.95 65.53 40.12
C ALA M 73 -1.63 64.67 41.18
N SER M 74 -2.60 65.25 41.87
CA SER M 74 -3.25 64.56 42.98
C SER M 74 -4.01 63.34 42.49
N VAL M 75 -4.57 63.43 41.29
CA VAL M 75 -5.26 62.31 40.65
C VAL M 75 -4.29 61.15 40.38
N MET M 76 -3.12 61.49 39.85
CA MET M 76 -1.99 60.55 39.73
C MET M 76 -1.79 59.71 40.98
N LYS M 77 -1.58 60.38 42.11
CA LYS M 77 -1.35 59.77 43.41
C LYS M 77 -2.11 58.45 43.64
N GLU M 78 -3.39 58.43 43.26
CA GLU M 78 -4.20 57.23 43.31
C GLU M 78 -3.56 56.04 42.59
N PHE M 79 -3.12 56.23 41.34
CA PHE M 79 -2.66 55.12 40.50
C PHE M 79 -1.28 54.57 40.86
N ASN M 80 -1.23 53.29 41.18
CA ASN M 80 0.04 52.57 41.33
C ASN M 80 0.03 51.27 40.53
N CYS M 81 0.08 51.41 39.22
CA CYS M 81 0.12 50.25 38.36
C CYS M 81 1.49 50.21 37.73
N HIS M 82 1.89 49.05 37.22
CA HIS M 82 3.15 48.92 36.54
C HIS M 82 3.08 49.65 35.19
N HIS M 83 1.92 49.56 34.55
CA HIS M 83 1.75 50.15 33.23
C HIS M 83 1.15 51.53 33.25
N VAL M 84 1.32 52.23 34.36
CA VAL M 84 1.00 53.64 34.41
C VAL M 84 2.22 54.41 34.92
N VAL M 85 2.61 55.47 34.21
CA VAL M 85 3.75 56.23 34.65
C VAL M 85 3.37 56.81 35.99
N ARG M 86 4.10 56.42 37.04
CA ARG M 86 3.70 56.78 38.41
C ARG M 86 4.41 57.99 39.00
N LEU M 87 3.70 58.70 39.87
CA LEU M 87 4.26 59.88 40.51
C LEU M 87 5.11 59.41 41.71
N LEU M 88 6.35 59.89 41.76
CA LEU M 88 7.30 59.51 42.81
C LEU M 88 7.41 60.57 43.91
N GLY M 89 6.66 61.65 43.79
CA GLY M 89 6.63 62.65 44.83
C GLY M 89 6.73 64.06 44.31
N VAL M 90 6.45 65.01 45.19
CA VAL M 90 6.54 66.43 44.86
C VAL M 90 7.39 67.14 45.91
N VAL M 91 8.25 68.06 45.46
CA VAL M 91 8.99 68.93 46.36
C VAL M 91 8.19 70.22 46.52
N SER M 92 7.65 70.45 47.73
CA SER M 92 6.72 71.56 47.97
C SER M 92 7.25 72.73 48.79
N GLN M 93 8.21 72.46 49.69
CA GLN M 93 8.85 73.54 50.42
C GLN M 93 9.95 74.13 49.54
N GLY M 94 9.70 75.31 48.97
CA GLY M 94 10.70 75.88 48.09
C GLY M 94 10.20 76.68 46.92
N GLN M 95 11.14 77.37 46.26
CA GLN M 95 10.81 78.38 45.26
C GLN M 95 10.08 77.78 44.07
N PRO M 96 10.79 76.94 43.28
CA PRO M 96 10.15 76.21 42.19
C PRO M 96 9.54 74.91 42.72
N THR M 97 8.23 74.79 42.67
CA THR M 97 7.60 73.53 43.03
C THR M 97 8.06 72.46 42.03
N LEU M 98 8.54 71.34 42.56
CA LEU M 98 8.94 70.21 41.74
C LEU M 98 7.93 69.07 41.88
N VAL M 99 7.67 68.39 40.76
CA VAL M 99 6.93 67.14 40.76
C VAL M 99 7.82 66.10 40.13
N ILE M 100 8.05 65.01 40.87
CA ILE M 100 8.97 63.97 40.43
C ILE M 100 8.20 62.79 39.89
N MET M 101 8.37 62.56 38.60
CA MET M 101 7.72 61.47 37.89
C MET M 101 8.74 60.43 37.54
N GLU M 102 8.29 59.20 37.37
CA GLU M 102 9.16 58.11 36.94
C GLU M 102 9.70 58.38 35.54
N LEU M 103 10.97 58.07 35.31
CA LEU M 103 11.61 58.39 34.02
C LEU M 103 11.29 57.35 32.92
N MET M 104 10.85 57.86 31.77
CA MET M 104 10.57 57.02 30.61
C MET M 104 11.52 57.42 29.49
N THR M 105 12.69 56.80 29.48
CA THR M 105 13.84 57.30 28.73
C THR M 105 13.61 57.45 27.23
N ARG M 106 12.68 56.66 26.70
CA ARG M 106 12.44 56.66 25.25
C ARG M 106 11.28 57.57 24.80
N GLY M 107 10.72 58.34 25.71
CA GLY M 107 9.76 59.36 25.35
C GLY M 107 8.40 58.81 24.92
N ASP M 108 7.63 59.61 24.21
CA ASP M 108 6.30 59.19 23.88
C ASP M 108 6.23 58.21 22.74
N LEU M 109 5.25 57.33 22.84
CA LEU M 109 5.05 56.24 21.88
C LEU M 109 4.94 56.76 20.46
N LYS M 110 4.18 57.85 20.26
CA LYS M 110 3.99 58.36 18.90
C LYS M 110 5.33 58.61 18.26
N SER M 111 6.11 59.47 18.91
CA SER M 111 7.44 59.82 18.43
C SER M 111 8.28 58.57 18.25
N TYR M 112 8.40 57.78 19.31
CA TYR M 112 9.11 56.51 19.22
C TYR M 112 8.70 55.72 17.98
N LEU M 113 7.39 55.57 17.75
CA LEU M 113 6.92 54.81 16.62
C LEU M 113 7.50 55.33 15.31
N ARG M 114 7.54 56.65 15.16
CA ARG M 114 8.01 57.21 13.91
C ARG M 114 9.52 57.01 13.75
N SER M 115 10.24 56.98 14.87
CA SER M 115 11.67 56.80 14.81
C SER M 115 12.01 55.44 14.17
N LEU M 116 11.02 54.56 14.13
CA LEU M 116 11.19 53.23 13.52
C LEU M 116 11.02 53.22 12.02
N ARG M 117 10.63 54.36 11.45
CA ARG M 117 10.50 54.46 9.99
C ARG M 117 11.87 54.59 9.34
N PRO M 118 12.03 54.05 8.12
CA PRO M 118 13.25 54.17 7.33
C PRO M 118 13.65 55.62 7.08
N PRO M 129 7.73 46.89 13.22
CA PRO M 129 7.98 45.93 14.30
C PRO M 129 7.25 44.61 14.03
N SER M 130 7.57 43.58 14.81
CA SER M 130 6.92 42.28 14.64
C SER M 130 5.57 42.25 15.32
N LEU M 131 4.81 41.19 15.08
CA LEU M 131 3.52 41.01 15.72
C LEU M 131 3.71 40.91 17.22
N SER M 132 4.78 40.23 17.63
CA SER M 132 5.01 39.98 19.05
C SER M 132 5.27 41.28 19.77
N LYS M 133 6.18 42.08 19.23
CA LYS M 133 6.46 43.38 19.80
C LYS M 133 5.19 44.21 19.92
N MET M 134 4.39 44.25 18.86
CA MET M 134 3.18 45.08 18.87
C MET M 134 2.25 44.59 19.96
N ILE M 135 2.04 43.28 19.98
CA ILE M 135 1.18 42.68 20.98
C ILE M 135 1.65 43.05 22.36
N GLN M 136 2.96 43.13 22.52
CA GLN M 136 3.54 43.48 23.79
C GLN M 136 3.05 44.86 24.22
N MET M 137 3.06 45.81 23.28
CA MET M 137 2.60 47.17 23.54
C MET M 137 1.09 47.18 23.75
N ALA M 138 0.39 46.40 22.95
CA ALA M 138 -1.06 46.34 23.03
C ALA M 138 -1.49 45.85 24.41
N GLY M 139 -0.82 44.81 24.91
CA GLY M 139 -1.16 44.24 26.19
C GLY M 139 -0.76 45.14 27.34
N GLU M 140 0.41 45.77 27.21
CA GLU M 140 0.89 46.69 28.24
C GLU M 140 -0.04 47.91 28.35
N ILE M 141 -0.49 48.43 27.20
CA ILE M 141 -1.38 49.60 27.18
C ILE M 141 -2.74 49.21 27.70
N ALA M 142 -3.18 48.01 27.32
CA ALA M 142 -4.51 47.55 27.69
C ALA M 142 -4.57 47.32 29.19
N ASP M 143 -3.42 46.90 29.75
CA ASP M 143 -3.34 46.64 31.19
C ASP M 143 -3.47 47.91 32.03
N GLY M 144 -2.74 48.94 31.67
CA GLY M 144 -2.86 50.22 32.35
C GLY M 144 -4.25 50.80 32.25
N MET M 145 -4.92 50.55 31.13
CA MET M 145 -6.28 51.10 30.97
C MET M 145 -7.24 50.29 31.82
N ALA M 146 -7.01 48.99 31.90
CA ALA M 146 -7.84 48.11 32.71
C ALA M 146 -7.80 48.58 34.16
N TYR M 147 -6.58 48.86 34.62
CA TYR M 147 -6.35 49.46 35.93
C TYR M 147 -7.12 50.77 36.06
N LEU M 148 -6.98 51.65 35.09
CA LEU M 148 -7.73 52.89 35.11
C LEU M 148 -9.21 52.65 35.31
N ASN M 149 -9.81 51.85 34.43
CA ASN M 149 -11.26 51.70 34.41
C ASN M 149 -11.73 50.98 35.67
N ALA M 150 -10.84 50.16 36.23
CA ALA M 150 -11.11 49.43 37.46
C ALA M 150 -11.27 50.38 38.65
N ASN M 151 -10.54 51.47 38.64
CA ASN M 151 -10.66 52.50 39.68
C ASN M 151 -11.69 53.57 39.29
N LYS M 152 -12.53 53.23 38.31
CA LYS M 152 -13.62 54.10 37.88
C LYS M 152 -13.12 55.45 37.38
N PHE M 153 -12.23 55.40 36.40
CA PHE M 153 -11.73 56.58 35.72
C PHE M 153 -11.79 56.43 34.21
N VAL M 154 -12.28 57.44 33.53
CA VAL M 154 -12.24 57.50 32.07
C VAL M 154 -11.10 58.38 31.60
N HIS M 155 -10.22 57.82 30.76
CA HIS M 155 -9.09 58.55 30.20
C HIS M 155 -9.53 59.68 29.24
N ARG M 156 -10.39 59.33 28.29
CA ARG M 156 -10.95 60.29 27.33
C ARG M 156 -9.98 60.67 26.22
N ASP M 157 -8.69 60.63 26.52
CA ASP M 157 -7.67 61.20 25.66
C ASP M 157 -6.62 60.13 25.40
N LEU M 158 -7.03 58.88 25.21
CA LEU M 158 -6.05 57.83 25.01
C LEU M 158 -5.50 57.92 23.61
N ALA M 159 -4.19 58.06 23.49
CA ALA M 159 -3.56 58.16 22.18
C ALA M 159 -2.09 57.81 22.29
N ALA M 160 -1.46 57.51 21.16
CA ALA M 160 -0.06 57.10 21.15
C ALA M 160 0.82 58.21 21.73
N ARG M 161 0.42 59.45 21.47
CA ARG M 161 1.16 60.61 21.97
C ARG M 161 1.12 60.69 23.48
N ASN M 162 0.24 59.91 24.10
CA ASN M 162 0.05 60.02 25.54
C ASN M 162 0.71 58.91 26.29
N CYS M 163 1.13 57.88 25.56
CA CYS M 163 1.84 56.77 26.17
C CYS M 163 3.34 57.05 26.12
N MET M 164 4.09 56.32 26.92
CA MET M 164 5.53 56.54 27.04
C MET M 164 6.21 55.21 26.91
N VAL M 165 7.50 55.25 26.57
CA VAL M 165 8.28 54.05 26.36
C VAL M 165 9.49 54.07 27.28
N ALA M 166 9.54 53.09 28.18
CA ALA M 166 10.61 53.01 29.15
C ALA M 166 11.89 52.51 28.48
N GLU M 167 13.00 52.59 29.22
CA GLU M 167 14.30 52.10 28.78
C GLU M 167 14.26 50.67 28.23
N ASP M 168 13.45 49.79 28.84
CA ASP M 168 13.36 48.41 28.36
C ASP M 168 12.21 48.21 27.37
N PHE M 169 11.66 49.32 26.88
CA PHE M 169 10.63 49.28 25.83
C PHE M 169 9.23 48.95 26.32
N THR M 170 9.04 48.91 27.64
CA THR M 170 7.72 48.75 28.23
C THR M 170 6.90 50.01 27.98
N VAL M 171 5.70 49.88 27.45
CA VAL M 171 4.86 51.06 27.26
C VAL M 171 3.97 51.32 28.49
N LYS M 172 3.64 52.58 28.74
CA LYS M 172 2.80 52.95 29.88
C LYS M 172 1.85 54.11 29.58
N ILE M 173 0.71 54.14 30.25
CA ILE M 173 -0.26 55.22 30.06
C ILE M 173 0.28 56.40 30.83
N GLY M 174 0.17 57.59 30.25
CA GLY M 174 1.06 58.66 30.66
C GLY M 174 0.50 60.02 31.02
N ASP M 175 -0.61 60.42 30.40
CA ASP M 175 -1.06 61.81 30.60
C ASP M 175 -2.54 61.90 30.93
N PHE M 176 -2.86 62.36 32.14
CA PHE M 176 -4.24 62.31 32.63
C PHE M 176 -4.91 63.66 32.85
N GLY M 177 -4.46 64.70 32.17
CA GLY M 177 -5.01 66.03 32.36
C GLY M 177 -6.48 66.06 31.99
N MET M 178 -6.87 65.06 31.21
CA MET M 178 -8.19 65.03 30.62
C MET M 178 -9.11 63.99 31.26
N THR M 179 -8.57 63.14 32.14
CA THR M 179 -9.35 62.01 32.63
C THR M 179 -10.34 62.43 33.71
N ARG M 180 -11.43 61.67 33.86
CA ARG M 180 -12.51 62.03 34.75
C ARG M 180 -12.97 60.87 35.63
N ASP M 181 -13.47 61.17 36.82
CA ASP M 181 -13.98 60.15 37.73
C ASP M 181 -15.38 59.73 37.31
N ILE M 182 -15.69 58.45 37.46
CA ILE M 182 -17.00 57.95 37.06
C ILE M 182 -17.60 56.94 38.04
N PTR M 183 -17.14 56.94 39.30
CA PTR M 183 -17.84 56.16 40.34
C PTR M 183 -19.21 56.79 40.46
O PTR M 183 -19.32 58.00 40.68
CB PTR M 183 -17.12 56.19 41.68
CG PTR M 183 -17.83 55.38 42.77
CD1 PTR M 183 -19.15 55.65 43.14
CD2 PTR M 183 -17.17 54.35 43.44
CE1 PTR M 183 -19.80 54.91 44.14
CE2 PTR M 183 -17.82 53.60 44.44
CZ PTR M 183 -19.13 53.89 44.79
OH PTR M 183 -19.78 53.17 45.77
N GLU M 184 -20.23 55.95 40.34
CA GLU M 184 -21.60 56.43 40.16
C GLU M 184 -21.66 57.11 38.79
N THR M 185 -22.68 56.79 38.00
CA THR M 185 -22.82 57.31 36.63
C THR M 185 -22.12 56.42 35.60
N ASP M 186 -20.84 56.15 35.81
CA ASP M 186 -20.06 55.41 34.83
C ASP M 186 -20.06 56.12 33.48
N PTR M 187 -20.05 57.46 33.52
CA PTR M 187 -19.93 58.26 32.31
C PTR M 187 -19.59 59.70 32.67
O PTR M 187 -19.78 60.14 33.81
CB PTR M 187 -21.21 58.17 31.44
CG PTR M 187 -22.33 59.07 31.92
CD1 PTR M 187 -23.43 58.54 32.58
CD2 PTR M 187 -22.31 60.44 31.68
CE1 PTR M 187 -24.46 59.35 33.00
CE2 PTR M 187 -23.34 61.25 32.10
CZ PTR M 187 -24.41 60.71 32.76
OH PTR M 187 -25.33 61.42 33.19
P PTR M 187 -26.41 62.12 32.22
O1P PTR M 187 -25.90 63.49 31.90
O2P PTR M 187 -26.55 61.27 30.96
O3P PTR M 187 -27.79 62.22 32.92
N PTR M 188 -19.08 60.45 31.69
CA PTR M 188 -18.76 61.85 31.84
C PTR M 188 -19.27 62.53 30.60
O PTR M 188 -18.96 62.10 29.49
CB PTR M 188 -17.26 62.13 31.89
CG PTR M 188 -16.86 63.60 31.72
CD1 PTR M 188 -17.05 64.50 32.76
CD2 PTR M 188 -16.32 64.07 30.53
CE1 PTR M 188 -16.69 65.84 32.62
CE2 PTR M 188 -15.96 65.40 30.39
CZ PTR M 188 -16.14 66.28 31.44
OH PTR M 188 -15.83 67.48 31.30
P PTR M 188 -15.64 68.56 32.50
O1P PTR M 188 -15.11 69.81 31.90
O2P PTR M 188 -14.65 68.08 33.56
O3P PTR M 188 -17.00 68.88 33.15
N ARG M 189 -20.07 63.57 30.79
CA ARG M 189 -20.65 64.29 29.66
C ARG M 189 -20.07 65.68 29.61
N LYS M 190 -19.49 66.05 28.47
CA LYS M 190 -18.92 67.38 28.32
C LYS M 190 -20.01 68.44 28.07
N GLY M 191 -19.93 69.53 28.85
CA GLY M 191 -20.93 70.57 28.79
C GLY M 191 -20.70 71.62 27.71
N GLY M 192 -19.49 72.17 27.69
CA GLY M 192 -19.19 73.26 26.77
C GLY M 192 -18.32 72.85 25.60
N LYS M 193 -17.41 73.74 25.22
CA LYS M 193 -16.47 73.43 24.16
C LYS M 193 -15.38 72.48 24.64
N GLY M 194 -15.09 71.46 23.83
CA GLY M 194 -14.01 70.53 24.11
C GLY M 194 -13.00 70.57 23.00
N LEU M 195 -11.73 70.39 23.37
CA LEU M 195 -10.63 70.47 22.43
C LEU M 195 -9.97 69.12 22.22
N LEU M 196 -10.66 68.04 22.55
CA LEU M 196 -10.10 66.72 22.31
C LEU M 196 -10.01 66.48 20.80
N PRO M 197 -8.83 66.07 20.32
CA PRO M 197 -8.64 65.73 18.90
C PRO M 197 -9.73 64.76 18.44
N VAL M 198 -10.42 65.11 17.37
CA VAL M 198 -11.60 64.37 16.95
C VAL M 198 -11.26 62.99 16.38
N ARG M 199 -10.03 62.81 15.93
CA ARG M 199 -9.68 61.57 15.26
C ARG M 199 -9.68 60.36 16.20
N TRP M 200 -9.56 60.61 17.50
CA TRP M 200 -9.53 59.53 18.48
C TRP M 200 -10.85 59.34 19.19
N MET M 201 -11.82 60.18 18.89
CA MET M 201 -13.11 60.16 19.55
C MET M 201 -14.07 59.14 18.95
N SER M 202 -14.84 58.50 19.83
CA SER M 202 -15.79 57.49 19.40
C SER M 202 -16.97 58.20 18.75
N PRO M 203 -17.77 57.46 17.97
CA PRO M 203 -18.97 58.02 17.36
C PRO M 203 -19.90 58.63 18.41
N GLU M 204 -20.13 57.92 19.50
CA GLU M 204 -21.04 58.39 20.54
C GLU M 204 -20.48 59.53 21.35
N SER M 205 -19.16 59.69 21.32
CA SER M 205 -18.53 60.84 21.95
C SER M 205 -18.76 62.07 21.06
N LEU M 206 -18.66 61.88 19.75
CA LEU M 206 -18.80 62.99 18.82
C LEU M 206 -20.23 63.48 18.78
N LYS M 207 -21.15 62.57 19.05
CA LYS M 207 -22.56 62.87 18.84
C LYS M 207 -23.18 63.58 20.03
N ASP M 208 -22.69 63.28 21.23
CA ASP M 208 -23.32 63.77 22.46
C ASP M 208 -22.35 64.24 23.55
N GLY M 209 -21.06 63.94 23.38
CA GLY M 209 -20.06 64.37 24.34
C GLY M 209 -20.04 63.43 25.53
N VAL M 210 -20.43 62.19 25.32
CA VAL M 210 -20.48 61.23 26.40
C VAL M 210 -19.26 60.34 26.33
N PHE M 211 -18.56 60.24 27.45
CA PHE M 211 -17.36 59.42 27.54
C PHE M 211 -17.50 58.30 28.54
N THR M 212 -17.19 57.08 28.12
CA THR M 212 -17.36 55.90 28.96
C THR M 212 -16.11 55.06 28.82
N THR M 213 -16.03 53.95 29.55
CA THR M 213 -14.88 53.09 29.37
C THR M 213 -14.93 52.55 27.95
N TYR M 214 -16.15 52.45 27.41
CA TYR M 214 -16.35 51.95 26.06
C TYR M 214 -15.65 52.87 25.07
N SER M 215 -15.82 54.17 25.24
CA SER M 215 -15.19 55.13 24.35
C SER M 215 -13.67 55.01 24.50
N ASP M 216 -13.20 54.72 25.71
CA ASP M 216 -11.77 54.50 25.89
C ASP M 216 -11.29 53.35 25.03
N VAL M 217 -12.15 52.36 24.83
CA VAL M 217 -11.74 51.18 24.10
C VAL M 217 -11.58 51.55 22.63
N TRP M 218 -12.52 52.36 22.13
CA TRP M 218 -12.44 52.88 20.78
C TRP M 218 -11.08 53.52 20.58
N SER M 219 -10.78 54.51 21.41
CA SER M 219 -9.50 55.20 21.34
C SER M 219 -8.37 54.18 21.34
N PHE M 220 -8.49 53.15 22.16
CA PHE M 220 -7.46 52.12 22.24
C PHE M 220 -7.26 51.50 20.88
N GLY M 221 -8.37 51.30 20.19
CA GLY M 221 -8.34 50.71 18.87
C GLY M 221 -7.53 51.57 17.92
N VAL M 222 -7.65 52.89 18.10
CA VAL M 222 -6.95 53.85 17.27
C VAL M 222 -5.46 53.88 17.57
N VAL M 223 -5.09 53.58 18.81
CA VAL M 223 -3.66 53.51 19.07
C VAL M 223 -3.09 52.20 18.55
N LEU M 224 -3.93 51.17 18.43
CA LEU M 224 -3.48 49.91 17.82
C LEU M 224 -3.17 50.21 16.37
N TRP M 225 -4.07 50.96 15.75
CA TRP M 225 -3.87 51.39 14.38
C TRP M 225 -2.60 52.22 14.26
N GLU M 226 -2.36 53.11 15.22
CA GLU M 226 -1.15 53.96 15.20
C GLU M 226 0.12 53.12 15.22
N ILE M 227 0.20 52.20 16.18
CA ILE M 227 1.32 51.27 16.25
C ILE M 227 1.50 50.56 14.91
N ALA M 228 0.42 50.02 14.36
CA ALA M 228 0.51 49.26 13.11
C ALA M 228 1.03 50.09 11.93
N THR M 229 0.79 51.40 11.96
CA THR M 229 1.18 52.26 10.84
C THR M 229 2.37 53.13 11.17
N LEU M 230 3.02 52.87 12.29
CA LEU M 230 4.14 53.70 12.72
C LEU M 230 3.73 55.18 12.79
N ALA M 231 2.63 55.43 13.50
CA ALA M 231 2.22 56.79 13.83
C ALA M 231 1.80 57.63 12.63
N GLU M 232 0.97 57.06 11.76
CA GLU M 232 0.36 57.90 10.75
C GLU M 232 -0.86 58.59 11.35
N GLN M 233 -1.23 59.71 10.74
CA GLN M 233 -2.44 60.40 11.15
C GLN M 233 -3.68 59.63 10.73
N PRO M 234 -4.57 59.38 11.69
CA PRO M 234 -5.81 58.67 11.39
C PRO M 234 -6.69 59.49 10.45
N TYR M 235 -7.27 58.84 9.46
CA TYR M 235 -8.19 59.50 8.53
C TYR M 235 -7.50 60.57 7.70
N GLN M 236 -6.22 60.38 7.41
CA GLN M 236 -5.52 61.29 6.50
C GLN M 236 -6.28 61.37 5.18
N GLY M 237 -6.36 62.56 4.63
CA GLY M 237 -7.14 62.77 3.43
C GLY M 237 -8.48 63.34 3.78
N LEU M 238 -8.84 63.25 5.07
CA LEU M 238 -10.07 63.86 5.58
C LEU M 238 -9.76 65.05 6.48
N SER M 239 -10.72 65.96 6.57
CA SER M 239 -10.59 67.12 7.45
C SER M 239 -11.32 66.83 8.73
N ASN M 240 -11.00 67.53 9.80
CA ASN M 240 -11.74 67.35 11.04
C ASN M 240 -13.22 67.30 10.69
N GLU M 241 -13.65 68.29 9.89
CA GLU M 241 -15.05 68.42 9.53
C GLU M 241 -15.59 67.17 8.82
N GLN M 242 -14.76 66.54 8.00
CA GLN M 242 -15.16 65.33 7.29
C GLN M 242 -15.08 64.11 8.21
N VAL M 243 -14.05 64.07 9.05
CA VAL M 243 -13.84 62.95 9.95
C VAL M 243 -15.01 62.86 10.87
N LEU M 244 -15.48 64.02 11.30
CA LEU M 244 -16.57 64.09 12.23
C LEU M 244 -17.72 63.30 11.66
N ARG M 245 -18.19 63.70 10.48
CA ARG M 245 -19.32 63.04 9.85
C ARG M 245 -19.00 61.58 9.53
N PHE M 246 -17.81 61.34 8.99
CA PHE M 246 -17.43 60.01 8.53
C PHE M 246 -17.52 58.92 9.59
N VAL M 247 -16.99 59.19 10.77
CA VAL M 247 -17.03 58.23 11.87
C VAL M 247 -18.44 58.07 12.44
N MET M 248 -19.14 59.19 12.58
CA MET M 248 -20.51 59.18 13.11
C MET M 248 -21.49 58.34 12.27
N GLU M 249 -21.20 58.21 10.98
CA GLU M 249 -22.08 57.48 10.06
C GLU M 249 -21.73 55.99 10.01
N GLY M 250 -20.60 55.62 10.58
CA GLY M 250 -20.21 54.23 10.66
C GLY M 250 -18.91 53.89 9.95
N GLY M 251 -18.27 54.91 9.38
CA GLY M 251 -16.99 54.71 8.73
C GLY M 251 -15.95 54.13 9.67
N LEU M 252 -15.00 53.39 9.12
CA LEU M 252 -13.87 52.92 9.89
C LEU M 252 -12.55 53.31 9.22
N LEU M 253 -11.44 53.11 9.94
CA LEU M 253 -10.12 53.24 9.34
C LEU M 253 -9.84 51.97 8.54
N ASP M 254 -9.17 52.12 7.40
CA ASP M 254 -8.85 50.98 6.55
C ASP M 254 -7.69 50.21 7.13
N LYS M 255 -7.67 48.90 6.90
CA LYS M 255 -6.58 48.08 7.40
C LYS M 255 -5.23 48.64 6.92
N PRO M 256 -4.29 48.83 7.85
CA PRO M 256 -2.93 49.25 7.52
C PRO M 256 -2.30 48.25 6.58
N ASP M 257 -1.64 48.73 5.54
CA ASP M 257 -0.94 47.84 4.64
C ASP M 257 0.16 47.11 5.42
N ASN M 258 0.19 45.79 5.28
CA ASN M 258 1.20 44.97 5.94
C ASN M 258 0.80 44.68 7.39
N CYS M 259 -0.37 45.15 7.79
CA CYS M 259 -0.86 44.89 9.14
C CYS M 259 -1.22 43.42 9.31
N PRO M 260 -0.79 42.79 10.42
CA PRO M 260 -1.14 41.38 10.68
C PRO M 260 -2.63 41.20 10.89
N ASP M 261 -3.22 40.22 10.20
CA ASP M 261 -4.67 40.02 10.21
C ASP M 261 -5.24 40.12 11.62
N MET M 262 -4.55 39.54 12.58
CA MET M 262 -4.99 39.53 13.96
C MET M 262 -5.19 40.93 14.52
N LEU M 263 -4.13 41.73 14.52
CA LEU M 263 -4.15 43.05 15.12
C LEU M 263 -5.28 43.90 14.57
N PHE M 264 -5.57 43.75 13.29
CA PHE M 264 -6.64 44.52 12.69
C PHE M 264 -8.00 44.06 13.19
N GLU M 265 -8.15 42.75 13.40
CA GLU M 265 -9.43 42.21 13.86
C GLU M 265 -9.76 42.75 15.23
N LEU M 266 -8.73 42.82 16.07
CA LEU M 266 -8.80 43.49 17.36
C LEU M 266 -9.35 44.90 17.23
N MET M 267 -8.82 45.68 16.29
CA MET M 267 -9.30 47.04 16.05
C MET M 267 -10.80 47.08 15.72
N ARG M 268 -11.22 46.22 14.81
CA ARG M 268 -12.63 46.16 14.40
C ARG M 268 -13.56 45.90 15.57
N MET M 269 -13.05 45.13 16.54
CA MET M 269 -13.82 44.84 17.73
C MET M 269 -13.88 46.12 18.56
N CYS M 270 -12.76 46.80 18.70
CA CYS M 270 -12.77 48.04 19.47
C CYS M 270 -13.66 49.11 18.82
N TRP M 271 -13.97 48.92 17.54
CA TRP M 271 -14.68 49.93 16.77
C TRP M 271 -16.15 49.58 16.52
N GLN M 272 -16.62 48.55 17.23
CA GLN M 272 -18.03 48.23 17.19
C GLN M 272 -18.85 49.51 17.39
N TYR M 273 -19.79 49.77 16.50
CA TYR M 273 -20.59 51.00 16.62
C TYR M 273 -21.36 51.12 17.93
N ASN M 274 -22.09 50.08 18.32
CA ASN M 274 -22.74 50.07 19.63
C ASN M 274 -21.71 49.84 20.70
N PRO M 275 -21.52 50.82 21.57
CA PRO M 275 -20.46 50.77 22.58
C PRO M 275 -20.49 49.50 23.42
N LYS M 276 -21.67 48.93 23.64
CA LYS M 276 -21.78 47.78 24.52
C LYS M 276 -21.27 46.48 23.86
N MET M 277 -21.15 46.52 22.54
CA MET M 277 -20.63 45.37 21.81
C MET M 277 -19.10 45.40 21.68
N ARG M 278 -18.46 46.33 22.38
CA ARG M 278 -16.99 46.41 22.36
C ARG M 278 -16.42 45.58 23.49
N PRO M 279 -15.22 45.04 23.27
CA PRO M 279 -14.63 44.21 24.32
C PRO M 279 -14.18 45.11 25.47
N SER M 280 -14.02 44.54 26.67
CA SER M 280 -13.41 45.24 27.79
C SER M 280 -11.90 45.15 27.63
N PHE M 281 -11.17 45.93 28.43
CA PHE M 281 -9.72 45.87 28.39
C PHE M 281 -9.30 44.53 28.94
N LEU M 282 -9.97 44.09 30.00
CA LEU M 282 -9.70 42.79 30.57
C LEU M 282 -9.83 41.67 29.54
N GLU M 283 -10.90 41.71 28.76
CA GLU M 283 -11.13 40.73 27.69
C GLU M 283 -10.00 40.76 26.66
N ILE M 284 -9.65 41.96 26.20
CA ILE M 284 -8.56 42.15 25.27
C ILE M 284 -7.34 41.43 25.83
N ILE M 285 -6.91 41.81 27.03
CA ILE M 285 -5.70 41.21 27.59
C ILE M 285 -5.80 39.68 27.61
N SER M 286 -6.96 39.16 27.99
CA SER M 286 -7.14 37.72 28.11
C SER M 286 -6.92 37.06 26.78
N SER M 287 -7.39 37.72 25.73
CA SER M 287 -7.26 37.17 24.39
C SER M 287 -5.81 37.03 23.94
N ILE M 288 -4.93 37.87 24.46
CA ILE M 288 -3.53 37.90 24.01
C ILE M 288 -2.53 37.58 25.12
N LYS M 289 -3.04 37.36 26.33
CA LYS M 289 -2.17 37.15 27.48
C LYS M 289 -1.07 36.11 27.23
N GLU M 290 -1.44 35.00 26.58
CA GLU M 290 -0.50 33.91 26.31
C GLU M 290 0.73 34.36 25.52
N GLU M 291 0.57 35.43 24.76
CA GLU M 291 1.65 35.91 23.90
C GLU M 291 2.55 36.98 24.51
N MET M 292 2.16 37.53 25.66
CA MET M 292 2.98 38.53 26.32
C MET M 292 4.24 37.87 26.86
N GLU M 293 5.32 38.63 26.95
CA GLU M 293 6.57 38.09 27.48
C GLU M 293 6.39 37.69 28.95
N PRO M 294 7.29 36.84 29.46
CA PRO M 294 7.20 36.21 30.79
C PRO M 294 6.90 37.17 31.94
N GLY M 295 7.58 38.31 31.98
CA GLY M 295 7.45 39.23 33.10
C GLY M 295 6.03 39.56 33.49
N PHE M 296 5.18 39.65 32.48
CA PHE M 296 3.79 40.14 32.61
C PHE M 296 3.04 39.64 33.85
N ARG M 297 3.11 38.34 34.09
CA ARG M 297 2.34 37.76 35.18
C ARG M 297 2.61 38.46 36.51
N GLU M 298 3.86 38.88 36.73
CA GLU M 298 4.26 39.39 38.05
C GLU M 298 4.11 40.90 38.22
N VAL M 299 3.93 41.62 37.12
CA VAL M 299 3.88 43.07 37.18
C VAL M 299 2.55 43.64 36.71
N SER M 300 1.79 42.85 35.95
CA SER M 300 0.54 43.33 35.38
C SER M 300 -0.55 43.54 36.43
N PHE M 301 -1.53 44.38 36.11
CA PHE M 301 -2.72 44.51 36.93
C PHE M 301 -3.59 43.27 36.74
N TYR M 302 -3.70 42.84 35.49
CA TYR M 302 -4.48 41.66 35.13
C TYR M 302 -4.24 40.48 36.06
N TYR M 303 -2.96 40.16 36.30
CA TYR M 303 -2.59 39.04 37.15
C TYR M 303 -2.38 39.45 38.62
N SER M 304 -2.99 40.55 39.04
CA SER M 304 -2.80 41.02 40.40
C SER M 304 -4.03 40.74 41.28
N GLU M 305 -3.81 40.70 42.59
CA GLU M 305 -4.90 40.48 43.54
C GLU M 305 -6.01 41.48 43.29
N GLU M 306 -5.64 42.74 43.13
CA GLU M 306 -6.63 43.80 42.92
C GLU M 306 -7.70 43.35 41.96
N ASN M 307 -7.32 42.56 40.95
CA ASN M 307 -8.23 42.17 39.89
C ASN M 307 -9.10 40.95 40.23
N SER N 2 -6.06 31.52 14.03
CA SER N 2 -6.94 32.56 13.51
C SER N 2 -7.70 33.30 14.62
N PHE N 3 -7.24 34.52 14.90
CA PHE N 3 -7.90 35.39 15.87
C PHE N 3 -9.31 35.77 15.37
N SER N 4 -10.29 35.74 16.28
CA SER N 4 -11.66 36.12 15.96
C SER N 4 -12.36 36.59 17.22
N ALA N 5 -13.55 37.17 17.03
CA ALA N 5 -14.33 37.66 18.15
C ALA N 5 -14.39 36.59 19.23
N ALA N 6 -14.41 35.33 18.81
CA ALA N 6 -14.52 34.22 19.74
C ALA N 6 -13.39 34.19 20.77
N ASP N 7 -12.27 34.80 20.43
CA ASP N 7 -11.09 34.74 21.29
C ASP N 7 -11.10 35.71 22.47
N VAL N 8 -11.80 36.82 22.30
CA VAL N 8 -11.84 37.89 23.30
C VAL N 8 -13.14 37.99 24.11
N TYR N 9 -14.26 37.66 23.47
CA TYR N 9 -15.59 37.79 24.07
C TYR N 9 -16.11 36.57 24.86
N VAL N 10 -15.30 35.54 25.01
CA VAL N 10 -15.66 34.40 25.85
C VAL N 10 -14.55 34.16 26.87
N PRO N 11 -14.89 34.18 28.16
CA PRO N 11 -13.90 33.97 29.22
C PRO N 11 -13.34 32.59 29.01
N ASP N 12 -12.04 32.42 29.18
CA ASP N 12 -11.43 31.14 28.87
C ASP N 12 -11.93 30.01 29.79
N GLU N 13 -12.90 30.35 30.64
CA GLU N 13 -13.48 29.37 31.58
C GLU N 13 -14.72 28.67 31.03
N TRP N 14 -15.08 28.98 29.80
CA TRP N 14 -16.17 28.31 29.10
C TRP N 14 -15.61 27.67 27.85
N GLU N 15 -14.31 27.81 27.67
CA GLU N 15 -13.67 27.30 26.47
C GLU N 15 -13.42 25.81 26.61
N VAL N 16 -13.71 25.08 25.53
CA VAL N 16 -13.39 23.67 25.48
C VAL N 16 -12.65 23.35 24.19
N ALA N 17 -11.84 22.30 24.21
CA ALA N 17 -11.08 21.91 23.04
C ALA N 17 -11.99 21.26 22.00
N ARG N 18 -11.93 21.78 20.77
CA ARG N 18 -12.75 21.27 19.68
C ARG N 18 -12.55 19.78 19.43
N GLU N 19 -11.45 19.25 19.96
CA GLU N 19 -11.19 17.82 19.90
C GLU N 19 -12.20 17.04 20.73
N LYS N 20 -12.56 17.62 21.89
CA LYS N 20 -13.49 17.00 22.82
C LYS N 20 -14.94 17.08 22.40
N ILE N 21 -15.17 17.55 21.19
CA ILE N 21 -16.52 17.63 20.66
C ILE N 21 -16.64 16.71 19.48
N THR N 22 -17.72 15.96 19.42
CA THR N 22 -18.06 15.18 18.23
C THR N 22 -19.48 15.52 17.81
N MET N 23 -19.67 15.92 16.55
CA MET N 23 -21.00 16.21 16.05
C MET N 23 -21.42 15.06 15.18
N SER N 24 -22.71 14.75 15.18
CA SER N 24 -23.17 13.60 14.40
C SER N 24 -24.05 14.01 13.23
N ARG N 25 -25.27 14.43 13.50
CA ARG N 25 -26.20 14.74 12.45
C ARG N 25 -26.89 16.04 12.81
N GLU N 26 -27.19 16.85 11.80
CA GLU N 26 -27.89 18.09 12.03
C GLU N 26 -29.24 17.85 12.72
N LEU N 27 -29.64 18.83 13.54
CA LEU N 27 -30.95 18.82 14.17
C LEU N 27 -31.84 19.85 13.50
N GLY N 28 -31.24 20.94 13.02
CA GLY N 28 -32.00 21.93 12.27
C GLY N 28 -31.34 23.27 12.15
N GLN N 29 -32.10 24.23 11.65
CA GLN N 29 -31.59 25.59 11.47
C GLN N 29 -31.62 26.37 12.77
N GLY N 30 -30.50 26.99 13.12
CA GLY N 30 -30.43 27.83 14.30
C GLY N 30 -30.47 29.31 14.00
N SER N 31 -30.65 30.10 15.05
CA SER N 31 -30.65 31.56 14.93
C SER N 31 -29.43 32.08 14.17
N PHE N 32 -28.23 31.64 14.55
CA PHE N 32 -27.04 32.22 13.93
C PHE N 32 -26.28 31.25 13.02
N GLY N 33 -26.74 30.01 12.97
CA GLY N 33 -26.00 28.97 12.29
C GLY N 33 -26.76 27.67 12.37
N MET N 34 -26.07 26.56 12.07
CA MET N 34 -26.70 25.24 12.01
C MET N 34 -26.48 24.45 13.31
N VAL N 35 -27.54 23.79 13.78
CA VAL N 35 -27.48 23.06 15.04
C VAL N 35 -27.31 21.56 14.81
N TYR N 36 -26.34 20.98 15.49
CA TYR N 36 -26.05 19.56 15.35
C TYR N 36 -26.25 18.84 16.67
N GLU N 37 -26.55 17.54 16.62
CA GLU N 37 -26.52 16.74 17.82
C GLU N 37 -25.10 16.28 17.96
N GLY N 38 -24.66 16.00 19.17
CA GLY N 38 -23.30 15.58 19.38
C GLY N 38 -23.01 15.05 20.76
N VAL N 39 -21.75 14.70 20.99
CA VAL N 39 -21.27 14.24 22.29
C VAL N 39 -20.08 15.10 22.72
N ALA N 40 -20.14 15.59 23.96
CA ALA N 40 -19.09 16.46 24.46
C ALA N 40 -18.29 15.76 25.54
N LYS N 41 -17.11 15.28 25.17
CA LYS N 41 -16.24 14.53 26.07
C LYS N 41 -15.83 15.41 27.26
N GLY N 42 -16.00 14.86 28.46
CA GLY N 42 -15.58 15.50 29.69
C GLY N 42 -15.90 16.98 29.87
N VAL N 43 -17.18 17.34 29.77
CA VAL N 43 -17.59 18.74 30.00
C VAL N 43 -18.55 18.88 31.18
N VAL N 44 -19.41 17.88 31.38
CA VAL N 44 -20.18 17.79 32.60
C VAL N 44 -19.31 16.98 33.56
N LYS N 45 -19.31 17.37 34.83
CA LYS N 45 -18.61 16.57 35.83
C LYS N 45 -19.27 15.20 35.95
N ASP N 46 -18.52 14.22 36.43
CA ASP N 46 -19.02 12.89 36.66
C ASP N 46 -19.46 12.22 35.34
N GLU N 47 -19.08 12.79 34.20
CA GLU N 47 -19.53 12.23 32.92
C GLU N 47 -18.43 12.34 31.91
N PRO N 48 -17.72 11.24 31.68
CA PRO N 48 -16.75 11.18 30.58
C PRO N 48 -17.39 11.70 29.30
N GLU N 49 -18.67 11.42 29.11
CA GLU N 49 -19.40 11.80 27.90
C GLU N 49 -20.66 12.56 28.28
N THR N 50 -21.16 13.37 27.35
CA THR N 50 -22.43 14.07 27.52
C THR N 50 -23.14 14.36 26.20
N ARG N 51 -24.41 13.99 26.12
CA ARG N 51 -25.18 14.29 24.91
C ARG N 51 -25.40 15.78 24.88
N VAL N 52 -25.10 16.39 23.75
CA VAL N 52 -25.20 17.84 23.61
C VAL N 52 -25.73 18.25 22.25
N ALA N 53 -26.23 19.48 22.18
CA ALA N 53 -26.56 20.14 20.93
C ALA N 53 -25.43 21.12 20.63
N ILE N 54 -25.00 21.16 19.37
CA ILE N 54 -23.84 21.98 19.00
C ILE N 54 -24.18 22.88 17.83
N LYS N 55 -24.09 24.20 18.06
CA LYS N 55 -24.29 25.20 17.02
C LYS N 55 -22.94 25.49 16.39
N THR N 56 -22.94 25.61 15.08
CA THR N 56 -21.74 26.01 14.37
C THR N 56 -22.00 27.37 13.72
N VAL N 57 -21.24 28.38 14.14
CA VAL N 57 -21.25 29.68 13.50
C VAL N 57 -20.08 29.67 12.54
N ASN N 58 -20.38 29.71 11.25
CA ASN N 58 -19.33 29.58 10.23
C ASN N 58 -18.74 30.91 9.79
N GLU N 59 -17.66 30.84 9.01
CA GLU N 59 -16.94 32.03 8.57
C GLU N 59 -17.82 33.16 8.03
N ALA N 60 -18.73 32.83 7.12
CA ALA N 60 -19.46 33.87 6.39
C ALA N 60 -20.45 34.63 7.27
N ALA N 61 -20.13 34.73 8.55
CA ALA N 61 -20.95 35.47 9.48
C ALA N 61 -20.17 36.71 9.87
N SER N 62 -20.79 37.87 9.69
CA SER N 62 -20.11 39.12 10.02
C SER N 62 -19.59 39.09 11.46
N MET N 63 -18.65 39.98 11.75
CA MET N 63 -18.16 40.10 13.11
C MET N 63 -19.30 40.59 13.99
N ARG N 64 -20.13 41.48 13.45
CA ARG N 64 -21.25 42.02 14.22
C ARG N 64 -22.19 40.93 14.72
N GLU N 65 -22.60 40.04 13.81
CA GLU N 65 -23.56 38.99 14.13
C GLU N 65 -22.93 37.94 15.03
N ARG N 66 -21.60 37.91 15.05
CA ARG N 66 -20.86 36.93 15.83
C ARG N 66 -20.66 37.37 17.26
N ILE N 67 -20.50 38.68 17.47
CA ILE N 67 -20.35 39.25 18.81
C ILE N 67 -21.71 39.29 19.48
N GLU N 68 -22.71 39.70 18.71
CA GLU N 68 -24.09 39.72 19.16
C GLU N 68 -24.47 38.34 19.71
N PHE N 69 -24.24 37.30 18.91
CA PHE N 69 -24.41 35.90 19.30
C PHE N 69 -23.59 35.51 20.54
N LEU N 70 -22.37 36.03 20.64
CA LEU N 70 -21.49 35.67 21.75
C LEU N 70 -21.81 36.39 23.06
N ASN N 71 -22.55 37.48 22.99
CA ASN N 71 -22.96 38.17 24.20
C ASN N 71 -24.29 37.62 24.67
N GLU N 72 -25.10 37.15 23.73
CA GLU N 72 -26.35 36.48 24.04
C GLU N 72 -26.05 35.24 24.88
N ALA N 73 -25.06 34.47 24.44
CA ALA N 73 -24.57 33.34 25.19
C ALA N 73 -23.96 33.76 26.51
N SER N 74 -23.44 34.99 26.58
CA SER N 74 -22.78 35.45 27.78
C SER N 74 -23.73 35.59 28.96
N VAL N 75 -25.03 35.69 28.67
CA VAL N 75 -26.03 35.82 29.74
C VAL N 75 -26.49 34.44 30.23
N MET N 76 -26.51 33.47 29.32
CA MET N 76 -26.73 32.07 29.66
C MET N 76 -25.84 31.61 30.80
N LYS N 77 -24.53 31.78 30.62
CA LYS N 77 -23.54 31.24 31.54
C LYS N 77 -23.92 31.51 32.99
N GLU N 78 -24.49 32.70 33.23
CA GLU N 78 -24.97 33.07 34.54
C GLU N 78 -25.94 32.03 35.14
N PHE N 79 -26.92 31.60 34.35
CA PHE N 79 -28.00 30.70 34.81
C PHE N 79 -27.60 29.23 34.92
N ASN N 80 -27.59 28.72 36.13
CA ASN N 80 -27.40 27.30 36.35
C ASN N 80 -28.59 26.82 37.12
N CYS N 81 -29.69 26.57 36.40
CA CYS N 81 -30.87 26.00 37.00
C CYS N 81 -31.15 24.69 36.32
N HIS N 82 -31.68 23.72 37.07
CA HIS N 82 -32.10 22.46 36.49
C HIS N 82 -33.19 22.65 35.43
N HIS N 83 -33.98 23.71 35.58
CA HIS N 83 -35.15 23.93 34.71
C HIS N 83 -34.90 25.06 33.72
N VAL N 84 -33.63 25.39 33.54
CA VAL N 84 -33.20 26.27 32.46
C VAL N 84 -32.21 25.49 31.60
N VAL N 85 -32.34 25.61 30.28
CA VAL N 85 -31.49 24.88 29.38
C VAL N 85 -30.06 25.42 29.46
N ARG N 86 -29.12 24.56 29.85
CA ARG N 86 -27.81 25.03 30.26
C ARG N 86 -26.86 25.29 29.08
N LEU N 87 -25.95 26.22 29.26
CA LEU N 87 -24.83 26.38 28.34
C LEU N 87 -23.66 25.59 28.89
N LEU N 88 -23.15 24.64 28.12
CA LEU N 88 -22.07 23.78 28.60
C LEU N 88 -20.69 24.32 28.30
N GLY N 89 -20.63 25.29 27.41
CA GLY N 89 -19.36 25.88 27.03
C GLY N 89 -19.35 26.24 25.56
N VAL N 90 -18.22 26.75 25.10
CA VAL N 90 -18.10 27.14 23.71
C VAL N 90 -16.67 26.94 23.24
N VAL N 91 -16.50 26.29 22.10
CA VAL N 91 -15.19 26.14 21.50
C VAL N 91 -14.87 27.37 20.66
N SER N 92 -13.79 28.07 21.03
CA SER N 92 -13.48 29.36 20.42
C SER N 92 -12.20 29.37 19.59
N GLN N 93 -11.29 28.43 19.86
CA GLN N 93 -10.04 28.32 19.09
C GLN N 93 -10.23 27.43 17.85
N GLY N 94 -10.61 28.04 16.75
CA GLY N 94 -10.89 27.26 15.57
C GLY N 94 -11.77 27.96 14.57
N GLN N 95 -12.08 27.24 13.49
CA GLN N 95 -12.64 27.85 12.30
C GLN N 95 -14.12 28.13 12.43
N PRO N 96 -14.91 27.09 12.77
CA PRO N 96 -16.30 27.34 13.14
C PRO N 96 -16.36 27.51 14.65
N THR N 97 -16.90 28.61 15.13
CA THR N 97 -17.10 28.73 16.57
C THR N 97 -18.13 27.68 16.92
N LEU N 98 -17.88 26.91 17.97
CA LEU N 98 -18.90 26.00 18.47
C LEU N 98 -19.51 26.49 19.79
N VAL N 99 -20.83 26.44 19.87
CA VAL N 99 -21.52 26.64 21.14
C VAL N 99 -22.16 25.35 21.58
N ILE N 100 -21.82 24.90 22.78
CA ILE N 100 -22.36 23.67 23.35
C ILE N 100 -23.49 23.92 24.35
N MET N 101 -24.69 23.44 24.02
CA MET N 101 -25.82 23.45 24.95
C MET N 101 -26.17 22.03 25.38
N GLU N 102 -26.84 21.93 26.52
CA GLU N 102 -27.33 20.64 26.96
C GLU N 102 -28.39 20.20 25.95
N LEU N 103 -28.41 18.91 25.60
CA LEU N 103 -29.33 18.36 24.58
C LEU N 103 -30.75 18.11 25.11
N MET N 104 -31.75 18.56 24.35
CA MET N 104 -33.15 18.39 24.73
C MET N 104 -33.90 17.55 23.69
N THR N 105 -33.76 16.24 23.81
CA THR N 105 -34.05 15.31 22.72
C THR N 105 -35.49 15.24 22.23
N ARG N 106 -36.39 16.03 22.77
CA ARG N 106 -37.78 15.98 22.31
C ARG N 106 -38.24 17.31 21.74
N GLY N 107 -37.31 18.26 21.65
CA GLY N 107 -37.59 19.52 20.97
C GLY N 107 -38.44 20.48 21.77
N ASP N 108 -38.95 21.50 21.09
CA ASP N 108 -39.67 22.55 21.77
C ASP N 108 -41.05 22.09 22.18
N LEU N 109 -41.46 22.54 23.36
CA LEU N 109 -42.71 22.17 23.98
C LEU N 109 -43.86 22.37 23.02
N LYS N 110 -43.73 23.34 22.13
CA LYS N 110 -44.86 23.66 21.27
C LYS N 110 -45.06 22.53 20.26
N SER N 111 -43.99 22.12 19.62
CA SER N 111 -44.03 20.99 18.72
C SER N 111 -44.49 19.76 19.49
N TYR N 112 -43.88 19.54 20.65
CA TYR N 112 -44.22 18.39 21.49
C TYR N 112 -45.71 18.31 21.85
N LEU N 113 -46.29 19.42 22.28
CA LEU N 113 -47.72 19.46 22.57
C LEU N 113 -48.57 19.08 21.35
N ARG N 114 -48.22 19.59 20.18
CA ARG N 114 -48.93 19.27 18.95
C ARG N 114 -48.81 17.78 18.57
N SER N 115 -47.71 17.16 19.00
CA SER N 115 -47.43 15.77 18.67
C SER N 115 -48.38 14.84 19.43
N LEU N 116 -48.97 15.37 20.50
CA LEU N 116 -49.88 14.61 21.35
C LEU N 116 -51.32 14.64 20.86
N ARG N 117 -51.55 15.26 19.70
CA ARG N 117 -52.89 15.21 19.11
C ARG N 117 -53.11 13.94 18.28
N PRO N 118 -54.38 13.57 18.07
CA PRO N 118 -54.73 12.46 17.19
C PRO N 118 -54.86 12.95 15.74
N PRO N 128 -54.41 10.96 26.21
CA PRO N 128 -54.70 12.37 26.50
C PRO N 128 -53.93 12.86 27.74
N PRO N 129 -53.30 14.04 27.67
CA PRO N 129 -52.47 14.49 28.78
C PRO N 129 -53.33 14.68 30.03
N SER N 130 -52.86 14.13 31.15
CA SER N 130 -53.57 14.22 32.42
C SER N 130 -53.29 15.52 33.15
N LEU N 131 -54.00 15.73 34.27
CA LEU N 131 -53.77 16.92 35.08
C LEU N 131 -52.37 16.83 35.65
N SER N 132 -51.99 15.64 36.07
CA SER N 132 -50.68 15.46 36.68
C SER N 132 -49.58 15.88 35.71
N LYS N 133 -49.65 15.36 34.49
CA LYS N 133 -48.66 15.63 33.46
C LYS N 133 -48.49 17.13 33.25
N MET N 134 -49.60 17.84 33.31
CA MET N 134 -49.65 19.26 33.04
C MET N 134 -49.08 20.04 34.20
N ILE N 135 -49.43 19.64 35.42
CA ILE N 135 -48.91 20.33 36.60
C ILE N 135 -47.39 20.20 36.53
N GLN N 136 -46.93 19.05 36.06
CA GLN N 136 -45.49 18.75 36.04
C GLN N 136 -44.75 19.74 35.17
N MET N 137 -45.31 20.01 33.98
CA MET N 137 -44.76 21.05 33.12
C MET N 137 -44.93 22.43 33.74
N ALA N 138 -46.11 22.70 34.28
CA ALA N 138 -46.41 24.04 34.75
C ALA N 138 -45.44 24.43 35.83
N GLY N 139 -45.09 23.46 36.66
CA GLY N 139 -44.22 23.72 37.78
C GLY N 139 -42.77 23.80 37.40
N GLU N 140 -42.38 23.00 36.41
CA GLU N 140 -41.00 23.01 35.93
C GLU N 140 -40.70 24.31 35.18
N ILE N 141 -41.70 24.81 34.45
CA ILE N 141 -41.56 26.09 33.75
C ILE N 141 -41.57 27.21 34.78
N ALA N 142 -42.44 27.08 35.77
CA ALA N 142 -42.54 28.05 36.84
C ALA N 142 -41.24 28.14 37.64
N ASP N 143 -40.67 26.99 37.98
CA ASP N 143 -39.40 26.98 38.71
C ASP N 143 -38.35 27.74 37.92
N GLY N 144 -38.14 27.32 36.68
CA GLY N 144 -37.19 27.97 35.80
C GLY N 144 -37.39 29.46 35.74
N MET N 145 -38.64 29.91 35.66
CA MET N 145 -38.92 31.34 35.65
C MET N 145 -38.65 32.00 36.99
N ALA N 146 -38.99 31.33 38.10
CA ALA N 146 -38.68 31.82 39.44
C ALA N 146 -37.17 32.06 39.57
N TYR N 147 -36.40 31.17 38.96
CA TYR N 147 -34.95 31.29 38.98
C TYR N 147 -34.51 32.51 38.15
N LEU N 148 -35.15 32.73 37.01
CA LEU N 148 -34.89 33.91 36.21
C LEU N 148 -35.11 35.17 37.00
N ASN N 149 -36.32 35.33 37.55
CA ASN N 149 -36.69 36.58 38.20
C ASN N 149 -35.84 36.86 39.43
N ALA N 150 -35.51 35.82 40.18
CA ALA N 150 -34.69 35.97 41.38
C ALA N 150 -33.32 36.59 41.07
N ASN N 151 -32.81 36.34 39.87
CA ASN N 151 -31.54 36.93 39.43
C ASN N 151 -31.83 38.19 38.63
N LYS N 152 -33.04 38.68 38.77
CA LYS N 152 -33.41 40.00 38.29
C LYS N 152 -33.42 40.10 36.77
N PHE N 153 -34.10 39.14 36.14
CA PHE N 153 -34.26 39.14 34.70
C PHE N 153 -35.70 38.98 34.30
N VAL N 154 -36.07 39.69 33.25
CA VAL N 154 -37.37 39.56 32.62
C VAL N 154 -37.19 38.82 31.31
N HIS N 155 -37.81 37.65 31.20
CA HIS N 155 -37.79 36.89 29.97
C HIS N 155 -38.44 37.66 28.82
N ARG N 156 -39.61 38.23 29.08
CA ARG N 156 -40.37 39.00 28.08
C ARG N 156 -41.00 38.15 26.98
N ASP N 157 -40.36 37.03 26.64
CA ASP N 157 -40.76 36.21 25.51
C ASP N 157 -41.09 34.78 25.93
N LEU N 158 -41.75 34.60 27.06
CA LEU N 158 -42.04 33.23 27.49
C LEU N 158 -43.18 32.69 26.65
N ALA N 159 -42.97 31.52 26.04
CA ALA N 159 -44.02 30.88 25.25
C ALA N 159 -43.69 29.40 25.13
N ALA N 160 -44.69 28.59 24.78
CA ALA N 160 -44.44 27.16 24.62
C ALA N 160 -43.31 26.91 23.64
N ARG N 161 -43.25 27.75 22.63
CA ARG N 161 -42.30 27.57 21.54
C ARG N 161 -40.87 27.77 22.04
N ASN N 162 -40.73 28.36 23.22
CA ASN N 162 -39.41 28.69 23.72
C ASN N 162 -38.95 27.75 24.82
N CYS N 163 -39.82 26.83 25.20
CA CYS N 163 -39.51 25.88 26.24
C CYS N 163 -39.11 24.56 25.57
N MET N 164 -38.16 23.83 26.17
CA MET N 164 -37.66 22.58 25.59
C MET N 164 -38.02 21.38 26.45
N VAL N 165 -38.09 20.22 25.82
CA VAL N 165 -38.43 18.97 26.51
C VAL N 165 -37.28 17.98 26.45
N ALA N 166 -36.80 17.52 27.60
CA ALA N 166 -35.71 16.55 27.66
C ALA N 166 -36.17 15.10 27.53
N GLU N 167 -35.21 14.19 27.42
CA GLU N 167 -35.48 12.76 27.23
C GLU N 167 -36.55 12.26 28.20
N ASP N 168 -36.44 12.67 29.46
CA ASP N 168 -37.38 12.20 30.48
C ASP N 168 -38.55 13.15 30.65
N PHE N 169 -38.82 13.91 29.60
CA PHE N 169 -40.02 14.76 29.51
C PHE N 169 -39.96 16.02 30.36
N THR N 170 -38.83 16.23 31.02
CA THR N 170 -38.66 17.42 31.83
C THR N 170 -38.66 18.65 30.93
N VAL N 171 -39.51 19.62 31.26
CA VAL N 171 -39.58 20.85 30.48
C VAL N 171 -38.64 21.93 31.06
N LYS N 172 -38.04 22.74 30.18
CA LYS N 172 -37.07 23.76 30.60
C LYS N 172 -37.15 25.07 29.81
N ILE N 173 -36.79 26.17 30.47
CA ILE N 173 -36.81 27.49 29.83
C ILE N 173 -35.52 27.66 29.05
N GLY N 174 -35.61 28.18 27.83
CA GLY N 174 -34.51 27.97 26.93
C GLY N 174 -34.03 29.08 26.02
N ASP N 175 -34.86 30.08 25.75
CA ASP N 175 -34.47 31.01 24.71
C ASP N 175 -34.47 32.46 25.18
N PHE N 176 -33.28 33.00 25.45
CA PHE N 176 -33.19 34.29 26.11
C PHE N 176 -32.69 35.44 25.23
N GLY N 177 -32.89 35.34 23.92
CA GLY N 177 -32.46 36.41 23.04
C GLY N 177 -33.12 37.72 23.41
N MET N 178 -34.23 37.63 24.12
CA MET N 178 -35.09 38.77 24.33
C MET N 178 -35.13 39.23 25.80
N THR N 179 -34.41 38.52 26.66
CA THR N 179 -34.45 38.79 28.09
C THR N 179 -33.61 40.02 28.48
N ARG N 180 -34.07 40.74 29.49
CA ARG N 180 -33.40 41.98 29.90
C ARG N 180 -33.20 42.08 31.40
N ASP N 181 -32.05 42.62 31.82
CA ASP N 181 -31.67 42.74 33.22
C ASP N 181 -32.52 43.81 33.91
N ILE N 182 -32.93 43.55 35.15
CA ILE N 182 -33.72 44.56 35.86
C ILE N 182 -33.31 44.77 37.32
N PTR N 183 -32.02 44.57 37.64
CA PTR N 183 -31.49 45.03 38.93
C PTR N 183 -31.54 46.56 38.89
O PTR N 183 -31.05 47.17 37.94
CB PTR N 183 -30.04 44.57 39.14
CG PTR N 183 -29.44 44.93 40.49
CD1 PTR N 183 -29.33 46.26 40.89
CD2 PTR N 183 -28.96 43.95 41.34
CE1 PTR N 183 -28.77 46.59 42.13
CE2 PTR N 183 -28.40 44.28 42.59
CZ PTR N 183 -28.31 45.60 42.97
OH PTR N 183 -27.75 45.94 44.19
N GLU N 184 -32.12 47.17 39.93
CA GLU N 184 -32.45 48.60 39.89
C GLU N 184 -33.45 48.79 38.76
N THR N 185 -34.60 49.37 39.07
CA THR N 185 -35.67 49.58 38.10
C THR N 185 -36.78 48.55 38.28
N ASP N 186 -36.43 47.27 38.17
CA ASP N 186 -37.42 46.20 38.21
C ASP N 186 -38.39 46.30 37.05
N PTR N 187 -37.96 46.90 35.95
CA PTR N 187 -38.74 46.87 34.72
C PTR N 187 -37.82 47.13 33.53
O PTR N 187 -36.67 47.57 33.70
CB PTR N 187 -39.92 47.86 34.70
CG PTR N 187 -39.50 49.30 34.67
CD1 PTR N 187 -39.26 50.01 35.85
CD2 PTR N 187 -39.33 49.96 33.46
CE1 PTR N 187 -38.87 51.35 35.81
CE2 PTR N 187 -38.94 51.28 33.42
CZ PTR N 187 -38.72 51.98 34.59
OH PTR N 187 -38.35 53.16 34.54
P PTR N 187 -39.10 54.27 33.63
O1P PTR N 187 -39.16 53.85 32.21
O2P PTR N 187 -40.54 54.46 34.17
O3P PTR N 187 -38.35 55.61 33.65
N PTR N 188 -38.31 46.84 32.33
CA PTR N 188 -37.61 47.18 31.10
C PTR N 188 -38.62 47.95 30.27
O PTR N 188 -39.78 47.58 30.21
CB PTR N 188 -37.13 45.93 30.36
CG PTR N 188 -36.72 46.19 28.92
CD1 PTR N 188 -35.41 46.54 28.61
CD2 PTR N 188 -37.65 46.10 27.89
CE1 PTR N 188 -35.04 46.78 27.30
CE2 PTR N 188 -37.28 46.34 26.57
CZ PTR N 188 -35.97 46.69 26.27
OH PTR N 188 -35.68 46.90 25.09
P PTR N 188 -34.20 47.28 24.55
O1P PTR N 188 -34.03 46.88 23.12
O2P PTR N 188 -33.11 46.55 25.36
O3P PTR N 188 -34.05 48.81 24.63
N ARG N 189 -38.17 49.04 29.63
CA ARG N 189 -39.08 49.79 28.78
C ARG N 189 -38.61 49.83 27.33
N LYS N 190 -39.43 49.29 26.43
CA LYS N 190 -39.08 49.22 25.01
C LYS N 190 -39.20 50.59 24.35
N GLY N 191 -38.12 50.99 23.68
CA GLY N 191 -38.08 52.27 23.00
C GLY N 191 -38.79 52.29 21.66
N GLY N 192 -38.24 51.55 20.70
CA GLY N 192 -38.69 51.66 19.32
C GLY N 192 -39.69 50.61 18.94
N LYS N 193 -39.59 50.10 17.71
CA LYS N 193 -40.36 48.92 17.31
C LYS N 193 -39.87 47.64 17.98
N GLY N 194 -40.82 46.85 18.49
CA GLY N 194 -40.54 45.52 18.99
C GLY N 194 -41.29 44.50 18.16
N LEU N 195 -40.81 43.25 18.18
CA LEU N 195 -41.35 42.22 17.31
C LEU N 195 -41.89 41.03 18.09
N LEU N 196 -42.06 41.21 19.40
CA LEU N 196 -42.63 40.16 20.24
C LEU N 196 -44.05 39.85 19.81
N PRO N 197 -44.38 38.55 19.70
CA PRO N 197 -45.76 38.18 19.38
C PRO N 197 -46.68 38.76 20.43
N VAL N 198 -47.67 39.51 19.98
CA VAL N 198 -48.62 40.19 20.86
C VAL N 198 -49.54 39.25 21.65
N ARG N 199 -49.73 38.03 21.16
CA ARG N 199 -50.68 37.13 21.83
C ARG N 199 -50.17 36.70 23.21
N TRP N 200 -48.87 36.84 23.43
CA TRP N 200 -48.28 36.47 24.71
C TRP N 200 -48.04 37.68 25.61
N MET N 201 -48.33 38.87 25.08
CA MET N 201 -48.05 40.11 25.78
C MET N 201 -49.17 40.54 26.71
N SER N 202 -48.77 41.07 27.86
CA SER N 202 -49.69 41.57 28.87
C SER N 202 -50.35 42.85 28.42
N PRO N 203 -51.50 43.18 29.01
CA PRO N 203 -52.17 44.44 28.68
C PRO N 203 -51.28 45.65 28.94
N GLU N 204 -50.45 45.63 29.99
CA GLU N 204 -49.61 46.79 30.30
C GLU N 204 -48.39 46.90 29.39
N SER N 205 -47.89 45.76 28.94
CA SER N 205 -46.85 45.73 27.91
C SER N 205 -47.40 46.25 26.59
N LEU N 206 -48.60 45.82 26.22
CA LEU N 206 -49.26 46.30 25.01
C LEU N 206 -49.48 47.80 25.04
N LYS N 207 -49.64 48.34 26.24
CA LYS N 207 -50.08 49.71 26.35
C LYS N 207 -48.91 50.68 26.37
N ASP N 208 -47.80 50.27 27.01
CA ASP N 208 -46.70 51.18 27.25
C ASP N 208 -45.30 50.63 26.94
N GLY N 209 -45.24 49.33 26.63
CA GLY N 209 -43.97 48.69 26.36
C GLY N 209 -43.19 48.46 27.64
N VAL N 210 -43.93 48.19 28.71
CA VAL N 210 -43.34 47.96 30.02
C VAL N 210 -43.30 46.49 30.35
N PHE N 211 -42.14 46.02 30.79
CA PHE N 211 -41.96 44.60 31.10
C PHE N 211 -41.46 44.39 32.51
N THR N 212 -42.12 43.49 33.22
CA THR N 212 -41.86 43.20 34.62
C THR N 212 -41.94 41.70 34.84
N THR N 213 -41.71 41.24 36.06
CA THR N 213 -41.91 39.82 36.33
C THR N 213 -43.41 39.55 36.23
N TYR N 214 -44.20 40.60 36.43
CA TYR N 214 -45.64 40.50 36.37
C TYR N 214 -46.11 40.16 34.97
N SER N 215 -45.45 40.77 33.98
CA SER N 215 -45.78 40.49 32.60
C SER N 215 -45.32 39.07 32.21
N ASP N 216 -44.16 38.64 32.70
CA ASP N 216 -43.78 37.24 32.55
C ASP N 216 -44.85 36.29 33.08
N VAL N 217 -45.40 36.57 34.25
CA VAL N 217 -46.41 35.69 34.81
C VAL N 217 -47.63 35.61 33.90
N TRP N 218 -47.98 36.74 33.28
CA TRP N 218 -49.06 36.77 32.30
C TRP N 218 -48.75 35.80 31.17
N SER N 219 -47.57 35.94 30.58
CA SER N 219 -47.15 35.05 29.53
C SER N 219 -47.15 33.62 30.02
N PHE N 220 -46.74 33.41 31.26
CA PHE N 220 -46.71 32.08 31.84
C PHE N 220 -48.10 31.49 31.81
N GLY N 221 -49.08 32.33 32.12
CA GLY N 221 -50.47 31.93 32.08
C GLY N 221 -50.91 31.50 30.69
N VAL N 222 -50.27 32.06 29.68
CA VAL N 222 -50.65 31.75 28.32
C VAL N 222 -50.13 30.39 27.90
N VAL N 223 -48.91 30.06 28.30
CA VAL N 223 -48.38 28.74 27.96
C VAL N 223 -49.14 27.66 28.70
N LEU N 224 -49.73 27.98 29.85
CA LEU N 224 -50.59 27.03 30.55
C LEU N 224 -51.75 26.69 29.63
N TRP N 225 -52.39 27.73 29.12
CA TRP N 225 -53.48 27.58 28.17
C TRP N 225 -52.99 26.77 26.98
N GLU N 226 -51.82 27.13 26.47
CA GLU N 226 -51.23 26.37 25.38
C GLU N 226 -51.17 24.90 25.75
N ILE N 227 -50.72 24.61 26.97
CA ILE N 227 -50.53 23.22 27.40
C ILE N 227 -51.89 22.54 27.46
N ALA N 228 -52.91 23.31 27.77
CA ALA N 228 -54.22 22.76 27.96
C ALA N 228 -54.91 22.55 26.62
N THR N 229 -54.46 23.25 25.59
CA THR N 229 -55.08 23.13 24.29
C THR N 229 -54.17 22.40 23.32
N LEU N 230 -53.13 21.78 23.84
CA LEU N 230 -52.11 21.14 23.01
C LEU N 230 -51.63 22.08 21.89
N ALA N 231 -51.21 23.28 22.29
CA ALA N 231 -50.60 24.25 21.36
C ALA N 231 -51.52 24.80 20.27
N GLU N 232 -52.68 25.31 20.65
CA GLU N 232 -53.51 26.03 19.70
C GLU N 232 -53.15 27.51 19.70
N GLN N 233 -53.58 28.23 18.68
CA GLN N 233 -53.27 29.65 18.60
C GLN N 233 -54.10 30.48 19.58
N PRO N 234 -53.44 31.19 20.49
CA PRO N 234 -54.17 32.06 21.42
C PRO N 234 -54.98 33.10 20.65
N TYR N 235 -56.26 33.22 20.96
CA TYR N 235 -57.12 34.20 20.31
C TYR N 235 -57.23 33.90 18.83
N GLN N 236 -57.29 32.62 18.49
CA GLN N 236 -57.60 32.23 17.12
C GLN N 236 -58.93 32.89 16.75
N GLY N 237 -59.04 33.40 15.54
CA GLY N 237 -60.25 34.11 15.13
C GLY N 237 -60.18 35.61 15.33
N LEU N 238 -59.19 36.06 16.08
CA LEU N 238 -58.88 37.49 16.17
C LEU N 238 -57.59 37.79 15.40
N SER N 239 -57.51 38.99 14.83
CA SER N 239 -56.30 39.41 14.14
C SER N 239 -55.35 40.06 15.13
N ASN N 240 -54.06 40.13 14.82
CA ASN N 240 -53.14 40.82 15.71
C ASN N 240 -53.77 42.15 16.14
N GLU N 241 -54.25 42.88 15.15
CA GLU N 241 -54.97 44.12 15.40
C GLU N 241 -56.12 43.96 16.41
N GLN N 242 -56.92 42.90 16.25
CA GLN N 242 -58.07 42.66 17.10
C GLN N 242 -57.67 42.18 18.50
N VAL N 243 -56.62 41.39 18.57
CA VAL N 243 -56.11 40.89 19.85
C VAL N 243 -55.60 42.05 20.66
N LEU N 244 -54.87 42.93 19.99
CA LEU N 244 -54.32 44.09 20.65
C LEU N 244 -55.39 44.81 21.43
N ARG N 245 -56.49 45.15 20.76
CA ARG N 245 -57.55 45.89 21.43
C ARG N 245 -58.21 45.02 22.48
N PHE N 246 -58.43 43.76 22.13
CA PHE N 246 -59.24 42.88 22.95
C PHE N 246 -58.62 42.62 24.33
N VAL N 247 -57.31 42.44 24.36
CA VAL N 247 -56.63 42.16 25.61
C VAL N 247 -56.49 43.41 26.45
N MET N 248 -56.21 44.53 25.79
CA MET N 248 -55.97 45.81 26.47
C MET N 248 -57.20 46.31 27.21
N GLU N 249 -58.37 45.96 26.72
CA GLU N 249 -59.61 46.38 27.37
C GLU N 249 -60.14 45.36 28.38
N GLY N 250 -59.39 44.27 28.59
CA GLY N 250 -59.72 43.33 29.65
C GLY N 250 -60.20 41.96 29.21
N GLY N 251 -60.20 41.72 27.90
CA GLY N 251 -60.56 40.41 27.37
C GLY N 251 -59.70 39.30 27.94
N LEU N 252 -60.15 38.07 27.74
CA LEU N 252 -59.42 36.90 28.21
C LEU N 252 -59.61 35.70 27.32
N LEU N 253 -58.69 34.75 27.44
CA LEU N 253 -58.77 33.51 26.72
C LEU N 253 -59.86 32.66 27.34
N ASP N 254 -60.71 32.10 26.49
CA ASP N 254 -61.78 31.23 26.97
C ASP N 254 -61.20 29.93 27.51
N LYS N 255 -61.82 29.43 28.57
CA LYS N 255 -61.38 28.20 29.18
C LYS N 255 -61.42 27.06 28.15
N PRO N 256 -60.27 26.39 27.95
CA PRO N 256 -60.22 25.33 26.94
C PRO N 256 -61.23 24.23 27.23
N ASP N 257 -61.80 23.64 26.18
CA ASP N 257 -62.68 22.49 26.36
C ASP N 257 -61.94 21.39 27.10
N ASN N 258 -62.58 20.86 28.13
CA ASN N 258 -62.06 19.68 28.81
C ASN N 258 -60.89 20.01 29.71
N CYS N 259 -60.58 21.31 29.80
CA CYS N 259 -59.53 21.77 30.70
C CYS N 259 -59.95 21.55 32.16
N PRO N 260 -59.02 21.05 33.00
CA PRO N 260 -59.28 20.86 34.43
C PRO N 260 -59.57 22.17 35.17
N ASP N 261 -60.69 22.21 35.90
CA ASP N 261 -61.09 23.40 36.65
C ASP N 261 -59.91 24.15 37.27
N MET N 262 -58.99 23.40 37.88
CA MET N 262 -57.84 23.99 38.55
C MET N 262 -56.89 24.75 37.62
N LEU N 263 -56.42 24.09 36.56
CA LEU N 263 -55.47 24.72 35.67
C LEU N 263 -56.00 26.02 35.09
N PHE N 264 -57.29 26.09 34.83
CA PHE N 264 -57.84 27.30 34.27
C PHE N 264 -57.89 28.38 35.32
N GLU N 265 -58.13 27.98 36.55
CA GLU N 265 -58.27 28.94 37.62
C GLU N 265 -56.91 29.59 37.87
N LEU N 266 -55.86 28.79 37.72
CA LEU N 266 -54.49 29.26 37.79
C LEU N 266 -54.22 30.28 36.66
N MET N 267 -54.72 30.01 35.46
CA MET N 267 -54.63 30.95 34.35
C MET N 267 -55.28 32.27 34.71
N ARG N 268 -56.44 32.20 35.35
CA ARG N 268 -57.18 33.41 35.67
C ARG N 268 -56.39 34.35 36.59
N MET N 269 -55.61 33.75 37.48
CA MET N 269 -54.83 34.51 38.46
C MET N 269 -53.67 35.19 37.74
N CYS N 270 -53.02 34.46 36.85
CA CYS N 270 -51.97 35.04 36.00
C CYS N 270 -52.49 36.15 35.09
N TRP N 271 -53.79 36.22 34.88
CA TRP N 271 -54.35 37.20 33.93
C TRP N 271 -55.05 38.40 34.59
N GLN N 272 -54.96 38.49 35.91
CA GLN N 272 -55.46 39.66 36.60
C GLN N 272 -55.03 40.88 35.79
N TYR N 273 -55.93 41.82 35.58
CA TYR N 273 -55.56 43.03 34.85
C TYR N 273 -54.45 43.83 35.53
N ASN N 274 -54.60 44.10 36.82
CA ASN N 274 -53.56 44.80 37.57
C ASN N 274 -52.37 43.88 37.83
N PRO N 275 -51.21 44.26 37.33
CA PRO N 275 -50.02 43.43 37.46
C PRO N 275 -49.74 43.04 38.91
N LYS N 276 -50.06 43.92 39.84
CA LYS N 276 -49.71 43.67 41.24
C LYS N 276 -50.59 42.56 41.87
N MET N 277 -51.69 42.24 41.18
CA MET N 277 -52.68 41.28 41.68
C MET N 277 -52.40 39.83 41.27
N ARG N 278 -51.42 39.65 40.36
CA ARG N 278 -51.02 38.32 39.91
C ARG N 278 -50.11 37.63 40.92
N PRO N 279 -50.11 36.30 40.92
CA PRO N 279 -49.24 35.50 41.79
C PRO N 279 -47.79 35.60 41.31
N SER N 280 -46.83 35.31 42.17
CA SER N 280 -45.43 35.30 41.78
C SER N 280 -45.08 33.86 41.44
N PHE N 281 -44.04 33.62 40.66
CA PHE N 281 -43.74 32.25 40.26
C PHE N 281 -43.59 31.37 41.48
N LEU N 282 -42.95 31.91 42.51
CA LEU N 282 -42.79 31.18 43.75
C LEU N 282 -44.16 30.80 44.34
N GLU N 283 -45.11 31.73 44.32
CA GLU N 283 -46.45 31.44 44.81
C GLU N 283 -47.10 30.31 44.02
N ILE N 284 -46.91 30.33 42.71
CA ILE N 284 -47.54 29.33 41.84
C ILE N 284 -46.98 27.96 42.17
N ILE N 285 -45.66 27.86 42.24
CA ILE N 285 -44.99 26.62 42.61
C ILE N 285 -45.44 26.11 43.97
N SER N 286 -45.61 27.02 44.93
CA SER N 286 -46.08 26.64 46.26
C SER N 286 -47.45 25.99 46.27
N SER N 287 -48.32 26.44 45.38
CA SER N 287 -49.69 25.95 45.36
C SER N 287 -49.78 24.53 44.81
N ILE N 288 -48.70 24.08 44.17
CA ILE N 288 -48.73 22.81 43.46
C ILE N 288 -47.56 21.88 43.79
N LYS N 289 -46.64 22.36 44.62
CA LYS N 289 -45.41 21.60 44.90
C LYS N 289 -45.67 20.16 45.33
N GLU N 290 -46.60 19.98 46.27
CA GLU N 290 -46.99 18.66 46.75
C GLU N 290 -47.35 17.74 45.58
N GLU N 291 -47.82 18.35 44.49
CA GLU N 291 -48.33 17.64 43.31
C GLU N 291 -47.24 17.23 42.33
N MET N 292 -46.02 17.72 42.54
CA MET N 292 -44.92 17.46 41.62
C MET N 292 -44.33 16.06 41.82
N GLU N 293 -43.66 15.56 40.81
CA GLU N 293 -43.02 14.25 40.89
C GLU N 293 -41.81 14.24 41.83
N PRO N 294 -41.53 13.07 42.42
CA PRO N 294 -40.51 12.83 43.47
C PRO N 294 -39.28 13.74 43.44
N GLY N 295 -38.56 13.73 42.32
CA GLY N 295 -37.28 14.41 42.25
C GLY N 295 -37.26 15.91 42.49
N PHE N 296 -38.41 16.56 42.29
CA PHE N 296 -38.50 18.01 42.37
C PHE N 296 -37.79 18.61 43.59
N ARG N 297 -37.86 17.91 44.72
CA ARG N 297 -37.29 18.44 45.94
C ARG N 297 -35.80 18.66 45.79
N GLU N 298 -35.16 17.84 44.97
CA GLU N 298 -33.70 17.78 44.95
C GLU N 298 -33.05 18.45 43.75
N VAL N 299 -33.87 19.01 42.86
CA VAL N 299 -33.35 19.59 41.62
C VAL N 299 -33.90 20.98 41.39
N SER N 300 -35.03 21.28 42.03
CA SER N 300 -35.70 22.56 41.84
C SER N 300 -34.89 23.69 42.43
N PHE N 301 -35.13 24.90 41.91
CA PHE N 301 -34.60 26.12 42.50
C PHE N 301 -35.43 26.47 43.73
N TYR N 302 -36.74 26.25 43.62
CA TYR N 302 -37.65 26.46 44.73
C TYR N 302 -37.14 25.89 46.06
N TYR N 303 -36.79 24.60 46.06
CA TYR N 303 -36.28 23.92 47.27
C TYR N 303 -34.77 24.05 47.46
N SER N 304 -34.17 25.13 46.99
CA SER N 304 -32.72 25.24 47.00
C SER N 304 -32.23 26.27 48.00
N GLU N 305 -30.94 26.21 48.32
CA GLU N 305 -30.32 27.16 49.24
C GLU N 305 -30.42 28.55 48.65
N GLU N 306 -30.22 28.67 47.34
CA GLU N 306 -30.35 29.96 46.68
C GLU N 306 -31.64 30.67 47.10
N ASN N 307 -32.75 29.93 47.14
CA ASN N 307 -34.04 30.54 47.47
C ASN N 307 -34.16 30.81 48.98
N SER O 2 -0.05 -45.58 -22.62
CA SER O 2 0.61 -45.12 -21.40
C SER O 2 1.94 -44.44 -21.70
N PHE O 3 2.55 -43.87 -20.67
CA PHE O 3 3.85 -43.23 -20.77
C PHE O 3 4.93 -44.31 -20.71
N SER O 4 5.92 -44.25 -21.61
CA SER O 4 7.04 -45.17 -21.55
C SER O 4 8.30 -44.53 -22.10
N ALA O 5 9.43 -45.19 -21.91
CA ALA O 5 10.73 -44.73 -22.39
C ALA O 5 10.65 -44.11 -23.78
N ALA O 6 9.85 -44.71 -24.65
CA ALA O 6 9.72 -44.25 -26.03
C ALA O 6 9.21 -42.81 -26.08
N ASP O 7 8.39 -42.43 -25.11
CA ASP O 7 7.83 -41.08 -25.08
C ASP O 7 8.87 -39.97 -24.87
N VAL O 8 10.01 -40.32 -24.28
CA VAL O 8 11.03 -39.34 -23.92
C VAL O 8 12.34 -39.47 -24.69
N TYR O 9 12.66 -40.68 -25.12
CA TYR O 9 13.97 -40.97 -25.72
C TYR O 9 14.00 -40.87 -27.23
N VAL O 10 12.85 -40.59 -27.83
CA VAL O 10 12.79 -40.34 -29.28
C VAL O 10 12.34 -38.92 -29.59
N PRO O 11 13.16 -38.17 -30.34
CA PRO O 11 12.71 -36.82 -30.69
C PRO O 11 11.41 -36.93 -31.47
N ASP O 12 10.38 -36.22 -31.05
CA ASP O 12 9.08 -36.36 -31.70
C ASP O 12 9.09 -36.07 -33.22
N GLU O 13 10.25 -35.67 -33.73
CA GLU O 13 10.39 -35.41 -35.16
C GLU O 13 10.74 -36.65 -36.01
N TRP O 14 10.83 -37.82 -35.37
CA TRP O 14 10.90 -39.10 -36.07
C TRP O 14 9.64 -39.88 -35.79
N GLU O 15 8.91 -39.43 -34.79
CA GLU O 15 7.70 -40.09 -34.38
C GLU O 15 6.73 -40.14 -35.55
N VAL O 16 6.10 -41.30 -35.74
CA VAL O 16 5.05 -41.46 -36.73
C VAL O 16 3.90 -42.21 -36.08
N ALA O 17 2.67 -41.85 -36.44
CA ALA O 17 1.49 -42.55 -35.89
C ALA O 17 1.45 -43.99 -36.39
N ARG O 18 1.07 -44.92 -35.52
CA ARG O 18 1.02 -46.34 -35.91
C ARG O 18 -0.05 -46.61 -36.97
N GLU O 19 -1.14 -45.86 -36.94
CA GLU O 19 -2.16 -45.94 -37.98
C GLU O 19 -1.56 -45.91 -39.39
N LYS O 20 -0.44 -45.19 -39.54
CA LYS O 20 0.23 -45.06 -40.83
C LYS O 20 1.12 -46.25 -41.15
N ILE O 21 1.17 -47.22 -40.25
CA ILE O 21 2.02 -48.39 -40.44
C ILE O 21 1.16 -49.64 -40.39
N THR O 22 1.44 -50.57 -41.31
CA THR O 22 0.80 -51.88 -41.28
C THR O 22 1.84 -52.98 -41.51
N MET O 23 1.88 -53.95 -40.60
CA MET O 23 2.83 -55.06 -40.70
C MET O 23 2.10 -56.21 -41.35
N SER O 24 2.80 -56.96 -42.20
CA SER O 24 2.18 -58.08 -42.86
C SER O 24 2.67 -59.40 -42.27
N ARG O 25 3.85 -59.84 -42.69
CA ARG O 25 4.38 -61.13 -42.27
C ARG O 25 5.69 -60.94 -41.51
N GLU O 26 6.01 -61.89 -40.62
CA GLU O 26 7.28 -61.86 -39.90
C GLU O 26 8.44 -62.15 -40.86
N LEU O 27 9.60 -61.58 -40.56
CA LEU O 27 10.81 -61.75 -41.35
C LEU O 27 11.85 -62.54 -40.57
N GLY O 28 11.93 -62.28 -39.27
CA GLY O 28 12.86 -63.02 -38.43
C GLY O 28 13.00 -62.43 -37.05
N GLN O 29 13.86 -63.06 -36.26
CA GLN O 29 14.04 -62.69 -34.87
C GLN O 29 15.10 -61.61 -34.74
N GLY O 30 14.77 -60.51 -34.10
CA GLY O 30 15.70 -59.39 -34.05
C GLY O 30 16.28 -59.17 -32.68
N SER O 31 17.34 -58.39 -32.62
CA SER O 31 18.04 -58.11 -31.35
C SER O 31 17.15 -57.77 -30.15
N PHE O 32 16.07 -57.01 -30.34
CA PHE O 32 15.27 -56.61 -29.18
C PHE O 32 13.85 -57.08 -29.30
N GLY O 33 13.55 -57.71 -30.42
CA GLY O 33 12.20 -58.12 -30.71
C GLY O 33 12.05 -58.71 -32.09
N MET O 34 10.81 -58.88 -32.52
CA MET O 34 10.54 -59.53 -33.79
C MET O 34 10.54 -58.49 -34.91
N VAL O 35 11.06 -58.88 -36.08
CA VAL O 35 11.04 -58.02 -37.25
C VAL O 35 9.99 -58.49 -38.25
N TYR O 36 9.15 -57.57 -38.71
CA TYR O 36 8.10 -57.87 -39.68
C TYR O 36 8.35 -57.07 -40.97
N GLU O 37 7.76 -57.51 -42.08
CA GLU O 37 7.70 -56.68 -43.27
C GLU O 37 6.45 -55.81 -43.20
N GLY O 38 6.44 -54.71 -43.94
CA GLY O 38 5.30 -53.82 -43.87
C GLY O 38 5.15 -52.72 -44.89
N VAL O 39 4.15 -51.88 -44.61
CA VAL O 39 3.84 -50.73 -45.42
C VAL O 39 3.72 -49.50 -44.51
N ALA O 40 4.55 -48.51 -44.80
CA ALA O 40 4.53 -47.24 -44.10
C ALA O 40 3.93 -46.17 -44.99
N LYS O 41 2.78 -45.65 -44.58
CA LYS O 41 2.11 -44.59 -45.34
C LYS O 41 2.67 -43.20 -45.07
N GLY O 42 3.12 -42.56 -46.14
CA GLY O 42 3.56 -41.17 -46.09
C GLY O 42 4.74 -40.93 -45.16
N VAL O 43 5.78 -41.76 -45.28
CA VAL O 43 6.99 -41.57 -44.50
C VAL O 43 8.14 -41.03 -45.35
N VAL O 44 8.38 -41.66 -46.50
CA VAL O 44 9.41 -41.19 -47.42
C VAL O 44 8.83 -40.20 -48.43
N LYS O 45 9.50 -39.06 -48.55
CA LYS O 45 9.13 -37.97 -49.43
C LYS O 45 8.82 -38.45 -50.86
N ASP O 46 7.64 -38.07 -51.36
CA ASP O 46 7.18 -38.43 -52.71
C ASP O 46 6.41 -39.76 -52.79
N GLU O 47 6.50 -40.55 -51.73
CA GLU O 47 5.90 -41.88 -51.74
C GLU O 47 4.75 -42.00 -50.73
N PRO O 48 3.52 -41.90 -51.22
CA PRO O 48 2.34 -42.15 -50.40
C PRO O 48 2.46 -43.46 -49.62
N GLU O 49 3.21 -44.41 -50.17
CA GLU O 49 3.43 -45.70 -49.51
C GLU O 49 4.86 -46.17 -49.73
N THR O 50 5.46 -46.75 -48.70
CA THR O 50 6.80 -47.35 -48.84
C THR O 50 6.87 -48.70 -48.14
N ARG O 51 7.69 -49.60 -48.68
CA ARG O 51 7.93 -50.90 -48.06
C ARG O 51 9.06 -50.84 -47.05
N VAL O 52 8.77 -51.31 -45.84
CA VAL O 52 9.66 -51.16 -44.72
C VAL O 52 9.81 -52.45 -43.95
N ALA O 53 10.92 -52.55 -43.22
CA ALA O 53 11.04 -53.53 -42.15
C ALA O 53 10.56 -52.86 -40.85
N ILE O 54 9.85 -53.62 -40.02
CA ILE O 54 9.32 -53.07 -38.78
C ILE O 54 9.66 -53.98 -37.61
N LYS O 55 10.22 -53.37 -36.58
CA LYS O 55 10.64 -54.06 -35.36
C LYS O 55 9.67 -53.76 -34.24
N THR O 56 9.23 -54.80 -33.55
CA THR O 56 8.32 -54.61 -32.42
C THR O 56 9.01 -54.92 -31.10
N VAL O 57 9.08 -53.91 -30.23
CA VAL O 57 9.46 -54.14 -28.85
C VAL O 57 8.17 -54.21 -28.03
N ASN O 58 7.88 -55.40 -27.51
CA ASN O 58 6.66 -55.61 -26.74
C ASN O 58 6.81 -55.12 -25.31
N GLU O 59 5.75 -55.20 -24.52
CA GLU O 59 5.82 -54.70 -23.15
C GLU O 59 6.66 -55.52 -22.17
N ALA O 60 6.74 -56.82 -22.36
CA ALA O 60 7.55 -57.65 -21.48
C ALA O 60 8.97 -57.10 -21.31
N ALA O 61 9.39 -56.30 -22.29
CA ALA O 61 10.77 -55.78 -22.33
C ALA O 61 11.10 -54.84 -21.17
N SER O 62 12.23 -55.09 -20.52
CA SER O 62 12.67 -54.21 -19.45
C SER O 62 12.77 -52.80 -20.00
N MET O 63 12.60 -51.81 -19.13
CA MET O 63 12.83 -50.43 -19.54
C MET O 63 14.30 -50.30 -19.92
N ARG O 64 15.18 -50.93 -19.13
CA ARG O 64 16.60 -50.94 -19.44
C ARG O 64 16.80 -51.39 -20.88
N GLU O 65 16.15 -52.49 -21.26
CA GLU O 65 16.26 -53.01 -22.61
C GLU O 65 15.76 -52.00 -23.63
N ARG O 66 14.68 -51.32 -23.30
CA ARG O 66 14.01 -50.47 -24.28
C ARG O 66 14.72 -49.14 -24.50
N ILE O 67 15.45 -48.69 -23.49
CA ILE O 67 16.25 -47.48 -23.62
C ILE O 67 17.48 -47.78 -24.46
N GLU O 68 18.21 -48.83 -24.09
CA GLU O 68 19.36 -49.28 -24.86
C GLU O 68 19.02 -49.39 -26.35
N PHE O 69 17.86 -49.95 -26.62
CA PHE O 69 17.37 -50.13 -27.99
C PHE O 69 17.06 -48.80 -28.65
N LEU O 70 16.61 -47.85 -27.86
CA LEU O 70 16.21 -46.56 -28.37
C LEU O 70 17.42 -45.67 -28.62
N ASN O 71 18.47 -45.83 -27.83
CA ASN O 71 19.67 -45.01 -28.01
C ASN O 71 20.49 -45.50 -29.19
N GLU O 72 20.49 -46.81 -29.39
CA GLU O 72 21.16 -47.40 -30.55
C GLU O 72 20.51 -46.86 -31.82
N ALA O 73 19.19 -46.72 -31.79
CA ALA O 73 18.45 -46.19 -32.92
C ALA O 73 18.72 -44.71 -33.12
N SER O 74 19.01 -44.03 -32.02
CA SER O 74 19.28 -42.59 -32.05
C SER O 74 20.58 -42.27 -32.76
N VAL O 75 21.51 -43.24 -32.80
CA VAL O 75 22.76 -43.01 -33.49
C VAL O 75 22.61 -43.23 -35.00
N MET O 76 21.59 -43.99 -35.38
CA MET O 76 21.17 -44.08 -36.77
C MET O 76 20.72 -42.72 -37.27
N LYS O 77 19.75 -42.14 -36.57
CA LYS O 77 19.19 -40.84 -36.92
C LYS O 77 20.20 -40.02 -37.73
N GLU O 78 21.36 -39.81 -37.14
CA GLU O 78 22.45 -39.04 -37.74
C GLU O 78 22.82 -39.46 -39.18
N PHE O 79 22.75 -40.76 -39.49
CA PHE O 79 23.25 -41.25 -40.78
C PHE O 79 22.23 -41.15 -41.95
N ASN O 80 22.49 -40.25 -42.89
CA ASN O 80 21.71 -40.11 -44.13
C ASN O 80 22.67 -40.45 -45.29
N CYS O 81 22.96 -41.73 -45.48
CA CYS O 81 23.72 -42.13 -46.64
C CYS O 81 23.00 -43.20 -47.43
N HIS O 82 23.03 -43.08 -48.75
CA HIS O 82 22.41 -44.06 -49.62
C HIS O 82 23.02 -45.46 -49.40
N HIS O 83 24.24 -45.53 -48.88
CA HIS O 83 24.84 -46.85 -48.66
C HIS O 83 24.86 -47.27 -47.18
N VAL O 84 23.98 -46.66 -46.40
CA VAL O 84 23.73 -47.08 -45.03
C VAL O 84 22.24 -47.29 -44.81
N VAL O 85 21.83 -48.48 -44.40
CA VAL O 85 20.39 -48.74 -44.23
C VAL O 85 19.80 -47.62 -43.38
N ARG O 86 18.66 -47.09 -43.82
CA ARG O 86 18.12 -45.86 -43.23
C ARG O 86 16.98 -46.08 -42.22
N LEU O 87 17.02 -45.36 -41.10
CA LEU O 87 15.90 -45.35 -40.16
C LEU O 87 14.84 -44.38 -40.68
N LEU O 88 13.60 -44.84 -40.80
CA LEU O 88 12.54 -44.01 -41.36
C LEU O 88 11.70 -43.37 -40.28
N GLY O 89 11.83 -43.85 -39.06
CA GLY O 89 11.10 -43.30 -37.95
C GLY O 89 10.67 -44.36 -36.96
N VAL O 90 10.19 -43.92 -35.81
CA VAL O 90 9.77 -44.86 -34.81
C VAL O 90 8.41 -44.46 -34.26
N VAL O 91 7.51 -45.43 -34.19
CA VAL O 91 6.22 -45.19 -33.56
C VAL O 91 6.35 -45.25 -32.04
N SER O 92 6.13 -44.11 -31.37
CA SER O 92 6.41 -44.01 -29.95
C SER O 92 5.21 -43.83 -28.99
N GLN O 93 4.01 -43.65 -29.54
CA GLN O 93 2.79 -43.62 -28.72
C GLN O 93 1.96 -44.88 -28.95
N GLY O 94 2.13 -45.88 -28.08
CA GLY O 94 1.46 -47.15 -28.27
C GLY O 94 2.10 -48.20 -27.41
N GLN O 95 1.50 -49.39 -27.37
CA GLN O 95 2.03 -50.42 -26.50
C GLN O 95 3.28 -51.04 -27.07
N PRO O 96 3.19 -51.54 -28.32
CA PRO O 96 4.40 -52.08 -28.95
C PRO O 96 5.14 -50.95 -29.66
N THR O 97 6.29 -50.57 -29.13
CA THR O 97 7.11 -49.57 -29.80
C THR O 97 7.52 -50.13 -31.14
N LEU O 98 7.40 -49.33 -32.19
CA LEU O 98 7.81 -49.76 -33.53
C LEU O 98 9.03 -48.97 -34.01
N VAL O 99 10.00 -49.66 -34.60
CA VAL O 99 11.05 -48.97 -35.32
C VAL O 99 10.94 -49.32 -36.80
N ILE O 100 10.76 -48.30 -37.63
CA ILE O 100 10.64 -48.49 -39.07
C ILE O 100 11.98 -48.24 -39.74
N MET O 101 12.51 -49.28 -40.39
CA MET O 101 13.72 -49.13 -41.17
C MET O 101 13.42 -49.36 -42.62
N GLU O 102 14.26 -48.80 -43.47
CA GLU O 102 14.19 -49.04 -44.90
C GLU O 102 14.28 -50.54 -45.14
N LEU O 103 13.40 -51.07 -45.99
CA LEU O 103 13.37 -52.50 -46.28
C LEU O 103 14.47 -52.91 -47.27
N MET O 104 15.11 -54.05 -47.00
CA MET O 104 16.21 -54.55 -47.80
C MET O 104 15.93 -55.99 -48.21
N THR O 105 15.09 -56.14 -49.22
CA THR O 105 14.41 -57.40 -49.52
C THR O 105 15.24 -58.67 -49.71
N ARG O 106 16.55 -58.56 -49.88
CA ARG O 106 17.35 -59.76 -50.16
C ARG O 106 18.18 -60.18 -48.95
N GLY O 107 17.96 -59.49 -47.84
CA GLY O 107 18.51 -59.91 -46.57
C GLY O 107 19.97 -59.57 -46.41
N ASP O 108 20.63 -60.20 -45.46
CA ASP O 108 22.01 -59.91 -45.17
C ASP O 108 22.88 -60.46 -46.29
N LEU O 109 24.04 -59.83 -46.48
CA LEU O 109 24.92 -60.13 -47.61
C LEU O 109 25.59 -61.47 -47.41
N LYS O 110 25.71 -61.90 -46.16
CA LYS O 110 26.40 -63.16 -45.89
C LYS O 110 25.56 -64.31 -46.41
N SER O 111 24.27 -64.29 -46.09
CA SER O 111 23.37 -65.32 -46.58
C SER O 111 23.15 -65.21 -48.08
N TYR O 112 23.05 -63.97 -48.57
CA TYR O 112 22.94 -63.74 -50.01
C TYR O 112 24.13 -64.31 -50.77
N LEU O 113 25.33 -64.17 -50.21
CA LEU O 113 26.50 -64.75 -50.85
C LEU O 113 26.38 -66.27 -50.93
N ARG O 114 25.91 -66.89 -49.85
CA ARG O 114 25.78 -68.34 -49.81
C ARG O 114 24.71 -68.86 -50.76
N SER O 115 23.68 -68.06 -50.99
CA SER O 115 22.61 -68.44 -51.91
C SER O 115 23.15 -68.50 -53.35
N LEU O 116 24.36 -67.99 -53.55
CA LEU O 116 25.00 -68.00 -54.87
C LEU O 116 25.87 -69.24 -55.11
N ARG O 117 25.89 -70.15 -54.15
CA ARG O 117 26.61 -71.41 -54.36
C ARG O 117 25.66 -72.43 -55.02
N PRO O 118 26.20 -73.28 -55.90
CA PRO O 118 25.38 -74.27 -56.61
C PRO O 118 24.98 -75.43 -55.70
N PRO O 128 29.24 -67.96 -60.11
CA PRO O 128 30.16 -67.09 -59.36
C PRO O 128 29.94 -65.64 -59.77
N PRO O 129 30.13 -64.69 -58.83
CA PRO O 129 29.90 -63.30 -59.25
C PRO O 129 30.99 -62.85 -60.23
N SER O 130 30.64 -61.93 -61.11
CA SER O 130 31.60 -61.34 -62.03
C SER O 130 32.36 -60.23 -61.31
N LEU O 131 33.61 -60.02 -61.70
CA LEU O 131 34.43 -58.95 -61.12
C LEU O 131 33.62 -57.67 -61.07
N SER O 132 32.82 -57.44 -62.09
CA SER O 132 32.05 -56.22 -62.18
C SER O 132 31.05 -56.14 -61.04
N LYS O 133 30.50 -57.29 -60.67
CA LYS O 133 29.48 -57.39 -59.64
C LYS O 133 30.09 -57.19 -58.26
N MET O 134 31.22 -57.84 -58.03
CA MET O 134 31.94 -57.71 -56.76
C MET O 134 32.42 -56.28 -56.51
N ILE O 135 33.12 -55.70 -57.48
CA ILE O 135 33.54 -54.31 -57.37
C ILE O 135 32.36 -53.44 -56.99
N GLN O 136 31.21 -53.79 -57.55
CA GLN O 136 30.02 -52.99 -57.33
C GLN O 136 29.71 -53.01 -55.85
N MET O 137 29.78 -54.20 -55.25
CA MET O 137 29.58 -54.35 -53.82
C MET O 137 30.68 -53.58 -53.07
N ALA O 138 31.93 -53.95 -53.36
CA ALA O 138 33.09 -53.38 -52.69
C ALA O 138 33.02 -51.87 -52.60
N GLY O 139 32.54 -51.25 -53.67
CA GLY O 139 32.50 -49.81 -53.72
C GLY O 139 31.40 -49.30 -52.85
N GLU O 140 30.26 -50.01 -52.87
CA GLU O 140 29.06 -49.54 -52.20
C GLU O 140 29.25 -49.66 -50.71
N ILE O 141 29.90 -50.76 -50.30
CA ILE O 141 30.22 -51.00 -48.89
C ILE O 141 31.23 -49.96 -48.42
N ALA O 142 32.28 -49.77 -49.20
CA ALA O 142 33.31 -48.81 -48.86
C ALA O 142 32.75 -47.40 -48.82
N ASP O 143 31.74 -47.11 -49.64
CA ASP O 143 31.20 -45.75 -49.65
C ASP O 143 30.49 -45.44 -48.34
N GLY O 144 29.66 -46.38 -47.88
CA GLY O 144 28.94 -46.18 -46.65
C GLY O 144 29.91 -46.07 -45.51
N MET O 145 30.95 -46.88 -45.55
CA MET O 145 31.95 -46.85 -44.49
C MET O 145 32.65 -45.51 -44.48
N ALA O 146 33.04 -45.04 -45.66
CA ALA O 146 33.63 -43.73 -45.80
C ALA O 146 32.72 -42.72 -45.13
N TYR O 147 31.42 -42.81 -45.41
CA TYR O 147 30.43 -41.92 -44.79
C TYR O 147 30.45 -41.96 -43.27
N LEU O 148 30.61 -43.16 -42.72
CA LEU O 148 30.76 -43.39 -41.29
C LEU O 148 31.98 -42.69 -40.67
N ASN O 149 33.15 -42.98 -41.22
CA ASN O 149 34.42 -42.48 -40.69
C ASN O 149 34.57 -40.98 -40.91
N ALA O 150 33.80 -40.44 -41.85
CA ALA O 150 33.71 -39.00 -42.05
C ALA O 150 33.00 -38.36 -40.86
N ASN O 151 31.94 -39.00 -40.36
CA ASN O 151 31.18 -38.50 -39.22
C ASN O 151 31.83 -38.90 -37.90
N LYS O 152 33.07 -39.37 -38.02
CA LYS O 152 33.88 -39.74 -36.86
C LYS O 152 33.22 -40.85 -36.05
N PHE O 153 33.01 -41.99 -36.72
CA PHE O 153 32.49 -43.20 -36.11
C PHE O 153 33.29 -44.41 -36.56
N VAL O 154 33.51 -45.35 -35.65
CA VAL O 154 34.13 -46.63 -35.97
C VAL O 154 33.08 -47.72 -35.91
N HIS O 155 32.94 -48.50 -36.98
CA HIS O 155 32.01 -49.60 -37.03
C HIS O 155 32.42 -50.74 -36.10
N ARG O 156 33.71 -51.08 -36.10
CA ARG O 156 34.28 -52.17 -35.27
C ARG O 156 33.78 -53.57 -35.62
N ASP O 157 32.69 -53.65 -36.35
CA ASP O 157 31.95 -54.90 -36.47
C ASP O 157 31.75 -55.22 -37.93
N LEU O 158 32.49 -54.56 -38.79
CA LEU O 158 32.20 -54.72 -40.22
C LEU O 158 32.40 -56.18 -40.68
N ALA O 159 31.39 -56.71 -41.35
CA ALA O 159 31.42 -58.07 -41.89
C ALA O 159 30.25 -58.32 -42.84
N ALA O 160 30.34 -59.37 -43.65
CA ALA O 160 29.28 -59.64 -44.62
C ALA O 160 27.95 -59.67 -43.90
N ARG O 161 27.96 -60.29 -42.72
CA ARG O 161 26.74 -60.56 -41.99
C ARG O 161 25.97 -59.28 -41.64
N ASN O 162 26.70 -58.16 -41.59
CA ASN O 162 26.12 -56.89 -41.18
C ASN O 162 25.65 -56.03 -42.33
N CYS O 163 25.93 -56.46 -43.55
CA CYS O 163 25.48 -55.72 -44.70
C CYS O 163 24.18 -56.33 -45.21
N MET O 164 23.35 -55.49 -45.81
CA MET O 164 22.08 -55.89 -46.37
C MET O 164 22.12 -55.74 -47.88
N VAL O 165 21.18 -56.37 -48.55
CA VAL O 165 21.11 -56.34 -50.00
C VAL O 165 19.71 -55.95 -50.44
N ALA O 166 19.60 -54.79 -51.09
CA ALA O 166 18.30 -54.26 -51.48
C ALA O 166 17.73 -55.05 -52.66
N GLU O 167 16.48 -54.75 -53.01
CA GLU O 167 15.81 -55.38 -54.15
C GLU O 167 16.70 -55.35 -55.40
N ASP O 168 17.19 -54.16 -55.72
CA ASP O 168 18.06 -53.96 -56.90
C ASP O 168 19.52 -54.33 -56.67
N PHE O 169 19.77 -55.16 -55.66
CA PHE O 169 21.11 -55.72 -55.40
C PHE O 169 22.12 -54.75 -54.76
N THR O 170 21.71 -53.49 -54.60
CA THR O 170 22.52 -52.49 -53.90
C THR O 170 22.82 -52.97 -52.49
N VAL O 171 24.09 -52.94 -52.11
CA VAL O 171 24.49 -53.34 -50.77
C VAL O 171 24.61 -52.09 -49.88
N LYS O 172 24.41 -52.28 -48.58
CA LYS O 172 24.45 -51.17 -47.62
C LYS O 172 24.96 -51.64 -46.27
N ILE O 173 25.48 -50.71 -45.46
CA ILE O 173 25.93 -51.03 -44.11
C ILE O 173 24.74 -50.92 -43.19
N GLY O 174 24.65 -51.84 -42.24
CA GLY O 174 23.38 -52.09 -41.62
C GLY O 174 23.32 -52.29 -40.14
N ASP O 175 24.43 -52.74 -39.53
CA ASP O 175 24.36 -53.02 -38.10
C ASP O 175 25.35 -52.27 -37.22
N PHE O 176 24.81 -51.42 -36.34
CA PHE O 176 25.65 -50.46 -35.62
C PHE O 176 25.73 -50.65 -34.11
N GLY O 177 25.20 -51.77 -33.61
CA GLY O 177 25.20 -52.03 -32.19
C GLY O 177 26.55 -51.78 -31.56
N MET O 178 27.60 -51.94 -32.35
CA MET O 178 28.95 -52.00 -31.81
C MET O 178 29.78 -50.78 -32.17
N THR O 179 29.22 -49.87 -32.97
CA THR O 179 29.99 -48.72 -33.42
C THR O 179 30.17 -47.66 -32.33
N ARG O 180 31.24 -46.88 -32.41
CA ARG O 180 31.62 -45.96 -31.36
C ARG O 180 32.01 -44.59 -31.90
N ASP O 181 31.61 -43.53 -31.20
CA ASP O 181 32.03 -42.16 -31.52
C ASP O 181 33.52 -42.01 -31.32
N ILE O 182 34.16 -41.20 -32.18
CA ILE O 182 35.59 -40.93 -32.07
C ILE O 182 36.01 -39.52 -32.47
N PTR O 183 35.11 -38.54 -32.42
CA PTR O 183 35.53 -37.14 -32.50
C PTR O 183 36.41 -36.90 -31.27
O PTR O 183 36.07 -37.34 -30.16
CB PTR O 183 34.32 -36.19 -32.49
CG PTR O 183 34.67 -34.71 -32.64
CD1 PTR O 183 35.67 -34.13 -31.88
CD2 PTR O 183 33.97 -33.89 -33.52
CE1 PTR O 183 36.00 -32.79 -31.99
CE2 PTR O 183 34.27 -32.54 -33.63
CZ PTR O 183 35.29 -31.99 -32.87
OH PTR O 183 35.61 -30.65 -32.97
N GLU O 184 37.55 -36.23 -31.46
CA GLU O 184 38.59 -36.14 -30.43
C GLU O 184 38.98 -37.56 -30.06
N THR O 185 40.21 -37.95 -30.34
CA THR O 185 40.74 -39.27 -30.00
C THR O 185 41.04 -40.10 -31.25
N ASP O 186 40.07 -40.18 -32.16
CA ASP O 186 40.23 -41.03 -33.36
C ASP O 186 40.60 -42.46 -32.98
N PTR O 187 39.98 -42.96 -31.92
CA PTR O 187 40.21 -44.32 -31.44
C PTR O 187 39.25 -44.65 -30.31
O PTR O 187 38.91 -43.80 -29.51
CB PTR O 187 41.69 -44.55 -31.05
CG PTR O 187 42.09 -44.12 -29.65
CD1 PTR O 187 42.92 -43.01 -29.45
CD2 PTR O 187 41.70 -44.84 -28.52
CE1 PTR O 187 43.31 -42.60 -28.18
CE2 PTR O 187 42.08 -44.44 -27.24
CZ PTR O 187 42.89 -43.33 -27.08
OH PTR O 187 43.22 -42.96 -25.94
P PTR O 187 44.21 -43.86 -25.05
O1P PTR O 187 43.39 -44.84 -24.27
O2P PTR O 187 45.15 -44.59 -26.01
O3P PTR O 187 45.03 -43.03 -24.05
N PTR O 188 38.81 -45.90 -30.29
CA PTR O 188 38.03 -46.42 -29.18
C PTR O 188 38.85 -47.55 -28.61
O PTR O 188 39.38 -48.37 -29.36
CB PTR O 188 36.62 -46.87 -29.61
CG PTR O 188 35.91 -47.73 -28.59
CD1 PTR O 188 34.88 -47.21 -27.81
CD2 PTR O 188 36.22 -49.08 -28.43
CE1 PTR O 188 34.21 -47.98 -26.89
CE2 PTR O 188 35.54 -49.86 -27.50
CZ PTR O 188 34.55 -49.31 -26.72
OH PTR O 188 33.96 -50.04 -25.90
P PTR O 188 33.00 -49.53 -24.70
O1P PTR O 188 32.85 -50.66 -23.75
O2P PTR O 188 31.61 -49.14 -25.24
O3P PTR O 188 33.58 -48.34 -23.92
N ARG O 189 39.00 -47.59 -27.29
CA ARG O 189 39.73 -48.67 -26.64
C ARG O 189 38.81 -49.45 -25.72
N LYS O 190 38.76 -50.77 -25.93
CA LYS O 190 37.90 -51.64 -25.13
C LYS O 190 38.51 -51.88 -23.76
N GLY O 191 37.71 -51.62 -22.73
CA GLY O 191 38.14 -51.79 -21.35
C GLY O 191 38.13 -53.23 -20.88
N GLY O 192 36.95 -53.87 -20.92
CA GLY O 192 36.78 -55.19 -20.33
C GLY O 192 36.75 -56.33 -21.33
N LYS O 193 35.84 -57.28 -21.14
CA LYS O 193 35.66 -58.33 -22.13
C LYS O 193 34.99 -57.75 -23.36
N GLY O 194 35.34 -58.29 -24.52
CA GLY O 194 34.65 -57.95 -25.76
C GLY O 194 34.26 -59.26 -26.40
N LEU O 195 33.19 -59.24 -27.18
CA LEU O 195 32.67 -60.46 -27.77
C LEU O 195 32.66 -60.39 -29.28
N LEU O 196 33.41 -59.44 -29.82
CA LEU O 196 33.54 -59.35 -31.27
C LEU O 196 34.20 -60.62 -31.79
N PRO O 197 33.68 -61.17 -32.90
CA PRO O 197 34.30 -62.32 -33.57
C PRO O 197 35.71 -61.94 -34.04
N VAL O 198 36.69 -62.70 -33.58
CA VAL O 198 38.10 -62.39 -33.78
C VAL O 198 38.56 -62.49 -35.25
N ARG O 199 37.81 -63.22 -36.07
CA ARG O 199 38.21 -63.42 -37.45
C ARG O 199 38.20 -62.14 -38.28
N TRP O 200 37.45 -61.13 -37.84
CA TRP O 200 37.43 -59.87 -38.57
C TRP O 200 38.27 -58.80 -37.88
N MET O 201 38.87 -59.13 -36.76
CA MET O 201 39.61 -58.14 -35.97
C MET O 201 41.05 -57.96 -36.44
N SER O 202 41.50 -56.71 -36.42
CA SER O 202 42.86 -56.37 -36.84
C SER O 202 43.90 -56.89 -35.86
N PRO O 203 45.16 -56.90 -36.27
CA PRO O 203 46.24 -57.31 -35.37
C PRO O 203 46.35 -56.34 -34.20
N GLU O 204 46.21 -55.05 -34.48
CA GLU O 204 46.33 -54.06 -33.42
C GLU O 204 45.16 -54.13 -32.45
N SER O 205 43.97 -54.45 -32.98
CA SER O 205 42.77 -54.60 -32.16
C SER O 205 42.86 -55.83 -31.25
N LEU O 206 43.32 -56.95 -31.79
CA LEU O 206 43.53 -58.15 -30.99
C LEU O 206 44.55 -57.86 -29.91
N LYS O 207 45.54 -57.06 -30.26
CA LYS O 207 46.65 -56.85 -29.35
C LYS O 207 46.32 -55.98 -28.16
N ASP O 208 45.59 -54.89 -28.39
CA ASP O 208 45.38 -53.86 -27.37
C ASP O 208 43.94 -53.33 -27.27
N GLY O 209 43.02 -53.97 -27.99
CA GLY O 209 41.62 -53.56 -27.96
C GLY O 209 41.41 -52.14 -28.44
N VAL O 210 42.22 -51.74 -29.42
CA VAL O 210 42.16 -50.40 -29.97
C VAL O 210 41.50 -50.44 -31.33
N PHE O 211 40.58 -49.51 -31.58
CA PHE O 211 39.83 -49.49 -32.83
C PHE O 211 39.93 -48.14 -33.49
N THR O 212 40.18 -48.14 -34.79
CA THR O 212 40.37 -46.93 -35.58
C THR O 212 39.74 -47.13 -36.95
N THR O 213 39.67 -46.08 -37.75
CA THR O 213 39.13 -46.25 -39.08
C THR O 213 40.06 -47.19 -39.80
N TYR O 214 41.28 -47.31 -39.29
CA TYR O 214 42.24 -48.19 -39.92
C TYR O 214 41.79 -49.62 -39.74
N SER O 215 41.37 -49.95 -38.53
CA SER O 215 40.90 -51.31 -38.27
C SER O 215 39.62 -51.64 -39.07
N ASP O 216 38.68 -50.70 -39.19
CA ASP O 216 37.54 -50.89 -40.08
C ASP O 216 38.00 -51.29 -41.47
N VAL O 217 38.98 -50.57 -41.99
CA VAL O 217 39.54 -50.88 -43.30
C VAL O 217 39.95 -52.35 -43.37
N TRP O 218 40.66 -52.81 -42.34
CA TRP O 218 41.10 -54.20 -42.26
C TRP O 218 39.91 -55.15 -42.40
N SER O 219 38.87 -54.91 -41.60
CA SER O 219 37.65 -55.68 -41.63
C SER O 219 37.05 -55.64 -43.03
N PHE O 220 37.05 -54.46 -43.62
CA PHE O 220 36.66 -54.36 -45.02
C PHE O 220 37.46 -55.30 -45.90
N GLY O 221 38.74 -55.47 -45.59
CA GLY O 221 39.56 -56.42 -46.31
C GLY O 221 38.94 -57.79 -46.23
N VAL O 222 38.47 -58.14 -45.04
CA VAL O 222 37.92 -59.47 -44.83
C VAL O 222 36.54 -59.69 -45.47
N VAL O 223 35.72 -58.65 -45.60
CA VAL O 223 34.46 -58.83 -46.32
C VAL O 223 34.72 -59.08 -47.79
N LEU O 224 35.72 -58.41 -48.37
CA LEU O 224 36.05 -58.62 -49.77
C LEU O 224 36.30 -60.11 -49.95
N TRP O 225 37.16 -60.61 -49.07
CA TRP O 225 37.51 -62.02 -49.06
C TRP O 225 36.26 -62.90 -48.86
N GLU O 226 35.27 -62.35 -48.17
CA GLU O 226 33.99 -63.05 -47.98
C GLU O 226 33.19 -63.05 -49.27
N ILE O 227 33.25 -61.92 -49.98
CA ILE O 227 32.58 -61.79 -51.26
C ILE O 227 33.27 -62.70 -52.28
N ALA O 228 34.58 -62.86 -52.16
CA ALA O 228 35.28 -63.67 -53.14
C ALA O 228 35.00 -65.15 -52.92
N THR O 229 34.86 -65.55 -51.66
CA THR O 229 34.68 -66.95 -51.31
C THR O 229 33.24 -67.28 -50.97
N LEU O 230 32.32 -66.51 -51.56
CA LEU O 230 30.89 -66.72 -51.33
C LEU O 230 30.62 -67.10 -49.87
N ALA O 231 31.14 -66.25 -48.99
CA ALA O 231 30.90 -66.37 -47.56
C ALA O 231 31.50 -67.63 -46.98
N GLU O 232 32.79 -67.86 -47.22
CA GLU O 232 33.49 -68.89 -46.48
C GLU O 232 33.79 -68.37 -45.10
N GLN O 233 34.20 -69.27 -44.22
CA GLN O 233 34.69 -68.87 -42.91
C GLN O 233 36.16 -68.45 -43.00
N PRO O 234 36.46 -67.22 -42.56
CA PRO O 234 37.84 -66.74 -42.53
C PRO O 234 38.69 -67.65 -41.67
N TYR O 235 39.85 -68.04 -42.20
CA TYR O 235 40.79 -68.89 -41.47
C TYR O 235 40.19 -70.24 -41.10
N GLN O 236 39.31 -70.76 -41.96
CA GLN O 236 38.78 -72.11 -41.79
C GLN O 236 39.95 -73.05 -41.52
N GLY O 237 39.80 -73.90 -40.50
CA GLY O 237 40.87 -74.83 -40.15
C GLY O 237 41.69 -74.38 -38.95
N LEU O 238 41.55 -73.10 -38.61
CA LEU O 238 42.18 -72.55 -37.41
C LEU O 238 41.14 -72.24 -36.34
N SER O 239 41.52 -72.46 -35.09
CA SER O 239 40.63 -72.21 -33.97
C SER O 239 40.76 -70.76 -33.57
N ASN O 240 39.69 -70.18 -33.02
CA ASN O 240 39.73 -68.81 -32.53
C ASN O 240 41.08 -68.56 -31.88
N GLU O 241 41.46 -69.47 -31.00
CA GLU O 241 42.72 -69.33 -30.28
C GLU O 241 43.90 -69.22 -31.21
N GLN O 242 43.89 -70.03 -32.27
CA GLN O 242 44.97 -70.02 -33.24
C GLN O 242 44.96 -68.70 -34.01
N VAL O 243 43.87 -68.43 -34.72
CA VAL O 243 43.70 -67.22 -35.48
C VAL O 243 44.18 -66.01 -34.72
N LEU O 244 43.84 -65.96 -33.44
CA LEU O 244 44.34 -64.92 -32.54
C LEU O 244 45.84 -64.79 -32.73
N ARG O 245 46.53 -65.90 -32.54
CA ARG O 245 47.99 -65.96 -32.62
C ARG O 245 48.44 -65.72 -34.05
N PHE O 246 47.80 -66.42 -34.98
CA PHE O 246 48.17 -66.35 -36.38
C PHE O 246 48.16 -64.91 -36.88
N VAL O 247 47.01 -64.27 -36.78
CA VAL O 247 46.82 -62.94 -37.34
C VAL O 247 47.69 -61.91 -36.66
N MET O 248 48.04 -62.18 -35.41
CA MET O 248 48.74 -61.20 -34.60
C MET O 248 50.24 -61.20 -34.93
N GLU O 249 50.73 -62.31 -35.44
CA GLU O 249 52.14 -62.43 -35.79
C GLU O 249 52.38 -62.16 -37.28
N GLY O 250 51.35 -61.72 -37.97
CA GLY O 250 51.48 -61.29 -39.35
C GLY O 250 50.88 -62.22 -40.37
N GLY O 251 50.17 -63.26 -39.92
CA GLY O 251 49.55 -64.21 -40.83
C GLY O 251 48.43 -63.58 -41.66
N LEU O 252 48.29 -63.98 -42.92
CA LEU O 252 47.19 -63.48 -43.76
C LEU O 252 46.29 -64.58 -44.36
N LEU O 253 45.13 -64.17 -44.85
CA LEU O 253 44.23 -65.11 -45.52
C LEU O 253 44.84 -65.38 -46.87
N ASP O 254 44.68 -66.61 -47.34
CA ASP O 254 45.20 -67.01 -48.63
C ASP O 254 44.27 -66.58 -49.75
N LYS O 255 44.85 -66.28 -50.91
CA LYS O 255 44.06 -65.81 -52.02
C LYS O 255 43.01 -66.86 -52.36
N PRO O 256 41.76 -66.41 -52.52
CA PRO O 256 40.63 -67.31 -52.78
C PRO O 256 40.72 -67.87 -54.19
N ASP O 257 40.82 -69.19 -54.31
CA ASP O 257 40.86 -69.85 -55.61
C ASP O 257 39.88 -69.21 -56.59
N ASN O 258 40.40 -68.82 -57.76
CA ASN O 258 39.57 -68.24 -58.81
C ASN O 258 39.29 -66.75 -58.58
N CYS O 259 39.87 -66.17 -57.52
CA CYS O 259 39.67 -64.75 -57.25
C CYS O 259 40.40 -63.90 -58.28
N PRO O 260 39.72 -62.88 -58.83
CA PRO O 260 40.40 -61.91 -59.70
C PRO O 260 41.68 -61.44 -59.02
N ASP O 261 42.75 -61.27 -59.78
CA ASP O 261 44.05 -60.91 -59.20
C ASP O 261 43.96 -59.55 -58.51
N MET O 262 43.14 -58.66 -59.08
CA MET O 262 42.93 -57.32 -58.52
C MET O 262 42.36 -57.35 -57.10
N LEU O 263 41.11 -57.79 -56.99
CA LEU O 263 40.40 -57.87 -55.71
C LEU O 263 41.27 -58.37 -54.56
N PHE O 264 42.14 -59.34 -54.84
CA PHE O 264 43.03 -59.86 -53.80
C PHE O 264 44.18 -58.93 -53.46
N GLU O 265 44.53 -58.05 -54.39
CA GLU O 265 45.60 -57.11 -54.12
C GLU O 265 45.03 -56.04 -53.19
N LEU O 266 43.83 -55.56 -53.54
CA LEU O 266 43.08 -54.65 -52.70
C LEU O 266 43.07 -55.19 -51.28
N MET O 267 42.83 -56.49 -51.12
CA MET O 267 42.83 -57.11 -49.80
C MET O 267 44.19 -56.94 -49.14
N ARG O 268 45.25 -57.21 -49.90
CA ARG O 268 46.60 -57.16 -49.34
C ARG O 268 46.98 -55.78 -48.84
N MET O 269 46.39 -54.76 -49.47
CA MET O 269 46.53 -53.37 -49.04
C MET O 269 45.80 -53.18 -47.72
N CYS O 270 44.57 -53.66 -47.66
CA CYS O 270 43.78 -53.55 -46.44
C CYS O 270 44.35 -54.35 -45.27
N TRP O 271 45.24 -55.30 -45.53
CA TRP O 271 45.79 -56.08 -44.44
C TRP O 271 47.24 -55.73 -44.14
N GLN O 272 47.65 -54.54 -44.55
CA GLN O 272 48.98 -54.08 -44.24
C GLN O 272 49.13 -54.05 -42.72
N TYR O 273 50.12 -54.77 -42.21
CA TYR O 273 50.34 -54.83 -40.75
C TYR O 273 50.37 -53.49 -40.02
N ASN O 274 50.94 -52.46 -40.63
CA ASN O 274 50.97 -51.15 -39.98
C ASN O 274 49.75 -50.35 -40.37
N PRO O 275 48.87 -50.11 -39.40
CA PRO O 275 47.57 -49.50 -39.67
C PRO O 275 47.75 -48.27 -40.53
N LYS O 276 48.88 -47.62 -40.38
CA LYS O 276 49.12 -46.33 -41.03
C LYS O 276 49.33 -46.47 -42.54
N MET O 277 49.65 -47.69 -42.98
CA MET O 277 49.92 -48.00 -44.37
C MET O 277 48.68 -48.39 -45.21
N ARG O 278 47.57 -48.73 -44.55
CA ARG O 278 46.39 -49.20 -45.27
C ARG O 278 45.71 -48.05 -45.99
N PRO O 279 44.87 -48.37 -46.99
CA PRO O 279 44.11 -47.34 -47.69
C PRO O 279 42.98 -46.79 -46.82
N SER O 280 42.55 -45.58 -47.12
CA SER O 280 41.36 -45.03 -46.50
C SER O 280 40.18 -45.56 -47.32
N PHE O 281 38.93 -45.30 -46.91
CA PHE O 281 37.81 -45.76 -47.73
C PHE O 281 37.71 -44.93 -49.00
N LEU O 282 37.98 -43.64 -48.87
CA LEU O 282 37.89 -42.74 -50.00
C LEU O 282 38.91 -43.14 -51.06
N GLU O 283 40.09 -43.57 -50.62
CA GLU O 283 41.09 -44.02 -51.56
C GLU O 283 40.55 -45.22 -52.32
N ILE O 284 40.13 -46.25 -51.59
CA ILE O 284 39.62 -47.48 -52.18
C ILE O 284 38.53 -47.17 -53.20
N ILE O 285 37.56 -46.36 -52.81
CA ILE O 285 36.51 -45.96 -53.74
C ILE O 285 37.15 -45.37 -54.97
N SER O 286 38.00 -44.36 -54.77
CA SER O 286 38.69 -43.69 -55.87
C SER O 286 39.32 -44.67 -56.85
N SER O 287 39.87 -45.76 -56.32
CA SER O 287 40.67 -46.68 -57.11
C SER O 287 39.82 -47.56 -58.01
N ILE O 288 38.50 -47.44 -57.86
CA ILE O 288 37.55 -48.26 -58.63
C ILE O 288 36.37 -47.44 -59.12
N LYS O 289 36.28 -46.19 -58.66
CA LYS O 289 35.13 -45.34 -58.94
C LYS O 289 34.65 -45.38 -60.38
N GLU O 290 35.57 -45.48 -61.33
CA GLU O 290 35.19 -45.50 -62.74
C GLU O 290 34.46 -46.79 -63.11
N GLU O 291 34.71 -47.84 -62.33
CA GLU O 291 34.18 -49.18 -62.61
C GLU O 291 32.86 -49.50 -61.93
N MET O 292 32.25 -48.49 -61.30
CA MET O 292 30.94 -48.67 -60.71
C MET O 292 29.87 -48.42 -61.77
N GLU O 293 28.63 -48.77 -61.48
CA GLU O 293 27.55 -48.53 -62.42
C GLU O 293 27.22 -47.03 -62.41
N PRO O 294 26.65 -46.54 -63.51
CA PRO O 294 26.21 -45.16 -63.76
C PRO O 294 25.60 -44.41 -62.55
N GLY O 295 24.68 -45.04 -61.83
CA GLY O 295 23.97 -44.35 -60.75
C GLY O 295 24.83 -43.73 -59.66
N PHE O 296 25.87 -44.48 -59.26
CA PHE O 296 26.79 -44.08 -58.18
C PHE O 296 27.00 -42.57 -58.04
N ARG O 297 27.42 -41.93 -59.12
CA ARG O 297 27.76 -40.51 -59.08
C ARG O 297 26.70 -39.64 -58.43
N GLU O 298 25.43 -40.03 -58.49
CA GLU O 298 24.37 -39.17 -57.97
C GLU O 298 23.73 -39.61 -56.65
N VAL O 299 24.23 -40.71 -56.08
CA VAL O 299 23.67 -41.26 -54.85
C VAL O 299 24.72 -41.53 -53.80
N SER O 300 25.98 -41.58 -54.22
CA SER O 300 27.08 -41.89 -53.32
C SER O 300 27.45 -40.72 -52.44
N PHE O 301 28.07 -41.02 -51.31
CA PHE O 301 28.64 -40.01 -50.43
C PHE O 301 29.92 -39.47 -51.06
N TYR O 302 30.66 -40.36 -51.71
CA TYR O 302 31.91 -40.01 -52.37
C TYR O 302 31.79 -38.76 -53.25
N TYR O 303 30.75 -38.69 -54.07
CA TYR O 303 30.58 -37.60 -55.03
C TYR O 303 29.59 -36.56 -54.52
N SER O 304 29.35 -36.56 -53.22
CA SER O 304 28.38 -35.64 -52.66
C SER O 304 29.06 -34.35 -52.24
N GLU O 305 28.26 -33.40 -51.77
CA GLU O 305 28.78 -32.12 -51.33
C GLU O 305 29.47 -32.26 -49.99
N GLU O 306 28.91 -33.09 -49.10
CA GLU O 306 29.52 -33.31 -47.79
C GLU O 306 30.91 -33.91 -47.93
N ASN O 307 31.23 -34.45 -49.11
CA ASN O 307 32.58 -34.96 -49.38
C ASN O 307 33.43 -33.93 -50.15
N LYS O 308 33.10 -32.66 -49.96
CA LYS O 308 33.77 -31.52 -50.60
C LYS O 308 33.25 -31.26 -52.02
N SER P 2 46.70 -53.10 -65.51
CA SER P 2 46.72 -53.88 -64.28
C SER P 2 46.46 -53.05 -63.04
N PHE P 3 46.04 -53.72 -61.96
CA PHE P 3 45.75 -53.08 -60.69
C PHE P 3 46.86 -53.33 -59.68
N SER P 4 47.15 -52.31 -58.87
CA SER P 4 48.20 -52.39 -57.86
C SER P 4 48.14 -51.17 -56.95
N ALA P 5 49.10 -51.09 -56.03
CA ALA P 5 49.10 -50.02 -55.05
C ALA P 5 48.84 -48.66 -55.70
N ALA P 6 49.34 -48.46 -56.92
CA ALA P 6 49.34 -47.11 -57.50
C ALA P 6 47.96 -46.57 -57.87
N ASP P 7 46.99 -47.45 -58.12
CA ASP P 7 45.68 -46.98 -58.57
C ASP P 7 44.89 -46.42 -57.39
N VAL P 8 45.26 -46.90 -56.20
CA VAL P 8 44.60 -46.55 -54.94
C VAL P 8 45.22 -45.34 -54.23
N TYR P 9 46.54 -45.42 -54.01
CA TYR P 9 47.30 -44.46 -53.19
C TYR P 9 47.68 -43.11 -53.81
N VAL P 10 47.52 -42.95 -55.12
CA VAL P 10 47.89 -41.68 -55.75
C VAL P 10 46.73 -40.70 -55.75
N PRO P 11 46.97 -39.49 -55.24
CA PRO P 11 45.97 -38.43 -55.27
C PRO P 11 45.49 -38.22 -56.70
N ASP P 12 44.33 -38.76 -57.04
CA ASP P 12 43.81 -38.69 -58.39
C ASP P 12 44.30 -37.46 -59.15
N GLU P 13 44.22 -36.31 -58.51
CA GLU P 13 44.60 -35.03 -59.08
C GLU P 13 45.98 -34.98 -59.79
N TRP P 14 46.75 -36.05 -59.71
CA TRP P 14 48.14 -36.03 -60.16
C TRP P 14 48.49 -37.01 -61.27
N GLU P 15 47.47 -37.59 -61.87
CA GLU P 15 47.69 -38.63 -62.87
C GLU P 15 48.06 -38.01 -64.21
N VAL P 16 48.76 -38.76 -65.04
CA VAL P 16 49.03 -38.34 -66.40
C VAL P 16 49.30 -39.59 -67.20
N ALA P 17 48.79 -39.65 -68.43
CA ALA P 17 49.00 -40.83 -69.25
C ALA P 17 50.47 -40.97 -69.62
N ARG P 18 51.02 -42.19 -69.56
CA ARG P 18 52.42 -42.35 -69.96
C ARG P 18 52.74 -41.88 -71.40
N GLU P 19 51.81 -42.08 -72.33
CA GLU P 19 51.96 -41.54 -73.68
C GLU P 19 52.41 -40.07 -73.68
N LYS P 20 52.14 -39.36 -72.59
CA LYS P 20 52.59 -37.98 -72.43
C LYS P 20 53.96 -37.89 -71.76
N ILE P 21 54.64 -39.02 -71.67
CA ILE P 21 55.90 -39.12 -70.93
C ILE P 21 56.93 -39.92 -71.72
N THR P 22 57.99 -39.27 -72.18
CA THR P 22 59.09 -39.99 -72.85
C THR P 22 60.41 -39.89 -72.08
N MET P 23 61.08 -41.03 -71.93
CA MET P 23 62.30 -41.09 -71.13
C MET P 23 63.53 -41.22 -72.02
N SER P 24 64.51 -40.35 -71.81
CA SER P 24 65.67 -40.29 -72.71
C SER P 24 66.87 -41.06 -72.16
N ARG P 25 67.53 -40.52 -71.15
CA ARG P 25 68.71 -41.18 -70.60
C ARG P 25 68.70 -41.20 -69.06
N GLU P 26 69.19 -42.28 -68.46
CA GLU P 26 69.22 -42.37 -67.00
C GLU P 26 70.07 -41.26 -66.37
N LEU P 27 69.69 -40.81 -65.18
CA LEU P 27 70.46 -39.81 -64.43
C LEU P 27 71.16 -40.47 -63.25
N GLY P 28 70.56 -41.53 -62.71
CA GLY P 28 71.17 -42.27 -61.65
C GLY P 28 70.21 -43.07 -60.79
N GLN P 29 70.76 -43.72 -59.77
CA GLN P 29 70.01 -44.63 -58.93
C GLN P 29 69.26 -43.89 -57.84
N GLY P 30 67.98 -44.21 -57.71
CA GLY P 30 67.12 -43.49 -56.79
C GLY P 30 66.73 -44.31 -55.60
N SER P 31 66.01 -43.69 -54.69
CA SER P 31 65.54 -44.39 -53.53
C SER P 31 64.82 -45.69 -53.89
N PHE P 32 63.79 -45.62 -54.72
CA PHE P 32 62.95 -46.80 -54.96
C PHE P 32 63.05 -47.35 -56.38
N GLY P 33 64.08 -46.92 -57.10
CA GLY P 33 64.27 -47.29 -58.48
C GLY P 33 65.16 -46.30 -59.19
N MET P 34 65.23 -46.41 -60.51
CA MET P 34 66.11 -45.59 -61.32
C MET P 34 65.49 -44.24 -61.67
N VAL P 35 66.33 -43.22 -61.74
CA VAL P 35 65.88 -41.90 -62.17
C VAL P 35 66.35 -41.62 -63.58
N TYR P 36 65.44 -41.11 -64.41
CA TYR P 36 65.73 -40.77 -65.79
C TYR P 36 65.50 -39.29 -66.05
N GLU P 37 66.10 -38.78 -67.12
CA GLU P 37 65.70 -37.51 -67.67
C GLU P 37 64.65 -37.76 -68.72
N GLY P 38 63.80 -36.77 -68.97
CA GLY P 38 62.80 -36.94 -69.98
C GLY P 38 61.95 -35.74 -70.32
N VAL P 39 61.01 -35.99 -71.22
CA VAL P 39 60.05 -34.98 -71.65
C VAL P 39 58.66 -35.37 -71.17
N ALA P 40 57.93 -34.40 -70.62
CA ALA P 40 56.56 -34.61 -70.16
C ALA P 40 55.63 -33.66 -70.89
N LYS P 41 54.86 -34.21 -71.84
CA LYS P 41 53.98 -33.41 -72.69
C LYS P 41 52.81 -32.84 -71.88
N GLY P 42 52.67 -31.52 -71.94
CA GLY P 42 51.57 -30.83 -71.27
C GLY P 42 51.38 -31.15 -69.80
N VAL P 43 52.46 -31.00 -69.01
CA VAL P 43 52.38 -31.14 -67.56
C VAL P 43 52.54 -29.78 -66.90
N VAL P 44 53.00 -28.81 -67.70
CA VAL P 44 53.17 -27.45 -67.24
C VAL P 44 52.22 -26.56 -68.01
N LYS P 45 51.41 -25.81 -67.29
CA LYS P 45 50.64 -24.72 -67.87
C LYS P 45 51.54 -23.84 -68.75
N ASP P 46 51.16 -23.69 -70.02
CA ASP P 46 51.84 -22.78 -70.96
C ASP P 46 53.00 -23.45 -71.70
N GLU P 47 53.38 -24.64 -71.28
CA GLU P 47 54.50 -25.31 -71.89
C GLU P 47 54.09 -26.66 -72.50
N PRO P 48 54.14 -26.77 -73.83
CA PRO P 48 53.70 -27.96 -74.57
C PRO P 48 54.51 -29.21 -74.19
N GLU P 49 55.78 -28.97 -73.84
CA GLU P 49 56.70 -30.00 -73.41
C GLU P 49 57.57 -29.47 -72.30
N THR P 50 57.75 -30.26 -71.25
CA THR P 50 58.62 -29.89 -70.14
C THR P 50 59.71 -30.92 -69.96
N ARG P 51 60.91 -30.43 -69.64
CA ARG P 51 61.99 -31.31 -69.26
C ARG P 51 61.80 -31.67 -67.81
N VAL P 52 61.84 -32.97 -67.54
CA VAL P 52 61.55 -33.48 -66.23
C VAL P 52 62.52 -34.61 -65.85
N ALA P 53 62.55 -34.92 -64.55
CA ALA P 53 63.13 -36.17 -64.05
C ALA P 53 61.99 -37.17 -63.84
N ILE P 54 62.17 -38.40 -64.31
CA ILE P 54 61.19 -39.46 -64.12
C ILE P 54 61.76 -40.59 -63.29
N LYS P 55 61.04 -40.98 -62.26
CA LYS P 55 61.45 -42.12 -61.47
C LYS P 55 60.57 -43.32 -61.82
N THR P 56 61.22 -44.45 -62.05
CA THR P 56 60.50 -45.68 -62.36
C THR P 56 60.58 -46.67 -61.20
N VAL P 57 59.41 -47.12 -60.77
CA VAL P 57 59.30 -48.23 -59.81
C VAL P 57 58.72 -49.45 -60.52
N ASN P 58 59.60 -50.41 -60.79
CA ASN P 58 59.28 -51.59 -61.61
C ASN P 58 58.48 -52.67 -60.88
N GLU P 59 58.00 -53.64 -61.65
CA GLU P 59 57.16 -54.67 -61.09
C GLU P 59 57.79 -55.44 -59.94
N ALA P 60 59.11 -55.56 -59.92
CA ALA P 60 59.77 -56.41 -58.92
C ALA P 60 59.91 -55.73 -57.56
N ALA P 61 59.06 -54.74 -57.31
CA ALA P 61 59.08 -54.01 -56.06
C ALA P 61 57.91 -54.46 -55.21
N SER P 62 58.15 -54.65 -53.91
CA SER P 62 57.12 -55.08 -52.97
C SER P 62 55.97 -54.11 -52.98
N MET P 63 54.74 -54.62 -52.84
CA MET P 63 53.62 -53.74 -52.55
C MET P 63 53.99 -52.84 -51.36
N ARG P 64 54.73 -53.41 -50.42
CA ARG P 64 55.18 -52.69 -49.23
C ARG P 64 56.06 -51.50 -49.59
N GLU P 65 57.04 -51.74 -50.47
CA GLU P 65 57.94 -50.68 -50.96
C GLU P 65 57.17 -49.69 -51.82
N ARG P 66 56.36 -50.21 -52.74
CA ARG P 66 55.57 -49.33 -53.58
C ARG P 66 54.67 -48.44 -52.71
N ILE P 67 53.98 -49.03 -51.74
CA ILE P 67 53.05 -48.27 -50.88
C ILE P 67 53.77 -47.15 -50.15
N GLU P 68 54.99 -47.44 -49.69
CA GLU P 68 55.75 -46.46 -48.93
C GLU P 68 56.24 -45.31 -49.83
N PHE P 69 56.68 -45.67 -51.02
CA PHE P 69 57.12 -44.73 -52.06
C PHE P 69 55.99 -43.81 -52.50
N LEU P 70 54.79 -44.37 -52.67
CA LEU P 70 53.65 -43.55 -53.04
C LEU P 70 53.32 -42.58 -51.93
N ASN P 71 53.55 -42.99 -50.68
CA ASN P 71 53.13 -42.21 -49.53
C ASN P 71 54.05 -41.01 -49.39
N GLU P 72 55.32 -41.27 -49.67
CA GLU P 72 56.39 -40.27 -49.60
C GLU P 72 56.20 -39.14 -50.61
N ALA P 73 55.68 -39.48 -51.77
CA ALA P 73 55.30 -38.49 -52.76
C ALA P 73 54.13 -37.68 -52.26
N SER P 74 53.10 -38.37 -51.76
CA SER P 74 51.86 -37.74 -51.32
C SER P 74 52.10 -36.48 -50.49
N VAL P 75 53.19 -36.51 -49.71
CA VAL P 75 53.58 -35.37 -48.89
C VAL P 75 53.88 -34.15 -49.76
N MET P 76 54.68 -34.34 -50.80
CA MET P 76 54.93 -33.31 -51.79
C MET P 76 53.62 -32.65 -52.26
N LYS P 77 52.66 -33.48 -52.67
CA LYS P 77 51.42 -32.99 -53.26
C LYS P 77 51.13 -31.61 -52.75
N GLU P 78 51.10 -31.51 -51.43
CA GLU P 78 50.86 -30.26 -50.72
C GLU P 78 51.70 -29.06 -51.18
N PHE P 79 53.02 -29.19 -51.17
CA PHE P 79 53.91 -28.06 -51.44
C PHE P 79 53.91 -27.62 -52.90
N ASN P 80 53.72 -26.33 -53.08
CA ASN P 80 53.88 -25.67 -54.36
C ASN P 80 54.60 -24.34 -54.14
N CYS P 81 55.91 -24.44 -53.88
CA CYS P 81 56.77 -23.26 -53.71
C CYS P 81 57.83 -23.20 -54.79
N HIS P 82 58.29 -21.99 -55.10
CA HIS P 82 59.29 -21.83 -56.12
C HIS P 82 60.62 -22.40 -55.65
N HIS P 83 60.80 -22.52 -54.34
CA HIS P 83 62.08 -23.00 -53.81
C HIS P 83 62.00 -24.38 -53.22
N VAL P 84 61.02 -25.15 -53.68
CA VAL P 84 60.93 -26.55 -53.34
C VAL P 84 60.73 -27.33 -54.63
N VAL P 85 61.63 -28.26 -54.93
CA VAL P 85 61.48 -29.03 -56.15
C VAL P 85 60.09 -29.63 -56.18
N ARG P 86 59.37 -29.38 -57.26
CA ARG P 86 57.95 -29.72 -57.34
C ARG P 86 57.61 -31.01 -58.07
N LEU P 87 56.54 -31.65 -57.62
CA LEU P 87 56.01 -32.82 -58.28
C LEU P 87 55.10 -32.38 -59.40
N LEU P 88 55.29 -32.94 -60.58
CA LEU P 88 54.52 -32.55 -61.75
C LEU P 88 53.41 -33.55 -62.07
N GLY P 89 53.48 -34.72 -61.46
CA GLY P 89 52.49 -35.75 -61.72
C GLY P 89 53.03 -37.16 -61.56
N VAL P 90 52.13 -38.12 -61.50
CA VAL P 90 52.54 -39.51 -61.43
C VAL P 90 51.69 -40.38 -62.34
N VAL P 91 52.38 -41.16 -63.16
CA VAL P 91 51.72 -42.14 -64.02
C VAL P 91 51.40 -43.36 -63.18
N SER P 92 50.11 -43.72 -63.13
CA SER P 92 49.67 -44.84 -62.30
C SER P 92 49.10 -46.05 -63.06
N GLN P 93 48.37 -45.80 -64.15
CA GLN P 93 47.79 -46.88 -64.95
C GLN P 93 48.84 -47.46 -65.87
N GLY P 94 49.64 -48.39 -65.34
CA GLY P 94 50.76 -48.88 -66.13
C GLY P 94 51.66 -49.81 -65.35
N GLN P 95 52.61 -50.39 -66.09
CA GLN P 95 53.45 -51.44 -65.56
C GLN P 95 54.51 -50.93 -64.59
N PRO P 96 55.41 -50.02 -65.04
CA PRO P 96 56.30 -49.33 -64.11
C PRO P 96 55.62 -48.04 -63.64
N THR P 97 55.51 -47.82 -62.33
CA THR P 97 54.88 -46.60 -61.85
C THR P 97 55.87 -45.47 -62.06
N LEU P 98 55.40 -44.36 -62.64
CA LEU P 98 56.28 -43.22 -62.88
C LEU P 98 55.96 -42.05 -61.94
N VAL P 99 57.00 -41.42 -61.43
CA VAL P 99 56.83 -40.15 -60.73
C VAL P 99 57.62 -39.03 -61.43
N ILE P 100 56.89 -38.02 -61.90
CA ILE P 100 57.49 -36.91 -62.63
C ILE P 100 57.78 -35.73 -61.72
N MET P 101 59.06 -35.43 -61.56
CA MET P 101 59.47 -34.27 -60.78
C MET P 101 60.09 -33.24 -61.70
N GLU P 102 60.05 -32.00 -61.26
CA GLU P 102 60.69 -30.90 -61.96
C GLU P 102 62.20 -31.18 -62.09
N LEU P 103 62.73 -31.07 -63.31
CA LEU P 103 64.15 -31.36 -63.59
C LEU P 103 65.09 -30.28 -63.03
N MET P 104 66.05 -30.69 -62.22
CA MET P 104 67.09 -29.79 -61.71
C MET P 104 68.45 -30.10 -62.35
N THR P 105 68.73 -29.52 -63.51
CA THR P 105 69.86 -29.93 -64.36
C THR P 105 71.23 -29.98 -63.70
N ARG P 106 71.45 -29.27 -62.60
CA ARG P 106 72.80 -29.21 -62.05
C ARG P 106 73.01 -30.17 -60.88
N GLY P 107 72.04 -31.02 -60.63
CA GLY P 107 72.19 -32.04 -59.61
C GLY P 107 72.14 -31.42 -58.24
N ASP P 108 72.49 -32.22 -57.25
CA ASP P 108 72.38 -31.81 -55.86
C ASP P 108 73.43 -30.77 -55.50
N LEU P 109 73.20 -30.10 -54.38
CA LEU P 109 74.02 -28.95 -53.99
C LEU P 109 75.39 -29.38 -53.54
N LYS P 110 75.47 -30.54 -52.88
CA LYS P 110 76.74 -31.01 -52.37
C LYS P 110 77.65 -31.29 -53.54
N SER P 111 77.16 -32.05 -54.50
CA SER P 111 77.97 -32.39 -55.65
C SER P 111 78.37 -31.13 -56.39
N TYR P 112 77.45 -30.16 -56.44
CA TYR P 112 77.73 -28.93 -57.16
C TYR P 112 78.80 -28.13 -56.45
N LEU P 113 78.67 -28.01 -55.14
CA LEU P 113 79.69 -27.32 -54.36
C LEU P 113 81.05 -27.94 -54.61
N ARG P 114 81.13 -29.27 -54.60
CA ARG P 114 82.40 -29.97 -54.81
C ARG P 114 83.04 -29.71 -56.17
N SER P 115 82.22 -29.54 -57.19
CA SER P 115 82.76 -29.34 -58.53
C SER P 115 83.40 -27.97 -58.66
N LEU P 116 83.06 -27.08 -57.73
CA LEU P 116 83.62 -25.72 -57.72
C LEU P 116 85.02 -25.66 -57.15
N ARG P 117 85.53 -26.78 -56.68
CA ARG P 117 86.90 -26.85 -56.21
C ARG P 117 87.89 -26.93 -57.38
N PRO P 118 89.10 -26.39 -57.19
CA PRO P 118 90.24 -26.52 -58.10
C PRO P 118 90.52 -27.98 -58.45
N PRO P 128 85.20 -21.11 -56.20
CA PRO P 128 84.62 -20.50 -55.00
C PRO P 128 83.40 -19.67 -55.34
N PRO P 129 82.55 -19.42 -54.33
CA PRO P 129 81.39 -18.54 -54.48
C PRO P 129 81.64 -17.18 -53.80
N SER P 130 81.38 -16.07 -54.50
CA SER P 130 81.37 -14.75 -53.88
C SER P 130 80.27 -14.64 -52.83
N LEU P 131 80.38 -13.64 -51.96
CA LEU P 131 79.36 -13.41 -50.92
C LEU P 131 77.98 -13.34 -51.54
N SER P 132 77.87 -12.67 -52.69
CA SER P 132 76.58 -12.58 -53.35
C SER P 132 76.02 -13.97 -53.63
N LYS P 133 76.76 -14.77 -54.38
CA LYS P 133 76.30 -16.10 -54.79
C LYS P 133 75.83 -16.91 -53.59
N MET P 134 76.62 -16.94 -52.54
CA MET P 134 76.27 -17.72 -51.36
C MET P 134 74.97 -17.21 -50.77
N ILE P 135 74.88 -15.89 -50.61
CA ILE P 135 73.67 -15.26 -50.08
C ILE P 135 72.44 -15.70 -50.87
N GLN P 136 72.54 -15.63 -52.19
CA GLN P 136 71.46 -16.04 -53.06
C GLN P 136 71.04 -17.47 -52.72
N MET P 137 72.02 -18.35 -52.54
CA MET P 137 71.75 -19.73 -52.18
C MET P 137 71.14 -19.83 -50.79
N ALA P 138 71.69 -19.08 -49.84
CA ALA P 138 71.20 -19.14 -48.48
C ALA P 138 69.77 -18.67 -48.39
N GLY P 139 69.43 -17.67 -49.20
CA GLY P 139 68.10 -17.10 -49.12
C GLY P 139 67.12 -18.03 -49.75
N GLU P 140 67.49 -18.58 -50.89
CA GLU P 140 66.61 -19.44 -51.64
C GLU P 140 66.29 -20.70 -50.84
N ILE P 141 67.23 -21.12 -50.01
CA ILE P 141 67.08 -22.33 -49.21
C ILE P 141 66.23 -21.93 -48.04
N ALA P 142 66.55 -20.77 -47.49
CA ALA P 142 65.84 -20.26 -46.34
C ALA P 142 64.38 -20.12 -46.70
N ASP P 143 64.10 -19.55 -47.87
CA ASP P 143 62.74 -19.34 -48.34
C ASP P 143 61.92 -20.63 -48.38
N GLY P 144 62.44 -21.65 -49.07
CA GLY P 144 61.75 -22.93 -49.13
C GLY P 144 61.51 -23.53 -47.77
N MET P 145 62.45 -23.35 -46.86
CA MET P 145 62.32 -23.87 -45.51
C MET P 145 61.28 -23.07 -44.74
N ALA P 146 61.11 -21.81 -45.11
CA ALA P 146 60.10 -20.98 -44.48
C ALA P 146 58.74 -21.49 -44.92
N TYR P 147 58.64 -21.80 -46.21
CA TYR P 147 57.44 -22.40 -46.78
C TYR P 147 57.10 -23.71 -46.11
N LEU P 148 58.10 -24.57 -45.92
CA LEU P 148 57.88 -25.81 -45.19
C LEU P 148 57.30 -25.58 -43.82
N ASN P 149 57.91 -24.68 -43.06
CA ASN P 149 57.50 -24.50 -41.67
C ASN P 149 56.15 -23.81 -41.60
N ALA P 150 55.83 -23.05 -42.64
CA ALA P 150 54.55 -22.38 -42.70
C ALA P 150 53.41 -23.39 -42.78
N ASN P 151 53.64 -24.49 -43.48
CA ASN P 151 52.63 -25.54 -43.59
C ASN P 151 52.82 -26.62 -42.55
N LYS P 152 53.51 -26.25 -41.47
CA LYS P 152 53.63 -27.10 -40.31
C LYS P 152 54.29 -28.45 -40.60
N PHE P 153 55.49 -28.37 -41.17
CA PHE P 153 56.33 -29.54 -41.41
C PHE P 153 57.76 -29.30 -40.90
N VAL P 154 58.37 -30.36 -40.37
CA VAL P 154 59.80 -30.35 -40.06
C VAL P 154 60.52 -31.19 -41.11
N HIS P 155 61.59 -30.67 -41.68
CA HIS P 155 62.33 -31.41 -42.69
C HIS P 155 63.23 -32.49 -42.05
N ARG P 156 63.83 -32.15 -40.92
CA ARG P 156 64.67 -33.09 -40.17
C ARG P 156 65.98 -33.47 -40.85
N ASP P 157 65.98 -33.37 -42.16
CA ASP P 157 67.03 -33.92 -42.97
C ASP P 157 67.59 -32.84 -43.85
N LEU P 158 67.79 -31.64 -43.32
CA LEU P 158 68.31 -30.57 -44.18
C LEU P 158 69.82 -30.70 -44.31
N ALA P 159 70.28 -30.83 -45.54
CA ALA P 159 71.72 -30.91 -45.82
C ALA P 159 71.95 -30.57 -47.28
N ALA P 160 73.18 -30.23 -47.64
CA ALA P 160 73.47 -29.76 -48.97
C ALA P 160 73.17 -30.83 -50.01
N ARG P 161 73.26 -32.09 -49.57
CA ARG P 161 73.02 -33.25 -50.44
C ARG P 161 71.57 -33.34 -50.89
N ASN P 162 70.67 -32.75 -50.10
CA ASN P 162 69.22 -32.78 -50.32
C ASN P 162 68.67 -31.63 -51.12
N CYS P 163 69.50 -30.60 -51.30
CA CYS P 163 69.10 -29.47 -52.11
C CYS P 163 69.54 -29.71 -53.56
N MET P 164 68.77 -29.18 -54.51
CA MET P 164 69.09 -29.32 -55.93
C MET P 164 69.39 -27.96 -56.52
N VAL P 165 70.08 -27.96 -57.66
CA VAL P 165 70.40 -26.72 -58.35
C VAL P 165 69.88 -26.74 -59.79
N ALA P 166 69.17 -25.69 -60.15
CA ALA P 166 68.54 -25.62 -61.46
C ALA P 166 69.50 -25.08 -62.53
N GLU P 167 69.06 -25.16 -63.78
CA GLU P 167 69.83 -24.65 -64.91
C GLU P 167 70.34 -23.22 -64.69
N ASP P 168 69.52 -22.38 -64.06
CA ASP P 168 69.91 -21.00 -63.76
C ASP P 168 70.50 -20.82 -62.35
N PHE P 169 71.05 -21.90 -61.82
CA PHE P 169 71.74 -21.87 -60.51
C PHE P 169 70.87 -21.55 -59.31
N THR P 170 69.55 -21.54 -59.50
CA THR P 170 68.61 -21.43 -58.38
C THR P 170 68.67 -22.69 -57.52
N VAL P 171 68.65 -22.54 -56.20
CA VAL P 171 68.66 -23.69 -55.31
C VAL P 171 67.23 -23.98 -54.78
N LYS P 172 66.90 -25.26 -54.53
CA LYS P 172 65.58 -25.62 -53.98
C LYS P 172 65.61 -26.81 -53.01
N ILE P 173 64.70 -26.81 -52.05
CA ILE P 173 64.56 -27.93 -51.12
C ILE P 173 64.04 -29.13 -51.90
N GLY P 174 64.51 -30.33 -51.53
CA GLY P 174 64.38 -31.45 -52.44
C GLY P 174 64.05 -32.86 -51.98
N ASP P 175 64.25 -33.19 -50.70
CA ASP P 175 64.11 -34.61 -50.33
C ASP P 175 63.38 -34.87 -49.02
N PHE P 176 62.10 -35.26 -49.13
CA PHE P 176 61.22 -35.24 -47.96
C PHE P 176 60.90 -36.56 -47.28
N GLY P 177 61.62 -37.63 -47.61
CA GLY P 177 61.37 -38.91 -47.00
C GLY P 177 61.34 -38.86 -45.49
N MET P 178 61.94 -37.82 -44.94
CA MET P 178 62.19 -37.78 -43.50
C MET P 178 61.33 -36.73 -42.81
N THR P 179 60.64 -35.93 -43.61
CA THR P 179 59.89 -34.80 -43.08
C THR P 179 58.59 -35.23 -42.42
N ARG P 180 58.27 -34.58 -41.32
CA ARG P 180 57.11 -34.93 -40.51
C ARG P 180 56.16 -33.74 -40.33
N ASP P 181 54.89 -34.06 -40.11
CA ASP P 181 53.85 -33.07 -39.86
C ASP P 181 53.88 -32.70 -38.37
N ILE P 182 53.62 -31.43 -38.07
CA ILE P 182 53.68 -30.94 -36.71
C ILE P 182 52.54 -29.98 -36.31
N PTR P 183 51.54 -29.78 -37.18
CA PTR P 183 50.30 -29.14 -36.72
C PTR P 183 49.90 -29.90 -35.46
O PTR P 183 49.75 -31.12 -35.49
CB PTR P 183 49.16 -29.28 -37.74
CG PTR P 183 47.90 -28.51 -37.36
CD1 PTR P 183 47.40 -28.55 -36.05
CD2 PTR P 183 47.21 -27.76 -38.30
CE1 PTR P 183 46.24 -27.84 -35.70
CE2 PTR P 183 46.05 -27.06 -37.96
CZ PTR P 183 45.57 -27.10 -36.66
OH PTR P 183 44.43 -26.40 -36.33
N GLU P 184 49.73 -29.17 -34.36
CA GLU P 184 49.47 -29.82 -33.07
C GLU P 184 50.81 -30.39 -32.62
N THR P 185 51.25 -30.03 -31.41
CA THR P 185 52.62 -30.33 -30.92
C THR P 185 53.73 -29.37 -31.35
N ASP P 186 53.79 -29.04 -32.63
CA ASP P 186 54.92 -28.27 -33.14
C ASP P 186 56.25 -29.01 -32.92
N PTR P 187 56.21 -30.34 -32.98
CA PTR P 187 57.41 -31.15 -32.84
C PTR P 187 57.16 -32.58 -33.34
O PTR P 187 56.02 -32.98 -33.62
CB PTR P 187 57.98 -31.09 -31.41
CG PTR P 187 57.19 -31.86 -30.37
CD1 PTR P 187 56.95 -31.32 -29.10
CD2 PTR P 187 56.72 -33.13 -30.63
CE1 PTR P 187 56.24 -32.03 -28.14
CE2 PTR P 187 56.01 -33.84 -29.69
CZ PTR P 187 55.77 -33.29 -28.45
OH PTR P 187 55.12 -33.97 -27.65
P PTR P 187 55.81 -34.68 -26.37
O1P PTR P 187 56.44 -35.97 -26.78
O2P PTR P 187 56.89 -33.75 -25.79
O3P PTR P 187 54.74 -34.95 -25.29
N PTR P 188 58.24 -33.36 -33.45
CA PTR P 188 58.17 -34.77 -33.78
C PTR P 188 59.18 -35.44 -32.89
O PTR P 188 60.33 -35.02 -32.87
CB PTR P 188 58.57 -35.02 -35.24
CG PTR P 188 58.80 -36.48 -35.57
CD1 PTR P 188 57.74 -37.32 -35.92
CD2 PTR P 188 60.07 -37.04 -35.50
CE1 PTR P 188 57.96 -38.65 -36.21
CE2 PTR P 188 60.29 -38.36 -35.80
CZ PTR P 188 59.24 -39.17 -36.15
OH PTR P 188 59.48 -40.37 -36.41
P PTR P 188 58.37 -41.50 -36.79
O1P PTR P 188 59.03 -42.66 -37.42
O2P PTR P 188 57.33 -41.00 -37.81
O3P PTR P 188 57.71 -41.93 -35.47
N ARG P 189 58.78 -36.46 -32.14
CA ARG P 189 59.74 -37.16 -31.29
C ARG P 189 60.00 -38.56 -31.78
N LYS P 190 61.26 -38.92 -31.95
CA LYS P 190 61.59 -40.23 -32.49
C LYS P 190 61.55 -41.28 -31.40
N GLY P 191 60.88 -42.39 -31.71
CA GLY P 191 60.72 -43.48 -30.76
C GLY P 191 61.85 -44.49 -30.79
N GLY P 192 62.16 -45.01 -31.98
CA GLY P 192 63.14 -46.08 -32.09
C GLY P 192 64.46 -45.65 -32.70
N LYS P 193 65.07 -46.54 -33.48
CA LYS P 193 66.31 -46.23 -34.17
C LYS P 193 66.12 -45.16 -35.23
N GLY P 194 67.05 -44.22 -35.28
CA GLY P 194 67.07 -43.22 -36.34
C GLY P 194 68.34 -43.31 -37.14
N LEU P 195 68.26 -43.02 -38.43
CA LEU P 195 69.42 -43.16 -39.30
C LEU P 195 69.89 -41.83 -39.85
N LEU P 196 69.40 -40.73 -39.26
CA LEU P 196 69.78 -39.39 -39.68
C LEU P 196 71.25 -39.13 -39.31
N PRO P 197 72.03 -38.64 -40.28
CA PRO P 197 73.43 -38.31 -40.01
C PRO P 197 73.51 -37.33 -38.84
N VAL P 198 74.26 -37.70 -37.82
CA VAL P 198 74.42 -36.86 -36.63
C VAL P 198 75.06 -35.50 -36.91
N ARG P 199 75.86 -35.41 -37.96
CA ARG P 199 76.61 -34.19 -38.24
C ARG P 199 75.72 -33.01 -38.58
N TRP P 200 74.46 -33.29 -38.94
CA TRP P 200 73.50 -32.23 -39.23
C TRP P 200 72.43 -32.08 -38.12
N MET P 201 72.54 -32.88 -37.05
CA MET P 201 71.56 -32.85 -35.96
C MET P 201 71.89 -31.90 -34.82
N SER P 202 70.84 -31.26 -34.30
CA SER P 202 70.97 -30.27 -33.24
C SER P 202 71.24 -30.94 -31.91
N PRO P 203 71.78 -30.19 -30.96
CA PRO P 203 72.03 -30.75 -29.63
C PRO P 203 70.77 -31.37 -29.02
N GLU P 204 69.63 -30.71 -29.18
CA GLU P 204 68.36 -31.18 -28.57
C GLU P 204 67.73 -32.34 -29.37
N SER P 205 68.16 -32.49 -30.61
CA SER P 205 67.77 -33.66 -31.40
C SER P 205 68.63 -34.89 -31.02
N LEU P 206 69.93 -34.70 -30.77
CA LEU P 206 70.80 -35.78 -30.32
C LEU P 206 70.50 -36.20 -28.89
N LYS P 207 69.92 -35.30 -28.11
CA LYS P 207 69.75 -35.58 -26.68
C LYS P 207 68.45 -36.31 -26.38
N ASP P 208 67.37 -35.94 -27.06
CA ASP P 208 66.06 -36.52 -26.77
C ASP P 208 65.23 -36.88 -27.99
N GLY P 209 65.85 -36.79 -29.16
CA GLY P 209 65.20 -37.18 -30.40
C GLY P 209 64.05 -36.26 -30.74
N VAL P 210 64.18 -35.00 -30.37
CA VAL P 210 63.12 -34.03 -30.60
C VAL P 210 63.43 -33.16 -31.80
N PHE P 211 62.47 -33.08 -32.72
CA PHE P 211 62.65 -32.27 -33.93
C PHE P 211 61.62 -31.15 -34.03
N THR P 212 62.13 -29.93 -34.27
CA THR P 212 61.32 -28.73 -34.36
C THR P 212 61.81 -27.89 -35.54
N THR P 213 61.27 -26.69 -35.69
CA THR P 213 61.79 -25.76 -36.68
C THR P 213 63.12 -25.27 -36.19
N TYR P 214 63.24 -25.19 -34.88
CA TYR P 214 64.46 -24.69 -34.29
C TYR P 214 65.59 -25.63 -34.68
N SER P 215 65.31 -26.93 -34.73
CA SER P 215 66.34 -27.90 -35.12
C SER P 215 66.59 -27.85 -36.62
N ASP P 216 65.56 -27.59 -37.41
CA ASP P 216 65.75 -27.37 -38.83
C ASP P 216 66.66 -26.18 -39.11
N VAL P 217 66.57 -25.14 -38.29
CA VAL P 217 67.35 -23.94 -38.52
C VAL P 217 68.80 -24.27 -38.24
N TRP P 218 69.01 -25.03 -37.16
CA TRP P 218 70.34 -25.57 -36.85
C TRP P 218 70.92 -26.21 -38.09
N SER P 219 70.17 -27.14 -38.69
CA SER P 219 70.65 -27.81 -39.88
C SER P 219 71.01 -26.80 -40.96
N PHE P 220 70.14 -25.82 -41.15
CA PHE P 220 70.35 -24.78 -42.14
C PHE P 220 71.71 -24.13 -41.97
N GLY P 221 72.12 -24.00 -40.72
CA GLY P 221 73.39 -23.38 -40.40
C GLY P 221 74.54 -24.26 -40.85
N VAL P 222 74.35 -25.56 -40.69
CA VAL P 222 75.36 -26.49 -41.13
C VAL P 222 75.48 -26.45 -42.64
N VAL P 223 74.36 -26.29 -43.34
CA VAL P 223 74.45 -26.20 -44.80
C VAL P 223 75.08 -24.88 -45.24
N LEU P 224 74.86 -23.81 -44.48
CA LEU P 224 75.56 -22.56 -44.75
C LEU P 224 77.03 -22.87 -44.65
N TRP P 225 77.40 -23.62 -43.62
CA TRP P 225 78.78 -23.98 -43.41
C TRP P 225 79.29 -24.75 -44.63
N GLU P 226 78.49 -25.72 -45.06
CA GLU P 226 78.82 -26.52 -46.24
C GLU P 226 79.10 -25.63 -47.45
N ILE P 227 78.25 -24.62 -47.67
CA ILE P 227 78.41 -23.77 -48.83
C ILE P 227 79.74 -23.05 -48.74
N ALA P 228 80.06 -22.57 -47.54
CA ALA P 228 81.26 -21.79 -47.33
C ALA P 228 82.52 -22.63 -47.45
N THR P 229 82.41 -23.94 -47.27
CA THR P 229 83.59 -24.79 -47.37
C THR P 229 83.55 -25.69 -48.57
N LEU P 230 82.74 -25.33 -49.57
CA LEU P 230 82.62 -26.11 -50.79
C LEU P 230 82.44 -27.61 -50.49
N ALA P 231 81.56 -27.88 -49.53
CA ALA P 231 81.13 -29.23 -49.21
C ALA P 231 82.20 -30.09 -48.54
N GLU P 232 82.92 -29.53 -47.59
CA GLU P 232 83.74 -30.36 -46.71
C GLU P 232 82.84 -31.17 -45.80
N GLN P 233 83.45 -32.05 -45.00
CA GLN P 233 82.69 -32.81 -44.03
C GLN P 233 82.61 -32.06 -42.71
N PRO P 234 81.40 -31.92 -42.17
CA PRO P 234 81.25 -31.27 -40.87
C PRO P 234 81.98 -32.05 -39.80
N TYR P 235 82.77 -31.36 -38.99
CA TYR P 235 83.51 -32.01 -37.91
C TYR P 235 84.42 -33.08 -38.46
N GLN P 236 85.11 -32.78 -39.55
CA GLN P 236 86.13 -33.69 -40.02
C GLN P 236 87.14 -33.89 -38.89
N GLY P 237 87.56 -35.13 -38.69
CA GLY P 237 88.53 -35.43 -37.66
C GLY P 237 87.88 -35.94 -36.40
N LEU P 238 86.59 -35.69 -36.27
CA LEU P 238 85.82 -36.26 -35.18
C LEU P 238 85.05 -37.46 -35.72
N SER P 239 84.90 -38.48 -34.89
CA SER P 239 84.10 -39.63 -35.27
C SER P 239 82.67 -39.37 -34.88
N ASN P 240 81.75 -40.07 -35.51
CA ASN P 240 80.34 -39.96 -35.15
C ASN P 240 80.12 -40.02 -33.63
N GLU P 241 80.86 -40.86 -32.95
CA GLU P 241 80.81 -40.88 -31.49
C GLU P 241 81.27 -39.56 -30.88
N GLN P 242 82.39 -39.03 -31.36
CA GLN P 242 82.96 -37.81 -30.82
C GLN P 242 82.09 -36.60 -31.16
N VAL P 243 81.55 -36.59 -32.37
CA VAL P 243 80.71 -35.50 -32.83
C VAL P 243 79.52 -35.41 -31.92
N LEU P 244 79.01 -36.58 -31.56
CA LEU P 244 77.86 -36.70 -30.69
C LEU P 244 78.10 -35.94 -29.38
N ARG P 245 79.19 -36.28 -28.70
CA ARG P 245 79.52 -35.63 -27.43
C ARG P 245 79.82 -34.16 -27.63
N PHE P 246 80.65 -33.88 -28.63
CA PHE P 246 81.07 -32.52 -28.92
C PHE P 246 79.87 -31.58 -29.05
N VAL P 247 78.95 -31.91 -29.94
CA VAL P 247 77.85 -31.00 -30.25
C VAL P 247 76.92 -30.80 -29.06
N MET P 248 76.73 -31.86 -28.28
CA MET P 248 75.80 -31.82 -27.16
C MET P 248 76.27 -30.95 -26.00
N GLU P 249 77.58 -30.89 -25.81
CA GLU P 249 78.13 -30.08 -24.74
C GLU P 249 78.39 -28.63 -25.19
N GLY P 250 78.01 -28.31 -26.42
CA GLY P 250 78.03 -26.93 -26.89
C GLY P 250 79.06 -26.60 -27.95
N GLY P 251 79.79 -27.63 -28.39
CA GLY P 251 80.80 -27.45 -29.42
C GLY P 251 80.22 -26.93 -30.72
N LEU P 252 81.06 -26.24 -31.50
CA LEU P 252 80.62 -25.70 -32.78
C LEU P 252 81.65 -25.95 -33.87
N LEU P 253 81.20 -25.80 -35.11
CA LEU P 253 82.09 -25.81 -36.27
C LEU P 253 82.88 -24.50 -36.35
N ASP P 254 84.17 -24.61 -36.60
CA ASP P 254 85.03 -23.44 -36.64
C ASP P 254 84.80 -22.65 -37.92
N LYS P 255 85.11 -21.36 -37.85
CA LYS P 255 84.89 -20.50 -38.99
C LYS P 255 85.69 -21.03 -40.17
N PRO P 256 85.04 -21.22 -41.31
CA PRO P 256 85.77 -21.67 -42.49
C PRO P 256 86.80 -20.62 -42.93
N ASP P 257 87.99 -21.09 -43.25
CA ASP P 257 89.02 -20.20 -43.74
C ASP P 257 88.52 -19.48 -44.99
N ASN P 258 88.67 -18.16 -44.99
CA ASN P 258 88.27 -17.33 -46.12
C ASN P 258 86.77 -17.08 -46.17
N CYS P 259 86.07 -17.50 -45.12
CA CYS P 259 84.64 -17.26 -45.00
C CYS P 259 84.37 -15.77 -44.73
N PRO P 260 83.41 -15.18 -45.47
CA PRO P 260 82.87 -13.86 -45.15
C PRO P 260 82.38 -13.77 -43.71
N ASP P 261 82.65 -12.65 -43.06
CA ASP P 261 82.39 -12.49 -41.64
C ASP P 261 80.91 -12.65 -41.33
N MET P 262 80.09 -12.15 -42.25
CA MET P 262 78.65 -12.19 -42.11
C MET P 262 78.11 -13.60 -42.10
N LEU P 263 78.32 -14.29 -43.22
CA LEU P 263 77.89 -15.67 -43.40
C LEU P 263 78.19 -16.58 -42.20
N PHE P 264 79.30 -16.35 -41.50
CA PHE P 264 79.62 -17.16 -40.34
C PHE P 264 78.89 -16.66 -39.10
N GLU P 265 78.52 -15.39 -39.12
CA GLU P 265 77.86 -14.79 -37.98
C GLU P 265 76.43 -15.30 -37.97
N LEU P 266 75.90 -15.44 -39.18
CA LEU P 266 74.61 -16.08 -39.40
C LEU P 266 74.61 -17.50 -38.80
N MET P 267 75.56 -18.34 -39.21
CA MET P 267 75.67 -19.69 -38.65
C MET P 267 75.62 -19.65 -37.14
N ARG P 268 76.47 -18.82 -36.55
CA ARG P 268 76.52 -18.71 -35.10
C ARG P 268 75.13 -18.49 -34.50
N MET P 269 74.25 -17.85 -35.26
CA MET P 269 72.91 -17.58 -34.79
C MET P 269 72.10 -18.86 -34.93
N CYS P 270 72.29 -19.54 -36.05
CA CYS P 270 71.60 -20.80 -36.30
C CYS P 270 72.02 -21.88 -35.32
N TRP P 271 73.17 -21.70 -34.68
CA TRP P 271 73.68 -22.70 -33.74
C TRP P 271 73.53 -22.29 -32.27
N GLN P 272 72.69 -21.31 -32.01
CA GLN P 272 72.39 -20.97 -30.62
C GLN P 272 72.04 -22.26 -29.88
N TYR P 273 72.66 -22.48 -28.73
CA TYR P 273 72.40 -23.72 -27.99
C TYR P 273 70.94 -23.89 -27.61
N ASN P 274 70.31 -22.88 -27.02
CA ASN P 274 68.90 -22.97 -26.76
C ASN P 274 68.11 -22.73 -28.03
N PRO P 275 67.29 -23.71 -28.43
CA PRO P 275 66.56 -23.69 -29.70
C PRO P 275 65.69 -22.45 -29.88
N LYS P 276 65.17 -21.90 -28.78
CA LYS P 276 64.31 -20.72 -28.82
C LYS P 276 65.08 -19.46 -29.23
N MET P 277 66.38 -19.44 -28.92
CA MET P 277 67.27 -18.31 -29.21
C MET P 277 67.75 -18.23 -30.68
N ARG P 278 67.31 -19.14 -31.54
CA ARG P 278 67.73 -19.15 -32.95
C ARG P 278 66.77 -18.39 -33.83
N PRO P 279 67.25 -17.91 -34.97
CA PRO P 279 66.41 -17.14 -35.90
C PRO P 279 65.36 -18.04 -36.56
N SER P 280 64.25 -17.44 -36.98
CA SER P 280 63.31 -18.11 -37.86
C SER P 280 63.84 -18.02 -39.30
N PHE P 281 63.29 -18.83 -40.20
CA PHE P 281 63.70 -18.72 -41.60
C PHE P 281 63.23 -17.40 -42.16
N LEU P 282 62.12 -16.90 -41.65
CA LEU P 282 61.60 -15.62 -42.10
C LEU P 282 62.54 -14.50 -41.68
N GLU P 283 63.03 -14.58 -40.45
CA GLU P 283 63.96 -13.59 -39.97
C GLU P 283 65.24 -13.63 -40.78
N ILE P 284 65.76 -14.82 -41.02
CA ILE P 284 66.97 -14.98 -41.81
C ILE P 284 66.80 -14.36 -43.17
N ILE P 285 65.67 -14.63 -43.81
CA ILE P 285 65.42 -14.05 -45.12
C ILE P 285 65.38 -12.53 -45.03
N SER P 286 64.66 -12.01 -44.03
CA SER P 286 64.53 -10.57 -43.84
C SER P 286 65.87 -9.87 -43.74
N SER P 287 66.83 -10.51 -43.08
CA SER P 287 68.13 -9.90 -42.86
C SER P 287 69.02 -9.86 -44.10
N ILE P 288 68.57 -10.50 -45.19
CA ILE P 288 69.36 -10.52 -46.42
C ILE P 288 68.52 -10.28 -47.68
N LYS P 289 67.22 -10.00 -47.50
CA LYS P 289 66.29 -9.87 -48.62
C LYS P 289 66.76 -8.81 -49.60
N GLU P 290 67.42 -7.80 -49.06
CA GLU P 290 67.81 -6.65 -49.86
C GLU P 290 69.03 -6.99 -50.72
N GLU P 291 69.58 -8.18 -50.49
CA GLU P 291 70.79 -8.62 -51.20
C GLU P 291 70.47 -9.75 -52.18
N MET P 292 69.20 -10.06 -52.35
CA MET P 292 68.78 -11.11 -53.26
C MET P 292 68.59 -10.54 -54.67
N GLU P 293 69.04 -11.26 -55.68
CA GLU P 293 68.85 -10.79 -57.03
C GLU P 293 67.37 -10.45 -57.25
N PRO P 294 67.06 -9.57 -58.21
CA PRO P 294 65.75 -9.02 -58.58
C PRO P 294 64.57 -10.00 -58.51
N GLY P 295 64.65 -11.08 -59.27
CA GLY P 295 63.55 -12.03 -59.40
C GLY P 295 62.82 -12.43 -58.12
N PHE P 296 63.58 -12.57 -57.03
CA PHE P 296 63.05 -12.97 -55.74
C PHE P 296 61.63 -12.44 -55.44
N ARG P 297 61.45 -11.14 -55.57
CA ARG P 297 60.19 -10.53 -55.17
C ARG P 297 58.97 -11.23 -55.77
N GLU P 298 59.07 -11.60 -57.05
CA GLU P 298 57.98 -12.29 -57.73
C GLU P 298 57.78 -13.72 -57.22
N VAL P 299 58.89 -14.43 -57.04
CA VAL P 299 58.85 -15.89 -56.99
C VAL P 299 58.96 -16.52 -55.60
N SER P 300 59.35 -15.73 -54.62
CA SER P 300 59.57 -16.28 -53.29
C SER P 300 58.26 -16.50 -52.54
N PHE P 301 58.33 -17.35 -51.52
CA PHE P 301 57.24 -17.47 -50.58
C PHE P 301 57.25 -16.28 -49.64
N TYR P 302 58.44 -15.75 -49.40
CA TYR P 302 58.59 -14.63 -48.48
C TYR P 302 57.72 -13.44 -48.90
N TYR P 303 57.79 -13.09 -50.20
CA TYR P 303 57.00 -12.02 -50.78
C TYR P 303 55.69 -12.54 -51.41
N SER P 304 55.03 -13.46 -50.74
CA SER P 304 53.77 -14.00 -51.26
C SER P 304 52.61 -13.67 -50.35
N GLU P 305 51.39 -13.77 -50.88
CA GLU P 305 50.20 -13.49 -50.10
C GLU P 305 50.07 -14.53 -49.00
N GLU P 306 50.31 -15.79 -49.35
CA GLU P 306 50.38 -16.86 -48.37
C GLU P 306 51.14 -16.40 -47.14
N ASN P 307 52.08 -15.47 -47.31
CA ASN P 307 52.94 -15.10 -46.19
C ASN P 307 52.58 -13.80 -45.48
N LYS P 308 52.01 -13.97 -44.29
CA LYS P 308 51.69 -12.88 -43.38
C LYS P 308 51.46 -13.52 -42.02
C1 741 Q . -22.50 20.30 74.20
C2 741 Q . -23.61 20.44 73.35
C3 741 Q . -23.49 21.10 72.11
C4 741 Q . -22.24 21.59 71.72
C5 741 Q . -21.09 21.44 72.57
C6 741 Q . -21.24 20.78 73.81
N7 741 Q . -22.13 22.23 70.51
C8 741 Q . -20.95 22.71 70.12
C9 741 Q . -19.79 22.59 70.90
C10 741 Q . -19.82 21.93 72.15
O11 741 Q . -22.56 19.65 75.44
O12 741 Q . -24.84 19.98 73.82
C13 741 Q . -26.11 20.47 73.37
C14 741 Q . -26.87 19.14 73.14
C15 741 Q . -26.65 17.89 74.00
C16 741 Q . -23.38 18.48 75.46
N17 741 Q . -18.71 21.78 72.99
C18 741 Q . -17.72 22.73 73.15
C19 741 Q . -16.38 22.31 73.31
C20 741 Q . -15.34 23.23 73.47
C21 741 Q . -15.61 24.60 73.46
C22 741 Q . -16.94 25.02 73.29
C23 741 Q . -17.99 24.11 73.13
CL24 741 Q . -17.25 26.73 73.28
S25 741 Q . -14.26 25.77 73.66
C26 741 Q . -12.77 24.80 73.46
N27 741 Q . -12.23 24.10 74.47
C28 741 Q . -11.17 23.50 73.85
C29 741 Q . -11.16 23.88 72.48
N30 741 Q . -12.21 24.71 72.26
C31 741 Q . -12.62 25.39 71.03
C32 741 Q . -18.60 23.09 70.29
N33 741 Q . -17.61 23.37 69.75
N34 741 Q . -28.00 17.29 74.14
C35 741 Q . -28.22 15.89 73.73
C36 741 Q . -28.80 17.74 75.31
C37 741 Q . -29.57 15.33 74.21
O38 741 Q . -29.61 15.16 75.65
C1 741 R . -0.32 -10.24 24.92
C2 741 R . -0.44 -9.86 23.58
C3 741 R . -0.69 -8.51 23.27
C4 741 R . -0.79 -7.56 24.31
C5 741 R . -0.64 -7.95 25.69
C6 741 R . -0.39 -9.30 25.98
N7 741 R . -1.03 -6.25 24.02
C8 741 R . -1.13 -5.33 24.97
C9 741 R . -0.99 -5.65 26.33
C10 741 R . -0.72 -6.97 26.72
O11 741 R . -0.06 -11.55 25.30
O12 741 R . -0.38 -10.88 22.61
C13 741 R . -0.34 -10.64 21.19
C14 741 R . 0.13 -11.98 20.58
C15 741 R . 1.60 -12.40 20.46
C16 741 R . 1.36 -11.75 25.30
N17 741 R . -0.58 -7.36 28.05
C18 741 R . -1.27 -6.80 29.11
C19 741 R . -0.62 -6.65 30.35
C20 741 R . -1.27 -6.08 31.46
C21 741 R . -2.60 -5.65 31.34
C22 741 R . -3.24 -5.79 30.10
C23 741 R . -2.59 -6.36 28.99
CL24 741 R . -4.89 -5.25 29.95
S25 741 R . -3.44 -4.92 32.75
C26 741 R . -2.26 -4.51 34.04
N27 741 R . -1.83 -5.41 34.95
C28 741 R . -0.93 -4.67 35.67
C29 741 R . -0.88 -3.36 35.15
N30 741 R . -1.73 -3.28 34.08
C31 741 R . -2.03 -2.13 33.23
C32 741 R . -1.04 -4.54 27.25
N33 741 R . -0.97 -3.64 27.97
N34 741 R . 1.69 -13.44 19.41
C35 741 R . 0.49 -14.25 19.09
C36 741 R . 2.97 -14.19 19.35
C37 741 R . 0.76 -15.77 19.24
O38 741 R . 0.34 -16.55 18.09
C1 741 S . 17.84 37.51 -10.95
C2 741 S . 19.11 37.01 -10.57
C3 741 S . 19.32 35.62 -10.50
C4 741 S . 18.26 34.75 -10.82
C5 741 S . 16.97 35.25 -11.22
C6 741 S . 16.78 36.64 -11.28
N7 741 S . 18.46 33.38 -10.74
C8 741 S . 17.48 32.53 -11.03
C9 741 S . 16.21 32.96 -11.43
C10 741 S . 15.91 34.33 -11.55
O11 741 S . 17.66 38.89 -11.03
O12 741 S . 20.03 38.01 -10.23
C13 741 S . 21.46 37.89 -10.29
C14 741 S . 21.88 39.31 -10.75
C15 741 S . 23.14 40.04 -10.26
C16 741 S . 16.39 39.24 -11.59
N17 741 S . 14.65 34.82 -11.93
C18 741 S . 13.46 34.18 -11.59
C19 741 S . 12.42 34.09 -12.53
C20 741 S . 11.19 33.45 -12.22
C21 741 S . 11.00 32.90 -10.94
C22 741 S . 12.04 33.01 -10.01
C23 741 S . 13.25 33.64 -10.31
CL24 741 S . 11.74 32.32 -8.45
S25 741 S . 9.47 32.08 -10.50
C26 741 S . 8.61 31.84 -12.06
N27 741 S . 7.92 32.83 -12.64
C28 741 S . 7.49 32.23 -13.78
C29 741 S . 7.95 30.88 -13.82
N30 741 S . 8.68 30.65 -12.70
C31 741 S . 9.35 29.42 -12.29
C32 741 S . 15.30 31.90 -11.76
N33 741 S . 14.58 31.04 -12.08
N34 741 S . 23.97 40.29 -11.47
C35 741 S . 23.34 40.96 -12.63
C36 741 S . 25.36 40.71 -11.23
C37 741 S . 23.93 42.36 -12.83
O38 741 S . 23.07 43.22 -13.62
C1 741 T . 33.29 2.21 -59.95
C2 741 T . 33.79 0.89 -59.88
C3 741 T . 33.52 0.10 -58.75
C4 741 T . 32.73 0.64 -57.70
C5 741 T . 32.20 1.98 -57.79
C6 741 T . 32.49 2.75 -58.93
N7 741 T . 32.47 -0.13 -56.59
C8 741 T . 31.73 0.34 -55.59
C9 741 T . 31.20 1.63 -55.62
C10 741 T . 31.39 2.49 -56.72
O11 741 T . 33.54 2.97 -61.09
O12 741 T . 34.60 0.51 -60.96
C13 741 T . 35.02 -0.84 -61.24
C14 741 T . 34.93 -0.99 -62.78
C15 741 T . 35.02 -2.34 -63.52
C16 741 T . 32.88 4.23 -61.06
N17 741 T . 30.87 3.79 -56.81
C18 741 T . 30.70 4.65 -55.72
C19 741 T . 29.57 5.50 -55.68
C20 741 T . 29.34 6.38 -54.59
C21 741 T . 30.25 6.42 -53.53
C22 741 T . 31.37 5.58 -53.57
C23 741 T . 31.61 4.71 -54.64
CL24 741 T . 32.47 5.69 -52.23
S25 741 T . 30.00 7.54 -52.13
C26 741 T . 28.33 8.17 -52.27
N27 741 T . 28.02 9.19 -53.09
C28 741 T . 26.68 9.27 -52.89
C29 741 T . 26.26 8.29 -51.96
N30 741 T . 27.34 7.57 -51.58
C31 741 T . 27.45 6.47 -50.63
C32 741 T . 30.38 1.93 -54.49
N33 741 T . 29.63 2.10 -53.63
N34 741 T . 34.80 -2.07 -64.96
C35 741 T . 35.23 -3.10 -65.94
C36 741 T . 35.07 -0.68 -65.37
C37 741 T . 35.58 -2.51 -67.34
O38 741 T . 36.91 -2.82 -67.79
C1 741 U . -1.19 -79.91 -44.98
C2 741 U . -1.08 -78.58 -45.43
C3 741 U . -2.25 -77.80 -45.53
C4 741 U . -3.50 -78.34 -45.16
C5 741 U . -3.60 -79.72 -44.68
C6 741 U . -2.42 -80.46 -44.59
N7 741 U . -4.65 -77.58 -45.26
C8 741 U . -5.84 -78.06 -44.92
C9 741 U . -6.00 -79.38 -44.45
C10 741 U . -4.88 -80.23 -44.30
O11 741 U . -0.04 -80.70 -44.86
O12 741 U . 0.20 -78.15 -45.81
C13 741 U . 0.55 -77.00 -46.61
C14 741 U . 1.65 -76.27 -45.79
C15 741 U . 2.94 -76.94 -45.24
C16 741 U . -0.33 -82.10 -44.75
N17 741 U . -5.03 -81.54 -43.83
C18 741 U . -6.09 -82.41 -44.07
C19 741 U . -6.47 -83.32 -43.06
C20 741 U . -7.53 -84.22 -43.20
C21 741 U . -8.25 -84.24 -44.40
C22 741 U . -7.89 -83.34 -45.41
C23 741 U . -6.83 -82.43 -45.27
CL24 741 U . -8.83 -83.41 -46.88
S25 741 U . -9.62 -85.39 -44.64
C26 741 U . -9.96 -86.07 -43.02
N27 741 U . -9.22 -87.08 -42.53
C28 741 U . -9.77 -87.27 -41.30
C29 741 U . -10.80 -86.34 -41.10
N30 741 U . -10.92 -85.56 -42.21
C31 741 U . -11.87 -84.47 -42.46
C32 741 U . -7.31 -79.78 -44.05
N33 741 U . -8.34 -80.14 -43.65
N34 741 U . 4.03 -75.94 -45.19
C35 741 U . 3.88 -74.75 -44.31
C36 741 U . 5.37 -76.54 -45.05
C37 741 U . 4.82 -73.58 -44.70
O38 741 U . 4.20 -72.26 -44.62
C1 741 V . -23.26 -49.53 4.60
C2 741 V . -24.33 -48.61 4.60
C3 741 V . -25.26 -48.64 3.55
C4 741 V . -25.11 -49.59 2.52
C5 741 V . -24.02 -50.55 2.53
C6 741 V . -23.11 -50.50 3.59
N7 741 V . -26.02 -49.61 1.49
C8 741 V . -25.92 -50.49 0.49
C9 741 V . -24.89 -51.44 0.45
C10 741 V . -23.91 -51.51 1.46
O11 741 V . -22.34 -49.54 5.64
O12 741 V . -24.35 -47.69 5.65
C13 741 V . -25.40 -46.76 5.96
C14 741 V . -25.35 -46.80 7.51
C15 741 V . -25.44 -45.58 8.44
C16 741 V . -21.33 -50.53 5.46
N17 741 V . -22.85 -52.45 1.47
C18 741 V . -22.25 -52.97 0.33
C19 741 V . -21.96 -54.35 0.28
C20 741 V . -21.35 -54.96 -0.83
C21 741 V . -21.04 -54.18 -1.95
C22 741 V . -21.32 -52.81 -1.92
C23 741 V . -21.91 -52.19 -0.80
CL24 741 V . -20.88 -51.89 -3.34
S25 741 V . -20.27 -54.94 -3.38
C26 741 V . -20.24 -56.71 -3.05
N27 741 V . -19.29 -57.25 -2.25
C28 741 V . -19.65 -58.56 -2.23
C29 741 V . -20.80 -58.76 -3.02
N30 741 V . -21.18 -57.56 -3.54
C31 741 V . -22.31 -57.28 -4.44
C32 741 V . -24.96 -52.35 -0.66
N33 741 V . -25.05 -53.14 -1.51
N34 741 V . -25.96 -46.06 9.75
C35 741 V . -25.30 -45.57 10.98
C36 741 V . -27.43 -46.03 9.87
C37 741 V . -26.35 -45.08 12.02
O38 741 V . -25.75 -44.57 13.23
C1 741 W . -19.50 -30.19 -52.96
C2 741 W . -19.78 -31.16 -51.97
C3 741 W . -19.03 -31.18 -50.79
C4 741 W . -18.02 -30.22 -50.60
C5 741 W . -17.75 -29.21 -51.61
C6 741 W . -18.52 -29.21 -52.78
N7 741 W . -17.29 -30.25 -49.44
C8 741 W . -16.33 -29.36 -49.23
C9 741 W . -16.02 -28.35 -50.16
C10 741 W . -16.73 -28.23 -51.38
O11 741 W . -20.25 -30.14 -54.13
O12 741 W . -20.77 -32.11 -52.25
C13 741 W . -21.01 -33.29 -51.47
C14 741 W . -22.54 -33.34 -51.41
C15 741 W . -23.44 -32.87 -52.59
C16 741 W . -21.64 -29.96 -53.85
N17 741 W . -16.47 -27.27 -52.35
C18 741 W . -15.23 -26.73 -52.65
C19 741 W . -15.13 -25.33 -52.75
C20 741 W . -13.92 -24.68 -53.05
C21 741 W . -12.77 -25.44 -53.23
C22 741 W . -12.84 -26.82 -53.12
C23 741 W . -14.05 -27.49 -52.83
CL24 741 W . -11.36 -27.69 -53.37
S25 741 W . -11.19 -24.62 -53.60
C26 741 W . -11.55 -22.86 -53.57
N27 741 W . -12.07 -22.26 -54.66
C28 741 W . -12.24 -20.98 -54.23
C29 741 W . -11.81 -20.87 -52.88
N30 741 W . -11.38 -22.09 -52.47
C31 741 W . -10.84 -22.44 -51.15
C32 741 W . -14.99 -27.45 -49.73
N33 741 W . -14.22 -26.70 -49.32
N34 741 W . -24.63 -33.76 -52.58
C35 741 W . -25.03 -34.35 -51.27
C36 741 W . -24.64 -34.76 -53.66
C37 741 W . -26.55 -34.61 -51.31
O38 741 W . -27.19 -33.81 -52.33
C1 741 X . -34.56 4.88 -4.04
C2 741 X . -34.00 4.84 -2.74
C3 741 X . -32.72 4.30 -2.54
C4 741 X . -32.00 3.83 -3.65
C5 741 X . -32.56 3.89 -4.99
C6 741 X . -33.84 4.43 -5.15
N7 741 X . -30.74 3.30 -3.47
C8 741 X . -30.05 2.84 -4.51
C9 741 X . -30.53 2.87 -5.82
C10 741 X . -31.82 3.41 -6.11
O11 741 X . -35.83 5.42 -4.23
O12 741 X . -34.82 5.28 -1.72
C13 741 X . -34.60 5.14 -0.31
C14 741 X . -35.00 6.56 0.13
C15 741 X . -35.17 7.09 1.56
C16 741 X . -36.01 6.02 -5.51
N17 741 X . -32.40 3.49 -7.37
C18 741 X . -32.19 2.60 -8.40
C19 741 X . -32.11 3.09 -9.72
C20 741 X . -31.89 2.23 -10.81
C21 741 X . -31.74 0.87 -10.59
C22 741 X . -31.82 0.37 -9.28
C23 741 X . -32.03 1.21 -8.19
CL24 741 X . -31.64 -1.35 -9.03
S25 741 X . -31.45 -0.23 -12.00
C26 741 X . -30.88 0.83 -13.33
N27 741 X . -31.76 1.56 -14.05
C28 741 X . -30.93 2.23 -14.90
C29 741 X . -29.59 1.87 -14.64
N30 741 X . -29.56 0.99 -13.62
C31 741 X . -28.40 0.34 -13.02
C32 741 X . -29.59 2.39 -6.81
N33 741 X . -28.78 2.07 -7.58
N34 741 X . -35.40 8.55 1.44
C35 741 X . -35.81 9.28 2.65
C36 741 X . -36.16 8.98 0.24
C37 741 X . -37.09 10.11 2.36
O38 741 X . -37.39 11.05 3.41
C1 741 Y . 66.26 6.41 -16.58
C2 741 Y . 65.43 7.53 -16.56
C3 741 Y . 64.30 7.58 -17.40
C4 741 Y . 64.01 6.45 -18.19
C5 741 Y . 64.87 5.29 -18.19
C6 741 Y . 65.98 5.27 -17.35
N7 741 Y . 62.91 6.48 -19.04
C8 741 Y . 62.60 5.44 -19.80
C9 741 Y . 63.39 4.28 -19.82
C10 741 Y . 64.53 4.17 -19.00
O11 741 Y . 67.36 6.37 -15.73
O12 741 Y . 65.90 8.56 -15.74
C13 741 Y . 65.68 9.96 -15.91
C14 741 Y . 66.06 10.52 -14.51
C15 741 Y . 65.03 11.03 -13.49
C16 741 Y . 68.04 5.13 -15.85
N17 741 Y . 65.34 3.05 -18.98
C18 741 Y . 65.49 2.18 -20.03
C19 741 Y . 65.32 0.80 -19.78
C20 741 Y . 65.45 -0.15 -20.81
C21 741 Y . 65.73 0.29 -22.10
C22 741 Y . 65.89 1.67 -22.35
C23 741 Y . 65.77 2.63 -21.34
CL24 741 Y . 66.23 2.16 -23.97
S25 741 Y . 65.90 -0.90 -23.44
C26 741 Y . 65.66 -2.53 -22.70
N27 741 Y . 66.61 -3.08 -21.91
C28 741 Y . 66.00 -4.24 -21.54
C29 741 Y . 64.72 -4.33 -22.13
N30 741 Y . 64.51 -3.22 -22.87
C31 741 Y . 63.33 -2.88 -23.69
C32 741 Y . 62.91 3.19 -20.65
N33 741 Y . 62.52 2.24 -21.19
N34 741 Y . 65.68 11.05 -12.16
C35 741 Y . 66.52 12.21 -11.85
C36 741 Y . 66.26 9.76 -11.75
C37 741 Y . 66.87 12.33 -10.34
O38 741 Y . 66.70 11.10 -9.59
C1 741 Z . 11.83 -16.33 1.59
C2 741 Z . 10.56 -16.12 0.96
C3 741 Z . 10.50 -15.74 -0.39
C4 741 Z . 11.71 -15.62 -1.12
C5 741 Z . 13.00 -15.86 -0.49
C6 741 Z . 13.03 -16.23 0.88
N7 741 Z . 11.66 -15.25 -2.46
C8 741 Z . 12.79 -15.14 -3.17
C9 741 Z . 14.05 -15.36 -2.59
C10 741 Z . 14.21 -15.74 -1.25
O11 741 Z . 11.92 -16.72 2.91
O12 741 Z . 9.45 -16.22 1.80
C13 741 Z . 8.09 -15.91 1.46
C14 741 Z . 7.33 -16.88 2.41
C15 741 Z . 5.93 -17.48 2.20
C16 741 Z . 13.27 -16.98 3.31
N17 741 Z . 15.45 -15.98 -0.66
C18 741 Z . 16.62 -15.29 -0.99
C19 741 Z . 17.83 -16.02 -1.07
C20 741 Z . 19.05 -15.39 -1.41
C21 741 Z . 19.07 -14.01 -1.67
C22 741 Z . 17.86 -13.28 -1.59
C23 741 Z . 16.64 -13.90 -1.24
CL24 741 Z . 17.92 -11.58 -1.91
S25 741 Z . 20.64 -13.23 -2.09
C26 741 Z . 21.84 -14.56 -2.17
N27 741 Z . 22.39 -15.12 -1.07
C28 741 Z . 23.18 -16.10 -1.62
C29 741 Z . 23.07 -16.07 -3.03
N30 741 Z . 22.19 -15.08 -3.36
C31 741 Z . 21.75 -14.65 -4.70
C32 741 Z . 15.14 -15.25 -3.51
N33 741 Z . 15.98 -15.25 -4.31
N34 741 Z . 5.78 -18.62 3.15
C35 741 Z . 5.03 -18.34 4.39
C36 741 Z . 6.99 -19.41 3.39
C37 741 Z . 5.40 -19.32 5.54
O38 741 Z . 4.52 -19.21 6.69
C1 741 AA . -65.82 42.19 66.09
C2 741 AA . -65.53 41.94 67.45
C3 741 AA . -64.23 41.60 67.85
C4 741 AA . -63.23 41.53 66.87
C5 741 AA . -63.53 41.81 65.48
C6 741 AA . -64.82 42.14 65.12
N7 741 AA . -61.93 41.20 67.24
C8 741 AA . -60.98 41.13 66.32
C9 741 AA . -61.22 41.40 64.97
C10 741 AA . -62.49 41.76 64.50
O11 741 AA . -67.09 42.55 65.69
O12 741 AA . -66.63 41.99 68.30
C13 741 AA . -66.58 41.86 69.72
C14 741 AA . -67.67 42.89 70.15
C15 741 AA . -67.86 43.44 71.57
C16 741 AA . -67.37 43.89 66.12
N17 741 AA . -62.79 42.01 63.15
C18 741 AA . -62.16 41.36 62.10
C19 741 AA . -61.76 42.10 60.97
C20 741 AA . -61.11 41.52 59.88
C21 741 AA . -60.86 40.14 59.89
C22 741 AA . -61.25 39.38 60.99
C23 741 AA . -61.90 39.97 62.09
CL24 741 AA . -60.92 37.66 60.94
S25 741 AA . -60.04 39.39 58.49
C26 741 AA . -59.47 40.77 57.47
N27 741 AA . -60.33 41.42 56.64
C28 741 AA . -59.52 42.39 56.12
C29 741 AA . -58.22 42.27 56.66
N30 741 AA . -58.21 41.23 57.54
C31 741 AA . -57.09 40.71 58.34
C32 741 AA . -60.07 41.33 64.13
N33 741 AA . -59.16 41.35 63.40
N34 741 AA . -69.23 44.01 71.65
C35 741 AA . -69.58 45.10 70.72
C36 741 AA . -69.66 44.30 73.05
C37 741 AA . -71.11 45.37 70.64
O38 741 AA . -71.92 44.16 70.71
C1 741 BA . -22.61 85.64 76.02
C2 741 BA . -21.36 85.39 76.62
C3 741 BA . -20.81 84.10 76.58
C4 741 BA . -21.51 83.07 75.91
C5 741 BA . -22.79 83.33 75.28
C6 741 BA . -23.31 84.64 75.34
N7 741 BA . -20.98 81.80 75.87
C8 741 BA . -21.61 80.81 75.27
C9 741 BA . -22.85 81.00 74.63
C10 741 BA . -23.47 82.28 74.59
O11 741 BA . -23.14 86.93 76.05
O12 741 BA . -20.79 86.48 77.29
C13 741 BA . -19.42 86.55 77.68
C14 741 BA . -19.14 88.05 77.79
C15 741 BA . -17.79 88.71 77.47
C16 741 BA . -24.44 87.02 75.47
N17 741 BA . -24.70 82.52 73.98
C18 741 BA . -25.74 81.60 73.93
C19 741 BA . -26.44 81.43 72.73
C20 741 BA . -27.51 80.52 72.61
C21 741 BA . -27.88 79.75 73.71
C22 741 BA . -27.18 79.91 74.90
C23 741 BA . -26.12 80.82 75.03
CL24 741 BA . -27.68 78.92 76.25
S25 741 BA . -29.23 78.58 73.58
C26 741 BA . -29.51 78.45 71.81
N27 741 BA . -30.30 79.35 71.21
C28 741 BA . -30.21 78.95 69.91
C29 741 BA . -29.37 77.82 69.82
N30 741 BA . -28.90 77.52 71.04
C31 741 BA . -28.01 76.41 71.42
C32 741 BA . -23.38 79.85 73.96
N33 741 BA . -23.86 78.92 73.43
N34 741 BA . -18.07 90.16 77.44
C35 741 BA . -17.50 90.97 76.35
C36 741 BA . -17.98 90.82 78.76
C37 741 BA . -18.63 91.58 75.47
O38 741 BA . -18.15 92.39 74.37
C1 741 CA . 10.63 63.27 28.28
C2 741 CA . 11.34 62.04 28.31
C3 741 CA . 10.99 61.07 29.29
C4 741 CA . 9.95 61.33 30.20
C5 741 CA . 9.21 62.58 30.13
C6 741 CA . 9.57 63.54 29.17
N7 741 CA . 9.61 60.39 31.14
C8 741 CA . 8.63 60.61 32.01
C9 741 CA . 7.88 61.79 32.01
C10 741 CA . 8.13 62.82 31.06
O11 741 CA . 10.91 64.27 27.34
O12 741 CA . 12.43 61.83 27.44
C13 741 CA . 12.63 62.40 26.14
C14 741 CA . 13.27 61.24 25.33
C15 741 CA . 13.16 61.18 23.80
C16 741 CA . 9.98 65.35 27.39
N17 741 CA . 7.40 64.01 31.05
C18 741 CA . 6.78 64.53 32.17
C19 741 CA . 5.40 64.77 32.13
C20 741 CA . 4.71 65.30 33.23
C21 741 CA . 5.41 65.59 34.40
C22 741 CA . 6.80 65.35 34.45
C23 741 CA . 7.48 64.82 33.34
CL24 741 CA . 7.66 65.72 35.92
S25 741 CA . 4.57 66.25 35.85
C26 741 CA . 2.86 66.65 35.47
N27 741 CA . 2.53 67.65 34.62
C28 741 CA . 1.16 67.54 34.60
C29 741 CA . 0.74 66.48 35.44
N30 741 CA . 1.84 65.90 35.98
C31 741 CA . 1.91 64.78 36.93
C32 741 CA . 6.81 61.82 32.98
N33 741 CA . 5.93 61.79 33.73
N34 741 CA . 14.56 61.17 23.27
C35 741 CA . 15.30 59.90 23.42
C36 741 CA . 15.36 62.36 23.64
C37 741 CA . 15.18 59.02 22.14
O38 741 CA . 14.58 57.72 22.35
C1 741 DA . -32.93 20.73 18.16
C2 741 DA . -33.22 19.60 18.97
C3 741 DA . -32.83 19.59 20.32
C4 741 DA . -32.16 20.73 20.85
C5 741 DA . -31.86 21.89 20.02
C6 741 DA . -32.26 21.85 18.67
N7 741 DA . -31.77 20.73 22.17
C8 741 DA . -31.14 21.78 22.71
C9 741 DA . -30.83 22.93 21.96
C10 741 DA . -31.18 23.01 20.59
O11 741 DA . -33.32 20.72 16.83
O12 741 DA . -33.88 18.56 18.29
C13 741 DA . -33.79 17.17 18.62
C14 741 DA . -35.28 16.72 18.63
C15 741 DA . -35.84 15.48 17.90
C16 741 DA . -33.14 21.99 16.22
N17 741 DA . -30.90 24.12 19.78
C18 741 DA . -29.88 25.06 19.84
C19 741 DA . -30.24 26.42 19.75
C20 741 DA . -29.29 27.46 19.79
C21 741 DA . -27.93 27.14 19.94
C22 741 DA . -27.55 25.78 20.04
C23 741 DA . -28.51 24.73 19.99
CL24 741 DA . -25.86 25.40 20.22
S25 741 DA . -26.72 28.47 20.00
C26 741 DA . -27.63 29.96 20.47
N27 741 DA . -28.15 30.79 19.54
C28 741 DA . -28.74 31.75 20.31
C29 741 DA . -28.53 31.45 21.68
N30 741 DA . -27.81 30.28 21.78
C31 741 DA . -27.37 29.59 22.98
C32 741 DA . -30.14 23.97 22.67
N33 741 DA . -29.61 24.80 23.29
N34 741 DA . -37.28 15.74 17.65
C35 741 DA . -37.64 16.47 16.42
C36 741 DA . -38.16 14.60 17.92
C37 741 DA . -39.17 16.74 16.36
O38 741 DA . -39.57 17.89 17.14
C1 741 EA . 15.24 -59.28 -42.52
C2 741 EA . 15.05 -59.07 -43.90
C3 741 EA . 15.14 -57.77 -44.43
C4 741 EA . 15.43 -56.71 -43.55
C5 741 EA . 15.66 -56.93 -42.13
C6 741 EA . 15.57 -58.23 -41.64
N7 741 EA . 15.52 -55.44 -44.07
C8 741 EA . 15.79 -54.40 -43.29
C9 741 EA . 16.03 -54.55 -41.93
C10 741 EA . 15.98 -55.82 -41.28
O11 741 EA . 15.17 -60.57 -42.02
O12 741 EA . 14.70 -60.21 -44.63
C13 741 EA . 14.38 -60.27 -46.02
C14 741 EA . 14.79 -61.73 -46.32
C15 741 EA . 14.58 -62.51 -47.64
C16 741 EA . 16.28 -61.33 -42.50
N17 741 EA . 16.20 -56.00 -39.91
C18 741 EA . 15.93 -55.01 -38.98
C19 741 EA . 16.93 -54.75 -38.05
C20 741 EA . 16.79 -53.77 -37.06
C21 741 EA . 15.60 -53.03 -37.02
C22 741 EA . 14.58 -53.27 -37.94
C23 741 EA . 14.73 -54.27 -38.93
CL24 741 EA . 13.12 -52.30 -37.80
S25 741 EA . 15.43 -51.79 -35.75
C26 741 EA . 16.97 -51.87 -34.84
N27 741 EA . 17.23 -52.88 -34.00
C28 741 EA . 18.49 -52.57 -33.58
C29 741 EA . 18.92 -51.38 -34.21
N30 741 EA . 17.94 -50.95 -35.04
C31 741 EA . 17.92 -49.74 -35.88
C32 741 EA . 16.39 -53.32 -41.25
N33 741 EA . 16.77 -52.33 -40.78
N34 741 EA . 15.77 -63.41 -47.75
C35 741 EA . 15.71 -64.61 -48.60
C36 741 EA . 16.56 -63.59 -46.50
C37 741 EA . 17.02 -65.44 -48.45
O38 741 EA . 17.49 -66.01 -49.69
C1 741 FA . 69.53 -36.43 -60.88
C2 741 FA . 69.78 -35.27 -61.67
C3 741 FA . 68.83 -34.24 -61.67
C4 741 FA . 67.66 -34.35 -60.89
C5 741 FA . 67.43 -35.50 -60.08
C6 741 FA . 68.38 -36.53 -60.09
N7 741 FA . 66.74 -33.33 -60.90
C8 741 FA . 65.64 -33.40 -60.18
C9 741 FA . 65.35 -34.49 -59.37
C10 741 FA . 66.24 -35.59 -59.28
O11 741 FA . 70.40 -37.52 -60.78
O12 741 FA . 70.92 -35.23 -62.48
C13 741 FA . 71.45 -34.05 -63.13
C14 741 FA . 72.99 -34.16 -62.98
C15 741 FA . 74.03 -33.22 -63.63
C16 741 FA . 71.79 -37.17 -60.73
N17 741 FA . 66.00 -36.70 -58.50
C18 741 FA . 64.76 -37.28 -58.27
C19 741 FA . 64.45 -37.68 -56.95
C20 741 FA . 63.22 -38.26 -56.61
C21 741 FA . 62.27 -38.46 -57.61
C22 741 FA . 62.55 -38.06 -58.92
C23 741 FA . 63.78 -37.47 -59.27
CL24 741 FA . 61.30 -38.35 -60.09
S25 741 FA . 60.68 -39.20 -57.23
C26 741 FA . 60.64 -39.51 -55.45
N27 741 FA . 61.35 -40.51 -54.89
C28 741 FA . 61.04 -40.32 -53.56
C29 741 FA . 60.18 -39.21 -53.42
N30 741 FA . 59.94 -38.68 -54.65
C31 741 FA . 59.10 -37.54 -55.03
C32 741 FA . 64.14 -34.41 -58.60
N33 741 FA . 63.19 -34.31 -57.92
N34 741 FA . 75.38 -33.45 -63.02
C35 741 FA . 76.41 -34.14 -63.84
C36 741 FA . 75.38 -33.91 -61.62
C37 741 FA . 77.85 -33.63 -63.54
O38 741 FA . 78.87 -34.14 -64.44
#